data_8B6J
#
_entry.id   8B6J
#
_cell.length_a   1.00
_cell.length_b   1.00
_cell.length_c   1.00
_cell.angle_alpha   90.00
_cell.angle_beta   90.00
_cell.angle_gamma   90.00
#
_symmetry.space_group_name_H-M   'P 1'
#
loop_
_entity.id
_entity.type
_entity.pdbx_description
1 polymer 'Peptidase M16 inactive domain protein'
2 polymer 'M16 family peptidase, putative'
3 polymer 'Apocytochrome b'
4 polymer 'Cytochrome protein c1'
5 polymer 'Rieske iron-sulfur protein, ubiquinol-cytochrome C reductase iron-sulfur subunit'
6 polymer 'Ubiquinol-cytochrome C reductase hinge protein'
7 polymer UQCRTT1
8 polymer 'Transmembrane protein, putative'
9 polymer 'Transmembrane protein, putative'
10 polymer UQCRTT3/UP1
11 polymer 'Transmembrane protein, putative'
12 polymer UQCRTT2
13 non-polymer 1,2-DIACYL-SN-GLYCERO-3-PHOSPHOCHOLINE
14 non-polymer 'PROTOPORPHYRIN IX CONTAINING FE'
15 non-polymer CARDIOLIPIN
16 non-polymer Ubiquinone-8
17 non-polymer 1,2-dioleoyl-sn-glycero-3-phosphoethanolamine
18 non-polymer 'HEME C'
19 non-polymer 'FE2/S2 (INORGANIC) CLUSTER'
#
loop_
_entity_poly.entity_id
_entity_poly.type
_entity_poly.pdbx_seq_one_letter_code
_entity_poly.pdbx_strand_id
1 'polypeptide(L)'
;MFGRISQRISKLARLQRAFSTLQKQAQSNVVKSERLQFSKARLTDFGELPQGEIPTALQYDRPCRVETLANGVRLAVEPS
SVSPLAAVSVVVRAGTRQETLETSGVAQFVQRLVLRGTSKRNREQIEKELALLGGNLKVQVGRETTTYTLSVLPENVEKA
VDFLGDILQNSVFNKQQVEAEKEAVYNNALSAQNDQQGLLLENIHFTAYRDHYFGQPTHGIRENLHNITDEVVKNFVKTN
YVGSNFVVAAAGNVNSQAFLQAAEKAFGTVAQKDATTFVPNTEKPYFTPSYMTIRDDEMHNLNVGVFFEAPSWTDPDFFT
INFFQRILGEYQADKYTGQHLNTSDRQYSLIHKELGNLPDVTIHKTHYLPYSDTGLFGSYFYGNEIFGNQMLFLSQMILS
EYASYINQAEIYRARAKYFNELLAEQNSADIASSIATQVTYLNRRVPRSEVAKRISSLDSGLINRAATRWFWDKELAIVT
WGPSHGLIAGSHYNRSIKRSTLGWYGNTHYYIV
;
A,a
2 'polypeptide(L)'
;MLSKITQNTLKSLSGQCKQAFSVRKAFYDFIYKDDKSAETYKVTTADPRTPVQGFRGQTAEDVAAKYEVTKLANGVTIIT
ESQTFPSQVDMGILLDVGTRDETNETSGSLLSIKNTYLKTVLNTNETINYGVVQQSGGSFEMEYDQETAYFKANCLAHDA
TDVFSMVADCALEPRSTVAASVGVEKNQNTHKLESYLKTGELFNESVFKTAYGLKGLGLPLKGLRGNVKNLSSYTLQKFQ
LENITPNRIFVCAAGVESHQEFVDLVQTKLAQIPSAEGQKTHQREKSEYLGGEVRNLTEESNVTLALLFQSVPWSSADIV
AFNVAAALLNNLRLKKNLLQKYAYFDQAEALNFHFTDSGLFGLRTSGSADRAKDILNHSIAELKAIASGVNADELLTAKA
ALKNSVLSALERQTDRLEETVKNVRTFNKIQHTDYVKQIDSVTADQVAKAVAKVLTSNPTFVAQGSQVNALPTYDAIRNL
LK
;
B,b
3 'polypeptide(L)'
;MEWNKGTYMSTSIKKIVQYFSVMTVSFHDINSLFGFFTFLTIASQLVSGTMLAFSLVPEPMLIPMVREEEDVEDLYTDDF
FWLHERGVDMLFIFSYFHLFRKIYLNNFEYEQEAAWKSGVFTFLLFQVVVFLGLVLCCTHLSDITLAIAANLYDTFFAGK
GKFYWWIFTSKELNTDTIIRLAYLHYVLAFFLAYLGLIHGVDMHYDWKNESSMDGLETEMIWFDEALSNELGAMIEIILI
VMIVCFFMYPEPEALSYEFFMWGDIGFINDVRFLSVAPHWYFRPFMAWLTVCPFHKIGLFGLIYYFFILFYQPVIHGTNE
QNNYTKRNVAFVSFFINRSDIMTPKYHSVEDNLLHQITFWLFLCSALYVTSYLPYGRFYNRINGNYGTLWSFMYIFFYLG
NSFLRRPLITELYLFNAFVKSKFLKK
;
C,c
4 'polypeptide(L)'
;MKSFVAAGIIGLSLANSQNKEVQNFIYRDDIGAFWGIKGYEELVTEVGTHKGHNYWPQFSFLGTYDSGSVRRGFQVFARN
CGNCHGMIYKKYDYLLDKAYRQLELAQMVSDFTIHPAHQHFKQYYYQEWDERDRVICDHIYPPYFSQDQAKNANGGVWPT
DFSKIKLRPGGINYIYNISTGYHFTPPFGMDVPKGKYFNPYFDHMIIGMPRQLVDGLVDYDDGTPASTPQMAYDVSNFIN
FMQRRVGYKRPDKMVRYYMVFTGGLLILPFKYFKTKAYYRNLLSLRWEMYAVRDGVYYNHFKYGGYNSRAYQFRGYFWA
;
D,d
5 'polypeptide(L)'
;MFSKTLAHVTRSCNKLNQVQAYNFGVLSEYNQRLSKKLHKGHLVEDKPTFFVTSSRPGNFGDHIDFKVNIDNWFDENRVH
NEHETDIRRTQIYTLNAIYYGGLLSFARLYAMGVIGRLNGWKRYERDTYSEVDIGALPPGEVMQMVWNGTPIFIRRLTSN
EVKEENELPSNTLLDKDKEVILSDAGNTKVIVVSAVCTHLGCIPIPYLGAYKGYVCICHGSVYDKFARVRQGPALLNLPA
INNSIHDEGTLVCMEQLKFPHEPSQRFWA
;
E,e
6 'polypeptide(L)'
;MSNVSDAQIQEWIKRGEDPKEFLLKECAPQCTAWKEKLGRCEAKLKSLVNADPEMSCMYPLRDWVTCIEACVQPAITRNL
FGSKYM
;
F,f
7 'polypeptide(L)'
;MVRLEKILWEQLVNVKAFSRQRVIGAPSKWYNENRTEWFKVAQHNAFNTGFSGVILRALEPLLAKFIYRWRLDIAHQRGL
TLEDSLLFMDRELRRCYFFETVARQNLHPYTVLFMKKRRARYYKVERGLRGFYVPDWVRKEAEERQLSETVDNIFNWENF
VYREYMSDMTPIGRWTSLSKITPLDMFQYYGLFRNEAWDRFFYNEAFYESYSEKEKQEANGNPFGKFNLQTADGRAQFEK
EVNTFIERYPFAVTKPGQKFDFTRFYALEDLANKRDTSKYDPALLESVKNELKQSAALPADNGANKTKKSKPILPDWLQP
KFGKAFQA
;
G,g
8 'polypeptide(L)'
;MNVTGAGLTHVKDFHSDEMRVFRGGLRHIADKQGNLIYGSVNSSVRYYHDKMSYERGFIQHSRSPSNQFINFHFMLGGFR
TYVLERFFKQVWYRRNIRTFWFPVLISYTSGCITMRMYDNNCYDYFYFSD
;
H,h
9 'polypeptide(L)'
;MVYGKLIFNNIKEYTPSWIKTIPYSQVTKPILRKQPQIVGKINADPKVKKFWVFLRENVQYYPFLWQFFILGTSFVWFHV
CYDPWLAIYQANNAHRSLETALTKEKAHKKKLAEQEESE
;
I,i
10 'polypeptide(L)'
;(UNK)(UNK)(UNK)(UNK)(UNK)(UNK)(UNK)(UNK)(UNK)(UNK)(UNK)(UNK)(UNK)(UNK)(UNK)(UNK)
(UNK)(UNK)(UNK)(UNK)(UNK)(UNK)(UNK)(UNK)(UNK)(UNK)(UNK)(UNK)(UNK)(UNK)(UNK)(UNK)
(UNK)(UNK)(UNK)(UNK)(UNK)(UNK)(UNK)(UNK)(UNK)(UNK)(UNK)(UNK)(UNK)(UNK)(UNK)(UNK)
(UNK)(UNK)(UNK)(UNK)(UNK)(UNK)(UNK)(UNK)(UNK)(UNK)(UNK)(UNK)(UNK)(UNK)(UNK)(UNK)
(UNK)(UNK)
;
J,j
11 'polypeptide(L)' MYLPTFYKLFHETNAFRLKRYVGYGPLLLTWSIWTLYPALYNMIYSDFIPPERGVPKRIVDA K,k
12 'polypeptide(L)' MAPVFLKALRYVIYSYPLYVCYLIKQAQINAQGSEKEEEHH l,L
#
loop_
_chem_comp.id
_chem_comp.type
_chem_comp.name
_chem_comp.formula
CDL non-polymer CARDIOLIPIN 'C81 H156 O17 P2 -2'
FES non-polymer 'FE2/S2 (INORGANIC) CLUSTER' 'Fe2 S2'
HEC non-polymer 'HEME C' 'C34 H34 Fe N4 O4'
HEM non-polymer 'PROTOPORPHYRIN IX CONTAINING FE' 'C34 H32 Fe N4 O4'
PC1 non-polymer 1,2-DIACYL-SN-GLYCERO-3-PHOSPHOCHOLINE 'C44 H88 N O8 P'
PEE non-polymer 1,2-dioleoyl-sn-glycero-3-phosphoethanolamine 'C41 H78 N O8 P'
UQ8 non-polymer Ubiquinone-8 'C49 H74 O4'
#
# COMPACT_ATOMS: atom_id res chain seq x y z
N LYS A 32 -23.60 48.71 -46.35
CA LYS A 32 -22.31 48.55 -45.69
C LYS A 32 -22.39 48.97 -44.23
N SER A 33 -21.25 48.95 -43.55
CA SER A 33 -21.16 49.35 -42.15
C SER A 33 -20.06 50.39 -41.99
N GLU A 34 -20.23 51.26 -41.00
CA GLU A 34 -19.23 52.28 -40.73
C GLU A 34 -17.88 51.63 -40.46
N ARG A 35 -16.82 52.15 -41.10
CA ARG A 35 -15.49 51.57 -41.00
C ARG A 35 -15.49 50.12 -41.50
N LEU A 36 -14.32 49.51 -41.53
CA LEU A 36 -14.21 48.14 -42.01
C LEU A 36 -14.95 47.19 -41.09
N GLN A 37 -15.51 46.12 -41.68
CA GLN A 37 -16.33 45.21 -40.90
C GLN A 37 -15.49 44.37 -39.93
N PHE A 38 -14.25 44.06 -40.29
CA PHE A 38 -13.36 43.32 -39.42
C PHE A 38 -12.83 44.15 -38.26
N SER A 39 -13.31 45.37 -38.07
CA SER A 39 -12.84 46.22 -36.99
C SER A 39 -13.14 45.60 -35.64
N LYS A 40 -12.24 45.83 -34.69
CA LYS A 40 -12.39 45.35 -33.31
C LYS A 40 -12.65 46.49 -32.34
N ALA A 41 -13.18 47.62 -32.83
CA ALA A 41 -13.33 48.80 -31.98
C ALA A 41 -14.28 48.54 -30.82
N ARG A 42 -15.41 47.86 -31.08
CA ARG A 42 -16.42 47.67 -30.06
C ARG A 42 -16.00 46.71 -28.96
N LEU A 43 -14.92 45.95 -29.16
CA LEU A 43 -14.48 44.95 -28.18
C LEU A 43 -13.79 45.66 -27.02
N THR A 44 -14.62 46.33 -26.21
CA THR A 44 -14.11 47.11 -25.08
C THR A 44 -13.66 46.22 -23.92
N ASP A 45 -14.43 45.17 -23.61
CA ASP A 45 -14.17 44.35 -22.42
C ASP A 45 -13.10 43.30 -22.73
N PHE A 46 -11.87 43.79 -22.87
CA PHE A 46 -10.70 42.94 -23.04
C PHE A 46 -10.91 41.93 -24.17
N GLY A 47 -11.10 42.46 -25.37
CA GLY A 47 -11.28 41.63 -26.55
C GLY A 47 -12.66 41.06 -26.72
N GLU A 48 -13.63 41.44 -25.89
CA GLU A 48 -14.98 40.94 -25.99
C GLU A 48 -15.95 42.10 -25.82
N LEU A 49 -17.15 41.94 -26.39
CA LEU A 49 -18.15 42.99 -26.33
C LEU A 49 -18.64 43.17 -24.89
N PRO A 50 -19.10 44.38 -24.54
CA PRO A 50 -19.64 44.58 -23.18
C PRO A 50 -20.87 43.74 -22.90
N GLN A 51 -21.39 43.83 -21.68
CA GLN A 51 -22.48 42.95 -21.27
C GLN A 51 -23.72 43.15 -22.14
N GLY A 52 -24.15 44.40 -22.32
CA GLY A 52 -25.39 44.68 -23.03
C GLY A 52 -25.28 44.81 -24.52
N GLU A 53 -24.09 44.69 -25.10
CA GLU A 53 -23.88 44.89 -26.52
C GLU A 53 -24.05 43.60 -27.29
N ILE A 54 -24.30 43.73 -28.60
CA ILE A 54 -24.46 42.59 -29.48
C ILE A 54 -23.67 42.82 -30.76
N PRO A 55 -23.32 41.75 -31.47
CA PRO A 55 -22.57 41.91 -32.72
C PRO A 55 -23.36 42.69 -33.76
N THR A 56 -22.63 43.35 -34.65
CA THR A 56 -23.28 44.14 -35.70
C THR A 56 -24.15 43.27 -36.58
N ALA A 57 -23.72 42.03 -36.85
CA ALA A 57 -24.49 41.14 -37.71
C ALA A 57 -25.86 40.84 -37.10
N LEU A 58 -25.92 40.62 -35.79
CA LEU A 58 -27.17 40.28 -35.13
C LEU A 58 -28.07 41.49 -34.90
N GLN A 59 -27.61 42.70 -35.21
CA GLN A 59 -28.45 43.87 -35.07
C GLN A 59 -29.54 43.96 -36.13
N TYR A 60 -29.47 43.14 -37.17
CA TYR A 60 -30.42 43.17 -38.27
C TYR A 60 -31.26 41.90 -38.27
N ASP A 61 -32.55 42.05 -38.56
CA ASP A 61 -33.49 40.95 -38.55
C ASP A 61 -34.17 40.85 -39.91
N ARG A 62 -34.32 39.63 -40.40
CA ARG A 62 -34.99 39.42 -41.68
C ARG A 62 -36.49 39.70 -41.53
N PRO A 63 -37.11 40.35 -42.51
CA PRO A 63 -38.54 40.66 -42.39
C PRO A 63 -39.37 39.39 -42.22
N CYS A 64 -40.38 39.47 -41.36
CA CYS A 64 -41.27 38.35 -41.11
C CYS A 64 -42.65 38.89 -40.78
N ARG A 65 -43.68 38.34 -41.41
CA ARG A 65 -45.05 38.76 -41.18
C ARG A 65 -45.88 37.57 -40.71
N VAL A 66 -46.69 37.79 -39.67
CA VAL A 66 -47.55 36.78 -39.09
C VAL A 66 -48.99 37.29 -39.14
N GLU A 67 -49.89 36.46 -39.66
CA GLU A 67 -51.29 36.80 -39.81
C GLU A 67 -52.14 35.68 -39.22
N THR A 68 -53.34 36.02 -38.77
CA THR A 68 -54.27 35.06 -38.19
C THR A 68 -55.56 35.06 -38.99
N LEU A 69 -56.07 33.86 -39.27
CA LEU A 69 -57.28 33.69 -40.05
C LEU A 69 -58.48 33.52 -39.13
N ALA A 70 -59.67 33.49 -39.74
CA ALA A 70 -60.89 33.31 -38.97
C ALA A 70 -60.90 31.96 -38.26
N ASN A 71 -60.41 30.91 -38.93
CA ASN A 71 -60.36 29.59 -38.33
C ASN A 71 -59.41 29.53 -37.13
N GLY A 72 -58.52 30.52 -36.99
CA GLY A 72 -57.47 30.48 -36.01
C GLY A 72 -56.15 29.99 -36.55
N VAL A 73 -56.10 29.56 -37.82
CA VAL A 73 -54.83 29.18 -38.42
C VAL A 73 -53.92 30.38 -38.49
N ARG A 74 -52.65 30.19 -38.12
CA ARG A 74 -51.68 31.28 -38.09
C ARG A 74 -50.65 31.07 -39.20
N LEU A 75 -50.55 32.04 -40.10
CA LEU A 75 -49.63 31.99 -41.23
C LEU A 75 -48.45 32.92 -40.95
N ALA A 76 -47.25 32.36 -40.95
CA ALA A 76 -46.02 33.13 -40.77
C ALA A 76 -45.16 32.99 -42.01
N VAL A 77 -44.57 34.08 -42.46
CA VAL A 77 -43.69 34.07 -43.62
C VAL A 77 -42.47 34.91 -43.33
N GLU A 78 -41.28 34.35 -43.57
CA GLU A 78 -40.01 35.06 -43.40
C GLU A 78 -39.20 34.87 -44.68
N PRO A 79 -39.47 35.70 -45.70
CA PRO A 79 -38.83 35.46 -47.00
C PRO A 79 -37.33 35.70 -46.97
N SER A 80 -36.63 34.98 -47.84
CA SER A 80 -35.19 35.15 -48.07
C SER A 80 -34.96 34.96 -49.56
N SER A 81 -34.94 36.08 -50.30
CA SER A 81 -34.93 36.01 -51.76
C SER A 81 -33.69 35.27 -52.27
N VAL A 82 -32.53 35.53 -51.67
CA VAL A 82 -31.29 34.93 -52.16
C VAL A 82 -31.30 33.42 -52.03
N SER A 83 -32.08 32.87 -51.11
CA SER A 83 -32.03 31.43 -50.86
C SER A 83 -32.48 30.65 -52.11
N PRO A 84 -31.89 29.48 -52.35
CA PRO A 84 -32.26 28.70 -53.55
C PRO A 84 -33.47 27.80 -53.39
N LEU A 85 -33.98 27.59 -52.17
CA LEU A 85 -35.11 26.72 -51.93
C LEU A 85 -36.16 27.45 -51.10
N ALA A 86 -37.37 26.88 -51.06
CA ALA A 86 -38.45 27.37 -50.23
C ALA A 86 -38.98 26.23 -49.39
N ALA A 87 -39.10 26.46 -48.08
CA ALA A 87 -39.56 25.45 -47.14
C ALA A 87 -40.88 25.89 -46.52
N VAL A 88 -41.83 24.96 -46.46
CA VAL A 88 -43.13 25.19 -45.83
C VAL A 88 -43.31 24.16 -44.74
N SER A 89 -43.47 24.62 -43.51
CA SER A 89 -43.60 23.75 -42.35
C SER A 89 -44.95 23.98 -41.69
N VAL A 90 -45.75 22.93 -41.58
CA VAL A 90 -47.03 22.97 -40.91
C VAL A 90 -46.88 22.30 -39.55
N VAL A 91 -47.11 23.05 -38.49
CA VAL A 91 -47.04 22.54 -37.12
C VAL A 91 -48.46 22.49 -36.57
N VAL A 92 -48.87 21.30 -36.14
CA VAL A 92 -50.18 21.06 -35.56
C VAL A 92 -49.98 20.69 -34.10
N ARG A 93 -50.67 21.41 -33.21
CA ARG A 93 -50.47 21.18 -31.78
C ARG A 93 -50.98 19.81 -31.34
N ALA A 94 -51.71 19.10 -32.19
CA ALA A 94 -52.08 17.73 -31.90
C ALA A 94 -50.83 16.87 -31.73
N GLY A 95 -50.84 16.01 -30.72
CA GLY A 95 -49.68 15.18 -30.46
C GLY A 95 -50.00 14.06 -29.51
N THR A 96 -48.95 13.42 -29.01
CA THR A 96 -49.12 12.31 -28.09
C THR A 96 -49.87 12.72 -26.82
N ARG A 97 -49.77 14.00 -26.44
CA ARG A 97 -50.41 14.46 -25.22
C ARG A 97 -51.92 14.26 -25.28
N GLN A 98 -52.53 14.39 -26.45
CA GLN A 98 -53.98 14.33 -26.60
C GLN A 98 -54.49 12.92 -26.87
N GLU A 99 -53.77 11.90 -26.45
CA GLU A 99 -54.17 10.51 -26.61
C GLU A 99 -54.60 9.93 -25.27
N THR A 100 -54.99 8.66 -25.31
CA THR A 100 -55.41 7.93 -24.12
C THR A 100 -54.84 6.52 -24.20
N LEU A 101 -54.81 5.83 -23.06
CA LEU A 101 -54.26 4.48 -23.02
C LEU A 101 -54.91 3.58 -24.06
N GLU A 102 -56.21 3.75 -24.29
CA GLU A 102 -56.90 2.94 -25.29
C GLU A 102 -56.61 3.42 -26.71
N THR A 103 -56.34 4.72 -26.89
CA THR A 103 -56.01 5.28 -28.20
C THR A 103 -54.52 5.56 -28.34
N SER A 104 -53.68 4.95 -27.51
CA SER A 104 -52.25 5.20 -27.57
C SER A 104 -51.70 4.78 -28.93
N GLY A 105 -50.85 5.63 -29.50
CA GLY A 105 -50.22 5.37 -30.79
C GLY A 105 -51.00 5.85 -31.99
N VAL A 106 -52.15 6.49 -31.79
CA VAL A 106 -52.94 6.97 -32.93
C VAL A 106 -52.23 8.09 -33.68
N ALA A 107 -51.33 8.83 -33.01
CA ALA A 107 -50.62 9.90 -33.70
C ALA A 107 -49.74 9.36 -34.82
N GLN A 108 -49.06 8.24 -34.58
CA GLN A 108 -48.27 7.62 -35.63
C GLN A 108 -49.14 7.18 -36.80
N PHE A 109 -50.31 6.62 -36.49
CA PHE A 109 -51.24 6.21 -37.54
C PHE A 109 -51.68 7.41 -38.37
N VAL A 110 -51.98 8.54 -37.73
CA VAL A 110 -52.36 9.73 -38.47
C VAL A 110 -51.19 10.19 -39.34
N GLN A 111 -49.99 10.23 -38.77
CA GLN A 111 -48.81 10.61 -39.52
C GLN A 111 -48.69 9.81 -40.81
N ARG A 112 -48.82 8.48 -40.70
CA ARG A 112 -48.62 7.63 -41.87
C ARG A 112 -49.82 7.65 -42.83
N LEU A 113 -51.04 7.77 -42.30
CA LEU A 113 -52.22 7.75 -43.15
C LEU A 113 -52.45 9.06 -43.88
N VAL A 114 -51.86 10.16 -43.42
CA VAL A 114 -51.98 11.41 -44.15
C VAL A 114 -51.45 11.24 -45.58
N LEU A 115 -50.34 10.51 -45.72
CA LEU A 115 -49.73 10.29 -47.02
C LEU A 115 -50.32 9.10 -47.76
N ARG A 116 -51.28 8.38 -47.17
CA ARG A 116 -51.83 7.21 -47.85
C ARG A 116 -52.82 7.58 -48.94
N GLY A 117 -53.59 8.64 -48.77
CA GLY A 117 -54.52 9.05 -49.80
C GLY A 117 -55.51 10.07 -49.28
N THR A 118 -56.26 10.64 -50.23
CA THR A 118 -57.29 11.63 -49.93
C THR A 118 -58.36 11.55 -51.01
N SER A 119 -59.41 12.35 -50.84
CA SER A 119 -60.53 12.31 -51.78
C SER A 119 -60.09 12.73 -53.17
N LYS A 120 -59.31 13.80 -53.27
CA LYS A 120 -58.90 14.30 -54.58
C LYS A 120 -57.77 13.46 -55.17
N ARG A 121 -56.85 12.98 -54.34
CA ARG A 121 -55.64 12.31 -54.79
C ARG A 121 -55.57 10.90 -54.23
N ASN A 122 -55.11 9.96 -55.05
CA ASN A 122 -54.90 8.60 -54.61
C ASN A 122 -53.51 8.47 -54.00
N ARG A 123 -53.16 7.25 -53.56
CA ARG A 123 -51.81 7.01 -53.08
C ARG A 123 -50.80 7.22 -54.20
N GLU A 124 -51.10 6.71 -55.39
CA GLU A 124 -50.23 6.95 -56.53
C GLU A 124 -50.14 8.43 -56.86
N GLN A 125 -51.27 9.13 -56.81
CA GLN A 125 -51.27 10.56 -57.14
C GLN A 125 -50.41 11.35 -56.17
N ILE A 126 -50.57 11.12 -54.88
CA ILE A 126 -49.81 11.89 -53.90
C ILE A 126 -48.33 11.51 -53.97
N GLU A 127 -48.03 10.22 -54.18
CA GLU A 127 -46.63 9.83 -54.32
C GLU A 127 -45.99 10.49 -55.53
N LYS A 128 -46.68 10.52 -56.67
CA LYS A 128 -46.15 11.18 -57.85
C LYS A 128 -45.98 12.67 -57.63
N GLU A 129 -46.95 13.32 -56.99
CA GLU A 129 -46.82 14.74 -56.72
C GLU A 129 -45.62 15.03 -55.81
N LEU A 130 -45.45 14.22 -54.76
CA LEU A 130 -44.33 14.41 -53.86
C LEU A 130 -43.01 14.19 -54.59
N ALA A 131 -42.94 13.18 -55.45
CA ALA A 131 -41.71 12.93 -56.19
C ALA A 131 -41.39 14.07 -57.15
N LEU A 132 -42.39 14.59 -57.86
CA LEU A 132 -42.12 15.60 -58.88
C LEU A 132 -41.49 16.84 -58.28
N LEU A 133 -42.08 17.36 -57.20
CA LEU A 133 -41.46 18.48 -56.49
C LEU A 133 -40.41 17.90 -55.53
N GLY A 134 -39.85 18.74 -54.68
CA GLY A 134 -38.83 18.29 -53.75
C GLY A 134 -39.30 17.10 -52.94
N GLY A 135 -38.52 16.02 -52.95
CA GLY A 135 -38.86 14.83 -52.21
C GLY A 135 -38.61 14.92 -50.72
N ASN A 136 -38.20 16.09 -50.23
CA ASN A 136 -37.85 16.27 -48.82
C ASN A 136 -39.11 16.64 -48.05
N LEU A 137 -39.77 15.63 -47.51
CA LEU A 137 -40.94 15.78 -46.64
C LEU A 137 -40.63 15.12 -45.31
N LYS A 138 -40.18 15.92 -44.35
CA LYS A 138 -39.84 15.43 -43.02
C LYS A 138 -41.06 15.57 -42.10
N VAL A 139 -41.55 14.45 -41.59
CA VAL A 139 -42.66 14.42 -40.67
C VAL A 139 -42.16 13.92 -39.33
N GLN A 140 -42.31 14.73 -38.29
CA GLN A 140 -41.86 14.37 -36.95
C GLN A 140 -43.00 14.57 -35.97
N VAL A 141 -43.32 13.52 -35.22
CA VAL A 141 -44.38 13.52 -34.23
C VAL A 141 -43.73 13.46 -32.86
N GLY A 142 -43.92 14.52 -32.06
CA GLY A 142 -43.43 14.53 -30.71
C GLY A 142 -44.56 14.88 -29.76
N ARG A 143 -44.34 14.60 -28.48
CA ARG A 143 -45.31 14.94 -27.47
C ARG A 143 -45.73 16.39 -27.61
N GLU A 144 -47.03 16.61 -27.82
CA GLU A 144 -47.65 17.92 -27.88
C GLU A 144 -47.47 18.62 -29.22
N THR A 145 -46.97 17.96 -30.25
CA THR A 145 -46.80 18.64 -31.53
C THR A 145 -46.53 17.63 -32.64
N THR A 146 -46.91 17.99 -33.86
CA THR A 146 -46.54 17.24 -35.06
C THR A 146 -46.16 18.24 -36.13
N THR A 147 -45.01 18.01 -36.77
CA THR A 147 -44.48 18.93 -37.78
C THR A 147 -44.36 18.20 -39.11
N TYR A 148 -44.87 18.83 -40.17
CA TYR A 148 -44.70 18.37 -41.54
C TYR A 148 -43.97 19.46 -42.29
N THR A 149 -42.69 19.24 -42.62
CA THR A 149 -41.87 20.23 -43.30
C THR A 149 -41.55 19.73 -44.70
N LEU A 150 -41.92 20.51 -45.71
CA LEU A 150 -41.73 20.16 -47.10
C LEU A 150 -40.82 21.20 -47.74
N SER A 151 -39.73 20.74 -48.36
CA SER A 151 -38.77 21.60 -49.01
C SER A 151 -38.90 21.45 -50.53
N VAL A 152 -38.98 22.57 -51.23
CA VAL A 152 -39.24 22.56 -52.66
C VAL A 152 -38.49 23.70 -53.35
N LEU A 153 -38.59 23.77 -54.67
CA LEU A 153 -38.01 24.88 -55.41
C LEU A 153 -38.86 26.13 -55.26
N PRO A 154 -38.27 27.32 -55.37
CA PRO A 154 -39.06 28.54 -55.17
C PRO A 154 -40.19 28.71 -56.17
N GLU A 155 -40.08 28.11 -57.36
CA GLU A 155 -41.06 28.36 -58.41
C GLU A 155 -42.33 27.54 -58.28
N ASN A 156 -42.39 26.60 -57.33
CA ASN A 156 -43.59 25.80 -57.12
C ASN A 156 -43.99 25.78 -55.64
N VAL A 157 -43.65 26.84 -54.91
CA VAL A 157 -43.98 26.88 -53.49
C VAL A 157 -45.48 26.76 -53.29
N GLU A 158 -46.27 27.39 -54.17
CA GLU A 158 -47.72 27.26 -54.08
C GLU A 158 -48.15 25.81 -54.16
N LYS A 159 -47.53 25.03 -55.06
CA LYS A 159 -47.86 23.61 -55.14
C LYS A 159 -47.60 22.91 -53.82
N ALA A 160 -46.59 23.36 -53.08
CA ALA A 160 -46.34 22.79 -51.76
C ALA A 160 -47.45 23.14 -50.79
N VAL A 161 -47.98 24.37 -50.88
CA VAL A 161 -49.03 24.79 -49.96
C VAL A 161 -50.33 24.07 -50.28
N ASP A 162 -50.84 24.24 -51.49
CA ASP A 162 -52.12 23.64 -51.85
C ASP A 162 -52.11 22.14 -51.61
N PHE A 163 -51.00 21.48 -51.96
CA PHE A 163 -50.87 20.07 -51.65
C PHE A 163 -50.90 19.83 -50.14
N LEU A 164 -50.04 20.53 -49.40
CA LEU A 164 -49.91 20.26 -47.97
C LEU A 164 -51.18 20.64 -47.22
N GLY A 165 -51.86 21.69 -47.67
CA GLY A 165 -53.14 22.02 -47.06
C GLY A 165 -54.20 20.96 -47.33
N ASP A 166 -54.15 20.34 -48.51
CA ASP A 166 -55.12 19.29 -48.83
C ASP A 166 -54.85 18.04 -48.02
N ILE A 167 -53.61 17.58 -47.99
CA ILE A 167 -53.29 16.29 -47.38
C ILE A 167 -53.64 16.30 -45.89
N LEU A 168 -53.36 17.40 -45.20
CA LEU A 168 -53.65 17.50 -43.78
C LEU A 168 -55.12 17.77 -43.49
N GLN A 169 -55.94 18.02 -44.51
CA GLN A 169 -57.31 18.46 -44.31
C GLN A 169 -58.33 17.44 -44.81
N ASN A 170 -58.24 17.03 -46.08
CA ASN A 170 -59.24 16.18 -46.69
C ASN A 170 -58.83 14.71 -46.75
N SER A 171 -57.77 14.32 -46.04
CA SER A 171 -57.32 12.94 -46.10
C SER A 171 -58.41 12.00 -45.62
N VAL A 172 -58.62 10.91 -46.36
CA VAL A 172 -59.61 9.90 -46.05
C VAL A 172 -58.91 8.70 -45.44
N PHE A 173 -59.37 8.27 -44.27
CA PHE A 173 -58.78 7.16 -43.54
C PHE A 173 -59.66 5.93 -43.73
N ASN A 174 -59.20 5.00 -44.56
CA ASN A 174 -59.93 3.76 -44.81
C ASN A 174 -59.58 2.72 -43.75
N LYS A 175 -60.54 1.87 -43.45
CA LYS A 175 -60.28 0.77 -42.51
C LYS A 175 -59.21 -0.17 -43.06
N GLN A 176 -59.29 -0.50 -44.35
CA GLN A 176 -58.31 -1.39 -44.96
C GLN A 176 -56.92 -0.77 -44.90
N GLN A 177 -56.80 0.51 -45.24
CA GLN A 177 -55.50 1.17 -45.20
C GLN A 177 -54.94 1.21 -43.79
N VAL A 178 -55.79 1.53 -42.81
CA VAL A 178 -55.33 1.57 -41.42
C VAL A 178 -54.85 0.19 -40.99
N GLU A 179 -55.55 -0.87 -41.41
CA GLU A 179 -55.11 -2.22 -41.10
C GLU A 179 -53.78 -2.55 -41.77
N ALA A 180 -53.58 -2.05 -42.99
CA ALA A 180 -52.38 -2.40 -43.74
C ALA A 180 -51.12 -1.89 -43.05
N GLU A 181 -51.19 -0.70 -42.45
CA GLU A 181 -50.01 -0.06 -41.89
C GLU A 181 -49.76 -0.40 -40.43
N LYS A 182 -50.56 -1.31 -39.84
CA LYS A 182 -50.33 -1.66 -38.44
C LYS A 182 -48.95 -2.28 -38.25
N GLU A 183 -48.53 -3.13 -39.19
CA GLU A 183 -47.21 -3.76 -39.08
C GLU A 183 -46.10 -2.72 -39.09
N ALA A 184 -46.21 -1.72 -39.98
CA ALA A 184 -45.18 -0.70 -40.06
C ALA A 184 -45.07 0.08 -38.75
N VAL A 185 -46.20 0.47 -38.18
CA VAL A 185 -46.18 1.22 -36.93
C VAL A 185 -45.62 0.37 -35.80
N TYR A 186 -46.04 -0.90 -35.74
CA TYR A 186 -45.52 -1.78 -34.69
C TYR A 186 -44.01 -1.95 -34.81
N ASN A 187 -43.51 -2.15 -36.03
CA ASN A 187 -42.07 -2.27 -36.21
C ASN A 187 -41.35 -0.99 -35.83
N ASN A 188 -41.92 0.16 -36.20
CA ASN A 188 -41.32 1.43 -35.82
C ASN A 188 -41.29 1.60 -34.31
N ALA A 189 -42.26 1.02 -33.60
CA ALA A 189 -42.26 1.08 -32.15
C ALA A 189 -41.22 0.17 -31.52
N LEU A 190 -40.72 -0.82 -32.26
CA LEU A 190 -39.69 -1.72 -31.74
C LEU A 190 -38.29 -1.26 -32.10
N SER A 191 -38.13 -0.52 -33.19
CA SER A 191 -36.82 -0.06 -33.63
C SER A 191 -36.42 1.26 -33.00
N ALA A 192 -37.22 1.80 -32.08
CA ALA A 192 -36.83 3.03 -31.40
C ALA A 192 -35.53 2.85 -30.63
N GLN A 193 -35.20 1.62 -30.24
CA GLN A 193 -33.96 1.36 -29.52
C GLN A 193 -32.72 1.54 -30.41
N ASN A 194 -32.90 1.62 -31.73
CA ASN A 194 -31.76 1.87 -32.60
C ASN A 194 -31.14 3.23 -32.33
N ASP A 195 -31.97 4.25 -32.14
CA ASP A 195 -31.50 5.57 -31.71
C ASP A 195 -31.51 5.57 -30.20
N GLN A 196 -30.38 5.18 -29.61
CA GLN A 196 -30.32 4.99 -28.17
C GLN A 196 -30.59 6.28 -27.42
N GLN A 197 -30.12 7.42 -27.96
CA GLN A 197 -30.41 8.69 -27.31
C GLN A 197 -31.91 8.97 -27.30
N GLY A 198 -32.60 8.68 -28.40
CA GLY A 198 -34.04 8.88 -28.42
C GLY A 198 -34.76 8.02 -27.42
N LEU A 199 -34.37 6.75 -27.32
CA LEU A 199 -35.01 5.86 -26.35
C LEU A 199 -34.74 6.31 -24.92
N LEU A 200 -33.52 6.76 -24.64
CA LEU A 200 -33.23 7.24 -23.30
C LEU A 200 -34.02 8.50 -22.98
N LEU A 201 -34.21 9.38 -23.96
CA LEU A 201 -35.06 10.55 -23.74
C LEU A 201 -36.51 10.15 -23.49
N GLU A 202 -36.99 9.14 -24.22
CA GLU A 202 -38.34 8.63 -23.97
C GLU A 202 -38.47 8.11 -22.57
N ASN A 203 -37.47 7.36 -22.09
CA ASN A 203 -37.52 6.83 -20.73
C ASN A 203 -37.40 7.95 -19.70
N ILE A 204 -36.66 9.01 -20.02
CA ILE A 204 -36.59 10.16 -19.12
C ILE A 204 -37.94 10.83 -19.01
N HIS A 205 -38.65 10.99 -20.13
CA HIS A 205 -40.01 11.51 -20.08
C HIS A 205 -40.91 10.60 -19.26
N PHE A 206 -40.75 9.28 -19.44
CA PHE A 206 -41.55 8.33 -18.67
C PHE A 206 -41.33 8.51 -17.17
N THR A 207 -40.07 8.52 -16.75
CA THR A 207 -39.78 8.57 -15.31
C THR A 207 -40.07 9.94 -14.71
N ALA A 208 -39.98 11.01 -15.52
CA ALA A 208 -40.20 12.35 -15.00
C ALA A 208 -41.68 12.61 -14.71
N TYR A 209 -42.57 12.04 -15.52
CA TYR A 209 -44.02 12.24 -15.37
C TYR A 209 -44.67 10.87 -15.25
N ARG A 210 -44.74 10.34 -14.04
CA ARG A 210 -45.32 9.02 -13.80
C ARG A 210 -46.81 9.07 -13.52
N ASP A 211 -47.40 10.27 -13.37
CA ASP A 211 -48.81 10.43 -13.07
C ASP A 211 -49.52 11.21 -14.17
N HIS A 212 -48.98 11.18 -15.38
CA HIS A 212 -49.54 11.91 -16.50
C HIS A 212 -49.25 11.13 -17.78
N TYR A 213 -50.15 11.26 -18.76
CA TYR A 213 -49.92 10.63 -20.05
C TYR A 213 -48.74 11.25 -20.79
N PHE A 214 -48.26 12.41 -20.33
CA PHE A 214 -47.11 13.04 -20.95
C PHE A 214 -45.87 12.17 -20.85
N GLY A 215 -45.85 11.20 -19.94
CA GLY A 215 -44.73 10.31 -19.79
C GLY A 215 -44.74 9.10 -20.71
N GLN A 216 -45.86 8.81 -21.35
CA GLN A 216 -45.93 7.64 -22.21
C GLN A 216 -45.07 7.86 -23.46
N PRO A 217 -44.57 6.79 -24.06
CA PRO A 217 -43.69 6.95 -25.23
C PRO A 217 -44.41 7.57 -26.40
N THR A 218 -43.65 8.29 -27.23
CA THR A 218 -44.21 8.89 -28.43
C THR A 218 -44.52 7.85 -29.50
N HIS A 219 -43.87 6.70 -29.47
CA HIS A 219 -44.14 5.64 -30.44
C HIS A 219 -45.37 4.82 -30.08
N GLY A 220 -45.99 5.06 -28.93
CA GLY A 220 -47.19 4.37 -28.53
C GLY A 220 -46.90 3.08 -27.79
N ILE A 221 -47.97 2.52 -27.21
CA ILE A 221 -47.88 1.27 -26.48
C ILE A 221 -47.88 0.12 -27.49
N ARG A 222 -46.89 -0.77 -27.38
CA ARG A 222 -46.73 -1.83 -28.37
C ARG A 222 -48.01 -2.62 -28.56
N GLU A 223 -48.59 -3.10 -27.47
CA GLU A 223 -49.73 -4.01 -27.56
C GLU A 223 -51.03 -3.30 -27.90
N ASN A 224 -51.08 -1.97 -27.81
CA ASN A 224 -52.25 -1.22 -28.23
C ASN A 224 -52.16 -0.76 -29.68
N LEU A 225 -51.03 -0.97 -30.34
CA LEU A 225 -50.85 -0.51 -31.72
C LEU A 225 -51.55 -1.42 -32.73
N HIS A 226 -52.07 -2.55 -32.31
CA HIS A 226 -52.85 -3.43 -33.17
C HIS A 226 -54.35 -3.29 -32.92
N ASN A 227 -54.76 -2.28 -32.15
CA ASN A 227 -56.16 -2.05 -31.85
C ASN A 227 -56.71 -0.75 -32.44
N ILE A 228 -55.86 0.11 -32.99
CA ILE A 228 -56.34 1.36 -33.58
C ILE A 228 -57.12 1.03 -34.84
N THR A 229 -58.28 1.66 -34.99
CA THR A 229 -59.18 1.44 -36.11
C THR A 229 -59.46 2.76 -36.82
N ASP A 230 -60.29 2.68 -37.86
CA ASP A 230 -60.64 3.89 -38.61
C ASP A 230 -61.35 4.90 -37.73
N GLU A 231 -62.28 4.43 -36.88
CA GLU A 231 -63.05 5.35 -36.05
C GLU A 231 -62.15 6.12 -35.09
N VAL A 232 -61.17 5.44 -34.50
CA VAL A 232 -60.28 6.10 -33.55
C VAL A 232 -59.48 7.19 -34.25
N VAL A 233 -58.94 6.88 -35.44
CA VAL A 233 -58.14 7.86 -36.17
C VAL A 233 -59.00 9.05 -36.57
N LYS A 234 -60.22 8.78 -37.05
CA LYS A 234 -61.10 9.88 -37.44
C LYS A 234 -61.44 10.77 -36.26
N ASN A 235 -61.71 10.16 -35.10
CA ASN A 235 -61.98 10.96 -33.91
C ASN A 235 -60.77 11.80 -33.51
N PHE A 236 -59.57 11.20 -33.58
CA PHE A 236 -58.37 11.94 -33.21
C PHE A 236 -58.15 13.12 -34.13
N VAL A 237 -58.34 12.93 -35.43
CA VAL A 237 -58.11 14.02 -36.39
C VAL A 237 -59.27 14.98 -36.47
N LYS A 238 -60.42 14.65 -35.88
CA LYS A 238 -61.52 15.61 -35.83
C LYS A 238 -61.47 16.47 -34.57
N THR A 239 -61.04 15.89 -33.44
CA THR A 239 -60.98 16.65 -32.20
C THR A 239 -59.80 17.63 -32.21
N ASN A 240 -58.65 17.20 -32.70
CA ASN A 240 -57.41 17.96 -32.55
C ASN A 240 -57.05 18.81 -33.76
N TYR A 241 -57.19 18.27 -34.98
CA TYR A 241 -56.83 19.02 -36.19
C TYR A 241 -57.90 20.05 -36.48
N VAL A 242 -57.80 21.18 -35.77
CA VAL A 242 -58.71 22.29 -35.92
C VAL A 242 -57.89 23.55 -36.22
N GLY A 243 -58.59 24.59 -36.69
CA GLY A 243 -57.89 25.77 -37.15
C GLY A 243 -56.98 26.39 -36.11
N SER A 244 -57.43 26.41 -34.85
CA SER A 244 -56.65 27.04 -33.80
C SER A 244 -55.34 26.32 -33.52
N ASN A 245 -55.18 25.09 -33.99
CA ASN A 245 -53.98 24.30 -33.74
C ASN A 245 -53.02 24.31 -34.91
N PHE A 246 -53.29 25.06 -35.99
CA PHE A 246 -52.48 25.04 -37.19
C PHE A 246 -51.62 26.29 -37.27
N VAL A 247 -50.31 26.10 -37.41
CA VAL A 247 -49.38 27.19 -37.71
C VAL A 247 -48.59 26.79 -38.94
N VAL A 248 -48.74 27.55 -40.02
CA VAL A 248 -48.05 27.29 -41.28
C VAL A 248 -47.00 28.36 -41.47
N ALA A 249 -45.73 27.95 -41.50
CA ALA A 249 -44.60 28.85 -41.66
C ALA A 249 -43.94 28.62 -43.02
N ALA A 250 -43.49 29.70 -43.63
CA ALA A 250 -42.79 29.65 -44.91
C ALA A 250 -41.48 30.40 -44.80
N ALA A 251 -40.43 29.83 -45.38
CA ALA A 251 -39.10 30.43 -45.34
C ALA A 251 -38.38 30.15 -46.64
N GLY A 252 -37.33 30.92 -46.89
CA GLY A 252 -36.59 30.83 -48.12
C GLY A 252 -37.09 31.81 -49.16
N ASN A 253 -36.83 31.48 -50.42
CA ASN A 253 -37.23 32.33 -51.54
C ASN A 253 -38.73 32.16 -51.76
N VAL A 254 -39.50 32.87 -50.95
CA VAL A 254 -40.96 32.84 -51.00
C VAL A 254 -41.47 34.26 -51.09
N ASN A 255 -42.46 34.48 -51.95
CA ASN A 255 -43.11 35.77 -52.04
C ASN A 255 -44.18 35.87 -50.94
N SER A 256 -44.07 36.88 -50.09
CA SER A 256 -44.94 36.96 -48.92
C SER A 256 -46.41 37.03 -49.31
N GLN A 257 -46.75 37.93 -50.24
CA GLN A 257 -48.15 38.09 -50.61
C GLN A 257 -48.70 36.83 -51.26
N ALA A 258 -47.94 36.25 -52.20
CA ALA A 258 -48.41 35.06 -52.88
C ALA A 258 -48.60 33.90 -51.91
N PHE A 259 -47.64 33.69 -51.01
CA PHE A 259 -47.77 32.61 -50.05
C PHE A 259 -48.94 32.85 -49.12
N LEU A 260 -49.13 34.10 -48.66
CA LEU A 260 -50.24 34.38 -47.77
C LEU A 260 -51.58 34.10 -48.47
N GLN A 261 -51.71 34.52 -49.72
CA GLN A 261 -52.95 34.25 -50.45
C GLN A 261 -53.16 32.75 -50.64
N ALA A 262 -52.10 32.02 -51.00
CA ALA A 262 -52.23 30.58 -51.21
C ALA A 262 -52.62 29.87 -49.92
N ALA A 263 -52.02 30.27 -48.80
CA ALA A 263 -52.34 29.63 -47.53
C ALA A 263 -53.73 30.01 -47.04
N GLU A 264 -54.18 31.23 -47.32
CA GLU A 264 -55.57 31.58 -47.01
C GLU A 264 -56.53 30.74 -47.83
N LYS A 265 -56.20 30.51 -49.09
CA LYS A 265 -57.04 29.65 -49.93
C LYS A 265 -57.05 28.21 -49.41
N ALA A 266 -55.89 27.70 -49.01
CA ALA A 266 -55.77 26.27 -48.68
C ALA A 266 -56.24 25.98 -47.25
N PHE A 267 -55.59 26.57 -46.26
CA PHE A 267 -55.88 26.29 -44.87
C PHE A 267 -57.05 27.10 -44.31
N GLY A 268 -57.65 27.98 -45.11
CA GLY A 268 -58.74 28.79 -44.61
C GLY A 268 -60.04 28.04 -44.42
N THR A 269 -60.13 26.81 -44.92
CA THR A 269 -61.34 25.99 -44.80
C THR A 269 -61.22 24.93 -43.72
N VAL A 270 -60.19 24.99 -42.88
CA VAL A 270 -60.05 24.02 -41.81
C VAL A 270 -61.16 24.22 -40.78
N ALA A 271 -61.70 23.13 -40.28
CA ALA A 271 -62.77 23.20 -39.29
C ALA A 271 -62.28 23.95 -38.06
N GLN A 272 -63.15 24.81 -37.53
CA GLN A 272 -62.79 25.64 -36.39
C GLN A 272 -62.90 24.85 -35.10
N LYS A 273 -62.04 25.21 -34.14
CA LYS A 273 -62.02 24.51 -32.86
C LYS A 273 -63.36 24.67 -32.15
N ASP A 274 -63.84 23.56 -31.57
CA ASP A 274 -65.09 23.53 -30.83
C ASP A 274 -64.78 23.34 -29.35
N ALA A 275 -65.20 24.29 -28.52
CA ALA A 275 -64.89 24.23 -27.09
C ALA A 275 -65.62 23.09 -26.40
N THR A 276 -66.73 22.60 -26.97
CA THR A 276 -67.48 21.53 -26.32
C THR A 276 -66.70 20.22 -26.29
N THR A 277 -65.90 19.95 -27.32
CA THR A 277 -65.17 18.70 -27.39
C THR A 277 -64.18 18.58 -26.24
N PHE A 278 -63.91 17.34 -25.83
CA PHE A 278 -63.04 17.04 -24.70
C PHE A 278 -61.68 16.59 -25.21
N VAL A 279 -60.63 17.26 -24.73
CA VAL A 279 -59.25 16.94 -25.07
C VAL A 279 -58.60 16.29 -23.86
N PRO A 280 -58.17 15.04 -23.93
CA PRO A 280 -57.59 14.39 -22.75
C PRO A 280 -56.26 15.00 -22.34
N ASN A 281 -55.92 14.81 -21.07
CA ASN A 281 -54.60 15.14 -20.53
C ASN A 281 -54.28 16.63 -20.71
N THR A 282 -55.11 17.46 -20.08
CA THR A 282 -54.96 18.90 -20.15
C THR A 282 -54.44 19.51 -18.85
N GLU A 283 -54.20 18.69 -17.81
CA GLU A 283 -53.66 19.20 -16.56
C GLU A 283 -52.14 19.25 -16.61
N LYS A 284 -51.55 19.96 -15.65
CA LYS A 284 -50.11 20.14 -15.63
C LYS A 284 -49.41 18.83 -15.34
N PRO A 285 -48.42 18.42 -16.15
CA PRO A 285 -47.63 17.22 -15.79
C PRO A 285 -46.62 17.50 -14.69
N TYR A 286 -47.04 17.41 -13.43
CA TYR A 286 -46.14 17.67 -12.32
C TYR A 286 -44.93 16.75 -12.38
N PHE A 287 -43.75 17.32 -12.13
CA PHE A 287 -42.51 16.58 -12.23
C PHE A 287 -42.42 15.54 -11.11
N THR A 288 -42.05 14.32 -11.47
CA THR A 288 -41.96 13.20 -10.52
C THR A 288 -40.54 12.68 -10.48
N PRO A 289 -39.72 13.13 -9.51
CA PRO A 289 -38.35 12.62 -9.44
C PRO A 289 -38.32 11.12 -9.25
N SER A 290 -37.34 10.47 -9.88
CA SER A 290 -37.21 9.02 -9.79
C SER A 290 -35.89 8.61 -10.43
N TYR A 291 -35.59 7.31 -10.28
CA TYR A 291 -34.36 6.73 -10.80
C TYR A 291 -34.71 5.36 -11.37
N MET A 292 -34.63 5.22 -12.69
CA MET A 292 -34.93 3.98 -13.38
C MET A 292 -33.63 3.33 -13.85
N THR A 293 -33.54 2.01 -13.67
CA THR A 293 -32.36 1.24 -14.05
C THR A 293 -32.80 0.13 -15.01
N ILE A 294 -32.63 0.38 -16.31
CA ILE A 294 -32.93 -0.62 -17.33
C ILE A 294 -31.67 -1.45 -17.49
N ARG A 295 -31.58 -2.51 -16.67
CA ARG A 295 -30.39 -3.34 -16.62
C ARG A 295 -30.42 -4.34 -17.78
N ASP A 296 -29.57 -4.10 -18.78
CA ASP A 296 -29.44 -4.99 -19.95
C ASP A 296 -27.95 -5.17 -20.20
N ASP A 297 -27.36 -6.19 -19.57
CA ASP A 297 -25.99 -6.52 -19.87
C ASP A 297 -25.87 -6.97 -21.33
N GLU A 298 -24.63 -7.14 -21.79
CA GLU A 298 -24.29 -7.48 -23.17
C GLU A 298 -24.36 -6.28 -24.09
N MET A 299 -24.48 -5.06 -23.56
CA MET A 299 -24.62 -3.88 -24.40
C MET A 299 -23.30 -3.19 -24.69
N HIS A 300 -22.25 -3.47 -23.91
CA HIS A 300 -20.91 -2.93 -24.16
C HIS A 300 -20.82 -1.44 -23.83
N ASN A 301 -21.94 -0.80 -23.50
CA ASN A 301 -21.96 0.62 -23.23
C ASN A 301 -23.16 0.95 -22.34
N LEU A 302 -23.12 2.15 -21.77
CA LEU A 302 -24.11 2.60 -20.81
C LEU A 302 -24.63 3.96 -21.25
N ASN A 303 -25.96 4.09 -21.29
CA ASN A 303 -26.64 5.35 -21.59
C ASN A 303 -27.25 5.87 -20.30
N VAL A 304 -26.78 7.02 -19.82
CA VAL A 304 -27.28 7.59 -18.58
C VAL A 304 -27.81 8.99 -18.87
N GLY A 305 -29.07 9.22 -18.51
CA GLY A 305 -29.68 10.53 -18.64
C GLY A 305 -30.07 11.09 -17.30
N VAL A 306 -29.66 12.33 -17.02
CA VAL A 306 -29.96 13.01 -15.76
C VAL A 306 -30.58 14.35 -16.09
N PHE A 307 -31.81 14.58 -15.62
CA PHE A 307 -32.59 15.75 -16.02
C PHE A 307 -33.21 16.43 -14.81
N PHE A 308 -33.12 17.76 -14.78
CA PHE A 308 -33.90 18.61 -13.90
C PHE A 308 -35.18 19.05 -14.60
N GLU A 309 -36.15 19.45 -13.79
CA GLU A 309 -37.31 20.16 -14.32
C GLU A 309 -36.88 21.54 -14.78
N ALA A 310 -37.42 21.97 -15.92
CA ALA A 310 -37.02 23.20 -16.57
C ALA A 310 -38.24 24.07 -16.84
N PRO A 311 -38.04 25.36 -17.11
CA PRO A 311 -39.18 26.24 -17.37
C PRO A 311 -39.93 25.83 -18.63
N SER A 312 -41.05 26.52 -18.86
CA SER A 312 -41.87 26.32 -20.03
C SER A 312 -41.52 27.36 -21.09
N TRP A 313 -42.20 27.27 -22.23
CA TRP A 313 -41.94 28.23 -23.31
C TRP A 313 -42.24 29.66 -22.90
N THR A 314 -43.23 29.85 -22.01
CA THR A 314 -43.67 31.18 -21.63
C THR A 314 -43.10 31.63 -20.28
N ASP A 315 -42.19 30.86 -19.70
CA ASP A 315 -41.61 31.23 -18.42
C ASP A 315 -40.60 32.37 -18.62
N PRO A 316 -40.45 33.26 -17.63
CA PRO A 316 -39.45 34.33 -17.77
C PRO A 316 -38.04 33.81 -17.99
N ASP A 317 -37.68 32.70 -17.35
CA ASP A 317 -36.34 32.13 -17.50
C ASP A 317 -36.29 31.13 -18.66
N PHE A 318 -36.75 31.55 -19.83
CA PHE A 318 -36.72 30.68 -21.00
C PHE A 318 -35.40 30.79 -21.76
N PHE A 319 -34.94 32.03 -22.00
CA PHE A 319 -33.68 32.22 -22.71
C PHE A 319 -32.48 31.97 -21.82
N THR A 320 -32.63 32.18 -20.51
CA THR A 320 -31.53 31.89 -19.60
C THR A 320 -31.19 30.40 -19.62
N ILE A 321 -32.19 29.54 -19.71
CA ILE A 321 -31.92 28.10 -19.72
C ILE A 321 -31.32 27.67 -21.04
N ASN A 322 -31.69 28.32 -22.15
CA ASN A 322 -30.98 28.07 -23.40
C ASN A 322 -29.51 28.47 -23.29
N PHE A 323 -29.25 29.60 -22.64
CA PHE A 323 -27.87 30.01 -22.39
C PHE A 323 -27.15 28.96 -21.55
N PHE A 324 -27.83 28.41 -20.55
CA PHE A 324 -27.24 27.33 -19.76
C PHE A 324 -26.93 26.12 -20.62
N GLN A 325 -27.85 25.76 -21.52
CA GLN A 325 -27.61 24.64 -22.42
C GLN A 325 -26.34 24.89 -23.23
N ARG A 326 -26.16 26.11 -23.73
CA ARG A 326 -24.98 26.40 -24.52
C ARG A 326 -23.72 26.53 -23.65
N ILE A 327 -23.86 26.78 -22.35
CA ILE A 327 -22.73 26.68 -21.44
C ILE A 327 -22.28 25.23 -21.33
N LEU A 328 -23.23 24.33 -21.10
CA LEU A 328 -22.96 22.90 -20.98
C LEU A 328 -23.26 22.26 -22.33
N GLY A 329 -22.34 22.46 -23.27
CA GLY A 329 -22.57 22.07 -24.64
C GLY A 329 -22.39 20.59 -24.90
N GLU A 330 -22.50 20.23 -26.17
CA GLU A 330 -22.34 18.85 -26.61
C GLU A 330 -20.86 18.45 -26.60
N TYR A 331 -20.61 17.15 -26.69
CA TYR A 331 -19.26 16.63 -26.68
C TYR A 331 -19.23 15.27 -27.35
N GLN A 332 -18.12 14.95 -28.00
CA GLN A 332 -17.88 13.64 -28.56
C GLN A 332 -16.40 13.36 -28.53
N ALA A 333 -16.04 12.09 -28.30
CA ALA A 333 -14.64 11.71 -28.15
C ALA A 333 -13.83 11.87 -29.43
N ASP A 334 -14.49 12.06 -30.57
CA ASP A 334 -13.81 12.29 -31.83
C ASP A 334 -13.53 13.76 -32.08
N LYS A 335 -13.82 14.64 -31.12
CA LYS A 335 -13.78 16.07 -31.32
C LYS A 335 -13.59 16.74 -29.97
N TYR A 336 -13.38 18.06 -30.01
CA TYR A 336 -13.25 18.86 -28.79
C TYR A 336 -12.02 18.37 -28.03
N THR A 337 -12.05 18.38 -26.70
CA THR A 337 -10.93 17.93 -25.89
C THR A 337 -10.66 16.43 -26.04
N GLY A 338 -11.59 15.68 -26.62
CA GLY A 338 -11.39 14.25 -26.75
C GLY A 338 -10.19 13.89 -27.59
N GLN A 339 -9.83 14.72 -28.57
CA GLN A 339 -8.73 14.41 -29.46
C GLN A 339 -7.75 15.55 -29.71
N HIS A 340 -8.07 16.80 -29.36
CA HIS A 340 -7.23 17.95 -29.72
C HIS A 340 -6.97 18.81 -28.48
N LEU A 341 -5.92 18.47 -27.73
CA LEU A 341 -5.39 19.36 -26.69
C LEU A 341 -4.23 18.67 -26.00
N ASN A 342 -3.33 19.48 -25.45
CA ASN A 342 -2.26 18.94 -24.61
C ASN A 342 -2.82 18.39 -23.31
N THR A 343 -3.74 19.12 -22.68
CA THR A 343 -4.39 18.68 -21.46
C THR A 343 -5.78 19.27 -21.42
N SER A 344 -6.70 18.54 -20.76
CA SER A 344 -8.09 18.98 -20.71
C SER A 344 -8.25 20.28 -19.93
N ASP A 345 -7.38 20.53 -18.97
CA ASP A 345 -7.51 21.73 -18.15
C ASP A 345 -7.28 23.00 -18.95
N ARG A 346 -6.47 22.92 -20.02
CA ARG A 346 -6.07 24.10 -20.78
C ARG A 346 -7.15 24.43 -21.82
N GLN A 347 -8.31 24.81 -21.31
CA GLN A 347 -9.44 25.21 -22.13
C GLN A 347 -10.45 25.91 -21.24
N TYR A 348 -11.47 26.50 -21.87
CA TYR A 348 -12.46 27.32 -21.18
C TYR A 348 -13.80 26.61 -21.07
N SER A 349 -13.78 25.31 -20.85
CA SER A 349 -14.99 24.52 -20.66
C SER A 349 -14.74 23.51 -19.56
N LEU A 350 -15.51 23.62 -18.47
CA LEU A 350 -15.31 22.73 -17.33
C LEU A 350 -15.83 21.33 -17.62
N ILE A 351 -17.00 21.24 -18.27
CA ILE A 351 -17.54 19.92 -18.61
C ILE A 351 -16.61 19.18 -19.56
N HIS A 352 -16.08 19.89 -20.56
CA HIS A 352 -15.10 19.26 -21.45
C HIS A 352 -13.81 18.93 -20.73
N LYS A 353 -13.43 19.75 -19.75
CA LYS A 353 -12.26 19.43 -18.93
C LYS A 353 -12.46 18.09 -18.23
N GLU A 354 -13.64 17.88 -17.65
CA GLU A 354 -13.92 16.61 -16.98
C GLU A 354 -14.00 15.47 -17.97
N LEU A 355 -14.60 15.70 -19.13
CA LEU A 355 -14.82 14.61 -20.08
C LEU A 355 -13.53 14.20 -20.78
N GLY A 356 -12.59 15.11 -20.93
CA GLY A 356 -11.32 14.76 -21.55
C GLY A 356 -10.53 13.74 -20.75
N ASN A 357 -10.63 13.81 -19.42
CA ASN A 357 -9.94 12.87 -18.54
C ASN A 357 -10.59 11.50 -18.50
N LEU A 358 -11.76 11.33 -19.12
CA LEU A 358 -12.49 10.06 -19.14
C LEU A 358 -12.36 9.45 -20.53
N PRO A 359 -11.40 8.56 -20.78
CA PRO A 359 -11.21 8.06 -22.14
C PRO A 359 -12.41 7.32 -22.69
N ASP A 360 -13.16 6.60 -21.86
CA ASP A 360 -14.22 5.72 -22.35
C ASP A 360 -15.59 6.39 -22.42
N VAL A 361 -15.74 7.59 -21.87
CA VAL A 361 -17.00 8.33 -21.99
C VAL A 361 -17.00 8.99 -23.36
N THR A 362 -17.81 8.47 -24.27
CA THR A 362 -17.70 8.82 -25.68
C THR A 362 -18.58 9.99 -26.08
N ILE A 363 -19.85 10.00 -25.66
CA ILE A 363 -20.80 11.00 -26.12
C ILE A 363 -21.42 11.70 -24.92
N HIS A 364 -21.60 13.02 -25.04
CA HIS A 364 -22.37 13.78 -24.08
C HIS A 364 -23.11 14.89 -24.83
N LYS A 365 -24.38 15.07 -24.51
CA LYS A 365 -25.16 16.16 -25.09
C LYS A 365 -26.15 16.69 -24.08
N THR A 366 -26.31 18.00 -24.05
CA THR A 366 -27.25 18.67 -23.16
C THR A 366 -28.53 18.98 -23.92
N HIS A 367 -29.66 18.54 -23.37
CA HIS A 367 -30.97 18.74 -23.98
C HIS A 367 -31.80 19.67 -23.13
N TYR A 368 -32.37 20.70 -23.75
CA TYR A 368 -33.37 21.56 -23.13
C TYR A 368 -34.66 21.40 -23.92
N LEU A 369 -35.67 20.80 -23.29
CA LEU A 369 -36.96 20.52 -23.93
C LEU A 369 -38.02 21.34 -23.23
N PRO A 370 -38.43 22.48 -23.78
CA PRO A 370 -39.52 23.26 -23.17
C PRO A 370 -40.87 22.91 -23.77
N TYR A 371 -41.88 22.87 -22.91
CA TYR A 371 -43.24 22.55 -23.30
C TYR A 371 -44.17 23.67 -22.84
N SER A 372 -45.46 23.47 -23.08
CA SER A 372 -46.44 24.51 -22.74
C SER A 372 -46.50 24.76 -21.24
N ASP A 373 -46.44 23.70 -20.44
CA ASP A 373 -46.58 23.81 -19.00
C ASP A 373 -45.31 23.51 -18.23
N THR A 374 -44.47 22.59 -18.71
CA THR A 374 -43.29 22.16 -17.98
C THR A 374 -42.11 22.10 -18.95
N GLY A 375 -40.98 21.61 -18.45
CA GLY A 375 -39.79 21.48 -19.27
C GLY A 375 -38.81 20.55 -18.61
N LEU A 376 -37.87 20.06 -19.42
CA LEU A 376 -36.84 19.14 -18.95
C LEU A 376 -35.48 19.61 -19.47
N PHE A 377 -34.56 19.90 -18.55
CA PHE A 377 -33.21 20.32 -18.91
C PHE A 377 -32.23 19.33 -18.30
N GLY A 378 -31.43 18.68 -19.14
CA GLY A 378 -30.55 17.67 -18.60
C GLY A 378 -29.45 17.27 -19.54
N SER A 379 -28.71 16.23 -19.14
CA SER A 379 -27.55 15.74 -19.87
C SER A 379 -27.73 14.26 -20.17
N TYR A 380 -27.34 13.87 -21.39
CA TYR A 380 -27.29 12.49 -21.82
C TYR A 380 -25.84 12.11 -22.05
N PHE A 381 -25.37 11.07 -21.36
CA PHE A 381 -24.04 10.51 -21.55
C PHE A 381 -24.16 9.11 -22.14
N TYR A 382 -23.21 8.78 -23.00
CA TYR A 382 -23.06 7.43 -23.53
C TYR A 382 -21.60 7.05 -23.41
N GLY A 383 -21.31 6.04 -22.60
CA GLY A 383 -19.92 5.67 -22.37
C GLY A 383 -19.82 4.35 -21.64
N ASN A 384 -18.57 3.91 -21.47
CA ASN A 384 -18.31 2.62 -20.86
C ASN A 384 -18.87 2.57 -19.44
N GLU A 385 -19.36 1.40 -19.04
CA GLU A 385 -20.01 1.26 -17.74
C GLU A 385 -19.04 1.39 -16.58
N ILE A 386 -17.73 1.24 -16.82
CA ILE A 386 -16.77 1.38 -15.74
C ILE A 386 -16.79 2.81 -15.19
N PHE A 387 -17.12 3.78 -16.03
CA PHE A 387 -17.28 5.17 -15.62
C PHE A 387 -18.74 5.51 -15.33
N GLY A 388 -19.56 4.51 -15.01
CA GLY A 388 -20.97 4.79 -14.77
C GLY A 388 -21.20 5.80 -13.67
N ASN A 389 -20.43 5.71 -12.59
CA ASN A 389 -20.59 6.64 -11.48
C ASN A 389 -20.12 8.04 -11.82
N GLN A 390 -19.32 8.19 -12.88
CA GLN A 390 -18.91 9.53 -13.29
C GLN A 390 -20.00 10.19 -14.13
N MET A 391 -20.40 9.55 -15.22
CA MET A 391 -21.48 10.09 -16.04
C MET A 391 -22.74 10.31 -15.20
N LEU A 392 -22.96 9.46 -14.21
CA LEU A 392 -24.13 9.62 -13.34
C LEU A 392 -24.04 10.91 -12.52
N PHE A 393 -22.85 11.25 -12.03
CA PHE A 393 -22.68 12.36 -11.09
C PHE A 393 -21.97 13.56 -11.70
N LEU A 394 -21.70 13.55 -13.01
CA LEU A 394 -20.94 14.64 -13.60
C LEU A 394 -21.82 15.85 -13.89
N SER A 395 -22.83 15.69 -14.76
CA SER A 395 -23.66 16.82 -15.16
C SER A 395 -24.34 17.45 -13.96
N GLN A 396 -24.70 16.65 -12.96
CA GLN A 396 -25.30 17.22 -11.75
C GLN A 396 -24.36 18.20 -11.08
N MET A 397 -23.08 17.83 -10.96
CA MET A 397 -22.13 18.67 -10.23
C MET A 397 -21.92 20.01 -10.95
N ILE A 398 -21.59 19.96 -12.24
CA ILE A 398 -21.17 21.17 -12.94
C ILE A 398 -22.26 22.23 -12.84
N LEU A 399 -23.50 21.86 -13.19
CA LEU A 399 -24.60 22.81 -13.10
C LEU A 399 -24.72 23.36 -11.68
N SER A 400 -24.68 22.47 -10.68
CA SER A 400 -24.77 22.94 -9.30
C SER A 400 -23.62 23.89 -8.97
N GLU A 401 -22.44 23.64 -9.53
CA GLU A 401 -21.33 24.56 -9.30
C GLU A 401 -21.66 25.95 -9.79
N TYR A 402 -22.35 26.05 -10.93
CA TYR A 402 -22.71 27.37 -11.44
C TYR A 402 -23.65 28.11 -10.50
N ALA A 403 -24.31 27.39 -9.59
CA ALA A 403 -25.18 28.07 -8.63
C ALA A 403 -24.40 29.00 -7.72
N SER A 404 -23.11 28.69 -7.49
CA SER A 404 -22.27 29.48 -6.61
C SER A 404 -21.22 30.31 -7.35
N TYR A 405 -20.57 29.75 -8.37
CA TYR A 405 -19.50 30.46 -9.06
C TYR A 405 -19.43 30.00 -10.50
N ILE A 406 -19.43 30.96 -11.43
CA ILE A 406 -19.21 30.68 -12.85
C ILE A 406 -18.22 31.71 -13.36
N ASN A 407 -17.18 31.24 -14.04
CA ASN A 407 -16.15 32.14 -14.56
C ASN A 407 -16.67 32.92 -15.75
N GLN A 408 -16.11 34.12 -15.95
CA GLN A 408 -16.52 34.94 -17.08
C GLN A 408 -16.14 34.30 -18.41
N ALA A 409 -15.08 33.49 -18.44
CA ALA A 409 -14.70 32.83 -19.67
C ALA A 409 -15.81 31.92 -20.17
N GLU A 410 -16.43 31.17 -19.27
CA GLU A 410 -17.54 30.30 -19.67
C GLU A 410 -18.72 31.13 -20.14
N ILE A 411 -19.01 32.25 -19.48
CA ILE A 411 -20.13 33.10 -19.89
C ILE A 411 -19.91 33.59 -21.31
N TYR A 412 -18.70 34.09 -21.60
CA TYR A 412 -18.43 34.61 -22.93
C TYR A 412 -18.37 33.51 -23.98
N ARG A 413 -17.88 32.32 -23.61
CA ARG A 413 -17.90 31.21 -24.55
C ARG A 413 -19.33 30.86 -24.94
N ALA A 414 -20.22 30.74 -23.95
CA ALA A 414 -21.61 30.44 -24.24
C ALA A 414 -22.26 31.56 -25.05
N ARG A 415 -21.93 32.81 -24.74
CA ARG A 415 -22.50 33.93 -25.47
C ARG A 415 -22.09 33.90 -26.94
N ALA A 416 -20.79 33.68 -27.20
CA ALA A 416 -20.32 33.63 -28.58
C ALA A 416 -20.92 32.44 -29.32
N LYS A 417 -21.04 31.29 -28.63
CA LYS A 417 -21.66 30.12 -29.25
C LYS A 417 -23.11 30.42 -29.61
N TYR A 418 -23.84 31.11 -28.72
CA TYR A 418 -25.22 31.45 -29.01
C TYR A 418 -25.32 32.41 -30.19
N PHE A 419 -24.43 33.39 -30.26
CA PHE A 419 -24.44 34.30 -31.40
C PHE A 419 -24.21 33.56 -32.70
N ASN A 420 -23.21 32.66 -32.72
CA ASN A 420 -22.93 31.90 -33.93
C ASN A 420 -24.10 30.99 -34.30
N GLU A 421 -24.74 30.38 -33.31
CA GLU A 421 -25.91 29.56 -33.59
C GLU A 421 -27.03 30.39 -34.19
N LEU A 422 -27.25 31.60 -33.65
CA LEU A 422 -28.29 32.46 -34.19
C LEU A 422 -27.99 32.84 -35.64
N LEU A 423 -26.72 33.12 -35.95
CA LEU A 423 -26.37 33.50 -37.30
C LEU A 423 -26.27 32.32 -38.25
N ALA A 424 -26.19 31.09 -37.74
CA ALA A 424 -25.92 29.92 -38.57
C ALA A 424 -27.18 29.22 -39.06
N GLU A 425 -28.37 29.62 -38.60
CA GLU A 425 -29.60 29.00 -39.07
C GLU A 425 -29.93 29.56 -40.44
N GLN A 426 -29.38 28.93 -41.48
CA GLN A 426 -29.50 29.41 -42.84
C GLN A 426 -30.28 28.49 -43.77
N ASN A 427 -30.60 27.28 -43.35
CA ASN A 427 -31.34 26.34 -44.18
C ASN A 427 -32.84 26.58 -44.03
N SER A 428 -33.55 26.55 -45.16
CA SER A 428 -34.94 26.96 -45.17
C SER A 428 -35.80 26.06 -44.29
N ALA A 429 -35.57 24.75 -44.34
CA ALA A 429 -36.42 23.83 -43.58
C ALA A 429 -36.31 24.08 -42.08
N ASP A 430 -35.08 24.17 -41.57
CA ASP A 430 -34.89 24.35 -40.14
C ASP A 430 -35.45 25.69 -39.67
N ILE A 431 -35.20 26.75 -40.43
CA ILE A 431 -35.69 28.07 -40.02
C ILE A 431 -37.22 28.10 -40.06
N ALA A 432 -37.83 27.47 -41.07
CA ALA A 432 -39.29 27.41 -41.13
C ALA A 432 -39.85 26.65 -39.95
N SER A 433 -39.24 25.51 -39.59
CA SER A 433 -39.71 24.75 -38.44
C SER A 433 -39.60 25.56 -37.17
N SER A 434 -38.47 26.26 -36.99
CA SER A 434 -38.30 27.07 -35.79
C SER A 434 -39.31 28.20 -35.74
N ILE A 435 -39.58 28.84 -36.87
CA ILE A 435 -40.57 29.91 -36.90
C ILE A 435 -41.94 29.37 -36.52
N ALA A 436 -42.31 28.22 -37.08
CA ALA A 436 -43.61 27.64 -36.77
C ALA A 436 -43.72 27.29 -35.29
N THR A 437 -42.68 26.69 -34.73
CA THR A 437 -42.72 26.32 -33.31
C THR A 437 -42.80 27.55 -32.43
N GLN A 438 -42.03 28.60 -32.75
CA GLN A 438 -42.07 29.82 -31.96
C GLN A 438 -43.45 30.46 -32.03
N VAL A 439 -44.06 30.50 -33.22
CA VAL A 439 -45.39 31.08 -33.33
C VAL A 439 -46.39 30.25 -32.55
N THR A 440 -46.25 28.92 -32.59
CA THR A 440 -47.17 28.05 -31.87
C THR A 440 -47.10 28.30 -30.37
N TYR A 441 -45.90 28.31 -29.80
CA TYR A 441 -45.74 28.37 -28.36
C TYR A 441 -45.68 29.78 -27.78
N LEU A 442 -45.57 30.80 -28.63
CA LEU A 442 -45.49 32.18 -28.17
C LEU A 442 -46.39 33.14 -28.92
N ASN A 443 -47.01 32.71 -30.02
CA ASN A 443 -47.83 33.60 -30.84
C ASN A 443 -47.00 34.78 -31.35
N ARG A 444 -45.72 34.52 -31.64
CA ARG A 444 -44.82 35.58 -32.05
C ARG A 444 -43.53 34.94 -32.57
N ARG A 445 -42.93 35.61 -33.55
CA ARG A 445 -41.62 35.24 -34.08
C ARG A 445 -40.56 36.08 -33.37
N VAL A 446 -39.68 35.41 -32.63
CA VAL A 446 -38.66 36.09 -31.86
C VAL A 446 -37.48 36.42 -32.78
N PRO A 447 -37.18 37.69 -33.04
CA PRO A 447 -36.09 38.01 -33.96
C PRO A 447 -34.72 37.71 -33.36
N ARG A 448 -33.74 37.60 -34.25
CA ARG A 448 -32.37 37.35 -33.82
C ARG A 448 -31.89 38.43 -32.86
N SER A 449 -32.15 39.69 -33.18
CA SER A 449 -31.66 40.79 -32.37
C SER A 449 -32.20 40.71 -30.95
N GLU A 450 -33.48 40.39 -30.79
CA GLU A 450 -34.06 40.32 -29.46
C GLU A 450 -33.43 39.21 -28.63
N VAL A 451 -33.23 38.03 -29.22
CA VAL A 451 -32.59 36.94 -28.49
C VAL A 451 -31.17 37.33 -28.10
N ALA A 452 -30.44 37.96 -29.02
CA ALA A 452 -29.09 38.39 -28.71
C ALA A 452 -29.07 39.38 -27.56
N LYS A 453 -29.99 40.35 -27.57
CA LYS A 453 -30.06 41.32 -26.49
C LYS A 453 -30.40 40.63 -25.16
N ARG A 454 -31.35 39.69 -25.19
CA ARG A 454 -31.76 39.03 -23.96
C ARG A 454 -30.62 38.22 -23.36
N ILE A 455 -29.89 37.46 -24.18
CA ILE A 455 -28.90 36.55 -23.63
C ILE A 455 -27.58 37.27 -23.35
N SER A 456 -27.29 38.35 -24.06
CA SER A 456 -26.07 39.10 -23.78
C SER A 456 -26.14 39.77 -22.42
N SER A 457 -27.32 40.21 -21.98
CA SER A 457 -27.47 40.88 -20.71
C SER A 457 -27.16 39.99 -19.52
N LEU A 458 -27.07 38.68 -19.71
CA LEU A 458 -26.77 37.78 -18.60
C LEU A 458 -25.40 38.09 -18.02
N ASP A 459 -25.27 37.95 -16.71
CA ASP A 459 -24.04 38.23 -15.98
C ASP A 459 -23.77 37.10 -15.01
N SER A 460 -22.63 37.17 -14.33
CA SER A 460 -22.27 36.13 -13.38
C SER A 460 -23.30 36.02 -12.27
N GLY A 461 -23.72 37.16 -11.72
CA GLY A 461 -24.70 37.13 -10.64
C GLY A 461 -26.04 36.59 -11.10
N LEU A 462 -26.51 37.06 -12.25
CA LEU A 462 -27.77 36.56 -12.79
C LEU A 462 -27.70 35.08 -13.07
N ILE A 463 -26.56 34.62 -13.61
CA ILE A 463 -26.39 33.21 -13.90
C ILE A 463 -26.44 32.39 -12.62
N ASN A 464 -25.75 32.86 -11.57
CA ASN A 464 -25.76 32.14 -10.31
C ASN A 464 -27.17 32.08 -9.72
N ARG A 465 -27.90 33.18 -9.78
CA ARG A 465 -29.25 33.21 -9.21
C ARG A 465 -30.18 32.30 -9.98
N ALA A 466 -30.12 32.31 -11.31
CA ALA A 466 -30.95 31.41 -12.10
C ALA A 466 -30.59 29.96 -11.80
N ALA A 467 -29.30 29.66 -11.69
CA ALA A 467 -28.89 28.29 -11.41
C ALA A 467 -29.40 27.81 -10.07
N THR A 468 -29.32 28.66 -9.04
CA THR A 468 -29.84 28.25 -7.75
C THR A 468 -31.37 28.15 -7.77
N ARG A 469 -32.03 28.93 -8.63
CA ARG A 469 -33.48 28.77 -8.77
C ARG A 469 -33.83 27.43 -9.41
N TRP A 470 -33.01 26.96 -10.35
CA TRP A 470 -33.37 25.78 -11.13
C TRP A 470 -32.47 24.57 -10.91
N PHE A 471 -31.28 24.73 -10.36
CA PHE A 471 -30.34 23.62 -10.28
C PHE A 471 -29.85 23.31 -8.87
N TRP A 472 -29.65 24.32 -8.03
CA TRP A 472 -29.08 24.08 -6.71
C TRP A 472 -30.07 23.32 -5.84
N ASP A 473 -29.61 22.22 -5.24
CA ASP A 473 -30.37 21.48 -4.25
C ASP A 473 -31.79 21.19 -4.73
N LYS A 474 -31.88 20.65 -5.94
CA LYS A 474 -33.15 20.35 -6.58
C LYS A 474 -33.27 18.86 -6.85
N GLU A 475 -34.47 18.42 -7.19
CA GLU A 475 -34.73 17.02 -7.47
C GLU A 475 -34.28 16.65 -8.88
N LEU A 476 -34.18 15.34 -9.12
CA LEU A 476 -33.61 14.83 -10.37
C LEU A 476 -34.47 13.69 -10.91
N ALA A 477 -34.39 13.51 -12.23
CA ALA A 477 -34.91 12.33 -12.90
C ALA A 477 -33.74 11.64 -13.59
N ILE A 478 -33.48 10.39 -13.19
CA ILE A 478 -32.30 9.66 -13.63
C ILE A 478 -32.72 8.37 -14.29
N VAL A 479 -32.08 8.05 -15.41
CA VAL A 479 -32.27 6.75 -16.06
C VAL A 479 -30.91 6.22 -16.47
N THR A 480 -30.67 4.93 -16.21
CA THR A 480 -29.43 4.26 -16.60
C THR A 480 -29.80 2.99 -17.35
N TRP A 481 -29.50 2.96 -18.65
CA TRP A 481 -29.81 1.83 -19.51
C TRP A 481 -28.50 1.16 -19.92
N GLY A 482 -28.35 -0.10 -19.56
CA GLY A 482 -27.16 -0.86 -19.92
C GLY A 482 -26.61 -1.66 -18.76
N PRO A 483 -25.34 -2.06 -18.87
CA PRO A 483 -24.72 -2.86 -17.80
C PRO A 483 -24.74 -2.11 -16.48
N SER A 484 -25.46 -2.66 -15.51
CA SER A 484 -25.64 -2.04 -14.20
C SER A 484 -25.04 -2.90 -13.09
N HIS A 485 -24.05 -3.72 -13.41
CA HIS A 485 -23.39 -4.53 -12.38
C HIS A 485 -22.76 -3.65 -11.32
N GLY A 486 -22.06 -2.59 -11.74
CA GLY A 486 -21.46 -1.67 -10.80
C GLY A 486 -22.38 -0.59 -10.28
N LEU A 487 -23.53 -0.39 -10.92
CA LEU A 487 -24.49 0.62 -10.49
C LEU A 487 -25.69 0.03 -9.77
N ILE A 488 -25.82 -1.29 -9.71
CA ILE A 488 -26.98 -1.88 -9.05
C ILE A 488 -26.98 -1.53 -7.57
N ALA A 489 -25.82 -1.63 -6.92
CA ALA A 489 -25.71 -1.17 -5.55
C ALA A 489 -25.74 0.35 -5.51
N GLY A 490 -26.66 0.91 -4.74
CA GLY A 490 -26.90 2.33 -4.80
C GLY A 490 -27.74 2.76 -5.99
N SER A 491 -28.52 1.85 -6.56
CA SER A 491 -29.38 2.14 -7.70
C SER A 491 -30.70 2.78 -7.29
N HIS A 492 -30.78 3.31 -6.07
CA HIS A 492 -31.98 3.96 -5.55
C HIS A 492 -31.67 5.41 -5.23
N TYR A 493 -32.72 6.15 -4.87
CA TYR A 493 -32.60 7.59 -4.61
C TYR A 493 -32.10 7.79 -3.17
N ASN A 494 -30.83 7.46 -2.97
CA ASN A 494 -30.21 7.50 -1.65
C ASN A 494 -29.64 8.89 -1.38
N ARG A 495 -28.83 8.99 -0.32
CA ARG A 495 -28.26 10.27 0.06
C ARG A 495 -27.37 10.84 -1.04
N SER A 496 -26.62 9.97 -1.71
CA SER A 496 -25.70 10.44 -2.74
C SER A 496 -26.43 11.16 -3.86
N ILE A 497 -27.57 10.59 -4.30
CA ILE A 497 -28.31 11.20 -5.40
C ILE A 497 -28.81 12.58 -5.01
N LYS A 498 -29.36 12.71 -3.79
CA LYS A 498 -29.93 13.99 -3.39
C LYS A 498 -28.86 15.04 -3.14
N ARG A 499 -27.69 14.63 -2.65
CA ARG A 499 -26.60 15.57 -2.39
C ARG A 499 -25.72 15.81 -3.61
N SER A 500 -26.01 15.16 -4.74
CA SER A 500 -25.22 15.38 -5.94
C SER A 500 -25.53 16.73 -6.59
N THR A 501 -26.73 17.27 -6.36
CA THR A 501 -27.11 18.56 -6.93
C THR A 501 -26.54 19.74 -6.14
N LEU A 502 -25.58 19.49 -5.27
CA LEU A 502 -24.89 20.54 -4.51
C LEU A 502 -23.47 20.66 -5.04
N GLY A 503 -23.11 21.85 -5.51
CA GLY A 503 -21.78 22.07 -6.02
C GLY A 503 -20.71 21.89 -4.96
N TRP A 504 -19.80 20.94 -5.19
CA TRP A 504 -18.67 20.66 -4.29
C TRP A 504 -19.13 19.94 -3.03
N TYR A 505 -20.43 19.78 -2.83
CA TYR A 505 -20.98 18.98 -1.75
C TYR A 505 -21.62 17.76 -2.38
N GLY A 506 -21.17 16.57 -1.98
CA GLY A 506 -21.67 15.35 -2.59
C GLY A 506 -20.97 14.97 -3.87
N ASN A 507 -19.92 15.68 -4.26
CA ASN A 507 -19.09 15.28 -5.41
C ASN A 507 -18.14 14.15 -5.06
N THR A 508 -18.30 13.54 -3.88
CA THR A 508 -17.38 12.49 -3.46
C THR A 508 -17.39 11.31 -4.41
N HIS A 509 -18.58 10.91 -4.86
CA HIS A 509 -18.70 9.71 -5.69
C HIS A 509 -18.23 9.92 -7.12
N TYR A 510 -18.21 11.16 -7.61
CA TYR A 510 -17.74 11.40 -8.96
C TYR A 510 -16.23 11.19 -9.07
N TYR A 511 -15.47 11.74 -8.13
CA TYR A 511 -14.02 11.72 -8.24
C TYR A 511 -13.41 10.35 -7.97
N ILE A 512 -14.17 9.42 -7.39
CA ILE A 512 -13.66 8.08 -7.15
C ILE A 512 -13.84 7.25 -8.42
N VAL A 513 -12.74 6.72 -8.94
CA VAL A 513 -12.72 6.01 -10.22
C VAL A 513 -12.84 7.01 -11.36
N SER B 22 -20.38 47.50 -9.86
CA SER B 22 -20.38 48.56 -8.86
C SER B 22 -20.54 47.98 -7.46
N VAL B 23 -20.67 48.86 -6.47
CA VAL B 23 -20.82 48.40 -5.09
C VAL B 23 -22.14 47.65 -4.92
N ARG B 24 -23.21 48.15 -5.54
CA ARG B 24 -24.51 47.50 -5.40
C ARG B 24 -24.49 46.11 -6.04
N LYS B 25 -23.90 45.98 -7.23
CA LYS B 25 -23.79 44.68 -7.86
C LYS B 25 -22.94 43.73 -7.01
N ALA B 26 -21.84 44.25 -6.45
CA ALA B 26 -21.00 43.42 -5.59
C ALA B 26 -21.77 42.93 -4.39
N PHE B 27 -22.58 43.80 -3.77
CA PHE B 27 -23.37 43.39 -2.62
C PHE B 27 -24.41 42.34 -3.01
N TYR B 28 -25.13 42.58 -4.09
CA TYR B 28 -26.17 41.64 -4.51
C TYR B 28 -25.61 40.35 -5.08
N ASP B 29 -24.31 40.30 -5.39
CA ASP B 29 -23.67 39.05 -5.76
C ASP B 29 -23.07 38.33 -4.56
N PHE B 30 -22.62 39.08 -3.55
CA PHE B 30 -22.12 38.45 -2.33
C PHE B 30 -23.22 37.63 -1.66
N ILE B 31 -24.42 38.19 -1.57
CA ILE B 31 -25.62 37.45 -1.20
C ILE B 31 -26.38 37.17 -2.47
N TYR B 32 -26.64 35.89 -2.75
CA TYR B 32 -27.20 35.48 -4.03
C TYR B 32 -28.68 35.84 -4.08
N LYS B 33 -28.94 37.14 -4.21
CA LYS B 33 -30.29 37.68 -4.26
C LYS B 33 -30.45 38.56 -5.49
N ASP B 34 -31.59 38.42 -6.16
CA ASP B 34 -31.85 39.19 -7.37
C ASP B 34 -32.02 40.67 -7.03
N ASP B 35 -31.50 41.53 -7.92
CA ASP B 35 -31.71 42.97 -7.83
C ASP B 35 -32.86 43.32 -8.76
N LYS B 36 -34.04 43.58 -8.18
CA LYS B 36 -35.23 43.77 -9.00
C LYS B 36 -35.10 45.03 -9.87
N SER B 37 -34.52 46.10 -9.33
CA SER B 37 -34.46 47.36 -10.05
C SER B 37 -33.46 47.33 -11.19
N ALA B 38 -32.50 46.41 -11.18
CA ALA B 38 -31.47 46.39 -12.22
C ALA B 38 -32.10 46.21 -13.59
N GLU B 39 -31.62 47.01 -14.55
CA GLU B 39 -32.15 46.92 -15.91
C GLU B 39 -31.83 45.56 -16.54
N THR B 40 -30.66 45.01 -16.23
CA THR B 40 -30.31 43.69 -16.76
C THR B 40 -31.28 42.64 -16.25
N TYR B 41 -31.68 42.74 -14.97
CA TYR B 41 -32.66 41.80 -14.43
C TYR B 41 -33.98 41.92 -15.17
N LYS B 42 -34.41 43.14 -15.48
CA LYS B 42 -35.65 43.33 -16.23
C LYS B 42 -35.53 42.73 -17.62
N VAL B 43 -34.40 42.94 -18.29
CA VAL B 43 -34.24 42.41 -19.64
C VAL B 43 -34.25 40.90 -19.63
N THR B 44 -33.53 40.29 -18.69
CA THR B 44 -33.42 38.83 -18.67
C THR B 44 -34.73 38.16 -18.24
N THR B 45 -35.51 38.83 -17.39
CA THR B 45 -36.77 38.27 -16.91
C THR B 45 -37.98 38.80 -17.67
N ALA B 46 -37.76 39.49 -18.78
CA ALA B 46 -38.88 39.95 -19.60
C ALA B 46 -39.65 38.75 -20.14
N ASP B 47 -40.97 38.86 -20.18
CA ASP B 47 -41.80 37.76 -20.62
C ASP B 47 -41.49 37.43 -22.09
N PRO B 48 -41.30 36.15 -22.44
CA PRO B 48 -40.97 35.83 -23.84
C PRO B 48 -42.06 36.21 -24.82
N ARG B 49 -43.30 36.40 -24.37
CA ARG B 49 -44.40 36.67 -25.30
C ARG B 49 -44.29 38.04 -25.94
N THR B 50 -43.63 38.99 -25.27
CA THR B 50 -43.54 40.35 -25.76
C THR B 50 -42.09 40.80 -25.82
N PRO B 51 -41.75 41.70 -26.74
CA PRO B 51 -40.36 42.13 -26.87
C PRO B 51 -39.90 42.93 -25.66
N VAL B 52 -38.59 42.87 -25.40
CA VAL B 52 -38.02 43.64 -24.30
C VAL B 52 -38.21 45.13 -24.59
N GLN B 53 -38.62 45.86 -23.56
CA GLN B 53 -38.93 47.28 -23.73
C GLN B 53 -37.66 48.06 -24.07
N GLY B 54 -37.73 48.89 -25.11
CA GLY B 54 -36.67 49.78 -25.48
C GLY B 54 -35.78 49.29 -26.61
N PHE B 55 -35.81 48.00 -26.91
CA PHE B 55 -34.95 47.43 -27.94
C PHE B 55 -35.79 47.03 -29.15
N ARG B 56 -35.34 47.42 -30.34
CA ARG B 56 -36.03 47.08 -31.57
C ARG B 56 -34.98 47.09 -32.69
N GLY B 57 -34.54 45.90 -33.08
CA GLY B 57 -33.46 45.79 -34.04
C GLY B 57 -33.87 46.25 -35.43
N GLN B 58 -32.86 46.58 -36.23
CA GLN B 58 -33.09 47.04 -37.59
C GLN B 58 -33.53 45.90 -38.49
N THR B 59 -34.20 46.25 -39.58
CA THR B 59 -34.67 45.30 -40.58
C THR B 59 -33.94 45.54 -41.89
N ALA B 60 -33.58 44.47 -42.58
CA ALA B 60 -32.85 44.56 -43.83
C ALA B 60 -33.26 43.42 -44.74
N GLU B 61 -33.07 43.63 -46.04
CA GLU B 61 -33.44 42.67 -47.07
C GLU B 61 -32.20 42.03 -47.67
N ASP B 62 -32.38 40.79 -48.13
CA ASP B 62 -31.28 40.07 -48.77
C ASP B 62 -30.87 40.75 -50.07
N VAL B 63 -29.60 40.56 -50.44
CA VAL B 63 -29.04 41.15 -51.65
C VAL B 63 -28.40 40.04 -52.48
N ALA B 64 -28.35 40.26 -53.79
CA ALA B 64 -27.76 39.28 -54.68
C ALA B 64 -26.27 39.12 -54.39
N ALA B 65 -25.78 37.88 -54.46
CA ALA B 65 -24.39 37.60 -54.16
C ALA B 65 -23.52 37.88 -55.38
N LYS B 66 -22.42 38.58 -55.15
CA LYS B 66 -21.43 38.87 -56.17
C LYS B 66 -20.14 38.13 -55.85
N TYR B 67 -19.57 37.48 -56.84
CA TYR B 67 -18.33 36.72 -56.69
C TYR B 67 -17.20 37.42 -57.42
N GLU B 68 -16.08 37.60 -56.73
CA GLU B 68 -14.91 38.26 -57.31
C GLU B 68 -13.67 37.41 -57.08
N VAL B 69 -12.82 37.33 -58.11
CA VAL B 69 -11.61 36.53 -58.08
C VAL B 69 -10.43 37.40 -58.49
N THR B 70 -9.34 37.29 -57.75
CA THR B 70 -8.11 38.01 -58.07
C THR B 70 -6.90 37.12 -57.81
N LYS B 71 -5.75 37.54 -58.33
CA LYS B 71 -4.51 36.82 -58.16
C LYS B 71 -3.43 37.77 -57.67
N LEU B 72 -2.61 37.28 -56.74
CA LEU B 72 -1.51 38.06 -56.19
C LEU B 72 -0.32 38.07 -57.15
N ALA B 73 0.74 38.77 -56.77
CA ALA B 73 1.97 38.73 -57.56
C ALA B 73 2.49 37.30 -57.67
N ASN B 74 2.45 36.56 -56.57
CA ASN B 74 2.71 35.12 -56.61
C ASN B 74 1.44 34.41 -57.07
N GLY B 75 1.48 33.07 -57.06
CA GLY B 75 0.41 32.30 -57.66
C GLY B 75 -0.84 32.15 -56.82
N VAL B 76 -0.82 32.60 -55.56
CA VAL B 76 -1.99 32.45 -54.71
C VAL B 76 -3.19 33.16 -55.33
N THR B 77 -4.37 32.55 -55.20
CA THR B 77 -5.59 33.14 -55.73
C THR B 77 -6.53 33.48 -54.57
N ILE B 78 -7.37 34.49 -54.78
CA ILE B 78 -8.32 34.95 -53.76
C ILE B 78 -9.71 35.02 -54.37
N ILE B 79 -10.69 34.49 -53.65
CA ILE B 79 -12.08 34.41 -54.09
C ILE B 79 -12.94 34.96 -52.97
N THR B 80 -13.89 35.83 -53.32
CA THR B 80 -14.79 36.41 -52.33
C THR B 80 -16.23 36.35 -52.83
N GLU B 81 -17.12 35.94 -51.94
CA GLU B 81 -18.56 35.99 -52.16
C GLU B 81 -19.11 37.11 -51.30
N SER B 82 -19.72 38.11 -51.96
CA SER B 82 -20.18 39.31 -51.27
C SER B 82 -21.31 38.99 -50.32
N GLN B 83 -21.50 39.88 -49.35
CA GLN B 83 -22.53 39.69 -48.34
C GLN B 83 -23.90 39.70 -48.97
N THR B 84 -24.72 38.70 -48.62
CA THR B 84 -26.12 38.67 -49.01
C THR B 84 -27.04 39.10 -47.88
N PHE B 85 -26.62 38.92 -46.64
CA PHE B 85 -27.37 39.36 -45.48
C PHE B 85 -26.44 39.25 -44.27
N PRO B 86 -26.44 40.22 -43.34
CA PRO B 86 -25.50 40.16 -42.22
C PRO B 86 -25.51 38.81 -41.51
N SER B 87 -24.38 38.11 -41.57
CA SER B 87 -24.24 36.80 -40.95
C SER B 87 -22.78 36.56 -40.65
N GLN B 88 -22.49 35.41 -40.05
CA GLN B 88 -21.12 35.09 -39.69
C GLN B 88 -20.26 34.92 -40.94
N VAL B 89 -19.06 35.47 -40.90
CA VAL B 89 -18.14 35.41 -42.02
C VAL B 89 -17.51 34.02 -42.07
N ASP B 90 -17.41 33.47 -43.28
CA ASP B 90 -16.75 32.19 -43.52
C ASP B 90 -15.46 32.41 -44.29
N MET B 91 -14.43 31.67 -43.93
CA MET B 91 -13.14 31.75 -44.60
C MET B 91 -12.63 30.34 -44.85
N GLY B 92 -11.73 30.21 -45.80
CA GLY B 92 -11.19 28.91 -46.12
C GLY B 92 -9.93 29.01 -46.96
N ILE B 93 -9.15 27.93 -46.91
CA ILE B 93 -7.96 27.79 -47.74
C ILE B 93 -8.00 26.40 -48.36
N LEU B 94 -7.91 26.35 -49.68
CA LEU B 94 -7.91 25.10 -50.45
C LEU B 94 -6.54 24.89 -51.07
N LEU B 95 -5.98 23.71 -50.87
CA LEU B 95 -4.71 23.30 -51.45
C LEU B 95 -4.96 22.16 -52.42
N ASP B 96 -4.47 22.29 -53.65
CA ASP B 96 -4.58 21.19 -54.59
C ASP B 96 -3.83 19.97 -54.09
N VAL B 97 -2.92 20.13 -53.13
CA VAL B 97 -2.20 19.00 -52.57
C VAL B 97 -3.20 18.03 -51.97
N THR B 99 -4.08 13.42 -51.40
CA THR B 99 -3.49 12.10 -51.24
C THR B 99 -2.88 11.59 -52.53
N ARG B 100 -3.33 12.08 -53.68
CA ARG B 100 -2.72 11.69 -54.94
C ARG B 100 -1.26 12.12 -55.01
N ASP B 101 -0.91 13.20 -54.33
CA ASP B 101 0.45 13.72 -54.32
C ASP B 101 1.31 13.08 -53.23
N GLU B 102 0.91 11.91 -52.73
CA GLU B 102 1.66 11.18 -51.71
C GLU B 102 2.32 9.97 -52.34
N THR B 103 3.61 9.81 -52.11
CA THR B 103 4.35 8.65 -52.55
C THR B 103 4.47 7.64 -51.41
N ASN B 104 4.99 6.46 -51.73
CA ASN B 104 5.16 5.44 -50.71
C ASN B 104 6.02 5.93 -49.56
N GLU B 105 6.92 6.88 -49.82
CA GLU B 105 7.74 7.46 -48.76
C GLU B 105 6.87 8.20 -47.74
N THR B 106 5.90 8.97 -48.22
CA THR B 106 5.11 9.86 -47.37
C THR B 106 3.62 9.61 -47.56
N SER B 107 3.22 8.35 -47.54
CA SER B 107 1.80 8.00 -47.60
C SER B 107 1.18 8.14 -46.23
N GLY B 108 0.07 8.88 -46.14
CA GLY B 108 -0.60 9.15 -44.89
C GLY B 108 -0.22 10.46 -44.24
N SER B 109 0.60 11.29 -44.88
CA SER B 109 0.95 12.58 -44.31
C SER B 109 -0.28 13.45 -44.13
N LEU B 110 -1.17 13.47 -45.12
CA LEU B 110 -2.36 14.30 -45.04
C LEU B 110 -3.24 13.89 -43.86
N LEU B 111 -3.31 12.58 -43.58
CA LEU B 111 -4.08 12.13 -42.42
C LEU B 111 -3.47 12.65 -41.12
N SER B 112 -2.14 12.63 -41.01
CA SER B 112 -1.51 13.15 -39.80
C SER B 112 -1.74 14.65 -39.68
N ILE B 113 -1.73 15.37 -40.81
CA ILE B 113 -2.05 16.80 -40.77
C ILE B 113 -3.48 17.00 -40.29
N LYS B 114 -4.40 16.18 -40.78
CA LYS B 114 -5.80 16.31 -40.36
C LYS B 114 -5.95 16.04 -38.87
N ASN B 115 -5.27 15.02 -38.35
CA ASN B 115 -5.41 14.67 -36.94
C ASN B 115 -4.77 15.68 -36.01
N THR B 116 -3.96 16.59 -36.51
CA THR B 116 -3.32 17.63 -35.70
C THR B 116 -3.37 18.97 -36.43
N TYR B 117 -4.51 19.29 -37.03
CA TYR B 117 -4.60 20.50 -37.84
C TYR B 117 -4.53 21.78 -37.01
N LEU B 118 -4.75 21.69 -35.70
CA LEU B 118 -4.70 22.86 -34.83
C LEU B 118 -3.32 23.10 -34.24
N LYS B 119 -2.34 22.25 -34.51
CA LYS B 119 -1.03 22.34 -33.87
C LYS B 119 -0.11 23.21 -34.73
N THR B 120 0.14 24.42 -34.26
CA THR B 120 1.13 25.31 -34.84
C THR B 120 2.02 25.85 -33.72
N VAL B 121 3.27 26.13 -34.07
CA VAL B 121 4.28 26.54 -33.08
C VAL B 121 5.03 27.79 -33.50
N LEU B 122 4.77 28.34 -34.69
CA LEU B 122 5.54 29.50 -35.15
C LEU B 122 5.03 30.78 -34.49
N ASN B 123 3.77 31.13 -34.71
CA ASN B 123 3.19 32.37 -34.20
C ASN B 123 2.23 32.14 -33.04
N THR B 124 1.39 31.11 -33.12
CA THR B 124 0.46 30.78 -32.06
C THR B 124 0.62 29.31 -31.68
N ASN B 125 0.20 28.98 -30.47
CA ASN B 125 0.35 27.64 -29.92
C ASN B 125 -0.90 26.81 -30.21
N GLU B 126 -0.76 25.50 -30.04
CA GLU B 126 -1.90 24.60 -30.18
C GLU B 126 -3.01 24.97 -29.19
N THR B 127 -2.65 25.10 -27.91
CA THR B 127 -3.64 25.46 -26.91
C THR B 127 -4.29 26.79 -27.20
N ILE B 128 -3.48 27.78 -27.62
CA ILE B 128 -3.99 29.13 -27.79
C ILE B 128 -4.89 29.21 -29.02
N ASN B 129 -4.54 28.53 -30.11
CA ASN B 129 -5.42 28.56 -31.28
C ASN B 129 -6.68 27.75 -31.05
N TYR B 130 -6.59 26.65 -30.29
CA TYR B 130 -7.82 25.95 -29.89
C TYR B 130 -8.70 26.86 -29.05
N GLY B 131 -8.10 27.63 -28.14
CA GLY B 131 -8.88 28.58 -27.36
C GLY B 131 -9.49 29.67 -28.22
N VAL B 132 -8.76 30.08 -29.26
CA VAL B 132 -9.33 31.04 -30.22
C VAL B 132 -10.57 30.47 -30.86
N VAL B 133 -10.49 29.22 -31.33
CA VAL B 133 -11.67 28.57 -31.93
C VAL B 133 -12.81 28.53 -30.92
N GLN B 134 -12.50 28.12 -29.68
CA GLN B 134 -13.54 27.92 -28.68
C GLN B 134 -14.22 29.24 -28.32
N GLN B 135 -13.43 30.31 -28.15
CA GLN B 135 -13.98 31.57 -27.66
C GLN B 135 -14.61 32.39 -28.77
N SER B 136 -14.15 32.24 -30.01
CA SER B 136 -14.79 32.95 -31.11
C SER B 136 -16.23 32.52 -31.28
N GLY B 137 -16.60 31.34 -30.77
CA GLY B 137 -17.94 30.82 -30.91
C GLY B 137 -18.19 30.11 -32.22
N GLY B 138 -17.30 30.22 -33.18
CA GLY B 138 -17.45 29.59 -34.48
C GLY B 138 -16.84 28.21 -34.53
N SER B 139 -16.40 27.82 -35.72
CA SER B 139 -15.84 26.48 -35.92
C SER B 139 -14.68 26.56 -36.90
N PHE B 140 -13.82 25.53 -36.83
CA PHE B 140 -12.67 25.42 -37.70
C PHE B 140 -12.42 23.95 -37.96
N GLU B 141 -12.48 23.55 -39.23
CA GLU B 141 -12.41 22.15 -39.62
C GLU B 141 -11.44 21.98 -40.78
N MET B 142 -10.93 20.76 -40.94
CA MET B 142 -10.00 20.40 -41.99
C MET B 142 -10.46 19.10 -42.63
N GLU B 143 -10.68 19.11 -43.94
CA GLU B 143 -11.15 17.94 -44.68
C GLU B 143 -10.32 17.76 -45.94
N TYR B 144 -9.89 16.53 -46.20
CA TYR B 144 -9.06 16.26 -47.36
C TYR B 144 -9.62 15.07 -48.12
N ASP B 145 -9.61 15.18 -49.45
CA ASP B 145 -9.96 14.10 -50.37
C ASP B 145 -8.73 13.80 -51.23
N GLN B 146 -8.90 12.95 -52.23
CA GLN B 146 -7.86 12.79 -53.23
C GLN B 146 -7.79 14.06 -54.07
N GLU B 147 -6.57 14.61 -54.20
CA GLU B 147 -6.31 15.79 -55.03
C GLU B 147 -6.84 17.08 -54.41
N THR B 148 -7.07 17.13 -53.10
CA THR B 148 -7.56 18.36 -52.51
C THR B 148 -7.52 18.28 -50.99
N ALA B 149 -7.17 19.40 -50.37
CA ALA B 149 -7.30 19.60 -48.93
C ALA B 149 -7.94 20.95 -48.70
N TYR B 150 -8.71 21.07 -47.62
CA TYR B 150 -9.53 22.26 -47.41
C TYR B 150 -9.62 22.54 -45.92
N PHE B 151 -9.09 23.69 -45.50
CA PHE B 151 -9.21 24.18 -44.14
C PHE B 151 -10.26 25.27 -44.12
N LYS B 152 -11.41 25.00 -43.51
CA LYS B 152 -12.51 25.94 -43.46
C LYS B 152 -12.71 26.44 -42.04
N ALA B 153 -13.29 27.63 -41.92
CA ALA B 153 -13.60 28.20 -40.62
C ALA B 153 -14.75 29.18 -40.79
N ASN B 154 -15.54 29.33 -39.73
CA ASN B 154 -16.61 30.31 -39.70
C ASN B 154 -16.62 30.97 -38.34
N CYS B 155 -16.86 32.28 -38.31
CA CYS B 155 -16.82 33.02 -37.05
C CYS B 155 -17.48 34.38 -37.26
N LEU B 156 -17.57 35.14 -36.18
CA LEU B 156 -18.11 36.49 -36.25
C LEU B 156 -17.11 37.41 -36.97
N ALA B 157 -17.64 38.51 -37.50
CA ALA B 157 -16.80 39.43 -38.26
C ALA B 157 -15.68 40.00 -37.40
N HIS B 158 -16.00 40.45 -36.18
CA HIS B 158 -15.01 41.10 -35.35
C HIS B 158 -13.92 40.14 -34.88
N ASP B 159 -14.16 38.83 -34.96
CA ASP B 159 -13.14 37.84 -34.64
C ASP B 159 -12.50 37.24 -35.89
N ALA B 160 -12.84 37.75 -37.08
CA ALA B 160 -12.35 37.16 -38.31
C ALA B 160 -10.83 37.24 -38.39
N THR B 161 -10.28 38.45 -38.22
CA THR B 161 -8.84 38.65 -38.40
C THR B 161 -8.04 37.59 -37.66
N ASP B 162 -8.18 37.54 -36.34
CA ASP B 162 -7.44 36.56 -35.55
C ASP B 162 -7.64 35.16 -36.10
N VAL B 163 -8.89 34.80 -36.38
CA VAL B 163 -9.17 33.44 -36.86
C VAL B 163 -8.39 33.17 -38.13
N PHE B 164 -8.33 34.14 -39.03
CA PHE B 164 -7.59 33.93 -40.27
C PHE B 164 -6.13 33.65 -39.99
N SER B 165 -5.54 34.38 -39.04
CA SER B 165 -4.15 34.13 -38.67
C SER B 165 -3.96 32.67 -38.29
N MET B 166 -4.97 32.07 -37.66
CA MET B 166 -4.90 30.65 -37.33
C MET B 166 -5.08 29.78 -38.57
N VAL B 167 -6.02 30.16 -39.45
CA VAL B 167 -6.31 29.34 -40.62
C VAL B 167 -5.10 29.28 -41.54
N ALA B 168 -4.46 30.43 -41.78
CA ALA B 168 -3.31 30.44 -42.69
C ALA B 168 -2.16 29.61 -42.13
N ASP B 169 -1.75 29.90 -40.89
CA ASP B 169 -0.62 29.18 -40.31
C ASP B 169 -0.88 27.68 -40.29
N CYS B 170 -2.01 27.28 -39.73
CA CYS B 170 -2.34 25.85 -39.69
C CYS B 170 -2.40 25.26 -41.08
N ALA B 171 -2.73 26.07 -42.09
CA ALA B 171 -2.82 25.59 -43.45
C ALA B 171 -1.53 25.74 -44.24
N LEU B 172 -0.53 26.44 -43.69
CA LEU B 172 0.70 26.69 -44.44
C LEU B 172 1.98 26.50 -43.65
N GLU B 173 1.93 26.41 -42.33
CA GLU B 173 3.17 26.27 -41.56
C GLU B 173 3.71 24.85 -41.70
N PRO B 174 5.02 24.68 -41.85
CA PRO B 174 5.58 23.32 -41.88
C PRO B 174 5.32 22.59 -40.57
N ARG B 175 5.10 21.28 -40.68
CA ARG B 175 4.81 20.47 -39.51
C ARG B 175 5.99 20.47 -38.56
N SER B 176 5.70 20.51 -37.26
CA SER B 176 6.71 20.48 -36.22
C SER B 176 6.92 19.06 -35.72
N THR B 177 8.00 18.86 -34.96
CA THR B 177 8.31 17.54 -34.45
C THR B 177 7.23 17.04 -33.49
N VAL B 178 6.74 17.92 -32.62
CA VAL B 178 5.68 17.53 -31.70
C VAL B 178 4.40 17.20 -32.46
N ALA B 179 4.11 17.98 -33.51
CA ALA B 179 2.92 17.70 -34.32
C ALA B 179 3.02 16.33 -34.99
N ALA B 180 4.18 16.00 -35.56
CA ALA B 180 4.35 14.70 -36.18
C ALA B 180 4.28 13.57 -35.15
N SER B 181 4.85 13.79 -33.97
CA SER B 181 4.80 12.78 -32.92
C SER B 181 3.37 12.50 -32.50
N VAL B 182 2.56 13.54 -32.34
CA VAL B 182 1.15 13.35 -32.00
C VAL B 182 0.41 12.70 -33.17
N GLY B 183 0.74 13.10 -34.39
CA GLY B 183 0.05 12.56 -35.54
C GLY B 183 0.29 11.09 -35.75
N VAL B 184 1.48 10.60 -35.43
CA VAL B 184 1.74 9.16 -35.55
C VAL B 184 0.80 8.38 -34.64
N GLU B 185 0.69 8.79 -33.38
CA GLU B 185 -0.21 8.11 -32.45
C GLU B 185 -1.65 8.19 -32.92
N LYS B 186 -2.07 9.38 -33.36
CA LYS B 186 -3.46 9.53 -33.78
C LYS B 186 -3.76 8.71 -35.03
N ASN B 187 -2.81 8.62 -35.96
CA ASN B 187 -2.99 7.78 -37.14
C ASN B 187 -3.09 6.32 -36.77
N GLN B 188 -2.26 5.87 -35.83
CA GLN B 188 -2.36 4.48 -35.39
C GLN B 188 -3.73 4.21 -34.78
N ASN B 189 -4.22 5.13 -33.94
CA ASN B 189 -5.55 4.96 -33.36
C ASN B 189 -6.62 4.94 -34.45
N THR B 190 -6.50 5.80 -35.45
CA THR B 190 -7.47 5.83 -36.54
C THR B 190 -7.48 4.52 -37.31
N HIS B 191 -6.29 3.98 -37.59
CA HIS B 191 -6.22 2.70 -38.29
C HIS B 191 -6.85 1.59 -37.47
N LYS B 192 -6.57 1.55 -36.16
CA LYS B 192 -7.19 0.55 -35.31
C LYS B 192 -8.71 0.68 -35.33
N LEU B 193 -9.22 1.90 -35.22
CA LEU B 193 -10.67 2.10 -35.22
C LEU B 193 -11.28 1.67 -36.54
N GLU B 194 -10.64 2.03 -37.65
CA GLU B 194 -11.17 1.65 -38.96
C GLU B 194 -11.20 0.14 -39.12
N SER B 195 -10.14 -0.55 -38.70
CA SER B 195 -10.13 -2.01 -38.79
C SER B 195 -11.20 -2.62 -37.90
N TYR B 196 -11.36 -2.09 -36.69
CA TYR B 196 -12.35 -2.65 -35.76
C TYR B 196 -13.77 -2.47 -36.28
N LEU B 197 -14.08 -1.30 -36.83
CA LEU B 197 -15.43 -1.00 -37.29
C LEU B 197 -15.74 -1.58 -38.67
N LYS B 198 -14.73 -1.99 -39.43
CA LYS B 198 -14.95 -2.52 -40.77
C LYS B 198 -15.74 -1.51 -41.62
N THR B 199 -15.34 -0.24 -41.54
CA THR B 199 -16.05 0.81 -42.24
C THR B 199 -15.86 0.68 -43.75
N GLY B 200 -16.83 1.22 -44.49
CA GLY B 200 -16.76 1.19 -45.94
C GLY B 200 -15.59 1.98 -46.50
N GLU B 201 -14.98 2.84 -45.70
CA GLU B 201 -13.81 3.58 -46.17
C GLU B 201 -12.65 2.64 -46.49
N LEU B 202 -12.44 1.63 -45.66
CA LEU B 202 -11.37 0.66 -45.93
C LEU B 202 -11.67 -0.13 -47.20
N PHE B 203 -12.94 -0.51 -47.40
CA PHE B 203 -13.31 -1.20 -48.62
C PHE B 203 -13.05 -0.33 -49.85
N ASN B 204 -13.39 0.96 -49.76
CA ASN B 204 -13.08 1.87 -50.86
C ASN B 204 -11.58 2.02 -51.07
N GLU B 205 -10.80 1.98 -49.99
CA GLU B 205 -9.35 2.03 -50.14
C GLU B 205 -8.85 0.83 -50.95
N SER B 206 -9.36 -0.36 -50.64
CA SER B 206 -8.98 -1.54 -51.42
C SER B 206 -9.44 -1.40 -52.87
N VAL B 207 -10.65 -0.86 -53.07
CA VAL B 207 -11.17 -0.67 -54.42
C VAL B 207 -10.25 0.23 -55.23
N PHE B 208 -9.83 1.35 -54.64
CA PHE B 208 -8.93 2.27 -55.35
C PHE B 208 -7.57 1.63 -55.57
N LYS B 209 -7.07 0.87 -54.59
CA LYS B 209 -5.82 0.16 -54.78
C LYS B 209 -5.87 -0.72 -56.03
N THR B 210 -6.94 -1.50 -56.17
CA THR B 210 -7.03 -2.38 -57.32
C THR B 210 -7.32 -1.61 -58.61
N ALA B 211 -8.00 -0.46 -58.50
CA ALA B 211 -8.35 0.30 -59.70
C ALA B 211 -7.14 0.97 -60.31
N TYR B 212 -6.31 1.63 -59.49
CA TYR B 212 -5.19 2.41 -59.99
C TYR B 212 -3.83 1.82 -59.67
N GLY B 213 -3.72 0.97 -58.66
CA GLY B 213 -2.50 0.22 -58.43
C GLY B 213 -1.51 0.87 -57.48
N LEU B 214 -2.00 1.33 -56.33
CA LEU B 214 -1.12 1.83 -55.27
C LEU B 214 -0.24 2.98 -55.78
N LYS B 215 -0.82 3.84 -56.62
CA LYS B 215 -0.12 5.03 -57.08
C LYS B 215 -1.17 6.04 -57.54
N GLY B 216 -0.80 7.31 -57.47
CA GLY B 216 -1.73 8.35 -57.87
C GLY B 216 -2.99 8.29 -57.02
N LEU B 217 -4.14 8.10 -57.68
CA LEU B 217 -5.39 7.95 -56.95
C LEU B 217 -5.46 6.63 -56.19
N GLY B 218 -4.53 5.70 -56.43
CA GLY B 218 -4.55 4.41 -55.76
C GLY B 218 -4.05 4.43 -54.33
N LEU B 219 -3.40 5.50 -53.89
CA LEU B 219 -2.93 5.55 -52.52
C LEU B 219 -4.12 5.60 -51.57
N PRO B 220 -4.09 4.85 -50.46
CA PRO B 220 -5.23 4.86 -49.54
C PRO B 220 -5.45 6.26 -48.96
N LEU B 221 -6.72 6.60 -48.77
CA LEU B 221 -7.05 7.93 -48.25
C LEU B 221 -6.50 8.12 -46.85
N LYS B 222 -6.59 7.10 -46.01
CA LYS B 222 -6.03 7.16 -44.66
C LYS B 222 -4.54 6.85 -44.62
N GLY B 223 -3.95 6.43 -45.74
CA GLY B 223 -2.53 6.17 -45.80
C GLY B 223 -2.19 4.72 -45.47
N LEU B 224 -1.05 4.28 -45.99
CA LEU B 224 -0.59 2.92 -45.73
C LEU B 224 -0.24 2.75 -44.27
N ARG B 225 -0.63 1.59 -43.71
CA ARG B 225 -0.37 1.32 -42.31
C ARG B 225 1.08 0.99 -42.03
N GLY B 226 1.80 0.45 -43.02
CA GLY B 226 3.21 0.15 -42.84
C GLY B 226 4.09 1.36 -42.80
N ASN B 227 3.63 2.48 -43.36
CA ASN B 227 4.40 3.71 -43.41
C ASN B 227 4.03 4.69 -42.29
N VAL B 228 3.16 4.29 -41.37
CA VAL B 228 2.72 5.21 -40.33
C VAL B 228 3.90 5.63 -39.45
N LYS B 229 4.76 4.68 -39.10
CA LYS B 229 5.91 4.99 -38.25
C LYS B 229 6.90 5.93 -38.93
N ASN B 230 6.85 6.06 -40.25
CA ASN B 230 7.77 6.91 -40.99
C ASN B 230 7.26 8.33 -41.17
N LEU B 231 6.13 8.68 -40.56
CA LEU B 231 5.56 10.02 -40.72
C LEU B 231 6.17 11.00 -39.71
N SER B 232 7.49 11.11 -39.77
CA SER B 232 8.19 12.08 -38.94
C SER B 232 8.07 13.47 -39.55
N SER B 233 8.46 14.48 -38.78
CA SER B 233 8.37 15.85 -39.25
C SER B 233 9.15 16.05 -40.54
N TYR B 234 10.23 15.28 -40.73
CA TYR B 234 11.03 15.43 -41.94
C TYR B 234 10.22 15.03 -43.18
N THR B 235 9.53 13.88 -43.12
CA THR B 235 8.74 13.45 -44.27
C THR B 235 7.58 14.40 -44.54
N LEU B 236 6.92 14.87 -43.49
CA LEU B 236 5.82 15.82 -43.67
C LEU B 236 6.33 17.12 -44.30
N GLN B 237 7.49 17.60 -43.85
CA GLN B 237 8.05 18.82 -44.42
C GLN B 237 8.44 18.62 -45.88
N LYS B 238 9.00 17.45 -46.21
CA LYS B 238 9.29 17.16 -47.61
C LYS B 238 8.03 17.16 -48.45
N PHE B 239 6.97 16.53 -47.94
CA PHE B 239 5.69 16.51 -48.65
C PHE B 239 5.19 17.93 -48.89
N GLN B 240 5.20 18.75 -47.84
CA GLN B 240 4.70 20.12 -47.97
C GLN B 240 5.54 20.93 -48.95
N LEU B 241 6.87 20.81 -48.87
CA LEU B 241 7.74 21.56 -49.77
C LEU B 241 7.51 21.15 -51.21
N GLU B 242 7.39 19.84 -51.48
CA GLU B 242 7.20 19.38 -52.84
C GLU B 242 5.85 19.81 -53.39
N ASN B 243 4.79 19.75 -52.58
CA ASN B 243 3.43 19.93 -53.07
C ASN B 243 2.87 21.31 -52.82
N ILE B 244 3.00 21.85 -51.61
CA ILE B 244 2.40 23.14 -51.30
C ILE B 244 3.23 24.22 -51.98
N THR B 245 2.64 24.88 -52.98
CA THR B 245 3.26 25.98 -53.70
C THR B 245 2.22 27.08 -53.89
N PRO B 246 2.64 28.32 -54.05
CA PRO B 246 1.67 29.42 -54.15
C PRO B 246 0.71 29.27 -55.31
N ASN B 247 1.14 28.69 -56.44
CA ASN B 247 0.27 28.53 -57.59
C ASN B 247 -0.89 27.56 -57.34
N ARG B 248 -0.84 26.79 -56.25
CA ARG B 248 -1.86 25.81 -55.94
C ARG B 248 -2.56 26.13 -54.62
N ILE B 249 -2.57 27.40 -54.23
CA ILE B 249 -3.20 27.85 -52.98
C ILE B 249 -4.32 28.81 -53.33
N PHE B 250 -5.53 28.48 -52.88
CA PHE B 250 -6.71 29.32 -53.08
C PHE B 250 -7.21 29.74 -51.70
N VAL B 251 -7.49 31.02 -51.54
CA VAL B 251 -8.06 31.56 -50.31
C VAL B 251 -9.46 32.07 -50.64
N CYS B 252 -10.41 31.81 -49.75
CA CYS B 252 -11.80 32.09 -50.03
C CYS B 252 -12.46 32.75 -48.83
N ALA B 253 -13.36 33.69 -49.10
CA ALA B 253 -14.17 34.32 -48.08
C ALA B 253 -15.61 34.39 -48.56
N ALA B 254 -16.53 34.28 -47.61
CA ALA B 254 -17.96 34.38 -47.89
C ALA B 254 -18.60 35.26 -46.83
N GLY B 255 -19.43 36.20 -47.26
CA GLY B 255 -20.06 37.12 -46.35
C GLY B 255 -19.26 38.36 -46.05
N VAL B 256 -18.30 38.72 -46.90
CA VAL B 256 -17.46 39.88 -46.70
C VAL B 256 -18.04 41.05 -47.49
N GLU B 257 -18.22 42.18 -46.83
CA GLU B 257 -18.82 43.35 -47.47
C GLU B 257 -17.96 43.85 -48.64
N SER B 258 -16.65 43.90 -48.44
CA SER B 258 -15.73 44.44 -49.44
C SER B 258 -14.69 43.39 -49.80
N HIS B 259 -14.52 43.18 -51.11
CA HIS B 259 -13.49 42.25 -51.58
C HIS B 259 -12.10 42.71 -51.20
N GLN B 260 -11.82 44.01 -51.34
CA GLN B 260 -10.48 44.52 -51.10
C GLN B 260 -10.05 44.38 -49.65
N GLU B 261 -10.99 44.49 -48.71
CA GLU B 261 -10.63 44.31 -47.30
C GLU B 261 -10.09 42.91 -47.06
N PHE B 262 -10.77 41.89 -47.57
CA PHE B 262 -10.27 40.52 -47.41
C PHE B 262 -9.01 40.29 -48.22
N VAL B 263 -8.88 40.93 -49.38
CA VAL B 263 -7.64 40.81 -50.15
C VAL B 263 -6.47 41.33 -49.34
N ASP B 264 -6.64 42.48 -48.67
CA ASP B 264 -5.59 43.01 -47.82
C ASP B 264 -5.33 42.08 -46.63
N LEU B 265 -6.39 41.54 -46.04
CA LEU B 265 -6.21 40.62 -44.92
C LEU B 265 -5.37 39.41 -45.33
N VAL B 266 -5.64 38.86 -46.51
CA VAL B 266 -4.86 37.74 -47.02
C VAL B 266 -3.43 38.19 -47.31
N GLN B 267 -3.28 39.32 -48.00
CA GLN B 267 -1.96 39.80 -48.38
C GLN B 267 -1.05 39.97 -47.16
N THR B 268 -1.62 40.39 -46.03
CA THR B 268 -0.81 40.57 -44.83
C THR B 268 -0.21 39.26 -44.34
N LYS B 269 -0.70 38.12 -44.82
CA LYS B 269 -0.25 36.82 -44.33
C LYS B 269 0.45 35.99 -45.40
N LEU B 270 -0.15 35.84 -46.57
CA LEU B 270 0.38 34.98 -47.62
C LEU B 270 1.26 35.72 -48.63
N ALA B 271 1.52 37.01 -48.42
CA ALA B 271 2.40 37.73 -49.33
C ALA B 271 3.84 37.26 -49.21
N GLN B 272 4.24 36.78 -48.02
CA GLN B 272 5.63 36.39 -47.81
C GLN B 272 6.02 35.22 -48.69
N ILE B 273 5.07 34.35 -49.05
CA ILE B 273 5.37 33.13 -49.78
C ILE B 273 6.03 33.49 -51.09
N PRO B 274 7.24 32.99 -51.39
CA PRO B 274 7.88 33.33 -52.66
C PRO B 274 7.23 32.61 -53.82
N SER B 275 7.35 33.22 -55.00
CA SER B 275 6.83 32.61 -56.21
C SER B 275 7.64 31.37 -56.56
N ALA B 276 6.95 30.30 -56.96
CA ALA B 276 7.59 29.05 -57.33
C ALA B 276 8.04 29.04 -58.79
N GLU B 277 7.77 30.10 -59.54
CA GLU B 277 8.19 30.14 -60.94
C GLU B 277 9.70 30.05 -61.05
N GLY B 278 10.17 29.35 -62.10
CA GLY B 278 11.58 29.19 -62.34
C GLY B 278 12.21 27.96 -61.71
N GLN B 279 11.46 27.19 -60.94
CA GLN B 279 11.97 25.98 -60.31
C GLN B 279 11.13 24.79 -60.76
N LYS B 280 11.82 23.68 -61.06
CA LYS B 280 11.15 22.49 -61.58
C LYS B 280 10.03 22.05 -60.64
N THR B 281 8.79 22.11 -61.10
CA THR B 281 7.65 21.76 -60.27
C THR B 281 7.48 20.25 -60.18
N HIS B 282 6.82 19.81 -59.11
CA HIS B 282 6.61 18.38 -58.90
C HIS B 282 5.76 17.78 -60.01
N GLN B 283 4.70 18.48 -60.40
CA GLN B 283 3.80 18.01 -61.45
C GLN B 283 3.09 16.72 -61.04
N ARG B 284 1.94 16.45 -61.64
CA ARG B 284 1.15 15.26 -61.34
C ARG B 284 1.19 14.33 -62.54
N GLU B 285 1.64 13.09 -62.32
CA GLU B 285 1.67 12.11 -63.39
C GLU B 285 0.26 11.74 -63.82
N LYS B 286 0.05 11.63 -65.13
CA LYS B 286 -1.26 11.25 -65.64
C LYS B 286 -1.64 9.88 -65.12
N SER B 287 -2.86 9.78 -64.60
CA SER B 287 -3.31 8.55 -63.96
C SER B 287 -3.77 7.54 -65.02
N GLU B 288 -3.40 6.28 -64.79
CA GLU B 288 -3.78 5.18 -65.68
C GLU B 288 -4.77 4.26 -64.98
N TYR B 289 -5.73 3.76 -65.74
CA TYR B 289 -6.77 2.89 -65.21
C TYR B 289 -6.38 1.44 -65.44
N LEU B 290 -6.50 0.62 -64.39
CA LEU B 290 -6.17 -0.79 -64.44
C LEU B 290 -7.39 -1.61 -64.08
N GLY B 291 -7.67 -2.64 -64.87
CA GLY B 291 -8.84 -3.46 -64.65
C GLY B 291 -8.57 -4.69 -63.79
N GLY B 292 -8.05 -4.48 -62.59
CA GLY B 292 -7.75 -5.58 -61.71
C GLY B 292 -8.97 -6.10 -60.96
N GLU B 293 -8.75 -7.18 -60.22
CA GLU B 293 -9.79 -7.77 -59.39
C GLU B 293 -9.18 -8.26 -58.09
N VAL B 294 -9.96 -8.21 -57.02
CA VAL B 294 -9.53 -8.62 -55.69
C VAL B 294 -10.63 -9.48 -55.08
N ARG B 295 -10.24 -10.61 -54.49
CA ARG B 295 -11.19 -11.58 -53.93
C ARG B 295 -10.63 -12.04 -52.59
N ASN B 296 -11.08 -11.41 -51.51
CA ASN B 296 -10.56 -11.67 -50.17
C ASN B 296 -11.51 -12.58 -49.41
N LEU B 297 -10.98 -13.68 -48.87
CA LEU B 297 -11.74 -14.56 -47.98
C LEU B 297 -11.60 -14.03 -46.56
N THR B 298 -12.71 -13.59 -45.97
CA THR B 298 -12.71 -12.98 -44.66
C THR B 298 -13.56 -13.74 -43.64
N GLU B 299 -14.31 -14.74 -44.05
CA GLU B 299 -15.18 -15.49 -43.15
C GLU B 299 -16.21 -14.56 -42.50
N GLU B 300 -16.69 -13.59 -43.27
CA GLU B 300 -17.74 -12.69 -42.81
C GLU B 300 -19.10 -13.27 -43.15
N SER B 301 -20.05 -13.15 -42.22
CA SER B 301 -21.39 -13.63 -42.48
C SER B 301 -22.05 -12.89 -43.64
N ASN B 302 -21.51 -11.73 -44.01
CA ASN B 302 -22.01 -10.94 -45.12
C ASN B 302 -20.92 -10.78 -46.17
N VAL B 303 -21.33 -10.75 -47.43
CA VAL B 303 -20.43 -10.59 -48.57
C VAL B 303 -20.63 -9.20 -49.15
N THR B 304 -19.53 -8.49 -49.35
CA THR B 304 -19.53 -7.15 -49.92
C THR B 304 -18.83 -7.20 -51.27
N LEU B 305 -19.56 -6.79 -52.32
CA LEU B 305 -19.03 -6.74 -53.68
C LEU B 305 -19.03 -5.29 -54.16
N ALA B 306 -18.09 -4.97 -55.03
CA ALA B 306 -18.01 -3.65 -55.65
C ALA B 306 -17.54 -3.81 -57.08
N LEU B 307 -18.32 -3.27 -58.01
CA LEU B 307 -18.01 -3.32 -59.43
C LEU B 307 -17.99 -1.89 -59.96
N LEU B 308 -16.85 -1.46 -60.50
CA LEU B 308 -16.66 -0.09 -60.95
C LEU B 308 -16.07 -0.07 -62.34
N PHE B 309 -16.26 1.07 -63.01
CA PHE B 309 -15.75 1.32 -64.34
C PHE B 309 -15.23 2.75 -64.40
N GLN B 310 -14.45 3.05 -65.43
CA GLN B 310 -13.86 4.38 -65.59
C GLN B 310 -14.90 5.35 -66.14
N SER B 311 -15.21 6.38 -65.36
CA SER B 311 -16.10 7.46 -65.80
C SER B 311 -15.26 8.59 -66.40
N VAL B 312 -15.89 9.73 -66.63
CA VAL B 312 -15.22 10.87 -67.25
C VAL B 312 -14.65 11.81 -66.19
N PRO B 313 -13.66 12.63 -66.52
CA PRO B 313 -13.10 13.57 -65.53
C PRO B 313 -14.03 14.76 -65.33
N TRP B 314 -13.55 15.71 -64.52
CA TRP B 314 -14.32 16.93 -64.29
C TRP B 314 -14.50 17.74 -65.57
N SER B 315 -13.52 17.71 -66.47
CA SER B 315 -13.61 18.52 -67.67
C SER B 315 -14.82 18.14 -68.53
N SER B 316 -15.06 16.84 -68.68
CA SER B 316 -16.15 16.39 -69.54
C SER B 316 -17.50 16.88 -69.01
N ALA B 317 -18.39 17.24 -69.93
CA ALA B 317 -19.71 17.72 -69.56
C ALA B 317 -20.63 16.59 -69.08
N ASP B 318 -20.27 15.33 -69.30
CA ASP B 318 -21.12 14.22 -68.89
C ASP B 318 -21.16 14.03 -67.39
N ILE B 319 -20.31 14.72 -66.63
CA ILE B 319 -20.27 14.50 -65.18
C ILE B 319 -21.65 14.69 -64.58
N VAL B 320 -22.33 15.77 -64.96
CA VAL B 320 -23.67 16.01 -64.44
C VAL B 320 -24.56 14.81 -64.73
N ALA B 321 -24.53 14.32 -65.97
CA ALA B 321 -25.30 13.13 -66.32
C ALA B 321 -24.99 12.00 -65.35
N PHE B 322 -23.71 11.76 -65.10
CA PHE B 322 -23.35 10.68 -64.18
C PHE B 322 -23.98 10.91 -62.81
N ASN B 323 -23.94 12.15 -62.32
CA ASN B 323 -24.60 12.44 -61.05
C ASN B 323 -26.07 12.05 -61.11
N VAL B 324 -26.74 12.42 -62.20
CA VAL B 324 -28.14 12.02 -62.37
C VAL B 324 -28.26 10.50 -62.31
N ALA B 325 -27.35 9.79 -62.98
CA ALA B 325 -27.38 8.33 -62.91
C ALA B 325 -27.28 7.87 -61.46
N ALA B 326 -26.38 8.47 -60.68
CA ALA B 326 -26.31 8.14 -59.27
C ALA B 326 -27.63 8.47 -58.57
N ALA B 327 -28.19 9.64 -58.87
CA ALA B 327 -29.50 9.98 -58.33
C ALA B 327 -30.57 9.03 -58.82
N LEU B 328 -30.36 8.40 -59.97
CA LEU B 328 -31.31 7.41 -60.47
C LEU B 328 -31.24 6.10 -59.71
N LEU B 329 -30.15 5.86 -58.98
CA LEU B 329 -29.95 4.60 -58.26
C LEU B 329 -30.12 4.76 -56.75
N ASN B 330 -29.42 5.71 -56.14
CA ASN B 330 -29.43 5.83 -54.69
C ASN B 330 -30.77 6.32 -54.14
N ASN B 331 -31.69 6.78 -55.00
CA ASN B 331 -32.97 7.31 -54.57
C ASN B 331 -34.16 6.47 -55.01
N LEU B 332 -34.19 6.05 -56.27
CA LEU B 332 -35.39 5.46 -56.85
C LEU B 332 -35.20 3.98 -57.21
N ARG B 333 -34.22 3.65 -58.06
CA ARG B 333 -34.12 2.30 -58.60
C ARG B 333 -33.55 1.33 -57.58
N LEU B 334 -32.32 1.59 -57.12
CA LEU B 334 -31.60 0.60 -56.33
C LEU B 334 -32.40 0.16 -55.10
N LYS B 335 -33.24 1.03 -54.56
CA LYS B 335 -34.08 0.65 -53.43
C LYS B 335 -35.17 -0.35 -53.85
N LYS B 336 -35.89 -0.03 -54.93
CA LYS B 336 -37.03 -0.86 -55.32
C LYS B 336 -36.59 -2.18 -55.92
N ASN B 337 -35.61 -2.14 -56.83
CA ASN B 337 -35.26 -3.33 -57.59
C ASN B 337 -34.48 -4.35 -56.77
N LEU B 338 -33.73 -3.90 -55.76
CA LEU B 338 -32.87 -4.81 -55.00
C LEU B 338 -33.28 -4.91 -53.54
N LEU B 339 -33.40 -3.79 -52.83
CA LEU B 339 -33.64 -3.85 -51.40
C LEU B 339 -35.06 -4.30 -51.08
N GLN B 340 -36.05 -3.78 -51.82
CA GLN B 340 -37.43 -4.11 -51.52
C GLN B 340 -37.78 -5.54 -51.94
N LYS B 341 -37.33 -5.95 -53.13
CA LYS B 341 -37.73 -7.25 -53.64
C LYS B 341 -37.02 -8.40 -52.95
N TYR B 342 -35.73 -8.21 -52.63
CA TYR B 342 -34.90 -9.27 -52.07
C TYR B 342 -34.49 -8.90 -50.66
N ALA B 343 -34.60 -9.86 -49.74
CA ALA B 343 -34.30 -9.62 -48.34
C ALA B 343 -32.83 -9.82 -47.99
N TYR B 344 -32.12 -10.68 -48.73
CA TYR B 344 -30.72 -10.93 -48.42
C TYR B 344 -29.81 -9.77 -48.79
N PHE B 345 -30.30 -8.81 -49.57
CA PHE B 345 -29.53 -7.61 -49.89
C PHE B 345 -29.49 -6.72 -48.65
N ASP B 346 -28.38 -6.76 -47.93
CA ASP B 346 -28.24 -5.90 -46.74
C ASP B 346 -28.28 -4.43 -47.13
N GLN B 347 -27.55 -4.06 -48.19
CA GLN B 347 -27.55 -2.67 -48.63
C GLN B 347 -26.83 -2.55 -49.96
N ALA B 348 -27.36 -1.72 -50.84
CA ALA B 348 -26.75 -1.45 -52.14
C ALA B 348 -26.68 0.05 -52.36
N GLU B 349 -25.64 0.50 -53.05
CA GLU B 349 -25.46 1.92 -53.31
C GLU B 349 -24.64 2.09 -54.59
N ALA B 350 -24.69 3.31 -55.14
CA ALA B 350 -23.99 3.64 -56.37
C ALA B 350 -22.89 4.65 -56.05
N LEU B 351 -21.66 4.31 -56.45
CA LEU B 351 -20.50 5.15 -56.22
C LEU B 351 -20.16 5.92 -57.49
N ASN B 352 -19.84 7.20 -57.32
CA ASN B 352 -19.53 8.09 -58.44
C ASN B 352 -18.48 9.09 -57.97
N PHE B 353 -17.24 8.86 -58.35
CA PHE B 353 -16.12 9.74 -58.02
C PHE B 353 -15.59 10.40 -59.29
N HIS B 354 -15.28 11.69 -59.17
CA HIS B 354 -14.73 12.46 -60.29
C HIS B 354 -13.35 12.97 -59.90
N PHE B 355 -12.43 12.91 -60.87
CA PHE B 355 -11.06 13.35 -60.66
C PHE B 355 -10.62 14.23 -61.82
N THR B 356 -9.57 15.02 -61.59
CA THR B 356 -9.13 15.98 -62.58
C THR B 356 -8.76 15.31 -63.90
N ASP B 357 -8.30 14.06 -63.85
CA ASP B 357 -7.85 13.35 -65.05
C ASP B 357 -8.56 12.02 -65.27
N SER B 358 -9.37 11.55 -64.34
CA SER B 358 -10.05 10.26 -64.48
C SER B 358 -11.35 10.31 -63.71
N GLY B 359 -12.00 9.16 -63.59
CA GLY B 359 -13.25 9.06 -62.86
C GLY B 359 -13.61 7.62 -62.64
N LEU B 360 -14.56 7.41 -61.72
CA LEU B 360 -15.01 6.08 -61.35
C LEU B 360 -16.52 6.10 -61.15
N PHE B 361 -17.19 5.07 -61.67
CA PHE B 361 -18.63 4.98 -61.51
C PHE B 361 -19.02 3.50 -61.47
N GLY B 362 -19.92 3.16 -60.55
CA GLY B 362 -20.36 1.78 -60.45
C GLY B 362 -21.20 1.56 -59.21
N LEU B 363 -21.25 0.31 -58.78
CA LEU B 363 -22.11 -0.10 -57.67
C LEU B 363 -21.29 -0.79 -56.58
N ARG B 364 -21.77 -0.66 -55.36
CA ARG B 364 -21.25 -1.40 -54.21
C ARG B 364 -22.44 -1.99 -53.47
N THR B 365 -22.49 -3.32 -53.39
CA THR B 365 -23.57 -4.04 -52.76
C THR B 365 -23.02 -4.89 -51.62
N SER B 366 -23.92 -5.26 -50.71
CA SER B 366 -23.57 -6.10 -49.58
C SER B 366 -24.79 -6.90 -49.18
N GLY B 367 -24.63 -8.20 -49.01
CA GLY B 367 -25.73 -9.07 -48.68
C GLY B 367 -25.29 -10.36 -48.04
N SER B 368 -26.20 -11.34 -48.07
CA SER B 368 -25.91 -12.63 -47.46
C SER B 368 -24.81 -13.36 -48.24
N ALA B 369 -23.87 -13.95 -47.50
CA ALA B 369 -22.77 -14.66 -48.15
C ALA B 369 -23.26 -15.89 -48.89
N ASP B 370 -24.20 -16.64 -48.31
CA ASP B 370 -24.63 -17.89 -48.92
C ASP B 370 -25.23 -17.70 -50.30
N ARG B 371 -25.70 -16.50 -50.63
CA ARG B 371 -26.24 -16.19 -51.94
C ARG B 371 -25.40 -15.13 -52.65
N ALA B 372 -24.09 -15.15 -52.42
CA ALA B 372 -23.21 -14.14 -52.99
C ALA B 372 -23.42 -14.02 -54.50
N LYS B 373 -23.49 -15.15 -55.20
CA LYS B 373 -23.68 -15.11 -56.65
C LYS B 373 -24.96 -14.37 -56.99
N ASP B 374 -26.05 -14.69 -56.29
CA ASP B 374 -27.31 -13.98 -56.55
C ASP B 374 -27.17 -12.48 -56.29
N ILE B 375 -26.32 -12.10 -55.34
CA ILE B 375 -26.09 -10.69 -55.09
C ILE B 375 -25.40 -10.04 -56.28
N LEU B 376 -24.50 -10.78 -56.94
CA LEU B 376 -23.73 -10.20 -58.03
C LEU B 376 -24.59 -10.02 -59.28
N ASN B 377 -25.09 -11.13 -59.83
CA ASN B 377 -25.82 -11.08 -61.08
C ASN B 377 -26.86 -9.95 -61.08
N HIS B 378 -27.80 -10.02 -60.15
CA HIS B 378 -28.87 -9.01 -60.11
C HIS B 378 -28.28 -7.61 -60.12
N SER B 379 -27.27 -7.36 -59.27
CA SER B 379 -26.69 -6.03 -59.22
C SER B 379 -26.28 -5.56 -60.61
N ILE B 380 -25.54 -6.41 -61.33
CA ILE B 380 -25.10 -6.04 -62.68
C ILE B 380 -26.31 -5.66 -63.52
N ALA B 381 -27.36 -6.50 -63.48
CA ALA B 381 -28.55 -6.22 -64.27
C ALA B 381 -29.03 -4.80 -64.00
N GLU B 382 -29.13 -4.42 -62.73
CA GLU B 382 -29.60 -3.08 -62.39
C GLU B 382 -28.78 -2.04 -63.13
N LEU B 383 -27.45 -2.12 -62.99
CA LEU B 383 -26.59 -1.19 -63.72
C LEU B 383 -26.83 -1.30 -65.21
N LYS B 384 -26.87 -2.54 -65.72
CA LYS B 384 -27.13 -2.73 -67.15
C LYS B 384 -28.47 -2.13 -67.53
N ALA B 385 -29.46 -2.17 -66.63
CA ALA B 385 -30.76 -1.61 -66.96
C ALA B 385 -30.62 -0.13 -67.30
N ILE B 386 -29.75 0.59 -66.60
CA ILE B 386 -29.55 2.00 -66.90
C ILE B 386 -29.06 2.16 -68.33
N ALA B 387 -28.16 1.29 -68.76
CA ALA B 387 -27.69 1.34 -70.14
C ALA B 387 -28.83 1.05 -71.12
N SER B 388 -29.80 0.24 -70.71
CA SER B 388 -30.93 -0.06 -71.59
C SER B 388 -31.76 1.19 -71.88
N GLY B 389 -32.02 1.98 -70.85
CA GLY B 389 -32.82 3.18 -71.01
C GLY B 389 -33.41 3.61 -69.69
N VAL B 390 -33.93 4.83 -69.69
CA VAL B 390 -34.51 5.44 -68.50
C VAL B 390 -35.88 5.98 -68.85
N ASN B 391 -36.87 5.67 -68.00
CA ASN B 391 -38.21 6.19 -68.21
C ASN B 391 -38.28 7.68 -67.89
N ALA B 392 -39.26 8.35 -68.49
CA ALA B 392 -39.40 9.79 -68.27
C ALA B 392 -39.70 10.10 -66.81
N ASP B 393 -40.62 9.34 -66.21
CA ASP B 393 -40.99 9.59 -64.81
C ASP B 393 -39.80 9.37 -63.88
N GLU B 394 -39.05 8.29 -64.10
CA GLU B 394 -37.88 8.04 -63.27
C GLU B 394 -36.85 9.14 -63.43
N LEU B 395 -36.64 9.59 -64.67
CA LEU B 395 -35.68 10.68 -64.89
C LEU B 395 -36.11 11.94 -64.17
N LEU B 396 -37.39 12.30 -64.27
CA LEU B 396 -37.87 13.50 -63.58
C LEU B 396 -37.72 13.38 -62.08
N THR B 397 -38.05 12.21 -61.52
CA THR B 397 -37.90 12.02 -60.08
C THR B 397 -36.43 12.14 -59.66
N ALA B 398 -35.53 11.51 -60.42
CA ALA B 398 -34.12 11.56 -60.07
C ALA B 398 -33.59 12.99 -60.17
N LYS B 399 -33.98 13.73 -61.21
CA LYS B 399 -33.53 15.10 -61.34
C LYS B 399 -34.07 15.97 -60.22
N ALA B 400 -35.33 15.77 -59.83
CA ALA B 400 -35.88 16.54 -58.71
C ALA B 400 -35.14 16.25 -57.42
N ALA B 401 -34.85 14.97 -57.16
CA ALA B 401 -34.11 14.62 -55.94
C ALA B 401 -32.71 15.20 -55.97
N LEU B 402 -32.04 15.14 -57.11
CA LEU B 402 -30.69 15.69 -57.21
C LEU B 402 -30.71 17.21 -57.01
N LYS B 403 -31.68 17.90 -57.59
CA LYS B 403 -31.81 19.33 -57.37
C LYS B 403 -32.02 19.62 -55.89
N ASN B 404 -32.91 18.86 -55.24
CA ASN B 404 -33.16 19.10 -53.83
C ASN B 404 -31.89 18.95 -53.01
N SER B 405 -31.13 17.87 -53.25
CA SER B 405 -29.90 17.66 -52.48
C SER B 405 -28.89 18.77 -52.74
N VAL B 406 -28.67 19.11 -54.01
CA VAL B 406 -27.66 20.11 -54.36
C VAL B 406 -28.02 21.46 -53.76
N LEU B 407 -29.30 21.85 -53.87
CA LEU B 407 -29.69 23.15 -53.36
C LEU B 407 -29.74 23.18 -51.85
N SER B 408 -30.03 22.04 -51.20
CA SER B 408 -29.90 21.98 -49.75
C SER B 408 -28.46 22.20 -49.33
N ALA B 409 -27.51 21.62 -50.07
CA ALA B 409 -26.10 21.87 -49.79
C ALA B 409 -25.75 23.33 -50.01
N LEU B 410 -26.24 23.93 -51.10
CA LEU B 410 -25.84 25.28 -51.45
C LEU B 410 -26.46 26.32 -50.51
N GLU B 411 -27.62 26.02 -49.93
CA GLU B 411 -28.28 27.00 -49.07
C GLU B 411 -27.41 27.35 -47.87
N ARG B 412 -26.67 26.39 -47.35
CA ARG B 412 -25.74 26.65 -46.26
C ARG B 412 -24.49 27.36 -46.80
N GLN B 413 -24.08 28.42 -46.10
CA GLN B 413 -23.02 29.29 -46.63
C GLN B 413 -21.68 28.57 -46.69
N THR B 414 -21.37 27.74 -45.69
CA THR B 414 -20.07 27.09 -45.64
C THR B 414 -19.88 26.14 -46.81
N ASP B 415 -20.87 25.28 -47.05
CA ASP B 415 -20.77 24.35 -48.17
C ASP B 415 -20.76 25.08 -49.50
N ARG B 416 -21.54 26.16 -49.60
CA ARG B 416 -21.52 26.96 -50.83
C ARG B 416 -20.13 27.52 -51.08
N LEU B 417 -19.48 28.03 -50.03
CA LEU B 417 -18.13 28.57 -50.19
C LEU B 417 -17.15 27.48 -50.60
N GLU B 418 -17.25 26.29 -49.98
CA GLU B 418 -16.35 25.20 -50.32
C GLU B 418 -16.50 24.82 -51.79
N GLU B 419 -17.74 24.67 -52.25
CA GLU B 419 -17.93 24.33 -53.65
C GLU B 419 -17.52 25.46 -54.56
N THR B 420 -17.64 26.71 -54.11
CA THR B 420 -17.14 27.83 -54.92
C THR B 420 -15.64 27.74 -55.10
N VAL B 421 -14.91 27.44 -54.02
CA VAL B 421 -13.46 27.28 -54.13
C VAL B 421 -13.14 26.16 -55.11
N LYS B 422 -13.82 25.02 -54.97
CA LYS B 422 -13.51 23.89 -55.82
C LYS B 422 -13.86 24.18 -57.29
N ASN B 423 -14.98 24.87 -57.53
CA ASN B 423 -15.31 25.26 -58.89
C ASN B 423 -14.25 26.16 -59.48
N VAL B 424 -13.79 27.16 -58.71
CA VAL B 424 -12.76 28.06 -59.22
C VAL B 424 -11.48 27.29 -59.53
N ARG B 425 -11.09 26.39 -58.64
CA ARG B 425 -9.83 25.67 -58.84
C ARG B 425 -9.92 24.64 -59.95
N THR B 426 -11.12 24.16 -60.29
CA THR B 426 -11.26 23.16 -61.33
C THR B 426 -11.56 23.79 -62.69
N PHE B 427 -12.67 24.52 -62.80
CA PHE B 427 -13.12 25.09 -64.07
C PHE B 427 -12.65 26.51 -64.30
N ASN B 428 -11.95 27.11 -63.34
CA ASN B 428 -11.45 28.49 -63.40
C ASN B 428 -12.59 29.51 -63.36
N LYS B 429 -13.84 29.08 -63.22
CA LYS B 429 -14.97 29.99 -63.08
C LYS B 429 -15.91 29.40 -62.03
N ILE B 430 -17.06 30.04 -61.86
CA ILE B 430 -18.06 29.62 -60.89
C ILE B 430 -19.25 29.05 -61.64
N GLN B 431 -19.53 27.77 -61.43
CA GLN B 431 -20.62 27.08 -62.12
C GLN B 431 -21.74 26.64 -61.19
N HIS B 432 -21.56 26.74 -59.87
CA HIS B 432 -22.62 26.32 -58.97
C HIS B 432 -23.84 27.23 -59.05
N THR B 433 -23.72 28.39 -59.70
CA THR B 433 -24.85 29.29 -59.85
C THR B 433 -25.85 28.80 -60.90
N ASP B 434 -25.45 27.87 -61.77
CA ASP B 434 -26.33 27.34 -62.80
C ASP B 434 -26.36 25.81 -62.77
N TYR B 435 -26.26 25.23 -61.57
CA TYR B 435 -26.40 23.78 -61.46
C TYR B 435 -27.80 23.33 -61.85
N VAL B 436 -28.82 24.10 -61.48
CA VAL B 436 -30.19 23.71 -61.78
C VAL B 436 -30.41 23.63 -63.28
N LYS B 437 -29.88 24.59 -64.03
CA LYS B 437 -30.03 24.56 -65.48
C LYS B 437 -29.32 23.35 -66.07
N GLN B 438 -28.13 23.03 -65.57
CA GLN B 438 -27.41 21.86 -66.08
C GLN B 438 -28.18 20.58 -65.80
N ILE B 439 -28.74 20.45 -64.60
CA ILE B 439 -29.54 19.27 -64.28
C ILE B 439 -30.75 19.18 -65.18
N ASP B 440 -31.43 20.31 -65.42
CA ASP B 440 -32.58 20.31 -66.30
C ASP B 440 -32.20 19.87 -67.72
N SER B 441 -31.06 20.35 -68.21
CA SER B 441 -30.66 20.03 -69.58
C SER B 441 -30.42 18.55 -69.80
N VAL B 442 -30.17 17.79 -68.74
CA VAL B 442 -29.91 16.37 -68.89
C VAL B 442 -31.13 15.67 -69.49
N THR B 443 -30.87 14.66 -70.32
CA THR B 443 -31.91 13.87 -70.95
C THR B 443 -31.62 12.39 -70.74
N ALA B 444 -32.67 11.57 -70.89
CA ALA B 444 -32.52 10.14 -70.66
C ALA B 444 -31.53 9.53 -71.64
N ASP B 445 -31.57 9.98 -72.90
CA ASP B 445 -30.67 9.41 -73.90
C ASP B 445 -29.20 9.63 -73.54
N GLN B 446 -28.87 10.83 -73.05
CA GLN B 446 -27.49 11.09 -72.66
C GLN B 446 -27.05 10.16 -71.52
N VAL B 447 -27.91 9.99 -70.52
CA VAL B 447 -27.55 9.13 -69.40
C VAL B 447 -27.35 7.69 -69.88
N ALA B 448 -28.27 7.21 -70.71
CA ALA B 448 -28.16 5.84 -71.21
C ALA B 448 -26.88 5.65 -72.01
N LYS B 449 -26.57 6.59 -72.91
CA LYS B 449 -25.37 6.48 -73.72
C LYS B 449 -24.12 6.54 -72.86
N ALA B 450 -24.08 7.44 -71.87
CA ALA B 450 -22.91 7.54 -71.02
C ALA B 450 -22.69 6.25 -70.23
N VAL B 451 -23.76 5.69 -69.67
CA VAL B 451 -23.60 4.46 -68.91
C VAL B 451 -23.20 3.30 -69.81
N ALA B 452 -23.77 3.24 -71.02
CA ALA B 452 -23.39 2.19 -71.95
C ALA B 452 -21.91 2.29 -72.32
N LYS B 453 -21.43 3.51 -72.59
CA LYS B 453 -20.02 3.69 -72.89
C LYS B 453 -19.14 3.30 -71.70
N VAL B 454 -19.57 3.67 -70.49
CA VAL B 454 -18.78 3.35 -69.30
C VAL B 454 -18.69 1.84 -69.12
N LEU B 455 -19.79 1.12 -69.38
CA LEU B 455 -19.79 -0.33 -69.17
C LEU B 455 -18.74 -1.03 -70.01
N THR B 456 -18.41 -0.48 -71.17
CA THR B 456 -17.44 -1.13 -72.06
C THR B 456 -16.04 -1.15 -71.47
N SER B 457 -15.75 -0.28 -70.50
CA SER B 457 -14.41 -0.23 -69.93
C SER B 457 -14.11 -1.49 -69.14
N ASN B 458 -12.83 -1.72 -68.89
CA ASN B 458 -12.41 -2.91 -68.15
C ASN B 458 -12.97 -2.84 -66.73
N PRO B 459 -13.74 -3.83 -66.29
CA PRO B 459 -14.31 -3.76 -64.94
C PRO B 459 -13.23 -3.84 -63.87
N THR B 460 -13.49 -3.18 -62.76
CA THR B 460 -12.72 -3.34 -61.52
C THR B 460 -13.65 -3.98 -60.49
N PHE B 461 -13.29 -5.18 -60.05
CA PHE B 461 -14.16 -6.01 -59.22
C PHE B 461 -13.46 -6.32 -57.90
N VAL B 462 -14.16 -6.08 -56.79
CA VAL B 462 -13.67 -6.39 -55.46
C VAL B 462 -14.74 -7.18 -54.73
N ALA B 463 -14.32 -8.20 -53.98
CA ALA B 463 -15.25 -9.03 -53.24
C ALA B 463 -14.62 -9.48 -51.93
N GLN B 464 -15.30 -9.21 -50.82
CA GLN B 464 -14.87 -9.66 -49.50
C GLN B 464 -16.02 -10.39 -48.83
N GLY B 465 -15.83 -11.66 -48.53
CA GLY B 465 -16.91 -12.42 -47.91
C GLY B 465 -16.48 -13.83 -47.62
N SER B 466 -17.42 -14.60 -47.08
CA SER B 466 -17.13 -15.96 -46.64
C SER B 466 -17.00 -16.94 -47.81
N GLN B 467 -17.69 -16.68 -48.92
CA GLN B 467 -17.69 -17.59 -50.06
C GLN B 467 -17.42 -16.85 -51.35
N VAL B 468 -16.55 -15.84 -51.30
CA VAL B 468 -16.15 -15.14 -52.52
C VAL B 468 -15.34 -16.05 -53.43
N ASN B 469 -14.83 -17.17 -52.91
CA ASN B 469 -14.06 -18.09 -53.73
C ASN B 469 -14.89 -18.71 -54.85
N ALA B 470 -16.22 -18.66 -54.75
CA ALA B 470 -17.12 -19.20 -55.77
C ALA B 470 -17.89 -18.03 -56.37
N LEU B 471 -17.31 -17.41 -57.38
CA LEU B 471 -17.93 -16.32 -58.11
C LEU B 471 -17.56 -16.45 -59.59
N PRO B 472 -18.33 -15.84 -60.48
CA PRO B 472 -18.00 -15.92 -61.91
C PRO B 472 -16.61 -15.35 -62.19
N THR B 473 -15.91 -15.98 -63.12
CA THR B 473 -14.58 -15.53 -63.48
C THR B 473 -14.63 -14.15 -64.12
N TYR B 474 -13.50 -13.45 -64.06
CA TYR B 474 -13.43 -12.10 -64.60
C TYR B 474 -13.92 -12.05 -66.04
N ASP B 475 -13.54 -13.05 -66.84
CA ASP B 475 -14.03 -13.10 -68.22
C ASP B 475 -15.54 -13.29 -68.25
N ALA B 476 -16.08 -14.13 -67.37
CA ALA B 476 -17.53 -14.28 -67.28
C ALA B 476 -18.20 -12.98 -66.84
N ILE B 477 -17.57 -12.27 -65.90
CA ILE B 477 -18.11 -10.98 -65.49
C ILE B 477 -18.20 -10.02 -66.68
N ARG B 478 -17.12 -9.95 -67.45
CA ARG B 478 -17.11 -9.07 -68.62
C ARG B 478 -18.17 -9.50 -69.64
N ASN B 479 -18.29 -10.80 -69.88
CA ASN B 479 -19.27 -11.29 -70.84
C ASN B 479 -20.69 -10.93 -70.40
N LEU B 480 -20.99 -11.10 -69.11
CA LEU B 480 -22.30 -10.71 -68.60
C LEU B 480 -22.52 -9.20 -68.76
N LEU B 481 -21.49 -8.40 -68.46
CA LEU B 481 -21.61 -6.96 -68.64
C LEU B 481 -21.81 -6.61 -70.10
N LYS B 482 -21.12 -7.31 -71.00
CA LYS B 482 -21.25 -7.07 -72.44
C LYS B 482 -22.71 -7.20 -72.87
N MET C 1 -10.54 13.47 -1.15
CA MET C 1 -9.22 14.11 -1.38
C MET C 1 -8.72 13.81 -2.79
N GLU C 2 -9.51 14.16 -3.79
CA GLU C 2 -9.13 13.91 -5.17
C GLU C 2 -7.84 14.63 -5.55
N TRP C 3 -7.52 15.71 -4.86
CA TRP C 3 -6.28 16.44 -5.14
C TRP C 3 -5.03 15.60 -4.86
N ASN C 4 -5.16 14.51 -4.11
CA ASN C 4 -4.04 13.61 -3.82
C ASN C 4 -4.04 12.46 -4.80
N LYS C 5 -2.92 12.27 -5.49
CA LYS C 5 -2.80 11.25 -6.54
C LYS C 5 -2.26 9.92 -6.04
N GLY C 6 -1.90 9.81 -4.76
CA GLY C 6 -1.45 8.56 -4.20
C GLY C 6 -0.10 8.72 -3.53
N THR C 7 0.62 7.60 -3.43
CA THR C 7 1.91 7.56 -2.76
C THR C 7 2.94 6.95 -3.70
N TYR C 8 4.21 7.35 -3.52
CA TYR C 8 5.27 6.89 -4.40
C TYR C 8 5.45 5.38 -4.31
N MET C 9 5.62 4.85 -3.10
CA MET C 9 5.85 3.43 -2.90
C MET C 9 5.01 2.96 -1.72
N SER C 10 4.24 1.88 -1.94
CA SER C 10 3.45 1.32 -0.87
C SER C 10 4.36 0.68 0.18
N THR C 11 4.14 1.04 1.44
CA THR C 11 5.01 0.60 2.53
C THR C 11 4.58 -0.74 3.12
N SER C 12 3.90 -1.57 2.34
CA SER C 12 3.56 -2.91 2.80
C SER C 12 4.84 -3.68 3.13
N ILE C 13 4.75 -4.56 4.12
CA ILE C 13 5.94 -5.26 4.61
C ILE C 13 6.58 -6.06 3.48
N LYS C 14 5.78 -6.80 2.71
CA LYS C 14 6.34 -7.59 1.63
C LYS C 14 6.96 -6.70 0.57
N LYS C 15 6.29 -5.60 0.22
CA LYS C 15 6.84 -4.71 -0.79
C LYS C 15 8.14 -4.08 -0.32
N ILE C 16 8.21 -3.69 0.96
CA ILE C 16 9.45 -3.14 1.49
C ILE C 16 10.56 -4.18 1.45
N VAL C 17 10.26 -5.42 1.84
CA VAL C 17 11.27 -6.47 1.85
C VAL C 17 11.80 -6.69 0.43
N GLN C 18 10.90 -6.78 -0.54
CA GLN C 18 11.33 -7.00 -1.92
C GLN C 18 12.14 -5.80 -2.43
N TYR C 19 11.68 -4.59 -2.15
CA TYR C 19 12.37 -3.40 -2.63
C TYR C 19 13.79 -3.34 -2.08
N PHE C 20 13.96 -3.63 -0.79
CA PHE C 20 15.29 -3.56 -0.20
C PHE C 20 16.15 -4.76 -0.53
N SER C 21 15.56 -5.91 -0.85
CA SER C 21 16.36 -7.05 -1.28
C SER C 21 16.73 -6.98 -2.76
N VAL C 22 16.08 -6.11 -3.53
CA VAL C 22 16.40 -5.92 -4.93
C VAL C 22 17.07 -4.59 -5.21
N MET C 23 17.12 -3.68 -4.22
CA MET C 23 17.69 -2.36 -4.44
C MET C 23 19.16 -2.46 -4.80
N THR C 24 19.60 -1.59 -5.72
CA THR C 24 20.99 -1.49 -6.12
C THR C 24 21.50 -0.08 -5.85
N VAL C 25 22.78 0.01 -5.49
CA VAL C 25 23.43 1.27 -5.14
C VAL C 25 24.61 1.47 -6.07
N SER C 26 24.67 2.64 -6.70
CA SER C 26 25.82 2.98 -7.53
C SER C 26 27.04 3.21 -6.67
N PHE C 27 28.22 3.00 -7.26
CA PHE C 27 29.46 3.15 -6.51
C PHE C 27 29.58 4.57 -5.97
N HIS C 28 29.99 4.68 -4.72
CA HIS C 28 29.92 5.93 -3.98
C HIS C 28 31.14 6.09 -3.10
N ASP C 29 31.16 7.16 -2.32
CA ASP C 29 32.24 7.50 -1.41
C ASP C 29 31.66 7.77 -0.02
N ILE C 30 32.54 8.12 0.92
CA ILE C 30 32.11 8.31 2.30
C ILE C 30 31.23 9.55 2.42
N ASN C 31 31.52 10.61 1.67
CA ASN C 31 30.76 11.85 1.81
C ASN C 31 29.29 11.64 1.49
N SER C 32 28.96 10.76 0.55
CA SER C 32 27.59 10.54 0.13
C SER C 32 26.90 9.44 0.94
N LEU C 33 27.33 9.22 2.18
CA LEU C 33 26.72 8.22 3.04
C LEU C 33 26.23 8.79 4.37
N PHE C 34 26.42 10.09 4.63
CA PHE C 34 26.03 10.64 5.92
C PHE C 34 24.57 10.32 6.22
N GLY C 35 23.72 10.30 5.20
CA GLY C 35 22.32 10.00 5.43
C GLY C 35 22.13 8.68 6.14
N PHE C 36 22.81 7.64 5.66
CA PHE C 36 22.74 6.35 6.35
C PHE C 36 23.23 6.50 7.80
N PHE C 37 24.33 7.22 8.01
CA PHE C 37 24.80 7.44 9.37
C PHE C 37 23.76 8.17 10.19
N THR C 38 22.95 9.01 9.55
CA THR C 38 21.86 9.68 10.26
C THR C 38 20.77 8.71 10.64
N PHE C 39 20.54 7.68 9.82
CA PHE C 39 19.48 6.72 10.11
C PHE C 39 19.93 5.71 11.16
N LEU C 40 21.10 5.11 10.95
CA LEU C 40 21.58 4.09 11.89
C LEU C 40 21.63 4.63 13.31
N THR C 41 22.15 5.85 13.48
CA THR C 41 22.18 6.45 14.81
C THR C 41 20.78 6.55 15.40
N ILE C 42 19.80 6.98 14.59
CA ILE C 42 18.42 6.99 15.05
C ILE C 42 18.00 5.60 15.48
N ALA C 43 18.39 4.58 14.70
CA ALA C 43 18.04 3.21 15.06
C ALA C 43 18.59 2.83 16.42
N SER C 44 19.65 3.50 16.89
CA SER C 44 20.14 3.25 18.24
C SER C 44 19.37 4.07 19.26
N GLN C 45 18.98 5.30 18.91
CA GLN C 45 18.24 6.14 19.84
C GLN C 45 16.94 5.47 20.25
N LEU C 46 16.22 4.87 19.30
CA LEU C 46 15.01 4.16 19.64
C LEU C 46 15.29 3.04 20.64
N VAL C 47 16.43 2.38 20.50
CA VAL C 47 16.79 1.30 21.43
C VAL C 47 17.24 1.87 22.77
N SER C 48 18.34 2.62 22.75
CA SER C 48 18.86 3.18 23.99
C SER C 48 17.80 4.00 24.71
N GLY C 49 17.11 4.87 23.97
CA GLY C 49 16.06 5.67 24.58
C GLY C 49 15.02 4.80 25.24
N THR C 50 14.64 3.69 24.60
CA THR C 50 13.66 2.80 25.21
C THR C 50 14.16 2.29 26.54
N MET C 51 15.44 1.94 26.63
CA MET C 51 15.99 1.47 27.90
C MET C 51 15.92 2.55 28.95
N LEU C 52 15.99 3.82 28.55
CA LEU C 52 15.82 4.92 29.48
C LEU C 52 14.37 5.14 29.88
N ALA C 53 13.42 4.71 29.05
CA ALA C 53 12.02 4.88 29.38
C ALA C 53 11.66 4.08 30.63
N PHE C 54 12.17 2.86 30.73
CA PHE C 54 11.89 2.01 31.89
C PHE C 54 12.59 2.50 33.15
N SER C 55 13.48 3.49 33.05
CA SER C 55 14.23 4.00 34.19
C SER C 55 13.68 5.30 34.74
N LEU C 56 13.15 6.17 33.89
CA LEU C 56 12.78 7.53 34.28
C LEU C 56 11.34 7.57 34.75
N VAL C 57 11.14 7.98 35.99
CA VAL C 57 9.80 8.26 36.51
C VAL C 57 9.51 9.74 36.26
N PRO C 58 8.43 10.08 35.54
CA PRO C 58 8.23 11.48 35.12
C PRO C 58 8.02 12.47 36.26
N GLU C 59 8.09 12.05 37.52
CA GLU C 59 7.95 13.01 38.61
C GLU C 59 9.18 13.91 38.67
N PRO C 60 9.04 15.23 38.58
CA PRO C 60 10.24 16.09 38.57
C PRO C 60 11.12 15.94 39.78
N MET C 61 10.55 15.67 40.95
CA MET C 61 11.31 15.61 42.19
C MET C 61 12.02 14.27 42.39
N LEU C 62 11.81 13.30 41.51
CA LEU C 62 12.46 12.00 41.62
C LEU C 62 13.38 11.68 40.46
N ILE C 63 13.31 12.41 39.35
CA ILE C 63 14.13 12.08 38.18
C ILE C 63 15.62 12.09 38.52
N PRO C 64 16.16 13.11 39.18
CA PRO C 64 17.61 13.06 39.51
C PRO C 64 17.97 11.92 40.45
N MET C 65 17.23 11.76 41.55
CA MET C 65 17.54 10.70 42.49
C MET C 65 17.38 9.33 41.85
N VAL C 66 16.33 9.16 41.04
CA VAL C 66 16.13 7.88 40.35
C VAL C 66 17.28 7.61 39.41
N ARG C 67 17.72 8.61 38.64
CA ARG C 67 18.84 8.41 37.74
C ARG C 67 20.09 8.01 38.50
N GLU C 68 20.39 8.72 39.59
CA GLU C 68 21.60 8.42 40.35
C GLU C 68 21.56 7.02 40.94
N GLU C 69 20.41 6.63 41.50
CA GLU C 69 20.33 5.30 42.10
C GLU C 69 20.36 4.20 41.04
N GLU C 70 19.78 4.44 39.88
CA GLU C 70 19.81 3.45 38.81
C GLU C 70 21.20 3.34 38.17
N ASP C 71 22.01 4.40 38.24
CA ASP C 71 23.38 4.29 37.76
C ASP C 71 24.14 3.21 38.51
N VAL C 72 23.89 3.08 39.81
CA VAL C 72 24.65 2.16 40.66
C VAL C 72 23.99 0.80 40.67
N GLU C 73 22.75 0.74 41.15
CA GLU C 73 22.09 -0.56 41.33
C GLU C 73 21.90 -1.27 40.00
N ASP C 74 21.31 -0.60 39.02
CA ASP C 74 21.15 -1.19 37.71
C ASP C 74 22.45 -1.09 36.93
N LEU C 75 22.62 -2.01 35.98
CA LEU C 75 23.81 -2.07 35.14
C LEU C 75 23.42 -1.75 33.70
N TYR C 76 24.29 -1.00 33.02
CA TYR C 76 24.13 -0.53 31.65
C TYR C 76 23.16 0.64 31.54
N THR C 77 22.52 1.07 32.63
CA THR C 77 21.62 2.21 32.56
C THR C 77 22.40 3.49 32.25
N ASP C 78 23.49 3.72 32.97
CA ASP C 78 24.32 4.88 32.68
C ASP C 78 24.99 4.75 31.32
N ASP C 79 25.35 3.52 30.93
CA ASP C 79 25.90 3.31 29.59
C ASP C 79 24.91 3.73 28.52
N PHE C 80 23.65 3.34 28.68
CA PHE C 80 22.63 3.73 27.71
C PHE C 80 22.35 5.22 27.77
N PHE C 81 22.41 5.83 28.95
CA PHE C 81 22.22 7.28 29.02
C PHE C 81 23.34 8.01 28.28
N TRP C 82 24.58 7.56 28.46
CA TRP C 82 25.70 8.14 27.71
C TRP C 82 25.53 7.91 26.22
N LEU C 83 25.10 6.71 25.83
CA LEU C 83 24.89 6.42 24.42
C LEU C 83 23.83 7.34 23.83
N HIS C 84 22.74 7.57 24.56
CA HIS C 84 21.69 8.47 24.09
C HIS C 84 22.21 9.90 23.95
N GLU C 85 22.90 10.39 24.99
CA GLU C 85 23.40 11.74 24.97
C GLU C 85 24.34 11.97 23.80
N ARG C 86 25.28 11.05 23.58
CA ARG C 86 26.22 11.22 22.48
C ARG C 86 25.58 10.92 21.14
N GLY C 87 24.54 10.09 21.11
CA GLY C 87 23.82 9.86 19.88
C GLY C 87 23.10 11.10 19.40
N VAL C 88 22.61 11.93 20.32
CA VAL C 88 22.00 13.19 19.91
C VAL C 88 23.03 14.06 19.19
N ASP C 89 24.23 14.18 19.76
CA ASP C 89 25.28 14.98 19.14
C ASP C 89 25.68 14.41 17.79
N MET C 90 25.88 13.09 17.74
CA MET C 90 26.28 12.47 16.48
C MET C 90 25.20 12.62 15.42
N LEU C 91 23.94 12.54 15.83
CA LEU C 91 22.84 12.71 14.89
C LEU C 91 22.81 14.13 14.36
N PHE C 92 23.03 15.12 15.22
CA PHE C 92 23.11 16.49 14.73
C PHE C 92 24.25 16.67 13.74
N ILE C 93 25.43 16.12 14.08
CA ILE C 93 26.58 16.26 13.20
C ILE C 93 26.30 15.62 11.84
N PHE C 94 25.79 14.39 11.86
CA PHE C 94 25.52 13.68 10.62
C PHE C 94 24.45 14.40 9.80
N SER C 95 23.39 14.86 10.44
CA SER C 95 22.31 15.53 9.71
C SER C 95 22.80 16.82 9.08
N TYR C 96 23.59 17.61 9.80
CA TYR C 96 24.06 18.86 9.23
C TYR C 96 25.10 18.63 8.13
N PHE C 97 25.95 17.62 8.28
CA PHE C 97 26.88 17.28 7.21
C PHE C 97 26.13 16.80 5.96
N HIS C 98 25.07 16.01 6.16
CA HIS C 98 24.25 15.58 5.04
C HIS C 98 23.58 16.76 4.37
N LEU C 99 23.06 17.69 5.16
CA LEU C 99 22.44 18.89 4.61
C LEU C 99 23.44 19.70 3.80
N PHE C 100 24.65 19.89 4.32
CA PHE C 100 25.67 20.65 3.59
C PHE C 100 26.06 19.92 2.30
N ARG C 101 26.20 18.59 2.37
CA ARG C 101 26.55 17.84 1.17
C ARG C 101 25.47 17.97 0.10
N LYS C 102 24.20 17.92 0.50
CA LYS C 102 23.12 18.03 -0.48
C LYS C 102 22.93 19.46 -0.97
N ILE C 103 23.30 20.46 -0.17
CA ILE C 103 23.28 21.84 -0.65
C ILE C 103 24.39 22.05 -1.67
N TYR C 104 25.57 21.49 -1.42
CA TYR C 104 26.69 21.67 -2.34
C TYR C 104 26.40 21.08 -3.70
N LEU C 105 25.60 20.02 -3.76
CA LEU C 105 25.34 19.32 -5.02
C LEU C 105 24.23 19.94 -5.85
N ASN C 106 23.63 21.04 -5.39
CA ASN C 106 22.51 21.66 -6.09
C ASN C 106 21.39 20.65 -6.31
N ASN C 107 20.87 20.12 -5.20
CA ASN C 107 19.79 19.14 -5.23
C ASN C 107 18.42 19.79 -5.07
N PHE C 108 18.26 21.02 -5.56
CA PHE C 108 17.00 21.73 -5.49
C PHE C 108 16.16 21.57 -6.75
N GLU C 109 16.63 20.82 -7.74
CA GLU C 109 15.90 20.66 -8.98
C GLU C 109 14.57 19.94 -8.71
N TYR C 110 13.67 19.98 -9.70
CA TYR C 110 12.33 19.43 -9.49
C TYR C 110 12.39 17.94 -9.20
N GLU C 111 13.23 17.20 -9.92
CA GLU C 111 13.33 15.76 -9.69
C GLU C 111 13.87 15.45 -8.30
N GLN C 112 14.43 16.43 -7.60
CA GLN C 112 14.90 16.25 -6.24
C GLN C 112 13.85 16.63 -5.19
N GLU C 113 12.75 17.26 -5.60
CA GLU C 113 11.82 17.81 -4.62
C GLU C 113 11.36 16.76 -3.61
N ALA C 114 10.84 15.63 -4.11
CA ALA C 114 10.38 14.59 -3.22
C ALA C 114 11.49 14.14 -2.29
N ALA C 115 12.70 14.01 -2.81
CA ALA C 115 13.84 13.64 -1.96
C ALA C 115 14.12 14.74 -0.94
N TRP C 116 14.07 16.00 -1.37
CA TRP C 116 14.50 17.10 -0.51
C TRP C 116 13.50 17.33 0.62
N LYS C 117 12.26 17.70 0.26
CA LYS C 117 11.27 18.05 1.27
C LYS C 117 11.04 16.91 2.24
N SER C 118 10.84 15.69 1.72
CA SER C 118 10.64 14.54 2.59
C SER C 118 11.77 14.42 3.61
N GLY C 119 12.99 14.74 3.19
CA GLY C 119 14.10 14.76 4.14
C GLY C 119 13.96 15.89 5.14
N VAL C 120 13.76 17.12 4.65
CA VAL C 120 13.79 18.28 5.54
C VAL C 120 12.72 18.15 6.60
N PHE C 121 11.53 17.72 6.22
CA PHE C 121 10.47 17.51 7.20
C PHE C 121 10.96 16.65 8.34
N THR C 122 11.58 15.51 8.01
CA THR C 122 12.14 14.66 9.05
C THR C 122 13.07 15.47 9.95
N PHE C 123 14.01 16.18 9.33
CA PHE C 123 14.91 17.03 10.10
C PHE C 123 14.13 17.95 11.03
N LEU C 124 13.11 18.64 10.48
CA LEU C 124 12.30 19.50 11.32
C LEU C 124 11.76 18.73 12.52
N LEU C 125 11.11 17.60 12.26
CA LEU C 125 10.58 16.81 13.37
C LEU C 125 11.70 16.45 14.34
N PHE C 126 12.86 16.06 13.81
CA PHE C 126 13.98 15.71 14.68
C PHE C 126 14.23 16.83 15.68
N GLN C 127 14.32 18.07 15.20
CA GLN C 127 14.56 19.20 16.09
C GLN C 127 13.56 19.17 17.24
N VAL C 128 12.28 19.07 16.93
CA VAL C 128 11.25 19.08 17.97
C VAL C 128 11.54 17.99 18.99
N VAL C 129 11.81 16.77 18.51
CA VAL C 129 12.07 15.67 19.43
C VAL C 129 13.20 16.05 20.37
N VAL C 130 14.30 16.57 19.80
CA VAL C 130 15.45 16.93 20.63
C VAL C 130 15.00 17.87 21.74
N PHE C 131 14.23 18.90 21.38
CA PHE C 131 13.76 19.85 22.38
C PHE C 131 13.10 19.12 23.53
N LEU C 132 12.13 18.24 23.21
CA LEU C 132 11.43 17.53 24.27
C LEU C 132 12.42 16.79 25.16
N GLY C 133 13.39 16.12 24.54
CA GLY C 133 14.34 15.36 25.33
C GLY C 133 15.04 16.22 26.37
N LEU C 134 15.44 17.44 25.98
CA LEU C 134 16.12 18.29 26.94
C LEU C 134 15.26 18.52 28.18
N VAL C 135 13.97 18.77 27.97
CA VAL C 135 13.10 19.09 29.10
C VAL C 135 13.06 17.94 30.10
N LEU C 136 13.33 16.72 29.64
CA LEU C 136 13.24 15.58 30.54
C LEU C 136 14.40 15.51 31.52
N CYS C 137 15.45 16.32 31.34
CA CYS C 137 16.59 16.23 32.24
C CYS C 137 16.31 16.86 33.60
N CYS C 138 15.32 17.75 33.69
CA CYS C 138 14.96 18.40 34.95
C CYS C 138 16.13 19.14 35.57
N THR C 139 17.00 19.69 34.73
CA THR C 139 18.07 20.58 35.16
C THR C 139 17.69 22.02 34.84
N HIS C 140 18.50 22.95 35.35
CA HIS C 140 18.23 24.36 35.06
C HIS C 140 18.30 24.65 33.58
N LEU C 141 19.11 23.89 32.84
CA LEU C 141 19.09 24.02 31.38
C LEU C 141 17.73 23.67 30.81
N SER C 142 17.12 22.59 31.33
CA SER C 142 15.76 22.24 30.91
C SER C 142 14.78 23.35 31.27
N ASP C 143 14.94 23.94 32.45
CA ASP C 143 14.06 25.03 32.85
C ASP C 143 14.15 26.19 31.87
N ILE C 144 15.37 26.61 31.53
CA ILE C 144 15.54 27.73 30.60
C ILE C 144 14.99 27.37 29.22
N THR C 145 15.25 26.16 28.75
CA THR C 145 14.76 25.76 27.44
C THR C 145 13.23 25.79 27.41
N LEU C 146 12.58 25.25 28.44
CA LEU C 146 11.13 25.27 28.48
C LEU C 146 10.60 26.68 28.54
N ALA C 147 11.25 27.54 29.33
CA ALA C 147 10.81 28.93 29.42
C ALA C 147 10.88 29.62 28.07
N ILE C 148 11.99 29.43 27.36
CA ILE C 148 12.15 30.07 26.06
C ILE C 148 11.13 29.53 25.06
N ALA C 149 10.91 28.21 25.06
CA ALA C 149 9.94 27.63 24.15
C ALA C 149 8.54 28.14 24.44
N ALA C 150 8.17 28.23 25.72
CA ALA C 150 6.85 28.74 26.07
C ALA C 150 6.70 30.20 25.67
N ASN C 151 7.75 31.00 25.87
CA ASN C 151 7.68 32.41 25.47
C ASN C 151 7.51 32.54 23.96
N LEU C 152 8.26 31.77 23.18
CA LEU C 152 8.10 31.81 21.74
C LEU C 152 6.71 31.37 21.32
N TYR C 153 6.18 30.32 21.95
CA TYR C 153 4.84 29.86 21.63
C TYR C 153 3.80 30.92 21.95
N ASP C 154 3.94 31.58 23.10
CA ASP C 154 2.99 32.61 23.50
C ASP C 154 3.09 33.84 22.61
N THR C 155 4.27 34.09 22.03
CA THR C 155 4.43 35.26 21.17
C THR C 155 3.43 35.23 20.01
N PHE C 156 3.02 34.04 19.58
CA PHE C 156 2.05 33.95 18.48
C PHE C 156 0.72 34.59 18.87
N PHE C 157 0.29 34.38 20.11
CA PHE C 157 -1.00 34.87 20.58
C PHE C 157 -0.93 36.29 21.13
N ALA C 158 0.24 36.94 21.07
CA ALA C 158 0.42 38.31 21.53
C ALA C 158 0.25 38.43 23.05
N GLY C 159 0.50 37.34 23.77
CA GLY C 159 0.45 37.38 25.22
C GLY C 159 -0.95 37.37 25.80
N LYS C 160 -1.98 37.13 25.00
CA LYS C 160 -3.36 37.11 25.45
C LYS C 160 -3.81 35.67 25.63
N GLY C 161 -4.44 35.39 26.76
CA GLY C 161 -4.92 34.05 27.04
C GLY C 161 -3.83 33.16 27.59
N LYS C 162 -4.17 31.87 27.70
CA LYS C 162 -3.27 30.86 28.22
C LYS C 162 -3.27 29.64 27.30
N PHE C 163 -3.13 29.90 26.00
CA PHE C 163 -3.16 28.83 25.01
C PHE C 163 -1.99 27.86 25.14
N TYR C 164 -0.96 28.22 25.90
CA TYR C 164 0.20 27.37 26.11
C TYR C 164 0.00 26.35 27.23
N TRP C 165 -1.09 26.45 27.99
CA TRP C 165 -1.20 25.67 29.22
C TRP C 165 -1.35 24.18 28.93
N TRP C 166 -2.00 23.81 27.84
CA TRP C 166 -2.29 22.40 27.60
C TRP C 166 -1.03 21.55 27.54
N ILE C 167 0.13 22.14 27.28
CA ILE C 167 1.40 21.44 27.26
C ILE C 167 2.40 22.06 28.23
N PHE C 168 2.52 23.39 28.20
CA PHE C 168 3.41 24.10 29.11
C PHE C 168 2.61 24.61 30.31
N THR C 169 2.19 23.67 31.15
CA THR C 169 1.36 24.01 32.30
C THR C 169 2.14 24.89 33.26
N SER C 170 1.81 26.18 33.32
CA SER C 170 2.43 27.18 34.19
C SER C 170 3.79 27.61 33.66
N LYS C 171 4.20 27.18 32.47
CA LYS C 171 5.53 27.46 31.93
C LYS C 171 6.63 26.93 32.84
N GLU C 172 6.34 25.90 33.63
CA GLU C 172 7.30 25.33 34.56
C GLU C 172 7.28 23.82 34.44
N LEU C 173 8.41 23.20 34.78
CA LEU C 173 8.52 21.74 34.76
C LEU C 173 7.88 21.19 36.03
N ASN C 174 6.64 20.71 35.89
CA ASN C 174 5.91 20.06 36.97
C ASN C 174 5.50 18.67 36.49
N THR C 175 4.76 17.95 37.33
CA THR C 175 4.41 16.58 37.00
C THR C 175 3.66 16.51 35.68
N ASP C 176 2.67 17.39 35.50
CA ASP C 176 1.88 17.37 34.26
C ASP C 176 2.75 17.64 33.04
N THR C 177 3.53 18.73 33.09
CA THR C 177 4.37 19.08 31.95
C THR C 177 5.37 17.99 31.65
N ILE C 178 6.03 17.46 32.69
CA ILE C 178 7.04 16.43 32.46
C ILE C 178 6.41 15.18 31.85
N ILE C 179 5.26 14.74 32.38
CA ILE C 179 4.62 13.55 31.85
C ILE C 179 4.26 13.74 30.38
N ARG C 180 3.59 14.85 30.07
CA ARG C 180 3.15 15.07 28.70
C ARG C 180 4.34 15.18 27.75
N LEU C 181 5.37 15.92 28.14
CA LEU C 181 6.53 16.09 27.27
C LEU C 181 7.28 14.79 27.08
N ALA C 182 7.40 13.98 28.13
CA ALA C 182 8.10 12.70 28.00
C ALA C 182 7.36 11.77 27.05
N TYR C 183 6.04 11.66 27.22
CA TYR C 183 5.28 10.76 26.35
C TYR C 183 5.32 11.26 24.90
N LEU C 184 5.19 12.57 24.69
CA LEU C 184 5.30 13.10 23.33
C LEU C 184 6.69 12.84 22.76
N HIS C 185 7.72 12.97 23.59
CA HIS C 185 9.07 12.70 23.13
C HIS C 185 9.20 11.27 22.64
N TYR C 186 8.69 10.31 23.40
CA TYR C 186 8.75 8.91 22.97
C TYR C 186 7.99 8.73 21.65
N VAL C 187 6.78 9.27 21.58
CA VAL C 187 5.93 9.06 20.40
C VAL C 187 6.58 9.64 19.17
N LEU C 188 7.07 10.88 19.25
CA LEU C 188 7.67 11.52 18.10
C LEU C 188 9.01 10.89 17.74
N ALA C 189 9.76 10.41 18.73
CA ALA C 189 11.00 9.70 18.43
C ALA C 189 10.72 8.45 17.61
N PHE C 190 9.66 7.72 17.94
CA PHE C 190 9.33 6.54 17.15
C PHE C 190 8.73 6.91 15.80
N PHE C 191 8.05 8.05 15.71
CA PHE C 191 7.54 8.52 14.42
C PHE C 191 8.66 8.96 13.49
N LEU C 192 9.78 9.41 14.06
CA LEU C 192 10.93 9.79 13.26
C LEU C 192 11.42 8.63 12.41
N ALA C 193 11.34 7.41 12.93
CA ALA C 193 11.78 6.25 12.16
C ALA C 193 10.95 6.08 10.90
N TYR C 194 9.63 6.20 11.02
CA TYR C 194 8.78 6.09 9.84
C TYR C 194 9.05 7.24 8.86
N LEU C 195 9.22 8.46 9.38
CA LEU C 195 9.52 9.57 8.48
C LEU C 195 10.83 9.34 7.73
N GLY C 196 11.84 8.84 8.43
CA GLY C 196 13.10 8.55 7.78
C GLY C 196 12.99 7.44 6.75
N LEU C 197 12.17 6.43 7.03
CA LEU C 197 11.96 5.37 6.05
C LEU C 197 11.31 5.93 4.80
N ILE C 198 10.29 6.78 4.96
CA ILE C 198 9.65 7.40 3.80
C ILE C 198 10.65 8.22 3.01
N HIS C 199 11.47 9.01 3.72
CA HIS C 199 12.47 9.83 3.03
C HIS C 199 13.46 8.96 2.27
N GLY C 200 13.92 7.87 2.88
CA GLY C 200 14.86 7.00 2.21
C GLY C 200 14.28 6.33 0.99
N VAL C 201 13.01 5.94 1.07
CA VAL C 201 12.35 5.37 -0.11
C VAL C 201 12.26 6.41 -1.21
N ASP C 202 11.89 7.64 -0.85
CA ASP C 202 11.68 8.67 -1.88
C ASP C 202 12.99 9.09 -2.53
N MET C 203 14.06 9.21 -1.75
CA MET C 203 15.30 9.80 -2.25
C MET C 203 15.99 8.94 -3.31
N HIS C 204 15.71 7.64 -3.34
CA HIS C 204 16.41 6.75 -4.26
C HIS C 204 16.12 7.10 -5.71
N TYR C 205 15.08 7.89 -5.97
CA TYR C 205 14.69 8.20 -7.35
C TYR C 205 15.86 8.76 -8.14
N ASP C 206 16.57 9.74 -7.58
CA ASP C 206 17.66 10.43 -8.26
C ASP C 206 18.87 10.55 -7.34
N TRP C 207 19.23 9.45 -6.68
CA TRP C 207 20.39 9.43 -5.81
C TRP C 207 21.67 9.31 -6.63
N LYS C 208 22.62 10.20 -6.36
CA LYS C 208 23.89 10.20 -7.08
C LYS C 208 25.02 10.49 -6.10
N ASN C 209 26.20 9.94 -6.42
CA ASN C 209 27.36 10.16 -5.56
C ASN C 209 27.91 11.56 -5.71
N GLU C 210 27.96 12.08 -6.94
CA GLU C 210 28.50 13.40 -7.20
C GLU C 210 27.64 14.07 -8.27
N SER C 211 27.82 15.38 -8.41
CA SER C 211 27.05 16.13 -9.41
C SER C 211 27.33 15.62 -10.80
N SER C 212 28.60 15.40 -11.13
CA SER C 212 28.96 14.92 -12.45
C SER C 212 28.36 13.53 -12.68
N MET C 213 27.78 13.35 -13.86
CA MET C 213 27.04 12.13 -14.20
C MET C 213 28.01 11.11 -14.79
N ASP C 214 28.46 10.17 -13.97
CA ASP C 214 29.24 9.05 -14.48
C ASP C 214 28.35 8.13 -15.30
N GLY C 215 28.87 7.66 -16.43
CA GLY C 215 28.09 6.83 -17.33
C GLY C 215 28.09 5.36 -16.94
N LEU C 216 28.18 5.08 -15.64
CA LEU C 216 28.21 3.71 -15.14
C LEU C 216 26.79 3.19 -14.99
N GLU C 217 26.53 2.01 -15.56
CA GLU C 217 25.23 1.38 -15.46
C GLU C 217 25.19 0.26 -14.42
N THR C 218 26.29 -0.46 -14.25
CA THR C 218 26.36 -1.48 -13.21
C THR C 218 26.30 -0.84 -11.84
N GLU C 219 25.76 -1.60 -10.87
CA GLU C 219 25.57 -1.09 -9.52
C GLU C 219 25.76 -2.23 -8.53
N MET C 220 26.02 -1.87 -7.28
CA MET C 220 26.15 -2.83 -6.21
C MET C 220 24.76 -3.29 -5.75
N ILE C 221 24.74 -4.40 -5.02
CA ILE C 221 23.53 -4.86 -4.35
C ILE C 221 23.57 -4.31 -2.92
N TRP C 222 22.47 -3.69 -2.49
CA TRP C 222 22.50 -2.95 -1.23
C TRP C 222 22.75 -3.85 -0.04
N PHE C 223 22.15 -5.05 -0.03
CA PHE C 223 22.04 -5.80 1.23
C PHE C 223 23.39 -5.99 1.90
N ASP C 224 24.40 -6.40 1.14
CA ASP C 224 25.70 -6.70 1.71
C ASP C 224 26.83 -5.85 1.14
N GLU C 225 26.83 -5.60 -0.17
CA GLU C 225 27.91 -4.82 -0.76
C GLU C 225 27.89 -3.38 -0.28
N ALA C 226 26.71 -2.74 -0.34
CA ALA C 226 26.61 -1.36 0.10
C ALA C 226 26.45 -1.27 1.63
N LEU C 227 25.72 -2.21 2.22
CA LEU C 227 25.50 -2.17 3.66
C LEU C 227 26.81 -2.33 4.42
N SER C 228 27.67 -3.26 3.97
CA SER C 228 28.95 -3.45 4.65
C SER C 228 29.80 -2.20 4.56
N ASN C 229 29.84 -1.56 3.38
CA ASN C 229 30.61 -0.34 3.23
C ASN C 229 30.06 0.77 4.11
N GLU C 230 28.74 0.89 4.20
CA GLU C 230 28.15 1.92 5.04
C GLU C 230 28.48 1.69 6.51
N LEU C 231 28.38 0.44 6.98
CA LEU C 231 28.72 0.14 8.36
C LEU C 231 30.19 0.42 8.64
N GLY C 232 31.06 0.06 7.70
CA GLY C 232 32.48 0.32 7.88
C GLY C 232 32.79 1.81 7.92
N ALA C 233 32.14 2.58 7.06
CA ALA C 233 32.33 4.03 7.08
C ALA C 233 31.83 4.63 8.38
N MET C 234 30.72 4.10 8.91
CA MET C 234 30.25 4.53 10.22
C MET C 234 31.29 4.24 11.29
N ILE C 235 31.90 3.06 11.24
CA ILE C 235 32.95 2.72 12.20
C ILE C 235 34.11 3.70 12.08
N GLU C 236 34.52 4.00 10.85
CA GLU C 236 35.63 4.92 10.63
C GLU C 236 35.32 6.30 11.21
N ILE C 237 34.11 6.80 10.96
CA ILE C 237 33.76 8.13 11.45
C ILE C 237 33.68 8.13 12.97
N ILE C 238 33.19 7.04 13.57
CA ILE C 238 33.17 6.96 15.02
C ILE C 238 34.60 6.99 15.56
N LEU C 239 35.52 6.27 14.91
CA LEU C 239 36.92 6.31 15.32
C LEU C 239 37.47 7.73 15.26
N ILE C 240 37.19 8.43 14.15
CA ILE C 240 37.68 9.79 13.99
C ILE C 240 37.13 10.69 15.08
N VAL C 241 35.84 10.58 15.38
CA VAL C 241 35.21 11.42 16.39
C VAL C 241 35.81 11.12 17.76
N MET C 242 36.05 9.84 18.07
CA MET C 242 36.67 9.51 19.35
C MET C 242 38.07 10.10 19.45
N ILE C 243 38.85 10.01 18.38
CA ILE C 243 40.19 10.60 18.39
C ILE C 243 40.10 12.09 18.64
N VAL C 244 39.19 12.78 17.94
CA VAL C 244 39.04 14.22 18.12
C VAL C 244 38.67 14.54 19.56
N CYS C 245 37.68 13.81 20.10
CA CYS C 245 37.21 14.09 21.46
C CYS C 245 38.29 13.84 22.49
N PHE C 246 39.19 12.88 22.25
CA PHE C 246 40.23 12.61 23.23
C PHE C 246 41.10 13.83 23.45
N PHE C 247 41.50 14.50 22.37
CA PHE C 247 42.32 15.70 22.51
C PHE C 247 41.50 16.91 22.93
N MET C 248 40.29 17.07 22.36
CA MET C 248 39.52 18.28 22.58
C MET C 248 38.84 18.30 23.95
N TYR C 249 38.54 17.14 24.52
CA TYR C 249 37.75 17.06 25.76
C TYR C 249 38.47 16.18 26.78
N PRO C 250 39.55 16.67 27.37
CA PRO C 250 40.10 15.99 28.55
C PRO C 250 39.06 16.00 29.67
N GLU C 251 38.95 14.87 30.37
CA GLU C 251 37.88 14.75 31.35
C GLU C 251 37.96 15.81 32.43
N PRO C 252 39.10 16.05 33.09
CA PRO C 252 39.21 17.20 34.00
C PRO C 252 39.47 18.47 33.21
N GLU C 253 38.46 19.32 33.11
CA GLU C 253 38.52 20.53 32.30
C GLU C 253 38.19 21.73 33.19
N ALA C 254 38.89 22.84 32.95
CA ALA C 254 38.70 24.01 33.78
C ALA C 254 37.28 24.53 33.70
N LEU C 255 36.72 24.61 32.50
CA LEU C 255 35.35 25.09 32.31
C LEU C 255 34.69 24.31 31.18
N SER C 256 33.37 24.26 31.24
CA SER C 256 32.57 23.59 30.23
C SER C 256 31.16 24.15 30.26
N TYR C 257 30.49 24.11 29.12
CA TYR C 257 29.11 24.55 29.05
C TYR C 257 28.17 23.63 29.82
N GLU C 258 28.63 22.45 30.22
CA GLU C 258 27.79 21.52 30.97
C GLU C 258 27.64 21.90 32.43
N PHE C 259 28.47 22.80 32.95
CA PHE C 259 28.37 23.17 34.35
C PHE C 259 27.02 23.80 34.67
N PHE C 260 26.41 24.49 33.70
CA PHE C 260 25.10 25.08 33.94
C PHE C 260 24.05 24.02 34.22
N MET C 261 24.33 22.76 33.89
CA MET C 261 23.40 21.68 34.18
C MET C 261 23.48 21.20 35.61
N TRP C 262 24.31 21.82 36.45
CA TRP C 262 24.42 21.37 37.84
C TRP C 262 23.10 21.49 38.57
N GLY C 263 22.41 22.62 38.40
CA GLY C 263 21.20 22.87 39.16
C GLY C 263 20.09 21.92 38.77
N ASP C 264 19.42 21.33 39.76
CA ASP C 264 18.25 20.51 39.56
C ASP C 264 17.03 21.28 40.04
N ILE C 265 15.98 21.31 39.21
CA ILE C 265 14.79 22.08 39.55
C ILE C 265 14.19 21.55 40.84
N GLY C 266 13.64 22.46 41.63
CA GLY C 266 13.06 22.09 42.92
C GLY C 266 14.06 22.01 44.03
N PHE C 267 15.18 21.33 43.81
CA PHE C 267 16.21 21.24 44.83
C PHE C 267 16.94 22.56 44.99
N ILE C 268 17.27 23.21 43.88
CA ILE C 268 17.94 24.51 43.87
C ILE C 268 17.04 25.50 43.15
N ASN C 269 16.59 26.53 43.88
CA ASN C 269 15.75 27.56 43.29
C ASN C 269 16.55 28.73 42.72
N ASP C 270 17.86 28.74 42.91
CA ASP C 270 18.71 29.83 42.44
C ASP C 270 19.36 29.41 41.13
N VAL C 271 19.15 30.21 40.08
CA VAL C 271 19.69 29.93 38.75
C VAL C 271 20.84 30.89 38.50
N ARG C 272 21.99 30.35 38.10
CA ARG C 272 23.17 31.16 37.80
C ARG C 272 23.01 31.73 36.41
N PHE C 273 22.46 32.95 36.34
CA PHE C 273 22.17 33.56 35.04
C PHE C 273 23.43 34.02 34.33
N LEU C 274 24.52 34.28 35.06
CA LEU C 274 25.74 34.73 34.41
C LEU C 274 26.26 33.69 33.43
N SER C 275 26.24 32.41 33.82
CA SER C 275 26.72 31.31 33.00
C SER C 275 25.51 30.50 32.54
N VAL C 276 24.91 30.93 31.43
CA VAL C 276 23.80 30.24 30.81
C VAL C 276 24.23 29.84 29.41
N ALA C 277 24.17 28.55 29.10
CA ALA C 277 24.59 28.07 27.80
C ALA C 277 23.93 26.74 27.48
N PRO C 278 23.38 26.56 26.28
CA PRO C 278 22.79 25.27 25.92
C PRO C 278 23.81 24.32 25.32
N HIS C 279 23.35 23.13 24.92
CA HIS C 279 24.21 22.24 24.16
C HIS C 279 24.53 22.85 22.81
N TRP C 280 25.66 22.43 22.24
CA TRP C 280 26.18 23.12 21.06
C TRP C 280 25.18 23.15 19.92
N TYR C 281 24.37 22.10 19.77
CA TYR C 281 23.46 22.04 18.62
C TYR C 281 22.40 23.14 18.67
N PHE C 282 21.88 23.43 19.87
CA PHE C 282 20.96 24.54 20.04
C PHE C 282 21.66 25.85 20.38
N ARG C 283 23.00 25.85 20.41
CA ARG C 283 23.73 27.10 20.65
C ARG C 283 23.42 28.16 19.61
N PRO C 284 23.41 27.89 18.31
CA PRO C 284 23.18 28.97 17.34
C PRO C 284 21.86 29.67 17.53
N PHE C 285 20.81 28.96 17.96
CA PHE C 285 19.51 29.60 18.12
C PHE C 285 19.51 30.60 19.27
N MET C 286 20.09 30.21 20.41
CA MET C 286 20.20 31.15 21.53
C MET C 286 21.15 32.29 21.19
N ALA C 287 22.19 32.02 20.40
CA ALA C 287 23.07 33.09 19.95
C ALA C 287 22.31 34.09 19.09
N TRP C 288 21.45 33.61 18.21
CA TRP C 288 20.61 34.50 17.42
C TRP C 288 19.67 35.30 18.31
N LEU C 289 19.10 34.64 19.31
CA LEU C 289 18.19 35.34 20.22
C LEU C 289 18.91 36.48 20.95
N THR C 290 20.13 36.22 21.42
CA THR C 290 20.88 37.27 22.12
C THR C 290 21.35 38.36 21.16
N VAL C 291 21.72 37.97 19.94
CA VAL C 291 22.16 38.96 18.95
C VAL C 291 21.02 39.90 18.59
N CYS C 292 19.83 39.35 18.36
CA CYS C 292 18.65 40.14 18.03
C CYS C 292 17.77 40.24 19.27
N PRO C 293 17.87 41.29 20.07
CA PRO C 293 17.10 41.35 21.31
C PRO C 293 15.60 41.37 21.10
N PHE C 294 15.13 41.69 19.89
CA PHE C 294 13.70 41.81 19.64
C PHE C 294 13.07 40.43 19.57
N HIS C 295 11.99 40.23 20.33
CA HIS C 295 11.37 38.92 20.42
C HIS C 295 10.74 38.51 19.10
N LYS C 296 9.92 39.38 18.52
CA LYS C 296 9.24 39.04 17.27
C LYS C 296 10.23 38.81 16.14
N ILE C 297 11.24 39.66 16.03
CA ILE C 297 12.20 39.52 14.94
C ILE C 297 13.02 38.25 15.11
N GLY C 298 13.39 37.90 16.35
CA GLY C 298 14.10 36.65 16.57
C GLY C 298 13.26 35.43 16.24
N LEU C 299 12.00 35.43 16.66
CA LEU C 299 11.12 34.32 16.33
C LEU C 299 10.96 34.20 14.81
N PHE C 300 10.78 35.33 14.14
CA PHE C 300 10.68 35.30 12.68
C PHE C 300 11.97 34.80 12.06
N GLY C 301 13.11 35.13 12.64
CA GLY C 301 14.36 34.64 12.10
C GLY C 301 14.47 33.13 12.20
N LEU C 302 14.11 32.57 13.35
CA LEU C 302 14.14 31.11 13.50
C LEU C 302 13.18 30.45 12.52
N ILE C 303 11.95 30.96 12.46
CA ILE C 303 10.95 30.38 11.57
C ILE C 303 11.38 30.47 10.12
N TYR C 304 11.92 31.62 9.73
CA TYR C 304 12.41 31.80 8.37
C TYR C 304 13.53 30.84 8.06
N TYR C 305 14.49 30.69 8.98
CA TYR C 305 15.57 29.75 8.74
C TYR C 305 15.01 28.36 8.44
N PHE C 306 14.16 27.85 9.34
CA PHE C 306 13.68 26.48 9.17
C PHE C 306 12.86 26.34 7.87
N PHE C 307 11.91 27.24 7.65
CA PHE C 307 11.01 27.07 6.52
C PHE C 307 11.72 27.31 5.19
N ILE C 308 12.61 28.31 5.11
CA ILE C 308 13.37 28.51 3.89
C ILE C 308 14.28 27.33 3.64
N LEU C 309 14.82 26.72 4.70
CA LEU C 309 15.55 25.47 4.52
C LEU C 309 14.63 24.40 3.95
N PHE C 310 13.35 24.45 4.27
CA PHE C 310 12.40 23.46 3.76
C PHE C 310 12.08 23.69 2.28
N TYR C 311 11.93 24.95 1.87
CA TYR C 311 11.43 25.29 0.54
C TYR C 311 12.54 25.63 -0.45
N GLN C 312 13.72 25.05 -0.29
CA GLN C 312 14.80 25.33 -1.23
C GLN C 312 14.47 24.93 -2.66
N PRO C 313 13.92 23.74 -2.92
CA PRO C 313 13.66 23.36 -4.32
C PRO C 313 12.76 24.32 -5.06
N VAL C 314 11.74 24.86 -4.39
CA VAL C 314 10.80 25.75 -5.05
C VAL C 314 11.48 27.06 -5.41
N ILE C 315 12.22 27.64 -4.44
CA ILE C 315 12.80 28.96 -4.66
C ILE C 315 13.94 28.90 -5.67
N HIS C 316 14.81 27.88 -5.57
CA HIS C 316 16.05 27.89 -6.34
C HIS C 316 16.01 26.99 -7.57
N GLY C 317 15.37 25.83 -7.49
CA GLY C 317 15.50 24.85 -8.55
C GLY C 317 14.60 25.12 -9.74
N THR C 318 14.83 24.33 -10.79
CA THR C 318 14.01 24.40 -11.98
C THR C 318 12.65 23.75 -11.74
N ASN C 319 11.68 24.12 -12.58
CA ASN C 319 10.29 23.75 -12.37
C ASN C 319 9.67 23.45 -13.73
N GLU C 320 8.34 23.43 -13.77
CA GLU C 320 7.58 23.22 -15.00
C GLU C 320 8.21 23.96 -16.17
N GLN C 321 8.65 25.19 -15.93
CA GLN C 321 9.27 25.99 -16.98
C GLN C 321 10.76 25.63 -17.05
N ASN C 322 11.21 25.21 -18.23
CA ASN C 322 12.57 24.70 -18.41
C ASN C 322 13.54 25.87 -18.42
N ASN C 323 13.78 26.41 -17.22
CA ASN C 323 14.72 27.52 -17.01
C ASN C 323 14.26 28.79 -17.72
N TYR C 324 13.00 28.86 -18.11
CA TYR C 324 12.43 30.07 -18.70
C TYR C 324 11.77 30.97 -17.68
N THR C 325 11.92 30.66 -16.39
CA THR C 325 11.35 31.48 -15.35
C THR C 325 11.95 32.89 -15.36
N LYS C 326 11.14 33.86 -15.00
CA LYS C 326 11.55 35.28 -14.99
C LYS C 326 11.83 35.68 -13.55
N ARG C 327 13.11 35.74 -13.20
CA ARG C 327 13.51 36.17 -11.87
C ARG C 327 13.57 37.70 -11.81
N ASN C 328 13.06 38.25 -10.71
CA ASN C 328 13.12 39.68 -10.47
C ASN C 328 14.52 40.09 -10.03
N VAL C 329 14.89 41.32 -10.37
CA VAL C 329 16.21 41.85 -10.10
C VAL C 329 16.07 43.25 -9.53
N ALA C 330 17.14 43.72 -8.88
CA ALA C 330 17.18 45.04 -8.26
C ALA C 330 18.03 46.02 -9.05
N PHE C 331 19.28 45.67 -9.36
CA PHE C 331 20.23 46.59 -9.98
C PHE C 331 20.59 46.20 -11.40
N VAL C 332 20.81 44.92 -11.68
CA VAL C 332 21.23 44.48 -13.01
C VAL C 332 20.20 44.79 -14.08
N SER C 333 18.98 45.15 -13.69
CA SER C 333 17.98 45.53 -14.68
C SER C 333 18.45 46.73 -15.49
N PHE C 334 19.04 47.72 -14.83
CA PHE C 334 19.56 48.88 -15.54
C PHE C 334 20.68 48.49 -16.49
N PHE C 335 21.59 47.62 -16.04
CA PHE C 335 22.74 47.24 -16.87
C PHE C 335 22.28 46.46 -18.10
N ILE C 336 21.45 45.44 -17.90
CA ILE C 336 20.94 44.66 -19.03
C ILE C 336 19.82 45.38 -19.76
N ASN C 337 19.18 46.36 -19.13
CA ASN C 337 18.06 47.09 -19.69
C ASN C 337 16.77 46.26 -19.70
N ARG C 338 16.68 45.28 -18.81
CA ARG C 338 15.54 44.38 -18.75
C ARG C 338 14.98 44.37 -17.32
N SER C 339 13.65 44.38 -17.23
CA SER C 339 13.01 44.40 -15.90
C SER C 339 13.32 43.12 -15.14
N ASP C 340 13.29 41.98 -15.82
CA ASP C 340 13.55 40.67 -15.21
C ASP C 340 14.69 40.00 -15.95
N ILE C 341 15.04 38.80 -15.48
CA ILE C 341 16.11 38.02 -16.11
C ILE C 341 15.67 36.57 -16.23
N MET C 342 16.02 35.94 -17.34
CA MET C 342 15.87 34.50 -17.46
C MET C 342 16.81 33.80 -16.49
N THR C 343 16.34 32.71 -15.89
CA THR C 343 17.15 32.00 -14.92
C THR C 343 18.37 31.40 -15.60
N PRO C 344 19.59 31.60 -15.07
CA PRO C 344 20.76 31.00 -15.70
C PRO C 344 20.74 29.49 -15.60
N LYS C 345 21.43 28.84 -16.54
CA LYS C 345 21.41 27.39 -16.66
C LYS C 345 22.70 26.71 -16.21
N TYR C 346 23.86 27.22 -16.61
CA TYR C 346 25.13 26.52 -16.40
C TYR C 346 25.59 26.65 -14.94
N HIS C 347 24.75 26.17 -14.04
CA HIS C 347 25.05 26.19 -12.60
C HIS C 347 25.65 24.86 -12.16
N SER C 348 26.76 24.50 -12.79
CA SER C 348 27.47 23.28 -12.42
C SER C 348 28.02 23.41 -11.00
N VAL C 349 28.62 22.32 -10.52
CA VAL C 349 29.09 22.27 -9.15
C VAL C 349 30.60 22.10 -9.10
N GLU C 350 31.10 20.99 -9.65
CA GLU C 350 32.51 20.68 -9.54
C GLU C 350 33.38 21.70 -10.26
N ASP C 351 32.98 22.10 -11.47
CA ASP C 351 33.76 23.05 -12.25
C ASP C 351 33.40 24.50 -11.98
N ASN C 352 32.36 24.76 -11.19
CA ASN C 352 31.91 26.12 -10.91
C ASN C 352 32.62 26.61 -9.65
N LEU C 353 33.46 27.64 -9.82
CA LEU C 353 34.21 28.17 -8.68
C LEU C 353 33.38 29.13 -7.84
N LEU C 354 32.47 29.88 -8.47
CA LEU C 354 31.62 30.80 -7.71
C LEU C 354 30.73 30.04 -6.74
N HIS C 355 30.15 28.93 -7.19
CA HIS C 355 29.32 28.12 -6.32
C HIS C 355 30.12 27.60 -5.13
N GLN C 356 31.33 27.12 -5.38
CA GLN C 356 32.16 26.61 -4.29
C GLN C 356 32.48 27.72 -3.30
N ILE C 357 32.85 28.91 -3.80
CA ILE C 357 33.18 30.01 -2.91
C ILE C 357 31.99 30.37 -2.04
N THR C 358 30.81 30.53 -2.65
CA THR C 358 29.64 30.93 -1.87
C THR C 358 29.25 29.84 -0.87
N PHE C 359 29.28 28.58 -1.29
CA PHE C 359 28.90 27.50 -0.38
C PHE C 359 29.84 27.39 0.80
N TRP C 360 31.15 27.52 0.55
CA TRP C 360 32.09 27.40 1.66
C TRP C 360 32.03 28.61 2.56
N LEU C 361 31.74 29.80 2.02
CA LEU C 361 31.47 30.94 2.89
C LEU C 361 30.26 30.67 3.78
N PHE C 362 29.20 30.09 3.20
CA PHE C 362 28.00 29.78 3.99
C PHE C 362 28.31 28.78 5.09
N LEU C 363 29.05 27.72 4.74
CA LEU C 363 29.38 26.69 5.74
C LEU C 363 30.24 27.26 6.85
N CYS C 364 31.24 28.08 6.49
CA CYS C 364 32.09 28.69 7.51
C CYS C 364 31.29 29.63 8.39
N SER C 365 30.34 30.37 7.80
CA SER C 365 29.50 31.24 8.61
C SER C 365 28.67 30.43 9.60
N ALA C 366 28.11 29.31 9.16
CA ALA C 366 27.36 28.46 10.08
C ALA C 366 28.25 27.94 11.21
N LEU C 367 29.45 27.49 10.88
CA LEU C 367 30.36 26.99 11.90
C LEU C 367 30.72 28.10 12.90
N TYR C 368 30.99 29.30 12.39
CA TYR C 368 31.32 30.41 13.28
C TYR C 368 30.15 30.74 14.19
N VAL C 369 28.93 30.72 13.65
CA VAL C 369 27.75 30.99 14.47
C VAL C 369 27.63 29.95 15.57
N THR C 370 27.96 28.70 15.27
CA THR C 370 27.91 27.65 16.28
C THR C 370 29.15 27.60 17.15
N SER C 371 30.15 28.46 16.91
CA SER C 371 31.42 28.34 17.60
C SER C 371 31.30 28.66 19.09
N TYR C 372 30.66 29.78 19.43
CA TYR C 372 30.73 30.30 20.79
C TYR C 372 29.39 30.90 21.21
N LEU C 373 29.28 31.19 22.52
CA LEU C 373 28.12 31.84 23.14
C LEU C 373 28.33 33.36 23.17
N PRO C 374 27.38 34.15 22.68
CA PRO C 374 27.58 35.62 22.69
C PRO C 374 27.78 36.22 24.08
N TYR C 375 27.34 35.54 25.14
CA TYR C 375 27.52 36.05 26.51
C TYR C 375 26.83 37.41 26.66
N GLY C 376 25.50 37.36 26.59
CA GLY C 376 24.69 38.55 26.56
C GLY C 376 24.66 39.38 27.84
N ARG C 377 25.56 39.12 28.78
CA ARG C 377 25.66 39.98 29.95
C ARG C 377 26.01 41.41 29.54
N PHE C 378 26.97 41.56 28.62
CA PHE C 378 27.29 42.87 28.06
C PHE C 378 27.55 42.79 26.55
N TYR C 379 27.04 41.75 25.89
CA TYR C 379 27.32 41.59 24.46
C TYR C 379 26.80 42.78 23.66
N ASN C 380 25.57 43.18 23.91
CA ASN C 380 24.99 44.31 23.18
C ASN C 380 25.53 45.64 23.70
N ARG C 381 25.73 45.75 25.02
CA ARG C 381 26.29 46.98 25.57
C ARG C 381 27.61 47.31 24.91
N ILE C 382 28.53 46.35 24.87
CA ILE C 382 29.72 46.47 24.05
C ILE C 382 29.32 46.32 22.60
N ASN C 383 30.13 46.90 21.70
CA ASN C 383 29.89 46.69 20.28
C ASN C 383 29.97 45.21 19.99
N GLY C 384 28.84 44.60 19.60
CA GLY C 384 28.78 43.16 19.48
C GLY C 384 29.73 42.62 18.44
N ASN C 385 30.07 41.35 18.58
CA ASN C 385 30.90 40.66 17.60
C ASN C 385 30.30 40.79 16.21
N TYR C 386 30.99 41.51 15.33
CA TYR C 386 30.49 41.70 13.98
C TYR C 386 30.50 40.40 13.19
N GLY C 387 31.31 39.42 13.60
CA GLY C 387 31.36 38.17 12.88
C GLY C 387 30.06 37.39 12.97
N THR C 388 29.47 37.32 14.17
CA THR C 388 28.20 36.63 14.32
C THR C 388 27.11 37.31 13.52
N LEU C 389 27.05 38.64 13.58
CA LEU C 389 26.04 39.37 12.82
C LEU C 389 26.19 39.13 11.33
N TRP C 390 27.42 39.25 10.82
CA TRP C 390 27.64 39.05 9.39
C TRP C 390 27.31 37.62 8.98
N SER C 391 27.70 36.65 9.81
CA SER C 391 27.41 35.25 9.49
C SER C 391 25.91 34.99 9.46
N PHE C 392 25.16 35.56 10.41
CA PHE C 392 23.72 35.39 10.39
C PHE C 392 23.10 36.02 9.14
N MET C 393 23.55 37.24 8.79
CA MET C 393 23.02 37.88 7.60
C MET C 393 23.33 37.07 6.35
N TYR C 394 24.54 36.53 6.24
CA TYR C 394 24.89 35.73 5.08
C TYR C 394 24.14 34.41 5.05
N ILE C 395 23.88 33.81 6.21
CA ILE C 395 23.06 32.61 6.27
C ILE C 395 21.67 32.90 5.73
N PHE C 396 21.08 34.03 6.16
CA PHE C 396 19.75 34.39 5.67
C PHE C 396 19.77 34.67 4.17
N PHE C 397 20.78 35.39 3.69
CA PHE C 397 20.83 35.72 2.27
C PHE C 397 21.05 34.48 1.40
N TYR C 398 21.97 33.61 1.79
CA TYR C 398 22.27 32.43 0.99
C TYR C 398 21.05 31.54 0.85
N LEU C 399 20.27 31.40 1.93
CA LEU C 399 19.03 30.62 1.90
C LEU C 399 17.90 31.59 1.59
N GLY C 400 17.61 31.76 0.30
CA GLY C 400 16.52 32.62 -0.11
C GLY C 400 16.81 33.45 -1.35
N ASN C 401 18.08 33.71 -1.62
CA ASN C 401 18.50 34.50 -2.77
C ASN C 401 19.14 33.60 -3.80
N SER C 402 18.66 33.66 -5.04
CA SER C 402 19.15 32.80 -6.11
C SER C 402 20.41 33.33 -6.77
N PHE C 403 20.78 34.59 -6.54
CA PHE C 403 21.97 35.12 -7.21
C PHE C 403 23.25 34.58 -6.57
N LEU C 404 23.19 34.21 -5.28
CA LEU C 404 24.35 33.57 -4.66
C LEU C 404 24.49 32.13 -5.14
N ARG C 405 23.38 31.41 -5.27
CA ARG C 405 23.41 29.99 -5.62
C ARG C 405 23.23 29.74 -7.11
N ARG C 406 22.60 30.65 -7.84
CA ARG C 406 22.48 30.57 -9.31
C ARG C 406 22.83 31.93 -9.89
N PRO C 407 24.10 32.33 -9.82
CA PRO C 407 24.47 33.66 -10.32
C PRO C 407 24.23 33.80 -11.81
N LEU C 408 23.90 35.01 -12.23
CA LEU C 408 23.62 35.27 -13.64
C LEU C 408 24.89 35.35 -14.47
N ILE C 409 25.96 35.92 -13.92
CA ILE C 409 27.15 36.20 -14.71
C ILE C 409 27.78 34.92 -15.24
N THR C 410 27.58 33.80 -14.52
CA THR C 410 28.19 32.54 -14.96
C THR C 410 27.82 32.21 -16.40
N GLU C 411 26.54 32.36 -16.75
CA GLU C 411 26.10 32.08 -18.10
C GLU C 411 26.25 33.27 -19.03
N LEU C 412 26.19 34.50 -18.50
CA LEU C 412 26.35 35.67 -19.36
C LEU C 412 27.75 35.72 -19.96
N TYR C 413 28.77 35.51 -19.12
CA TYR C 413 30.14 35.49 -19.62
C TYR C 413 30.35 34.34 -20.59
N LEU C 414 29.77 33.17 -20.30
CA LEU C 414 29.90 32.04 -21.20
C LEU C 414 29.28 32.35 -22.56
N PHE C 415 28.13 33.01 -22.57
CA PHE C 415 27.51 33.40 -23.84
C PHE C 415 28.35 34.43 -24.58
N ASN C 416 28.98 35.35 -23.84
CA ASN C 416 29.89 36.30 -24.47
C ASN C 416 31.02 35.55 -25.19
N ALA C 417 31.61 34.58 -24.49
CA ALA C 417 32.69 33.79 -25.09
C ALA C 417 32.19 33.01 -26.30
N PHE C 418 30.99 32.44 -26.19
CA PHE C 418 30.42 31.68 -27.31
C PHE C 418 30.26 32.57 -28.53
N VAL C 419 29.71 33.76 -28.34
CA VAL C 419 29.49 34.68 -29.46
C VAL C 419 30.82 35.07 -30.08
N LYS C 420 31.81 35.41 -29.26
CA LYS C 420 33.11 35.80 -29.79
C LYS C 420 33.74 34.66 -30.59
N SER C 421 33.73 33.45 -30.03
CA SER C 421 34.35 32.32 -30.72
C SER C 421 33.64 32.01 -32.03
N LYS C 422 32.31 32.01 -32.02
CA LYS C 422 31.57 31.72 -33.24
C LYS C 422 31.80 32.79 -34.29
N PHE C 423 31.87 34.05 -33.88
CA PHE C 423 32.16 35.12 -34.83
C PHE C 423 33.54 34.93 -35.44
N LEU C 424 34.53 34.59 -34.62
CA LEU C 424 35.88 34.37 -35.15
C LEU C 424 35.90 33.20 -36.13
N LYS C 425 35.25 32.10 -35.79
CA LYS C 425 35.24 30.91 -36.63
C LYS C 425 33.98 30.79 -37.48
N LYS C 426 33.07 31.77 -37.40
CA LYS C 426 31.86 31.76 -38.20
C LYS C 426 31.00 30.53 -37.91
N PHE D 25 -27.45 -19.61 39.59
CA PHE D 25 -28.38 -18.59 39.13
C PHE D 25 -29.24 -18.06 40.29
N ILE D 26 -29.61 -18.94 41.21
CA ILE D 26 -30.38 -18.58 42.40
C ILE D 26 -29.48 -18.82 43.61
N TYR D 27 -29.31 -17.79 44.43
CA TYR D 27 -28.38 -17.81 45.55
C TYR D 27 -29.16 -17.79 46.86
N ARG D 28 -28.89 -18.78 47.71
CA ARG D 28 -29.61 -18.90 48.97
C ARG D 28 -29.34 -17.69 49.85
N ASP D 29 -30.38 -17.24 50.55
CA ASP D 29 -30.34 -15.99 51.29
C ASP D 29 -29.96 -16.15 52.75
N ASP D 30 -29.73 -17.38 53.23
CA ASP D 30 -29.34 -17.63 54.61
C ASP D 30 -27.94 -18.18 54.74
N ILE D 31 -27.20 -18.32 53.64
CA ILE D 31 -25.82 -18.80 53.72
C ILE D 31 -24.94 -17.78 54.42
N GLY D 32 -25.28 -16.50 54.33
CA GLY D 32 -24.42 -15.43 54.78
C GLY D 32 -23.72 -14.71 53.66
N ALA D 33 -23.97 -15.06 52.41
CA ALA D 33 -23.42 -14.40 51.25
C ALA D 33 -24.54 -13.69 50.51
N PHE D 34 -24.39 -12.38 50.32
CA PHE D 34 -25.43 -11.57 49.69
C PHE D 34 -25.33 -11.70 48.17
N TRP D 35 -26.43 -12.13 47.56
CA TRP D 35 -26.53 -12.24 46.10
C TRP D 35 -25.47 -13.15 45.52
N GLY D 36 -24.89 -14.05 46.33
CA GLY D 36 -23.90 -14.98 45.87
C GLY D 36 -22.47 -14.56 46.05
N ILE D 37 -22.21 -13.39 46.64
CA ILE D 37 -20.85 -12.93 46.89
C ILE D 37 -20.33 -13.68 48.12
N LYS D 38 -19.58 -14.74 47.90
CA LYS D 38 -19.03 -15.52 49.00
C LYS D 38 -17.95 -14.72 49.72
N GLY D 39 -17.61 -15.18 50.92
CA GLY D 39 -16.79 -14.40 51.84
C GLY D 39 -17.64 -13.47 52.67
N TYR D 40 -17.01 -12.86 53.66
CA TYR D 40 -17.71 -11.98 54.60
C TYR D 40 -18.81 -12.73 55.34
N GLU D 41 -18.60 -14.03 55.56
CA GLU D 41 -19.60 -14.87 56.23
C GLU D 41 -19.43 -14.89 57.74
N GLU D 42 -18.40 -14.23 58.27
CA GLU D 42 -18.25 -14.03 59.70
C GLU D 42 -18.57 -12.59 60.10
N LEU D 43 -19.37 -11.89 59.30
CA LEU D 43 -19.73 -10.50 59.55
C LEU D 43 -21.23 -10.33 59.43
N VAL D 44 -21.71 -9.21 59.95
CA VAL D 44 -23.08 -8.76 59.74
C VAL D 44 -22.99 -7.66 58.68
N THR D 45 -23.39 -7.99 57.45
CA THR D 45 -23.19 -7.11 56.31
C THR D 45 -24.49 -6.66 55.64
N GLU D 46 -25.59 -7.36 55.86
CA GLU D 46 -26.85 -7.03 55.21
C GLU D 46 -27.64 -5.96 55.94
N VAL D 47 -27.21 -5.54 57.14
CA VAL D 47 -27.95 -4.56 57.91
C VAL D 47 -27.86 -3.19 57.25
N GLY D 48 -29.01 -2.55 57.05
CA GLY D 48 -29.07 -1.22 56.52
C GLY D 48 -29.20 -1.12 55.01
N THR D 49 -28.83 -2.17 54.29
CA THR D 49 -28.93 -2.18 52.83
C THR D 49 -29.91 -3.22 52.32
N HIS D 50 -29.72 -4.49 52.70
CA HIS D 50 -30.60 -5.57 52.27
C HIS D 50 -31.68 -5.90 53.29
N LYS D 51 -31.33 -5.94 54.56
CA LYS D 51 -32.28 -6.13 55.65
C LYS D 51 -32.32 -4.83 56.46
N GLY D 52 -33.38 -4.07 56.28
CA GLY D 52 -33.45 -2.73 56.83
C GLY D 52 -32.89 -1.70 55.87
N HIS D 53 -33.43 -0.49 55.95
CA HIS D 53 -33.08 0.59 55.02
C HIS D 53 -32.76 1.84 55.81
N ASN D 54 -31.48 2.00 56.17
CA ASN D 54 -31.04 3.25 56.79
C ASN D 54 -31.04 4.36 55.75
N TYR D 55 -31.62 5.50 56.10
CA TYR D 55 -31.79 6.60 55.17
C TYR D 55 -30.57 7.51 55.21
N TRP D 56 -29.94 7.70 54.06
CA TRP D 56 -28.84 8.64 53.90
C TRP D 56 -29.24 9.65 52.85
N PRO D 57 -29.22 10.96 53.13
CA PRO D 57 -29.67 11.92 52.11
C PRO D 57 -28.87 11.85 50.82
N GLN D 58 -27.63 11.39 50.89
CA GLN D 58 -26.77 11.39 49.70
C GLN D 58 -27.30 10.43 48.64
N PHE D 59 -27.72 9.24 49.04
CA PHE D 59 -28.07 8.18 48.11
C PHE D 59 -29.55 8.16 47.75
N SER D 60 -30.35 9.07 48.29
CA SER D 60 -31.75 9.15 47.91
C SER D 60 -31.89 9.73 46.50
N PHE D 61 -33.04 9.45 45.88
CA PHE D 61 -33.29 9.98 44.55
C PHE D 61 -33.26 11.50 44.57
N LEU D 62 -32.42 12.09 43.72
CA LEU D 62 -32.21 13.53 43.70
C LEU D 62 -31.77 14.05 45.07
N GLY D 63 -31.04 13.22 45.82
CA GLY D 63 -30.57 13.60 47.13
C GLY D 63 -29.20 14.26 47.08
N THR D 64 -28.78 14.77 48.23
CA THR D 64 -27.48 15.42 48.35
C THR D 64 -27.05 15.39 49.81
N TYR D 65 -25.75 15.59 50.02
CA TYR D 65 -25.23 15.64 51.37
C TYR D 65 -25.90 16.76 52.16
N ASP D 66 -26.21 16.48 53.41
CA ASP D 66 -26.68 17.51 54.34
C ASP D 66 -25.45 18.25 54.86
N SER D 67 -25.34 19.54 54.50
CA SER D 67 -24.14 20.29 54.85
C SER D 67 -23.91 20.29 56.35
N GLY D 68 -24.97 20.48 57.13
CA GLY D 68 -24.82 20.43 58.58
C GLY D 68 -24.30 19.09 59.07
N SER D 69 -24.79 18.00 58.46
CA SER D 69 -24.37 16.67 58.88
C SER D 69 -22.87 16.48 58.66
N VAL D 70 -22.37 16.84 57.49
CA VAL D 70 -20.94 16.67 57.21
C VAL D 70 -20.12 17.63 58.07
N ARG D 71 -20.64 18.84 58.33
CA ARG D 71 -19.94 19.77 59.21
C ARG D 71 -19.78 19.16 60.60
N ARG D 72 -20.86 18.66 61.17
CA ARG D 72 -20.79 18.04 62.49
C ARG D 72 -19.93 16.78 62.46
N GLY D 73 -19.95 16.05 61.35
CA GLY D 73 -19.11 14.87 61.23
C GLY D 73 -17.63 15.22 61.29
N PHE D 74 -17.23 16.28 60.59
CA PHE D 74 -15.84 16.72 60.68
C PHE D 74 -15.53 17.22 62.09
N GLN D 75 -16.48 17.91 62.73
CA GLN D 75 -16.24 18.36 64.10
C GLN D 75 -15.95 17.18 65.02
N VAL D 76 -16.75 16.13 64.94
CA VAL D 76 -16.55 14.97 65.79
C VAL D 76 -15.28 14.22 65.41
N PHE D 77 -14.98 14.14 64.11
CA PHE D 77 -13.76 13.48 63.67
C PHE D 77 -12.53 14.21 64.21
N ALA D 78 -12.54 15.53 64.19
CA ALA D 78 -11.41 16.31 64.68
C ALA D 78 -11.28 16.20 66.19
N ARG D 79 -12.40 16.36 66.90
CA ARG D 79 -12.34 16.33 68.36
C ARG D 79 -12.16 14.91 68.90
N ASN D 80 -12.49 13.89 68.11
CA ASN D 80 -12.23 12.51 68.48
C ASN D 80 -12.19 11.67 67.22
N CYS D 81 -11.48 10.55 67.31
CA CYS D 81 -11.28 9.59 66.23
C CYS D 81 -10.27 10.10 65.21
N GLY D 82 -9.83 11.35 65.30
CA GLY D 82 -8.67 11.82 64.58
C GLY D 82 -7.38 11.59 65.31
N ASN D 83 -7.46 11.10 66.54
CA ASN D 83 -6.28 10.78 67.34
C ASN D 83 -5.76 9.38 67.09
N CYS D 84 -6.47 8.57 66.30
CA CYS D 84 -6.01 7.23 65.97
C CYS D 84 -6.04 6.99 64.47
N HIS D 85 -6.97 7.62 63.78
CA HIS D 85 -7.20 7.38 62.35
C HIS D 85 -6.75 8.58 61.53
N GLY D 86 -6.86 8.44 60.22
CA GLY D 86 -6.52 9.52 59.31
C GLY D 86 -6.93 9.16 57.90
N MET D 87 -6.82 10.16 57.02
CA MET D 87 -7.08 10.00 55.59
C MET D 87 -5.84 10.51 54.86
N ILE D 88 -4.85 9.63 54.68
CA ILE D 88 -3.61 10.05 54.05
C ILE D 88 -3.86 10.50 52.62
N TYR D 89 -4.81 9.86 51.93
CA TYR D 89 -5.09 10.23 50.55
C TYR D 89 -5.86 11.53 50.43
N LYS D 90 -6.54 11.96 51.48
CA LYS D 90 -7.43 13.11 51.45
C LYS D 90 -6.78 14.29 52.17
N LYS D 91 -7.36 15.47 51.95
CA LYS D 91 -6.92 16.68 52.61
C LYS D 91 -8.15 17.52 53.01
N TYR D 92 -7.94 18.41 53.97
CA TYR D 92 -9.07 19.12 54.57
C TYR D 92 -9.80 19.99 53.56
N ASP D 93 -9.08 20.57 52.60
CA ASP D 93 -9.68 21.55 51.71
C ASP D 93 -10.84 20.99 50.89
N TYR D 94 -11.13 19.69 50.99
CA TYR D 94 -12.31 19.15 50.34
C TYR D 94 -13.60 19.73 50.93
N LEU D 95 -13.52 20.34 52.11
CA LEU D 95 -14.70 20.83 52.83
C LEU D 95 -14.94 22.31 52.62
N LEU D 96 -14.60 22.84 51.45
CA LEU D 96 -14.58 24.29 51.25
C LEU D 96 -15.88 24.87 50.71
N ASP D 97 -16.84 24.04 50.32
CA ASP D 97 -18.07 24.60 49.77
C ASP D 97 -19.32 24.08 50.46
N LYS D 98 -19.35 22.82 50.88
CA LYS D 98 -20.54 22.22 51.46
C LYS D 98 -20.45 21.97 52.96
N ALA D 99 -19.28 22.12 53.56
CA ALA D 99 -19.13 21.83 54.98
C ALA D 99 -18.48 22.98 55.73
N TYR D 100 -17.61 23.74 55.07
CA TYR D 100 -16.89 24.81 55.73
C TYR D 100 -16.51 25.88 54.73
N ARG D 101 -16.16 27.05 55.25
CA ARG D 101 -15.56 28.12 54.48
C ARG D 101 -14.06 28.16 54.76
N GLN D 102 -13.33 28.83 53.86
CA GLN D 102 -11.88 28.78 53.92
C GLN D 102 -11.35 29.24 55.27
N LEU D 103 -11.82 30.40 55.74
CA LEU D 103 -11.32 30.93 57.01
C LEU D 103 -11.72 30.04 58.17
N GLU D 104 -12.99 29.60 58.22
CA GLU D 104 -13.43 28.74 59.30
C GLU D 104 -12.65 27.44 59.32
N LEU D 105 -12.47 26.83 58.16
CA LEU D 105 -11.74 25.57 58.09
C LEU D 105 -10.29 25.76 58.50
N ALA D 106 -9.67 26.86 58.07
CA ALA D 106 -8.29 27.13 58.47
C ALA D 106 -8.17 27.28 59.97
N GLN D 107 -9.09 28.03 60.58
CA GLN D 107 -9.05 28.21 62.03
C GLN D 107 -9.24 26.88 62.74
N MET D 108 -10.18 26.06 62.28
CA MET D 108 -10.43 24.78 62.93
C MET D 108 -9.23 23.86 62.82
N VAL D 109 -8.61 23.81 61.64
CA VAL D 109 -7.50 22.88 61.41
C VAL D 109 -6.19 23.39 62.00
N SER D 110 -6.10 24.68 62.33
CA SER D 110 -4.89 25.21 62.96
C SER D 110 -4.75 24.78 64.41
N ASP D 111 -5.59 23.88 64.91
CA ASP D 111 -5.48 23.36 66.26
C ASP D 111 -4.64 22.09 66.34
N PHE D 112 -4.08 21.65 65.21
CA PHE D 112 -3.31 20.41 65.15
C PHE D 112 -1.95 20.69 64.55
N THR D 113 -0.99 19.81 64.83
CA THR D 113 0.39 19.99 64.42
C THR D 113 0.85 18.80 63.59
N ILE D 114 1.71 19.08 62.60
CA ILE D 114 2.31 18.06 61.75
C ILE D 114 3.82 18.24 61.78
N HIS D 115 4.51 17.21 62.22
CA HIS D 115 5.96 17.15 62.08
C HIS D 115 6.31 16.76 60.65
N PRO D 116 7.51 17.13 60.16
CA PRO D 116 7.90 16.67 58.83
C PRO D 116 7.94 15.16 58.69
N ALA D 117 8.11 14.43 59.80
CA ALA D 117 8.06 12.97 59.74
C ALA D 117 6.69 12.47 59.28
N HIS D 118 5.64 13.27 59.42
CA HIS D 118 4.32 12.86 58.95
C HIS D 118 4.29 12.74 57.43
N GLN D 119 4.99 13.64 56.74
CA GLN D 119 4.86 13.76 55.30
C GLN D 119 5.17 12.43 54.61
N HIS D 120 4.34 12.08 53.63
CA HIS D 120 4.58 10.88 52.84
C HIS D 120 5.68 11.09 51.80
N PHE D 121 5.80 12.31 51.29
CA PHE D 121 6.81 12.63 50.26
C PHE D 121 7.11 14.12 50.37
N LYS D 122 8.23 14.46 51.03
CA LYS D 122 8.55 15.86 51.26
C LYS D 122 8.86 16.59 49.95
N GLN D 123 9.75 16.02 49.12
CA GLN D 123 10.02 16.51 47.77
C GLN D 123 10.64 17.91 47.77
N TYR D 124 11.24 18.33 48.87
CA TYR D 124 11.87 19.63 49.08
C TYR D 124 10.86 20.74 49.30
N TYR D 125 9.55 20.49 49.16
CA TYR D 125 8.59 21.56 49.38
C TYR D 125 8.41 21.85 50.87
N TYR D 126 8.36 20.80 51.69
CA TYR D 126 8.17 20.95 53.13
C TYR D 126 9.53 21.14 53.77
N GLN D 127 9.88 22.40 54.05
CA GLN D 127 11.17 22.75 54.61
C GLN D 127 11.16 22.85 56.12
N GLU D 128 10.03 22.61 56.76
CA GLU D 128 9.98 22.69 58.21
C GLU D 128 10.85 21.62 58.84
N TRP D 129 11.41 21.95 60.02
CA TRP D 129 12.18 21.00 60.81
C TRP D 129 11.60 20.84 62.21
N ASP D 130 10.35 21.25 62.41
CA ASP D 130 9.70 21.14 63.71
C ASP D 130 8.20 21.18 63.50
N GLU D 131 7.46 20.91 64.58
CA GLU D 131 6.01 20.88 64.50
C GLU D 131 5.46 22.26 64.13
N ARG D 132 4.39 22.26 63.33
CA ARG D 132 3.76 23.49 62.89
C ARG D 132 2.27 23.24 62.74
N ASP D 133 1.48 24.31 62.84
CA ASP D 133 0.04 24.21 62.75
C ASP D 133 -0.38 23.78 61.35
N ARG D 134 -1.34 22.85 61.29
CA ARG D 134 -1.81 22.34 60.01
C ARG D 134 -2.54 23.41 59.22
N VAL D 135 -2.52 23.26 57.90
CA VAL D 135 -3.27 24.11 56.99
C VAL D 135 -4.28 23.25 56.26
N ILE D 136 -5.23 23.91 55.59
CA ILE D 136 -6.29 23.17 54.91
C ILE D 136 -5.75 22.33 53.77
N CYS D 137 -4.58 22.67 53.23
CA CYS D 137 -3.99 21.89 52.15
C CYS D 137 -3.32 20.62 52.63
N ASP D 138 -3.02 20.51 53.93
CA ASP D 138 -2.34 19.33 54.44
C ASP D 138 -3.23 18.11 54.35
N HIS D 139 -2.62 16.96 54.05
CA HIS D 139 -3.33 15.70 54.11
C HIS D 139 -3.69 15.37 55.56
N ILE D 140 -4.74 14.59 55.73
CA ILE D 140 -5.24 14.28 57.07
C ILE D 140 -4.42 13.14 57.66
N TYR D 141 -3.31 13.47 58.31
CA TYR D 141 -2.48 12.44 58.91
C TYR D 141 -2.93 12.16 60.35
N PRO D 142 -2.72 10.95 60.84
CA PRO D 142 -2.95 10.68 62.26
C PRO D 142 -1.87 11.32 63.10
N PRO D 143 -2.05 11.37 64.43
CA PRO D 143 -1.00 11.93 65.28
C PRO D 143 0.31 11.17 65.22
N TYR D 144 0.29 9.92 64.75
CA TYR D 144 1.48 9.10 64.67
C TYR D 144 2.21 9.34 63.36
N PHE D 145 3.53 9.16 63.38
CA PHE D 145 4.33 9.37 62.18
C PHE D 145 4.07 8.29 61.14
N SER D 146 3.96 7.04 61.56
CA SER D 146 3.88 5.91 60.64
C SER D 146 2.82 4.93 61.12
N GLN D 147 2.59 3.89 60.33
CA GLN D 147 1.61 2.88 60.70
C GLN D 147 2.10 2.03 61.87
N ASP D 148 3.40 1.77 61.94
CA ASP D 148 3.94 0.96 63.02
C ASP D 148 3.81 1.67 64.35
N GLN D 149 3.99 2.99 64.38
CA GLN D 149 3.83 3.73 65.63
C GLN D 149 2.40 3.62 66.14
N ALA D 150 1.42 3.80 65.24
CA ALA D 150 0.02 3.67 65.64
C ALA D 150 -0.28 2.24 66.11
N LYS D 151 0.25 1.25 65.38
CA LYS D 151 0.02 -0.13 65.77
C LYS D 151 0.59 -0.42 67.15
N ASN D 152 1.78 0.11 67.44
CA ASN D 152 2.38 -0.07 68.75
C ASN D 152 1.56 0.63 69.83
N ALA D 153 1.07 1.82 69.54
CA ALA D 153 0.35 2.59 70.56
C ALA D 153 -1.02 1.99 70.88
N ASN D 154 -1.63 1.28 69.94
CA ASN D 154 -2.99 0.76 70.09
C ASN D 154 -2.99 -0.74 70.34
N GLY D 155 -2.04 -1.26 71.11
CA GLY D 155 -2.05 -2.65 71.47
C GLY D 155 -1.68 -3.60 70.35
N GLY D 156 -0.92 -3.13 69.37
CA GLY D 156 -0.48 -3.98 68.29
C GLY D 156 -1.43 -4.12 67.13
N VAL D 157 -2.49 -3.32 67.08
CA VAL D 157 -3.47 -3.35 66.00
C VAL D 157 -3.58 -1.94 65.44
N TRP D 158 -3.54 -1.83 64.11
CA TRP D 158 -3.43 -0.53 63.45
C TRP D 158 -4.80 0.05 63.19
N PRO D 159 -5.11 1.26 63.68
CA PRO D 159 -6.37 1.91 63.27
C PRO D 159 -6.40 2.16 61.77
N THR D 160 -7.33 1.52 61.09
CA THR D 160 -7.36 1.53 59.65
C THR D 160 -7.50 2.95 59.11
N ASP D 161 -6.87 3.20 57.97
CA ASP D 161 -6.98 4.51 57.31
C ASP D 161 -8.34 4.64 56.66
N PHE D 162 -9.03 5.74 56.94
CA PHE D 162 -10.40 5.92 56.47
C PHE D 162 -10.50 6.35 55.02
N SER D 163 -9.39 6.71 54.38
CA SER D 163 -9.43 6.97 52.95
C SER D 163 -9.65 5.67 52.20
N LYS D 164 -10.62 5.67 51.29
CA LYS D 164 -11.00 4.48 50.53
C LYS D 164 -11.74 3.45 51.38
N ILE D 165 -12.23 3.85 52.57
CA ILE D 165 -12.96 2.94 53.43
C ILE D 165 -14.36 2.65 52.91
N LYS D 166 -14.75 3.27 51.80
CA LYS D 166 -16.05 2.97 51.20
C LYS D 166 -16.20 1.49 50.91
N LEU D 167 -15.09 0.80 50.64
CA LEU D 167 -15.12 -0.60 50.24
C LEU D 167 -15.17 -1.50 51.48
N ARG D 168 -16.31 -1.45 52.16
CA ARG D 168 -16.57 -2.25 53.34
C ARG D 168 -18.01 -2.75 53.27
N PRO D 169 -18.30 -3.87 53.94
CA PRO D 169 -19.66 -4.42 53.89
C PRO D 169 -20.69 -3.42 54.40
N GLY D 170 -21.64 -3.08 53.54
CA GLY D 170 -22.66 -2.10 53.84
C GLY D 170 -22.36 -0.71 53.32
N GLY D 171 -21.13 -0.46 52.87
CA GLY D 171 -20.76 0.85 52.37
C GLY D 171 -20.77 1.93 53.44
N ILE D 172 -21.53 3.00 53.21
CA ILE D 172 -21.57 4.10 54.16
C ILE D 172 -22.02 3.62 55.53
N ASN D 173 -22.87 2.60 55.57
CA ASN D 173 -23.38 2.11 56.85
C ASN D 173 -22.28 1.47 57.70
N TYR D 174 -21.19 1.03 57.08
CA TYR D 174 -20.18 0.27 57.82
C TYR D 174 -19.63 1.09 58.98
N ILE D 175 -19.35 2.37 58.75
CA ILE D 175 -18.89 3.22 59.85
C ILE D 175 -19.98 3.35 60.91
N TYR D 176 -21.22 3.55 60.49
CA TYR D 176 -22.31 3.75 61.44
C TYR D 176 -22.54 2.51 62.30
N ASN D 177 -22.53 1.33 61.69
CA ASN D 177 -22.84 0.11 62.43
C ASN D 177 -21.77 -0.20 63.47
N ILE D 178 -20.51 -0.20 63.06
CA ILE D 178 -19.44 -0.59 63.98
C ILE D 178 -19.38 0.36 65.17
N SER D 179 -19.52 1.66 64.92
CA SER D 179 -19.49 2.63 66.00
C SER D 179 -20.61 2.37 67.02
N THR D 180 -21.67 1.67 66.62
CA THR D 180 -22.83 1.48 67.47
C THR D 180 -23.04 0.05 67.95
N GLY D 181 -22.49 -0.94 67.25
CA GLY D 181 -22.78 -2.33 67.56
C GLY D 181 -21.92 -2.92 68.65
N TYR D 182 -21.86 -2.26 69.81
CA TYR D 182 -21.11 -2.76 70.96
C TYR D 182 -22.02 -3.31 72.05
N HIS D 183 -23.28 -3.59 71.72
CA HIS D 183 -24.27 -3.95 72.73
C HIS D 183 -24.40 -5.45 72.94
N PHE D 184 -24.22 -6.24 71.90
CA PHE D 184 -24.42 -7.69 72.01
C PHE D 184 -23.24 -8.35 72.73
N THR D 185 -23.53 -9.49 73.36
CA THR D 185 -22.52 -10.28 74.04
C THR D 185 -22.11 -11.47 73.19
N PRO D 186 -20.87 -11.94 73.32
CA PRO D 186 -20.43 -13.06 72.50
C PRO D 186 -21.22 -14.32 72.82
N PRO D 187 -21.42 -15.21 71.86
CA PRO D 187 -22.12 -16.47 72.12
C PRO D 187 -21.19 -17.45 72.84
N PHE D 188 -21.70 -18.66 73.04
CA PHE D 188 -20.87 -19.70 73.62
C PHE D 188 -19.87 -20.21 72.59
N GLY D 189 -18.66 -20.52 73.05
CA GLY D 189 -17.62 -21.02 72.19
C GLY D 189 -16.73 -19.94 71.59
N MET D 190 -17.06 -18.67 71.78
CA MET D 190 -16.25 -17.56 71.31
C MET D 190 -15.62 -16.85 72.49
N ASP D 191 -14.30 -16.69 72.45
CA ASP D 191 -13.53 -16.07 73.52
C ASP D 191 -12.96 -14.76 73.01
N VAL D 192 -13.17 -13.69 73.79
CA VAL D 192 -12.66 -12.36 73.45
C VAL D 192 -11.40 -12.13 74.28
N PRO D 193 -10.22 -12.09 73.68
CA PRO D 193 -8.99 -11.89 74.46
C PRO D 193 -9.00 -10.54 75.17
N LYS D 194 -8.27 -10.46 76.27
CA LYS D 194 -8.14 -9.21 76.99
C LYS D 194 -7.62 -8.11 76.07
N GLY D 195 -8.25 -6.94 76.13
CA GLY D 195 -7.94 -5.86 75.23
C GLY D 195 -8.72 -5.88 73.94
N LYS D 196 -9.47 -6.94 73.69
CA LYS D 196 -10.35 -7.05 72.52
C LYS D 196 -11.80 -6.92 72.96
N TYR D 197 -12.64 -6.50 72.02
CA TYR D 197 -14.05 -6.26 72.29
C TYR D 197 -14.90 -6.91 71.21
N PHE D 198 -16.07 -7.38 71.61
CA PHE D 198 -16.98 -8.06 70.69
C PHE D 198 -17.81 -7.04 69.93
N ASN D 199 -17.84 -7.17 68.61
CA ASN D 199 -18.61 -6.29 67.75
C ASN D 199 -19.01 -7.07 66.50
N PRO D 200 -20.27 -7.48 66.36
CA PRO D 200 -20.62 -8.40 65.28
C PRO D 200 -20.39 -7.86 63.88
N TYR D 201 -20.27 -6.54 63.72
CA TYR D 201 -20.10 -5.96 62.40
C TYR D 201 -18.67 -6.04 61.88
N PHE D 202 -17.70 -6.37 62.72
CA PHE D 202 -16.31 -6.46 62.30
C PHE D 202 -15.97 -7.88 61.89
N ASP D 203 -14.86 -8.03 61.17
CA ASP D 203 -14.42 -9.35 60.74
C ASP D 203 -14.24 -10.25 61.95
N HIS D 204 -14.87 -11.42 61.91
CA HIS D 204 -14.82 -12.42 62.97
C HIS D 204 -15.36 -11.89 64.30
N MET D 205 -16.01 -10.74 64.29
CA MET D 205 -16.74 -10.21 65.45
C MET D 205 -15.83 -9.91 66.63
N ILE D 206 -14.52 -9.73 66.40
CA ILE D 206 -13.59 -9.29 67.43
C ILE D 206 -12.85 -8.08 66.88
N ILE D 207 -12.91 -6.96 67.60
CA ILE D 207 -12.34 -5.69 67.18
C ILE D 207 -11.49 -5.13 68.31
N GLY D 208 -10.36 -4.54 67.97
CA GLY D 208 -9.45 -3.97 68.93
C GLY D 208 -9.75 -2.54 69.33
N MET D 209 -10.87 -1.97 68.87
CA MET D 209 -11.22 -0.59 69.17
C MET D 209 -12.17 -0.56 70.36
N PRO D 210 -11.80 0.05 71.49
CA PRO D 210 -12.79 0.28 72.54
C PRO D 210 -13.86 1.26 72.06
N ARG D 211 -15.08 1.09 72.57
CA ARG D 211 -16.16 1.97 72.18
C ARG D 211 -15.79 3.42 72.47
N GLN D 212 -15.96 4.27 71.45
CA GLN D 212 -15.52 5.65 71.53
C GLN D 212 -16.67 6.65 71.67
N LEU D 213 -17.82 6.38 71.07
CA LEU D 213 -18.93 7.32 71.10
C LEU D 213 -19.70 7.17 72.40
N VAL D 214 -19.83 8.27 73.14
CA VAL D 214 -20.60 8.32 74.38
C VAL D 214 -21.43 9.59 74.35
N ASP D 215 -22.65 9.50 74.88
CA ASP D 215 -23.55 10.66 74.85
C ASP D 215 -22.89 11.87 75.49
N GLY D 216 -22.95 12.99 74.79
CA GLY D 216 -22.33 14.21 75.28
C GLY D 216 -20.84 14.30 75.05
N LEU D 217 -20.26 13.38 74.28
CA LEU D 217 -18.81 13.42 74.09
C LEU D 217 -18.37 14.68 73.35
N VAL D 218 -19.12 15.10 72.35
CA VAL D 218 -18.77 16.23 71.50
C VAL D 218 -19.87 17.28 71.59
N ASP D 219 -19.48 18.53 71.83
CA ASP D 219 -20.42 19.65 71.87
C ASP D 219 -20.44 20.30 70.49
N TYR D 220 -21.52 20.06 69.74
CA TYR D 220 -21.62 20.60 68.40
C TYR D 220 -21.73 22.11 68.44
N ASP D 221 -21.24 22.75 67.37
CA ASP D 221 -21.26 24.21 67.30
C ASP D 221 -22.67 24.75 67.06
N ASP D 222 -23.54 23.96 66.46
CA ASP D 222 -24.91 24.37 66.20
C ASP D 222 -25.86 24.00 67.33
N GLY D 223 -25.37 23.37 68.39
CA GLY D 223 -26.21 23.03 69.52
C GLY D 223 -27.00 21.74 69.35
N THR D 224 -26.76 20.99 68.28
CA THR D 224 -27.49 19.75 68.09
C THR D 224 -27.21 18.80 69.25
N PRO D 225 -28.22 18.11 69.77
CA PRO D 225 -27.97 17.16 70.85
C PRO D 225 -26.93 16.13 70.44
N ALA D 226 -26.00 15.84 71.36
CA ALA D 226 -24.88 14.94 71.08
C ALA D 226 -25.17 13.59 71.72
N SER D 227 -25.94 12.78 71.01
CA SER D 227 -26.17 11.39 71.38
C SER D 227 -25.36 10.49 70.45
N THR D 228 -24.92 9.35 70.97
CA THR D 228 -24.02 8.51 70.19
C THR D 228 -24.59 8.15 68.82
N PRO D 229 -25.90 7.88 68.63
CA PRO D 229 -26.37 7.66 67.27
C PRO D 229 -26.18 8.87 66.37
N GLN D 230 -26.39 10.07 66.90
CA GLN D 230 -26.20 11.28 66.10
C GLN D 230 -24.74 11.46 65.71
N MET D 231 -23.83 11.23 66.65
CA MET D 231 -22.41 11.35 66.34
C MET D 231 -21.99 10.32 65.31
N ALA D 232 -22.49 9.08 65.45
CA ALA D 232 -22.17 8.06 64.46
C ALA D 232 -22.70 8.44 63.09
N TYR D 233 -23.92 8.99 63.04
CA TYR D 233 -24.51 9.40 61.76
C TYR D 233 -23.68 10.49 61.11
N ASP D 234 -23.27 11.50 61.89
CA ASP D 234 -22.47 12.58 61.34
C ASP D 234 -21.10 12.08 60.88
N VAL D 235 -20.48 11.20 61.66
CA VAL D 235 -19.19 10.64 61.26
C VAL D 235 -19.34 9.88 59.95
N SER D 236 -20.38 9.06 59.84
CA SER D 236 -20.58 8.31 58.60
C SER D 236 -20.77 9.24 57.42
N ASN D 237 -21.56 10.29 57.60
CA ASN D 237 -21.77 11.24 56.51
C ASN D 237 -20.47 11.89 56.08
N PHE D 238 -19.65 12.30 57.04
CA PHE D 238 -18.38 12.95 56.70
C PHE D 238 -17.45 11.97 55.99
N ILE D 239 -17.27 10.78 56.55
CA ILE D 239 -16.38 9.79 55.96
C ILE D 239 -16.81 9.50 54.53
N ASN D 240 -18.10 9.33 54.31
CA ASN D 240 -18.59 9.10 52.95
C ASN D 240 -18.31 10.31 52.07
N PHE D 241 -18.51 11.52 52.59
CA PHE D 241 -18.24 12.72 51.82
C PHE D 241 -16.81 12.77 51.34
N MET D 242 -15.87 12.25 52.13
CA MET D 242 -14.46 12.31 51.75
C MET D 242 -14.08 11.28 50.69
N GLN D 243 -14.97 10.37 50.34
CA GLN D 243 -14.68 9.39 49.29
C GLN D 243 -14.71 10.07 47.92
N ARG D 244 -14.36 9.32 46.88
CA ARG D 244 -14.26 9.88 45.53
C ARG D 244 -15.39 9.45 44.61
N ARG D 245 -15.76 8.17 44.59
CA ARG D 245 -16.83 7.71 43.71
C ARG D 245 -18.19 7.83 44.37
N VAL D 246 -18.31 7.32 45.60
CA VAL D 246 -19.55 7.39 46.34
C VAL D 246 -19.55 8.58 47.30
N GLY D 247 -18.68 9.55 47.06
CA GLY D 247 -18.50 10.70 47.93
C GLY D 247 -19.23 11.93 47.45
N TYR D 248 -18.54 13.07 47.53
CA TYR D 248 -19.17 14.36 47.29
C TYR D 248 -19.57 14.59 45.84
N LYS D 249 -19.13 13.75 44.91
CA LYS D 249 -19.44 13.93 43.50
C LYS D 249 -20.57 13.04 43.00
N ARG D 250 -20.98 12.03 43.75
CA ARG D 250 -21.98 11.10 43.25
C ARG D 250 -23.31 11.78 42.95
N PRO D 251 -23.86 12.65 43.81
CA PRO D 251 -25.19 13.22 43.50
C PRO D 251 -25.23 13.98 42.19
N ASP D 252 -24.24 14.84 41.93
CA ASP D 252 -24.24 15.60 40.69
C ASP D 252 -24.10 14.69 39.48
N LYS D 253 -23.28 13.65 39.59
CA LYS D 253 -23.13 12.71 38.49
C LYS D 253 -24.42 11.93 38.26
N MET D 254 -25.17 11.61 39.32
CA MET D 254 -26.46 10.97 39.14
C MET D 254 -27.45 11.89 38.43
N VAL D 255 -27.44 13.18 38.78
CA VAL D 255 -28.29 14.13 38.07
C VAL D 255 -27.89 14.21 36.60
N ARG D 256 -26.58 14.17 36.34
CA ARG D 256 -26.10 14.17 34.96
C ARG D 256 -26.57 12.92 34.22
N TYR D 257 -26.55 11.77 34.89
CA TYR D 257 -27.08 10.55 34.29
C TYR D 257 -28.55 10.70 33.95
N TYR D 258 -29.33 11.29 34.86
CA TYR D 258 -30.75 11.49 34.59
C TYR D 258 -30.95 12.38 33.37
N MET D 259 -30.17 13.47 33.28
CA MET D 259 -30.29 14.37 32.14
C MET D 259 -29.93 13.67 30.83
N VAL D 260 -28.85 12.87 30.84
CA VAL D 260 -28.44 12.16 29.63
C VAL D 260 -29.50 11.14 29.22
N PHE D 261 -30.09 10.45 30.21
CA PHE D 261 -31.13 9.48 29.90
C PHE D 261 -32.36 10.16 29.30
N THR D 262 -32.73 11.33 29.84
CA THR D 262 -33.83 12.09 29.26
C THR D 262 -33.51 12.48 27.82
N GLY D 263 -32.28 12.92 27.58
CA GLY D 263 -31.89 13.27 26.22
C GLY D 263 -31.98 12.10 25.27
N GLY D 264 -31.56 10.91 25.72
CA GLY D 264 -31.67 9.73 24.88
C GLY D 264 -33.11 9.36 24.60
N LEU D 265 -33.97 9.42 25.61
CA LEU D 265 -35.39 9.16 25.38
C LEU D 265 -35.97 10.13 24.37
N LEU D 266 -35.57 11.40 24.45
CA LEU D 266 -36.08 12.40 23.52
C LEU D 266 -35.53 12.20 22.11
N ILE D 267 -34.30 11.69 21.99
CA ILE D 267 -33.69 11.54 20.67
C ILE D 267 -34.09 10.23 19.98
N LEU D 268 -34.61 9.26 20.71
CA LEU D 268 -35.00 7.99 20.09
C LEU D 268 -35.93 8.17 18.89
N PRO D 269 -37.01 8.95 18.96
CA PRO D 269 -37.88 9.09 17.77
C PRO D 269 -37.16 9.63 16.54
N PHE D 270 -36.27 10.59 16.72
CA PHE D 270 -35.54 11.14 15.58
C PHE D 270 -34.58 10.12 15.00
N LYS D 271 -33.96 9.31 15.86
CA LYS D 271 -33.17 8.18 15.37
C LYS D 271 -34.04 7.26 14.52
N TYR D 272 -35.24 6.95 15.00
CA TYR D 272 -36.13 6.07 14.25
C TYR D 272 -36.43 6.65 12.88
N PHE D 273 -36.82 7.93 12.84
CA PHE D 273 -37.10 8.59 11.57
C PHE D 273 -35.89 8.52 10.64
N LYS D 274 -34.70 8.80 11.17
CA LYS D 274 -33.51 8.83 10.34
C LYS D 274 -33.20 7.46 9.77
N THR D 275 -33.35 6.40 10.57
CA THR D 275 -32.83 5.09 10.19
C THR D 275 -33.90 4.16 9.65
N LYS D 276 -34.91 3.83 10.45
CA LYS D 276 -35.78 2.71 10.09
C LYS D 276 -36.83 3.13 9.06
N ALA D 277 -37.49 4.27 9.28
CA ALA D 277 -38.42 4.77 8.28
C ALA D 277 -37.71 5.07 6.98
N TYR D 278 -36.49 5.60 7.05
CA TYR D 278 -35.73 5.88 5.84
C TYR D 278 -35.40 4.60 5.08
N TYR D 279 -34.98 3.55 5.79
CA TYR D 279 -34.72 2.29 5.12
C TYR D 279 -35.98 1.72 4.49
N ARG D 280 -37.10 1.82 5.20
CA ARG D 280 -38.37 1.34 4.64
C ARG D 280 -38.74 2.12 3.38
N ASN D 281 -38.46 3.42 3.38
CA ASN D 281 -38.71 4.23 2.18
C ASN D 281 -37.81 3.81 1.04
N LEU D 282 -36.54 3.52 1.32
CA LEU D 282 -35.61 3.12 0.27
C LEU D 282 -35.98 1.77 -0.34
N LEU D 283 -36.70 0.93 0.39
CA LEU D 283 -37.10 -0.39 -0.10
C LEU D 283 -38.42 -0.37 -0.84
N SER D 284 -39.03 0.80 -1.02
CA SER D 284 -40.25 0.93 -1.81
C SER D 284 -39.89 0.98 -3.29
N LEU D 285 -39.45 -0.17 -3.79
CA LEU D 285 -38.96 -0.32 -5.15
C LEU D 285 -39.92 -1.19 -5.95
N ARG D 286 -40.10 -0.84 -7.23
CA ARG D 286 -40.92 -1.63 -8.15
C ARG D 286 -39.99 -2.34 -9.11
N TRP D 287 -40.09 -3.67 -9.16
CA TRP D 287 -39.26 -4.51 -10.00
C TRP D 287 -40.07 -5.07 -11.15
N GLU D 288 -39.41 -5.22 -12.30
CA GLU D 288 -40.03 -5.76 -13.50
C GLU D 288 -39.03 -6.62 -14.24
N MET D 289 -39.46 -7.80 -14.68
CA MET D 289 -38.63 -8.72 -15.44
C MET D 289 -39.33 -9.08 -16.73
N TYR D 290 -38.61 -8.98 -17.85
CA TYR D 290 -39.16 -9.22 -19.17
C TYR D 290 -38.45 -10.42 -19.80
N ALA D 291 -38.90 -10.78 -21.00
CA ALA D 291 -38.40 -11.94 -21.73
C ALA D 291 -37.58 -11.44 -22.92
N VAL D 292 -36.27 -11.43 -22.77
CA VAL D 292 -35.36 -11.03 -23.84
C VAL D 292 -34.99 -12.30 -24.61
N ARG D 293 -35.48 -12.40 -25.85
CA ARG D 293 -35.21 -13.54 -26.70
C ARG D 293 -34.55 -13.11 -28.01
N ASP D 294 -33.76 -12.04 -27.97
CA ASP D 294 -32.97 -11.66 -29.13
C ASP D 294 -31.80 -12.62 -29.31
N GLY D 295 -31.14 -12.52 -30.46
CA GLY D 295 -30.06 -13.45 -30.77
C GLY D 295 -28.90 -13.40 -29.82
N VAL D 296 -28.75 -12.29 -29.08
CA VAL D 296 -27.57 -12.11 -28.24
C VAL D 296 -27.48 -13.24 -27.22
N TYR D 297 -26.29 -13.81 -27.08
CA TYR D 297 -26.02 -14.85 -26.11
C TYR D 297 -25.44 -14.24 -24.83
N TYR D 298 -25.72 -14.89 -23.70
CA TYR D 298 -25.29 -14.39 -22.40
C TYR D 298 -23.84 -14.76 -22.12
N ASN D 299 -22.95 -14.31 -23.02
CA ASN D 299 -21.55 -14.64 -22.91
C ASN D 299 -20.87 -13.90 -21.76
N HIS D 300 -21.40 -12.73 -21.38
CA HIS D 300 -20.80 -12.01 -20.25
C HIS D 300 -20.93 -12.81 -18.97
N PHE D 301 -22.08 -13.47 -18.76
CA PHE D 301 -22.25 -14.32 -17.58
C PHE D 301 -21.29 -15.50 -17.63
N LYS D 302 -21.14 -16.13 -18.80
CA LYS D 302 -20.28 -17.30 -18.90
C LYS D 302 -18.83 -16.94 -18.69
N TYR D 303 -18.38 -15.81 -19.23
CA TYR D 303 -17.00 -15.34 -19.13
C TYR D 303 -17.01 -13.98 -18.46
N GLY D 304 -16.95 -13.98 -17.13
CA GLY D 304 -16.95 -12.72 -16.39
C GLY D 304 -16.81 -12.99 -14.92
N GLY D 305 -16.75 -11.89 -14.16
CA GLY D 305 -16.64 -11.96 -12.72
C GLY D 305 -15.24 -11.68 -12.21
N TYR D 306 -15.16 -10.95 -11.10
CA TYR D 306 -13.89 -10.64 -10.45
C TYR D 306 -14.04 -10.86 -8.96
N ASN D 307 -13.04 -11.49 -8.35
CA ASN D 307 -13.02 -11.77 -6.93
C ASN D 307 -11.84 -11.06 -6.29
N SER D 308 -12.12 -10.23 -5.29
CA SER D 308 -11.06 -9.44 -4.65
C SER D 308 -10.07 -10.34 -3.90
N ARG D 309 -10.51 -11.52 -3.47
CA ARG D 309 -9.63 -12.48 -2.80
C ARG D 309 -9.15 -13.58 -3.73
N ALA D 310 -9.18 -13.33 -5.04
CA ALA D 310 -8.75 -14.35 -5.99
C ALA D 310 -7.30 -14.75 -5.76
N TYR D 311 -6.46 -13.82 -5.28
CA TYR D 311 -5.06 -14.15 -5.05
C TYR D 311 -4.90 -15.21 -3.97
N GLN D 312 -5.86 -15.30 -3.05
CA GLN D 312 -5.82 -16.34 -2.02
C GLN D 312 -6.30 -17.69 -2.54
N PHE D 313 -7.04 -17.71 -3.66
CA PHE D 313 -7.55 -18.95 -4.23
C PHE D 313 -6.70 -19.46 -5.38
N ARG D 314 -5.85 -18.62 -5.96
CA ARG D 314 -5.06 -19.02 -7.12
C ARG D 314 -3.87 -19.86 -6.66
N GLY D 315 -3.76 -21.08 -7.19
CA GLY D 315 -2.68 -21.97 -6.83
C GLY D 315 -2.89 -22.73 -5.53
N TYR D 316 -4.01 -22.54 -4.86
CA TYR D 316 -4.28 -23.17 -3.58
C TYR D 316 -5.53 -24.04 -3.58
N PHE D 317 -6.59 -23.61 -4.25
CA PHE D 317 -7.89 -24.26 -4.17
C PHE D 317 -8.33 -24.76 -5.55
N TRP D 318 -9.13 -25.82 -5.54
CA TRP D 318 -9.85 -26.31 -6.72
C TRP D 318 -8.92 -26.38 -7.93
N ALA D 319 -7.88 -27.19 -7.79
CA ALA D 319 -6.93 -27.42 -8.87
C ALA D 319 -6.95 -28.87 -9.30
N GLY E 25 -55.64 15.45 14.22
CA GLY E 25 -54.48 15.33 15.07
C GLY E 25 -53.94 13.92 15.14
N VAL E 26 -53.19 13.62 16.21
CA VAL E 26 -52.63 12.28 16.36
C VAL E 26 -53.74 11.25 16.51
N LEU E 27 -54.78 11.57 17.29
CA LEU E 27 -55.89 10.64 17.47
C LEU E 27 -56.61 10.39 16.14
N SER E 28 -56.81 11.45 15.35
CA SER E 28 -57.48 11.28 14.07
C SER E 28 -56.66 10.38 13.14
N GLU E 29 -55.35 10.58 13.10
CA GLU E 29 -54.51 9.73 12.27
C GLU E 29 -54.53 8.29 12.74
N TYR E 30 -54.50 8.07 14.05
CA TYR E 30 -54.57 6.71 14.58
C TYR E 30 -55.90 6.05 14.20
N ASN E 31 -57.00 6.81 14.30
CA ASN E 31 -58.29 6.27 13.91
C ASN E 31 -58.32 5.92 12.41
N GLN E 32 -57.76 6.79 11.58
CA GLN E 32 -57.72 6.52 10.15
C GLN E 32 -56.91 5.26 9.86
N ARG E 33 -55.76 5.09 10.53
CA ARG E 33 -54.93 3.93 10.29
C ARG E 33 -55.46 2.67 10.95
N LEU E 34 -56.40 2.79 11.89
CA LEU E 34 -56.94 1.62 12.56
C LEU E 34 -57.71 0.74 11.58
N SER E 35 -58.51 1.35 10.70
CA SER E 35 -59.32 0.60 9.74
C SER E 35 -58.55 0.44 8.43
N LYS E 36 -57.54 -0.43 8.49
CA LYS E 36 -56.71 -0.74 7.33
C LYS E 36 -56.72 -2.26 7.13
N LYS E 37 -56.98 -2.68 5.90
CA LYS E 37 -57.03 -4.09 5.54
C LYS E 37 -55.64 -4.53 5.10
N LEU E 38 -55.02 -5.40 5.89
CA LEU E 38 -53.66 -5.86 5.61
C LEU E 38 -53.51 -7.30 6.07
N HIS E 39 -52.52 -7.98 5.50
CA HIS E 39 -52.31 -9.40 5.77
C HIS E 39 -51.34 -9.56 6.94
N LYS E 40 -51.87 -9.96 8.09
CA LYS E 40 -51.06 -10.22 9.28
C LYS E 40 -50.15 -9.03 9.61
N GLY E 41 -50.73 -7.83 9.56
CA GLY E 41 -50.03 -6.62 9.94
C GLY E 41 -49.16 -6.01 8.86
N HIS E 42 -49.16 -6.56 7.65
CA HIS E 42 -48.34 -6.05 6.55
C HIS E 42 -49.25 -5.63 5.40
N LEU E 43 -49.03 -4.42 4.89
CA LEU E 43 -49.77 -3.90 3.76
C LEU E 43 -49.13 -4.43 2.48
N VAL E 44 -49.67 -5.54 1.99
CA VAL E 44 -49.14 -6.22 0.81
C VAL E 44 -50.29 -6.49 -0.14
N GLU E 45 -49.93 -6.76 -1.40
CA GLU E 45 -50.93 -7.06 -2.42
C GLU E 45 -51.61 -8.39 -2.12
N ASP E 46 -52.93 -8.41 -2.29
CA ASP E 46 -53.71 -9.64 -2.16
C ASP E 46 -53.77 -10.43 -3.47
N LYS E 47 -53.35 -9.84 -4.57
CA LYS E 47 -53.36 -10.49 -5.87
C LYS E 47 -52.04 -10.23 -6.58
N PRO E 48 -51.61 -11.11 -7.48
CA PRO E 48 -50.43 -10.82 -8.28
C PRO E 48 -50.62 -9.53 -9.08
N THR E 49 -49.56 -8.73 -9.17
CA THR E 49 -49.58 -7.49 -9.93
C THR E 49 -48.38 -7.46 -10.85
N PHE E 50 -48.63 -7.14 -12.12
CA PHE E 50 -47.58 -7.02 -13.13
C PHE E 50 -47.61 -5.63 -13.72
N PHE E 51 -46.45 -4.98 -13.75
CA PHE E 51 -46.29 -3.65 -14.31
C PHE E 51 -45.24 -3.69 -15.40
N VAL E 52 -45.55 -3.13 -16.56
CA VAL E 52 -44.64 -3.11 -17.71
C VAL E 52 -44.44 -1.65 -18.13
N THR E 53 -43.18 -1.26 -18.30
CA THR E 53 -42.87 0.07 -18.80
C THR E 53 -43.13 0.12 -20.30
N SER E 54 -43.99 1.05 -20.72
CA SER E 54 -44.37 1.13 -22.12
C SER E 54 -43.22 1.55 -23.02
N SER E 55 -42.21 2.23 -22.47
CA SER E 55 -41.09 2.74 -23.25
C SER E 55 -39.82 1.93 -23.02
N ARG E 56 -39.95 0.65 -22.72
CA ARG E 56 -38.80 -0.20 -22.51
C ARG E 56 -38.13 -0.51 -23.85
N PRO E 57 -36.89 -0.99 -23.83
CA PRO E 57 -36.21 -1.34 -25.09
C PRO E 57 -36.98 -2.39 -25.86
N GLY E 58 -36.91 -2.29 -27.18
CA GLY E 58 -37.68 -3.17 -28.05
C GLY E 58 -37.35 -4.64 -27.88
N ASN E 59 -36.19 -4.96 -27.31
CA ASN E 59 -35.77 -6.34 -27.17
C ASN E 59 -36.23 -6.99 -25.88
N PHE E 60 -36.91 -6.25 -25.00
CA PHE E 60 -37.32 -6.82 -23.72
C PHE E 60 -38.54 -7.73 -23.86
N GLY E 61 -39.47 -7.40 -24.74
CA GLY E 61 -40.62 -8.26 -24.92
C GLY E 61 -41.61 -8.15 -23.76
N ASP E 62 -42.33 -9.24 -23.51
CA ASP E 62 -43.37 -9.27 -22.50
C ASP E 62 -42.79 -9.61 -21.12
N HIS E 63 -43.56 -9.25 -20.09
CA HIS E 63 -43.18 -9.59 -18.73
C HIS E 63 -43.31 -11.10 -18.52
N ILE E 64 -42.34 -11.69 -17.82
CA ILE E 64 -42.40 -13.12 -17.54
C ILE E 64 -43.40 -13.38 -16.42
N ASP E 65 -43.83 -14.64 -16.32
CA ASP E 65 -44.86 -15.00 -15.36
C ASP E 65 -44.38 -14.96 -13.92
N PHE E 66 -43.08 -14.78 -13.69
CA PHE E 66 -42.56 -14.68 -12.34
C PHE E 66 -43.14 -13.45 -11.64
N LYS E 67 -43.55 -13.63 -10.39
CA LYS E 67 -44.13 -12.54 -9.59
C LYS E 67 -43.02 -11.91 -8.76
N VAL E 68 -42.36 -10.90 -9.33
CA VAL E 68 -41.23 -10.27 -8.66
C VAL E 68 -41.69 -9.49 -7.44
N ASN E 69 -42.84 -8.84 -7.51
CA ASN E 69 -43.30 -7.94 -6.46
C ASN E 69 -44.41 -8.59 -5.66
N ILE E 70 -44.27 -8.57 -4.33
CA ILE E 70 -45.35 -8.93 -3.43
C ILE E 70 -46.05 -7.71 -2.86
N ASP E 71 -45.38 -6.56 -2.80
CA ASP E 71 -45.93 -5.33 -2.24
C ASP E 71 -46.01 -4.26 -3.32
N ASN E 72 -46.98 -3.37 -3.17
CA ASN E 72 -47.15 -2.21 -4.04
C ASN E 72 -46.71 -0.94 -3.33
N TRP E 73 -45.67 -1.04 -2.50
CA TRP E 73 -45.21 0.11 -1.74
C TRP E 73 -44.71 1.23 -2.65
N PHE E 74 -44.33 0.93 -3.88
CA PHE E 74 -43.87 1.98 -4.79
C PHE E 74 -44.95 3.03 -5.00
N ASP E 75 -46.22 2.62 -4.98
CA ASP E 75 -47.35 3.54 -5.09
C ASP E 75 -48.01 3.83 -3.75
N GLU E 76 -48.17 2.83 -2.90
CA GLU E 76 -48.81 3.05 -1.61
C GLU E 76 -47.98 4.01 -0.74
N ASN E 77 -46.66 3.85 -0.76
CA ASN E 77 -45.76 4.72 0.02
C ASN E 77 -45.61 6.04 -0.73
N ARG E 78 -46.68 6.82 -0.74
CA ARG E 78 -46.71 8.08 -1.46
C ARG E 78 -47.59 9.08 -0.73
N VAL E 79 -47.03 10.25 -0.47
CA VAL E 79 -47.82 11.45 -0.15
C VAL E 79 -47.84 12.27 -1.44
N HIS E 80 -49.00 12.37 -2.07
CA HIS E 80 -49.08 12.90 -3.43
C HIS E 80 -48.88 14.42 -3.38
N ASN E 81 -47.63 14.81 -3.23
CA ASN E 81 -47.21 16.21 -3.15
C ASN E 81 -46.17 16.53 -4.21
N GLU E 82 -46.38 16.01 -5.43
CA GLU E 82 -45.45 16.32 -6.51
C GLU E 82 -45.33 17.82 -6.71
N HIS E 83 -46.38 18.56 -6.39
CA HIS E 83 -46.27 20.00 -6.21
C HIS E 83 -45.76 20.28 -4.81
N GLU E 84 -44.78 21.17 -4.69
CA GLU E 84 -44.19 21.51 -3.39
C GLU E 84 -43.48 20.30 -2.78
N THR E 85 -42.63 19.65 -3.58
CA THR E 85 -41.77 18.59 -3.05
C THR E 85 -40.62 19.17 -2.23
N ASP E 86 -40.19 20.39 -2.56
CA ASP E 86 -39.11 21.02 -1.82
C ASP E 86 -39.47 21.21 -0.36
N ILE E 87 -40.75 21.37 -0.04
CA ILE E 87 -41.17 21.49 1.35
C ILE E 87 -40.85 20.21 2.11
N ARG E 88 -41.18 19.05 1.52
CA ARG E 88 -40.87 17.79 2.18
C ARG E 88 -39.37 17.56 2.24
N ARG E 89 -38.63 17.98 1.20
CA ARG E 89 -37.19 17.88 1.26
C ARG E 89 -36.63 18.69 2.42
N THR E 90 -37.15 19.90 2.62
CA THR E 90 -36.71 20.74 3.73
C THR E 90 -37.08 20.10 5.07
N GLN E 91 -38.27 19.49 5.16
CA GLN E 91 -38.66 18.83 6.39
C GLN E 91 -37.73 17.66 6.73
N ILE E 92 -37.37 16.88 5.72
CA ILE E 92 -36.42 15.78 5.95
C ILE E 92 -35.08 16.33 6.39
N TYR E 93 -34.62 17.41 5.75
CA TYR E 93 -33.37 18.04 6.17
C TYR E 93 -33.46 18.51 7.62
N THR E 94 -34.62 19.05 8.02
CA THR E 94 -34.79 19.52 9.39
C THR E 94 -34.72 18.38 10.39
N LEU E 95 -35.36 17.25 10.08
CA LEU E 95 -35.28 16.09 10.97
C LEU E 95 -33.84 15.60 11.08
N ASN E 96 -33.14 15.53 9.94
CA ASN E 96 -31.72 15.16 9.98
C ASN E 96 -30.92 16.14 10.83
N ALA E 97 -31.24 17.43 10.71
CA ALA E 97 -30.54 18.45 11.49
C ALA E 97 -30.76 18.24 12.97
N ILE E 98 -31.98 17.89 13.38
CA ILE E 98 -32.26 17.67 14.80
C ILE E 98 -31.47 16.47 15.31
N TYR E 99 -31.46 15.38 14.53
CA TYR E 99 -30.70 14.20 14.96
C TYR E 99 -29.20 14.52 15.08
N TYR E 100 -28.66 15.17 14.05
CA TYR E 100 -27.25 15.53 14.08
C TYR E 100 -26.95 16.52 15.22
N GLY E 101 -27.90 17.39 15.54
CA GLY E 101 -27.70 18.32 16.63
C GLY E 101 -27.61 17.62 17.97
N GLY E 102 -28.46 16.62 18.19
CA GLY E 102 -28.32 15.82 19.41
C GLY E 102 -26.98 15.11 19.49
N LEU E 103 -26.59 14.46 18.39
CA LEU E 103 -25.30 13.78 18.39
C LEU E 103 -24.16 14.74 18.62
N LEU E 104 -24.21 15.93 18.01
CA LEU E 104 -23.15 16.91 18.18
C LEU E 104 -23.16 17.49 19.60
N SER E 105 -24.32 17.59 20.23
CA SER E 105 -24.35 18.02 21.63
C SER E 105 -23.62 17.02 22.52
N PHE E 106 -23.85 15.72 22.30
CA PHE E 106 -23.11 14.73 23.06
C PHE E 106 -21.60 14.82 22.78
N ALA E 107 -21.25 14.97 21.50
CA ALA E 107 -19.83 15.10 21.16
C ALA E 107 -19.22 16.34 21.77
N ARG E 108 -19.98 17.42 21.87
CA ARG E 108 -19.49 18.64 22.49
C ARG E 108 -19.25 18.44 23.98
N LEU E 109 -20.13 17.70 24.64
CA LEU E 109 -19.86 17.37 26.05
C LEU E 109 -18.57 16.60 26.18
N TYR E 110 -18.36 15.61 25.29
CA TYR E 110 -17.11 14.85 25.34
C TYR E 110 -15.90 15.74 25.12
N ALA E 111 -15.98 16.66 24.15
CA ALA E 111 -14.87 17.56 23.86
C ALA E 111 -14.60 18.50 25.02
N MET E 112 -15.66 18.99 25.68
CA MET E 112 -15.48 19.79 26.88
C MET E 112 -14.71 18.98 27.92
N GLY E 113 -15.09 17.72 28.11
CA GLY E 113 -14.37 16.90 29.06
C GLY E 113 -12.89 16.80 28.73
N VAL E 114 -12.57 16.53 27.45
CA VAL E 114 -11.18 16.36 27.06
C VAL E 114 -10.39 17.65 27.30
N ILE E 115 -10.91 18.77 26.81
CA ILE E 115 -10.17 20.03 26.87
C ILE E 115 -10.04 20.50 28.32
N GLY E 116 -11.08 20.32 29.12
CA GLY E 116 -10.99 20.64 30.52
C GLY E 116 -10.00 19.77 31.26
N ARG E 117 -9.86 18.51 30.84
CA ARG E 117 -8.81 17.67 31.40
C ARG E 117 -7.43 18.24 31.06
N LEU E 118 -7.23 18.65 29.81
CA LEU E 118 -5.92 19.19 29.43
C LEU E 118 -5.66 20.52 30.11
N ASN E 119 -6.65 21.42 30.11
CA ASN E 119 -6.53 22.71 30.78
C ASN E 119 -6.96 22.56 32.23
N GLY E 120 -6.02 22.74 33.16
CA GLY E 120 -6.30 22.51 34.56
C GLY E 120 -7.47 23.31 35.09
N TRP E 121 -7.83 23.08 36.35
CA TRP E 121 -8.92 23.78 36.99
C TRP E 121 -8.47 24.26 38.36
N LYS E 122 -8.60 25.56 38.61
CA LYS E 122 -8.26 26.15 39.91
C LYS E 122 -9.54 26.19 40.73
N ARG E 123 -9.75 25.16 41.53
CA ARG E 123 -11.02 25.03 42.24
C ARG E 123 -11.24 26.18 43.21
N TYR E 124 -10.21 26.57 43.96
CA TYR E 124 -10.32 27.72 44.85
C TYR E 124 -8.97 28.43 44.91
N GLU E 125 -9.01 29.70 45.29
CA GLU E 125 -7.81 30.51 45.38
C GLU E 125 -7.30 30.50 46.81
N ARG E 126 -6.05 30.07 46.97
CA ARG E 126 -5.46 29.94 48.30
C ARG E 126 -5.27 31.31 48.94
N ASP E 127 -5.36 31.34 50.26
CA ASP E 127 -5.30 32.59 51.00
C ASP E 127 -3.91 33.24 50.87
N THR E 128 -3.90 34.56 50.67
CA THR E 128 -2.66 35.31 50.64
C THR E 128 -2.75 36.61 51.43
N TYR E 129 -3.85 36.84 52.13
CA TYR E 129 -4.00 38.07 52.90
C TYR E 129 -2.92 38.18 53.96
N SER E 130 -2.42 39.40 54.15
CA SER E 130 -1.38 39.66 55.13
C SER E 130 -1.46 41.11 55.56
N GLU E 131 -0.78 41.43 56.66
CA GLU E 131 -0.71 42.79 57.17
C GLU E 131 0.68 43.08 57.69
N VAL E 132 1.19 44.26 57.36
CA VAL E 132 2.49 44.72 57.83
C VAL E 132 2.35 46.17 58.27
N ASP E 133 2.95 46.51 59.40
CA ASP E 133 2.87 47.85 59.96
C ASP E 133 4.05 48.68 59.45
N ILE E 134 3.74 49.78 58.77
CA ILE E 134 4.76 50.63 58.16
C ILE E 134 4.97 51.93 58.93
N GLY E 135 4.12 52.24 59.90
CA GLY E 135 4.28 53.50 60.63
C GLY E 135 5.62 53.62 61.30
N ALA E 136 6.14 52.50 61.84
CA ALA E 136 7.44 52.54 62.51
C ALA E 136 8.56 52.94 61.57
N LEU E 137 8.42 52.63 60.28
CA LEU E 137 9.46 52.95 59.31
C LEU E 137 9.68 54.46 59.25
N PRO E 138 10.89 54.95 59.48
CA PRO E 138 11.11 56.39 59.38
C PRO E 138 10.89 56.86 57.96
N PRO E 139 10.46 58.12 57.78
CA PRO E 139 10.28 58.64 56.43
C PRO E 139 11.59 58.59 55.64
N GLY E 140 11.45 58.34 54.34
CA GLY E 140 12.62 58.24 53.48
C GLY E 140 13.49 57.03 53.76
N GLU E 141 12.88 55.89 54.07
CA GLU E 141 13.60 54.65 54.31
C GLU E 141 12.96 53.54 53.50
N VAL E 142 13.79 52.58 53.08
CA VAL E 142 13.34 51.41 52.32
C VAL E 142 13.63 50.17 53.16
N MET E 143 12.60 49.36 53.36
CA MET E 143 12.71 48.13 54.14
C MET E 143 12.26 46.94 53.30
N GLN E 144 12.96 45.83 53.45
CA GLN E 144 12.63 44.59 52.76
C GLN E 144 11.81 43.69 53.67
N MET E 145 10.69 43.20 53.13
CA MET E 145 9.82 42.29 53.86
C MET E 145 9.62 41.02 53.03
N VAL E 146 9.29 39.93 53.72
CA VAL E 146 9.08 38.64 53.07
C VAL E 146 7.56 38.43 52.97
N TRP E 147 7.02 38.59 51.76
CA TRP E 147 5.61 38.37 51.50
C TRP E 147 5.47 37.40 50.35
N ASN E 148 4.63 36.37 50.54
CA ASN E 148 4.48 35.30 49.55
C ASN E 148 5.83 34.69 49.21
N GLY E 149 6.68 34.57 50.23
CA GLY E 149 8.00 34.02 50.04
C GLY E 149 8.88 34.81 49.10
N THR E 150 8.60 36.10 48.92
CA THR E 150 9.37 36.96 48.04
C THR E 150 9.73 38.26 48.74
N PRO E 151 10.89 38.83 48.43
CA PRO E 151 11.19 40.16 48.98
C PRO E 151 10.29 41.24 48.38
N ILE E 152 10.00 42.24 49.21
CA ILE E 152 9.20 43.38 48.80
C ILE E 152 9.77 44.63 49.45
N PHE E 153 9.80 45.72 48.70
CA PHE E 153 10.28 47.00 49.19
C PHE E 153 9.11 47.81 49.72
N ILE E 154 9.26 48.35 50.93
CA ILE E 154 8.33 49.31 51.51
C ILE E 154 9.09 50.60 51.76
N ARG E 155 8.56 51.71 51.22
CA ARG E 155 9.26 52.98 51.26
C ARG E 155 8.30 54.09 51.65
N ARG E 156 8.85 55.15 52.24
CA ARG E 156 8.12 56.36 52.55
C ARG E 156 8.77 57.53 51.82
N LEU E 157 7.95 58.31 51.12
CA LEU E 157 8.41 59.44 50.34
C LEU E 157 7.94 60.74 50.98
N THR E 158 8.86 61.69 51.15
CA THR E 158 8.51 63.00 51.65
C THR E 158 8.01 63.89 50.51
N SER E 159 7.40 65.02 50.88
CA SER E 159 6.89 65.94 49.88
C SER E 159 8.02 66.46 48.99
N ASN E 160 9.15 66.82 49.59
CA ASN E 160 10.28 67.31 48.81
C ASN E 160 10.79 66.25 47.85
N GLU E 161 10.88 65.00 48.31
CA GLU E 161 11.34 63.92 47.44
C GLU E 161 10.39 63.73 46.26
N VAL E 162 9.08 63.73 46.51
CA VAL E 162 8.12 63.56 45.43
C VAL E 162 8.22 64.71 44.44
N LYS E 163 8.33 65.94 44.94
CA LYS E 163 8.43 67.09 44.06
C LYS E 163 9.70 67.03 43.22
N GLU E 164 10.81 66.60 43.83
CA GLU E 164 12.05 66.45 43.06
C GLU E 164 11.90 65.39 41.99
N GLU E 165 11.25 64.27 42.30
CA GLU E 165 11.04 63.24 41.29
C GLU E 165 10.22 63.77 40.13
N ASN E 166 9.18 64.55 40.41
CA ASN E 166 8.41 65.17 39.35
C ASN E 166 9.22 66.29 38.70
N GLU E 167 8.87 66.60 37.45
CA GLU E 167 9.52 67.60 36.61
C GLU E 167 10.82 67.06 36.00
N LEU E 168 11.22 65.83 36.32
CA LEU E 168 12.43 65.27 35.75
C LEU E 168 12.19 64.88 34.29
N PRO E 169 13.24 64.75 33.50
CA PRO E 169 13.06 64.41 32.08
C PRO E 169 12.32 63.10 31.92
N SER E 170 11.42 63.05 30.92
CA SER E 170 10.69 61.83 30.60
C SER E 170 11.43 60.96 29.58
N ASN E 171 12.54 61.44 29.01
CA ASN E 171 13.29 60.63 28.07
C ASN E 171 13.84 59.37 28.74
N THR E 172 14.33 59.51 29.97
CA THR E 172 14.88 58.36 30.68
C THR E 172 13.81 57.29 30.92
N LEU E 173 12.60 57.71 31.23
CA LEU E 173 11.51 56.76 31.47
C LEU E 173 11.32 55.88 30.24
N LEU E 174 11.17 54.57 30.47
CA LEU E 174 11.01 53.60 29.40
C LEU E 174 9.77 52.73 29.61
N ASP E 175 8.72 53.30 30.21
CA ASP E 175 7.48 52.55 30.43
C ASP E 175 6.32 53.54 30.36
N LYS E 176 5.68 53.61 29.20
CA LYS E 176 4.51 54.48 29.02
C LYS E 176 3.27 53.90 29.69
N ASP E 177 3.13 52.56 29.68
CA ASP E 177 1.96 51.93 30.24
C ASP E 177 1.99 51.91 31.77
N LYS E 178 3.17 51.70 32.35
CA LYS E 178 3.28 51.58 33.80
C LYS E 178 2.96 52.91 34.49
N GLU E 179 2.44 52.80 35.71
CA GLU E 179 2.11 53.97 36.51
C GLU E 179 2.67 53.81 37.92
N VAL E 180 2.31 54.71 38.83
CA VAL E 180 2.77 54.68 40.20
C VAL E 180 1.57 54.83 41.13
N ILE E 181 1.54 54.00 42.17
CA ILE E 181 0.47 54.01 43.16
C ILE E 181 1.06 54.49 44.48
N LEU E 182 0.48 55.56 45.03
CA LEU E 182 0.98 56.18 46.25
C LEU E 182 -0.13 56.16 47.30
N SER E 183 0.19 55.69 48.49
CA SER E 183 -0.77 55.68 49.58
C SER E 183 -0.85 57.06 50.22
N ASP E 184 -1.91 57.26 51.02
CA ASP E 184 -2.17 58.53 51.68
C ASP E 184 -2.55 58.23 53.13
N ALA E 185 -1.54 58.20 54.01
CA ALA E 185 -1.78 57.98 55.43
C ALA E 185 -0.48 58.22 56.18
N GLY E 186 -0.61 58.52 57.47
CA GLY E 186 0.56 58.76 58.29
C GLY E 186 1.26 60.08 58.03
N ASN E 187 0.59 61.00 57.33
CA ASN E 187 1.12 62.31 56.94
C ASN E 187 2.16 62.20 55.84
N THR E 188 2.52 61.01 55.40
CA THR E 188 3.50 60.82 54.33
C THR E 188 3.09 59.61 53.51
N LYS E 189 3.13 59.77 52.19
CA LYS E 189 2.69 58.70 51.30
C LYS E 189 3.60 57.48 51.45
N VAL E 190 3.00 56.29 51.46
CA VAL E 190 3.70 55.03 51.64
C VAL E 190 3.55 54.22 50.37
N ILE E 191 4.66 53.65 49.88
CA ILE E 191 4.69 52.89 48.64
C ILE E 191 5.18 51.48 48.95
N VAL E 192 4.54 50.50 48.33
CA VAL E 192 4.93 49.09 48.45
C VAL E 192 5.09 48.53 47.05
N VAL E 193 6.27 47.98 46.75
CA VAL E 193 6.58 47.46 45.43
C VAL E 193 7.29 46.14 45.58
N SER E 194 7.33 45.37 44.48
CA SER E 194 8.04 44.10 44.48
C SER E 194 9.55 44.35 44.38
N ALA E 195 10.30 43.74 45.29
CA ALA E 195 11.76 43.91 45.34
C ALA E 195 12.48 42.87 44.48
N VAL E 196 12.09 42.76 43.22
CA VAL E 196 12.69 41.84 42.28
C VAL E 196 13.03 42.60 41.00
N CYS E 197 14.28 42.49 40.57
CA CYS E 197 14.70 43.16 39.34
C CYS E 197 14.02 42.53 38.13
N THR E 198 13.56 43.39 37.21
CA THR E 198 12.86 42.90 36.03
C THR E 198 13.82 42.23 35.05
N HIS E 199 15.09 42.62 35.06
CA HIS E 199 16.05 42.05 34.12
C HIS E 199 16.19 40.55 34.33
N LEU E 200 16.69 40.15 35.49
CA LEU E 200 16.88 38.74 35.79
C LEU E 200 16.40 38.33 37.18
N GLY E 201 16.06 39.26 38.05
CA GLY E 201 15.54 38.94 39.37
C GLY E 201 16.48 39.21 40.53
N CYS E 202 17.63 39.84 40.29
CA CYS E 202 18.56 40.13 41.36
C CYS E 202 18.05 41.29 42.22
N ILE E 203 18.56 41.36 43.44
CA ILE E 203 18.15 42.40 44.38
C ILE E 203 18.90 43.70 44.05
N PRO E 204 18.20 44.80 43.78
CA PRO E 204 18.89 46.05 43.43
C PRO E 204 19.42 46.77 44.66
N ILE E 205 20.26 47.77 44.40
CA ILE E 205 20.83 48.57 45.49
C ILE E 205 19.70 49.33 46.18
N PRO E 206 19.64 49.37 47.52
CA PRO E 206 18.50 50.03 48.16
C PRO E 206 18.52 51.55 48.05
N TYR E 207 19.68 52.18 48.24
CA TYR E 207 19.78 53.63 48.23
C TYR E 207 21.03 54.07 47.50
N LEU E 208 20.91 55.16 46.75
CA LEU E 208 22.03 55.78 46.06
C LEU E 208 22.03 57.27 46.35
N GLY E 209 23.24 57.84 46.45
CA GLY E 209 23.36 59.25 46.77
C GLY E 209 22.76 60.15 45.71
N ALA E 210 23.05 59.86 44.44
CA ALA E 210 22.54 60.69 43.36
C ALA E 210 21.02 60.68 43.34
N TYR E 211 20.41 59.51 43.50
CA TYR E 211 18.96 59.37 43.56
C TYR E 211 18.63 58.27 44.54
N LYS E 212 17.93 58.61 45.61
CA LYS E 212 17.60 57.65 46.67
C LYS E 212 16.46 56.73 46.23
N GLY E 213 16.72 56.02 45.13
CA GLY E 213 15.75 55.09 44.57
C GLY E 213 16.29 53.69 44.49
N TYR E 214 16.34 53.12 43.29
CA TYR E 214 16.82 51.77 43.08
C TYR E 214 17.67 51.73 41.82
N VAL E 215 18.84 51.11 41.92
CA VAL E 215 19.74 50.93 40.78
C VAL E 215 20.41 49.57 40.94
N CYS E 216 20.07 48.64 40.05
CA CYS E 216 20.64 47.30 40.12
C CYS E 216 22.14 47.36 39.82
N ILE E 217 22.92 46.58 40.57
CA ILE E 217 24.37 46.59 40.44
C ILE E 217 24.89 45.41 39.64
N CYS E 218 24.10 44.34 39.49
CA CYS E 218 24.60 43.16 38.79
C CYS E 218 24.86 43.46 37.31
N HIS E 219 24.00 44.26 36.68
CA HIS E 219 24.22 44.70 35.31
C HIS E 219 24.09 46.20 35.13
N GLY E 220 23.78 46.95 36.18
CA GLY E 220 23.71 48.38 36.09
C GLY E 220 22.35 48.96 35.74
N SER E 221 21.29 48.18 35.85
CA SER E 221 19.95 48.70 35.58
C SER E 221 19.63 49.82 36.57
N VAL E 222 19.11 50.93 36.05
CA VAL E 222 18.87 52.14 36.83
C VAL E 222 17.36 52.35 36.90
N TYR E 223 16.84 52.46 38.12
CA TYR E 223 15.45 52.84 38.36
C TYR E 223 15.43 54.16 39.12
N ASP E 224 14.24 54.75 39.21
CA ASP E 224 14.06 56.01 39.93
C ASP E 224 13.50 55.72 41.32
N LYS E 225 13.16 56.78 42.04
CA LYS E 225 12.60 56.63 43.38
C LYS E 225 11.17 56.14 43.36
N PHE E 226 10.48 56.25 42.22
CA PHE E 226 9.16 55.66 42.03
C PHE E 226 9.21 54.24 41.51
N ALA E 227 10.42 53.68 41.31
CA ALA E 227 10.65 52.35 40.75
C ALA E 227 10.50 52.35 39.24
N ARG E 228 10.36 53.51 38.61
CA ARG E 228 10.30 53.56 37.16
C ARG E 228 11.65 53.21 36.56
N VAL E 229 11.65 52.90 35.26
CA VAL E 229 12.86 52.54 34.53
C VAL E 229 13.42 53.82 33.90
N ARG E 230 14.48 54.35 34.49
CA ARG E 230 15.20 55.50 33.95
C ARG E 230 16.59 55.05 33.53
N GLN E 231 16.92 55.26 32.26
CA GLN E 231 18.25 55.00 31.71
C GLN E 231 18.81 53.68 32.26
N GLY E 232 18.09 52.60 31.97
CA GLY E 232 18.52 51.28 32.37
C GLY E 232 18.19 50.22 31.33
N PRO E 233 19.07 49.23 31.15
CA PRO E 233 18.77 48.16 30.19
C PRO E 233 17.46 47.44 30.47
N ALA E 234 17.11 47.26 31.74
CA ALA E 234 15.83 46.63 32.07
C ALA E 234 14.69 47.42 31.44
N LEU E 235 13.77 46.70 30.81
CA LEU E 235 12.69 47.32 30.04
C LEU E 235 11.38 47.42 30.80
N LEU E 236 11.34 46.99 32.06
CA LEU E 236 10.11 46.99 32.83
C LEU E 236 10.36 47.54 34.22
N ASN E 237 9.35 48.22 34.76
CA ASN E 237 9.41 48.74 36.11
C ASN E 237 9.20 47.60 37.12
N LEU E 238 9.56 47.87 38.36
CA LEU E 238 9.36 46.87 39.41
C LEU E 238 7.87 46.57 39.54
N PRO E 239 7.46 45.30 39.51
CA PRO E 239 6.03 45.00 39.63
C PRO E 239 5.45 45.57 40.92
N ALA E 240 4.24 46.09 40.81
CA ALA E 240 3.55 46.66 41.96
C ALA E 240 2.93 45.56 42.80
N ILE E 241 2.73 45.86 44.09
CA ILE E 241 2.13 44.94 45.04
C ILE E 241 0.77 45.48 45.42
N ASN E 242 -0.26 44.65 45.21
CA ASN E 242 -1.62 45.06 45.54
C ASN E 242 -1.74 45.22 47.06
N ASN E 243 -2.24 46.38 47.49
CA ASN E 243 -2.34 46.68 48.91
C ASN E 243 -3.33 47.81 49.12
N SER E 244 -3.94 47.82 50.29
CA SER E 244 -4.85 48.87 50.71
C SER E 244 -4.52 49.28 52.14
N ILE E 245 -4.42 50.57 52.39
CA ILE E 245 -3.94 51.11 53.66
C ILE E 245 -5.13 51.51 54.51
N HIS E 246 -5.13 51.06 55.76
CA HIS E 246 -6.17 51.40 56.72
C HIS E 246 -5.51 51.55 58.09
N ASP E 247 -6.25 52.14 59.03
CA ASP E 247 -5.74 52.43 60.37
C ASP E 247 -4.57 53.41 60.31
N GLU E 248 -4.54 54.25 59.28
CA GLU E 248 -3.54 55.31 59.14
C GLU E 248 -2.13 54.72 59.07
N GLY E 249 -1.97 53.69 58.23
CA GLY E 249 -0.68 53.06 58.04
C GLY E 249 -0.38 51.91 58.98
N THR E 250 -1.22 51.70 60.00
CA THR E 250 -1.00 50.59 60.92
C THR E 250 -1.42 49.25 60.31
N LEU E 251 -2.44 49.26 59.45
CA LEU E 251 -3.01 48.04 58.89
C LEU E 251 -2.96 48.13 57.37
N VAL E 252 -1.91 47.58 56.78
CA VAL E 252 -1.73 47.57 55.33
C VAL E 252 -2.17 46.19 54.86
N CYS E 253 -3.43 46.08 54.44
CA CYS E 253 -3.91 44.84 53.86
C CYS E 253 -3.16 44.57 52.57
N MET E 254 -2.62 43.35 52.45
CA MET E 254 -1.87 42.95 51.27
C MET E 254 -2.36 41.58 50.85
N GLU E 255 -3.11 41.53 49.75
CA GLU E 255 -3.61 40.30 49.19
C GLU E 255 -3.30 40.27 47.71
N GLN E 256 -2.84 39.12 47.21
CA GLN E 256 -2.50 39.01 45.80
C GLN E 256 -3.72 39.28 44.94
N LEU E 257 -3.51 39.98 43.84
CA LEU E 257 -4.61 40.31 42.94
C LEU E 257 -5.31 39.04 42.49
N LYS E 258 -6.64 39.05 42.56
CA LYS E 258 -7.44 37.87 42.24
C LYS E 258 -7.91 37.96 40.79
N PHE E 259 -7.64 36.91 40.03
CA PHE E 259 -8.06 36.84 38.65
C PHE E 259 -9.19 35.84 38.47
N PRO E 260 -10.07 36.03 37.49
CA PRO E 260 -11.20 35.11 37.33
C PRO E 260 -10.74 33.71 36.98
N HIS E 261 -11.49 32.72 37.47
CA HIS E 261 -11.24 31.33 37.14
C HIS E 261 -12.58 30.61 37.11
N GLU E 262 -12.96 30.11 35.95
CA GLU E 262 -14.26 29.50 35.74
C GLU E 262 -14.09 28.11 35.15
N PRO E 263 -15.01 27.19 35.42
CA PRO E 263 -16.23 27.34 36.24
C PRO E 263 -15.92 27.44 37.73
N SER E 264 -16.64 28.30 38.45
CA SER E 264 -16.39 28.52 39.87
C SER E 264 -17.25 27.65 40.76
N GLN E 265 -18.43 27.23 40.28
CA GLN E 265 -19.34 26.42 41.08
C GLN E 265 -18.86 24.97 41.07
N ARG E 266 -18.63 24.41 42.25
CA ARG E 266 -18.19 23.02 42.38
C ARG E 266 -19.34 22.06 42.66
N PHE E 267 -20.44 22.55 43.25
CA PHE E 267 -21.59 21.73 43.56
C PHE E 267 -22.84 22.38 42.97
N TRP E 268 -23.66 21.59 42.30
CA TRP E 268 -24.94 22.10 41.81
C TRP E 268 -25.84 22.50 42.97
N ALA E 269 -25.88 21.68 44.02
CA ALA E 269 -26.71 21.97 45.18
C ALA E 269 -26.12 21.30 46.42
N MET F 1 -46.78 28.69 59.97
CA MET F 1 -46.79 28.60 61.47
C MET F 1 -46.10 27.32 61.93
N SER F 2 -46.04 26.32 61.05
CA SER F 2 -45.36 25.08 61.39
C SER F 2 -43.88 25.34 61.63
N ASN F 3 -43.34 24.66 62.64
CA ASN F 3 -41.94 24.75 63.07
C ASN F 3 -41.64 26.06 63.80
N VAL F 4 -42.61 26.97 63.92
CA VAL F 4 -42.41 28.22 64.65
C VAL F 4 -42.92 28.14 66.09
N SER F 5 -43.61 27.06 66.45
CA SER F 5 -44.16 26.88 67.78
C SER F 5 -43.34 25.85 68.56
N ASP F 6 -43.62 25.77 69.85
CA ASP F 6 -42.88 24.85 70.72
C ASP F 6 -43.19 23.40 70.36
N ALA F 7 -42.23 22.52 70.65
CA ALA F 7 -42.40 21.10 70.46
C ALA F 7 -43.04 20.49 71.70
N GLN F 8 -44.10 19.71 71.51
CA GLN F 8 -44.83 19.16 72.65
C GLN F 8 -43.99 18.15 73.40
N ILE F 9 -43.25 17.30 72.68
CA ILE F 9 -42.53 16.18 73.29
C ILE F 9 -41.08 16.21 72.84
N GLN F 10 -40.20 15.65 73.66
CA GLN F 10 -38.79 15.45 73.33
C GLN F 10 -38.45 13.98 73.45
N GLU F 11 -37.76 13.45 72.44
CA GLU F 11 -37.42 12.03 72.39
C GLU F 11 -36.16 11.79 73.23
N TRP F 12 -35.65 10.55 73.18
CA TRP F 12 -34.33 10.28 73.74
C TRP F 12 -33.25 11.03 72.98
N ILE F 13 -33.36 11.05 71.65
CA ILE F 13 -32.34 11.70 70.83
C ILE F 13 -32.38 13.21 71.01
N LYS F 14 -33.58 13.79 71.09
CA LYS F 14 -33.69 15.22 71.30
C LYS F 14 -33.14 15.65 72.65
N ARG F 15 -32.98 14.72 73.59
CA ARG F 15 -32.39 15.00 74.88
C ARG F 15 -30.93 14.54 74.95
N GLY F 16 -30.34 14.13 73.83
CA GLY F 16 -28.96 13.70 73.84
C GLY F 16 -28.72 12.36 74.50
N GLU F 17 -29.72 11.49 74.52
CA GLU F 17 -29.61 10.18 75.12
C GLU F 17 -29.68 9.10 74.05
N ASP F 18 -29.08 7.94 74.34
CA ASP F 18 -28.99 6.86 73.38
C ASP F 18 -30.19 5.93 73.51
N PRO F 19 -31.04 5.82 72.50
CA PRO F 19 -32.23 4.95 72.61
C PRO F 19 -32.04 3.51 72.13
N LYS F 20 -30.86 3.14 71.63
CA LYS F 20 -30.70 1.79 71.09
C LYS F 20 -30.72 0.74 72.20
N GLU F 21 -30.29 1.10 73.41
CA GLU F 21 -30.25 0.12 74.50
C GLU F 21 -31.64 -0.46 74.75
N PHE F 22 -32.66 0.41 74.84
CA PHE F 22 -34.02 -0.05 75.02
C PHE F 22 -34.62 -0.59 73.72
N LEU F 23 -34.27 0.02 72.59
CA LEU F 23 -34.85 -0.41 71.33
C LEU F 23 -34.44 -1.83 70.97
N LEU F 24 -33.27 -2.29 71.44
CA LEU F 24 -32.89 -3.67 71.23
C LEU F 24 -33.88 -4.62 71.90
N LYS F 25 -34.23 -4.35 73.16
CA LYS F 25 -35.23 -5.16 73.83
C LYS F 25 -36.59 -5.02 73.14
N GLU F 26 -36.90 -3.82 72.66
CA GLU F 26 -38.17 -3.61 71.97
C GLU F 26 -38.27 -4.48 70.72
N CYS F 27 -37.19 -4.58 69.94
CA CYS F 27 -37.19 -5.33 68.69
C CYS F 27 -36.80 -6.80 68.87
N ALA F 28 -36.44 -7.22 70.07
CA ALA F 28 -36.08 -8.61 70.28
C ALA F 28 -37.22 -9.58 69.96
N PRO F 29 -38.47 -9.35 70.36
CA PRO F 29 -39.49 -10.40 70.23
C PRO F 29 -39.68 -10.92 68.81
N GLN F 30 -39.61 -10.04 67.81
CA GLN F 30 -39.97 -10.47 66.45
C GLN F 30 -38.91 -11.36 65.83
N CYS F 31 -37.66 -11.24 66.28
CA CYS F 31 -36.59 -12.12 65.81
C CYS F 31 -36.41 -13.33 66.75
N THR F 32 -37.49 -14.06 66.98
CA THR F 32 -37.49 -15.14 67.96
C THR F 32 -37.06 -16.48 67.37
N ALA F 33 -37.38 -16.74 66.11
CA ALA F 33 -36.97 -18.01 65.51
C ALA F 33 -35.45 -18.13 65.49
N TRP F 34 -34.76 -17.06 65.11
CA TRP F 34 -33.30 -17.11 65.07
C TRP F 34 -32.71 -17.19 66.47
N LYS F 35 -33.33 -16.52 67.45
CA LYS F 35 -32.86 -16.64 68.81
C LYS F 35 -32.99 -18.07 69.32
N GLU F 36 -34.11 -18.73 69.02
CA GLU F 36 -34.28 -20.12 69.42
C GLU F 36 -33.29 -21.03 68.72
N LYS F 37 -33.04 -20.79 67.43
CA LYS F 37 -32.05 -21.58 66.72
C LYS F 37 -30.67 -21.40 67.33
N LEU F 38 -30.31 -20.17 67.68
CA LEU F 38 -29.02 -19.92 68.32
C LEU F 38 -28.93 -20.63 69.66
N GLY F 39 -30.01 -20.59 70.45
CA GLY F 39 -30.00 -21.29 71.72
C GLY F 39 -29.82 -22.79 71.55
N ARG F 40 -30.51 -23.38 70.57
CA ARG F 40 -30.35 -24.81 70.32
C ARG F 40 -28.93 -25.13 69.87
N CYS F 41 -28.35 -24.29 69.01
CA CYS F 41 -26.98 -24.51 68.57
C CYS F 41 -26.01 -24.44 69.75
N GLU F 42 -26.19 -23.46 70.62
CA GLU F 42 -25.32 -23.34 71.80
C GLU F 42 -25.48 -24.55 72.70
N ALA F 43 -26.71 -25.02 72.91
CA ALA F 43 -26.92 -26.20 73.73
C ALA F 43 -26.20 -27.41 73.14
N LYS F 44 -26.32 -27.61 71.82
CA LYS F 44 -25.66 -28.74 71.20
C LYS F 44 -24.15 -28.63 71.32
N LEU F 45 -23.60 -27.43 71.10
CA LEU F 45 -22.15 -27.27 71.19
C LEU F 45 -21.66 -27.53 72.62
N LYS F 46 -22.43 -27.07 73.62
CA LYS F 46 -22.08 -27.39 75.00
C LYS F 46 -22.10 -28.89 75.24
N SER F 47 -23.09 -29.58 74.68
CA SER F 47 -23.20 -31.02 74.90
C SER F 47 -21.99 -31.77 74.35
N LEU F 48 -21.52 -31.38 73.16
CA LEU F 48 -20.43 -32.09 72.52
C LEU F 48 -19.19 -32.10 73.39
N VAL F 49 -18.51 -33.25 73.43
CA VAL F 49 -17.27 -33.40 74.17
C VAL F 49 -16.06 -33.21 73.27
N ASN F 50 -16.07 -33.80 72.08
CA ASN F 50 -15.02 -33.63 71.07
C ASN F 50 -15.64 -32.88 69.89
N ALA F 51 -15.50 -31.56 69.90
CA ALA F 51 -16.09 -30.70 68.89
C ALA F 51 -15.02 -30.22 67.93
N ASP F 52 -15.30 -30.32 66.64
CA ASP F 52 -14.37 -29.82 65.64
C ASP F 52 -14.16 -28.32 65.85
N PRO F 53 -12.93 -27.83 65.74
CA PRO F 53 -12.71 -26.38 65.93
C PRO F 53 -13.50 -25.53 64.96
N GLU F 54 -13.84 -26.05 63.79
CA GLU F 54 -14.60 -25.27 62.81
C GLU F 54 -15.99 -24.94 63.34
N MET F 55 -16.63 -25.88 64.04
CA MET F 55 -17.96 -25.64 64.58
C MET F 55 -17.95 -24.41 65.49
N SER F 56 -18.97 -23.57 65.36
CA SER F 56 -19.08 -22.38 66.17
C SER F 56 -20.52 -21.88 66.16
N CYS F 57 -20.96 -21.34 67.29
CA CYS F 57 -22.28 -20.71 67.40
C CYS F 57 -22.22 -19.26 66.94
N MET F 58 -21.69 -19.05 65.74
CA MET F 58 -21.41 -17.71 65.22
C MET F 58 -22.34 -17.34 64.08
N TYR F 59 -22.50 -18.24 63.10
CA TYR F 59 -23.39 -17.96 61.99
C TYR F 59 -24.84 -17.84 62.44
N PRO F 60 -25.37 -18.75 63.28
CA PRO F 60 -26.71 -18.50 63.81
C PRO F 60 -26.83 -17.18 64.55
N LEU F 61 -25.82 -16.84 65.35
CA LEU F 61 -25.81 -15.54 66.02
C LEU F 61 -25.72 -14.41 65.01
N ARG F 62 -24.97 -14.61 63.93
CA ARG F 62 -24.90 -13.60 62.88
C ARG F 62 -26.28 -13.35 62.29
N ASP F 63 -27.04 -14.42 62.00
CA ASP F 63 -28.38 -14.24 61.48
C ASP F 63 -29.29 -13.54 62.49
N TRP F 64 -29.20 -13.93 63.76
CA TRP F 64 -30.04 -13.33 64.77
C TRP F 64 -29.76 -11.83 64.90
N VAL F 65 -28.49 -11.45 65.00
CA VAL F 65 -28.15 -10.04 65.13
C VAL F 65 -28.51 -9.29 63.87
N THR F 66 -28.37 -9.91 62.69
CA THR F 66 -28.78 -9.26 61.45
C THR F 66 -30.26 -8.92 61.50
N CYS F 67 -31.10 -9.89 61.91
CA CYS F 67 -32.53 -9.63 61.97
C CYS F 67 -32.87 -8.57 63.00
N ILE F 68 -32.21 -8.60 64.16
CA ILE F 68 -32.47 -7.59 65.19
C ILE F 68 -32.11 -6.19 64.67
N GLU F 69 -30.92 -6.07 64.09
CA GLU F 69 -30.44 -4.75 63.69
C GLU F 69 -31.18 -4.21 62.48
N ALA F 70 -31.68 -5.09 61.60
CA ALA F 70 -32.45 -4.63 60.46
C ALA F 70 -33.63 -3.78 60.90
N CYS F 71 -34.18 -4.06 62.09
CA CYS F 71 -35.26 -3.26 62.63
C CYS F 71 -34.74 -2.15 63.55
N VAL F 72 -33.68 -2.43 64.29
CA VAL F 72 -33.21 -1.45 65.28
C VAL F 72 -32.63 -0.21 64.60
N GLN F 73 -31.74 -0.41 63.61
CA GLN F 73 -30.98 0.72 63.08
C GLN F 73 -31.86 1.72 62.34
N PRO F 74 -32.71 1.32 61.38
CA PRO F 74 -33.48 2.34 60.64
C PRO F 74 -34.35 3.19 61.53
N ALA F 75 -34.95 2.60 62.58
CA ALA F 75 -35.81 3.38 63.47
C ALA F 75 -35.04 4.50 64.13
N ILE F 76 -33.82 4.21 64.59
CA ILE F 76 -33.01 5.25 65.23
C ILE F 76 -32.55 6.28 64.21
N THR F 77 -32.09 5.82 63.04
CA THR F 77 -31.59 6.78 62.05
C THR F 77 -32.68 7.72 61.57
N ARG F 78 -33.93 7.26 61.50
CA ARG F 78 -35.01 8.12 61.05
C ARG F 78 -35.28 9.27 62.01
N ASN F 79 -34.88 9.14 63.28
CA ASN F 79 -35.11 10.16 64.28
C ASN F 79 -33.96 11.17 64.40
N LEU F 80 -32.89 10.99 63.64
CA LEU F 80 -31.70 11.81 63.80
C LEU F 80 -31.80 13.09 62.98
N PHE F 81 -31.13 14.13 63.47
CA PHE F 81 -31.06 15.39 62.75
C PHE F 81 -30.12 15.25 61.56
N GLY F 82 -30.46 15.91 60.46
CA GLY F 82 -29.71 15.83 59.23
C GLY F 82 -30.32 14.96 58.16
N SER F 83 -31.30 14.13 58.52
CA SER F 83 -32.00 13.27 57.57
C SER F 83 -33.46 13.69 57.51
N LYS F 84 -34.02 13.68 56.29
CA LYS F 84 -35.44 13.98 56.13
C LYS F 84 -36.26 13.12 57.07
N TYR F 85 -36.96 13.79 58.00
CA TYR F 85 -37.72 13.08 59.01
C TYR F 85 -38.83 12.25 58.37
N MET F 86 -38.99 11.03 58.87
CA MET F 86 -40.00 10.11 58.33
C MET F 86 -41.40 10.67 58.54
N VAL G 2 -14.80 36.74 -8.75
CA VAL G 2 -14.01 37.95 -8.90
C VAL G 2 -13.25 37.91 -10.22
N ARG G 3 -13.08 39.08 -10.84
CA ARG G 3 -12.27 39.24 -12.03
C ARG G 3 -11.01 40.01 -11.66
N LEU G 4 -9.85 39.40 -11.90
CA LEU G 4 -8.60 40.06 -11.52
C LEU G 4 -8.45 41.39 -12.23
N GLU G 5 -8.76 41.43 -13.53
CA GLU G 5 -8.93 42.72 -14.18
C GLU G 5 -10.19 43.39 -13.65
N LYS G 6 -10.17 44.72 -13.62
CA LYS G 6 -11.21 45.58 -13.05
C LYS G 6 -11.12 45.61 -11.54
N ILE G 7 -10.12 44.97 -10.92
CA ILE G 7 -9.92 45.12 -9.48
C ILE G 7 -9.52 46.56 -9.18
N LEU G 8 -9.62 46.92 -7.89
CA LEU G 8 -9.38 48.30 -7.49
C LEU G 8 -8.00 48.78 -7.96
N TRP G 9 -6.97 47.95 -7.77
CA TRP G 9 -5.64 48.35 -8.21
C TRP G 9 -5.60 48.53 -9.72
N GLU G 10 -6.25 47.64 -10.47
CA GLU G 10 -6.29 47.77 -11.92
C GLU G 10 -7.01 49.05 -12.34
N GLN G 11 -8.12 49.37 -11.67
CA GLN G 11 -8.88 50.56 -12.03
C GLN G 11 -8.10 51.83 -11.71
N LEU G 12 -7.38 51.86 -10.59
CA LEU G 12 -6.70 53.08 -10.16
C LEU G 12 -5.38 53.26 -10.90
N VAL G 13 -4.46 52.31 -10.76
CA VAL G 13 -3.09 52.52 -11.25
C VAL G 13 -2.99 52.22 -12.74
N ASN G 14 -3.51 51.07 -13.17
CA ASN G 14 -3.40 50.64 -14.56
C ASN G 14 -4.37 51.48 -15.40
N VAL G 15 -3.96 52.72 -15.67
CA VAL G 15 -4.78 53.69 -16.36
C VAL G 15 -3.94 54.34 -17.46
N LYS G 16 -4.65 54.96 -18.43
CA LYS G 16 -3.97 55.57 -19.57
C LYS G 16 -3.03 56.69 -19.14
N ALA G 17 -3.34 57.38 -18.04
CA ALA G 17 -2.53 58.51 -17.63
C ALA G 17 -1.08 58.09 -17.37
N PHE G 18 -0.90 56.94 -16.73
CA PHE G 18 0.43 56.41 -16.43
C PHE G 18 0.97 55.51 -17.52
N SER G 19 0.25 55.36 -18.64
CA SER G 19 0.63 54.43 -19.70
C SER G 19 0.68 53.00 -19.20
N ARG G 20 -0.11 52.70 -18.17
CA ARG G 20 -0.18 51.37 -17.56
C ARG G 20 -1.38 50.57 -18.04
N GLN G 21 -2.10 51.08 -19.04
CA GLN G 21 -3.32 50.43 -19.48
C GLN G 21 -3.02 49.08 -20.14
N ARG G 22 -4.00 48.18 -20.07
CA ARG G 22 -3.89 46.89 -20.75
C ARG G 22 -4.28 47.04 -22.20
N VAL G 23 -3.42 46.59 -23.11
CA VAL G 23 -3.63 46.67 -24.54
C VAL G 23 -3.85 45.25 -25.07
N ILE G 24 -4.95 45.06 -25.79
CA ILE G 24 -5.31 43.75 -26.34
C ILE G 24 -4.98 43.76 -27.83
N GLY G 25 -4.18 42.79 -28.25
CA GLY G 25 -3.79 42.62 -29.63
C GLY G 25 -4.13 41.23 -30.13
N ALA G 26 -3.38 40.80 -31.15
CA ALA G 26 -3.59 39.48 -31.70
C ALA G 26 -3.16 38.41 -30.70
N PRO G 27 -3.85 37.27 -30.65
CA PRO G 27 -3.40 36.19 -29.78
C PRO G 27 -2.02 35.71 -30.17
N SER G 28 -1.21 35.40 -29.16
CA SER G 28 0.18 35.03 -29.37
C SER G 28 0.56 33.94 -28.37
N LYS G 29 1.59 33.17 -28.74
CA LYS G 29 2.02 32.04 -27.93
C LYS G 29 2.72 32.52 -26.66
N TRP G 30 2.54 31.75 -25.59
CA TRP G 30 3.34 31.94 -24.39
C TRP G 30 4.79 31.60 -24.70
N TYR G 31 5.71 32.23 -23.99
CA TYR G 31 7.15 32.11 -24.28
C TYR G 31 7.44 32.60 -25.69
N ASN G 32 7.13 33.88 -25.93
CA ASN G 32 7.30 34.48 -27.24
C ASN G 32 8.73 34.94 -27.52
N GLU G 33 9.61 34.86 -26.52
CA GLU G 33 10.98 35.35 -26.66
C GLU G 33 11.94 34.19 -26.47
N ASN G 34 12.80 33.96 -27.48
CA ASN G 34 13.77 32.88 -27.39
C ASN G 34 14.78 33.17 -26.30
N ARG G 35 15.05 32.17 -25.46
CA ARG G 35 15.98 32.37 -24.35
C ARG G 35 17.39 32.63 -24.85
N THR G 36 17.81 31.93 -25.91
CA THR G 36 19.16 32.14 -26.45
C THR G 36 19.33 33.56 -26.97
N GLU G 37 18.33 34.07 -27.71
CA GLU G 37 18.41 35.44 -28.20
C GLU G 37 18.42 36.42 -27.05
N TRP G 38 17.60 36.18 -26.02
CA TRP G 38 17.58 37.05 -24.86
C TRP G 38 18.95 37.09 -24.21
N PHE G 39 19.59 35.93 -24.04
CA PHE G 39 20.91 35.90 -23.41
C PHE G 39 21.95 36.58 -24.27
N LYS G 40 21.88 36.40 -25.59
CA LYS G 40 22.85 37.08 -26.46
C LYS G 40 22.72 38.59 -26.35
N VAL G 41 21.50 39.11 -26.41
CA VAL G 41 21.29 40.55 -26.34
C VAL G 41 21.69 41.08 -24.97
N ALA G 42 21.32 40.36 -23.91
CA ALA G 42 21.68 40.79 -22.57
C ALA G 42 23.20 40.80 -22.38
N GLN G 43 23.88 39.78 -22.91
CA GLN G 43 25.34 39.75 -22.83
C GLN G 43 25.95 40.93 -23.56
N HIS G 44 25.45 41.24 -24.76
CA HIS G 44 25.99 42.40 -25.47
C HIS G 44 25.78 43.67 -24.67
N ASN G 45 24.57 43.88 -24.16
CA ASN G 45 24.30 45.10 -23.41
C ASN G 45 25.15 45.19 -22.15
N ALA G 46 25.40 44.06 -21.50
CA ALA G 46 26.15 44.06 -20.25
C ALA G 46 27.64 44.28 -20.47
N PHE G 47 28.21 43.68 -21.52
CA PHE G 47 29.65 43.68 -21.71
C PHE G 47 30.17 44.77 -22.63
N ASN G 48 29.39 45.18 -23.63
CA ASN G 48 29.87 46.09 -24.66
C ASN G 48 29.20 47.46 -24.61
N THR G 49 28.58 47.81 -23.49
CA THR G 49 27.90 49.09 -23.38
C THR G 49 27.94 49.59 -21.94
N GLY G 50 28.22 50.88 -21.79
CA GLY G 50 28.04 51.55 -20.52
C GLY G 50 29.08 51.23 -19.47
N PHE G 51 28.81 51.74 -18.27
CA PHE G 51 29.71 51.50 -17.14
C PHE G 51 29.76 50.01 -16.80
N SER G 52 28.64 49.31 -16.95
CA SER G 52 28.66 47.87 -16.76
C SER G 52 29.59 47.21 -17.76
N GLY G 53 29.57 47.64 -19.02
CA GLY G 53 30.49 47.12 -20.00
C GLY G 53 31.94 47.40 -19.62
N VAL G 54 32.22 48.61 -19.16
CA VAL G 54 33.59 48.95 -18.76
C VAL G 54 34.04 48.04 -17.62
N ILE G 55 33.21 47.86 -16.60
CA ILE G 55 33.58 47.05 -15.46
C ILE G 55 33.80 45.60 -15.88
N LEU G 56 32.88 45.05 -16.69
CA LEU G 56 33.02 43.67 -17.11
C LEU G 56 34.20 43.46 -18.04
N ARG G 57 34.62 44.51 -18.76
CA ARG G 57 35.85 44.42 -19.54
C ARG G 57 37.08 44.48 -18.67
N ALA G 58 37.02 45.24 -17.56
CA ALA G 58 38.15 45.28 -16.64
C ALA G 58 38.37 43.93 -15.97
N LEU G 59 37.29 43.23 -15.63
CA LEU G 59 37.37 41.96 -14.94
C LEU G 59 37.54 40.77 -15.88
N GLU G 60 37.62 41.01 -17.18
CA GLU G 60 37.71 39.90 -18.14
C GLU G 60 38.83 38.92 -17.84
N PRO G 61 40.04 39.36 -17.48
CA PRO G 61 41.09 38.36 -17.17
C PRO G 61 40.70 37.41 -16.06
N LEU G 62 40.09 37.90 -14.99
CA LEU G 62 39.69 37.02 -13.89
C LEU G 62 38.62 36.04 -14.34
N LEU G 63 37.63 36.52 -15.09
CA LEU G 63 36.58 35.63 -15.57
C LEU G 63 37.17 34.54 -16.47
N ALA G 64 38.07 34.90 -17.37
CA ALA G 64 38.69 33.91 -18.23
C ALA G 64 39.50 32.91 -17.42
N LYS G 65 40.23 33.39 -16.41
CA LYS G 65 41.10 32.50 -15.64
C LYS G 65 40.28 31.52 -14.81
N PHE G 66 39.30 32.00 -14.06
CA PHE G 66 38.63 31.18 -13.06
C PHE G 66 37.33 30.54 -13.56
N ILE G 67 36.87 30.89 -14.76
CA ILE G 67 35.63 30.33 -15.31
C ILE G 67 35.92 29.49 -16.54
N TYR G 68 36.52 30.10 -17.58
CA TYR G 68 36.78 29.37 -18.81
C TYR G 68 37.92 28.37 -18.63
N ARG G 69 39.10 28.87 -18.28
CA ARG G 69 40.26 28.00 -18.17
C ARG G 69 40.09 26.97 -17.05
N TRP G 70 39.44 27.34 -15.95
CA TRP G 70 39.20 26.38 -14.88
C TRP G 70 38.36 25.21 -15.37
N ARG G 71 37.22 25.50 -15.99
CA ARG G 71 36.37 24.45 -16.54
C ARG G 71 37.11 23.63 -17.58
N LEU G 72 37.86 24.30 -18.46
CA LEU G 72 38.56 23.59 -19.51
C LEU G 72 39.62 22.65 -18.95
N ASP G 73 40.36 23.09 -17.94
CA ASP G 73 41.36 22.24 -17.32
C ASP G 73 40.71 21.04 -16.65
N ILE G 74 39.61 21.26 -15.92
CA ILE G 74 38.95 20.14 -15.27
C ILE G 74 38.43 19.14 -16.30
N ALA G 75 37.86 19.65 -17.39
CA ALA G 75 37.35 18.77 -18.44
C ALA G 75 38.48 17.98 -19.09
N HIS G 76 39.60 18.63 -19.38
CA HIS G 76 40.71 17.94 -20.02
C HIS G 76 41.33 16.89 -19.10
N GLN G 77 41.36 17.15 -17.80
CA GLN G 77 41.85 16.14 -16.87
C GLN G 77 41.09 14.83 -17.02
N ARG G 78 39.81 14.91 -17.38
CA ARG G 78 38.95 13.74 -17.51
C ARG G 78 38.75 13.31 -18.96
N GLY G 79 39.52 13.87 -19.89
CA GLY G 79 39.36 13.52 -21.29
C GLY G 79 38.07 14.05 -21.90
N LEU G 80 37.53 15.13 -21.34
CA LEU G 80 36.27 15.70 -21.79
C LEU G 80 36.49 17.13 -22.28
N THR G 81 35.55 17.61 -23.08
CA THR G 81 35.54 18.99 -23.55
C THR G 81 34.36 19.73 -22.91
N LEU G 82 34.30 21.04 -23.17
CA LEU G 82 33.20 21.83 -22.65
C LEU G 82 31.86 21.32 -23.17
N GLU G 83 31.84 20.75 -24.38
CA GLU G 83 30.60 20.19 -24.91
C GLU G 83 30.03 19.13 -23.98
N ASP G 84 30.89 18.42 -23.25
CA ASP G 84 30.44 17.38 -22.34
C ASP G 84 29.69 17.94 -21.13
N SER G 85 29.73 19.25 -20.90
CA SER G 85 29.06 19.85 -19.76
C SER G 85 28.10 20.97 -20.15
N LEU G 86 28.44 21.75 -21.18
CA LEU G 86 27.61 22.88 -21.57
C LEU G 86 26.48 22.48 -22.51
N LEU G 87 26.73 21.54 -23.42
CA LEU G 87 25.68 21.10 -24.33
C LEU G 87 24.52 20.46 -23.57
N PHE G 88 24.84 19.46 -22.73
CA PHE G 88 23.86 18.78 -21.90
C PHE G 88 24.37 18.80 -20.47
N MET G 89 23.62 19.46 -19.59
CA MET G 89 24.01 19.48 -18.19
C MET G 89 23.99 18.07 -17.61
N ASP G 90 24.85 17.85 -16.61
CA ASP G 90 24.89 16.54 -15.96
C ASP G 90 23.50 16.10 -15.51
N ARG G 91 22.72 17.04 -14.97
CA ARG G 91 21.38 16.71 -14.50
C ARG G 91 20.49 16.24 -15.65
N GLU G 92 20.57 16.92 -16.80
CA GLU G 92 19.74 16.52 -17.94
C GLU G 92 20.09 15.12 -18.40
N LEU G 93 21.39 14.80 -18.48
CA LEU G 93 21.80 13.46 -18.88
C LEU G 93 21.42 12.42 -17.84
N ARG G 94 21.36 12.80 -16.56
CA ARG G 94 21.17 11.80 -15.51
C ARG G 94 19.69 11.44 -15.35
N ARG G 95 18.85 12.42 -15.00
CA ARG G 95 17.48 12.12 -14.57
C ARG G 95 16.40 12.97 -15.22
N CYS G 96 16.70 14.15 -15.74
CA CYS G 96 15.64 15.03 -16.23
C CYS G 96 14.75 14.31 -17.24
N TYR G 97 13.44 14.40 -17.04
CA TYR G 97 12.49 13.69 -17.88
C TYR G 97 12.11 14.47 -19.14
N PHE G 98 12.09 15.80 -19.07
CA PHE G 98 11.78 16.59 -20.25
C PHE G 98 12.85 16.39 -21.33
N PHE G 99 14.12 16.45 -20.93
CA PHE G 99 15.20 16.19 -21.87
C PHE G 99 15.14 14.75 -22.38
N GLU G 100 14.79 13.80 -21.51
CA GLU G 100 14.66 12.43 -21.94
C GLU G 100 13.62 12.30 -23.05
N THR G 101 12.44 12.90 -22.86
CA THR G 101 11.40 12.82 -23.87
C THR G 101 11.83 13.49 -25.16
N VAL G 102 12.44 14.67 -25.06
CA VAL G 102 12.87 15.38 -26.27
C VAL G 102 13.90 14.54 -27.03
N ALA G 103 14.87 13.97 -26.32
CA ALA G 103 15.89 13.16 -26.96
C ALA G 103 15.29 11.92 -27.61
N ARG G 104 14.38 11.24 -26.91
CA ARG G 104 13.75 10.06 -27.48
C ARG G 104 12.96 10.40 -28.74
N GLN G 105 12.23 11.51 -28.72
CA GLN G 105 11.38 11.84 -29.85
C GLN G 105 12.20 12.33 -31.04
N ASN G 106 13.29 13.05 -30.80
CA ASN G 106 14.04 13.69 -31.88
C ASN G 106 15.44 13.14 -32.04
N LEU G 107 16.23 13.08 -30.98
CA LEU G 107 17.65 12.80 -31.10
C LEU G 107 17.90 11.35 -31.50
N HIS G 108 19.05 11.15 -32.16
CA HIS G 108 19.59 9.83 -32.46
C HIS G 108 20.24 9.25 -31.20
N PRO G 109 20.24 7.93 -31.04
CA PRO G 109 20.84 7.35 -29.82
C PRO G 109 22.30 7.74 -29.63
N TYR G 110 23.06 7.90 -30.71
CA TYR G 110 24.49 8.16 -30.56
C TYR G 110 24.76 9.48 -29.87
N THR G 111 23.94 10.51 -30.15
CA THR G 111 24.21 11.84 -29.62
C THR G 111 24.37 11.82 -28.10
N VAL G 112 23.61 10.96 -27.42
CA VAL G 112 23.65 10.88 -25.97
C VAL G 112 24.52 9.70 -25.55
N LEU G 113 24.57 8.67 -26.38
CA LEU G 113 25.37 7.50 -26.06
C LEU G 113 26.84 7.86 -25.94
N PHE G 114 27.36 8.64 -26.89
CA PHE G 114 28.76 9.06 -26.83
C PHE G 114 29.00 9.97 -25.63
N MET G 115 28.07 10.87 -25.36
CA MET G 115 28.21 11.76 -24.21
C MET G 115 28.34 10.95 -22.92
N LYS G 116 27.54 9.90 -22.78
CA LYS G 116 27.60 9.09 -21.57
C LYS G 116 28.85 8.22 -21.53
N LYS G 117 29.25 7.65 -22.68
CA LYS G 117 30.41 6.78 -22.70
C LYS G 117 31.71 7.54 -22.45
N ARG G 118 31.79 8.79 -22.88
CA ARG G 118 32.99 9.57 -22.63
C ARG G 118 33.23 9.72 -21.13
N ARG G 119 32.17 9.95 -20.36
CA ARG G 119 32.31 10.00 -18.90
C ARG G 119 32.51 8.61 -18.30
N ALA G 120 31.89 7.60 -18.90
CA ALA G 120 32.05 6.24 -18.39
C ALA G 120 33.50 5.80 -18.45
N ARG G 121 34.19 6.11 -19.55
CA ARG G 121 35.61 5.84 -19.66
C ARG G 121 36.34 6.21 -18.38
N TYR G 122 36.27 7.50 -18.04
CA TYR G 122 37.03 8.02 -16.90
C TYR G 122 36.51 7.47 -15.58
N TYR G 123 35.18 7.40 -15.42
CA TYR G 123 34.65 7.08 -14.10
C TYR G 123 34.79 5.61 -13.75
N LYS G 124 34.82 4.72 -14.73
CA LYS G 124 35.10 3.31 -14.42
C LYS G 124 36.41 3.18 -13.65
N VAL G 125 37.40 3.98 -14.02
CA VAL G 125 38.69 3.94 -13.34
C VAL G 125 38.66 4.80 -12.08
N GLU G 126 37.98 5.95 -12.14
CA GLU G 126 37.96 6.87 -11.00
C GLU G 126 37.34 6.20 -9.78
N ARG G 127 36.23 5.49 -9.96
CA ARG G 127 35.62 4.80 -8.83
C ARG G 127 36.54 3.74 -8.26
N GLY G 128 37.21 2.98 -9.13
CA GLY G 128 38.17 2.00 -8.66
C GLY G 128 39.34 2.63 -7.95
N LEU G 129 39.92 3.68 -8.53
CA LEU G 129 41.03 4.41 -7.95
C LEU G 129 40.81 5.89 -8.17
N ARG G 130 40.75 6.66 -7.09
CA ARG G 130 40.54 8.09 -7.19
C ARG G 130 41.83 8.79 -7.61
N GLY G 131 41.69 10.00 -8.14
CA GLY G 131 42.83 10.75 -8.62
C GLY G 131 43.28 10.39 -10.01
N PHE G 132 42.42 9.76 -10.80
CA PHE G 132 42.81 9.33 -12.14
C PHE G 132 43.08 10.54 -13.02
N TYR G 133 44.21 10.51 -13.72
CA TYR G 133 44.56 11.50 -14.73
C TYR G 133 44.56 10.83 -16.09
N VAL G 134 43.79 11.39 -17.02
CA VAL G 134 43.64 10.78 -18.34
C VAL G 134 44.98 10.83 -19.07
N PRO G 135 45.41 9.76 -19.73
CA PRO G 135 46.70 9.80 -20.45
C PRO G 135 46.69 10.75 -21.63
N ASP G 136 47.84 10.89 -22.30
CA ASP G 136 47.97 11.89 -23.35
C ASP G 136 47.19 11.52 -24.60
N TRP G 137 47.10 10.23 -24.93
CA TRP G 137 46.45 9.85 -26.18
C TRP G 137 44.97 10.22 -26.17
N VAL G 138 44.29 10.01 -25.04
CA VAL G 138 42.90 10.46 -24.93
C VAL G 138 42.83 11.98 -24.87
N ARG G 139 43.75 12.60 -24.14
CA ARG G 139 43.73 14.05 -23.97
C ARG G 139 43.86 14.76 -25.31
N LYS G 140 44.64 14.20 -26.22
CA LYS G 140 44.83 14.84 -27.52
C LYS G 140 43.54 14.89 -28.30
N GLU G 141 42.85 13.75 -28.42
CA GLU G 141 41.57 13.73 -29.12
C GLU G 141 40.54 14.61 -28.40
N ALA G 142 40.63 14.70 -27.07
CA ALA G 142 39.75 15.61 -26.35
C ALA G 142 40.02 17.06 -26.75
N GLU G 143 41.29 17.42 -26.88
CA GLU G 143 41.67 18.79 -27.23
C GLU G 143 41.52 19.09 -28.72
N GLU G 144 41.28 18.07 -29.55
CA GLU G 144 41.16 18.32 -30.99
C GLU G 144 39.99 19.26 -31.29
N ARG G 145 38.86 19.05 -30.64
CA ARG G 145 37.67 19.85 -30.91
C ARG G 145 37.77 21.20 -30.23
N GLN G 146 37.58 22.27 -31.01
CA GLN G 146 37.64 23.62 -30.49
C GLN G 146 36.26 24.03 -29.95
N LEU G 147 36.17 25.26 -29.45
CA LEU G 147 34.92 25.75 -28.89
C LEU G 147 33.92 26.20 -29.95
N SER G 148 34.38 26.51 -31.16
CA SER G 148 33.46 27.01 -32.19
C SER G 148 32.39 25.97 -32.50
N GLU G 149 32.80 24.71 -32.70
CA GLU G 149 31.84 23.67 -33.03
C GLU G 149 30.93 23.38 -31.84
N THR G 150 31.48 23.41 -30.62
CA THR G 150 30.66 23.17 -29.43
C THR G 150 29.59 24.24 -29.29
N VAL G 151 29.94 25.51 -29.51
CA VAL G 151 28.94 26.57 -29.41
C VAL G 151 27.95 26.47 -30.55
N ASP G 152 28.39 26.05 -31.74
CA ASP G 152 27.45 25.79 -32.82
C ASP G 152 26.40 24.77 -32.39
N ASN G 153 26.86 23.66 -31.80
CA ASN G 153 25.92 22.64 -31.33
C ASN G 153 25.01 23.17 -30.24
N ILE G 154 25.57 23.95 -29.31
CA ILE G 154 24.76 24.47 -28.20
C ILE G 154 23.65 25.37 -28.74
N PHE G 155 24.00 26.29 -29.64
CA PHE G 155 22.99 27.17 -30.21
C PHE G 155 21.95 26.38 -30.98
N ASN G 156 22.40 25.41 -31.79
CA ASN G 156 21.44 24.59 -32.54
C ASN G 156 20.46 23.90 -31.60
N TRP G 157 20.99 23.27 -30.55
CA TRP G 157 20.13 22.52 -29.64
C TRP G 157 19.16 23.42 -28.90
N GLU G 158 19.65 24.56 -28.39
CA GLU G 158 18.76 25.46 -27.65
C GLU G 158 17.69 26.03 -28.55
N ASN G 159 18.06 26.46 -29.76
CA ASN G 159 17.06 26.99 -30.69
C ASN G 159 16.04 25.93 -31.06
N PHE G 160 16.49 24.69 -31.30
CA PHE G 160 15.56 23.61 -31.61
C PHE G 160 14.59 23.38 -30.46
N VAL G 161 15.12 23.31 -29.23
CA VAL G 161 14.27 23.05 -28.08
C VAL G 161 13.25 24.15 -27.90
N TYR G 162 13.67 25.41 -28.06
CA TYR G 162 12.71 26.50 -27.95
C TYR G 162 11.64 26.42 -29.03
N ARG G 163 12.07 26.32 -30.30
CA ARG G 163 11.13 26.39 -31.41
C ARG G 163 10.13 25.25 -31.37
N GLU G 164 10.58 24.05 -31.02
CA GLU G 164 9.72 22.88 -31.10
C GLU G 164 8.85 22.71 -29.86
N TYR G 165 9.47 22.67 -28.68
CA TYR G 165 8.78 22.30 -27.45
C TYR G 165 8.47 23.50 -26.55
N MET G 166 9.47 24.29 -26.19
CA MET G 166 9.22 25.41 -25.30
C MET G 166 8.32 26.46 -25.95
N SER G 167 8.20 26.43 -27.27
CA SER G 167 7.26 27.28 -27.99
C SER G 167 5.88 26.66 -28.11
N ASP G 168 5.68 25.47 -27.54
CA ASP G 168 4.41 24.75 -27.57
C ASP G 168 3.98 24.39 -26.15
N MET G 169 4.06 25.36 -25.25
CA MET G 169 3.69 25.16 -23.86
C MET G 169 2.82 26.32 -23.39
N THR G 170 2.06 26.07 -22.32
CA THR G 170 1.20 27.09 -21.72
C THR G 170 1.01 26.74 -20.25
N PRO G 171 1.83 27.31 -19.37
CA PRO G 171 1.72 26.96 -17.95
C PRO G 171 0.40 27.43 -17.35
N ILE G 172 -0.04 26.72 -16.31
CA ILE G 172 -1.32 26.98 -15.67
C ILE G 172 -1.11 27.08 -14.17
N GLY G 173 -2.06 27.71 -13.50
CA GLY G 173 -2.07 27.70 -12.05
C GLY G 173 -2.12 26.27 -11.52
N ARG G 174 -1.31 26.00 -10.51
CA ARG G 174 -1.03 24.63 -10.10
C ARG G 174 -0.88 24.55 -8.59
N TRP G 175 -1.18 23.39 -8.04
CA TRP G 175 -0.94 23.06 -6.65
C TRP G 175 0.32 22.21 -6.55
N THR G 176 0.60 21.68 -5.36
CA THR G 176 1.73 20.78 -5.20
C THR G 176 1.60 19.60 -6.14
N SER G 177 2.55 19.47 -7.07
CA SER G 177 2.56 18.31 -7.96
C SER G 177 2.75 17.03 -7.15
N LEU G 178 3.61 17.06 -6.14
CA LEU G 178 3.80 15.91 -5.27
C LEU G 178 2.51 15.59 -4.52
N SER G 179 2.28 14.31 -4.27
CA SER G 179 1.11 13.85 -3.53
C SER G 179 1.40 13.68 -2.05
N LYS G 180 2.34 14.46 -1.50
CA LYS G 180 2.70 14.31 -0.11
C LYS G 180 1.59 14.83 0.81
N ILE G 181 1.35 14.11 1.89
CA ILE G 181 0.37 14.55 2.89
C ILE G 181 0.91 15.64 3.80
N THR G 182 2.19 15.94 3.70
CA THR G 182 2.76 17.00 4.53
C THR G 182 2.03 18.32 4.26
N PRO G 183 1.53 19.00 5.30
CA PRO G 183 0.84 20.27 5.04
C PRO G 183 1.73 21.32 4.40
N LEU G 184 3.03 21.32 4.71
CA LEU G 184 3.92 22.31 4.11
C LEU G 184 3.98 22.15 2.60
N ASP G 185 4.12 20.92 2.13
CA ASP G 185 4.09 20.66 0.69
C ASP G 185 2.67 20.68 0.14
N MET G 186 1.69 20.30 0.96
CA MET G 186 0.32 20.16 0.48
C MET G 186 -0.24 21.48 -0.04
N PHE G 187 0.03 22.58 0.67
CA PHE G 187 -0.59 23.86 0.39
C PHE G 187 0.28 24.77 -0.49
N GLN G 188 1.31 24.24 -1.13
CA GLN G 188 2.11 25.05 -2.03
C GLN G 188 1.25 25.54 -3.19
N TYR G 189 1.34 26.83 -3.48
CA TYR G 189 0.49 27.49 -4.46
C TYR G 189 1.36 28.07 -5.56
N TYR G 190 1.21 27.56 -6.78
CA TYR G 190 1.98 28.01 -7.93
C TYR G 190 1.08 28.80 -8.85
N GLY G 191 1.58 29.95 -9.32
CA GLY G 191 0.81 30.81 -10.19
C GLY G 191 0.93 32.27 -9.81
N LEU G 192 1.07 32.54 -8.52
CA LEU G 192 1.35 33.88 -8.03
C LEU G 192 2.83 34.02 -7.70
N PHE G 193 3.26 35.27 -7.57
CA PHE G 193 4.67 35.64 -7.41
C PHE G 193 5.48 35.34 -8.67
N ARG G 194 4.82 35.06 -9.79
CA ARG G 194 5.46 34.93 -11.09
C ARG G 194 5.18 36.18 -11.90
N ASN G 195 6.23 36.79 -12.44
CA ASN G 195 6.05 38.01 -13.21
C ASN G 195 5.19 37.77 -14.44
N GLU G 196 5.39 36.63 -15.11
CA GLU G 196 4.61 36.34 -16.31
C GLU G 196 3.12 36.21 -15.99
N ALA G 197 2.80 35.65 -14.82
CA ALA G 197 1.41 35.43 -14.46
C ALA G 197 0.65 36.75 -14.35
N TRP G 198 1.28 37.77 -13.76
CA TRP G 198 0.61 39.03 -13.49
C TRP G 198 0.80 40.08 -14.56
N ASP G 199 1.87 40.00 -15.36
CA ASP G 199 2.08 41.00 -16.40
C ASP G 199 0.96 40.97 -17.43
N ARG G 200 0.54 39.78 -17.85
CA ARG G 200 -0.48 39.62 -18.88
C ARG G 200 -1.52 38.63 -18.39
N PHE G 201 -2.77 39.09 -18.27
CA PHE G 201 -3.88 38.23 -17.88
C PHE G 201 -4.51 37.50 -19.07
N PHE G 202 -4.16 37.88 -20.29
CA PHE G 202 -4.76 37.29 -21.48
C PHE G 202 -3.66 36.92 -22.47
N TYR G 203 -3.97 35.97 -23.34
CA TYR G 203 -3.07 35.62 -24.43
C TYR G 203 -3.17 36.58 -25.60
N ASN G 204 -4.13 37.51 -25.55
CA ASN G 204 -4.23 38.57 -26.56
C ASN G 204 -3.40 39.78 -26.20
N GLU G 205 -3.13 40.01 -24.92
CA GLU G 205 -2.44 41.23 -24.51
C GLU G 205 -1.10 41.36 -25.22
N ALA G 206 -0.82 42.57 -25.68
CA ALA G 206 0.47 42.85 -26.30
C ALA G 206 1.59 42.75 -25.27
N PHE G 207 2.77 42.38 -25.75
CA PHE G 207 3.93 42.25 -24.88
C PHE G 207 4.53 43.63 -24.65
N TYR G 208 4.49 44.09 -23.40
CA TYR G 208 4.90 45.46 -23.11
C TYR G 208 6.40 45.63 -23.17
N GLU G 209 7.15 44.68 -22.61
CA GLU G 209 8.61 44.76 -22.53
C GLU G 209 9.23 43.83 -23.55
N SER G 210 10.19 44.34 -24.30
CA SER G 210 10.91 43.54 -25.29
C SER G 210 12.09 44.36 -25.79
N TYR G 211 13.18 43.65 -26.12
CA TYR G 211 14.35 44.31 -26.66
C TYR G 211 13.99 45.01 -27.96
N SER G 212 14.42 46.26 -28.09
CA SER G 212 14.14 47.03 -29.31
C SER G 212 14.93 46.46 -30.48
N GLU G 213 14.38 46.63 -31.68
CA GLU G 213 15.07 46.16 -32.87
C GLU G 213 16.48 46.75 -32.97
N LYS G 214 16.65 48.00 -32.54
CA LYS G 214 17.98 48.60 -32.53
C LYS G 214 18.93 47.81 -31.65
N GLU G 215 18.47 47.40 -30.46
CA GLU G 215 19.32 46.62 -29.56
C GLU G 215 19.69 45.28 -30.19
N LYS G 216 18.74 44.62 -30.84
CA LYS G 216 19.05 43.34 -31.49
C LYS G 216 20.07 43.53 -32.60
N GLN G 217 19.90 44.56 -33.43
CA GLN G 217 20.84 44.79 -34.51
C GLN G 217 22.22 45.12 -33.98
N GLU G 218 22.30 45.92 -32.91
CA GLU G 218 23.58 46.22 -32.30
C GLU G 218 24.23 44.95 -31.75
N ALA G 219 23.43 44.10 -31.08
CA ALA G 219 23.98 42.87 -30.55
C ALA G 219 24.46 41.93 -31.64
N ASN G 220 23.87 42.02 -32.83
CA ASN G 220 24.32 41.21 -33.95
C ASN G 220 25.59 41.75 -34.61
N GLY G 221 26.07 42.91 -34.18
CA GLY G 221 27.26 43.52 -34.77
C GLY G 221 28.54 42.83 -34.39
N ASN G 222 29.66 43.53 -34.51
CA ASN G 222 30.96 42.95 -34.22
C ASN G 222 31.13 42.75 -32.72
N PRO G 223 31.43 41.54 -32.25
CA PRO G 223 31.58 41.34 -30.80
C PRO G 223 32.75 42.09 -30.20
N PHE G 224 33.71 42.54 -31.00
CA PHE G 224 34.94 43.14 -30.48
C PHE G 224 34.93 44.67 -30.54
N GLY G 225 33.78 45.29 -30.80
CA GLY G 225 33.64 46.72 -30.60
C GLY G 225 33.75 47.59 -31.83
N LYS G 226 33.01 47.25 -32.89
CA LYS G 226 32.83 48.15 -34.04
C LYS G 226 34.16 48.61 -34.61
N PHE G 227 34.92 47.64 -35.09
CA PHE G 227 36.18 47.90 -35.78
C PHE G 227 35.94 47.97 -37.28
N ASN G 228 36.69 48.85 -37.94
CA ASN G 228 36.56 49.04 -39.38
C ASN G 228 37.54 48.11 -40.08
N LEU G 229 37.01 47.04 -40.66
CA LEU G 229 37.84 46.07 -41.37
C LEU G 229 38.31 46.58 -42.72
N GLN G 230 37.82 47.73 -43.17
CA GLN G 230 38.24 48.32 -44.43
C GLN G 230 39.37 49.33 -44.25
N THR G 231 39.88 49.52 -43.04
CA THR G 231 40.94 50.47 -42.76
C THR G 231 42.09 49.76 -42.05
N ALA G 232 43.30 50.26 -42.27
CA ALA G 232 44.49 49.63 -41.71
C ALA G 232 44.48 49.70 -40.18
N ASP G 233 44.16 50.88 -39.63
CA ASP G 233 44.14 51.01 -38.18
C ASP G 233 43.07 50.14 -37.55
N GLY G 234 41.88 50.10 -38.15
CA GLY G 234 40.84 49.22 -37.64
C GLY G 234 41.24 47.77 -37.70
N ARG G 235 41.88 47.36 -38.80
CA ARG G 235 42.34 45.98 -38.90
C ARG G 235 43.39 45.67 -37.85
N ALA G 236 44.30 46.61 -37.58
CA ALA G 236 45.32 46.37 -36.56
C ALA G 236 44.69 46.24 -35.18
N GLN G 237 43.73 47.10 -34.87
CA GLN G 237 43.05 47.01 -33.58
C GLN G 237 42.30 45.69 -33.44
N PHE G 238 41.60 45.28 -34.51
CA PHE G 238 40.89 44.01 -34.48
C PHE G 238 41.86 42.85 -34.30
N GLU G 239 43.01 42.91 -34.98
CA GLU G 239 43.99 41.83 -34.89
C GLU G 239 44.54 41.73 -33.47
N LYS G 240 44.87 42.86 -32.85
CA LYS G 240 45.39 42.79 -31.47
C LYS G 240 44.32 42.26 -30.52
N GLU G 241 43.07 42.70 -30.69
CA GLU G 241 41.99 42.20 -29.85
C GLU G 241 41.82 40.69 -30.00
N VAL G 242 41.84 40.21 -31.25
CA VAL G 242 41.68 38.78 -31.49
C VAL G 242 42.86 38.00 -30.94
N ASN G 243 44.07 38.57 -31.05
CA ASN G 243 45.24 37.88 -30.51
C ASN G 243 45.16 37.74 -29.00
N THR G 244 44.78 38.82 -28.31
CA THR G 244 44.64 38.72 -26.85
C THR G 244 43.52 37.76 -26.48
N PHE G 245 42.43 37.73 -27.26
CA PHE G 245 41.37 36.77 -27.00
C PHE G 245 41.87 35.35 -27.17
N ILE G 246 42.64 35.09 -28.23
CA ILE G 246 43.17 33.75 -28.47
C ILE G 246 44.07 33.33 -27.32
N GLU G 247 44.93 34.24 -26.85
CA GLU G 247 45.79 33.92 -25.72
C GLU G 247 44.96 33.64 -24.47
N ARG G 248 43.91 34.43 -24.23
CA ARG G 248 43.09 34.23 -23.04
C ARG G 248 42.41 32.86 -23.05
N TYR G 249 41.86 32.47 -24.21
CA TYR G 249 41.10 31.23 -24.35
C TYR G 249 41.94 30.23 -25.12
N PRO G 250 42.70 29.36 -24.44
CA PRO G 250 43.67 28.52 -25.17
C PRO G 250 43.05 27.61 -26.22
N PHE G 251 41.88 27.04 -25.95
CA PHE G 251 41.25 26.07 -26.85
C PHE G 251 39.87 26.54 -27.29
N ALA G 252 39.74 27.81 -27.65
CA ALA G 252 38.48 28.34 -28.13
C ALA G 252 38.41 28.30 -29.66
N VAL G 253 39.35 28.96 -30.33
CA VAL G 253 39.37 29.01 -31.79
C VAL G 253 40.64 28.40 -32.38
N THR G 254 41.73 28.30 -31.62
CA THR G 254 42.97 27.75 -32.14
C THR G 254 43.69 27.01 -31.03
N LYS G 255 44.53 26.06 -31.42
CA LYS G 255 45.37 25.37 -30.45
C LYS G 255 46.38 26.37 -29.86
N PRO G 256 46.79 26.16 -28.61
CA PRO G 256 47.67 27.16 -27.97
C PRO G 256 48.94 27.44 -28.75
N GLY G 257 49.52 26.43 -29.38
CA GLY G 257 50.76 26.64 -30.12
C GLY G 257 50.59 27.53 -31.33
N GLN G 258 49.54 27.31 -32.11
CA GLN G 258 49.38 27.96 -33.40
C GLN G 258 48.81 29.36 -33.21
N LYS G 259 48.53 30.05 -34.32
CA LYS G 259 48.03 31.42 -34.31
C LYS G 259 46.88 31.55 -35.29
N PHE G 260 46.04 32.56 -35.06
CA PHE G 260 44.86 32.76 -35.88
C PHE G 260 45.24 33.29 -37.26
N ASP G 261 44.50 32.83 -38.28
CA ASP G 261 44.72 33.25 -39.66
C ASP G 261 43.69 34.31 -40.00
N PHE G 262 44.13 35.57 -40.04
CA PHE G 262 43.20 36.68 -40.25
C PHE G 262 42.82 36.86 -41.73
N THR G 263 43.70 36.49 -42.65
CA THR G 263 43.38 36.65 -44.07
C THR G 263 42.16 35.81 -44.45
N ARG G 264 42.11 34.57 -43.97
CA ARG G 264 40.96 33.72 -44.27
C ARG G 264 39.69 34.29 -43.67
N PHE G 265 39.77 34.84 -42.45
CA PHE G 265 38.61 35.45 -41.84
C PHE G 265 38.12 36.65 -42.64
N TYR G 266 39.05 37.49 -43.10
CA TYR G 266 38.66 38.63 -43.93
C TYR G 266 38.01 38.16 -45.23
N ALA G 267 38.57 37.11 -45.84
CA ALA G 267 37.95 36.57 -47.06
C ALA G 267 36.54 36.07 -46.77
N LEU G 268 36.35 35.38 -45.65
CA LEU G 268 35.02 34.90 -45.28
C LEU G 268 34.06 36.06 -45.14
N GLU G 269 34.46 37.11 -44.41
CA GLU G 269 33.57 38.24 -44.19
C GLU G 269 33.24 38.94 -45.50
N ASP G 270 34.23 39.11 -46.39
CA ASP G 270 33.98 39.77 -47.66
C ASP G 270 33.04 38.95 -48.53
N LEU G 271 33.25 37.63 -48.60
CA LEU G 271 32.35 36.80 -49.39
C LEU G 271 30.94 36.81 -48.83
N ALA G 272 30.81 36.81 -47.49
CA ALA G 272 29.49 36.87 -46.89
C ALA G 272 28.77 38.16 -47.27
N ASN G 273 29.49 39.28 -47.25
CA ASN G 273 28.91 40.57 -47.60
C ASN G 273 29.07 40.83 -49.10
N LYS G 274 28.49 41.95 -49.55
CA LYS G 274 28.57 42.28 -50.98
C LYS G 274 29.99 42.62 -51.40
N ARG G 275 30.81 43.14 -50.49
CA ARG G 275 32.15 43.56 -50.85
C ARG G 275 32.95 42.39 -51.42
N ASP G 276 33.62 42.62 -52.54
CA ASP G 276 34.47 41.62 -53.14
C ASP G 276 35.47 42.30 -54.06
N THR G 277 36.54 41.58 -54.37
CA THR G 277 37.59 42.08 -55.25
C THR G 277 38.57 40.95 -55.51
N SER G 278 39.58 41.23 -56.33
CA SER G 278 40.60 40.25 -56.67
C SER G 278 41.78 40.24 -55.70
N LYS G 279 41.72 41.06 -54.64
CA LYS G 279 42.84 41.13 -53.71
C LYS G 279 43.07 39.81 -52.97
N TYR G 280 42.11 38.90 -53.00
CA TYR G 280 42.24 37.61 -52.35
C TYR G 280 42.69 36.56 -53.35
N ASP G 281 43.65 35.74 -52.95
CA ASP G 281 44.19 34.74 -53.85
C ASP G 281 43.09 33.77 -54.29
N PRO G 282 43.03 33.38 -55.56
CA PRO G 282 41.99 32.45 -55.98
C PRO G 282 41.96 31.17 -55.17
N ALA G 283 43.13 30.64 -54.80
CA ALA G 283 43.16 29.44 -53.97
C ALA G 283 42.51 29.70 -52.62
N LEU G 284 42.79 30.86 -52.01
CA LEU G 284 42.17 31.19 -50.73
C LEU G 284 40.66 31.30 -50.86
N LEU G 285 40.18 31.95 -51.92
CA LEU G 285 38.74 32.09 -52.11
C LEU G 285 38.08 30.73 -52.31
N GLU G 286 38.68 29.86 -53.12
CA GLU G 286 38.11 28.54 -53.33
C GLU G 286 38.08 27.74 -52.03
N SER G 287 39.18 27.78 -51.26
CA SER G 287 39.21 27.05 -50.00
C SER G 287 38.17 27.58 -49.04
N VAL G 288 38.03 28.90 -48.96
CA VAL G 288 37.05 29.49 -48.05
C VAL G 288 35.64 29.08 -48.44
N LYS G 289 35.34 29.15 -49.74
CA LYS G 289 34.00 28.78 -50.19
C LYS G 289 33.71 27.31 -49.90
N ASN G 290 34.68 26.42 -50.19
CA ASN G 290 34.46 25.00 -49.95
C ASN G 290 34.29 24.72 -48.46
N GLU G 291 35.09 25.36 -47.61
CA GLU G 291 34.96 25.15 -46.18
C GLU G 291 33.62 25.67 -45.67
N LEU G 292 33.17 26.82 -46.18
CA LEU G 292 31.87 27.35 -45.78
C LEU G 292 30.75 26.41 -46.20
N LYS G 293 30.83 25.85 -47.40
CA LYS G 293 29.83 24.87 -47.84
C LYS G 293 29.84 23.64 -46.95
N GLN G 294 31.02 23.14 -46.60
CA GLN G 294 31.10 21.90 -45.82
C GLN G 294 30.70 22.11 -44.37
N SER G 295 30.92 23.31 -43.82
CA SER G 295 30.61 23.53 -42.41
C SER G 295 29.11 23.38 -42.14
N ALA G 296 28.28 23.93 -43.01
CA ALA G 296 26.83 23.88 -42.83
C ALA G 296 26.20 22.61 -43.40
N ALA G 297 26.97 21.81 -44.15
CA ALA G 297 26.42 20.59 -44.72
C ALA G 297 25.99 19.63 -43.62
N LEU G 298 24.77 19.13 -43.73
CA LEU G 298 24.26 18.17 -42.76
C LEU G 298 24.73 16.77 -43.15
N PRO G 299 25.42 16.04 -42.29
CA PRO G 299 25.89 14.71 -42.66
C PRO G 299 24.72 13.78 -42.98
N ALA G 300 24.92 12.93 -43.99
CA ALA G 300 23.89 12.02 -44.45
C ALA G 300 24.46 10.61 -44.59
N ASP G 301 23.59 9.63 -44.34
CA ASP G 301 24.01 8.23 -44.42
C ASP G 301 24.12 7.78 -45.88
N ASN G 302 25.16 7.01 -46.17
CA ASN G 302 25.40 6.51 -47.51
C ASN G 302 24.74 5.17 -47.79
N GLY G 303 24.19 4.51 -46.77
CA GLY G 303 23.56 3.21 -46.98
C GLY G 303 24.53 2.16 -47.49
N ALA G 304 25.73 2.11 -46.92
CA ALA G 304 26.75 1.16 -47.35
C ALA G 304 27.40 0.53 -46.12
N ASN G 305 28.11 -0.58 -46.35
CA ASN G 305 28.79 -1.31 -45.29
C ASN G 305 27.79 -1.77 -44.23
N LYS G 306 26.74 -2.43 -44.68
CA LYS G 306 25.69 -2.92 -43.78
C LYS G 306 25.95 -4.36 -43.39
N THR G 307 25.53 -4.72 -42.18
CA THR G 307 25.69 -6.05 -41.65
C THR G 307 24.41 -6.86 -41.86
N LYS G 308 24.56 -8.17 -41.96
CA LYS G 308 23.42 -9.03 -42.25
C LYS G 308 22.37 -8.93 -41.16
N LYS G 309 21.10 -8.97 -41.56
CA LYS G 309 19.99 -8.92 -40.63
C LYS G 309 19.63 -10.34 -40.19
N SER G 310 19.55 -10.53 -38.88
CA SER G 310 19.29 -11.86 -38.35
C SER G 310 17.88 -12.32 -38.71
N LYS G 311 17.76 -13.58 -39.12
CA LYS G 311 16.48 -14.22 -39.42
C LYS G 311 16.41 -15.54 -38.66
N PRO G 312 16.23 -15.47 -37.35
CA PRO G 312 16.30 -16.69 -36.54
C PRO G 312 15.25 -17.72 -36.93
N ILE G 313 15.62 -19.00 -36.80
CA ILE G 313 14.74 -20.12 -37.09
C ILE G 313 14.77 -21.06 -35.90
N LEU G 314 13.73 -21.86 -35.76
CA LEU G 314 13.60 -22.74 -34.60
C LEU G 314 14.75 -23.75 -34.60
N PRO G 315 15.29 -24.10 -33.43
CA PRO G 315 16.34 -25.11 -33.38
C PRO G 315 15.86 -26.44 -33.95
N ASP G 316 16.83 -27.32 -34.21
CA ASP G 316 16.52 -28.62 -34.80
C ASP G 316 15.64 -29.46 -33.87
N TRP G 317 15.96 -29.46 -32.57
CA TRP G 317 15.22 -30.29 -31.63
C TRP G 317 13.77 -29.83 -31.45
N LEU G 318 13.42 -28.63 -31.91
CA LEU G 318 12.04 -28.16 -31.89
C LEU G 318 11.36 -28.29 -33.25
N GLN G 319 11.95 -29.04 -34.18
CA GLN G 319 11.42 -29.24 -35.50
C GLN G 319 11.18 -30.72 -35.75
N PRO G 320 10.27 -31.08 -36.66
CA PRO G 320 10.00 -32.49 -36.93
C PRO G 320 11.22 -33.19 -37.49
N LYS G 321 11.31 -34.49 -37.22
CA LYS G 321 12.45 -35.27 -37.66
C LYS G 321 12.47 -35.38 -39.18
N PHE G 322 13.65 -35.72 -39.71
CA PHE G 322 13.83 -35.75 -41.16
C PHE G 322 12.92 -36.77 -41.83
N GLY G 323 12.83 -37.97 -41.27
CA GLY G 323 12.06 -39.03 -41.90
C GLY G 323 10.59 -38.71 -42.04
N LYS G 324 10.05 -38.95 -43.24
CA LYS G 324 8.61 -38.84 -43.47
C LYS G 324 8.24 -39.73 -44.64
N ALA G 325 7.20 -40.54 -44.47
CA ALA G 325 6.77 -41.52 -45.46
C ALA G 325 5.35 -41.19 -45.92
N PHE G 326 4.78 -42.08 -46.72
CA PHE G 326 3.42 -41.91 -47.22
C PHE G 326 2.44 -42.32 -46.13
N GLN G 327 1.82 -41.35 -45.48
CA GLN G 327 0.76 -41.65 -44.52
C GLN G 327 -0.41 -42.26 -45.26
N ALA G 328 -0.78 -43.48 -44.89
CA ALA G 328 -1.85 -44.21 -45.58
C ALA G 328 -1.42 -44.60 -46.98
N MET H 1 -23.08 3.64 -31.24
CA MET H 1 -23.07 2.23 -31.72
C MET H 1 -22.85 1.25 -30.58
N ASN H 2 -23.27 0.00 -30.78
CA ASN H 2 -23.13 -1.03 -29.77
C ASN H 2 -21.68 -1.48 -29.60
N VAL H 3 -20.78 -1.05 -30.48
CA VAL H 3 -19.39 -1.46 -30.36
C VAL H 3 -18.78 -0.89 -29.07
N THR H 4 -17.64 -1.47 -28.69
CA THR H 4 -17.01 -1.07 -27.43
C THR H 4 -16.58 0.39 -27.45
N GLY H 5 -16.04 0.86 -28.58
CA GLY H 5 -15.60 2.23 -28.69
C GLY H 5 -16.70 3.22 -29.00
N ALA H 6 -17.94 2.76 -29.16
CA ALA H 6 -19.10 3.57 -29.51
C ALA H 6 -19.02 4.10 -30.93
N GLY H 7 -18.07 3.65 -31.73
CA GLY H 7 -17.96 4.06 -33.11
C GLY H 7 -17.30 5.40 -33.33
N LEU H 8 -16.75 6.02 -32.28
CA LEU H 8 -16.12 7.32 -32.39
C LEU H 8 -14.63 7.32 -32.07
N THR H 9 -14.17 6.44 -31.19
CA THR H 9 -12.75 6.40 -30.84
C THR H 9 -12.35 4.96 -30.53
N HIS H 10 -11.05 4.72 -30.56
CA HIS H 10 -10.47 3.44 -30.15
C HIS H 10 -10.00 3.55 -28.71
N VAL H 11 -10.40 2.59 -27.89
CA VAL H 11 -10.09 2.58 -26.47
C VAL H 11 -9.04 1.51 -26.22
N LYS H 12 -7.90 1.91 -25.65
CA LYS H 12 -6.86 0.96 -25.28
C LYS H 12 -7.33 0.22 -24.02
N ASP H 13 -7.90 -0.96 -24.21
CA ASP H 13 -8.59 -1.68 -23.17
C ASP H 13 -7.88 -3.00 -22.89
N PHE H 14 -7.91 -3.42 -21.63
CA PHE H 14 -7.30 -4.68 -21.24
C PHE H 14 -8.07 -5.28 -20.07
N HIS H 15 -8.25 -6.60 -20.10
CA HIS H 15 -8.92 -7.34 -19.04
C HIS H 15 -7.84 -8.03 -18.20
N SER H 16 -7.50 -7.41 -17.07
CA SER H 16 -6.43 -7.94 -16.24
C SER H 16 -6.79 -9.33 -15.71
N ASP H 17 -5.82 -10.23 -15.76
CA ASP H 17 -6.01 -11.56 -15.19
C ASP H 17 -6.01 -11.55 -13.67
N GLU H 18 -5.67 -10.43 -13.05
CA GLU H 18 -5.83 -10.28 -11.61
C GLU H 18 -7.31 -10.33 -11.24
N MET H 19 -7.58 -10.77 -10.02
CA MET H 19 -8.92 -11.01 -9.50
C MET H 19 -9.59 -12.19 -10.19
N ARG H 20 -8.84 -13.01 -10.92
CA ARG H 20 -9.34 -14.23 -11.51
C ARG H 20 -8.48 -15.40 -11.05
N VAL H 21 -9.10 -16.58 -10.96
CA VAL H 21 -8.43 -17.80 -10.52
C VAL H 21 -8.18 -18.74 -11.70
N PHE H 22 -9.17 -18.93 -12.55
CA PHE H 22 -9.10 -19.89 -13.64
C PHE H 22 -9.12 -19.15 -14.98
N ARG H 23 -8.13 -19.42 -15.82
CA ARG H 23 -8.15 -18.92 -17.19
C ARG H 23 -9.11 -19.71 -18.07
N GLY H 24 -9.25 -21.01 -17.81
CA GLY H 24 -10.18 -21.84 -18.54
C GLY H 24 -10.58 -23.08 -17.78
N GLY H 25 -11.86 -23.41 -17.79
CA GLY H 25 -12.31 -24.59 -17.07
C GLY H 25 -11.92 -24.50 -15.61
N LEU H 26 -11.28 -25.55 -15.11
CA LEU H 26 -10.74 -25.59 -13.76
C LEU H 26 -9.25 -25.30 -13.73
N ARG H 27 -8.65 -25.01 -14.88
CA ARG H 27 -7.22 -24.72 -14.94
C ARG H 27 -6.94 -23.36 -14.31
N HIS H 28 -5.81 -23.27 -13.61
CA HIS H 28 -5.44 -22.05 -12.92
C HIS H 28 -4.63 -21.12 -13.81
N ILE H 29 -4.69 -19.83 -13.50
CA ILE H 29 -3.90 -18.85 -14.23
C ILE H 29 -2.44 -18.96 -13.80
N ALA H 30 -1.53 -18.54 -14.68
CA ALA H 30 -0.12 -18.59 -14.37
C ALA H 30 0.18 -17.77 -13.12
N ASP H 31 1.12 -18.27 -12.31
CA ASP H 31 1.40 -17.62 -11.03
C ASP H 31 1.87 -16.19 -11.23
N LYS H 32 2.71 -15.95 -12.23
CA LYS H 32 3.27 -14.63 -12.51
C LYS H 32 2.65 -14.01 -13.76
N GLN H 33 1.37 -14.25 -13.98
CA GLN H 33 0.70 -13.65 -15.13
C GLN H 33 0.67 -12.14 -15.03
N GLY H 34 0.44 -11.60 -13.83
CA GLY H 34 0.33 -10.17 -13.66
C GLY H 34 1.55 -9.40 -14.09
N ASN H 35 2.72 -10.05 -14.12
CA ASN H 35 3.94 -9.39 -14.56
C ASN H 35 3.90 -9.01 -16.03
N LEU H 36 2.96 -9.56 -16.81
CA LEU H 36 2.87 -9.21 -18.22
C LEU H 36 2.30 -7.81 -18.43
N ILE H 37 1.85 -7.14 -17.38
CA ILE H 37 1.42 -5.74 -17.47
C ILE H 37 2.69 -4.90 -17.40
N TYR H 38 3.21 -4.52 -18.56
CA TYR H 38 4.45 -3.75 -18.60
C TYR H 38 4.21 -2.32 -18.14
N GLY H 39 5.27 -1.68 -17.68
CA GLY H 39 5.20 -0.28 -17.31
C GLY H 39 4.26 -0.01 -16.16
N SER H 40 4.36 -0.81 -15.09
CA SER H 40 3.54 -0.61 -13.90
C SER H 40 4.37 -0.97 -12.68
N VAL H 41 4.52 -0.02 -11.77
CA VAL H 41 5.25 -0.28 -10.53
C VAL H 41 4.55 -1.35 -9.72
N ASN H 42 3.22 -1.42 -9.82
CA ASN H 42 2.47 -2.44 -9.08
C ASN H 42 2.85 -3.85 -9.55
N SER H 43 3.22 -4.00 -10.82
CA SER H 43 3.61 -5.31 -11.32
C SER H 43 4.86 -5.81 -10.60
N SER H 44 5.88 -4.96 -10.48
CA SER H 44 7.14 -5.36 -9.87
C SER H 44 7.83 -4.15 -9.27
N VAL H 45 8.60 -4.38 -8.21
CA VAL H 45 9.40 -3.32 -7.62
C VAL H 45 10.60 -2.96 -8.50
N ARG H 46 11.05 -3.88 -9.34
CA ARG H 46 12.21 -3.61 -10.19
C ARG H 46 11.97 -2.43 -11.11
N TYR H 47 10.70 -2.08 -11.38
CA TYR H 47 10.41 -0.93 -12.22
C TYR H 47 10.83 0.40 -11.59
N TYR H 48 11.12 0.41 -10.29
CA TYR H 48 11.60 1.64 -9.66
C TYR H 48 12.98 2.04 -10.17
N HIS H 49 13.75 1.10 -10.71
CA HIS H 49 15.03 1.41 -11.35
C HIS H 49 14.72 1.81 -12.78
N ASP H 50 14.34 3.07 -12.95
CA ASP H 50 13.79 3.59 -14.21
C ASP H 50 14.74 4.54 -14.90
N LYS H 51 16.04 4.23 -14.87
CA LYS H 51 17.02 5.05 -15.56
C LYS H 51 16.88 4.89 -17.08
N MET H 52 17.28 5.93 -17.81
CA MET H 52 17.24 5.93 -19.26
C MET H 52 18.49 5.25 -19.80
N SER H 53 18.31 4.18 -20.59
CA SER H 53 19.44 3.47 -21.15
C SER H 53 18.99 2.69 -22.38
N TYR H 54 19.64 2.94 -23.51
CA TYR H 54 19.42 2.19 -24.74
C TYR H 54 20.75 2.04 -25.46
N GLU H 55 21.02 0.83 -25.95
CA GLU H 55 22.32 0.56 -26.54
C GLU H 55 22.21 -0.65 -27.45
N ARG H 56 22.98 -0.62 -28.55
CA ARG H 56 23.10 -1.73 -29.47
C ARG H 56 24.56 -1.97 -29.78
N GLY H 57 24.88 -3.21 -30.15
CA GLY H 57 26.25 -3.52 -30.52
C GLY H 57 27.25 -3.43 -29.39
N PHE H 58 26.79 -3.55 -28.15
CA PHE H 58 27.63 -3.40 -26.98
C PHE H 58 27.82 -4.75 -26.30
N ILE H 59 29.07 -5.11 -26.04
CA ILE H 59 29.42 -6.36 -25.36
C ILE H 59 30.26 -6.00 -24.13
N GLN H 60 29.91 -6.58 -22.99
CA GLN H 60 30.59 -6.33 -21.74
C GLN H 60 31.13 -7.64 -21.17
N HIS H 61 32.35 -7.59 -20.63
CA HIS H 61 32.99 -8.73 -20.00
C HIS H 61 33.27 -8.41 -18.55
N SER H 62 32.87 -9.31 -17.66
CA SER H 62 33.16 -9.20 -16.23
C SER H 62 33.66 -10.56 -15.75
N ARG H 63 34.76 -10.55 -15.01
CA ARG H 63 35.40 -11.76 -14.54
C ARG H 63 35.05 -12.03 -13.10
N SER H 64 35.07 -13.30 -12.72
CA SER H 64 34.76 -13.67 -11.35
C SER H 64 35.81 -13.08 -10.42
N PRO H 65 35.42 -12.51 -9.27
CA PRO H 65 36.42 -12.07 -8.29
C PRO H 65 37.26 -13.20 -7.71
N SER H 66 37.01 -14.45 -8.08
CA SER H 66 37.83 -15.56 -7.64
C SER H 66 39.09 -15.73 -8.47
N ASN H 67 39.25 -14.96 -9.55
CA ASN H 67 40.43 -14.99 -10.39
C ASN H 67 41.02 -13.59 -10.52
N GLN H 68 40.95 -12.81 -9.44
CA GLN H 68 41.43 -11.44 -9.43
C GLN H 68 42.14 -11.17 -8.12
N PHE H 69 43.03 -10.18 -8.14
CA PHE H 69 43.74 -9.78 -6.92
C PHE H 69 42.75 -9.40 -5.83
N ILE H 70 43.00 -9.89 -4.62
CA ILE H 70 42.17 -9.49 -3.48
C ILE H 70 42.25 -7.99 -3.27
N ASN H 71 43.46 -7.43 -3.38
CA ASN H 71 43.69 -5.99 -3.26
C ASN H 71 44.48 -5.57 -4.50
N PHE H 72 43.75 -5.25 -5.57
CA PHE H 72 44.38 -4.94 -6.84
C PHE H 72 44.91 -3.52 -6.86
N HIS H 73 46.07 -3.33 -7.50
CA HIS H 73 46.64 -2.02 -7.74
C HIS H 73 46.98 -1.28 -6.45
N PHE H 74 47.18 -2.01 -5.35
CA PHE H 74 47.53 -1.39 -4.07
C PHE H 74 49.04 -1.24 -3.99
N MET H 75 49.49 -0.01 -3.79
CA MET H 75 50.92 0.30 -3.79
C MET H 75 51.58 -0.19 -5.07
N LEU H 76 50.85 -0.06 -6.18
CA LEU H 76 51.37 -0.56 -7.45
C LEU H 76 52.67 0.15 -7.82
N GLY H 77 52.72 1.46 -7.65
CA GLY H 77 53.95 2.21 -7.72
C GLY H 77 54.63 2.24 -6.36
N GLY H 78 55.59 3.14 -6.24
CA GLY H 78 56.21 3.37 -4.95
C GLY H 78 55.23 3.98 -3.97
N PHE H 79 55.56 3.88 -2.68
CA PHE H 79 54.73 4.50 -1.65
C PHE H 79 54.49 5.97 -1.96
N ARG H 80 55.53 6.66 -2.45
CA ARG H 80 55.39 8.08 -2.76
C ARG H 80 54.38 8.29 -3.89
N THR H 81 54.46 7.48 -4.94
CA THR H 81 53.58 7.68 -6.09
C THR H 81 52.14 7.28 -5.76
N TYR H 82 51.96 6.19 -5.03
CA TYR H 82 50.61 5.69 -4.76
C TYR H 82 49.91 6.50 -3.67
N VAL H 83 50.64 7.01 -2.69
CA VAL H 83 50.06 7.71 -1.54
C VAL H 83 50.32 9.21 -1.62
N LEU H 84 51.59 9.61 -1.60
CA LEU H 84 51.90 11.03 -1.49
C LEU H 84 51.42 11.81 -2.72
N GLU H 85 51.56 11.22 -3.90
CA GLU H 85 51.19 11.91 -5.14
C GLU H 85 49.73 11.62 -5.52
N ARG H 86 49.38 10.34 -5.66
CA ARG H 86 48.03 10.01 -6.10
C ARG H 86 46.97 10.44 -5.09
N PHE H 87 47.22 10.22 -3.81
CA PHE H 87 46.19 10.42 -2.80
C PHE H 87 46.24 11.82 -2.18
N PHE H 88 47.42 12.28 -1.78
CA PHE H 88 47.54 13.56 -1.08
C PHE H 88 47.70 14.74 -2.02
N LYS H 89 47.83 14.52 -3.33
CA LYS H 89 47.93 15.61 -4.28
C LYS H 89 46.89 15.56 -5.40
N GLN H 90 46.33 14.40 -5.71
CA GLN H 90 45.33 14.28 -6.77
C GLN H 90 43.96 13.88 -6.26
N VAL H 91 43.85 13.37 -5.04
CA VAL H 91 42.56 13.04 -4.46
C VAL H 91 42.16 14.00 -3.34
N TRP H 92 43.11 14.52 -2.57
CA TRP H 92 42.80 15.46 -1.51
C TRP H 92 42.91 16.91 -1.98
N TYR H 93 44.07 17.29 -2.50
CA TYR H 93 44.24 18.68 -2.95
C TYR H 93 43.46 18.95 -4.23
N ARG H 94 43.72 18.17 -5.28
CA ARG H 94 43.10 18.43 -6.57
C ARG H 94 41.58 18.45 -6.46
N ARG H 95 41.01 17.68 -5.55
CA ARG H 95 39.56 17.58 -5.39
C ARG H 95 39.04 18.47 -4.26
N ASN H 96 39.56 18.28 -3.04
CA ASN H 96 38.96 18.90 -1.87
C ASN H 96 39.59 20.26 -1.55
N ILE H 97 40.88 20.28 -1.26
CA ILE H 97 41.50 21.50 -0.73
C ILE H 97 41.55 22.59 -1.78
N ARG H 98 41.83 22.22 -3.03
CA ARG H 98 41.95 23.22 -4.09
C ARG H 98 40.64 23.96 -4.32
N THR H 99 39.52 23.44 -3.82
CA THR H 99 38.22 24.05 -4.01
C THR H 99 37.80 24.95 -2.85
N PHE H 100 38.28 24.70 -1.63
CA PHE H 100 37.84 25.46 -0.47
C PHE H 100 38.97 26.09 0.33
N TRP H 101 40.20 26.09 -0.20
CA TRP H 101 41.29 26.71 0.55
C TRP H 101 41.09 28.21 0.68
N PHE H 102 40.58 28.86 -0.36
CA PHE H 102 40.45 30.31 -0.37
C PHE H 102 39.26 30.77 0.47
N PRO H 103 38.05 30.26 0.21
CA PRO H 103 36.90 30.73 1.02
C PRO H 103 37.06 30.41 2.50
N VAL H 104 37.55 29.20 2.82
CA VAL H 104 37.72 28.84 4.21
C VAL H 104 38.79 29.69 4.87
N LEU H 105 39.88 29.97 4.14
CA LEU H 105 40.92 30.83 4.69
C LEU H 105 40.39 32.22 4.98
N ILE H 106 39.62 32.78 4.04
CA ILE H 106 39.07 34.12 4.25
C ILE H 106 38.13 34.12 5.45
N SER H 107 37.26 33.12 5.53
CA SER H 107 36.32 33.06 6.64
C SER H 107 37.04 32.91 7.97
N TYR H 108 38.07 32.06 8.02
CA TYR H 108 38.83 31.88 9.25
C TYR H 108 39.51 33.17 9.66
N THR H 109 40.12 33.88 8.71
CA THR H 109 40.80 35.12 9.04
C THR H 109 39.82 36.16 9.56
N SER H 110 38.68 36.31 8.88
CA SER H 110 37.69 37.29 9.32
C SER H 110 37.14 36.95 10.71
N GLY H 111 36.82 35.66 10.93
CA GLY H 111 36.32 35.27 12.23
C GLY H 111 37.34 35.49 13.34
N CYS H 112 38.60 35.18 13.06
CA CYS H 112 39.64 35.41 14.05
C CYS H 112 39.78 36.89 14.37
N ILE H 113 39.76 37.74 13.32
CA ILE H 113 39.90 39.17 13.55
C ILE H 113 38.77 39.69 14.42
N THR H 114 37.53 39.30 14.08
CA THR H 114 36.40 39.84 14.82
C THR H 114 36.33 39.28 16.24
N MET H 115 36.70 38.01 16.42
CA MET H 115 36.75 37.44 17.76
C MET H 115 37.81 38.14 18.60
N ARG H 116 38.95 38.47 18.00
CA ARG H 116 39.97 39.21 18.72
C ARG H 116 39.47 40.59 19.12
N MET H 117 38.74 41.27 18.21
CA MET H 117 38.16 42.56 18.57
C MET H 117 37.18 42.41 19.73
N TYR H 118 36.35 41.38 19.69
CA TYR H 118 35.39 41.15 20.77
C TYR H 118 36.10 40.91 22.09
N ASP H 119 37.16 40.10 22.08
CA ASP H 119 37.92 39.85 23.30
C ASP H 119 38.61 41.11 23.80
N ASN H 120 39.11 41.94 22.89
CA ASN H 120 39.75 43.19 23.30
C ASN H 120 38.74 44.11 23.99
N ASN H 121 37.54 44.22 23.43
CA ASN H 121 36.51 45.02 24.08
C ASN H 121 36.13 44.44 25.43
N CYS H 122 36.05 43.11 25.53
CA CYS H 122 35.76 42.48 26.81
C CYS H 122 36.83 42.80 27.84
N TYR H 123 38.11 42.74 27.44
CA TYR H 123 39.19 43.08 28.35
C TYR H 123 39.10 44.54 28.78
N ASP H 124 38.82 45.44 27.84
CA ASP H 124 38.65 46.84 28.21
C ASP H 124 37.53 47.00 29.22
N TYR H 125 36.44 46.24 29.06
CA TYR H 125 35.36 46.28 30.02
C TYR H 125 35.82 45.82 31.40
N PHE H 126 36.51 44.68 31.45
CA PHE H 126 36.85 44.09 32.75
C PHE H 126 37.96 44.84 33.45
N TYR H 127 39.00 45.25 32.71
CA TYR H 127 40.19 45.84 33.29
C TYR H 127 40.29 47.32 32.96
N PHE H 128 40.70 48.12 33.93
CA PHE H 128 40.97 49.54 33.74
C PHE H 128 42.43 49.81 34.11
N SER H 129 43.14 50.50 33.23
CA SER H 129 44.56 50.75 33.41
C SER H 129 45.32 49.45 33.55
N VAL I 2 -38.01 -23.58 -7.46
CA VAL I 2 -39.33 -24.20 -7.48
C VAL I 2 -39.92 -24.13 -8.88
N TYR I 3 -39.20 -23.46 -9.79
CA TYR I 3 -39.74 -23.24 -11.13
C TYR I 3 -39.76 -24.53 -11.94
N GLY I 4 -38.67 -25.29 -11.91
CA GLY I 4 -38.59 -26.49 -12.72
C GLY I 4 -37.21 -27.12 -12.66
N LYS I 5 -36.87 -27.83 -13.73
CA LYS I 5 -35.60 -28.55 -13.79
C LYS I 5 -34.44 -27.57 -13.94
N LEU I 6 -33.23 -28.08 -13.70
CA LEU I 6 -32.03 -27.33 -13.96
C LEU I 6 -31.77 -27.27 -15.46
N ILE I 7 -31.51 -26.07 -15.97
CA ILE I 7 -31.24 -25.85 -17.38
C ILE I 7 -29.82 -25.32 -17.52
N PHE I 8 -29.02 -25.99 -18.34
CA PHE I 8 -27.60 -25.69 -18.47
C PHE I 8 -27.39 -24.67 -19.60
N ASN I 9 -26.12 -24.45 -19.96
CA ASN I 9 -25.76 -23.39 -20.89
C ASN I 9 -26.00 -23.76 -22.35
N ASN I 10 -26.59 -24.92 -22.64
CA ASN I 10 -26.91 -25.27 -24.01
C ASN I 10 -28.14 -24.54 -24.53
N ILE I 11 -28.88 -23.85 -23.67
CA ILE I 11 -30.02 -23.03 -24.08
C ILE I 11 -29.48 -21.64 -24.40
N LYS I 12 -29.52 -21.28 -25.69
CA LYS I 12 -28.88 -20.04 -26.12
C LYS I 12 -29.66 -18.81 -25.67
N GLU I 13 -30.98 -18.83 -25.82
CA GLU I 13 -31.77 -17.65 -25.50
C GLU I 13 -31.74 -17.38 -24.00
N TYR I 14 -31.68 -16.09 -23.64
CA TYR I 14 -31.67 -15.73 -22.23
C TYR I 14 -32.96 -16.16 -21.54
N THR I 15 -34.09 -16.00 -22.20
CA THR I 15 -35.37 -16.47 -21.68
C THR I 15 -35.80 -17.71 -22.47
N PRO I 16 -35.78 -18.90 -21.88
CA PRO I 16 -36.21 -20.09 -22.62
C PRO I 16 -37.67 -19.97 -23.05
N SER I 17 -37.98 -20.61 -24.18
CA SER I 17 -39.30 -20.48 -24.78
C SER I 17 -40.38 -21.00 -23.85
N TRP I 18 -40.10 -22.08 -23.12
CA TRP I 18 -41.14 -22.73 -22.31
C TRP I 18 -41.58 -21.88 -21.12
N ILE I 19 -40.85 -20.83 -20.78
CA ILE I 19 -41.24 -19.99 -19.64
C ILE I 19 -42.41 -19.11 -20.05
N LYS I 20 -43.44 -19.10 -19.21
CA LYS I 20 -44.67 -18.40 -19.54
C LYS I 20 -44.50 -16.89 -19.44
N THR I 21 -45.07 -16.18 -20.40
CA THR I 21 -45.08 -14.71 -20.41
C THR I 21 -46.51 -14.23 -20.34
N ILE I 22 -46.79 -13.31 -19.44
CA ILE I 22 -48.16 -12.84 -19.22
C ILE I 22 -48.60 -12.02 -20.42
N PRO I 23 -49.87 -12.08 -20.84
CA PRO I 23 -50.35 -11.19 -21.88
C PRO I 23 -50.57 -9.77 -21.35
N TYR I 24 -50.66 -8.83 -22.28
CA TYR I 24 -50.82 -7.43 -21.90
C TYR I 24 -52.20 -7.12 -21.33
N SER I 25 -53.19 -7.99 -21.59
CA SER I 25 -54.51 -7.76 -21.01
C SER I 25 -54.52 -7.92 -19.50
N GLN I 26 -53.53 -8.59 -18.93
CA GLN I 26 -53.49 -8.91 -17.50
C GLN I 26 -52.57 -8.00 -16.71
N VAL I 27 -51.96 -7.00 -17.35
CA VAL I 27 -51.06 -6.08 -16.65
C VAL I 27 -51.85 -4.87 -16.19
N THR I 28 -51.67 -4.49 -14.93
CA THR I 28 -52.39 -3.35 -14.37
C THR I 28 -51.88 -2.06 -14.99
N LYS I 29 -52.81 -1.23 -15.46
CA LYS I 29 -52.43 0.02 -16.11
C LYS I 29 -52.15 1.10 -15.07
N PRO I 30 -51.31 2.08 -15.41
CA PRO I 30 -51.03 3.17 -14.46
C PRO I 30 -52.21 4.11 -14.33
N ILE I 31 -52.27 4.78 -13.18
CA ILE I 31 -53.25 5.83 -12.93
C ILE I 31 -52.63 7.15 -13.40
N LEU I 32 -53.28 7.80 -14.37
CA LEU I 32 -52.74 8.99 -15.01
C LEU I 32 -53.51 10.24 -14.60
N ARG I 33 -53.89 10.32 -13.33
CA ARG I 33 -54.50 11.50 -12.75
C ARG I 33 -53.86 11.78 -11.41
N LYS I 34 -53.88 13.05 -11.01
CA LYS I 34 -53.32 13.45 -9.74
C LYS I 34 -54.27 13.06 -8.62
N GLN I 35 -53.72 12.45 -7.55
CA GLN I 35 -54.52 12.00 -6.43
C GLN I 35 -54.37 12.97 -5.25
N PRO I 36 -55.35 13.03 -4.35
CA PRO I 36 -55.26 13.98 -3.24
C PRO I 36 -54.04 13.72 -2.38
N GLN I 37 -53.43 14.82 -1.92
CA GLN I 37 -52.24 14.73 -1.09
C GLN I 37 -52.57 14.18 0.30
N ILE I 38 -51.65 13.40 0.85
CA ILE I 38 -51.77 12.92 2.22
C ILE I 38 -51.00 13.93 3.08
N VAL I 39 -51.73 14.93 3.59
CA VAL I 39 -51.14 16.01 4.37
C VAL I 39 -51.88 16.13 5.69
N GLY I 40 -51.18 16.65 6.70
CA GLY I 40 -51.75 16.87 8.01
C GLY I 40 -52.47 18.20 8.09
N LYS I 41 -52.89 18.54 9.31
CA LYS I 41 -53.62 19.77 9.55
C LYS I 41 -52.71 20.96 9.85
N ILE I 42 -51.46 20.72 10.22
CA ILE I 42 -50.51 21.80 10.47
C ILE I 42 -49.73 22.15 9.20
N ASN I 43 -49.20 21.14 8.51
CA ASN I 43 -48.43 21.40 7.30
C ASN I 43 -49.31 21.85 6.14
N ALA I 44 -50.64 21.64 6.23
CA ALA I 44 -51.54 22.16 5.23
C ALA I 44 -51.84 23.64 5.40
N ASP I 45 -51.42 24.23 6.51
CA ASP I 45 -51.64 25.65 6.73
C ASP I 45 -50.71 26.47 5.84
N PRO I 46 -51.24 27.42 5.06
CA PRO I 46 -50.35 28.21 4.20
C PRO I 46 -49.25 28.93 4.95
N LYS I 47 -49.49 29.34 6.20
CA LYS I 47 -48.44 30.02 6.95
C LYS I 47 -47.25 29.11 7.22
N VAL I 48 -47.52 27.85 7.56
CA VAL I 48 -46.43 26.90 7.80
C VAL I 48 -45.66 26.66 6.51
N LYS I 49 -46.37 26.57 5.38
CA LYS I 49 -45.70 26.41 4.10
C LYS I 49 -44.82 27.62 3.78
N LYS I 50 -45.30 28.82 4.08
CA LYS I 50 -44.49 30.01 3.87
C LYS I 50 -43.24 29.98 4.74
N PHE I 51 -43.39 29.53 5.99
CA PHE I 51 -42.22 29.39 6.85
C PHE I 51 -41.22 28.40 6.26
N TRP I 52 -41.71 27.27 5.77
CA TRP I 52 -40.81 26.27 5.18
C TRP I 52 -40.10 26.83 3.96
N VAL I 53 -40.82 27.58 3.11
CA VAL I 53 -40.21 28.18 1.94
C VAL I 53 -39.13 29.18 2.35
N PHE I 54 -39.42 30.00 3.36
CA PHE I 54 -38.44 30.97 3.83
C PHE I 54 -37.19 30.27 4.36
N LEU I 55 -37.39 29.23 5.17
CA LEU I 55 -36.24 28.50 5.72
C LEU I 55 -35.43 27.86 4.61
N ARG I 56 -36.10 27.31 3.60
CA ARG I 56 -35.40 26.70 2.48
C ARG I 56 -34.56 27.73 1.73
N GLU I 57 -35.18 28.85 1.33
CA GLU I 57 -34.51 29.78 0.44
C GLU I 57 -33.46 30.62 1.15
N ASN I 58 -33.61 30.84 2.46
CA ASN I 58 -32.72 31.75 3.19
C ASN I 58 -31.67 31.03 4.01
N VAL I 59 -31.98 29.87 4.60
CA VAL I 59 -31.08 29.16 5.48
C VAL I 59 -30.54 27.89 4.83
N GLN I 60 -31.42 27.06 4.27
CA GLN I 60 -30.99 25.78 3.72
C GLN I 60 -30.01 25.98 2.57
N TYR I 61 -30.28 26.94 1.69
CA TYR I 61 -29.45 27.14 0.51
C TYR I 61 -28.08 27.71 0.84
N TYR I 62 -27.84 28.13 2.08
CA TYR I 62 -26.52 28.59 2.51
C TYR I 62 -25.95 27.59 3.50
N PRO I 63 -25.05 26.70 3.08
CA PRO I 63 -24.66 25.59 3.95
C PRO I 63 -24.16 26.01 5.33
N PHE I 64 -23.39 27.10 5.43
CA PHE I 64 -22.90 27.51 6.74
C PHE I 64 -24.03 28.04 7.62
N LEU I 65 -25.04 28.67 7.02
CA LEU I 65 -26.22 29.05 7.78
C LEU I 65 -26.95 27.82 8.30
N TRP I 66 -27.05 26.77 7.49
CA TRP I 66 -27.67 25.54 7.97
C TRP I 66 -26.84 24.89 9.07
N GLN I 67 -25.51 25.01 9.00
CA GLN I 67 -24.67 24.52 10.09
C GLN I 67 -24.93 25.30 11.37
N PHE I 68 -25.12 26.61 11.26
CA PHE I 68 -25.53 27.40 12.41
C PHE I 68 -26.87 26.94 12.95
N PHE I 69 -27.78 26.58 12.06
CA PHE I 69 -29.07 26.03 12.48
C PHE I 69 -28.88 24.73 13.26
N ILE I 70 -28.00 23.85 12.78
CA ILE I 70 -27.72 22.60 13.49
C ILE I 70 -27.13 22.89 14.86
N LEU I 71 -26.22 23.87 14.93
CA LEU I 71 -25.67 24.27 16.23
C LEU I 71 -26.76 24.76 17.16
N GLY I 72 -27.70 25.55 16.63
CA GLY I 72 -28.82 26.00 17.44
C GLY I 72 -29.68 24.87 17.95
N THR I 73 -29.93 23.87 17.09
CA THR I 73 -30.71 22.72 17.53
C THR I 73 -29.98 21.95 18.63
N SER I 74 -28.66 21.80 18.51
CA SER I 74 -27.89 21.14 19.56
C SER I 74 -27.95 21.94 20.86
N PHE I 75 -27.89 23.27 20.76
CA PHE I 75 -28.02 24.12 21.95
C PHE I 75 -29.39 23.93 22.60
N VAL I 76 -30.44 23.85 21.80
CA VAL I 76 -31.78 23.62 22.33
C VAL I 76 -31.84 22.26 23.01
N TRP I 77 -31.26 21.24 22.38
CA TRP I 77 -31.19 19.92 23.02
C TRP I 77 -30.56 20.01 24.39
N PHE I 78 -29.38 20.64 24.47
CA PHE I 78 -28.65 20.72 25.73
C PHE I 78 -29.48 21.43 26.79
N HIS I 79 -30.07 22.58 26.44
CA HIS I 79 -30.80 23.34 27.43
C HIS I 79 -32.07 22.62 27.87
N VAL I 80 -32.78 21.99 26.94
CA VAL I 80 -33.99 21.25 27.30
C VAL I 80 -33.64 20.11 28.25
N CYS I 81 -32.57 19.38 27.98
CA CYS I 81 -32.21 18.26 28.85
C CYS I 81 -31.50 18.69 30.12
N TYR I 82 -31.05 19.94 30.21
CA TYR I 82 -30.27 20.42 31.33
C TYR I 82 -31.10 21.20 32.34
N ASP I 83 -31.81 22.24 31.90
CA ASP I 83 -32.45 23.17 32.84
C ASP I 83 -33.47 22.50 33.75
N PRO I 84 -34.40 21.67 33.26
CA PRO I 84 -35.42 21.11 34.18
C PRO I 84 -34.83 20.26 35.29
N TRP I 85 -33.91 19.35 34.93
CA TRP I 85 -33.33 18.46 35.94
C TRP I 85 -32.56 19.25 36.99
N LEU I 86 -31.74 20.21 36.56
CA LEU I 86 -30.99 21.01 37.50
C LEU I 86 -31.92 21.81 38.41
N ALA I 87 -32.96 22.41 37.84
CA ALA I 87 -33.90 23.19 38.63
C ALA I 87 -34.56 22.34 39.69
N ILE I 88 -35.08 21.17 39.30
CA ILE I 88 -35.77 20.32 40.26
C ILE I 88 -34.80 19.78 41.31
N TYR I 89 -33.58 19.45 40.88
CA TYR I 89 -32.59 18.91 41.81
C TYR I 89 -32.21 19.94 42.87
N GLN I 90 -31.99 21.18 42.47
CA GLN I 90 -31.61 22.20 43.44
C GLN I 90 -32.81 22.76 44.20
N ALA I 91 -34.04 22.53 43.72
CA ALA I 91 -35.21 22.85 44.52
C ALA I 91 -35.45 21.79 45.59
N ASN I 92 -35.17 20.52 45.28
CA ASN I 92 -35.39 19.45 46.25
C ASN I 92 -34.47 19.59 47.45
N ASN I 93 -33.21 20.00 47.22
CA ASN I 93 -32.20 20.07 48.27
C ASN I 93 -31.98 21.49 48.78
N ALA I 94 -33.05 22.30 48.83
CA ALA I 94 -32.91 23.68 49.29
C ALA I 94 -32.51 23.73 50.77
N HIS I 95 -33.07 22.84 51.58
CA HIS I 95 -32.85 22.87 53.02
C HIS I 95 -31.56 22.18 53.45
N ARG I 96 -30.82 21.55 52.52
CA ARG I 96 -29.58 20.88 52.84
C ARG I 96 -28.35 21.73 52.55
N SER I 97 -28.53 22.99 52.14
CA SER I 97 -27.40 23.83 51.77
C SER I 97 -26.57 24.22 53.00
N LEU I 98 -25.35 24.68 52.73
CA LEU I 98 -24.47 25.13 53.81
C LEU I 98 -25.04 26.36 54.51
N GLU I 99 -25.82 27.18 53.79
CA GLU I 99 -26.34 28.40 54.39
C GLU I 99 -27.28 28.08 55.55
N THR I 100 -28.07 27.01 55.44
CA THR I 100 -28.93 26.62 56.54
C THR I 100 -28.12 26.26 57.78
N ALA I 101 -27.05 25.48 57.60
CA ALA I 101 -26.21 25.11 58.73
C ALA I 101 -25.55 26.35 59.33
N LEU I 102 -25.09 27.28 58.50
CA LEU I 102 -24.48 28.50 59.01
C LEU I 102 -25.47 29.32 59.80
N THR I 103 -26.71 29.43 59.31
CA THR I 103 -27.73 30.18 60.04
C THR I 103 -28.04 29.52 61.38
N LYS I 104 -28.16 28.19 61.40
CA LYS I 104 -28.42 27.50 62.65
C LYS I 104 -27.28 27.71 63.64
N GLU I 105 -26.03 27.61 63.16
CA GLU I 105 -24.90 27.84 64.05
C GLU I 105 -24.88 29.27 64.57
N LYS I 106 -25.18 30.24 63.72
CA LYS I 106 -25.20 31.62 64.15
C LYS I 106 -26.26 31.84 65.23
N ALA I 107 -27.45 31.27 65.02
CA ALA I 107 -28.51 31.40 66.02
C ALA I 107 -28.10 30.76 67.34
N HIS I 108 -27.52 29.56 67.29
CA HIS I 108 -27.11 28.91 68.53
C HIS I 108 -26.02 29.71 69.22
N LYS I 109 -25.07 30.25 68.45
CA LYS I 109 -24.00 31.04 69.06
C LYS I 109 -24.56 32.29 69.73
N LYS I 110 -25.51 32.95 69.08
CA LYS I 110 -26.14 34.12 69.70
C LYS I 110 -26.86 33.73 70.99
N LYS I 111 -27.61 32.63 70.96
CA LYS I 111 -28.35 32.21 72.14
C LYS I 111 -27.39 31.86 73.29
N LEU I 112 -26.30 31.18 72.97
CA LEU I 112 -25.33 30.84 74.01
C LEU I 112 -24.64 32.08 74.55
N ALA I 113 -24.33 33.04 73.68
CA ALA I 113 -23.62 34.25 74.12
C ALA I 113 -24.50 35.10 75.01
N GLU I 114 -25.79 35.27 74.67
CA GLU I 114 -26.65 36.13 75.47
C GLU I 114 -26.83 35.58 76.87
N GLN I 115 -26.98 34.26 77.00
CA GLN I 115 -27.17 33.61 78.29
C GLN I 115 -25.85 32.94 78.70
N GLU I 116 -25.17 33.54 79.67
CA GLU I 116 -23.90 32.99 80.17
C GLU I 116 -23.54 33.75 81.44
N GLU I 117 -22.40 33.40 82.02
CA GLU I 117 -21.87 34.04 83.22
C GLU I 117 -20.63 34.85 82.86
N SER I 118 -20.09 35.53 83.86
CA SER I 118 -18.89 36.34 83.67
C SER I 118 -17.72 35.47 83.23
N UNK J 1 2.10 14.07 43.21
CA UNK J 1 1.29 14.78 44.25
C UNK J 1 2.08 15.93 44.86
N UNK J 2 1.40 17.06 45.08
CA UNK J 2 1.98 18.26 45.67
C UNK J 2 3.06 18.89 44.78
N UNK J 3 3.19 18.43 43.53
CA UNK J 3 4.17 18.99 42.61
C UNK J 3 3.59 19.18 41.21
N UNK J 4 2.28 19.19 41.07
CA UNK J 4 1.63 19.34 39.78
C UNK J 4 1.30 20.81 39.53
N UNK J 5 0.67 21.09 38.39
CA UNK J 5 0.25 22.45 38.09
C UNK J 5 -0.63 22.99 39.21
N UNK J 6 -1.60 22.20 39.66
CA UNK J 6 -2.31 22.51 40.89
C UNK J 6 -1.36 22.37 42.08
N UNK J 7 -1.57 23.09 43.16
CA UNK J 7 -0.66 23.05 44.34
C UNK J 7 0.56 23.95 44.08
N UNK J 8 1.77 23.57 44.52
CA UNK J 8 3.01 24.34 44.31
C UNK J 8 3.77 23.68 43.16
N UNK J 9 4.00 24.40 42.06
CA UNK J 9 4.55 23.79 40.83
C UNK J 9 5.95 23.24 40.99
N UNK J 10 6.86 23.95 41.64
CA UNK J 10 8.27 23.54 41.75
C UNK J 10 8.82 24.10 43.05
N UNK J 11 7.94 24.25 44.04
CA UNK J 11 8.36 24.62 45.38
C UNK J 11 9.25 25.86 45.37
N UNK J 12 8.95 26.80 44.47
CA UNK J 12 9.66 28.07 44.47
C UNK J 12 9.46 28.81 45.80
N UNK J 13 8.23 28.81 46.29
CA UNK J 13 7.92 29.30 47.64
C UNK J 13 7.72 28.07 48.52
N UNK J 14 8.71 27.77 49.34
CA UNK J 14 8.73 26.54 50.13
C UNK J 14 8.16 26.79 51.51
N UNK J 15 7.30 25.86 51.95
CA UNK J 15 6.77 25.91 53.31
C UNK J 15 7.91 25.75 54.31
N UNK J 16 8.22 26.84 55.03
CA UNK J 16 9.34 26.89 55.99
C UNK J 16 8.93 27.60 57.28
N UNK J 17 9.52 27.21 58.42
CA UNK J 17 9.30 27.86 59.74
C UNK J 17 10.36 28.94 59.93
N UNK J 18 11.30 29.07 59.00
CA UNK J 18 12.43 30.05 59.07
C UNK J 18 11.91 31.47 59.30
N UNK J 19 12.57 32.28 60.14
CA UNK J 19 12.10 33.62 60.45
C UNK J 19 12.17 34.51 59.21
N UNK J 20 11.34 35.55 59.23
CA UNK J 20 11.28 36.45 58.08
C UNK J 20 12.60 37.16 57.85
N UNK J 21 13.23 37.63 58.93
CA UNK J 21 14.52 38.34 58.84
C UNK J 21 14.40 39.55 57.92
N UNK J 22 13.54 40.49 58.31
CA UNK J 22 13.35 41.72 57.55
C UNK J 22 14.61 42.56 57.58
N UNK J 23 14.87 43.24 56.46
CA UNK J 23 16.04 44.10 56.31
C UNK J 23 15.60 45.54 56.12
N UNK J 24 16.28 46.45 56.81
CA UNK J 24 16.00 47.88 56.74
C UNK J 24 17.24 48.60 56.23
N UNK J 25 17.04 49.45 55.22
CA UNK J 25 18.14 50.20 54.59
C UNK J 25 18.18 51.59 55.19
N UNK J 26 18.71 51.67 56.42
CA UNK J 26 18.88 52.96 57.08
C UNK J 26 20.03 53.74 56.45
N UNK J 27 19.86 55.05 56.36
CA UNK J 27 20.86 55.93 55.76
C UNK J 27 20.94 57.22 56.54
N UNK J 28 22.09 57.90 56.42
CA UNK J 28 22.31 59.19 57.04
C UNK J 28 22.22 60.29 55.99
N UNK J 29 21.36 61.28 56.24
CA UNK J 29 21.11 62.34 55.29
C UNK J 29 21.07 63.68 56.02
N UNK J 30 21.10 64.76 55.25
CA UNK J 30 21.10 66.10 55.84
C UNK J 30 19.83 66.35 56.63
N UNK J 31 18.67 65.94 56.08
CA UNK J 31 17.38 66.16 56.72
C UNK J 31 16.67 64.86 57.07
N UNK J 32 16.63 63.91 56.16
CA UNK J 32 15.95 62.64 56.43
C UNK J 32 16.71 61.88 57.50
N UNK J 33 15.97 61.37 58.49
CA UNK J 33 16.47 60.58 59.62
C UNK J 33 17.22 61.43 60.63
N UNK J 34 17.40 62.73 60.38
CA UNK J 34 18.07 63.63 61.31
C UNK J 34 17.09 64.50 62.09
N UNK J 35 15.79 64.40 61.81
CA UNK J 35 14.81 65.21 62.54
C UNK J 35 14.78 64.87 64.02
N UNK J 36 15.18 63.65 64.40
CA UNK J 36 15.20 63.24 65.80
C UNK J 36 16.44 63.80 66.48
N UNK J 37 16.47 65.13 66.58
CA UNK J 37 17.56 65.85 67.22
C UNK J 37 17.06 66.36 68.56
N UNK J 38 17.76 65.98 69.63
CA UNK J 38 17.39 66.36 70.99
C UNK J 38 18.61 66.18 71.89
N UNK J 39 18.41 66.36 73.20
CA UNK J 39 19.50 66.18 74.15
C UNK J 39 19.94 64.74 74.29
N UNK J 40 19.18 63.79 73.75
CA UNK J 40 19.53 62.36 73.84
C UNK J 40 20.54 62.02 72.75
N UNK J 41 21.76 62.52 72.95
CA UNK J 41 22.86 62.31 72.02
C UNK J 41 24.07 61.76 72.77
N UNK J 42 24.80 60.86 72.12
CA UNK J 42 25.99 60.27 72.72
C UNK J 42 26.98 59.93 71.62
N UNK J 43 28.25 60.23 71.88
CA UNK J 43 29.33 59.96 70.94
C UNK J 43 30.42 59.17 71.64
N UNK J 44 30.93 58.15 70.94
CA UNK J 44 31.99 57.30 71.47
C UNK J 44 33.12 57.20 70.45
N UNK J 45 34.36 57.30 70.93
CA UNK J 45 35.50 57.20 70.04
C UNK J 45 35.59 55.81 69.40
N UNK J 46 35.36 54.77 70.19
CA UNK J 46 35.41 53.41 69.67
C UNK J 46 34.12 53.08 68.92
N UNK J 47 34.17 51.97 68.17
CA UNK J 47 33.01 51.50 67.41
C UNK J 47 32.08 50.69 68.30
N UNK J 48 31.51 51.37 69.30
CA UNK J 48 30.63 50.75 70.25
C UNK J 48 29.45 51.68 70.54
N UNK J 49 28.32 51.09 70.89
CA UNK J 49 27.10 51.84 71.20
C UNK J 49 26.41 51.20 72.38
N UNK J 50 25.62 52.01 73.09
CA UNK J 50 24.86 51.54 74.25
C UNK J 50 23.47 51.04 73.87
N UNK J 51 23.08 51.15 72.61
CA UNK J 51 21.76 50.71 72.15
C UNK J 51 20.65 51.36 72.96
N UNK J 52 20.82 52.66 73.25
CA UNK J 52 19.83 53.40 74.00
C UNK J 52 18.83 54.10 73.09
N UNK J 53 19.31 54.87 72.11
CA UNK J 53 18.42 55.52 71.17
C UNK J 53 17.66 54.54 70.30
N UNK J 54 18.19 53.32 70.12
CA UNK J 54 17.50 52.32 69.31
C UNK J 54 16.16 51.95 69.91
N UNK J 55 16.11 51.81 71.24
CA UNK J 55 14.86 51.44 71.90
C UNK J 55 13.77 52.48 71.64
N UNK J 56 14.12 53.76 71.74
CA UNK J 56 13.17 54.82 71.47
C UNK J 56 12.78 54.83 69.99
N UNK J 57 11.48 54.96 69.73
CA UNK J 57 10.95 55.00 68.38
C UNK J 57 10.10 56.26 68.21
N UNK J 58 10.35 57.00 67.14
CA UNK J 58 9.64 58.24 66.86
C UNK J 58 8.77 58.06 65.63
N UNK J 59 7.47 58.33 65.78
CA UNK J 59 6.50 58.25 64.70
C UNK J 59 5.96 59.64 64.41
N UNK J 60 6.04 60.06 63.16
CA UNK J 60 5.62 61.41 62.76
C UNK J 60 4.13 61.41 62.39
N UNK J 61 3.31 61.05 63.37
CA UNK J 61 1.86 61.06 63.21
C UNK J 61 1.22 62.35 63.68
N UNK J 62 1.97 63.23 64.35
CA UNK J 62 1.43 64.50 64.80
C UNK J 62 1.17 65.41 63.60
N UNK J 63 0.07 66.16 63.66
CA UNK J 63 -0.28 67.06 62.58
C UNK J 63 0.81 68.10 62.37
N UNK J 64 1.18 68.32 61.11
CA UNK J 64 2.22 69.29 60.76
C UNK J 64 3.52 68.98 61.47
N UNK J 65 3.86 67.70 61.57
CA UNK J 65 5.11 67.29 62.21
C UNK J 65 6.27 67.43 61.24
N UNK J 66 7.39 67.94 61.74
CA UNK J 66 8.58 68.12 60.91
C UNK J 66 9.78 68.44 61.78
N MET K 1 -12.10 38.52 -28.79
CA MET K 1 -12.45 37.29 -28.01
C MET K 1 -11.78 37.32 -26.65
N TYR K 2 -12.42 36.65 -25.68
CA TYR K 2 -11.96 36.65 -24.29
C TYR K 2 -11.07 35.42 -24.08
N LEU K 3 -9.76 35.65 -23.93
CA LEU K 3 -8.77 34.58 -23.83
C LEU K 3 -7.93 34.79 -22.57
N PRO K 4 -8.53 34.65 -21.40
CA PRO K 4 -7.79 34.84 -20.16
C PRO K 4 -6.76 33.75 -19.95
N THR K 5 -5.67 34.12 -19.28
CA THR K 5 -4.64 33.15 -18.94
C THR K 5 -5.16 32.18 -17.88
N PHE K 6 -4.69 30.94 -17.94
CA PHE K 6 -5.11 29.94 -16.97
C PHE K 6 -4.62 30.26 -15.56
N TYR K 7 -3.54 31.05 -15.44
CA TYR K 7 -3.18 31.59 -14.14
C TYR K 7 -4.35 32.33 -13.52
N LYS K 8 -4.97 33.23 -14.29
CA LYS K 8 -6.07 34.02 -13.75
C LYS K 8 -7.26 33.15 -13.41
N LEU K 9 -7.58 32.16 -14.26
CA LEU K 9 -8.70 31.28 -13.96
C LEU K 9 -8.46 30.53 -12.66
N PHE K 10 -7.25 30.00 -12.48
CA PHE K 10 -6.93 29.29 -11.25
C PHE K 10 -7.04 30.23 -10.05
N HIS K 11 -6.52 31.46 -10.18
CA HIS K 11 -6.56 32.41 -9.08
C HIS K 11 -8.00 32.73 -8.69
N GLU K 12 -8.86 32.98 -9.69
CA GLU K 12 -10.24 33.34 -9.40
C GLU K 12 -11.00 32.16 -8.78
N THR K 13 -10.78 30.95 -9.29
CA THR K 13 -11.43 29.78 -8.72
C THR K 13 -11.02 29.60 -7.27
N ASN K 14 -9.73 29.74 -6.98
CA ASN K 14 -9.28 29.57 -5.61
C ASN K 14 -9.76 30.70 -4.72
N ALA K 15 -9.91 31.91 -5.26
CA ALA K 15 -10.49 33.00 -4.49
C ALA K 15 -11.93 32.69 -4.10
N PHE K 16 -12.72 32.18 -5.05
CA PHE K 16 -14.09 31.79 -4.72
C PHE K 16 -14.12 30.68 -3.68
N ARG K 17 -13.26 29.67 -3.83
CA ARG K 17 -13.24 28.57 -2.87
C ARG K 17 -12.84 29.06 -1.48
N LEU K 18 -11.88 29.98 -1.42
CA LEU K 18 -11.49 30.57 -0.14
C LEU K 18 -12.65 31.34 0.47
N LYS K 19 -13.38 32.09 -0.34
CA LYS K 19 -14.57 32.79 0.15
C LYS K 19 -15.57 31.79 0.72
N ARG K 20 -15.80 30.68 0.02
CA ARG K 20 -16.74 29.69 0.50
C ARG K 20 -16.30 29.10 1.83
N TYR K 21 -15.02 28.78 1.96
CA TYR K 21 -14.52 28.13 3.16
C TYR K 21 -14.42 29.08 4.34
N VAL K 22 -14.22 30.37 4.10
CA VAL K 22 -14.14 31.34 5.18
C VAL K 22 -15.45 31.45 5.92
N GLY K 23 -16.57 31.09 5.29
CA GLY K 23 -17.85 31.17 5.95
C GLY K 23 -17.97 30.25 7.15
N TYR K 24 -17.17 29.19 7.20
CA TYR K 24 -17.18 28.27 8.32
C TYR K 24 -16.28 28.70 9.47
N GLY K 25 -15.49 29.75 9.29
CA GLY K 25 -14.69 30.29 10.36
C GLY K 25 -15.54 30.78 11.51
N PRO K 26 -16.56 31.58 11.19
CA PRO K 26 -17.52 31.97 12.24
C PRO K 26 -18.20 30.78 12.88
N LEU K 27 -18.51 29.75 12.11
CA LEU K 27 -19.16 28.56 12.67
C LEU K 27 -18.28 27.89 13.71
N LEU K 28 -17.02 27.63 13.36
CA LEU K 28 -16.11 27.01 14.31
C LEU K 28 -15.82 27.93 15.48
N LEU K 29 -15.79 29.24 15.24
CA LEU K 29 -15.62 30.19 16.34
C LEU K 29 -16.78 30.10 17.32
N THR K 30 -18.01 30.03 16.82
CA THR K 30 -19.16 29.89 17.71
C THR K 30 -19.13 28.56 18.44
N TRP K 31 -18.73 27.48 17.75
CA TRP K 31 -18.64 26.18 18.41
C TRP K 31 -17.62 26.22 19.54
N SER K 32 -16.46 26.86 19.31
CA SER K 32 -15.43 26.93 20.32
C SER K 32 -15.67 28.03 21.36
N ILE K 33 -16.66 28.89 21.14
CA ILE K 33 -17.09 29.83 22.17
C ILE K 33 -18.12 29.20 23.09
N TRP K 34 -19.15 28.56 22.53
CA TRP K 34 -20.09 27.82 23.36
C TRP K 34 -19.36 26.78 24.18
N THR K 35 -18.54 25.96 23.53
CA THR K 35 -17.56 25.15 24.23
C THR K 35 -16.46 26.06 24.76
N LEU K 36 -15.89 25.69 25.91
CA LEU K 36 -14.77 26.43 26.49
C LEU K 36 -15.15 27.87 26.85
N TYR K 37 -16.43 28.15 27.05
CA TYR K 37 -16.84 29.49 27.45
C TYR K 37 -16.15 29.96 28.72
N PRO K 38 -15.97 29.13 29.75
CA PRO K 38 -15.21 29.59 30.93
C PRO K 38 -13.81 30.07 30.59
N ALA K 39 -13.14 29.41 29.65
CA ALA K 39 -11.81 29.87 29.23
C ALA K 39 -11.89 31.25 28.61
N LEU K 40 -12.89 31.48 27.75
CA LEU K 40 -13.06 32.80 27.15
C LEU K 40 -13.33 33.85 28.21
N TYR K 41 -14.17 33.52 29.20
CA TYR K 41 -14.45 34.47 30.28
C TYR K 41 -13.20 34.79 31.06
N ASN K 42 -12.38 33.79 31.37
CA ASN K 42 -11.13 34.04 32.09
C ASN K 42 -10.20 34.92 31.26
N MET K 43 -10.12 34.67 29.95
CA MET K 43 -9.26 35.47 29.10
C MET K 43 -9.73 36.93 29.07
N ILE K 44 -11.04 37.13 28.91
CA ILE K 44 -11.56 38.48 28.73
C ILE K 44 -11.31 39.33 29.98
N TYR K 45 -11.60 38.75 31.16
CA TYR K 45 -11.53 39.49 32.41
C TYR K 45 -10.23 39.26 33.16
N SER K 46 -9.16 38.89 32.46
CA SER K 46 -7.84 38.79 33.06
C SER K 46 -6.83 39.58 32.26
N ASP K 47 -6.98 39.62 30.94
CA ASP K 47 -6.08 40.32 30.04
C ASP K 47 -6.67 41.63 29.53
N PHE K 48 -7.85 41.56 28.91
CA PHE K 48 -8.46 42.75 28.34
C PHE K 48 -9.09 43.64 29.39
N ILE K 49 -9.58 43.06 30.49
CA ILE K 49 -10.21 43.83 31.55
C ILE K 49 -9.58 43.43 32.89
N PRO K 50 -8.40 43.94 33.23
CA PRO K 50 -7.74 43.48 34.44
C PRO K 50 -8.54 43.85 35.67
N PRO K 51 -8.44 43.05 36.74
CA PRO K 51 -9.23 43.35 37.94
C PRO K 51 -8.80 44.64 38.60
N GLU K 52 -9.66 45.13 39.50
CA GLU K 52 -9.37 46.34 40.25
C GLU K 52 -8.24 46.10 41.25
N ARG K 53 -7.59 47.19 41.64
CA ARG K 53 -6.38 47.09 42.46
C ARG K 53 -6.71 46.84 43.94
N GLY K 54 -7.45 47.75 44.56
CA GLY K 54 -7.65 47.73 46.00
C GLY K 54 -8.11 46.39 46.55
N VAL K 55 -7.96 46.21 47.86
CA VAL K 55 -8.37 44.96 48.52
C VAL K 55 -9.31 45.30 49.68
N PRO K 56 -10.19 44.39 50.09
CA PRO K 56 -11.11 44.70 51.19
C PRO K 56 -10.36 44.97 52.49
N LYS K 57 -10.98 45.78 53.34
CA LYS K 57 -10.36 46.12 54.62
C LYS K 57 -10.14 44.88 55.48
N ARG K 58 -11.11 43.98 55.52
CA ARG K 58 -11.00 42.77 56.31
C ARG K 58 -9.88 41.87 55.79
N LYS L 32 12.46 -65.35 -21.73
CA LYS L 32 11.35 -64.54 -21.24
C LYS L 32 11.17 -64.74 -19.73
N SER L 33 10.96 -63.63 -19.02
CA SER L 33 10.77 -63.71 -17.58
C SER L 33 9.53 -64.54 -17.23
N GLU L 34 8.43 -64.30 -17.93
CA GLU L 34 7.19 -65.04 -17.69
C GLU L 34 6.34 -64.96 -18.95
N ARG L 35 5.14 -65.53 -18.87
CA ARG L 35 4.29 -65.63 -20.05
C ARG L 35 3.88 -64.25 -20.56
N LEU L 36 3.53 -63.34 -19.66
CA LEU L 36 3.03 -62.03 -20.05
C LEU L 36 4.17 -61.02 -20.12
N GLN L 37 4.33 -60.41 -21.29
CA GLN L 37 5.34 -59.36 -21.44
C GLN L 37 5.03 -58.17 -20.57
N PHE L 38 3.75 -57.81 -20.44
CA PHE L 38 3.32 -56.63 -19.71
C PHE L 38 3.15 -56.89 -18.21
N SER L 39 3.79 -57.93 -17.69
CA SER L 39 3.65 -58.24 -16.27
C SER L 39 4.25 -57.12 -15.42
N LYS L 40 3.71 -56.98 -14.21
CA LYS L 40 4.16 -55.97 -13.25
C LYS L 40 4.73 -56.63 -12.00
N ALA L 41 5.23 -57.86 -12.13
CA ALA L 41 5.75 -58.58 -10.97
C ALA L 41 7.10 -58.03 -10.53
N ARG L 42 7.97 -57.70 -11.48
CA ARG L 42 9.30 -57.21 -11.15
C ARG L 42 9.27 -55.84 -10.48
N LEU L 43 8.17 -55.09 -10.65
CA LEU L 43 8.02 -53.77 -10.02
C LEU L 43 7.70 -53.98 -8.55
N THR L 44 8.75 -54.31 -7.78
CA THR L 44 8.59 -54.65 -6.37
C THR L 44 8.92 -53.48 -5.45
N ASP L 45 8.98 -52.26 -5.98
CA ASP L 45 9.22 -51.05 -5.18
C ASP L 45 8.12 -50.05 -5.52
N PHE L 46 6.98 -50.17 -4.86
CA PHE L 46 5.87 -49.22 -4.97
C PHE L 46 5.65 -48.80 -6.43
N GLY L 47 5.54 -49.79 -7.30
CA GLY L 47 5.27 -49.54 -8.70
C GLY L 47 6.49 -49.21 -9.54
N GLU L 48 7.70 -49.35 -9.00
CA GLU L 48 8.91 -49.06 -9.74
C GLU L 48 9.95 -50.14 -9.44
N LEU L 49 10.89 -50.30 -10.35
CA LEU L 49 11.96 -51.26 -10.13
C LEU L 49 12.84 -50.83 -8.97
N PRO L 50 13.45 -51.78 -8.26
CA PRO L 50 14.39 -51.40 -7.19
C PRO L 50 15.63 -50.72 -7.73
N GLN L 51 16.56 -50.35 -6.84
CA GLN L 51 17.69 -49.52 -7.25
C GLN L 51 18.56 -50.22 -8.29
N GLY L 52 18.86 -51.50 -8.08
CA GLY L 52 19.79 -52.19 -8.96
C GLY L 52 19.18 -52.73 -10.23
N GLU L 53 17.91 -53.09 -10.19
CA GLU L 53 17.29 -53.76 -11.33
C GLU L 53 17.10 -52.80 -12.51
N ILE L 54 16.97 -53.39 -13.69
CA ILE L 54 16.71 -52.64 -14.92
C ILE L 54 15.62 -53.34 -15.71
N PRO L 55 14.95 -52.62 -16.61
CA PRO L 55 13.92 -53.26 -17.44
C PRO L 55 14.50 -54.39 -18.27
N THR L 56 13.67 -55.42 -18.50
CA THR L 56 14.12 -56.57 -19.27
C THR L 56 14.56 -56.17 -20.67
N ALA L 57 13.87 -55.20 -21.28
CA ALA L 57 14.21 -54.80 -22.64
C ALA L 57 15.64 -54.31 -22.75
N LEU L 58 16.17 -53.69 -21.70
CA LEU L 58 17.52 -53.17 -21.70
C LEU L 58 18.56 -54.21 -21.29
N GLN L 59 18.15 -55.43 -20.96
CA GLN L 59 19.09 -56.49 -20.62
C GLN L 59 19.73 -57.12 -21.84
N TYR L 60 19.31 -56.75 -23.05
CA TYR L 60 19.83 -57.30 -24.29
C TYR L 60 20.56 -56.22 -25.07
N ASP L 61 21.65 -56.61 -25.72
CA ASP L 61 22.48 -55.68 -26.48
C ASP L 61 22.74 -56.25 -27.86
N ARG L 62 22.69 -55.38 -28.87
CA ARG L 62 22.94 -55.80 -30.23
C ARG L 62 24.41 -56.15 -30.41
N PRO L 63 24.74 -57.07 -31.32
CA PRO L 63 26.15 -57.39 -31.54
C PRO L 63 26.92 -56.18 -32.04
N CYS L 64 28.16 -56.06 -31.58
CA CYS L 64 29.03 -54.96 -32.00
C CYS L 64 30.47 -55.42 -31.92
N ARG L 65 31.19 -55.33 -33.04
CA ARG L 65 32.59 -55.72 -33.12
C ARG L 65 33.43 -54.50 -33.43
N VAL L 66 34.51 -54.32 -32.68
CA VAL L 66 35.44 -53.21 -32.84
C VAL L 66 36.83 -53.79 -33.09
N GLU L 67 37.49 -53.29 -34.12
CA GLU L 67 38.81 -53.76 -34.52
C GLU L 67 39.71 -52.56 -34.82
N THR L 68 41.01 -52.79 -34.74
CA THR L 68 42.01 -51.76 -35.01
C THR L 68 42.91 -52.21 -36.15
N LEU L 69 43.24 -51.26 -37.03
CA LEU L 69 44.07 -51.53 -38.19
C LEU L 69 45.52 -51.10 -37.93
N ALA L 70 46.38 -51.41 -38.90
CA ALA L 70 47.79 -51.03 -38.77
C ALA L 70 47.96 -49.53 -38.72
N ASN L 71 47.21 -48.79 -39.54
CA ASN L 71 47.30 -47.34 -39.56
C ASN L 71 46.76 -46.71 -38.28
N GLY L 72 46.06 -47.46 -37.44
CA GLY L 72 45.41 -46.91 -36.27
C GLY L 72 43.96 -46.58 -36.46
N VAL L 73 43.42 -46.74 -37.67
CA VAL L 73 42.01 -46.48 -37.91
C VAL L 73 41.19 -47.57 -37.24
N ARG L 74 40.19 -47.17 -36.44
CA ARG L 74 39.41 -48.10 -35.66
C ARG L 74 38.03 -48.27 -36.30
N LEU L 75 37.69 -49.51 -36.62
CA LEU L 75 36.44 -49.85 -37.31
C LEU L 75 35.51 -50.55 -36.33
N ALA L 76 34.31 -49.99 -36.17
CA ALA L 76 33.28 -50.56 -35.31
C ALA L 76 32.03 -50.81 -36.13
N VAL L 77 31.42 -51.97 -35.95
CA VAL L 77 30.20 -52.34 -36.66
C VAL L 77 29.19 -52.87 -35.66
N GLU L 78 27.95 -52.39 -35.75
CA GLU L 78 26.84 -52.87 -34.93
C GLU L 78 25.68 -53.18 -35.88
N PRO L 79 25.70 -54.36 -36.51
CA PRO L 79 24.71 -54.64 -37.56
C PRO L 79 23.29 -54.73 -37.01
N SER L 80 22.34 -54.41 -37.88
CA SER L 80 20.90 -54.54 -37.60
C SER L 80 20.25 -55.02 -38.89
N SER L 81 20.08 -56.34 -39.00
CA SER L 81 19.59 -56.92 -40.25
C SER L 81 18.20 -56.43 -40.59
N VAL L 82 17.31 -56.37 -39.59
CA VAL L 82 15.92 -56.00 -39.85
C VAL L 82 15.78 -54.56 -40.33
N SER L 83 16.74 -53.69 -40.00
CA SER L 83 16.63 -52.30 -40.36
C SER L 83 16.68 -52.13 -41.89
N PRO L 84 16.00 -51.12 -42.43
CA PRO L 84 15.99 -50.92 -43.88
C PRO L 84 17.11 -50.05 -44.43
N LEU L 85 17.95 -49.46 -43.58
CA LEU L 85 19.00 -48.55 -44.03
C LEU L 85 20.32 -48.90 -43.34
N ALA L 86 21.41 -48.47 -43.95
CA ALA L 86 22.76 -48.65 -43.42
C ALA L 86 23.43 -47.29 -43.32
N ALA L 87 23.98 -46.99 -42.15
CA ALA L 87 24.61 -45.71 -41.87
C ALA L 87 26.09 -45.93 -41.57
N VAL L 88 26.94 -45.14 -42.21
CA VAL L 88 28.39 -45.16 -41.99
C VAL L 88 28.79 -43.77 -41.54
N SER L 89 29.43 -43.70 -40.37
CA SER L 89 29.88 -42.43 -39.79
C SER L 89 31.38 -42.49 -39.59
N VAL L 90 32.08 -41.50 -40.16
CA VAL L 90 33.52 -41.37 -40.00
C VAL L 90 33.79 -40.19 -39.08
N VAL L 91 34.43 -40.45 -37.95
CA VAL L 91 34.77 -39.41 -36.98
C VAL L 91 36.29 -39.25 -36.98
N VAL L 92 36.74 -38.02 -37.19
CA VAL L 92 38.16 -37.68 -37.19
C VAL L 92 38.39 -36.74 -36.02
N ARG L 93 39.34 -37.10 -35.14
CA ARG L 93 39.58 -36.31 -33.94
C ARG L 93 40.13 -34.93 -34.24
N ALA L 94 40.39 -34.60 -35.51
CA ALA L 94 40.72 -33.25 -35.88
C ALA L 94 39.51 -32.34 -35.69
N GLY L 95 39.76 -31.12 -35.22
CA GLY L 95 38.70 -30.18 -34.99
C GLY L 95 39.22 -28.78 -34.85
N THR L 96 38.32 -27.86 -34.49
CA THR L 96 38.71 -26.47 -34.31
C THR L 96 39.76 -26.30 -33.23
N ARG L 97 39.85 -27.26 -32.30
CA ARG L 97 40.88 -27.17 -31.26
C ARG L 97 42.29 -27.12 -31.86
N GLN L 98 42.47 -27.71 -33.04
CA GLN L 98 43.78 -27.78 -33.68
C GLN L 98 44.02 -26.63 -34.65
N GLU L 99 43.40 -25.48 -34.41
CA GLU L 99 43.57 -24.31 -35.25
C GLU L 99 44.18 -23.18 -34.44
N THR L 100 44.74 -22.20 -35.16
CA THR L 100 45.37 -21.04 -34.56
C THR L 100 44.74 -19.78 -35.14
N LEU L 101 45.14 -18.63 -34.58
CA LEU L 101 44.59 -17.36 -35.04
C LEU L 101 44.93 -17.11 -36.50
N GLU L 102 46.16 -17.43 -36.90
CA GLU L 102 46.59 -17.24 -38.28
C GLU L 102 45.98 -18.28 -39.22
N THR L 103 45.41 -19.36 -38.69
CA THR L 103 44.77 -20.38 -39.52
C THR L 103 43.35 -20.67 -39.05
N SER L 104 42.75 -19.76 -38.29
CA SER L 104 41.41 -19.99 -37.76
C SER L 104 40.40 -20.09 -38.90
N GLY L 105 39.51 -21.07 -38.79
CA GLY L 105 38.50 -21.31 -39.81
C GLY L 105 38.91 -22.24 -40.92
N VAL L 106 39.99 -23.00 -40.74
CA VAL L 106 40.43 -23.91 -41.80
C VAL L 106 39.54 -25.15 -41.85
N ALA L 107 38.93 -25.53 -40.73
CA ALA L 107 38.03 -26.68 -40.74
C ALA L 107 36.81 -26.41 -41.61
N GLN L 108 36.31 -25.17 -41.60
CA GLN L 108 35.17 -24.83 -42.44
C GLN L 108 35.50 -25.00 -43.92
N PHE L 109 36.70 -24.56 -44.33
CA PHE L 109 37.13 -24.80 -45.69
C PHE L 109 37.31 -26.30 -45.95
N VAL L 110 37.84 -27.03 -44.97
CA VAL L 110 38.10 -28.45 -45.17
C VAL L 110 36.80 -29.20 -45.44
N GLN L 111 35.75 -28.91 -44.68
CA GLN L 111 34.52 -29.68 -44.82
C GLN L 111 33.92 -29.51 -46.21
N ARG L 112 33.92 -28.28 -46.74
CA ARG L 112 33.34 -28.05 -48.06
C ARG L 112 34.26 -28.53 -49.18
N LEU L 113 35.56 -28.29 -49.06
CA LEU L 113 36.49 -28.61 -50.13
C LEU L 113 36.59 -30.12 -50.35
N VAL L 114 36.37 -30.91 -49.31
CA VAL L 114 36.48 -32.37 -49.45
C VAL L 114 35.51 -32.87 -50.51
N LEU L 115 34.30 -32.30 -50.54
CA LEU L 115 33.31 -32.68 -51.54
C LEU L 115 33.63 -32.12 -52.91
N ARG L 116 34.34 -30.98 -52.98
CA ARG L 116 34.49 -30.29 -54.25
C ARG L 116 35.14 -31.17 -55.31
N GLY L 117 36.19 -31.90 -54.96
CA GLY L 117 36.85 -32.74 -55.95
C GLY L 117 37.81 -33.72 -55.32
N THR L 118 38.23 -34.68 -56.14
CA THR L 118 39.19 -35.69 -55.74
C THR L 118 40.04 -36.05 -56.95
N SER L 119 41.16 -36.72 -56.69
CA SER L 119 42.04 -37.13 -57.77
C SER L 119 41.33 -38.10 -58.71
N LYS L 120 40.58 -39.06 -58.16
CA LYS L 120 39.90 -40.03 -59.00
C LYS L 120 38.68 -39.42 -59.68
N ARG L 121 37.91 -38.60 -58.96
CA ARG L 121 36.62 -38.13 -59.43
C ARG L 121 36.57 -36.61 -59.43
N ASN L 122 35.97 -36.04 -60.48
CA ASN L 122 35.77 -34.61 -60.58
C ASN L 122 34.60 -34.19 -59.69
N ARG L 123 34.31 -32.88 -59.67
CA ARG L 123 33.18 -32.39 -58.90
C ARG L 123 31.88 -32.98 -59.41
N GLU L 124 31.70 -33.03 -60.72
CA GLU L 124 30.47 -33.58 -61.28
C GLU L 124 30.32 -35.05 -60.92
N GLN L 125 31.42 -35.81 -60.98
CA GLN L 125 31.34 -37.25 -60.72
C GLN L 125 30.93 -37.51 -59.27
N ILE L 126 31.58 -36.84 -58.32
CA ILE L 126 31.25 -37.06 -56.91
C ILE L 126 29.84 -36.56 -56.63
N GLU L 127 29.43 -35.46 -57.27
CA GLU L 127 28.07 -34.99 -57.07
C GLU L 127 27.05 -36.01 -57.56
N LYS L 128 27.30 -36.60 -58.74
CA LYS L 128 26.41 -37.63 -59.25
C LYS L 128 26.37 -38.82 -58.31
N GLU L 129 27.53 -39.26 -57.83
CA GLU L 129 27.57 -40.42 -56.95
C GLU L 129 26.83 -40.15 -55.65
N LEU L 130 27.00 -38.96 -55.08
CA LEU L 130 26.29 -38.60 -53.87
C LEU L 130 24.78 -38.56 -54.11
N ALA L 131 24.37 -38.01 -55.26
CA ALA L 131 22.94 -37.94 -55.57
C ALA L 131 22.34 -39.33 -55.73
N LEU L 132 23.06 -40.25 -56.37
CA LEU L 132 22.51 -41.56 -56.67
C LEU L 132 22.16 -42.31 -55.39
N LEU L 133 23.03 -42.26 -54.39
CA LEU L 133 22.79 -42.93 -53.11
C LEU L 133 22.09 -42.03 -52.10
N GLY L 134 21.41 -41.00 -52.56
CA GLY L 134 20.69 -40.11 -51.65
C GLY L 134 21.56 -38.98 -51.15
N GLY L 135 20.93 -37.83 -50.95
CA GLY L 135 21.62 -36.65 -50.47
C GLY L 135 21.80 -36.58 -48.98
N ASN L 136 21.53 -37.68 -48.26
CA ASN L 136 21.54 -37.67 -46.80
C ASN L 136 22.99 -37.83 -46.30
N LEU L 137 23.78 -36.80 -46.56
CA LEU L 137 25.15 -36.70 -46.07
C LEU L 137 25.22 -35.52 -45.11
N LYS L 138 25.58 -35.80 -43.85
CA LYS L 138 25.65 -34.78 -42.81
C LYS L 138 27.11 -34.62 -42.38
N VAL L 139 27.62 -33.39 -42.48
CA VAL L 139 28.96 -33.05 -42.05
C VAL L 139 28.85 -32.12 -40.86
N GLN L 140 29.33 -32.58 -39.70
CA GLN L 140 29.30 -31.81 -38.47
C GLN L 140 30.73 -31.49 -38.07
N VAL L 141 31.14 -30.24 -38.25
CA VAL L 141 32.47 -29.78 -37.87
C VAL L 141 32.37 -29.32 -36.42
N GLY L 142 32.81 -30.16 -35.50
CA GLY L 142 32.80 -29.83 -34.09
C GLY L 142 34.09 -29.12 -33.67
N ARG L 143 34.26 -29.02 -32.36
CA ARG L 143 35.45 -28.40 -31.80
C ARG L 143 36.53 -29.44 -31.51
N GLU L 144 36.15 -30.55 -30.88
CA GLU L 144 37.09 -31.62 -30.56
C GLU L 144 37.21 -32.65 -31.67
N THR L 145 36.30 -32.66 -32.65
CA THR L 145 36.28 -33.68 -33.69
C THR L 145 35.33 -33.25 -34.79
N THR L 146 35.43 -33.93 -35.93
CA THR L 146 34.54 -33.72 -37.06
C THR L 146 33.93 -35.05 -37.48
N THR L 147 32.63 -35.03 -37.78
CA THR L 147 31.88 -36.22 -38.12
C THR L 147 31.30 -36.11 -39.53
N TYR L 148 31.37 -37.21 -40.28
CA TYR L 148 30.78 -37.31 -41.60
C TYR L 148 29.89 -38.55 -41.60
N THR L 149 28.57 -38.34 -41.60
CA THR L 149 27.62 -39.44 -41.52
C THR L 149 26.87 -39.55 -42.85
N LEU L 150 26.84 -40.75 -43.42
CA LEU L 150 26.15 -41.02 -44.67
C LEU L 150 25.24 -42.23 -44.48
N SER L 151 23.95 -42.05 -44.78
CA SER L 151 22.97 -43.12 -44.68
C SER L 151 22.48 -43.48 -46.07
N VAL L 152 22.54 -44.78 -46.40
CA VAL L 152 22.22 -45.27 -47.72
C VAL L 152 21.44 -46.58 -47.57
N LEU L 153 21.10 -47.19 -48.71
CA LEU L 153 20.41 -48.46 -48.70
C LEU L 153 21.38 -49.58 -48.33
N PRO L 154 20.86 -50.71 -47.82
CA PRO L 154 21.76 -51.80 -47.41
C PRO L 154 22.61 -52.35 -48.55
N GLU L 155 22.11 -52.33 -49.79
CA GLU L 155 22.80 -52.96 -50.90
C GLU L 155 23.98 -52.14 -51.42
N ASN L 156 24.09 -50.87 -51.03
CA ASN L 156 25.17 -50.01 -51.49
C ASN L 156 26.03 -49.48 -50.35
N VAL L 157 25.82 -49.96 -49.12
CA VAL L 157 26.58 -49.45 -47.98
C VAL L 157 28.07 -49.56 -48.26
N GLU L 158 28.51 -50.74 -48.73
CA GLU L 158 29.92 -50.92 -49.07
C GLU L 158 30.39 -49.82 -50.01
N LYS L 159 29.61 -49.57 -51.07
CA LYS L 159 29.97 -48.50 -52.00
C LYS L 159 30.20 -47.19 -51.27
N ALA L 160 29.29 -46.84 -50.36
CA ALA L 160 29.46 -45.61 -49.60
C ALA L 160 30.83 -45.56 -48.95
N VAL L 161 31.23 -46.65 -48.30
CA VAL L 161 32.55 -46.69 -47.68
C VAL L 161 33.62 -46.40 -48.70
N ASP L 162 33.56 -47.09 -49.85
CA ASP L 162 34.53 -46.84 -50.91
C ASP L 162 34.54 -45.37 -51.28
N PHE L 163 33.36 -44.75 -51.34
CA PHE L 163 33.31 -43.31 -51.57
C PHE L 163 33.86 -42.56 -50.37
N LEU L 164 33.37 -42.88 -49.17
CA LEU L 164 33.69 -42.07 -48.00
C LEU L 164 35.17 -42.10 -47.70
N GLY L 165 35.80 -43.27 -47.86
CA GLY L 165 37.24 -43.35 -47.67
C GLY L 165 38.00 -42.52 -48.68
N ASP L 166 37.54 -42.50 -49.93
CA ASP L 166 38.24 -41.77 -50.97
C ASP L 166 38.10 -40.27 -50.77
N ILE L 167 36.88 -39.79 -50.56
CA ILE L 167 36.63 -38.35 -50.52
C ILE L 167 37.45 -37.70 -49.41
N LEU L 168 37.54 -38.36 -48.26
CA LEU L 168 38.29 -37.81 -47.14
C LEU L 168 39.79 -38.04 -47.26
N GLN L 169 40.24 -38.92 -48.15
CA GLN L 169 41.65 -39.30 -48.23
C GLN L 169 42.38 -38.61 -49.38
N ASN L 170 41.89 -38.78 -50.61
CA ASN L 170 42.59 -38.31 -51.80
C ASN L 170 42.02 -37.01 -52.34
N SER L 171 41.41 -36.19 -51.48
CA SER L 171 40.88 -34.92 -51.92
C SER L 171 42.01 -33.97 -52.33
N VAL L 172 41.81 -33.27 -53.44
CA VAL L 172 42.77 -32.31 -53.96
C VAL L 172 42.21 -30.91 -53.75
N PHE L 173 42.99 -30.05 -53.09
CA PHE L 173 42.56 -28.72 -52.71
C PHE L 173 43.22 -27.71 -53.64
N ASN L 174 42.46 -27.22 -54.62
CA ASN L 174 42.95 -26.24 -55.57
C ASN L 174 42.76 -24.82 -55.03
N LYS L 175 43.65 -23.92 -55.45
CA LYS L 175 43.56 -22.53 -55.02
C LYS L 175 42.25 -21.90 -55.47
N GLN L 176 41.84 -22.18 -56.71
CA GLN L 176 40.61 -21.58 -57.21
C GLN L 176 39.40 -22.05 -56.42
N GLN L 177 39.37 -23.32 -56.04
CA GLN L 177 38.26 -23.83 -55.24
C GLN L 177 38.20 -23.13 -53.89
N VAL L 178 39.35 -22.91 -53.25
CA VAL L 178 39.37 -22.21 -51.98
C VAL L 178 38.88 -20.77 -52.16
N GLU L 179 39.31 -20.11 -53.22
CA GLU L 179 38.83 -18.76 -53.50
C GLU L 179 37.31 -18.75 -53.66
N ALA L 180 36.78 -19.73 -54.38
CA ALA L 180 35.33 -19.81 -54.56
C ALA L 180 34.61 -20.02 -53.24
N GLU L 181 35.14 -20.91 -52.39
CA GLU L 181 34.47 -21.25 -51.13
C GLU L 181 34.69 -20.21 -50.04
N LYS L 182 35.59 -19.25 -50.23
CA LYS L 182 35.77 -18.21 -49.22
C LYS L 182 34.47 -17.46 -48.97
N GLU L 183 33.77 -17.09 -50.05
CA GLU L 183 32.50 -16.36 -49.89
C GLU L 183 31.48 -17.20 -49.14
N ALA L 184 31.38 -18.48 -49.47
CA ALA L 184 30.41 -19.35 -48.80
C ALA L 184 30.73 -19.48 -47.32
N VAL L 185 32.01 -19.65 -46.99
CA VAL L 185 32.39 -19.79 -45.58
C VAL L 185 32.10 -18.49 -44.82
N TYR L 186 32.40 -17.35 -45.44
CA TYR L 186 32.12 -16.07 -44.79
C TYR L 186 30.62 -15.89 -44.57
N ASN L 187 29.81 -16.24 -45.57
CA ASN L 187 28.37 -16.14 -45.41
C ASN L 187 27.86 -17.06 -44.30
N ASN L 188 28.41 -18.27 -44.22
CA ASN L 188 28.04 -19.17 -43.14
C ASN L 188 28.40 -18.59 -41.78
N ALA L 189 29.59 -18.00 -41.67
CA ALA L 189 30.00 -17.39 -40.41
C ALA L 189 29.05 -16.26 -40.03
N LEU L 190 28.68 -15.43 -40.99
CA LEU L 190 27.76 -14.33 -40.69
C LEU L 190 26.38 -14.85 -40.31
N SER L 191 25.90 -15.89 -41.00
CA SER L 191 24.57 -16.42 -40.77
C SER L 191 24.48 -17.30 -39.53
N ALA L 192 25.62 -17.66 -38.93
CA ALA L 192 25.58 -18.45 -37.70
C ALA L 192 24.60 -17.88 -36.68
N GLN L 193 24.33 -16.58 -36.74
CA GLN L 193 23.41 -15.97 -35.78
C GLN L 193 21.97 -16.43 -35.97
N ASN L 194 21.64 -17.05 -37.10
CA ASN L 194 20.28 -17.52 -37.30
C ASN L 194 19.88 -18.55 -36.25
N ASP L 195 20.77 -19.49 -35.95
CA ASP L 195 20.54 -20.47 -34.89
C ASP L 195 20.94 -19.82 -33.58
N GLN L 196 19.96 -19.20 -32.90
CA GLN L 196 20.25 -18.45 -31.69
C GLN L 196 20.85 -19.35 -30.61
N GLN L 197 20.30 -20.56 -30.45
CA GLN L 197 20.84 -21.47 -29.45
C GLN L 197 22.30 -21.83 -29.76
N GLY L 198 22.60 -22.11 -31.02
CA GLY L 198 23.96 -22.45 -31.38
C GLY L 198 24.93 -21.30 -31.15
N LEU L 199 24.53 -20.09 -31.52
CA LEU L 199 25.39 -18.94 -31.30
C LEU L 199 25.61 -18.69 -29.81
N LEU L 200 24.56 -18.90 -29.00
CA LEU L 200 24.74 -18.75 -27.55
C LEU L 200 25.65 -19.83 -26.98
N LEU L 201 25.57 -21.05 -27.52
CA LEU L 201 26.51 -22.09 -27.09
C LEU L 201 27.95 -21.70 -27.44
N GLU L 202 28.15 -21.15 -28.63
CA GLU L 202 29.49 -20.66 -28.98
C GLU L 202 29.92 -19.53 -28.06
N ASN L 203 28.99 -18.67 -27.66
CA ASN L 203 29.33 -17.58 -26.74
C ASN L 203 29.73 -18.10 -25.37
N ILE L 204 29.02 -19.12 -24.86
CA ILE L 204 29.41 -19.68 -23.56
C ILE L 204 30.75 -20.37 -23.67
N HIS L 205 31.03 -21.00 -24.82
CA HIS L 205 32.35 -21.57 -25.01
C HIS L 205 33.42 -20.49 -25.00
N PHE L 206 33.16 -19.36 -25.66
CA PHE L 206 34.11 -18.27 -25.69
C PHE L 206 34.35 -17.71 -24.29
N THR L 207 33.28 -17.51 -23.52
CA THR L 207 33.43 -16.89 -22.20
C THR L 207 34.00 -17.86 -21.18
N ALA L 208 33.76 -19.17 -21.35
CA ALA L 208 34.25 -20.15 -20.40
C ALA L 208 35.75 -20.42 -20.56
N TYR L 209 36.25 -20.37 -21.78
CA TYR L 209 37.66 -20.63 -22.09
C TYR L 209 38.23 -19.42 -22.81
N ARG L 210 38.69 -18.44 -22.04
CA ARG L 210 39.28 -17.23 -22.62
C ARG L 210 40.79 -17.35 -22.83
N ASP L 211 41.47 -18.21 -22.07
CA ASP L 211 42.91 -18.39 -22.18
C ASP L 211 43.28 -19.63 -22.99
N HIS L 212 42.40 -20.04 -23.90
CA HIS L 212 42.63 -21.22 -24.72
C HIS L 212 41.92 -21.02 -26.05
N TYR L 213 42.49 -21.59 -27.11
CA TYR L 213 41.84 -21.49 -28.41
C TYR L 213 40.52 -22.26 -28.46
N PHE L 214 40.29 -23.14 -27.50
CA PHE L 214 39.03 -23.90 -27.46
C PHE L 214 37.82 -23.00 -27.34
N GLY L 215 38.00 -21.77 -26.83
CA GLY L 215 36.88 -20.85 -26.71
C GLY L 215 36.45 -20.20 -28.01
N GLN L 216 37.33 -20.16 -29.00
CA GLN L 216 37.02 -19.46 -30.23
C GLN L 216 35.87 -20.15 -30.97
N PRO L 217 35.06 -19.40 -31.71
CA PRO L 217 33.90 -20.00 -32.36
C PRO L 217 34.30 -21.02 -33.42
N THR L 218 33.44 -22.04 -33.60
CA THR L 218 33.73 -23.10 -34.54
C THR L 218 33.82 -22.56 -35.97
N HIS L 219 32.92 -21.64 -36.33
CA HIS L 219 32.95 -21.08 -37.68
C HIS L 219 34.17 -20.23 -37.95
N GLY L 220 34.95 -19.90 -36.92
CA GLY L 220 36.19 -19.18 -37.08
C GLY L 220 36.00 -17.67 -37.09
N ILE L 221 37.14 -16.97 -37.01
CA ILE L 221 37.12 -15.52 -37.01
C ILE L 221 36.81 -15.03 -38.42
N ARG L 222 35.85 -14.11 -38.54
CA ARG L 222 35.38 -13.68 -39.85
C ARG L 222 36.52 -13.09 -40.68
N GLU L 223 37.24 -12.13 -40.12
CA GLU L 223 38.24 -11.41 -40.90
C GLU L 223 39.39 -12.32 -41.34
N ASN L 224 39.55 -13.47 -40.69
CA ASN L 224 40.56 -14.43 -41.09
C ASN L 224 40.09 -15.42 -42.14
N LEU L 225 38.78 -15.50 -42.40
CA LEU L 225 38.27 -16.47 -43.35
C LEU L 225 38.82 -16.21 -44.75
N HIS L 226 38.94 -14.93 -45.13
CA HIS L 226 39.50 -14.59 -46.44
C HIS L 226 41.01 -14.82 -46.50
N ASN L 227 41.67 -15.08 -45.37
CA ASN L 227 43.11 -15.28 -45.33
C ASN L 227 43.52 -16.72 -45.52
N ILE L 228 42.57 -17.66 -45.60
CA ILE L 228 42.91 -19.06 -45.77
C ILE L 228 43.35 -19.30 -47.21
N THR L 229 44.38 -20.11 -47.38
CA THR L 229 44.90 -20.47 -48.69
C THR L 229 44.85 -22.00 -48.85
N ASP L 230 45.15 -22.46 -50.06
CA ASP L 230 45.17 -23.90 -50.31
C ASP L 230 46.24 -24.59 -49.46
N GLU L 231 47.40 -23.95 -49.32
CA GLU L 231 48.48 -24.56 -48.56
C GLU L 231 48.11 -24.77 -47.10
N VAL L 232 47.39 -23.80 -46.51
CA VAL L 232 46.98 -23.94 -45.12
C VAL L 232 46.07 -25.16 -44.95
N VAL L 233 45.10 -25.30 -45.86
CA VAL L 233 44.18 -26.44 -45.79
C VAL L 233 44.94 -27.74 -45.97
N LYS L 234 45.87 -27.78 -46.93
CA LYS L 234 46.63 -29.00 -47.16
C LYS L 234 47.45 -29.37 -45.94
N ASN L 235 48.12 -28.39 -45.33
CA ASN L 235 48.90 -28.68 -44.12
C ASN L 235 48.00 -29.17 -42.99
N PHE L 236 46.85 -28.53 -42.81
CA PHE L 236 45.93 -28.94 -41.75
C PHE L 236 45.50 -30.39 -41.94
N VAL L 237 45.06 -30.74 -43.15
CA VAL L 237 44.58 -32.10 -43.38
C VAL L 237 45.72 -33.10 -43.26
N LYS L 238 46.92 -32.72 -43.73
CA LYS L 238 48.05 -33.65 -43.65
C LYS L 238 48.47 -33.91 -42.21
N THR L 239 48.51 -32.87 -41.38
CA THR L 239 48.99 -33.03 -40.01
C THR L 239 47.91 -33.49 -39.04
N ASN L 240 46.64 -33.43 -39.42
CA ASN L 240 45.55 -33.78 -38.51
C ASN L 240 44.82 -35.05 -38.92
N TYR L 241 44.50 -35.23 -40.20
CA TYR L 241 43.83 -36.44 -40.66
C TYR L 241 44.86 -37.56 -40.72
N VAL L 242 45.11 -38.18 -39.58
CA VAL L 242 46.07 -39.26 -39.44
C VAL L 242 45.33 -40.55 -39.10
N GLY L 243 46.01 -41.67 -39.27
CA GLY L 243 45.38 -42.95 -39.07
C GLY L 243 44.80 -43.12 -37.67
N SER L 244 45.53 -42.66 -36.67
CA SER L 244 45.09 -42.83 -35.28
C SER L 244 43.85 -41.99 -34.95
N ASN L 245 43.51 -41.02 -35.78
CA ASN L 245 42.37 -40.14 -35.52
C ASN L 245 41.09 -40.59 -36.20
N PHE L 246 41.14 -41.66 -37.00
CA PHE L 246 40.00 -42.09 -37.80
C PHE L 246 39.25 -43.22 -37.10
N VAL L 247 37.95 -43.03 -36.88
CA VAL L 247 37.08 -44.08 -36.39
C VAL L 247 35.91 -44.19 -37.35
N VAL L 248 35.70 -45.38 -37.91
CA VAL L 248 34.63 -45.63 -38.87
C VAL L 248 33.63 -46.55 -38.19
N ALA L 249 32.42 -46.05 -37.95
CA ALA L 249 31.36 -46.82 -37.33
C ALA L 249 30.27 -47.10 -38.35
N ALA L 250 29.69 -48.29 -38.26
CA ALA L 250 28.63 -48.71 -39.17
C ALA L 250 27.47 -49.29 -38.37
N ALA L 251 26.25 -49.02 -38.84
CA ALA L 251 25.06 -49.53 -38.19
C ALA L 251 23.97 -49.73 -39.22
N GLY L 252 22.95 -50.48 -38.82
CA GLY L 252 21.86 -50.82 -39.71
C GLY L 252 22.05 -52.19 -40.34
N ASN L 253 21.39 -52.38 -41.48
CA ASN L 253 21.49 -53.63 -42.24
C ASN L 253 22.83 -53.63 -42.97
N VAL L 254 23.87 -54.04 -42.24
CA VAL L 254 25.23 -54.06 -42.75
C VAL L 254 25.83 -55.42 -42.43
N ASN L 255 26.50 -56.02 -43.42
CA ASN L 255 27.20 -57.29 -43.21
C ASN L 255 28.54 -57.01 -42.54
N SER L 256 28.74 -57.56 -41.35
CA SER L 256 29.92 -57.22 -40.56
C SER L 256 31.21 -57.58 -41.30
N GLN L 257 31.29 -58.81 -41.81
CA GLN L 257 32.52 -59.24 -42.47
C GLN L 257 32.79 -58.41 -43.72
N ALA L 258 31.80 -58.26 -44.58
CA ALA L 258 32.00 -57.52 -45.83
C ALA L 258 32.33 -56.07 -45.55
N PHE L 259 31.59 -55.43 -44.63
CA PHE L 259 31.86 -54.04 -44.31
C PHE L 259 33.27 -53.88 -43.75
N LEU L 260 33.68 -54.76 -42.83
CA LEU L 260 35.00 -54.64 -42.25
C LEU L 260 36.09 -54.80 -43.31
N GLN L 261 35.93 -55.79 -44.19
CA GLN L 261 36.94 -55.99 -45.24
C GLN L 261 37.01 -54.79 -46.16
N ALA L 262 35.85 -54.28 -46.59
CA ALA L 262 35.84 -53.13 -47.50
C ALA L 262 36.43 -51.90 -46.82
N ALA L 263 36.10 -51.67 -45.56
CA ALA L 263 36.62 -50.51 -44.85
C ALA L 263 38.12 -50.62 -44.67
N GLU L 264 38.63 -51.82 -44.38
CA GLU L 264 40.07 -52.00 -44.29
C GLU L 264 40.72 -51.69 -45.63
N LYS L 265 40.17 -52.22 -46.72
CA LYS L 265 40.75 -51.96 -48.03
C LYS L 265 40.75 -50.47 -48.33
N ALA L 266 39.68 -49.76 -47.95
CA ALA L 266 39.58 -48.34 -48.28
C ALA L 266 40.52 -47.49 -47.42
N PHE L 267 40.59 -47.76 -46.13
CA PHE L 267 41.30 -46.91 -45.18
C PHE L 267 42.68 -47.45 -44.81
N GLY L 268 43.19 -48.46 -45.52
CA GLY L 268 44.53 -48.93 -45.25
C GLY L 268 45.64 -48.06 -45.79
N THR L 269 45.30 -47.04 -46.59
CA THR L 269 46.29 -46.16 -47.19
C THR L 269 46.42 -44.83 -46.46
N VAL L 270 45.78 -44.70 -45.29
CA VAL L 270 45.87 -43.47 -44.51
C VAL L 270 47.19 -43.44 -43.76
N ALA L 271 47.89 -42.31 -43.83
CA ALA L 271 49.19 -42.20 -43.21
C ALA L 271 49.08 -42.32 -41.69
N GLN L 272 50.02 -43.04 -41.10
CA GLN L 272 50.03 -43.22 -39.66
C GLN L 272 50.41 -41.93 -38.96
N LYS L 273 49.90 -41.74 -37.74
CA LYS L 273 50.18 -40.55 -36.98
C LYS L 273 51.68 -40.47 -36.66
N ASP L 274 52.24 -39.27 -36.79
CA ASP L 274 53.66 -39.03 -36.58
C ASP L 274 53.85 -38.16 -35.34
N ALA L 275 54.71 -38.62 -34.44
CA ALA L 275 54.95 -37.88 -33.19
C ALA L 275 55.67 -36.57 -33.45
N THR L 276 56.57 -36.53 -34.44
CA THR L 276 57.33 -35.31 -34.68
C THR L 276 56.43 -34.12 -35.01
N THR L 277 55.26 -34.38 -35.59
CA THR L 277 54.35 -33.29 -35.93
C THR L 277 53.86 -32.59 -34.67
N PHE L 278 53.60 -31.29 -34.80
CA PHE L 278 53.16 -30.46 -33.69
C PHE L 278 51.66 -30.17 -33.85
N VAL L 279 50.91 -30.46 -32.80
CA VAL L 279 49.46 -30.24 -32.77
C VAL L 279 49.20 -29.04 -31.86
N PRO L 280 48.72 -27.90 -32.39
CA PRO L 280 48.50 -26.73 -31.53
C PRO L 280 47.41 -26.98 -30.49
N ASN L 281 47.52 -26.28 -29.37
CA ASN L 281 46.48 -26.25 -28.34
C ASN L 281 46.23 -27.65 -27.78
N THR L 282 47.28 -28.23 -27.21
CA THR L 282 47.22 -29.57 -26.64
C THR L 282 47.14 -29.56 -25.11
N GLU L 283 47.01 -28.40 -24.49
CA GLU L 283 46.91 -28.30 -23.04
C GLU L 283 45.46 -28.18 -22.61
N LYS L 284 45.24 -28.34 -21.31
CA LYS L 284 43.88 -28.37 -20.77
C LYS L 284 43.25 -26.98 -20.88
N PRO L 285 42.06 -26.85 -21.48
CA PRO L 285 41.36 -25.56 -21.46
C PRO L 285 40.72 -25.27 -20.12
N TYR L 286 41.50 -24.70 -19.19
CA TYR L 286 40.99 -24.42 -17.86
C TYR L 286 39.77 -23.51 -17.91
N PHE L 287 38.76 -23.86 -17.11
CA PHE L 287 37.51 -23.11 -17.09
C PHE L 287 37.74 -21.71 -16.55
N THR L 288 37.19 -20.71 -17.23
CA THR L 288 37.34 -19.31 -16.86
C THR L 288 35.98 -18.71 -16.54
N PRO L 289 35.57 -18.65 -15.27
CA PRO L 289 34.26 -18.08 -14.95
C PRO L 289 34.16 -16.64 -15.42
N SER L 290 33.00 -16.28 -15.96
CA SER L 290 32.78 -14.96 -16.53
C SER L 290 31.30 -14.74 -16.73
N TYR L 291 30.95 -13.49 -17.05
CA TYR L 291 29.58 -13.07 -17.31
C TYR L 291 29.61 -12.10 -18.47
N MET L 292 29.18 -12.55 -19.64
CA MET L 292 29.15 -11.73 -20.85
C MET L 292 27.73 -11.27 -21.14
N THR L 293 27.61 -10.05 -21.67
CA THR L 293 26.32 -9.44 -21.96
C THR L 293 26.38 -8.81 -23.35
N ILE L 294 25.79 -9.48 -24.33
CA ILE L 294 25.65 -8.95 -25.69
C ILE L 294 24.35 -8.17 -25.69
N ARG L 295 24.43 -6.89 -25.34
CA ARG L 295 23.24 -6.06 -25.21
C ARG L 295 22.74 -5.64 -26.58
N ASP L 296 21.51 -6.07 -26.91
CA ASP L 296 20.85 -5.69 -28.17
C ASP L 296 19.38 -5.51 -27.85
N ASP L 297 18.89 -4.27 -27.92
CA ASP L 297 17.55 -3.92 -27.48
C ASP L 297 16.53 -3.90 -28.62
N GLU L 298 16.75 -4.71 -29.64
CA GLU L 298 15.81 -4.82 -30.76
C GLU L 298 15.61 -6.28 -31.14
N MET L 299 15.38 -7.13 -30.14
CA MET L 299 15.21 -8.56 -30.37
C MET L 299 13.92 -9.13 -29.82
N HIS L 300 13.22 -8.43 -28.91
CA HIS L 300 11.93 -8.86 -28.40
C HIS L 300 12.08 -10.06 -27.46
N ASN L 301 13.28 -10.61 -27.34
CA ASN L 301 13.50 -11.82 -26.57
C ASN L 301 14.93 -11.83 -26.05
N LEU L 302 15.17 -12.64 -25.03
CA LEU L 302 16.46 -12.74 -24.38
C LEU L 302 16.91 -14.20 -24.41
N ASN L 303 18.17 -14.42 -24.79
CA ASN L 303 18.82 -15.73 -24.77
C ASN L 303 19.82 -15.71 -23.62
N VAL L 304 19.58 -16.52 -22.60
CA VAL L 304 20.47 -16.58 -21.45
C VAL L 304 20.99 -18.01 -21.31
N GLY L 305 22.27 -18.13 -20.96
CA GLY L 305 22.89 -19.43 -20.75
C GLY L 305 23.75 -19.41 -19.51
N VAL L 306 23.54 -20.39 -18.63
CA VAL L 306 24.30 -20.50 -17.39
C VAL L 306 24.87 -21.92 -17.33
N PHE L 307 26.20 -22.02 -17.27
CA PHE L 307 26.88 -23.29 -17.36
C PHE L 307 27.91 -23.44 -16.25
N PHE L 308 28.14 -24.69 -15.85
CA PHE L 308 29.19 -25.07 -14.92
C PHE L 308 30.22 -25.91 -15.65
N GLU L 309 31.44 -25.90 -15.13
CA GLU L 309 32.44 -26.84 -15.59
C GLU L 309 31.95 -28.27 -15.32
N ALA L 310 32.07 -29.12 -16.32
CA ALA L 310 31.50 -30.45 -16.28
C ALA L 310 32.58 -31.48 -16.57
N PRO L 311 32.35 -32.75 -16.20
CA PRO L 311 33.37 -33.77 -16.40
C PRO L 311 33.65 -34.05 -17.86
N SER L 312 34.86 -34.53 -18.12
CA SER L 312 35.26 -34.95 -19.45
C SER L 312 34.63 -36.31 -19.77
N TRP L 313 34.92 -36.81 -20.97
CA TRP L 313 34.36 -38.09 -21.40
C TRP L 313 34.88 -39.27 -20.59
N THR L 314 35.94 -39.10 -19.81
CA THR L 314 36.54 -40.19 -19.06
C THR L 314 36.47 -40.00 -17.55
N ASP L 315 35.81 -38.95 -17.08
CA ASP L 315 35.72 -38.73 -15.64
C ASP L 315 34.79 -39.76 -15.01
N PRO L 316 35.04 -40.13 -13.75
CA PRO L 316 34.12 -41.09 -13.10
C PRO L 316 32.68 -40.63 -13.07
N ASP L 317 32.44 -39.33 -12.88
CA ASP L 317 31.08 -38.79 -12.79
C ASP L 317 30.56 -38.36 -14.16
N PHE L 318 30.60 -39.26 -15.14
CA PHE L 318 30.13 -38.96 -16.48
C PHE L 318 28.65 -39.32 -16.64
N PHE L 319 28.32 -40.60 -16.44
CA PHE L 319 26.94 -41.03 -16.55
C PHE L 319 26.07 -40.41 -15.46
N THR L 320 26.65 -40.08 -14.30
CA THR L 320 25.89 -39.36 -13.29
C THR L 320 25.47 -37.99 -13.79
N ILE L 321 26.37 -37.28 -14.47
CA ILE L 321 26.00 -35.98 -15.01
C ILE L 321 25.04 -36.12 -16.18
N ASN L 322 25.13 -37.21 -16.94
CA ASN L 322 24.09 -37.47 -17.94
C ASN L 322 22.74 -37.67 -17.27
N PHE L 323 22.72 -38.37 -16.14
CA PHE L 323 21.49 -38.52 -15.37
C PHE L 323 20.96 -37.17 -14.91
N PHE L 324 21.86 -36.28 -14.48
CA PHE L 324 21.45 -34.92 -14.14
C PHE L 324 20.84 -34.20 -15.33
N GLN L 325 21.46 -34.34 -16.50
CA GLN L 325 20.91 -33.76 -17.72
C GLN L 325 19.48 -34.24 -17.92
N ARG L 326 19.25 -35.55 -17.79
CA ARG L 326 17.89 -36.08 -17.92
C ARG L 326 16.98 -35.49 -16.85
N ILE L 327 17.49 -35.31 -15.64
CA ILE L 327 16.68 -34.75 -14.56
C ILE L 327 16.16 -33.37 -14.95
N LEU L 328 17.05 -32.49 -15.40
CA LEU L 328 16.61 -31.17 -15.83
C LEU L 328 15.72 -31.27 -17.07
N GLY L 329 16.11 -32.09 -18.03
CA GLY L 329 15.29 -32.27 -19.22
C GLY L 329 15.19 -31.00 -20.05
N GLU L 330 14.08 -30.89 -20.78
CA GLU L 330 13.82 -29.75 -21.65
C GLU L 330 12.38 -29.33 -21.49
N TYR L 331 12.09 -28.07 -21.83
CA TYR L 331 10.76 -27.50 -21.70
C TYR L 331 10.42 -26.69 -22.93
N GLN L 332 9.13 -26.66 -23.25
CA GLN L 332 8.61 -25.80 -24.31
C GLN L 332 7.34 -25.13 -23.81
N ALA L 333 7.03 -23.96 -24.38
CA ALA L 333 5.83 -23.23 -23.97
C ALA L 333 4.55 -23.85 -24.54
N ASP L 334 4.65 -24.65 -25.59
CA ASP L 334 3.50 -25.30 -26.19
C ASP L 334 3.34 -26.74 -25.74
N LYS L 335 4.14 -27.19 -24.76
CA LYS L 335 4.05 -28.54 -24.25
C LYS L 335 4.35 -28.51 -22.75
N TYR L 336 4.37 -29.69 -22.14
CA TYR L 336 4.77 -29.83 -20.74
C TYR L 336 3.84 -28.96 -19.88
N THR L 337 4.35 -28.47 -18.74
CA THR L 337 3.52 -27.74 -17.80
C THR L 337 2.96 -26.46 -18.39
N GLY L 338 3.57 -25.94 -19.46
CA GLY L 338 3.07 -24.71 -20.07
C GLY L 338 1.75 -24.88 -20.80
N GLN L 339 1.35 -26.12 -21.09
CA GLN L 339 0.15 -26.36 -21.89
C GLN L 339 -0.83 -27.32 -21.24
N HIS L 340 -0.35 -28.37 -20.58
CA HIS L 340 -1.22 -29.47 -20.12
C HIS L 340 -1.06 -29.66 -18.61
N LEU L 341 -1.86 -28.94 -17.83
CA LEU L 341 -2.01 -29.19 -16.40
C LEU L 341 -3.02 -28.20 -15.85
N ASN L 342 -3.60 -28.55 -14.70
CA ASN L 342 -4.42 -27.59 -13.97
C ASN L 342 -3.56 -26.54 -13.28
N THR L 343 -2.47 -26.97 -12.67
CA THR L 343 -1.52 -26.07 -12.04
C THR L 343 -0.12 -26.64 -12.22
N SER L 344 0.87 -25.74 -12.22
CA SER L 344 2.25 -26.17 -12.39
C SER L 344 2.75 -27.03 -11.24
N ASP L 345 2.13 -26.92 -10.07
CA ASP L 345 2.55 -27.69 -8.91
C ASP L 345 2.30 -29.18 -9.09
N ARG L 346 1.34 -29.57 -9.92
CA ARG L 346 0.94 -30.97 -10.07
C ARG L 346 1.80 -31.63 -11.13
N GLN L 347 3.02 -31.98 -10.73
CA GLN L 347 3.94 -32.73 -11.58
C GLN L 347 5.10 -33.18 -10.71
N TYR L 348 6.10 -33.79 -11.34
CA TYR L 348 7.27 -34.29 -10.64
C TYR L 348 8.57 -33.69 -11.13
N SER L 349 8.52 -32.74 -12.07
CA SER L 349 9.70 -32.01 -12.52
C SER L 349 9.71 -30.65 -11.85
N LEU L 350 10.74 -30.40 -11.04
CA LEU L 350 10.79 -29.18 -10.26
C LEU L 350 10.97 -27.95 -11.16
N ILE L 351 11.83 -28.06 -12.18
CA ILE L 351 12.09 -26.90 -13.04
C ILE L 351 10.87 -26.58 -13.89
N HIS L 352 10.15 -27.61 -14.35
CA HIS L 352 8.97 -27.36 -15.16
C HIS L 352 7.90 -26.61 -14.39
N LYS L 353 7.81 -26.83 -13.07
CA LYS L 353 6.90 -26.03 -12.26
C LYS L 353 7.20 -24.56 -12.39
N GLU L 354 8.47 -24.18 -12.18
CA GLU L 354 8.86 -22.78 -12.30
C GLU L 354 8.61 -22.25 -13.70
N LEU L 355 8.98 -23.03 -14.73
CA LEU L 355 8.81 -22.55 -16.09
C LEU L 355 7.35 -22.33 -16.43
N GLY L 356 6.46 -23.22 -15.98
CA GLY L 356 5.05 -23.01 -16.19
C GLY L 356 4.53 -21.80 -15.44
N ASN L 357 5.06 -21.54 -14.25
CA ASN L 357 4.66 -20.35 -13.51
C ASN L 357 5.00 -19.07 -14.29
N LEU L 358 6.01 -19.12 -15.14
CA LEU L 358 6.43 -17.95 -15.90
C LEU L 358 5.79 -18.00 -17.28
N PRO L 359 4.82 -17.14 -17.60
CA PRO L 359 4.13 -17.27 -18.89
C PRO L 359 5.03 -17.11 -20.10
N ASP L 360 6.04 -16.24 -20.04
CA ASP L 360 6.78 -15.86 -21.23
C ASP L 360 8.15 -16.53 -21.35
N VAL L 361 8.63 -17.21 -20.32
CA VAL L 361 9.85 -18.01 -20.46
C VAL L 361 9.51 -19.20 -21.34
N THR L 362 9.95 -19.16 -22.60
CA THR L 362 9.42 -20.07 -23.61
C THR L 362 10.24 -21.35 -23.74
N ILE L 363 11.52 -21.22 -24.06
CA ILE L 363 12.37 -22.38 -24.34
C ILE L 363 13.34 -22.56 -23.19
N HIS L 364 13.56 -23.81 -22.79
CA HIS L 364 14.60 -24.16 -21.84
C HIS L 364 15.15 -25.52 -22.21
N LYS L 365 16.48 -25.61 -22.32
CA LYS L 365 17.12 -26.90 -22.59
C LYS L 365 18.41 -27.03 -21.81
N THR L 366 18.64 -28.22 -21.27
CA THR L 366 19.87 -28.52 -20.54
C THR L 366 20.85 -29.18 -21.49
N HIS L 367 22.00 -28.54 -21.69
CA HIS L 367 23.04 -29.04 -22.58
C HIS L 367 24.19 -29.59 -21.73
N TYR L 368 24.59 -30.82 -22.03
CA TYR L 368 25.77 -31.44 -21.43
C TYR L 368 26.74 -31.77 -22.57
N LEU L 369 27.80 -30.98 -22.67
CA LEU L 369 28.79 -31.13 -23.73
C LEU L 369 30.10 -31.58 -23.11
N PRO L 370 30.43 -32.87 -23.16
CA PRO L 370 31.72 -33.33 -22.64
C PRO L 370 32.77 -33.42 -23.73
N TYR L 371 34.00 -33.08 -23.36
CA TYR L 371 35.16 -33.16 -24.24
C TYR L 371 36.25 -33.98 -23.57
N SER L 372 37.37 -34.16 -24.28
CA SER L 372 38.45 -34.98 -23.76
C SER L 372 39.04 -34.38 -22.49
N ASP L 373 39.33 -33.08 -22.52
CA ASP L 373 39.98 -32.43 -21.40
C ASP L 373 39.00 -31.82 -20.40
N THR L 374 37.90 -31.25 -20.89
CA THR L 374 36.95 -30.56 -20.04
C THR L 374 35.54 -30.79 -20.58
N GLY L 375 34.58 -30.08 -20.01
CA GLY L 375 33.20 -30.17 -20.45
C GLY L 375 32.37 -29.10 -19.79
N LEU L 376 31.20 -28.85 -20.37
CA LEU L 376 30.28 -27.83 -19.88
C LEU L 376 28.90 -28.43 -19.69
N PHE L 377 28.32 -28.24 -18.50
CA PHE L 377 26.96 -28.69 -18.22
C PHE L 377 26.16 -27.48 -17.77
N GLY L 378 25.07 -27.19 -18.49
CA GLY L 378 24.34 -25.99 -18.13
C GLY L 378 22.97 -25.94 -18.75
N SER L 379 22.31 -24.81 -18.53
CA SER L 379 20.94 -24.58 -18.98
C SER L 379 20.89 -23.34 -19.85
N TYR L 380 20.13 -23.43 -20.95
CA TYR L 380 19.89 -22.33 -21.86
C TYR L 380 18.40 -22.02 -21.85
N PHE L 381 18.05 -20.80 -21.45
CA PHE L 381 16.69 -20.30 -21.53
C PHE L 381 16.57 -19.29 -22.65
N TYR L 382 15.37 -19.19 -23.21
CA TYR L 382 15.03 -18.19 -24.20
C TYR L 382 13.62 -17.71 -23.90
N GLY L 383 13.48 -16.42 -23.64
CA GLY L 383 12.17 -15.91 -23.28
C GLY L 383 12.17 -14.41 -23.13
N ASN L 384 10.98 -13.88 -22.84
CA ASN L 384 10.81 -12.44 -22.75
C ASN L 384 11.75 -11.85 -21.70
N GLU L 385 12.31 -10.68 -22.02
CA GLU L 385 13.32 -10.08 -21.16
C GLU L 385 12.78 -9.66 -19.81
N ILE L 386 11.46 -9.51 -19.68
CA ILE L 386 10.88 -9.11 -18.40
C ILE L 386 11.17 -10.15 -17.32
N PHE L 387 11.39 -11.40 -17.71
CA PHE L 387 11.74 -12.47 -16.79
C PHE L 387 13.24 -12.76 -16.80
N GLY L 388 14.06 -11.79 -17.21
CA GLY L 388 15.49 -11.98 -17.26
C GLY L 388 16.06 -12.63 -16.02
N ASN L 389 15.94 -11.94 -14.88
CA ASN L 389 16.47 -12.48 -13.63
C ASN L 389 15.91 -13.87 -13.37
N GLN L 390 14.64 -14.09 -13.68
CA GLN L 390 14.03 -15.39 -13.44
C GLN L 390 14.75 -16.48 -14.22
N MET L 391 15.12 -16.20 -15.48
CA MET L 391 15.91 -17.14 -16.24
C MET L 391 17.36 -17.17 -15.80
N LEU L 392 17.85 -16.07 -15.21
CA LEU L 392 19.26 -15.99 -14.84
C LEU L 392 19.58 -16.83 -13.60
N PHE L 393 18.71 -16.79 -12.58
CA PHE L 393 18.97 -17.45 -11.31
C PHE L 393 18.26 -18.78 -11.16
N LEU L 394 17.50 -19.22 -12.15
CA LEU L 394 16.70 -20.43 -11.99
C LEU L 394 17.54 -21.69 -12.12
N SER L 395 18.25 -21.82 -13.24
CA SER L 395 18.98 -23.06 -13.53
C SER L 395 19.85 -23.47 -12.36
N GLN L 396 20.66 -22.55 -11.84
CA GLN L 396 21.53 -22.87 -10.72
C GLN L 396 20.71 -23.29 -9.51
N MET L 397 19.67 -22.52 -9.18
CA MET L 397 18.91 -22.75 -7.96
C MET L 397 18.45 -24.19 -7.86
N ILE L 398 17.89 -24.72 -8.95
CA ILE L 398 17.43 -26.10 -8.95
C ILE L 398 18.63 -27.04 -8.77
N LEU L 399 19.66 -26.87 -9.59
CA LEU L 399 20.78 -27.81 -9.56
C LEU L 399 21.43 -27.83 -8.19
N SER L 400 21.78 -26.66 -7.67
CA SER L 400 22.36 -26.60 -6.33
C SER L 400 21.44 -27.21 -5.29
N GLU L 401 20.12 -27.06 -5.47
CA GLU L 401 19.20 -27.65 -4.50
C GLU L 401 19.31 -29.16 -4.46
N TYR L 402 19.66 -29.79 -5.59
CA TYR L 402 19.85 -31.22 -5.60
C TYR L 402 21.04 -31.65 -4.75
N ALA L 403 21.95 -30.72 -4.43
CA ALA L 403 23.06 -31.04 -3.55
C ALA L 403 22.61 -31.27 -2.12
N SER L 404 21.44 -30.74 -1.74
CA SER L 404 20.92 -30.88 -0.38
C SER L 404 19.77 -31.86 -0.27
N TYR L 405 18.89 -31.91 -1.29
CA TYR L 405 17.73 -32.79 -1.24
C TYR L 405 17.15 -32.94 -2.63
N ILE L 406 16.94 -34.19 -3.06
CA ILE L 406 16.26 -34.48 -4.30
C ILE L 406 15.20 -35.55 -4.01
N ASN L 407 13.98 -35.31 -4.49
CA ASN L 407 12.89 -36.23 -4.24
C ASN L 407 13.06 -37.50 -5.08
N GLN L 408 12.61 -38.62 -4.53
CA GLN L 408 12.70 -39.88 -5.26
C GLN L 408 11.87 -39.85 -6.54
N ALA L 409 10.81 -39.04 -6.56
CA ALA L 409 10.00 -38.94 -7.77
C ALA L 409 10.84 -38.45 -8.95
N GLU L 410 11.66 -37.44 -8.73
CA GLU L 410 12.54 -36.95 -9.80
C GLU L 410 13.56 -38.00 -10.19
N ILE L 411 14.11 -38.73 -9.21
CA ILE L 411 15.08 -39.78 -9.52
C ILE L 411 14.47 -40.81 -10.46
N TYR L 412 13.27 -41.27 -10.13
CA TYR L 412 12.63 -42.29 -10.96
C TYR L 412 12.16 -41.73 -12.30
N ARG L 413 11.74 -40.47 -12.34
CA ARG L 413 11.38 -39.85 -13.62
C ARG L 413 12.59 -39.83 -14.56
N ALA L 414 13.73 -39.36 -14.05
CA ALA L 414 14.93 -39.32 -14.87
C ALA L 414 15.38 -40.73 -15.25
N ARG L 415 15.26 -41.68 -14.33
CA ARG L 415 15.61 -43.06 -14.63
C ARG L 415 14.78 -43.58 -15.81
N ALA L 416 13.46 -43.41 -15.74
CA ALA L 416 12.60 -43.89 -16.81
C ALA L 416 12.87 -43.17 -18.12
N LYS L 417 13.09 -41.86 -18.06
CA LYS L 417 13.38 -41.11 -19.28
C LYS L 417 14.66 -41.61 -19.93
N TYR L 418 15.69 -41.86 -19.13
CA TYR L 418 16.95 -42.37 -19.68
C TYR L 418 16.76 -43.74 -20.28
N PHE L 419 16.00 -44.61 -19.61
CA PHE L 419 15.71 -45.93 -20.17
C PHE L 419 15.04 -45.80 -21.54
N ASN L 420 14.00 -44.97 -21.62
CA ASN L 420 13.29 -44.82 -22.88
C ASN L 420 14.19 -44.26 -23.97
N GLU L 421 15.01 -43.26 -23.64
CA GLU L 421 15.91 -42.69 -24.65
C GLU L 421 16.93 -43.72 -25.10
N LEU L 422 17.41 -44.56 -24.18
CA LEU L 422 18.30 -45.65 -24.58
C LEU L 422 17.61 -46.60 -25.54
N LEU L 423 16.34 -46.91 -25.28
CA LEU L 423 15.58 -47.77 -26.19
C LEU L 423 15.06 -47.03 -27.41
N ALA L 424 15.21 -45.71 -27.46
CA ALA L 424 14.70 -44.90 -28.57
C ALA L 424 15.75 -44.63 -29.64
N GLU L 425 16.97 -45.14 -29.48
CA GLU L 425 18.01 -44.97 -30.50
C GLU L 425 17.81 -46.03 -31.57
N GLN L 426 17.11 -45.65 -32.64
CA GLN L 426 16.75 -46.58 -33.71
C GLN L 426 17.30 -46.18 -35.06
N ASN L 427 17.31 -44.90 -35.39
CA ASN L 427 17.81 -44.47 -36.68
C ASN L 427 19.28 -44.86 -36.84
N SER L 428 19.63 -45.35 -38.03
CA SER L 428 20.98 -45.85 -38.26
C SER L 428 22.02 -44.75 -38.14
N ALA L 429 21.72 -43.56 -38.66
CA ALA L 429 22.70 -42.47 -38.63
C ALA L 429 23.03 -42.09 -37.19
N ASP L 430 22.01 -41.93 -36.35
CA ASP L 430 22.24 -41.51 -34.97
C ASP L 430 23.04 -42.56 -34.21
N ILE L 431 22.68 -43.83 -34.36
CA ILE L 431 23.38 -44.89 -33.63
C ILE L 431 24.81 -45.02 -34.12
N ALA L 432 25.03 -44.89 -35.44
CA ALA L 432 26.40 -44.95 -35.95
C ALA L 432 27.25 -43.80 -35.43
N SER L 433 26.69 -42.59 -35.42
CA SER L 433 27.43 -41.45 -34.89
C SER L 433 27.75 -41.63 -33.41
N SER L 434 26.78 -42.14 -32.64
CA SER L 434 27.03 -42.38 -31.22
C SER L 434 28.12 -43.43 -31.03
N ILE L 435 28.09 -44.50 -31.83
CA ILE L 435 29.12 -45.53 -31.73
C ILE L 435 30.49 -44.94 -32.03
N ALA L 436 30.58 -44.15 -33.10
CA ALA L 436 31.87 -43.56 -33.46
C ALA L 436 32.38 -42.63 -32.37
N THR L 437 31.50 -41.80 -31.82
CA THR L 437 31.93 -40.88 -30.76
C THR L 437 32.36 -41.63 -29.52
N GLN L 438 31.61 -42.67 -29.14
CA GLN L 438 31.98 -43.46 -27.97
C GLN L 438 33.32 -44.15 -28.18
N VAL L 439 33.57 -44.66 -29.38
CA VAL L 439 34.86 -45.29 -29.65
C VAL L 439 35.97 -44.26 -29.58
N THR L 440 35.77 -43.07 -30.16
CA THR L 440 36.83 -42.07 -30.15
C THR L 440 37.16 -41.63 -28.73
N TYR L 441 36.15 -41.41 -27.88
CA TYR L 441 36.40 -40.90 -26.55
C TYR L 441 36.70 -41.98 -25.51
N LEU L 442 36.41 -43.25 -25.83
CA LEU L 442 36.64 -44.34 -24.90
C LEU L 442 37.28 -45.57 -25.52
N ASN L 443 37.39 -45.64 -26.85
CA ASN L 443 37.89 -46.84 -27.52
C ASN L 443 37.07 -48.06 -27.13
N ARG L 444 35.76 -47.86 -27.01
CA ARG L 444 34.85 -48.93 -26.58
C ARG L 444 33.42 -48.49 -26.86
N ARG L 445 32.57 -49.46 -27.19
CA ARG L 445 31.15 -49.22 -27.41
C ARG L 445 30.41 -49.58 -26.13
N VAL L 446 29.86 -48.57 -25.46
CA VAL L 446 29.13 -48.79 -24.21
C VAL L 446 27.75 -49.34 -24.56
N PRO L 447 27.39 -50.54 -24.11
CA PRO L 447 26.10 -51.12 -24.48
C PRO L 447 24.96 -50.50 -23.68
N ARG L 448 23.74 -50.76 -24.16
CA ARG L 448 22.55 -50.28 -23.46
C ARG L 448 22.48 -50.82 -22.05
N SER L 449 22.76 -52.11 -21.87
CA SER L 449 22.64 -52.72 -20.55
C SER L 449 23.60 -52.07 -19.56
N GLU L 450 24.84 -51.80 -19.98
CA GLU L 450 25.81 -51.21 -19.07
C GLU L 450 25.38 -49.80 -18.66
N VAL L 451 24.90 -49.00 -19.61
CA VAL L 451 24.46 -47.66 -19.28
C VAL L 451 23.28 -47.69 -18.34
N ALA L 452 22.33 -48.60 -18.59
CA ALA L 452 21.17 -48.72 -17.71
C ALA L 452 21.58 -49.13 -16.31
N LYS L 453 22.51 -50.08 -16.19
CA LYS L 453 22.97 -50.49 -14.87
C LYS L 453 23.70 -49.36 -14.17
N ARG L 454 24.50 -48.60 -14.90
CA ARG L 454 25.22 -47.49 -14.30
C ARG L 454 24.27 -46.43 -13.76
N ILE L 455 23.33 -45.96 -14.59
CA ILE L 455 22.47 -44.87 -14.18
C ILE L 455 21.46 -45.33 -13.15
N SER L 456 20.96 -46.57 -13.28
CA SER L 456 19.94 -47.06 -12.37
C SER L 456 20.47 -47.20 -10.95
N SER L 457 21.76 -47.47 -10.79
CA SER L 457 22.34 -47.61 -9.45
C SER L 457 22.37 -46.30 -8.69
N LEU L 458 22.12 -45.18 -9.34
CA LEU L 458 22.15 -43.90 -8.66
C LEU L 458 21.06 -43.83 -7.58
N ASP L 459 21.38 -43.15 -6.50
CA ASP L 459 20.49 -43.00 -5.35
C ASP L 459 20.42 -41.53 -4.98
N SER L 460 19.45 -41.20 -4.12
CA SER L 460 19.32 -39.82 -3.68
C SER L 460 20.60 -39.33 -2.99
N GLY L 461 21.20 -40.17 -2.16
CA GLY L 461 22.45 -39.78 -1.53
C GLY L 461 23.57 -39.59 -2.53
N LEU L 462 23.70 -40.54 -3.47
CA LEU L 462 24.72 -40.41 -4.50
C LEU L 462 24.47 -39.19 -5.35
N ILE L 463 23.21 -38.90 -5.66
CA ILE L 463 22.86 -37.71 -6.44
C ILE L 463 23.29 -36.46 -5.69
N ASN L 464 23.01 -36.41 -4.39
CA ASN L 464 23.39 -35.25 -3.58
C ASN L 464 24.90 -35.08 -3.57
N ARG L 465 25.63 -36.18 -3.39
CA ARG L 465 27.10 -36.09 -3.33
C ARG L 465 27.68 -35.63 -4.65
N ALA L 466 27.18 -36.16 -5.77
CA ALA L 466 27.66 -35.72 -7.07
C ALA L 466 27.34 -34.24 -7.29
N ALA L 467 26.13 -33.82 -6.93
CA ALA L 467 25.74 -32.43 -7.13
C ALA L 467 26.61 -31.49 -6.31
N THR L 468 26.90 -31.86 -5.06
CA THR L 468 27.76 -30.99 -4.25
C THR L 468 29.19 -31.02 -4.74
N ARG L 469 29.62 -32.13 -5.34
CA ARG L 469 30.94 -32.16 -5.96
C ARG L 469 31.03 -31.20 -7.14
N TRP L 470 29.97 -31.14 -7.96
CA TRP L 470 30.04 -30.43 -9.23
C TRP L 470 29.23 -29.14 -9.29
N PHE L 471 28.20 -28.98 -8.47
CA PHE L 471 27.31 -27.83 -8.61
C PHE L 471 27.24 -26.93 -7.38
N TRP L 472 27.44 -27.45 -6.18
CA TRP L 472 27.25 -26.63 -4.99
C TRP L 472 28.37 -25.61 -4.84
N ASP L 473 28.00 -24.35 -4.68
CA ASP L 473 28.94 -23.28 -4.37
C ASP L 473 30.10 -23.26 -5.35
N LYS L 474 29.79 -23.44 -6.63
CA LYS L 474 30.78 -23.52 -7.69
C LYS L 474 30.70 -22.30 -8.59
N GLU L 475 31.76 -22.09 -9.36
CA GLU L 475 31.81 -20.95 -10.28
C GLU L 475 30.88 -21.18 -11.47
N LEU L 476 30.66 -20.10 -12.23
CA LEU L 476 29.69 -20.10 -13.31
C LEU L 476 30.27 -19.46 -14.56
N ALA L 477 29.72 -19.84 -15.71
CA ALA L 477 29.92 -19.15 -16.97
C ALA L 477 28.55 -18.71 -17.46
N ILE L 478 28.33 -17.40 -17.55
CA ILE L 478 27.02 -16.83 -17.82
C ILE L 478 27.11 -15.96 -19.06
N VAL L 479 26.11 -16.10 -19.94
CA VAL L 479 26.00 -15.24 -21.11
C VAL L 479 24.55 -14.79 -21.24
N THR L 480 24.35 -13.52 -21.56
CA THR L 480 23.02 -12.98 -21.80
C THR L 480 23.05 -12.15 -23.07
N TRP L 481 22.26 -12.55 -24.06
CA TRP L 481 22.22 -11.91 -25.37
C TRP L 481 20.82 -11.39 -25.62
N GLY L 482 20.69 -10.08 -25.85
CA GLY L 482 19.42 -9.47 -26.11
C GLY L 482 19.19 -8.23 -25.27
N PRO L 483 17.94 -7.76 -25.20
CA PRO L 483 17.65 -6.56 -24.41
C PRO L 483 18.07 -6.72 -22.96
N SER L 484 19.06 -5.94 -22.53
CA SER L 484 19.65 -6.07 -21.20
C SER L 484 19.38 -4.85 -20.33
N HIS L 485 18.34 -4.07 -20.64
CA HIS L 485 18.04 -2.88 -19.86
C HIS L 485 17.81 -3.23 -18.39
N GLY L 486 17.08 -4.32 -18.14
CA GLY L 486 16.86 -4.75 -16.77
C GLY L 486 18.11 -5.27 -16.10
N LEU L 487 18.97 -5.96 -16.86
CA LEU L 487 20.09 -6.71 -16.29
C LEU L 487 21.39 -5.92 -16.22
N ILE L 488 21.43 -4.68 -16.74
CA ILE L 488 22.68 -3.92 -16.70
C ILE L 488 23.13 -3.70 -15.27
N ALA L 489 22.18 -3.48 -14.35
CA ALA L 489 22.55 -3.16 -12.98
C ALA L 489 23.36 -4.28 -12.35
N GLY L 490 22.99 -5.54 -12.61
CA GLY L 490 23.69 -6.67 -12.05
C GLY L 490 24.53 -7.41 -13.08
N SER L 491 24.93 -6.70 -14.14
CA SER L 491 25.65 -7.33 -15.25
C SER L 491 27.04 -7.80 -14.85
N HIS L 492 27.55 -7.42 -13.68
CA HIS L 492 28.88 -7.81 -13.25
C HIS L 492 28.80 -9.02 -12.32
N TYR L 493 29.88 -9.79 -12.27
CA TYR L 493 29.97 -10.96 -11.41
C TYR L 493 30.06 -10.49 -9.97
N ASN L 494 28.93 -10.53 -9.25
CA ASN L 494 28.85 -9.96 -7.92
C ASN L 494 28.28 -10.94 -6.92
N ARG L 495 27.97 -10.46 -5.71
CA ARG L 495 27.48 -11.34 -4.65
C ARG L 495 26.25 -12.12 -5.11
N SER L 496 25.34 -11.47 -5.84
CA SER L 496 24.12 -12.15 -6.28
C SER L 496 24.45 -13.36 -7.14
N ILE L 497 25.37 -13.19 -8.09
CA ILE L 497 25.78 -14.32 -8.92
C ILE L 497 26.58 -15.32 -8.08
N LYS L 498 27.38 -14.82 -7.15
CA LYS L 498 28.23 -15.70 -6.34
C LYS L 498 27.40 -16.70 -5.55
N ARG L 499 26.31 -16.24 -4.95
CA ARG L 499 25.48 -17.07 -4.08
C ARG L 499 24.38 -17.79 -4.85
N SER L 500 24.26 -17.57 -6.16
CA SER L 500 23.24 -18.27 -6.93
C SER L 500 23.48 -19.77 -6.93
N THR L 501 24.74 -20.18 -7.06
CA THR L 501 25.07 -21.61 -7.09
C THR L 501 24.85 -22.29 -5.76
N LEU L 502 24.58 -21.53 -4.69
CA LEU L 502 24.10 -22.13 -3.46
C LEU L 502 22.66 -22.63 -3.68
N GLY L 503 22.07 -23.18 -2.62
CA GLY L 503 20.76 -23.79 -2.75
C GLY L 503 19.63 -22.87 -2.34
N TRP L 504 19.02 -23.14 -1.19
CA TRP L 504 17.96 -22.28 -0.69
C TRP L 504 18.47 -20.89 -0.36
N TYR L 505 19.78 -20.71 -0.22
CA TYR L 505 20.39 -19.40 0.02
C TYR L 505 20.81 -18.83 -1.33
N GLY L 506 20.10 -17.81 -1.78
CA GLY L 506 20.41 -17.20 -3.06
C GLY L 506 19.22 -17.11 -4.00
N ASN L 507 18.11 -17.73 -3.62
CA ASN L 507 16.88 -17.64 -4.40
C ASN L 507 16.15 -16.32 -4.19
N THR L 508 16.77 -15.36 -3.52
CA THR L 508 16.11 -14.08 -3.26
C THR L 508 15.75 -13.38 -4.57
N HIS L 509 16.67 -13.36 -5.52
CA HIS L 509 16.45 -12.60 -6.75
C HIS L 509 15.52 -13.33 -7.72
N TYR L 510 15.54 -14.66 -7.74
CA TYR L 510 14.67 -15.39 -8.66
C TYR L 510 13.20 -15.14 -8.35
N TYR L 511 12.82 -15.26 -7.08
CA TYR L 511 11.41 -15.17 -6.72
C TYR L 511 10.86 -13.77 -6.99
N ILE L 512 11.65 -12.73 -6.69
CA ILE L 512 11.18 -11.37 -6.91
C ILE L 512 10.93 -11.18 -8.40
N VAL L 513 9.69 -10.81 -8.74
CA VAL L 513 9.26 -10.69 -10.14
C VAL L 513 9.11 -12.08 -10.76
N SER M 22 20.17 -49.28 5.61
CA SER M 22 20.75 -49.69 6.89
C SER M 22 21.23 -48.48 7.67
N VAL M 23 21.85 -48.73 8.82
CA VAL M 23 22.35 -47.65 9.65
C VAL M 23 23.46 -46.89 8.93
N ARG M 24 24.36 -47.63 8.27
CA ARG M 24 25.49 -46.98 7.61
C ARG M 24 25.02 -46.07 6.48
N LYS M 25 24.08 -46.53 5.67
CA LYS M 25 23.57 -45.69 4.59
C LYS M 25 22.90 -44.44 5.13
N ALA M 26 22.09 -44.59 6.17
CA ALA M 26 21.43 -43.43 6.77
C ALA M 26 22.45 -42.43 7.30
N PHE M 27 23.49 -42.93 7.97
CA PHE M 27 24.51 -42.04 8.52
C PHE M 27 25.26 -41.31 7.40
N TYR M 28 25.71 -42.05 6.39
CA TYR M 28 26.46 -41.44 5.31
C TYR M 28 25.59 -40.56 4.42
N ASP M 29 24.27 -40.67 4.52
CA ASP M 29 23.40 -39.72 3.84
C ASP M 29 23.13 -38.48 4.69
N PHE M 30 23.06 -38.64 6.01
CA PHE M 30 22.82 -37.49 6.87
C PHE M 30 23.96 -36.48 6.74
N ILE M 31 25.20 -36.95 6.75
CA ILE M 31 26.36 -36.14 6.42
C ILE M 31 26.72 -36.45 4.97
N TYR M 32 26.78 -35.41 4.15
CA TYR M 32 26.91 -35.62 2.71
C TYR M 32 28.31 -36.08 2.35
N LYS M 33 28.63 -37.33 2.68
CA LYS M 33 29.94 -37.92 2.42
C LYS M 33 29.75 -39.24 1.69
N ASP M 34 30.71 -39.56 0.82
CA ASP M 34 30.66 -40.81 0.09
C ASP M 34 30.86 -42.00 1.01
N ASP M 35 30.26 -43.13 0.64
CA ASP M 35 30.46 -44.41 1.31
C ASP M 35 31.27 -45.28 0.35
N LYS M 36 32.58 -45.32 0.56
CA LYS M 36 33.47 -45.99 -0.39
C LYS M 36 33.14 -47.48 -0.48
N SER M 37 32.90 -48.12 0.66
CA SER M 37 32.64 -49.57 0.66
C SER M 37 31.31 -49.93 0.02
N ALA M 38 30.43 -48.97 -0.21
CA ALA M 38 29.15 -49.26 -0.82
C ALA M 38 29.33 -49.79 -2.24
N GLU M 39 28.60 -50.86 -2.58
CA GLU M 39 28.67 -51.42 -3.92
C GLU M 39 28.07 -50.46 -4.94
N THR M 40 26.97 -49.79 -4.57
CA THR M 40 26.34 -48.86 -5.49
C THR M 40 27.28 -47.71 -5.85
N TYR M 41 28.05 -47.22 -4.87
CA TYR M 41 29.02 -46.18 -5.17
C TYR M 41 30.07 -46.68 -6.15
N LYS M 42 30.56 -47.91 -5.96
CA LYS M 42 31.54 -48.45 -6.88
C LYS M 42 30.96 -48.58 -8.28
N VAL M 43 29.70 -48.97 -8.39
CA VAL M 43 29.07 -49.10 -9.71
C VAL M 43 28.91 -47.74 -10.36
N THR M 44 28.55 -46.72 -9.57
CA THR M 44 28.25 -45.40 -10.10
C THR M 44 29.48 -44.51 -10.25
N THR M 45 30.66 -44.97 -9.85
CA THR M 45 31.90 -44.23 -10.00
C THR M 45 32.97 -45.10 -10.62
N ALA M 46 32.60 -45.89 -11.63
CA ALA M 46 33.54 -46.74 -12.33
C ALA M 46 34.15 -45.99 -13.51
N ASP M 47 35.26 -46.52 -14.01
CA ASP M 47 35.93 -45.90 -15.14
C ASP M 47 35.09 -46.07 -16.39
N PRO M 48 34.74 -44.98 -17.10
CA PRO M 48 33.92 -45.15 -18.32
C PRO M 48 34.58 -45.98 -19.40
N ARG M 49 35.90 -46.15 -19.37
CA ARG M 49 36.60 -46.91 -20.40
C ARG M 49 36.56 -48.41 -20.18
N THR M 50 35.98 -48.87 -19.07
CA THR M 50 35.98 -50.29 -18.74
C THR M 50 34.57 -50.75 -18.40
N PRO M 51 34.28 -52.03 -18.58
CA PRO M 51 32.95 -52.55 -18.22
C PRO M 51 32.74 -52.59 -16.71
N VAL M 52 31.46 -52.59 -16.33
CA VAL M 52 31.12 -52.68 -14.91
C VAL M 52 31.62 -53.99 -14.34
N GLN M 53 31.96 -53.97 -13.05
CA GLN M 53 32.67 -55.10 -12.44
C GLN M 53 31.82 -56.37 -12.45
N GLY M 54 30.59 -56.29 -11.94
CA GLY M 54 29.81 -57.48 -11.70
C GLY M 54 28.46 -57.49 -12.39
N PHE M 55 28.40 -56.99 -13.62
CA PHE M 55 27.17 -56.99 -14.39
C PHE M 55 27.51 -57.13 -15.87
N ARG M 56 26.65 -57.83 -16.60
CA ARG M 56 26.87 -58.04 -18.03
C ARG M 56 25.54 -58.46 -18.65
N GLY M 57 25.16 -57.78 -19.72
CA GLY M 57 23.89 -58.05 -20.38
C GLY M 57 24.04 -59.01 -21.54
N GLN M 58 23.00 -59.82 -21.76
CA GLN M 58 23.03 -60.81 -22.81
C GLN M 58 23.03 -60.15 -24.19
N THR M 59 23.51 -60.89 -25.18
CA THR M 59 23.51 -60.46 -26.57
C THR M 59 22.31 -61.06 -27.29
N ALA M 60 21.64 -60.24 -28.10
CA ALA M 60 20.46 -60.66 -28.83
C ALA M 60 20.56 -60.19 -30.26
N GLU M 61 19.86 -60.89 -31.15
CA GLU M 61 19.87 -60.58 -32.57
C GLU M 61 18.45 -60.28 -33.03
N ASP M 62 18.33 -59.36 -33.99
CA ASP M 62 17.03 -58.93 -34.47
C ASP M 62 16.31 -60.07 -35.18
N VAL M 63 14.98 -59.99 -35.19
CA VAL M 63 14.13 -60.98 -35.84
C VAL M 63 13.19 -60.23 -36.78
N ALA M 64 12.69 -60.96 -37.78
CA ALA M 64 11.82 -60.36 -38.79
C ALA M 64 10.54 -59.84 -38.14
N ALA M 65 9.87 -58.94 -38.86
CA ALA M 65 8.63 -58.34 -38.39
C ALA M 65 7.44 -59.09 -38.95
N LYS M 66 6.50 -59.44 -38.07
CA LYS M 66 5.29 -60.16 -38.45
C LYS M 66 4.08 -59.33 -38.06
N TYR M 67 3.20 -59.09 -39.03
CA TYR M 67 2.01 -58.28 -38.82
C TYR M 67 0.78 -59.18 -38.72
N GLU M 68 -0.10 -58.86 -37.79
CA GLU M 68 -1.33 -59.62 -37.60
C GLU M 68 -2.48 -58.66 -37.30
N VAL M 69 -3.61 -58.85 -37.99
CA VAL M 69 -4.78 -58.01 -37.85
C VAL M 69 -5.97 -58.89 -37.51
N THR M 70 -6.72 -58.53 -36.47
CA THR M 70 -7.88 -59.29 -36.05
C THR M 70 -9.01 -58.34 -35.68
N LYS M 71 -10.22 -58.65 -36.14
CA LYS M 71 -11.39 -57.85 -35.83
C LYS M 71 -12.12 -58.44 -34.62
N LEU M 72 -12.56 -57.57 -33.72
CA LEU M 72 -13.36 -57.99 -32.59
C LEU M 72 -14.81 -58.21 -33.01
N ALA M 73 -15.60 -58.75 -32.08
CA ALA M 73 -17.01 -58.99 -32.36
C ALA M 73 -17.76 -57.69 -32.63
N ASN M 74 -17.46 -56.65 -31.84
CA ASN M 74 -18.19 -55.40 -32.01
C ASN M 74 -17.82 -54.70 -33.31
N GLY M 75 -16.58 -54.83 -33.76
CA GLY M 75 -16.14 -54.21 -34.99
C GLY M 75 -14.78 -53.55 -34.87
N VAL M 76 -14.25 -53.47 -33.65
CA VAL M 76 -12.93 -52.89 -33.44
C VAL M 76 -11.88 -53.84 -34.00
N THR M 77 -10.94 -53.29 -34.77
CA THR M 77 -9.90 -54.06 -35.42
C THR M 77 -8.54 -53.71 -34.81
N ILE M 78 -7.78 -54.73 -34.46
CA ILE M 78 -6.50 -54.58 -33.78
C ILE M 78 -5.40 -55.07 -34.71
N ILE M 79 -4.40 -54.21 -34.92
CA ILE M 79 -3.20 -54.55 -35.67
C ILE M 79 -2.06 -54.69 -34.68
N THR M 80 -1.15 -55.63 -34.94
CA THR M 80 -0.02 -55.84 -34.06
C THR M 80 1.19 -56.27 -34.87
N GLU M 81 2.37 -55.93 -34.36
CA GLU M 81 3.64 -56.27 -34.98
C GLU M 81 4.56 -56.84 -33.91
N SER M 82 5.15 -58.00 -34.18
CA SER M 82 6.04 -58.62 -33.21
C SER M 82 7.32 -57.81 -33.08
N GLN M 83 8.01 -57.99 -31.95
CA GLN M 83 9.21 -57.23 -31.67
C GLN M 83 10.35 -57.73 -32.55
N THR M 84 10.94 -56.82 -33.33
CA THR M 84 12.12 -57.17 -34.11
C THR M 84 13.35 -57.28 -33.21
N PHE M 85 13.48 -56.36 -32.25
CA PHE M 85 14.53 -56.39 -31.26
C PHE M 85 13.92 -55.78 -30.00
N PRO M 86 14.09 -56.41 -28.81
CA PRO M 86 13.41 -55.90 -27.62
C PRO M 86 13.66 -54.42 -27.39
N SER M 87 12.60 -53.61 -27.50
CA SER M 87 12.69 -52.18 -27.29
C SER M 87 11.38 -51.72 -26.65
N GLN M 88 11.21 -50.40 -26.56
CA GLN M 88 10.02 -49.86 -25.91
C GLN M 88 8.77 -50.21 -26.71
N VAL M 89 7.69 -50.49 -25.99
CA VAL M 89 6.42 -50.84 -26.60
C VAL M 89 5.70 -49.57 -27.03
N ASP M 90 5.27 -49.52 -28.28
CA ASP M 90 4.49 -48.42 -28.81
C ASP M 90 3.05 -48.86 -29.00
N MET M 91 2.10 -47.99 -28.69
CA MET M 91 0.69 -48.29 -28.83
C MET M 91 0.00 -47.08 -29.44
N GLY M 92 -1.12 -47.32 -30.12
CA GLY M 92 -1.82 -46.24 -30.78
C GLY M 92 -3.26 -46.59 -31.05
N ILE M 93 -4.09 -45.55 -31.10
CA ILE M 93 -5.50 -45.67 -31.48
C ILE M 93 -5.75 -44.72 -32.63
N LEU M 94 -6.24 -45.26 -33.75
CA LEU M 94 -6.56 -44.49 -34.93
C LEU M 94 -8.07 -44.42 -35.11
N LEU M 95 -8.56 -43.25 -35.50
CA LEU M 95 -9.97 -43.04 -35.76
C LEU M 95 -10.13 -42.46 -37.14
N ASP M 96 -11.05 -43.02 -37.93
CA ASP M 96 -11.38 -42.42 -39.22
C ASP M 96 -12.02 -41.05 -39.06
N VAL M 97 -12.44 -40.68 -37.85
CA VAL M 97 -12.98 -39.36 -37.62
C VAL M 97 -11.93 -38.32 -37.94
N THR M 99 -11.38 -33.90 -39.62
CA THR M 99 -12.00 -32.60 -39.88
C THR M 99 -13.00 -32.68 -41.02
N ARG M 100 -12.82 -33.66 -41.93
CA ARG M 100 -13.77 -33.82 -43.02
C ARG M 100 -15.16 -34.17 -42.52
N ASP M 101 -15.25 -34.84 -41.37
CA ASP M 101 -16.52 -35.29 -40.82
C ASP M 101 -17.19 -34.24 -39.95
N GLU M 102 -16.57 -33.09 -39.76
CA GLU M 102 -17.17 -32.02 -38.97
C GLU M 102 -18.08 -31.16 -39.84
N THR M 103 -19.10 -30.60 -39.22
CA THR M 103 -20.00 -29.66 -39.85
C THR M 103 -19.74 -28.26 -39.29
N ASN M 104 -20.43 -27.27 -39.86
CA ASN M 104 -20.22 -25.89 -39.43
C ASN M 104 -20.53 -25.72 -37.94
N GLU M 105 -21.52 -26.46 -37.44
CA GLU M 105 -21.86 -26.35 -36.02
C GLU M 105 -20.71 -26.81 -35.14
N THR M 106 -20.06 -27.92 -35.50
CA THR M 106 -19.06 -28.54 -34.64
C THR M 106 -17.66 -28.44 -35.24
N SER M 107 -17.43 -27.50 -36.16
CA SER M 107 -16.10 -27.31 -36.71
C SER M 107 -15.12 -26.89 -35.64
N GLY M 108 -13.91 -27.46 -35.69
CA GLY M 108 -12.89 -27.19 -34.70
C GLY M 108 -12.94 -28.08 -33.47
N SER M 109 -13.83 -29.07 -33.43
CA SER M 109 -13.89 -29.97 -32.28
C SER M 109 -12.61 -30.79 -32.16
N LEU M 110 -12.06 -31.22 -33.28
CA LEU M 110 -10.82 -31.99 -33.25
C LEU M 110 -9.68 -31.17 -32.66
N LEU M 111 -9.63 -29.88 -33.00
CA LEU M 111 -8.61 -29.01 -32.42
C LEU M 111 -8.75 -28.92 -30.92
N SER M 112 -9.99 -28.80 -30.42
CA SER M 112 -10.20 -28.73 -28.98
C SER M 112 -9.77 -30.03 -28.31
N ILE M 113 -10.11 -31.17 -28.92
CA ILE M 113 -9.69 -32.45 -28.36
C ILE M 113 -8.17 -32.53 -28.31
N LYS M 114 -7.50 -32.10 -29.38
CA LYS M 114 -6.05 -32.13 -29.41
C LYS M 114 -5.46 -31.23 -28.32
N ASN M 115 -6.01 -30.03 -28.15
CA ASN M 115 -5.52 -29.12 -27.12
C ASN M 115 -5.83 -29.63 -25.72
N THR M 116 -6.79 -30.54 -25.57
CA THR M 116 -7.15 -31.12 -24.28
C THR M 116 -7.25 -32.64 -24.39
N TYR M 117 -6.25 -33.25 -25.04
CA TYR M 117 -6.28 -34.69 -25.25
C TYR M 117 -5.96 -35.49 -23.99
N LEU M 118 -5.35 -34.85 -22.98
CA LEU M 118 -5.04 -35.52 -21.72
C LEU M 118 -6.13 -35.38 -20.69
N LYS M 119 -7.18 -34.62 -20.96
CA LYS M 119 -8.21 -34.32 -19.97
C LYS M 119 -9.30 -35.39 -20.02
N THR M 120 -9.32 -36.27 -19.02
CA THR M 120 -10.37 -37.26 -18.85
C THR M 120 -10.79 -37.26 -17.40
N VAL M 121 -12.05 -37.65 -17.17
CA VAL M 121 -12.62 -37.60 -15.82
C VAL M 121 -13.25 -38.90 -15.37
N LEU M 122 -13.64 -39.81 -16.27
CA LEU M 122 -14.39 -40.99 -15.84
C LEU M 122 -13.56 -41.88 -14.93
N ASN M 123 -12.37 -42.27 -15.37
CA ASN M 123 -11.53 -43.21 -14.65
C ASN M 123 -10.29 -42.57 -14.04
N THR M 124 -9.58 -41.77 -14.81
CA THR M 124 -8.36 -41.10 -14.36
C THR M 124 -8.48 -39.60 -14.61
N ASN M 125 -7.76 -38.84 -13.81
CA ASN M 125 -7.80 -37.39 -13.87
C ASN M 125 -6.71 -36.84 -14.80
N GLU M 126 -6.90 -35.61 -15.24
CA GLU M 126 -5.90 -34.94 -16.07
C GLU M 126 -4.54 -34.95 -15.38
N THR M 127 -4.53 -34.61 -14.09
CA THR M 127 -3.27 -34.63 -13.35
C THR M 127 -2.65 -36.02 -13.36
N ILE M 128 -3.46 -37.05 -13.09
CA ILE M 128 -2.92 -38.39 -12.98
C ILE M 128 -2.48 -38.92 -14.34
N ASN M 129 -3.24 -38.65 -15.39
CA ASN M 129 -2.85 -39.14 -16.70
C ASN M 129 -1.68 -38.36 -17.30
N TYR M 130 -1.44 -37.14 -16.83
CA TYR M 130 -0.19 -36.47 -17.17
C TYR M 130 0.98 -37.06 -16.39
N GLY M 131 0.77 -37.33 -15.09
CA GLY M 131 1.82 -37.92 -14.29
C GLY M 131 2.21 -39.30 -14.76
N VAL M 132 1.26 -40.07 -15.30
CA VAL M 132 1.57 -41.40 -15.81
C VAL M 132 2.57 -41.30 -16.94
N VAL M 133 2.31 -40.40 -17.89
CA VAL M 133 3.26 -40.19 -18.99
C VAL M 133 4.59 -39.69 -18.46
N GLN M 134 4.55 -38.75 -17.51
CA GLN M 134 5.79 -38.17 -17.00
C GLN M 134 6.66 -39.23 -16.33
N GLN M 135 6.08 -40.02 -15.43
CA GLN M 135 6.83 -40.98 -14.64
C GLN M 135 7.08 -42.30 -15.37
N SER M 136 6.38 -42.55 -16.48
CA SER M 136 6.66 -43.74 -17.27
C SER M 136 7.88 -43.58 -18.16
N GLY M 137 8.39 -42.36 -18.32
CA GLY M 137 9.53 -42.11 -19.18
C GLY M 137 9.23 -42.12 -20.65
N GLY M 138 8.00 -42.44 -21.04
CA GLY M 138 7.61 -42.48 -22.43
C GLY M 138 7.02 -41.16 -22.89
N SER M 139 6.30 -41.23 -24.00
CA SER M 139 5.66 -40.04 -24.57
C SER M 139 4.25 -40.39 -25.02
N PHE M 140 3.37 -39.38 -24.98
CA PHE M 140 2.00 -39.51 -25.44
C PHE M 140 1.67 -38.29 -26.28
N GLU M 141 1.05 -38.51 -27.44
CA GLU M 141 0.80 -37.43 -28.39
C GLU M 141 -0.47 -37.73 -29.17
N MET M 142 -1.06 -36.67 -29.71
CA MET M 142 -2.22 -36.76 -30.58
C MET M 142 -2.01 -35.90 -31.81
N GLU M 143 -2.60 -36.33 -32.92
CA GLU M 143 -2.61 -35.53 -34.14
C GLU M 143 -3.89 -35.84 -34.90
N TYR M 144 -4.25 -34.94 -35.81
CA TYR M 144 -5.46 -35.13 -36.59
C TYR M 144 -5.30 -34.51 -37.97
N ASP M 145 -5.76 -35.24 -38.99
CA ASP M 145 -5.76 -34.79 -40.37
C ASP M 145 -7.20 -34.56 -40.81
N GLN M 146 -7.38 -34.27 -42.11
CA GLN M 146 -8.73 -34.08 -42.63
C GLN M 146 -9.59 -35.32 -42.45
N GLU M 147 -8.96 -36.52 -42.47
CA GLU M 147 -9.72 -37.77 -42.46
C GLU M 147 -9.18 -38.76 -41.42
N THR M 148 -8.47 -38.28 -40.40
CA THR M 148 -7.84 -39.20 -39.46
C THR M 148 -7.60 -38.49 -38.14
N ALA M 149 -7.57 -39.27 -37.06
CA ALA M 149 -7.21 -38.79 -35.74
C ALA M 149 -6.44 -39.89 -35.04
N TYR M 150 -5.17 -39.65 -34.74
CA TYR M 150 -4.27 -40.69 -34.25
C TYR M 150 -3.71 -40.28 -32.89
N PHE M 151 -3.90 -41.15 -31.89
CA PHE M 151 -3.28 -41.02 -30.59
C PHE M 151 -2.18 -42.08 -30.50
N LYS M 152 -1.00 -41.69 -30.01
CA LYS M 152 0.12 -42.63 -29.92
C LYS M 152 0.88 -42.42 -28.62
N ALA M 153 1.17 -43.51 -27.93
CA ALA M 153 1.94 -43.48 -26.70
C ALA M 153 2.98 -44.58 -26.72
N ASN M 154 4.23 -44.22 -26.46
CA ASN M 154 5.32 -45.19 -26.38
C ASN M 154 5.87 -45.19 -24.96
N CYS M 155 6.09 -46.39 -24.41
CA CYS M 155 6.50 -46.53 -23.02
C CYS M 155 7.20 -47.87 -22.86
N LEU M 156 7.56 -48.21 -21.63
CA LEU M 156 8.19 -49.49 -21.35
C LEU M 156 7.15 -50.59 -21.24
N ALA M 157 7.62 -51.84 -21.32
CA ALA M 157 6.71 -52.98 -21.30
C ALA M 157 5.93 -53.05 -20.00
N HIS M 158 6.61 -52.88 -18.87
CA HIS M 158 5.94 -53.04 -17.58
C HIS M 158 4.87 -51.98 -17.36
N ASP M 159 5.00 -50.82 -17.98
CA ASP M 159 4.00 -49.77 -17.89
C ASP M 159 2.97 -49.85 -19.02
N ALA M 160 3.00 -50.91 -19.82
CA ALA M 160 2.16 -50.96 -21.01
C ALA M 160 0.68 -50.89 -20.67
N THR M 161 0.25 -51.61 -19.63
CA THR M 161 -1.18 -51.69 -19.32
C THR M 161 -1.72 -50.31 -18.91
N ASP M 162 -1.02 -49.63 -18.01
CA ASP M 162 -1.50 -48.33 -17.54
C ASP M 162 -1.53 -47.32 -18.68
N VAL M 163 -0.48 -47.30 -19.51
CA VAL M 163 -0.44 -46.36 -20.62
C VAL M 163 -1.54 -46.66 -21.62
N PHE M 164 -1.80 -47.94 -21.90
CA PHE M 164 -2.87 -48.28 -22.83
C PHE M 164 -4.22 -47.86 -22.27
N SER M 165 -4.45 -48.08 -20.98
CA SER M 165 -5.70 -47.64 -20.38
C SER M 165 -5.86 -46.14 -20.50
N MET M 166 -4.78 -45.39 -20.23
CA MET M 166 -4.83 -43.94 -20.37
C MET M 166 -5.15 -43.54 -21.81
N VAL M 167 -4.50 -44.18 -22.78
CA VAL M 167 -4.70 -43.81 -24.18
C VAL M 167 -6.15 -44.10 -24.60
N ALA M 168 -6.68 -45.26 -24.21
CA ALA M 168 -8.05 -45.59 -24.55
C ALA M 168 -9.04 -44.62 -23.91
N ASP M 169 -8.82 -44.27 -22.64
CA ASP M 169 -9.71 -43.32 -21.99
C ASP M 169 -9.66 -41.96 -22.67
N CYS M 170 -8.46 -41.50 -23.02
CA CYS M 170 -8.35 -40.21 -23.70
C CYS M 170 -9.02 -40.23 -25.06
N ALA M 171 -8.85 -41.33 -25.80
CA ALA M 171 -9.36 -41.38 -27.18
C ALA M 171 -10.88 -41.53 -27.22
N LEU M 172 -11.44 -42.36 -26.36
CA LEU M 172 -12.84 -42.78 -26.49
C LEU M 172 -13.77 -42.19 -25.45
N GLU M 173 -13.26 -41.61 -24.38
CA GLU M 173 -14.14 -41.06 -23.36
C GLU M 173 -14.80 -39.78 -23.86
N PRO M 174 -16.10 -39.60 -23.61
CA PRO M 174 -16.75 -38.34 -24.03
C PRO M 174 -16.12 -37.14 -23.35
N ARG M 175 -16.08 -36.03 -24.09
CA ARG M 175 -15.49 -34.80 -23.57
C ARG M 175 -16.36 -34.21 -22.46
N SER M 176 -15.70 -33.68 -21.44
CA SER M 176 -16.37 -33.09 -20.29
C SER M 176 -16.46 -31.58 -20.43
N THR M 177 -17.31 -30.98 -19.59
CA THR M 177 -17.52 -29.53 -19.66
C THR M 177 -16.24 -28.77 -19.35
N VAL M 178 -15.49 -29.20 -18.33
CA VAL M 178 -14.24 -28.54 -18.00
C VAL M 178 -13.24 -28.67 -19.16
N ALA M 179 -13.17 -29.86 -19.75
CA ALA M 179 -12.34 -30.05 -20.93
C ALA M 179 -12.79 -29.15 -22.07
N ALA M 180 -14.11 -28.99 -22.22
CA ALA M 180 -14.62 -28.12 -23.27
C ALA M 180 -14.18 -26.67 -23.06
N SER M 181 -14.26 -26.18 -21.82
CA SER M 181 -13.86 -24.81 -21.54
C SER M 181 -12.38 -24.61 -21.78
N VAL M 182 -11.55 -25.53 -21.28
CA VAL M 182 -10.11 -25.42 -21.48
C VAL M 182 -9.80 -25.48 -22.96
N GLY M 183 -10.48 -26.34 -23.71
CA GLY M 183 -10.27 -26.42 -25.14
C GLY M 183 -10.66 -25.15 -25.86
N VAL M 184 -11.75 -24.51 -25.44
CA VAL M 184 -12.14 -23.25 -26.05
C VAL M 184 -11.06 -22.20 -25.84
N GLU M 185 -10.56 -22.10 -24.61
CA GLU M 185 -9.51 -21.13 -24.32
C GLU M 185 -8.27 -21.40 -25.17
N LYS M 186 -7.83 -22.67 -25.21
CA LYS M 186 -6.64 -23.01 -25.95
C LYS M 186 -6.83 -22.82 -27.46
N ASN M 187 -8.04 -23.06 -27.97
CA ASN M 187 -8.31 -22.83 -29.38
C ASN M 187 -8.26 -21.35 -29.72
N GLN M 188 -8.78 -20.50 -28.84
CA GLN M 188 -8.65 -19.06 -29.07
C GLN M 188 -7.18 -18.66 -29.11
N ASN M 189 -6.38 -19.16 -28.17
CA ASN M 189 -4.95 -18.85 -28.18
C ASN M 189 -4.29 -19.35 -29.46
N THR M 190 -4.63 -20.57 -29.89
CA THR M 190 -4.03 -21.12 -31.10
C THR M 190 -4.40 -20.29 -32.32
N HIS M 191 -5.66 -19.87 -32.43
CA HIS M 191 -6.06 -19.04 -33.56
C HIS M 191 -5.32 -17.72 -33.56
N LYS M 192 -5.19 -17.09 -32.39
CA LYS M 192 -4.44 -15.84 -32.32
C LYS M 192 -2.99 -16.04 -32.75
N LEU M 193 -2.35 -17.12 -32.27
CA LEU M 193 -0.97 -17.38 -32.64
C LEU M 193 -0.83 -17.62 -34.15
N GLU M 194 -1.73 -18.42 -34.71
CA GLU M 194 -1.66 -18.71 -36.15
C GLU M 194 -1.82 -17.44 -36.97
N SER M 195 -2.76 -16.57 -36.59
CA SER M 195 -2.92 -15.32 -37.32
C SER M 195 -1.70 -14.42 -37.15
N TYR M 196 -1.13 -14.37 -35.94
CA TYR M 196 0.00 -13.49 -35.69
C TYR M 196 1.24 -13.93 -36.47
N LEU M 197 1.49 -15.24 -36.54
CA LEU M 197 2.67 -15.75 -37.22
C LEU M 197 2.51 -15.86 -38.72
N LYS M 198 1.28 -15.76 -39.24
CA LYS M 198 1.04 -15.92 -40.67
C LYS M 198 1.60 -17.25 -41.16
N THR M 199 1.30 -18.31 -40.41
CA THR M 199 1.85 -19.62 -40.70
C THR M 199 1.29 -20.16 -42.01
N GLY M 200 2.04 -21.08 -42.62
CA GLY M 200 1.59 -21.70 -43.86
C GLY M 200 0.31 -22.47 -43.74
N GLU M 201 -0.02 -22.96 -42.54
CA GLU M 201 -1.29 -23.66 -42.35
C GLU M 201 -2.47 -22.72 -42.57
N LEU M 202 -2.35 -21.47 -42.12
CA LEU M 202 -3.42 -20.50 -42.35
C LEU M 202 -3.66 -20.29 -43.84
N PHE M 203 -2.61 -20.37 -44.66
CA PHE M 203 -2.76 -20.26 -46.11
C PHE M 203 -3.34 -21.53 -46.71
N ASN M 204 -2.89 -22.70 -46.24
CA ASN M 204 -3.45 -23.95 -46.73
C ASN M 204 -4.94 -24.06 -46.42
N GLU M 205 -5.38 -23.44 -45.33
CA GLU M 205 -6.81 -23.43 -45.03
C GLU M 205 -7.60 -22.74 -46.12
N SER M 206 -7.11 -21.57 -46.58
CA SER M 206 -7.77 -20.88 -47.69
C SER M 206 -7.69 -21.71 -48.97
N VAL M 207 -6.55 -22.37 -49.18
CA VAL M 207 -6.41 -23.21 -50.37
C VAL M 207 -7.46 -24.31 -50.39
N PHE M 208 -7.63 -24.98 -49.25
CA PHE M 208 -8.63 -26.06 -49.18
C PHE M 208 -10.04 -25.51 -49.31
N LYS M 209 -10.32 -24.36 -48.69
CA LYS M 209 -11.64 -23.76 -48.84
C LYS M 209 -11.94 -23.47 -50.31
N THR M 210 -10.96 -22.94 -51.04
CA THR M 210 -11.15 -22.70 -52.47
C THR M 210 -11.35 -24.00 -53.22
N ALA M 211 -10.57 -25.03 -52.87
CA ALA M 211 -10.60 -26.28 -53.63
C ALA M 211 -11.95 -26.98 -53.49
N TYR M 212 -12.47 -27.06 -52.27
CA TYR M 212 -13.67 -27.87 -52.02
C TYR M 212 -14.84 -27.09 -51.44
N GLY M 213 -14.66 -25.80 -51.14
CA GLY M 213 -15.72 -25.04 -50.51
C GLY M 213 -15.75 -25.25 -49.02
N LEU M 214 -16.68 -24.52 -48.38
CA LEU M 214 -16.73 -24.54 -46.91
C LEU M 214 -17.12 -25.91 -46.36
N LYS M 215 -17.62 -26.81 -47.20
CA LYS M 215 -18.04 -28.13 -46.77
C LYS M 215 -16.96 -29.17 -47.03
N GLY M 216 -17.02 -30.25 -46.27
CA GLY M 216 -16.14 -31.38 -46.52
C GLY M 216 -14.68 -31.03 -46.33
N LEU M 217 -13.85 -31.42 -47.31
CA LEU M 217 -12.41 -31.25 -47.17
C LEU M 217 -12.02 -29.80 -46.92
N GLY M 218 -12.75 -28.86 -47.50
CA GLY M 218 -12.41 -27.45 -47.32
C GLY M 218 -12.56 -26.94 -45.90
N LEU M 219 -13.20 -27.71 -45.03
CA LEU M 219 -13.36 -27.27 -43.65
C LEU M 219 -11.98 -27.13 -43.00
N PRO M 220 -11.67 -25.98 -42.40
CA PRO M 220 -10.31 -25.76 -41.89
C PRO M 220 -9.96 -26.73 -40.77
N LEU M 221 -8.69 -27.15 -40.73
CA LEU M 221 -8.22 -28.05 -39.68
C LEU M 221 -8.33 -27.39 -38.32
N LYS M 222 -7.96 -26.12 -38.22
CA LYS M 222 -8.06 -25.40 -36.95
C LYS M 222 -9.50 -25.05 -36.60
N GLY M 223 -10.43 -25.21 -37.51
CA GLY M 223 -11.83 -24.91 -37.22
C GLY M 223 -12.18 -23.47 -37.50
N LEU M 224 -13.46 -23.25 -37.81
CA LEU M 224 -13.93 -21.90 -38.05
C LEU M 224 -13.73 -21.03 -36.81
N ARG M 225 -13.21 -19.82 -37.02
CA ARG M 225 -12.90 -18.96 -35.89
C ARG M 225 -14.16 -18.43 -35.21
N GLY M 226 -15.25 -18.25 -35.96
CA GLY M 226 -16.48 -17.75 -35.37
C GLY M 226 -17.22 -18.76 -34.53
N ASN M 227 -16.89 -20.05 -34.67
CA ASN M 227 -17.57 -21.11 -33.95
C ASN M 227 -16.83 -21.55 -32.69
N VAL M 228 -15.71 -20.91 -32.37
CA VAL M 228 -14.89 -21.38 -31.24
C VAL M 228 -15.69 -21.33 -29.95
N LYS M 229 -16.49 -20.28 -29.75
CA LYS M 229 -17.27 -20.16 -28.53
C LYS M 229 -18.30 -21.27 -28.39
N ASN M 230 -18.65 -21.94 -29.49
CA ASN M 230 -19.70 -22.95 -29.47
C ASN M 230 -19.16 -24.35 -29.20
N LEU M 231 -17.87 -24.50 -28.95
CA LEU M 231 -17.27 -25.82 -28.71
C LEU M 231 -17.49 -26.25 -27.26
N SER M 232 -18.76 -26.33 -26.89
CA SER M 232 -19.13 -26.81 -25.56
C SER M 232 -19.14 -28.34 -25.54
N SER M 233 -19.30 -28.89 -24.35
CA SER M 233 -19.30 -30.35 -24.20
C SER M 233 -20.41 -31.00 -25.02
N TYR M 234 -21.53 -30.30 -25.19
CA TYR M 234 -22.64 -30.88 -25.95
C TYR M 234 -22.27 -31.08 -27.41
N THR M 235 -21.67 -30.06 -28.03
CA THR M 235 -21.29 -30.19 -29.44
C THR M 235 -20.21 -31.25 -29.62
N LEU M 236 -19.22 -31.28 -28.72
CA LEU M 236 -18.17 -32.29 -28.83
C LEU M 236 -18.73 -33.68 -28.68
N GLN M 237 -19.64 -33.88 -27.72
CA GLN M 237 -20.22 -35.21 -27.52
C GLN M 237 -21.08 -35.61 -28.71
N LYS M 238 -21.83 -34.67 -29.28
CA LYS M 238 -22.61 -35.00 -30.47
C LYS M 238 -21.70 -35.39 -31.62
N PHE M 239 -20.61 -34.65 -31.82
CA PHE M 239 -19.67 -34.98 -32.88
C PHE M 239 -19.07 -36.37 -32.68
N GLN M 240 -18.67 -36.68 -31.44
CA GLN M 240 -18.12 -38.00 -31.17
C GLN M 240 -19.15 -39.09 -31.40
N LEU M 241 -20.38 -38.89 -30.92
CA LEU M 241 -21.41 -39.91 -31.09
C LEU M 241 -21.70 -40.16 -32.56
N GLU M 242 -21.79 -39.10 -33.36
CA GLU M 242 -22.09 -39.27 -34.78
C GLU M 242 -20.88 -39.73 -35.58
N ASN M 243 -19.68 -39.68 -35.03
CA ASN M 243 -18.48 -40.07 -35.77
C ASN M 243 -17.76 -41.26 -35.15
N ILE M 244 -17.46 -41.23 -33.86
CA ILE M 244 -16.70 -42.32 -33.24
C ILE M 244 -17.64 -43.53 -33.12
N THR M 245 -17.35 -44.57 -33.89
CA THR M 245 -18.09 -45.82 -33.89
C THR M 245 -17.11 -46.98 -33.85
N PRO M 246 -17.54 -48.14 -33.34
CA PRO M 246 -16.60 -49.26 -33.22
C PRO M 246 -15.99 -49.70 -34.53
N ASN M 247 -16.71 -49.57 -35.65
CA ASN M 247 -16.17 -49.95 -36.95
C ASN M 247 -15.15 -48.96 -37.49
N ARG M 248 -15.08 -47.76 -36.92
CA ARG M 248 -14.14 -46.74 -37.35
C ARG M 248 -12.94 -46.60 -36.42
N ILE M 249 -12.73 -47.56 -35.53
CA ILE M 249 -11.65 -47.53 -34.55
C ILE M 249 -10.64 -48.60 -34.90
N PHE M 250 -9.35 -48.25 -34.87
CA PHE M 250 -8.26 -49.19 -35.06
C PHE M 250 -7.32 -49.08 -33.88
N VAL M 251 -6.77 -50.21 -33.45
CA VAL M 251 -5.83 -50.26 -32.34
C VAL M 251 -4.56 -50.93 -32.84
N CYS M 252 -3.41 -50.33 -32.52
CA CYS M 252 -2.13 -50.79 -33.03
C CYS M 252 -1.12 -50.90 -31.89
N ALA M 253 -0.23 -51.89 -32.02
CA ALA M 253 0.85 -52.06 -31.08
C ALA M 253 2.11 -52.47 -31.84
N ALA M 254 3.26 -52.13 -31.27
CA ALA M 254 4.56 -52.48 -31.82
C ALA M 254 5.51 -52.80 -30.68
N GLY M 255 6.30 -53.86 -30.86
CA GLY M 255 7.14 -54.37 -29.80
C GLY M 255 6.47 -55.42 -28.94
N VAL M 256 5.39 -56.02 -29.41
CA VAL M 256 4.60 -56.97 -28.62
C VAL M 256 5.12 -58.38 -28.88
N GLU M 257 5.47 -59.08 -27.80
CA GLU M 257 5.97 -60.45 -27.94
C GLU M 257 4.90 -61.37 -28.54
N SER M 258 3.68 -61.29 -28.03
CA SER M 258 2.60 -62.16 -28.44
C SER M 258 1.36 -61.34 -28.76
N HIS M 259 0.75 -61.64 -29.92
CA HIS M 259 -0.44 -60.91 -30.34
C HIS M 259 -1.60 -61.11 -29.37
N GLN M 260 -1.74 -62.33 -28.84
CA GLN M 260 -2.90 -62.64 -28.01
C GLN M 260 -2.90 -61.82 -26.73
N GLU M 261 -1.73 -61.53 -26.16
CA GLU M 261 -1.69 -60.73 -24.95
C GLU M 261 -2.25 -59.34 -25.18
N PHE M 262 -1.82 -58.68 -26.25
CA PHE M 262 -2.36 -57.36 -26.56
C PHE M 262 -3.83 -57.44 -26.96
N VAL M 263 -4.23 -58.53 -27.61
CA VAL M 263 -5.64 -58.69 -27.94
C VAL M 263 -6.48 -58.75 -26.66
N ASP M 264 -6.00 -59.48 -25.65
CA ASP M 264 -6.71 -59.53 -24.37
C ASP M 264 -6.71 -58.17 -23.69
N LEU M 265 -5.59 -57.46 -23.74
CA LEU M 265 -5.54 -56.14 -23.14
C LEU M 265 -6.56 -55.20 -23.79
N VAL M 266 -6.66 -55.23 -25.12
CA VAL M 266 -7.64 -54.40 -25.80
C VAL M 266 -9.06 -54.90 -25.50
N GLN M 267 -9.23 -56.21 -25.35
CA GLN M 267 -10.55 -56.75 -25.04
C GLN M 267 -11.06 -56.23 -23.71
N THR M 268 -10.17 -56.14 -22.72
CA THR M 268 -10.59 -55.69 -21.39
C THR M 268 -11.09 -54.25 -21.41
N LYS M 269 -10.80 -53.48 -22.44
CA LYS M 269 -11.13 -52.06 -22.48
C LYS M 269 -12.16 -51.70 -23.54
N LEU M 270 -11.93 -52.07 -24.80
CA LEU M 270 -12.76 -51.65 -25.91
C LEU M 270 -13.88 -52.64 -26.24
N ALA M 271 -13.97 -53.77 -25.56
CA ALA M 271 -15.00 -54.75 -25.88
C ALA M 271 -16.39 -54.27 -25.49
N GLN M 272 -16.49 -53.32 -24.55
CA GLN M 272 -17.80 -52.88 -24.09
C GLN M 272 -18.56 -52.14 -25.18
N ILE M 273 -17.88 -51.34 -25.98
CA ILE M 273 -18.51 -50.47 -26.97
C ILE M 273 -19.47 -51.30 -27.83
N PRO M 274 -20.78 -51.09 -27.73
CA PRO M 274 -21.72 -51.91 -28.53
C PRO M 274 -21.52 -51.70 -30.01
N SER M 275 -21.73 -52.79 -30.77
CA SER M 275 -21.52 -52.74 -32.21
C SER M 275 -22.48 -51.76 -32.86
N ALA M 276 -21.97 -50.99 -33.81
CA ALA M 276 -22.77 -50.03 -34.56
C ALA M 276 -23.31 -50.61 -35.86
N GLU M 277 -22.96 -51.85 -36.19
CA GLU M 277 -23.46 -52.46 -37.42
C GLU M 277 -24.97 -52.63 -37.35
N GLY M 278 -25.64 -52.36 -38.47
CA GLY M 278 -27.08 -52.40 -38.51
C GLY M 278 -27.75 -51.15 -37.99
N GLN M 279 -26.99 -50.14 -37.59
CA GLN M 279 -27.51 -48.90 -37.04
C GLN M 279 -27.12 -47.74 -37.96
N LYS M 280 -27.98 -46.72 -38.00
CA LYS M 280 -27.78 -45.59 -38.89
C LYS M 280 -26.45 -44.90 -38.61
N THR M 281 -25.54 -44.95 -39.58
CA THR M 281 -24.22 -44.32 -39.47
C THR M 281 -24.22 -42.98 -40.19
N HIS M 282 -23.35 -42.09 -39.72
CA HIS M 282 -23.27 -40.75 -40.31
C HIS M 282 -22.83 -40.82 -41.77
N GLN M 283 -21.86 -41.68 -42.08
CA GLN M 283 -21.33 -41.80 -43.43
C GLN M 283 -20.73 -40.49 -43.92
N ARG M 284 -19.98 -40.53 -45.01
CA ARG M 284 -19.32 -39.37 -45.59
C ARG M 284 -19.87 -39.12 -46.98
N GLU M 285 -20.31 -37.89 -47.22
CA GLU M 285 -20.77 -37.51 -48.56
C GLU M 285 -19.58 -37.39 -49.51
N LYS M 286 -19.78 -37.80 -50.75
CA LYS M 286 -18.70 -37.78 -51.72
C LYS M 286 -18.20 -36.36 -51.94
N SER M 287 -16.89 -36.21 -52.08
CA SER M 287 -16.28 -34.90 -52.21
C SER M 287 -16.44 -34.37 -53.64
N GLU M 288 -16.53 -33.05 -53.74
CA GLU M 288 -16.61 -32.36 -55.02
C GLU M 288 -15.49 -31.35 -55.13
N TYR M 289 -14.85 -31.29 -56.29
CA TYR M 289 -13.72 -30.40 -56.53
C TYR M 289 -14.17 -29.21 -57.36
N LEU M 290 -13.81 -28.00 -56.91
CA LEU M 290 -14.12 -26.77 -57.61
C LEU M 290 -12.84 -25.95 -57.73
N GLY M 291 -12.56 -25.46 -58.93
CA GLY M 291 -11.35 -24.71 -59.19
C GLY M 291 -11.51 -23.21 -59.05
N GLY M 292 -11.81 -22.73 -57.85
CA GLY M 292 -11.96 -21.32 -57.61
C GLY M 292 -10.62 -20.62 -57.47
N GLU M 293 -10.69 -19.30 -57.28
CA GLU M 293 -9.49 -18.48 -57.07
C GLU M 293 -9.72 -17.52 -55.92
N VAL M 294 -8.63 -17.20 -55.23
CA VAL M 294 -8.65 -16.27 -54.10
C VAL M 294 -7.47 -15.32 -54.26
N ARG M 295 -7.73 -14.02 -54.07
CA ARG M 295 -6.72 -12.98 -54.24
C ARG M 295 -6.86 -11.99 -53.08
N ASN M 296 -5.95 -12.09 -52.11
CA ASN M 296 -6.02 -11.29 -50.90
C ASN M 296 -5.02 -10.15 -50.94
N LEU M 297 -5.50 -8.93 -50.75
CA LEU M 297 -4.65 -7.76 -50.57
C LEU M 297 -4.33 -7.61 -49.09
N THR M 298 -3.05 -7.52 -48.76
CA THR M 298 -2.63 -7.44 -47.37
C THR M 298 -1.51 -6.43 -47.13
N GLU M 299 -1.11 -5.67 -48.15
CA GLU M 299 -0.01 -4.71 -48.02
C GLU M 299 1.25 -5.40 -47.51
N GLU M 300 1.52 -6.60 -48.01
CA GLU M 300 2.67 -7.39 -47.60
C GLU M 300 3.82 -7.18 -48.58
N SER M 301 5.03 -7.02 -48.04
CA SER M 301 6.20 -6.84 -48.88
C SER M 301 6.47 -8.05 -49.76
N ASN M 302 5.90 -9.20 -49.43
CA ASN M 302 6.12 -10.43 -50.18
C ASN M 302 4.77 -11.01 -50.60
N VAL M 303 4.77 -11.69 -51.75
CA VAL M 303 3.59 -12.29 -52.32
C VAL M 303 3.75 -13.80 -52.29
N THR M 304 2.73 -14.49 -51.79
CA THR M 304 2.68 -15.94 -51.71
C THR M 304 1.56 -16.44 -52.62
N LEU M 305 1.91 -17.33 -53.55
CA LEU M 305 0.96 -17.91 -54.48
C LEU M 305 0.95 -19.42 -54.32
N ALA M 306 -0.18 -20.03 -54.62
CA ALA M 306 -0.32 -21.48 -54.63
C ALA M 306 -1.19 -21.89 -55.81
N LEU M 307 -0.76 -22.93 -56.51
CA LEU M 307 -1.49 -23.46 -57.66
C LEU M 307 -1.56 -24.97 -57.50
N LEU M 308 -2.77 -25.48 -57.29
CA LEU M 308 -2.99 -26.89 -57.04
C LEU M 308 -4.07 -27.45 -57.96
N PHE M 309 -4.03 -28.76 -58.18
CA PHE M 309 -4.95 -29.44 -59.08
C PHE M 309 -5.35 -30.77 -58.46
N GLN M 310 -6.53 -31.26 -58.84
CA GLN M 310 -7.02 -32.55 -58.35
C GLN M 310 -6.21 -33.67 -58.98
N SER M 311 -5.42 -34.37 -58.17
CA SER M 311 -4.47 -35.34 -58.71
C SER M 311 -5.03 -36.76 -58.72
N VAL M 312 -5.23 -37.35 -57.54
CA VAL M 312 -5.63 -38.76 -57.47
C VAL M 312 -5.91 -39.14 -56.02
N PRO M 313 -6.75 -40.16 -55.75
CA PRO M 313 -6.93 -40.63 -54.37
C PRO M 313 -5.96 -41.73 -53.97
N TRP M 314 -6.10 -42.25 -52.75
CA TRP M 314 -5.21 -43.32 -52.29
C TRP M 314 -5.37 -44.59 -53.12
N SER M 315 -6.61 -44.94 -53.47
CA SER M 315 -6.85 -46.21 -54.13
C SER M 315 -6.18 -46.30 -55.50
N SER M 316 -5.82 -45.16 -56.09
CA SER M 316 -5.22 -45.19 -57.41
C SER M 316 -3.78 -45.70 -57.34
N ALA M 317 -3.26 -46.08 -58.51
CA ALA M 317 -1.90 -46.60 -58.62
C ALA M 317 -0.87 -45.51 -58.92
N ASP M 318 -1.30 -44.27 -59.08
CA ASP M 318 -0.39 -43.17 -59.38
C ASP M 318 0.08 -42.41 -58.15
N ILE M 319 -0.35 -42.81 -56.96
CA ILE M 319 0.09 -42.11 -55.74
C ILE M 319 1.60 -42.12 -55.65
N VAL M 320 2.23 -43.25 -55.98
CA VAL M 320 3.68 -43.32 -55.99
C VAL M 320 4.25 -42.36 -57.03
N ALA M 321 3.59 -42.26 -58.18
CA ALA M 321 4.05 -41.34 -59.23
C ALA M 321 4.00 -39.89 -58.74
N PHE M 322 2.92 -39.52 -58.05
CA PHE M 322 2.81 -38.14 -57.56
C PHE M 322 3.80 -37.87 -56.44
N ASN M 323 4.05 -38.86 -55.58
CA ASN M 323 5.08 -38.70 -54.56
C ASN M 323 6.45 -38.51 -55.19
N VAL M 324 6.75 -39.29 -56.23
CA VAL M 324 8.03 -39.14 -56.92
C VAL M 324 8.12 -37.78 -57.59
N ALA M 325 7.02 -37.32 -58.17
CA ALA M 325 7.02 -36.00 -58.79
C ALA M 325 7.28 -34.90 -57.77
N ALA M 326 6.63 -35.00 -56.61
CA ALA M 326 6.85 -34.01 -55.56
C ALA M 326 8.29 -34.05 -55.07
N ALA M 327 8.86 -35.24 -54.92
CA ALA M 327 10.26 -35.35 -54.50
C ALA M 327 11.19 -34.74 -55.55
N LEU M 328 10.91 -35.00 -56.83
CA LEU M 328 11.71 -34.41 -57.90
C LEU M 328 11.64 -32.89 -57.87
N LEU M 329 10.44 -32.35 -57.67
CA LEU M 329 10.29 -30.90 -57.61
C LEU M 329 11.06 -30.31 -56.43
N ASN M 330 10.82 -30.85 -55.23
CA ASN M 330 11.38 -30.23 -54.03
C ASN M 330 12.89 -30.40 -53.96
N ASN M 331 13.37 -31.62 -54.20
CA ASN M 331 14.79 -31.91 -53.97
C ASN M 331 15.67 -31.35 -55.08
N LEU M 332 15.21 -31.42 -56.33
CA LEU M 332 16.06 -31.13 -57.49
C LEU M 332 15.62 -29.90 -58.27
N ARG M 333 14.39 -29.87 -58.76
CA ARG M 333 14.01 -28.87 -59.76
C ARG M 333 13.72 -27.52 -59.14
N LEU M 334 12.92 -27.49 -58.07
CA LEU M 334 12.51 -26.20 -57.52
C LEU M 334 13.71 -25.39 -57.04
N LYS M 335 14.67 -26.04 -56.38
CA LYS M 335 15.85 -25.33 -55.91
C LYS M 335 16.70 -24.84 -57.08
N LYS M 336 17.02 -25.75 -58.01
CA LYS M 336 17.96 -25.40 -59.08
C LYS M 336 17.38 -24.34 -60.00
N ASN M 337 16.17 -24.55 -60.51
CA ASN M 337 15.63 -23.73 -61.58
C ASN M 337 14.88 -22.50 -61.08
N LEU M 338 14.48 -22.47 -59.82
CA LEU M 338 13.62 -21.40 -59.32
C LEU M 338 14.28 -20.56 -58.23
N LEU M 339 14.83 -21.19 -57.19
CA LEU M 339 15.40 -20.43 -56.09
C LEU M 339 16.81 -19.95 -56.41
N GLN M 340 17.67 -20.86 -56.89
CA GLN M 340 19.07 -20.51 -57.12
C GLN M 340 19.20 -19.43 -58.19
N LYS M 341 18.46 -19.57 -59.30
CA LYS M 341 18.66 -18.68 -60.43
C LYS M 341 18.11 -17.29 -60.16
N TYR M 342 16.95 -17.20 -59.50
CA TYR M 342 16.26 -15.94 -59.29
C TYR M 342 16.36 -15.54 -57.82
N ALA M 343 16.75 -14.29 -57.56
CA ALA M 343 16.95 -13.80 -56.22
C ALA M 343 15.66 -13.36 -55.53
N TYR M 344 14.57 -13.21 -56.27
CA TYR M 344 13.30 -12.77 -55.70
C TYR M 344 12.40 -13.92 -55.30
N PHE M 345 12.86 -15.16 -55.40
CA PHE M 345 12.12 -16.33 -54.92
C PHE M 345 12.55 -16.60 -53.47
N ASP M 346 11.68 -16.27 -52.52
CA ASP M 346 12.01 -16.51 -51.12
C ASP M 346 11.95 -18.00 -50.79
N GLN M 347 10.91 -18.69 -51.24
CA GLN M 347 10.79 -20.12 -50.95
C GLN M 347 9.71 -20.79 -51.80
N ALA M 348 10.06 -21.89 -52.45
CA ALA M 348 9.11 -22.66 -53.25
C ALA M 348 9.10 -24.10 -52.79
N GLU M 349 7.90 -24.69 -52.72
CA GLU M 349 7.78 -26.08 -52.29
C GLU M 349 6.54 -26.70 -52.91
N ALA M 350 6.64 -27.98 -53.23
CA ALA M 350 5.54 -28.72 -53.84
C ALA M 350 4.68 -29.37 -52.75
N LEU M 351 3.38 -29.12 -52.82
CA LEU M 351 2.43 -29.71 -51.89
C LEU M 351 1.69 -30.86 -52.58
N ASN M 352 1.55 -31.98 -51.86
CA ASN M 352 0.91 -33.17 -52.40
C ASN M 352 0.12 -33.83 -51.27
N PHE M 353 -1.21 -33.77 -51.37
CA PHE M 353 -2.10 -34.40 -50.40
C PHE M 353 -3.00 -35.40 -51.12
N HIS M 354 -3.18 -36.56 -50.52
CA HIS M 354 -4.04 -37.60 -51.07
C HIS M 354 -5.07 -38.00 -50.03
N PHE M 355 -6.31 -38.21 -50.48
CA PHE M 355 -7.42 -38.55 -49.62
C PHE M 355 -8.09 -39.80 -50.14
N THR M 356 -9.11 -40.27 -49.41
CA THR M 356 -9.78 -41.51 -49.77
C THR M 356 -10.48 -41.40 -51.13
N ASP M 357 -10.89 -40.20 -51.51
CA ASP M 357 -11.63 -39.99 -52.75
C ASP M 357 -11.14 -38.83 -53.60
N SER M 358 -10.27 -37.97 -53.08
CA SER M 358 -9.81 -36.80 -53.81
C SER M 358 -8.32 -36.61 -53.56
N GLY M 359 -7.76 -35.56 -54.15
CA GLY M 359 -6.35 -35.25 -53.98
C GLY M 359 -6.06 -33.85 -54.45
N LEU M 360 -4.87 -33.37 -54.08
CA LEU M 360 -4.42 -32.04 -54.46
C LEU M 360 -2.91 -32.05 -54.60
N PHE M 361 -2.43 -31.80 -55.81
CA PHE M 361 -1.01 -31.71 -56.10
C PHE M 361 -0.71 -30.36 -56.75
N GLY M 362 0.34 -29.70 -56.30
CA GLY M 362 0.64 -28.39 -56.86
C GLY M 362 1.86 -27.77 -56.20
N LEU M 363 2.03 -26.48 -56.48
CA LEU M 363 3.15 -25.70 -56.00
C LEU M 363 2.68 -24.59 -55.08
N ARG M 364 3.57 -24.19 -54.17
CA ARG M 364 3.37 -23.00 -53.33
C ARG M 364 4.69 -22.25 -53.31
N THR M 365 4.67 -21.02 -53.83
CA THR M 365 5.87 -20.21 -54.01
C THR M 365 5.65 -18.83 -53.41
N SER M 366 6.60 -18.40 -52.58
CA SER M 366 6.58 -17.09 -51.96
C SER M 366 7.81 -16.30 -52.41
N GLY M 367 7.59 -15.07 -52.84
CA GLY M 367 8.68 -14.23 -53.31
C GLY M 367 8.39 -12.75 -53.13
N SER M 368 9.15 -11.90 -53.83
CA SER M 368 8.95 -10.46 -53.69
C SER M 368 7.57 -10.07 -54.18
N ALA M 369 6.96 -9.10 -53.48
CA ALA M 369 5.62 -8.64 -53.85
C ALA M 369 5.61 -8.09 -55.28
N ASP M 370 6.52 -7.17 -55.58
CA ASP M 370 6.64 -6.68 -56.94
C ASP M 370 7.15 -7.79 -57.85
N ARG M 371 6.78 -7.71 -59.12
CA ARG M 371 7.12 -8.74 -60.10
C ARG M 371 6.48 -10.08 -59.75
N ALA M 372 5.33 -10.04 -59.09
CA ALA M 372 4.60 -11.28 -58.80
C ALA M 372 4.21 -12.01 -60.06
N LYS M 373 4.02 -11.28 -61.17
CA LYS M 373 3.71 -11.92 -62.44
C LYS M 373 4.84 -12.84 -62.87
N ASP M 374 6.09 -12.41 -62.70
CA ASP M 374 7.22 -13.26 -63.04
C ASP M 374 7.24 -14.53 -62.18
N ILE M 375 6.96 -14.39 -60.88
CA ILE M 375 6.93 -15.57 -60.02
C ILE M 375 5.84 -16.53 -60.48
N LEU M 376 4.66 -16.01 -60.79
CA LEU M 376 3.56 -16.86 -61.25
C LEU M 376 3.93 -17.57 -62.54
N ASN M 377 4.47 -16.84 -63.51
CA ASN M 377 4.83 -17.45 -64.78
C ASN M 377 5.91 -18.52 -64.60
N HIS M 378 6.92 -18.24 -63.78
CA HIS M 378 7.97 -19.21 -63.56
C HIS M 378 7.46 -20.45 -62.85
N SER M 379 6.56 -20.28 -61.88
CA SER M 379 5.98 -21.44 -61.21
C SER M 379 5.18 -22.28 -62.19
N ILE M 380 4.39 -21.64 -63.04
CA ILE M 380 3.62 -22.38 -64.05
C ILE M 380 4.56 -23.13 -64.98
N ALA M 381 5.62 -22.47 -65.44
CA ALA M 381 6.56 -23.12 -66.35
C ALA M 381 7.24 -24.30 -65.68
N GLU M 382 7.67 -24.15 -64.43
CA GLU M 382 8.31 -25.26 -63.73
C GLU M 382 7.36 -26.43 -63.56
N LEU M 383 6.10 -26.16 -63.20
CA LEU M 383 5.13 -27.22 -63.06
C LEU M 383 4.89 -27.93 -64.40
N LYS M 384 4.81 -27.16 -65.48
CA LYS M 384 4.59 -27.74 -66.81
C LYS M 384 5.81 -28.49 -67.32
N ALA M 385 6.99 -28.19 -66.77
CA ALA M 385 8.21 -28.88 -67.22
C ALA M 385 8.10 -30.38 -67.01
N ILE M 386 7.57 -30.81 -65.86
CA ILE M 386 7.42 -32.24 -65.62
C ILE M 386 6.48 -32.85 -66.66
N ALA M 387 5.36 -32.18 -66.93
CA ALA M 387 4.48 -32.65 -67.99
C ALA M 387 5.20 -32.76 -69.31
N SER M 388 6.15 -31.86 -69.58
CA SER M 388 6.95 -31.97 -70.80
C SER M 388 7.74 -33.26 -70.81
N GLY M 389 8.35 -33.62 -69.69
CA GLY M 389 9.11 -34.85 -69.59
C GLY M 389 10.05 -34.83 -68.42
N VAL M 390 10.63 -35.99 -68.15
CA VAL M 390 11.58 -36.17 -67.05
C VAL M 390 12.75 -37.00 -67.57
N ASN M 391 13.97 -36.58 -67.25
CA ASN M 391 15.17 -37.27 -67.68
C ASN M 391 15.51 -38.41 -66.73
N ALA M 392 16.30 -39.35 -67.23
CA ALA M 392 16.62 -40.55 -66.45
C ALA M 392 17.39 -40.21 -65.19
N ASP M 393 18.40 -39.34 -65.31
CA ASP M 393 19.20 -38.98 -64.14
C ASP M 393 18.35 -38.28 -63.09
N GLU M 394 17.49 -37.35 -63.53
CA GLU M 394 16.61 -36.66 -62.59
C GLU M 394 15.69 -37.65 -61.89
N LEU M 395 15.12 -38.59 -62.65
CA LEU M 395 14.23 -39.58 -62.05
C LEU M 395 14.96 -40.43 -61.04
N LEU M 396 16.18 -40.86 -61.36
CA LEU M 396 16.94 -41.68 -60.42
C LEU M 396 17.26 -40.90 -59.15
N THR M 397 17.66 -39.63 -59.30
CA THR M 397 17.95 -38.82 -58.11
C THR M 397 16.70 -38.64 -57.25
N ALA M 398 15.56 -38.35 -57.88
CA ALA M 398 14.34 -38.18 -57.12
C ALA M 398 13.94 -39.47 -56.41
N LYS M 399 14.07 -40.61 -57.10
CA LYS M 399 13.74 -41.89 -56.47
C LYS M 399 14.67 -42.19 -55.31
N ALA M 400 15.96 -41.88 -55.45
CA ALA M 400 16.88 -42.11 -54.35
C ALA M 400 16.52 -41.25 -53.14
N ALA M 401 16.20 -39.97 -53.37
CA ALA M 401 15.81 -39.11 -52.27
C ALA M 401 14.52 -39.60 -51.60
N LEU M 402 13.54 -40.02 -52.41
CA LEU M 402 12.29 -40.50 -51.86
C LEU M 402 12.51 -41.77 -51.04
N LYS M 403 13.33 -42.69 -51.53
CA LYS M 403 13.65 -43.89 -50.77
C LYS M 403 14.32 -43.53 -49.46
N ASN M 404 15.27 -42.60 -49.49
CA ASN M 404 15.94 -42.21 -48.26
C ASN M 404 14.95 -41.67 -47.24
N SER M 405 14.07 -40.77 -47.67
CA SER M 405 13.10 -40.19 -46.75
C SER M 405 12.15 -41.24 -46.19
N VAL M 406 11.57 -42.06 -47.08
CA VAL M 406 10.58 -43.04 -46.64
C VAL M 406 11.21 -44.05 -45.70
N LEU M 407 12.41 -44.53 -46.02
CA LEU M 407 13.05 -45.54 -45.18
C LEU M 407 13.54 -44.93 -43.86
N SER M 408 13.93 -43.66 -43.86
CA SER M 408 14.24 -43.00 -42.61
C SER M 408 13.01 -42.93 -41.72
N ALA M 409 11.85 -42.63 -42.31
CA ALA M 409 10.61 -42.65 -41.53
C ALA M 409 10.31 -44.05 -41.01
N LEU M 410 10.44 -45.05 -41.88
CA LEU M 410 10.11 -46.42 -41.51
C LEU M 410 11.05 -47.00 -40.47
N GLU M 411 12.29 -46.50 -40.40
CA GLU M 411 13.25 -47.06 -39.46
C GLU M 411 12.78 -46.90 -38.02
N ARG M 412 12.26 -45.73 -37.69
CA ARG M 412 11.75 -45.49 -36.34
C ARG M 412 10.46 -46.26 -36.12
N GLN M 413 10.36 -46.91 -34.95
CA GLN M 413 9.24 -47.81 -34.71
C GLN M 413 7.90 -47.07 -34.69
N THR M 414 7.87 -45.88 -34.08
CA THR M 414 6.60 -45.17 -33.93
C THR M 414 6.01 -44.79 -35.28
N ASP M 415 6.83 -44.20 -36.15
CA ASP M 415 6.34 -43.79 -37.47
C ASP M 415 5.95 -45.01 -38.30
N ARG M 416 6.74 -46.08 -38.22
CA ARG M 416 6.40 -47.30 -38.95
C ARG M 416 5.06 -47.85 -38.50
N LEU M 417 4.82 -47.87 -37.19
CA LEU M 417 3.53 -48.34 -36.69
C LEU M 417 2.40 -47.44 -37.16
N GLU M 418 2.60 -46.13 -37.12
CA GLU M 418 1.55 -45.21 -37.53
C GLU M 418 1.18 -45.43 -38.99
N GLU M 419 2.19 -45.54 -39.87
CA GLU M 419 1.87 -45.75 -41.28
C GLU M 419 1.33 -47.16 -41.52
N THR M 420 1.68 -48.13 -40.67
CA THR M 420 1.05 -49.44 -40.77
C THR M 420 -0.44 -49.34 -40.47
N VAL M 421 -0.82 -48.59 -39.43
CA VAL M 421 -2.23 -48.42 -39.11
C VAL M 421 -2.93 -47.73 -40.27
N LYS M 422 -2.32 -46.68 -40.82
CA LYS M 422 -2.95 -45.94 -41.90
C LYS M 422 -3.12 -46.82 -43.14
N ASN M 423 -2.12 -47.64 -43.47
CA ASN M 423 -2.24 -48.55 -44.60
C ASN M 423 -3.35 -49.56 -44.36
N VAL M 424 -3.42 -50.13 -43.15
CA VAL M 424 -4.46 -51.12 -42.86
C VAL M 424 -5.84 -50.49 -42.97
N ARG M 425 -6.00 -49.27 -42.47
CA ARG M 425 -7.30 -48.63 -42.52
C ARG M 425 -7.67 -48.20 -43.94
N THR M 426 -6.67 -47.93 -44.78
CA THR M 426 -6.95 -47.59 -46.17
C THR M 426 -7.14 -48.85 -47.01
N PHE M 427 -6.18 -49.77 -46.96
CA PHE M 427 -6.29 -51.08 -47.60
C PHE M 427 -6.06 -52.15 -46.55
N ASN M 428 -6.83 -53.24 -46.65
CA ASN M 428 -6.74 -54.29 -45.63
C ASN M 428 -5.32 -54.84 -45.51
N LYS M 429 -4.53 -54.75 -46.56
CA LYS M 429 -3.15 -55.22 -46.52
C LYS M 429 -2.20 -54.11 -46.09
N ILE M 430 -0.97 -54.50 -45.78
CA ILE M 430 0.08 -53.58 -45.38
C ILE M 430 0.99 -53.36 -46.58
N GLN M 431 1.09 -52.12 -47.03
CA GLN M 431 1.86 -51.78 -48.23
C GLN M 431 3.16 -51.06 -47.93
N HIS M 432 3.46 -50.76 -46.67
CA HIS M 432 4.68 -50.02 -46.36
C HIS M 432 5.92 -50.90 -46.32
N THR M 433 5.76 -52.22 -46.39
CA THR M 433 6.90 -53.12 -46.42
C THR M 433 7.51 -53.27 -47.81
N ASP M 434 6.88 -52.71 -48.84
CA ASP M 434 7.38 -52.83 -50.21
C ASP M 434 7.25 -51.50 -50.94
N TYR M 435 7.48 -50.39 -50.23
CA TYR M 435 7.49 -49.09 -50.89
C TYR M 435 8.65 -48.98 -51.88
N VAL M 436 9.77 -49.63 -51.59
CA VAL M 436 10.92 -49.57 -52.49
C VAL M 436 10.57 -50.15 -53.85
N LYS M 437 9.84 -51.27 -53.87
CA LYS M 437 9.47 -51.90 -55.13
C LYS M 437 8.60 -50.96 -55.96
N GLN M 438 7.60 -50.35 -55.33
CA GLN M 438 6.72 -49.44 -56.05
C GLN M 438 7.49 -48.22 -56.57
N ILE M 439 8.38 -47.67 -55.74
CA ILE M 439 9.17 -46.52 -56.18
C ILE M 439 10.02 -46.89 -57.38
N ASP M 440 10.64 -48.07 -57.34
CA ASP M 440 11.44 -48.51 -58.47
C ASP M 440 10.59 -48.70 -59.72
N SER M 441 9.36 -49.20 -59.54
CA SER M 441 8.50 -49.44 -60.69
C SER M 441 8.17 -48.15 -61.44
N VAL M 442 8.22 -47.00 -60.75
CA VAL M 442 7.87 -45.75 -61.40
C VAL M 442 8.82 -45.47 -62.55
N THR M 443 8.27 -44.94 -63.64
CA THR M 443 9.06 -44.57 -64.81
C THR M 443 8.74 -43.12 -65.18
N ALA M 444 9.68 -42.49 -65.89
CA ALA M 444 9.53 -41.09 -66.23
C ALA M 444 8.27 -40.85 -67.05
N ASP M 445 7.97 -41.75 -67.98
CA ASP M 445 6.79 -41.59 -68.83
C ASP M 445 5.52 -41.57 -67.99
N GLN M 446 5.42 -42.46 -66.99
CA GLN M 446 4.23 -42.48 -66.16
C GLN M 446 4.05 -41.18 -65.40
N VAL M 447 5.13 -40.67 -64.80
CA VAL M 447 5.04 -39.41 -64.06
C VAL M 447 4.65 -38.27 -64.99
N ALA M 448 5.27 -38.22 -66.16
CA ALA M 448 4.95 -37.15 -67.11
C ALA M 448 3.49 -37.20 -67.52
N LYS M 449 2.98 -38.40 -67.83
CA LYS M 449 1.59 -38.53 -68.25
C LYS M 449 0.65 -38.16 -67.10
N ALA M 450 0.95 -38.59 -65.89
CA ALA M 450 0.10 -38.27 -64.75
C ALA M 450 0.02 -36.77 -64.54
N VAL M 451 1.17 -36.09 -64.55
CA VAL M 451 1.18 -34.66 -64.34
C VAL M 451 0.47 -33.94 -65.48
N ALA M 452 0.68 -34.40 -66.71
CA ALA M 452 0.02 -33.76 -67.85
C ALA M 452 -1.50 -33.89 -67.74
N LYS M 453 -1.98 -35.08 -67.35
CA LYS M 453 -3.42 -35.27 -67.18
C LYS M 453 -3.95 -34.38 -66.06
N VAL M 454 -3.20 -34.27 -64.97
CA VAL M 454 -3.65 -33.44 -63.84
C VAL M 454 -3.72 -31.98 -64.25
N LEU M 455 -2.79 -31.54 -65.10
CA LEU M 455 -2.77 -30.13 -65.50
C LEU M 455 -4.08 -29.70 -66.16
N THR M 456 -4.74 -30.60 -66.89
CA THR M 456 -5.95 -30.24 -67.60
C THR M 456 -7.11 -29.90 -66.66
N SER M 457 -7.02 -30.29 -65.39
CA SER M 457 -8.10 -30.03 -64.46
C SER M 457 -8.29 -28.53 -64.26
N ASN M 458 -9.35 -28.18 -63.54
CA ASN M 458 -9.59 -26.78 -63.20
C ASN M 458 -8.55 -26.31 -62.18
N PRO M 459 -7.75 -25.29 -62.47
CA PRO M 459 -6.75 -24.85 -61.50
C PRO M 459 -7.37 -24.32 -60.23
N THR M 460 -6.67 -24.53 -59.12
CA THR M 460 -6.98 -23.93 -57.83
C THR M 460 -5.87 -22.93 -57.53
N PHE M 461 -6.18 -21.65 -57.66
CA PHE M 461 -5.18 -20.59 -57.62
C PHE M 461 -5.47 -19.67 -56.44
N VAL M 462 -4.51 -19.52 -55.54
CA VAL M 462 -4.64 -18.67 -54.37
C VAL M 462 -3.47 -17.70 -54.35
N ALA M 463 -3.74 -16.42 -54.12
CA ALA M 463 -2.70 -15.41 -54.10
C ALA M 463 -2.91 -14.47 -52.92
N GLN M 464 -1.83 -14.17 -52.20
CA GLN M 464 -1.82 -13.17 -51.16
C GLN M 464 -0.61 -12.28 -51.35
N GLY M 465 -0.76 -11.00 -51.04
CA GLY M 465 0.34 -10.06 -51.14
C GLY M 465 -0.16 -8.67 -51.45
N SER M 466 0.82 -7.78 -51.70
CA SER M 466 0.50 -6.38 -51.93
C SER M 466 -0.08 -6.13 -53.31
N GLN M 467 0.42 -6.82 -54.33
CA GLN M 467 0.02 -6.59 -55.71
C GLN M 467 -0.61 -7.84 -56.32
N VAL M 468 -1.47 -8.51 -55.55
CA VAL M 468 -2.19 -9.66 -56.09
C VAL M 468 -3.17 -9.21 -57.17
N ASN M 469 -3.67 -7.98 -57.07
CA ASN M 469 -4.66 -7.52 -58.05
C ASN M 469 -4.09 -7.51 -59.46
N ALA M 470 -2.83 -7.08 -59.61
CA ALA M 470 -2.18 -7.02 -60.92
C ALA M 470 -1.59 -8.39 -61.25
N LEU M 471 -2.48 -9.35 -61.48
CA LEU M 471 -2.13 -10.69 -61.88
C LEU M 471 -3.04 -11.13 -63.01
N PRO M 472 -2.62 -12.10 -63.82
CA PRO M 472 -3.48 -12.58 -64.90
C PRO M 472 -4.78 -13.15 -64.37
N THR M 473 -5.84 -13.00 -65.17
CA THR M 473 -7.14 -13.52 -64.80
C THR M 473 -7.11 -15.05 -64.78
N TYR M 474 -8.18 -15.64 -64.24
CA TYR M 474 -8.27 -17.09 -64.13
C TYR M 474 -8.18 -17.74 -65.50
N ASP M 475 -8.87 -17.18 -66.49
CA ASP M 475 -8.80 -17.70 -67.85
C ASP M 475 -7.38 -17.61 -68.39
N ALA M 476 -6.68 -16.52 -68.08
CA ALA M 476 -5.29 -16.39 -68.53
C ALA M 476 -4.42 -17.46 -67.91
N ILE M 477 -4.62 -17.76 -66.61
CA ILE M 477 -3.84 -18.81 -65.97
C ILE M 477 -4.14 -20.15 -66.62
N ARG M 478 -5.41 -20.44 -66.89
CA ARG M 478 -5.75 -21.70 -67.55
C ARG M 478 -5.10 -21.79 -68.91
N ASN M 479 -5.12 -20.69 -69.68
CA ASN M 479 -4.48 -20.70 -71.00
C ASN M 479 -2.99 -20.95 -70.87
N LEU M 480 -2.33 -20.34 -69.88
CA LEU M 480 -0.91 -20.58 -69.67
C LEU M 480 -0.65 -22.05 -69.37
N LEU M 481 -1.46 -22.64 -68.49
CA LEU M 481 -1.30 -24.06 -68.19
C LEU M 481 -1.60 -24.91 -69.42
N LYS M 482 -2.62 -24.54 -70.18
CA LYS M 482 -3.01 -25.28 -71.37
C LYS M 482 -1.83 -25.47 -72.32
N MET N 1 10.40 -13.43 0.93
CA MET N 1 9.12 -14.04 1.41
C MET N 1 8.16 -14.26 0.25
N GLU N 2 8.45 -15.27 -0.58
CA GLU N 2 7.58 -15.57 -1.71
C GLU N 2 6.29 -16.25 -1.28
N TRP N 3 6.29 -16.91 -0.11
CA TRP N 3 5.08 -17.58 0.36
C TRP N 3 3.95 -16.58 0.60
N ASN N 4 4.28 -15.40 1.13
CA ASN N 4 3.27 -14.37 1.37
C ASN N 4 2.92 -13.72 0.05
N LYS N 5 1.69 -13.94 -0.41
CA LYS N 5 1.30 -13.44 -1.73
C LYS N 5 1.05 -11.94 -1.73
N GLY N 6 0.45 -11.41 -0.67
CA GLY N 6 0.20 -9.98 -0.60
C GLY N 6 -0.80 -9.67 0.50
N THR N 7 -1.36 -8.46 0.42
CA THR N 7 -2.36 -7.99 1.37
C THR N 7 -3.67 -7.73 0.65
N TYR N 8 -4.78 -7.99 1.34
CA TYR N 8 -6.09 -7.77 0.75
C TYR N 8 -6.31 -6.29 0.43
N MET N 9 -5.93 -5.41 1.36
CA MET N 9 -6.08 -3.98 1.18
C MET N 9 -4.81 -3.27 1.61
N SER N 10 -4.43 -2.25 0.86
CA SER N 10 -3.30 -1.38 1.22
C SER N 10 -3.84 -0.23 2.05
N THR N 11 -3.55 -0.25 3.35
CA THR N 11 -4.11 0.74 4.28
C THR N 11 -3.33 2.04 4.17
N SER N 12 -3.52 2.73 3.05
CA SER N 12 -3.02 4.08 2.83
C SER N 12 -4.14 5.08 3.03
N ILE N 13 -3.76 6.31 3.41
CA ILE N 13 -4.76 7.31 3.74
C ILE N 13 -5.65 7.60 2.54
N LYS N 14 -5.05 7.76 1.36
CA LYS N 14 -5.82 7.99 0.15
C LYS N 14 -6.81 6.84 -0.08
N LYS N 15 -6.31 5.61 -0.07
CA LYS N 15 -7.16 4.47 -0.38
C LYS N 15 -8.16 4.20 0.73
N ILE N 16 -7.78 4.42 1.99
CA ILE N 16 -8.73 4.25 3.08
C ILE N 16 -9.87 5.25 2.96
N VAL N 17 -9.54 6.52 2.66
CA VAL N 17 -10.58 7.54 2.51
C VAL N 17 -11.51 7.17 1.35
N GLN N 18 -10.93 6.77 0.22
CA GLN N 18 -11.76 6.38 -0.92
C GLN N 18 -12.66 5.20 -0.58
N TYR N 19 -12.09 4.19 0.07
CA TYR N 19 -12.84 2.98 0.39
C TYR N 19 -14.00 3.28 1.32
N PHE N 20 -13.77 4.10 2.35
CA PHE N 20 -14.83 4.43 3.30
C PHE N 20 -15.81 5.45 2.75
N SER N 21 -15.43 6.23 1.74
CA SER N 21 -16.38 7.12 1.10
C SER N 21 -17.19 6.45 0.01
N VAL N 22 -16.76 5.28 -0.48
CA VAL N 22 -17.50 4.52 -1.48
C VAL N 22 -18.07 3.24 -0.93
N MET N 23 -17.94 2.99 0.37
CA MET N 23 -18.41 1.75 0.97
C MET N 23 -19.93 1.69 0.92
N THR N 24 -20.45 0.47 0.75
CA THR N 24 -21.88 0.20 0.77
C THR N 24 -22.18 -0.90 1.77
N VAL N 25 -23.27 -0.74 2.52
CA VAL N 25 -23.67 -1.69 3.55
C VAL N 25 -25.09 -2.13 3.27
N SER N 26 -25.32 -3.44 3.30
CA SER N 26 -26.66 -3.97 3.08
C SER N 26 -27.52 -3.76 4.32
N PHE N 27 -28.84 -3.75 4.11
CA PHE N 27 -29.76 -3.52 5.21
C PHE N 27 -29.58 -4.60 6.28
N HIS N 28 -29.64 -4.18 7.54
CA HIS N 28 -29.24 -5.04 8.65
C HIS N 28 -30.11 -4.74 9.86
N ASP N 29 -29.88 -5.50 10.93
CA ASP N 29 -30.55 -5.33 12.21
C ASP N 29 -29.51 -5.00 13.28
N ILE N 30 -29.99 -4.84 14.52
CA ILE N 30 -29.10 -4.46 15.61
C ILE N 30 -28.14 -5.59 15.96
N ASN N 31 -28.58 -6.84 15.79
CA ASN N 31 -27.73 -7.97 16.17
C ASN N 31 -26.42 -7.99 15.39
N SER N 32 -26.42 -7.46 14.17
CA SER N 32 -25.22 -7.44 13.33
C SER N 32 -24.48 -6.10 13.41
N LEU N 33 -24.56 -5.42 14.56
CA LEU N 33 -23.87 -4.15 14.75
C LEU N 33 -22.97 -4.16 15.98
N PHE N 34 -22.76 -5.31 16.62
CA PHE N 34 -21.91 -5.35 17.81
C PHE N 34 -20.47 -5.01 17.46
N GLY N 35 -20.05 -5.26 16.22
CA GLY N 35 -18.70 -4.90 15.82
C GLY N 35 -18.46 -3.40 15.84
N PHE N 36 -19.43 -2.63 15.33
CA PHE N 36 -19.30 -1.17 15.37
C PHE N 36 -19.26 -0.67 16.81
N PHE N 37 -20.10 -1.25 17.68
CA PHE N 37 -20.09 -0.84 19.08
C PHE N 37 -18.73 -1.15 19.71
N THR N 38 -18.16 -2.31 19.39
CA THR N 38 -16.84 -2.64 19.90
C THR N 38 -15.80 -1.64 19.42
N PHE N 39 -15.85 -1.27 18.14
CA PHE N 39 -14.87 -0.31 17.61
C PHE N 39 -15.03 1.07 18.24
N LEU N 40 -16.27 1.52 18.42
CA LEU N 40 -16.51 2.82 19.03
C LEU N 40 -16.05 2.83 20.49
N THR N 41 -16.31 1.74 21.21
CA THR N 41 -15.81 1.63 22.58
C THR N 41 -14.29 1.62 22.60
N ILE N 42 -13.67 1.01 21.59
CA ILE N 42 -12.21 1.04 21.50
C ILE N 42 -11.72 2.46 21.32
N ALA N 43 -12.39 3.23 20.46
CA ALA N 43 -11.97 4.62 20.25
C ALA N 43 -12.10 5.44 21.52
N SER N 44 -13.21 5.30 22.22
CA SER N 44 -13.38 6.01 23.48
C SER N 44 -12.39 5.55 24.52
N GLN N 45 -12.06 4.26 24.53
CA GLN N 45 -11.03 3.77 25.43
C GLN N 45 -9.69 4.40 25.13
N LEU N 46 -9.35 4.53 23.85
CA LEU N 46 -8.10 5.20 23.48
C LEU N 46 -8.08 6.62 24.02
N VAL N 47 -9.16 7.37 23.78
CA VAL N 47 -9.19 8.77 24.21
C VAL N 47 -9.09 8.87 25.73
N SER N 48 -9.94 8.13 26.45
CA SER N 48 -9.97 8.23 27.90
C SER N 48 -8.66 7.74 28.51
N GLY N 49 -8.07 6.68 27.96
CA GLY N 49 -6.79 6.22 28.47
C GLY N 49 -5.67 7.21 28.22
N THR N 50 -5.69 7.89 27.07
CA THR N 50 -4.73 8.96 26.85
C THR N 50 -4.90 10.05 27.89
N MET N 51 -6.14 10.42 28.20
CA MET N 51 -6.36 11.42 29.23
C MET N 51 -5.85 10.95 30.58
N LEU N 52 -6.07 9.66 30.90
CA LEU N 52 -5.64 9.13 32.19
C LEU N 52 -4.12 9.05 32.29
N ALA N 53 -3.44 8.76 31.18
CA ALA N 53 -1.99 8.58 31.23
C ALA N 53 -1.28 9.82 31.73
N PHE N 54 -1.80 11.01 31.43
CA PHE N 54 -1.19 12.24 31.89
C PHE N 54 -1.36 12.46 33.38
N SER N 55 -2.17 11.65 34.06
CA SER N 55 -2.35 11.74 35.49
C SER N 55 -1.62 10.65 36.27
N LEU N 56 -1.49 9.47 35.69
CA LEU N 56 -0.92 8.33 36.40
C LEU N 56 0.60 8.38 36.37
N VAL N 57 1.21 8.54 37.55
CA VAL N 57 2.65 8.41 37.71
C VAL N 57 2.94 6.93 37.96
N PRO N 58 3.84 6.30 37.19
CA PRO N 58 3.96 4.84 37.26
C PRO N 58 4.63 4.31 38.53
N GLU N 59 4.86 5.16 39.51
CA GLU N 59 5.41 4.66 40.77
C GLU N 59 4.31 4.04 41.61
N PRO N 60 4.47 2.79 42.07
CA PRO N 60 3.36 2.13 42.79
C PRO N 60 2.90 2.87 44.02
N MET N 61 3.81 3.49 44.76
CA MET N 61 3.47 4.11 46.04
C MET N 61 2.76 5.44 45.89
N LEU N 62 2.69 5.99 44.68
CA LEU N 62 2.02 7.26 44.44
C LEU N 62 0.72 7.13 43.66
N ILE N 63 0.49 6.00 43.00
CA ILE N 63 -0.70 5.87 42.16
C ILE N 63 -1.98 6.06 42.95
N PRO N 64 -2.17 5.42 44.11
CA PRO N 64 -3.41 5.66 44.87
C PRO N 64 -3.58 7.11 45.30
N MET N 65 -2.57 7.70 45.93
CA MET N 65 -2.66 9.09 46.36
C MET N 65 -2.85 10.03 45.17
N VAL N 66 -2.13 9.78 44.08
CA VAL N 66 -2.26 10.63 42.90
C VAL N 66 -3.68 10.55 42.35
N ARG N 67 -4.24 9.35 42.26
CA ARG N 67 -5.59 9.21 41.77
C ARG N 67 -6.58 9.93 42.68
N GLU N 68 -6.44 9.77 43.99
CA GLU N 68 -7.37 10.41 44.92
C GLU N 68 -7.28 11.92 44.85
N GLU N 69 -6.07 12.47 44.80
CA GLU N 69 -5.90 13.92 44.83
C GLU N 69 -6.23 14.57 43.50
N GLU N 70 -5.96 13.91 42.37
CA GLU N 70 -6.19 14.51 41.08
C GLU N 70 -7.64 14.43 40.64
N ASP N 71 -8.49 13.69 41.35
CA ASP N 71 -9.92 13.71 41.07
C ASP N 71 -10.57 14.99 41.58
N VAL N 72 -10.00 15.60 42.62
CA VAL N 72 -10.58 16.81 43.21
C VAL N 72 -9.97 18.03 42.54
N GLU N 73 -8.65 18.15 42.58
CA GLU N 73 -7.99 19.35 42.06
C GLU N 73 -8.22 19.53 40.58
N ASP N 74 -8.39 18.43 39.84
CA ASP N 74 -8.64 18.48 38.41
C ASP N 74 -10.06 18.00 38.11
N LEU N 75 -10.74 18.74 37.25
CA LEU N 75 -12.10 18.40 36.85
C LEU N 75 -12.05 17.44 35.66
N TYR N 76 -12.98 16.51 35.62
CA TYR N 76 -13.19 15.52 34.56
C TYR N 76 -12.23 14.33 34.63
N THR N 77 -11.27 14.31 35.56
CA THR N 77 -10.35 13.16 35.61
C THR N 77 -11.06 11.91 36.09
N ASP N 78 -11.82 12.01 37.18
CA ASP N 78 -12.60 10.87 37.64
C ASP N 78 -13.67 10.48 36.64
N ASP N 79 -14.20 11.47 35.91
CA ASP N 79 -15.15 11.15 34.84
C ASP N 79 -14.48 10.29 33.78
N PHE N 80 -13.25 10.62 33.41
CA PHE N 80 -12.54 9.81 32.41
C PHE N 80 -12.19 8.43 32.96
N PHE N 81 -11.86 8.34 34.25
CA PHE N 81 -11.58 7.03 34.82
C PHE N 81 -12.83 6.15 34.81
N TRP N 82 -13.98 6.71 35.21
CA TRP N 82 -15.22 5.97 35.15
C TRP N 82 -15.57 5.58 33.73
N LEU N 83 -15.36 6.50 32.78
CA LEU N 83 -15.62 6.19 31.39
C LEU N 83 -14.73 5.06 30.91
N HIS N 84 -13.47 5.04 31.35
CA HIS N 84 -12.55 3.97 30.96
C HIS N 84 -13.01 2.63 31.51
N GLU N 85 -13.38 2.58 32.78
CA GLU N 85 -13.83 1.31 33.37
C GLU N 85 -15.09 0.81 32.69
N ARG N 86 -16.08 1.68 32.51
CA ARG N 86 -17.32 1.26 31.87
C ARG N 86 -17.10 0.94 30.40
N GLY N 87 -16.14 1.59 29.76
CA GLY N 87 -15.81 1.24 28.39
C GLY N 87 -15.20 -0.13 28.31
N VAL N 88 -14.37 -0.51 29.29
CA VAL N 88 -13.84 -1.87 29.31
C VAL N 88 -14.98 -2.87 29.47
N ASP N 89 -15.91 -2.58 30.39
CA ASP N 89 -17.04 -3.48 30.58
C ASP N 89 -17.86 -3.63 29.31
N MET N 90 -18.24 -2.52 28.70
CA MET N 90 -19.05 -2.57 27.49
C MET N 90 -18.28 -3.17 26.32
N LEU N 91 -16.97 -2.97 26.28
CA LEU N 91 -16.16 -3.58 25.23
C LEU N 91 -16.17 -5.09 25.36
N PHE N 92 -16.03 -5.62 26.58
CA PHE N 92 -16.16 -7.06 26.76
C PHE N 92 -17.54 -7.54 26.37
N ILE N 93 -18.58 -6.82 26.79
CA ILE N 93 -19.95 -7.24 26.48
C ILE N 93 -20.16 -7.30 24.97
N PHE N 94 -19.80 -6.22 24.27
CA PHE N 94 -19.98 -6.18 22.83
C PHE N 94 -19.15 -7.23 22.12
N SER N 95 -17.90 -7.42 22.56
CA SER N 95 -17.06 -8.40 21.91
C SER N 95 -17.63 -9.81 22.05
N TYR N 96 -18.11 -10.16 23.24
CA TYR N 96 -18.65 -11.50 23.43
C TYR N 96 -19.98 -11.68 22.71
N PHE N 97 -20.81 -10.63 22.67
CA PHE N 97 -22.03 -10.73 21.88
C PHE N 97 -21.72 -10.90 20.41
N HIS N 98 -20.70 -10.19 19.91
CA HIS N 98 -20.27 -10.35 18.53
C HIS N 98 -19.78 -11.77 18.27
N LEU N 99 -19.00 -12.32 19.20
CA LEU N 99 -18.51 -13.68 19.05
C LEU N 99 -19.66 -14.67 19.01
N PHE N 100 -20.64 -14.52 19.90
CA PHE N 100 -21.78 -15.42 19.90
C PHE N 100 -22.58 -15.28 18.61
N ARG N 101 -22.78 -14.04 18.13
CA ARG N 101 -23.53 -13.84 16.91
C ARG N 101 -22.84 -14.50 15.73
N LYS N 102 -21.52 -14.39 15.66
CA LYS N 102 -20.78 -14.96 14.53
C LYS N 102 -20.68 -16.48 14.64
N ILE N 103 -20.68 -17.03 15.86
CA ILE N 103 -20.77 -18.47 16.02
C ILE N 103 -22.15 -18.95 15.58
N TYR N 104 -23.19 -18.16 15.85
CA TYR N 104 -24.54 -18.57 15.51
C TYR N 104 -24.72 -18.72 14.01
N LEU N 105 -24.15 -17.80 13.22
CA LEU N 105 -24.36 -17.79 11.77
C LEU N 105 -23.49 -18.81 11.05
N ASN N 106 -22.71 -19.62 11.76
CA ASN N 106 -21.83 -20.60 11.13
C ASN N 106 -20.90 -19.93 10.13
N ASN N 107 -20.11 -18.99 10.64
CA ASN N 107 -19.14 -18.26 9.84
C ASN N 107 -17.78 -18.95 9.79
N PHE N 108 -17.74 -20.27 9.97
CA PHE N 108 -16.51 -21.04 9.88
C PHE N 108 -16.20 -21.49 8.46
N GLU N 109 -16.92 -20.96 7.46
CA GLU N 109 -16.64 -21.31 6.08
C GLU N 109 -15.30 -20.75 5.64
N TYR N 110 -14.79 -21.26 4.52
CA TYR N 110 -13.48 -20.83 4.04
C TYR N 110 -13.50 -19.35 3.66
N GLU N 111 -14.57 -18.90 3.01
CA GLU N 111 -14.65 -17.49 2.60
C GLU N 111 -14.64 -16.55 3.80
N GLN N 112 -14.97 -17.04 4.99
CA GLN N 112 -14.94 -16.25 6.20
C GLN N 112 -13.60 -16.29 6.92
N GLU N 113 -12.67 -17.16 6.48
CA GLU N 113 -11.42 -17.35 7.20
C GLU N 113 -10.74 -16.03 7.51
N ALA N 114 -10.39 -15.27 6.46
CA ALA N 114 -9.72 -14.00 6.67
C ALA N 114 -10.53 -13.09 7.57
N ALA N 115 -11.86 -13.09 7.41
CA ALA N 115 -12.71 -12.30 8.28
C ALA N 115 -12.66 -12.81 9.71
N TRP N 116 -12.70 -14.12 9.89
CA TRP N 116 -12.80 -14.69 11.23
C TRP N 116 -11.51 -14.52 12.00
N LYS N 117 -10.41 -15.08 11.49
CA LYS N 117 -9.17 -15.12 12.25
C LYS N 117 -8.68 -13.72 12.57
N SER N 118 -8.69 -12.82 11.60
CA SER N 118 -8.26 -11.45 11.86
C SER N 118 -9.03 -10.86 13.03
N GLY N 119 -10.32 -11.21 13.15
CA GLY N 119 -11.07 -10.78 14.31
C GLY N 119 -10.58 -11.41 15.60
N VAL N 120 -10.43 -12.74 15.59
CA VAL N 120 -10.07 -13.44 16.82
C VAL N 120 -8.73 -12.93 17.34
N PHE N 121 -7.76 -12.79 16.45
CA PHE N 121 -6.47 -12.24 16.86
C PHE N 121 -6.68 -10.92 17.61
N THR N 122 -7.48 -10.02 17.02
CA THR N 122 -7.78 -8.77 17.71
C THR N 122 -8.31 -9.05 19.10
N PHE N 123 -9.34 -9.89 19.19
CA PHE N 123 -9.89 -10.28 20.48
C PHE N 123 -8.78 -10.76 21.40
N LEU N 124 -7.92 -11.65 20.91
CA LEU N 124 -6.83 -12.16 21.72
C LEU N 124 -5.98 -10.99 22.25
N LEU N 125 -5.57 -10.09 21.36
CA LEU N 125 -4.80 -8.94 21.82
C LEU N 125 -5.61 -8.13 22.80
N PHE N 126 -6.90 -7.95 22.51
CA PHE N 126 -7.74 -7.19 23.43
C PHE N 126 -7.73 -7.78 24.83
N GLN N 127 -7.53 -9.09 24.95
CA GLN N 127 -7.37 -9.68 26.28
C GLN N 127 -6.13 -9.15 26.96
N VAL N 128 -4.98 -9.26 26.28
CA VAL N 128 -3.70 -8.92 26.90
C VAL N 128 -3.74 -7.51 27.45
N VAL N 129 -4.19 -6.56 26.63
CA VAL N 129 -4.23 -5.17 27.05
C VAL N 129 -4.99 -5.06 28.36
N VAL N 130 -6.16 -5.69 28.42
CA VAL N 130 -6.99 -5.60 29.63
C VAL N 130 -6.17 -6.03 30.84
N PHE N 131 -5.49 -7.17 30.72
CA PHE N 131 -4.67 -7.65 31.82
C PHE N 131 -3.71 -6.56 32.28
N LEU N 132 -2.97 -5.99 31.34
CA LEU N 132 -2.01 -4.95 31.72
C LEU N 132 -2.71 -3.82 32.44
N GLY N 133 -3.88 -3.41 31.94
CA GLY N 133 -4.61 -2.34 32.59
C GLY N 133 -4.89 -2.63 34.05
N LEU N 134 -5.31 -3.86 34.36
CA LEU N 134 -5.58 -4.20 35.75
C LEU N 134 -4.37 -3.91 36.61
N VAL N 135 -3.18 -4.27 36.12
CA VAL N 135 -1.98 -4.12 36.92
C VAL N 135 -1.78 -2.66 37.33
N LEU N 136 -2.24 -1.73 36.49
CA LEU N 136 -2.01 -0.31 36.78
C LEU N 136 -2.80 0.18 37.97
N CYS N 137 -3.78 -0.57 38.47
CA CYS N 137 -4.57 -0.09 39.60
C CYS N 137 -3.79 -0.15 40.89
N CYS N 138 -2.80 -1.05 41.00
CA CYS N 138 -1.97 -1.17 42.19
C CYS N 138 -2.81 -1.41 43.44
N THR N 139 -3.80 -2.28 43.33
CA THR N 139 -4.58 -2.79 44.45
C THR N 139 -4.22 -4.25 44.69
N HIS N 140 -4.87 -4.85 45.69
CA HIS N 140 -4.66 -6.27 45.93
C HIS N 140 -5.18 -7.11 44.77
N LEU N 141 -6.22 -6.63 44.08
CA LEU N 141 -6.67 -7.32 42.87
C LEU N 141 -5.56 -7.33 41.82
N SER N 142 -4.89 -6.19 41.65
CA SER N 142 -3.76 -6.13 40.72
C SER N 142 -2.64 -7.06 41.17
N ASP N 143 -2.38 -7.10 42.48
CA ASP N 143 -1.34 -7.99 43.00
C ASP N 143 -1.64 -9.44 42.66
N ILE N 144 -2.88 -9.88 42.92
CA ILE N 144 -3.26 -11.26 42.66
C ILE N 144 -3.20 -11.56 41.17
N THR N 145 -3.68 -10.62 40.33
CA THR N 145 -3.64 -10.84 38.89
C THR N 145 -2.21 -10.98 38.41
N LEU N 146 -1.32 -10.11 38.88
CA LEU N 146 0.09 -10.20 38.47
C LEU N 146 0.71 -11.51 38.94
N ALA N 147 0.41 -11.92 40.17
CA ALA N 147 0.99 -13.17 40.67
C ALA N 147 0.52 -14.36 39.85
N ILE N 148 -0.77 -14.40 39.51
CA ILE N 148 -1.30 -15.50 38.71
C ILE N 148 -0.67 -15.50 37.33
N ALA N 149 -0.57 -14.33 36.71
CA ALA N 149 0.03 -14.24 35.39
C ALA N 149 1.49 -14.67 35.41
N ALA N 150 2.23 -14.27 36.44
CA ALA N 150 3.63 -14.67 36.55
C ALA N 150 3.77 -16.17 36.74
N ASN N 151 2.91 -16.76 37.57
CA ASN N 151 2.97 -18.21 37.75
C ASN N 151 2.65 -18.94 36.45
N LEU N 152 1.65 -18.46 35.72
CA LEU N 152 1.33 -19.07 34.42
C LEU N 152 2.49 -18.95 33.45
N TYR N 153 3.13 -17.77 33.41
CA TYR N 153 4.28 -17.58 32.54
C TYR N 153 5.41 -18.52 32.92
N ASP N 154 5.67 -18.67 34.22
CA ASP N 154 6.72 -19.55 34.72
C ASP N 154 6.37 -21.02 34.57
N THR N 155 5.10 -21.35 34.31
CA THR N 155 4.73 -22.74 34.13
C THR N 155 5.43 -23.36 32.93
N PHE N 156 5.52 -22.61 31.83
CA PHE N 156 6.11 -23.14 30.60
C PHE N 156 7.57 -23.52 30.80
N PHE N 157 8.26 -22.86 31.73
CA PHE N 157 9.69 -23.07 31.92
C PHE N 157 9.99 -23.97 33.12
N ALA N 158 8.97 -24.61 33.70
CA ALA N 158 9.17 -25.54 34.81
C ALA N 158 9.84 -24.88 36.01
N GLY N 159 9.65 -23.58 36.16
CA GLY N 159 10.22 -22.86 37.29
C GLY N 159 11.74 -22.88 37.30
N LYS N 160 12.35 -22.60 36.15
CA LYS N 160 13.80 -22.61 36.02
C LYS N 160 14.28 -21.27 35.47
N GLY N 161 15.27 -20.69 36.12
CA GLY N 161 16.03 -19.60 35.54
C GLY N 161 15.26 -18.33 35.28
N LYS N 162 14.27 -18.01 36.10
CA LYS N 162 13.65 -16.69 36.16
C LYS N 162 13.51 -16.06 34.78
N PHE N 163 12.89 -16.80 33.86
CA PHE N 163 12.67 -16.26 32.52
C PHE N 163 11.61 -15.16 32.49
N TYR N 164 10.89 -14.96 33.58
CA TYR N 164 9.83 -13.96 33.65
C TYR N 164 10.33 -12.58 34.03
N TRP N 165 11.60 -12.44 34.38
CA TRP N 165 12.07 -11.22 35.02
C TRP N 165 11.94 -10.00 34.11
N TRP N 166 12.05 -10.19 32.79
CA TRP N 166 12.06 -9.04 31.89
C TRP N 166 10.75 -8.27 31.91
N ILE N 167 9.68 -8.86 32.44
CA ILE N 167 8.39 -8.17 32.55
C ILE N 167 7.92 -8.19 34.00
N PHE N 168 7.80 -9.38 34.57
CA PHE N 168 7.28 -9.55 35.94
C PHE N 168 8.45 -9.64 36.92
N THR N 169 9.19 -8.54 37.02
CA THR N 169 10.34 -8.47 37.90
C THR N 169 9.94 -8.87 39.32
N SER N 170 10.47 -9.99 39.81
CA SER N 170 10.20 -10.52 41.14
C SER N 170 8.76 -11.01 41.31
N LYS N 171 7.98 -11.03 40.23
CA LYS N 171 6.56 -11.40 40.29
C LYS N 171 5.77 -10.46 41.19
N GLU N 172 6.27 -9.24 41.42
CA GLU N 172 5.62 -8.27 42.27
C GLU N 172 5.51 -6.95 41.53
N LEU N 173 4.53 -6.14 41.92
CA LEU N 173 4.35 -4.82 41.33
C LEU N 173 5.27 -3.82 42.02
N ASN N 174 6.25 -3.32 41.27
CA ASN N 174 7.19 -2.33 41.77
C ASN N 174 7.34 -1.27 40.68
N THR N 175 8.30 -0.37 40.86
CA THR N 175 8.46 0.72 39.90
C THR N 175 8.77 0.19 38.51
N ASP N 176 9.73 -0.74 38.41
CA ASP N 176 10.11 -1.26 37.09
C ASP N 176 8.94 -1.98 36.43
N THR N 177 8.31 -2.90 37.16
CA THR N 177 7.21 -3.67 36.58
C THR N 177 6.07 -2.76 36.18
N ILE N 178 5.71 -1.80 37.03
CA ILE N 178 4.60 -0.91 36.72
C ILE N 178 4.92 -0.08 35.49
N ILE N 179 6.13 0.47 35.41
CA ILE N 179 6.49 1.29 34.26
C ILE N 179 6.41 0.47 32.97
N ARG N 180 7.04 -0.71 32.98
CA ARG N 180 7.06 -1.53 31.77
C ARG N 180 5.65 -1.92 31.35
N LEU N 181 4.83 -2.36 32.31
CA LEU N 181 3.50 -2.82 31.97
C LEU N 181 2.60 -1.67 31.53
N ALA N 182 2.77 -0.47 32.11
CA ALA N 182 1.99 0.67 31.68
C ALA N 182 2.33 1.06 30.25
N TYR N 183 3.63 1.12 29.92
CA TYR N 183 4.01 1.46 28.56
C TYR N 183 3.53 0.42 27.56
N LEU N 184 3.67 -0.86 27.90
CA LEU N 184 3.19 -1.91 27.02
C LEU N 184 1.67 -1.83 26.85
N HIS N 185 0.96 -1.52 27.94
CA HIS N 185 -0.48 -1.35 27.86
C HIS N 185 -0.85 -0.25 26.88
N TYR N 186 -0.19 0.91 26.98
CA TYR N 186 -0.49 2.01 26.07
C TYR N 186 -0.22 1.60 24.63
N VAL N 187 0.95 1.01 24.37
CA VAL N 187 1.32 0.69 22.99
C VAL N 187 0.38 -0.34 22.40
N LEU N 188 0.06 -1.40 23.15
CA LEU N 188 -0.82 -2.43 22.63
C LEU N 188 -2.26 -1.93 22.50
N ALA N 189 -2.68 -1.03 23.38
CA ALA N 189 -4.01 -0.43 23.23
C ALA N 189 -4.11 0.35 21.94
N PHE N 190 -3.06 1.08 21.58
CA PHE N 190 -3.09 1.81 20.31
C PHE N 190 -2.94 0.86 19.12
N PHE N 191 -2.22 -0.24 19.29
CA PHE N 191 -2.11 -1.24 18.23
C PHE N 191 -3.44 -1.93 17.96
N LEU N 192 -4.27 -2.07 19.00
CA LEU N 192 -5.60 -2.64 18.82
C LEU N 192 -6.42 -1.88 17.80
N ALA N 193 -6.24 -0.56 17.71
CA ALA N 193 -6.99 0.22 16.72
C ALA N 193 -6.64 -0.22 15.30
N TYR N 194 -5.35 -0.38 15.01
CA TYR N 194 -4.95 -0.84 13.69
C TYR N 194 -5.43 -2.26 13.43
N LEU N 195 -5.34 -3.12 14.44
CA LEU N 195 -5.83 -4.49 14.26
C LEU N 195 -7.33 -4.49 13.95
N GLY N 196 -8.09 -3.65 14.64
CA GLY N 196 -9.52 -3.56 14.37
C GLY N 196 -9.80 -3.02 12.98
N LEU N 197 -9.02 -2.05 12.53
CA LEU N 197 -9.19 -1.55 11.17
C LEU N 197 -8.93 -2.63 10.14
N ILE N 198 -7.86 -3.41 10.33
CA ILE N 198 -7.57 -4.51 9.41
C ILE N 198 -8.70 -5.52 9.40
N HIS N 199 -9.20 -5.87 10.60
CA HIS N 199 -10.29 -6.84 10.68
C HIS N 199 -11.55 -6.31 10.00
N GLY N 200 -11.86 -5.03 10.19
CA GLY N 200 -13.04 -4.45 9.57
C GLY N 200 -12.93 -4.42 8.05
N VAL N 201 -11.73 -4.14 7.54
CA VAL N 201 -11.53 -4.19 6.09
C VAL N 201 -11.71 -5.62 5.59
N ASP N 202 -11.12 -6.60 6.29
CA ASP N 202 -11.20 -7.98 5.83
C ASP N 202 -12.64 -8.50 5.84
N MET N 203 -13.38 -8.20 6.91
CA MET N 203 -14.68 -8.85 7.09
C MET N 203 -15.72 -8.39 6.07
N HIS N 204 -15.53 -7.21 5.46
CA HIS N 204 -16.52 -6.71 4.50
C HIS N 204 -16.55 -7.54 3.23
N TYR N 205 -15.60 -8.46 3.02
CA TYR N 205 -15.59 -9.26 1.81
C TYR N 205 -16.89 -10.04 1.66
N ASP N 206 -17.34 -10.68 2.73
CA ASP N 206 -18.62 -11.40 2.73
C ASP N 206 -19.30 -11.07 4.06
N TRP N 207 -20.07 -10.00 4.08
CA TRP N 207 -20.77 -9.56 5.28
C TRP N 207 -22.27 -9.82 5.12
N LYS N 208 -22.86 -10.41 6.15
CA LYS N 208 -24.26 -10.80 6.12
C LYS N 208 -24.86 -10.56 7.51
N ASN N 209 -25.99 -9.86 7.56
CA ASN N 209 -26.67 -9.68 8.84
C ASN N 209 -27.40 -10.95 9.27
N GLU N 210 -27.80 -11.78 8.32
CA GLU N 210 -28.44 -13.05 8.62
C GLU N 210 -27.91 -14.12 7.67
N SER N 211 -28.02 -15.37 8.12
CA SER N 211 -27.51 -16.48 7.31
C SER N 211 -28.27 -16.59 5.99
N SER N 212 -29.58 -16.39 6.01
CA SER N 212 -30.37 -16.50 4.79
C SER N 212 -29.89 -15.48 3.76
N MET N 213 -29.78 -15.93 2.52
CA MET N 213 -29.24 -15.10 1.43
C MET N 213 -30.37 -14.28 0.84
N ASP N 214 -30.56 -13.08 1.37
CA ASP N 214 -31.50 -12.15 0.77
C ASP N 214 -31.05 -11.78 -0.64
N GLY N 215 -32.00 -11.67 -1.56
CA GLY N 215 -31.68 -11.38 -2.93
C GLY N 215 -31.49 -9.91 -3.24
N LEU N 216 -31.55 -9.05 -2.23
CA LEU N 216 -31.40 -7.61 -2.45
C LEU N 216 -30.01 -7.29 -2.97
N GLU N 217 -29.95 -6.41 -3.97
CA GLU N 217 -28.70 -5.92 -4.52
C GLU N 217 -28.38 -4.49 -4.13
N THR N 218 -29.40 -3.66 -3.93
CA THR N 218 -29.18 -2.30 -3.45
C THR N 218 -28.70 -2.32 -2.00
N GLU N 219 -27.85 -1.35 -1.66
CA GLU N 219 -27.24 -1.30 -0.34
C GLU N 219 -27.12 0.15 0.11
N MET N 220 -27.00 0.32 1.43
CA MET N 220 -26.88 1.65 2.02
C MET N 220 -25.46 2.17 1.87
N ILE N 221 -25.34 3.49 1.68
CA ILE N 221 -24.04 4.15 1.67
C ILE N 221 -23.59 4.32 3.12
N TRP N 222 -22.35 3.91 3.41
CA TRP N 222 -21.95 3.75 4.80
C TRP N 222 -21.90 5.07 5.55
N PHE N 223 -21.40 6.13 4.92
CA PHE N 223 -20.94 7.30 5.69
C PHE N 223 -22.01 7.80 6.65
N ASP N 224 -23.25 7.96 6.19
CA ASP N 224 -24.31 8.50 7.03
C ASP N 224 -25.52 7.59 7.13
N GLU N 225 -25.92 6.93 6.06
CA GLU N 225 -27.10 6.07 6.13
C GLU N 225 -26.88 4.93 7.10
N ALA N 226 -25.71 4.29 7.04
CA ALA N 226 -25.39 3.20 7.96
C ALA N 226 -24.80 3.70 9.27
N LEU N 227 -23.98 4.76 9.20
CA LEU N 227 -23.33 5.26 10.40
C LEU N 227 -24.35 5.82 11.39
N SER N 228 -25.36 6.53 10.89
CA SER N 228 -26.38 7.06 11.78
C SER N 228 -27.13 5.94 12.50
N ASN N 229 -27.47 4.87 11.77
CA ASN N 229 -28.12 3.74 12.41
C ASN N 229 -27.22 3.07 13.42
N GLU N 230 -25.93 2.95 13.11
CA GLU N 230 -25.00 2.35 14.05
C GLU N 230 -24.92 3.17 15.34
N LEU N 231 -24.81 4.49 15.21
CA LEU N 231 -24.77 5.35 16.39
C LEU N 231 -26.07 5.26 17.18
N GLY N 232 -27.21 5.22 16.48
CA GLY N 232 -28.49 5.12 17.19
C GLY N 232 -28.64 3.81 17.94
N ALA N 233 -28.21 2.70 17.32
CA ALA N 233 -28.26 1.42 18.01
C ALA N 233 -27.33 1.42 19.22
N MET N 234 -26.16 2.05 19.08
CA MET N 234 -25.29 2.23 20.25
C MET N 234 -26.01 2.98 21.36
N ILE N 235 -26.73 4.05 20.98
CA ILE N 235 -27.47 4.83 21.97
C ILE N 235 -28.52 3.97 22.66
N GLU N 236 -29.25 3.17 21.89
CA GLU N 236 -30.31 2.34 22.46
C GLU N 236 -29.72 1.33 23.44
N ILE N 237 -28.63 0.66 23.04
CA ILE N 237 -28.03 -0.33 23.93
C ILE N 237 -27.47 0.34 25.17
N ILE N 238 -26.93 1.55 25.04
CA ILE N 238 -26.42 2.25 26.21
C ILE N 238 -27.55 2.63 27.15
N LEU N 239 -28.70 3.04 26.61
CA LEU N 239 -29.86 3.31 27.46
C LEU N 239 -30.29 2.06 28.22
N ILE N 240 -30.36 0.92 27.51
CA ILE N 240 -30.75 -0.32 28.17
C ILE N 240 -29.77 -0.67 29.28
N VAL N 241 -28.47 -0.54 29.00
CA VAL N 241 -27.46 -0.85 30.00
C VAL N 241 -27.59 0.08 31.20
N MET N 242 -27.85 1.36 30.95
CA MET N 242 -28.04 2.30 32.06
C MET N 242 -29.21 1.89 32.92
N ILE N 243 -30.33 1.52 32.31
CA ILE N 243 -31.50 1.12 33.09
C ILE N 243 -31.19 -0.11 33.92
N VAL N 244 -30.56 -1.12 33.29
CA VAL N 244 -30.28 -2.36 34.00
C VAL N 244 -29.32 -2.13 35.15
N CYS N 245 -28.28 -1.32 34.93
CA CYS N 245 -27.34 -1.03 36.01
C CYS N 245 -27.99 -0.23 37.12
N PHE N 246 -28.85 0.73 36.77
CA PHE N 246 -29.50 1.55 37.78
C PHE N 246 -30.39 0.72 38.68
N PHE N 247 -31.13 -0.24 38.11
CA PHE N 247 -32.04 -1.01 38.94
C PHE N 247 -31.38 -2.21 39.62
N MET N 248 -30.42 -2.86 38.95
CA MET N 248 -29.78 -4.04 39.52
C MET N 248 -28.77 -3.70 40.60
N TYR N 249 -28.19 -2.50 40.56
CA TYR N 249 -27.16 -2.09 41.52
C TYR N 249 -27.69 -0.93 42.36
N PRO N 250 -28.19 -1.18 43.57
CA PRO N 250 -28.62 -0.08 44.43
C PRO N 250 -27.44 0.83 44.80
N GLU N 251 -27.76 2.11 45.05
CA GLU N 251 -26.73 3.11 45.30
C GLU N 251 -25.77 2.62 46.38
N PRO N 252 -26.22 2.39 47.62
CA PRO N 252 -25.38 1.63 48.56
C PRO N 252 -25.66 0.14 48.48
N GLU N 253 -24.59 -0.64 48.47
CA GLU N 253 -24.69 -2.08 48.34
C GLU N 253 -23.86 -2.77 49.41
N ALA N 254 -24.22 -4.01 49.71
CA ALA N 254 -23.50 -4.85 50.66
C ALA N 254 -22.86 -6.01 49.92
N LEU N 255 -21.61 -6.30 50.26
CA LEU N 255 -20.87 -7.42 49.68
C LEU N 255 -20.81 -7.32 48.16
N SER N 256 -20.14 -6.27 47.69
CA SER N 256 -19.81 -6.14 46.28
C SER N 256 -18.47 -6.84 46.01
N TYR N 257 -18.17 -7.03 44.72
CA TYR N 257 -16.89 -7.59 44.33
C TYR N 257 -15.76 -6.57 44.33
N GLU N 258 -16.08 -5.28 44.38
CA GLU N 258 -15.04 -4.26 44.47
C GLU N 258 -14.42 -4.19 45.85
N PHE N 259 -14.99 -4.87 46.84
CA PHE N 259 -14.45 -4.80 48.20
C PHE N 259 -13.05 -5.39 48.30
N PHE N 260 -12.65 -6.24 47.35
CA PHE N 260 -11.29 -6.76 47.34
C PHE N 260 -10.29 -5.75 46.79
N MET N 261 -10.76 -4.65 46.22
CA MET N 261 -9.89 -3.59 45.72
C MET N 261 -9.58 -2.55 46.78
N TRP N 262 -9.99 -2.77 48.03
CA TRP N 262 -9.66 -1.85 49.10
C TRP N 262 -8.16 -1.81 49.35
N GLY N 263 -7.54 -2.98 49.51
CA GLY N 263 -6.12 -3.06 49.78
C GLY N 263 -5.28 -2.46 48.68
N ASP N 264 -4.37 -1.55 49.05
CA ASP N 264 -3.46 -0.93 48.11
C ASP N 264 -2.06 -1.49 48.34
N ILE N 265 -1.39 -1.86 47.25
CA ILE N 265 -0.05 -2.43 47.37
C ILE N 265 0.86 -1.45 48.07
N GLY N 266 1.65 -1.96 49.01
CA GLY N 266 2.56 -1.15 49.79
C GLY N 266 1.95 -0.66 51.09
N PHE N 267 0.79 0.02 50.99
CA PHE N 267 0.14 0.52 52.19
C PHE N 267 -0.31 -0.62 53.08
N ILE N 268 -1.00 -1.62 52.51
CA ILE N 268 -1.53 -2.76 53.24
C ILE N 268 -0.73 -3.99 52.81
N ASN N 269 -0.12 -4.67 53.79
CA ASN N 269 0.63 -5.88 53.52
C ASN N 269 -0.27 -7.12 53.54
N ASP N 270 -1.04 -7.29 54.60
CA ASP N 270 -1.91 -8.45 54.72
C ASP N 270 -3.00 -8.41 53.66
N VAL N 271 -3.30 -9.57 53.07
CA VAL N 271 -4.29 -9.71 52.02
C VAL N 271 -5.40 -10.62 52.53
N ARG N 272 -6.64 -10.18 52.37
CA ARG N 272 -7.81 -10.95 52.79
C ARG N 272 -8.10 -12.00 51.72
N PHE N 273 -7.41 -13.13 51.83
CA PHE N 273 -7.56 -14.19 50.83
C PHE N 273 -8.93 -14.86 50.86
N LEU N 274 -9.73 -14.63 51.90
CA LEU N 274 -11.06 -15.24 51.95
C LEU N 274 -11.93 -14.75 50.81
N SER N 275 -11.87 -13.45 50.51
CA SER N 275 -12.67 -12.84 49.45
C SER N 275 -11.72 -12.34 48.37
N VAL N 276 -11.37 -13.24 47.44
CA VAL N 276 -10.55 -12.91 46.28
C VAL N 276 -11.42 -13.11 45.05
N ALA N 277 -11.60 -12.05 44.27
CA ALA N 277 -12.47 -12.13 43.12
C ALA N 277 -12.06 -11.08 42.08
N PRO N 278 -11.88 -11.47 40.82
CA PRO N 278 -11.57 -10.48 39.78
C PRO N 278 -12.82 -9.86 39.19
N HIS N 279 -12.66 -8.98 38.22
CA HIS N 279 -13.80 -8.44 37.50
C HIS N 279 -14.53 -9.56 36.77
N TRP N 280 -15.81 -9.32 36.47
CA TRP N 280 -16.64 -10.39 35.94
C TRP N 280 -16.09 -10.96 34.63
N TYR N 281 -15.39 -10.15 33.84
CA TYR N 281 -14.90 -10.65 32.56
C TYR N 281 -13.78 -11.66 32.73
N PHE N 282 -12.94 -11.50 33.74
CA PHE N 282 -11.94 -12.51 34.09
C PHE N 282 -12.44 -13.49 35.13
N ARG N 283 -13.68 -13.34 35.58
CA ARG N 283 -14.25 -14.31 36.50
C ARG N 283 -14.26 -15.74 35.94
N PRO N 284 -14.65 -15.98 34.69
CA PRO N 284 -14.68 -17.37 34.22
C PRO N 284 -13.34 -18.09 34.30
N PHE N 285 -12.24 -17.39 34.07
CA PHE N 285 -10.93 -18.04 34.07
C PHE N 285 -10.48 -18.38 35.49
N MET N 286 -10.70 -17.46 36.43
CA MET N 286 -10.42 -17.77 37.83
C MET N 286 -11.30 -18.91 38.31
N ALA N 287 -12.56 -18.93 37.88
CA ALA N 287 -13.45 -20.04 38.22
C ALA N 287 -12.94 -21.35 37.66
N TRP N 288 -12.43 -21.34 36.43
CA TRP N 288 -11.85 -22.54 35.84
C TRP N 288 -10.65 -23.01 36.65
N LEU N 289 -9.79 -22.07 37.05
CA LEU N 289 -8.62 -22.45 37.85
C LEU N 289 -9.04 -23.08 39.17
N THR N 290 -10.07 -22.52 39.81
CA THR N 290 -10.55 -23.11 41.07
C THR N 290 -11.17 -24.48 40.83
N VAL N 291 -11.93 -24.63 39.75
CA VAL N 291 -12.59 -25.90 39.47
C VAL N 291 -11.56 -26.97 39.13
N CYS N 292 -10.53 -26.61 38.37
CA CYS N 292 -9.48 -27.53 38.00
C CYS N 292 -8.25 -27.25 38.86
N PRO N 293 -8.11 -27.90 40.02
CA PRO N 293 -6.99 -27.57 40.92
C PRO N 293 -5.62 -27.89 40.34
N PHE N 294 -5.55 -28.61 39.22
CA PHE N 294 -4.27 -28.95 38.62
C PHE N 294 -3.76 -27.79 37.78
N HIS N 295 -2.54 -27.35 38.06
CA HIS N 295 -2.01 -26.15 37.44
C HIS N 295 -1.82 -26.33 35.93
N LYS N 296 -1.15 -27.41 35.53
CA LYS N 296 -0.88 -27.63 34.12
C LYS N 296 -2.17 -27.80 33.34
N ILE N 297 -3.13 -28.54 33.89
CA ILE N 297 -4.38 -28.78 33.19
C ILE N 297 -5.18 -27.48 33.06
N GLY N 298 -5.14 -26.63 34.10
CA GLY N 298 -5.83 -25.35 34.00
C GLY N 298 -5.22 -24.45 32.95
N LEU N 299 -3.88 -24.37 32.91
CA LEU N 299 -3.23 -23.58 31.88
C LEU N 299 -3.55 -24.12 30.49
N PHE N 300 -3.53 -25.45 30.34
CA PHE N 300 -3.87 -26.05 29.07
C PHE N 300 -5.30 -25.74 28.68
N GLY N 301 -6.22 -25.74 29.65
CA GLY N 301 -7.60 -25.40 29.35
C GLY N 301 -7.73 -23.98 28.84
N LEU N 302 -7.07 -23.03 29.49
CA LEU N 302 -7.11 -21.65 29.02
C LEU N 302 -6.56 -21.54 27.60
N ILE N 303 -5.39 -22.12 27.36
CA ILE N 303 -4.75 -22.02 26.05
C ILE N 303 -5.62 -22.69 25.00
N TYR N 304 -6.18 -23.86 25.32
CA TYR N 304 -7.03 -24.56 24.38
C TYR N 304 -8.28 -23.75 24.05
N TYR N 305 -8.92 -23.17 25.07
CA TYR N 305 -10.08 -22.34 24.80
C TYR N 305 -9.74 -21.24 23.81
N PHE N 306 -8.69 -20.47 24.09
CA PHE N 306 -8.37 -19.35 23.22
C PHE N 306 -8.00 -19.80 21.81
N PHE N 307 -7.16 -20.83 21.70
CA PHE N 307 -6.65 -21.22 20.39
C PHE N 307 -7.70 -21.94 19.56
N ILE N 308 -8.52 -22.79 20.18
CA ILE N 308 -9.62 -23.39 19.44
C ILE N 308 -10.62 -22.32 19.03
N LEU N 309 -10.81 -21.30 19.86
CA LEU N 309 -11.59 -20.15 19.42
C LEU N 309 -10.97 -19.51 18.19
N PHE N 310 -9.64 -19.53 18.09
CA PHE N 310 -8.99 -18.96 16.91
C PHE N 310 -9.18 -19.83 15.68
N TYR N 311 -9.10 -21.15 15.83
CA TYR N 311 -9.05 -22.07 14.70
C TYR N 311 -10.41 -22.69 14.38
N GLN N 312 -11.50 -21.95 14.58
CA GLN N 312 -12.82 -22.47 14.22
C GLN N 312 -12.95 -22.75 12.73
N PRO N 313 -12.55 -21.84 11.82
CA PRO N 313 -12.79 -22.10 10.40
C PRO N 313 -12.09 -23.33 9.87
N VAL N 314 -11.03 -23.81 10.52
CA VAL N 314 -10.28 -24.94 10.00
C VAL N 314 -10.95 -26.25 10.40
N ILE N 315 -11.35 -26.37 11.65
CA ILE N 315 -11.96 -27.62 12.11
C ILE N 315 -13.36 -27.79 11.52
N HIS N 316 -14.14 -26.71 11.46
CA HIS N 316 -15.54 -26.79 11.07
C HIS N 316 -15.80 -26.27 9.65
N GLY N 317 -14.78 -25.83 8.93
CA GLY N 317 -14.99 -25.27 7.61
C GLY N 317 -15.07 -26.30 6.52
N THR N 318 -15.37 -25.82 5.30
CA THR N 318 -15.44 -26.71 4.14
C THR N 318 -14.08 -27.32 3.85
N ASN N 319 -13.01 -26.58 4.08
CA ASN N 319 -11.62 -27.02 3.90
C ASN N 319 -11.22 -27.11 2.43
N GLU N 320 -11.96 -26.43 1.54
CA GLU N 320 -11.57 -26.28 0.14
C GLU N 320 -11.80 -27.57 -0.66
N GLN N 321 -12.17 -28.65 0.01
CA GLN N 321 -12.50 -29.90 -0.67
C GLN N 321 -13.96 -30.00 -1.02
N ASN N 322 -14.76 -28.98 -0.69
CA ASN N 322 -16.17 -28.94 -1.05
C ASN N 322 -16.95 -30.07 -0.36
N ASN N 323 -16.76 -30.18 0.95
CA ASN N 323 -17.49 -31.12 1.81
C ASN N 323 -17.15 -32.57 1.52
N TYR N 324 -16.07 -32.83 0.78
CA TYR N 324 -15.61 -34.20 0.55
C TYR N 324 -14.56 -34.63 1.57
N THR N 325 -14.31 -33.80 2.58
CA THR N 325 -13.45 -34.20 3.68
C THR N 325 -14.10 -35.34 4.46
N LYS N 326 -13.27 -36.20 5.03
CA LYS N 326 -13.73 -37.36 5.79
C LYS N 326 -13.35 -37.17 7.25
N ARG N 327 -14.35 -37.21 8.13
CA ARG N 327 -14.12 -37.04 9.56
C ARG N 327 -13.60 -38.35 10.17
N ASN N 328 -13.30 -38.28 11.47
CA ASN N 328 -13.04 -39.47 12.27
C ASN N 328 -14.16 -39.60 13.29
N VAL N 329 -14.82 -40.75 13.29
CA VAL N 329 -16.00 -40.98 14.11
C VAL N 329 -15.76 -42.17 15.01
N ALA N 330 -16.14 -42.04 16.28
CA ALA N 330 -15.90 -43.10 17.25
C ALA N 330 -16.90 -44.25 17.09
N PHE N 331 -18.20 -43.96 17.21
CA PHE N 331 -19.23 -44.99 17.23
C PHE N 331 -20.04 -45.08 15.95
N VAL N 332 -20.22 -43.97 15.22
CA VAL N 332 -21.06 -43.98 14.03
C VAL N 332 -20.50 -44.93 12.97
N SER N 333 -19.22 -45.27 13.06
CA SER N 333 -18.63 -46.19 12.09
C SER N 333 -19.30 -47.55 12.15
N PHE N 334 -19.60 -48.03 13.35
CA PHE N 334 -20.28 -49.32 13.49
C PHE N 334 -21.69 -49.25 12.90
N PHE N 335 -22.40 -48.15 13.15
CA PHE N 335 -23.76 -48.02 12.64
C PHE N 335 -23.78 -47.95 11.11
N ILE N 336 -22.84 -47.22 10.51
CA ILE N 336 -22.81 -47.07 9.06
C ILE N 336 -21.92 -48.10 8.37
N ASN N 337 -21.11 -48.84 9.13
CA ASN N 337 -20.18 -49.81 8.55
C ASN N 337 -19.13 -49.12 7.67
N ARG N 338 -18.66 -47.96 8.11
CA ARG N 338 -17.67 -47.19 7.39
C ARG N 338 -16.67 -46.61 8.37
N SER N 339 -15.39 -46.66 8.02
CA SER N 339 -14.35 -46.16 8.91
C SER N 339 -14.47 -44.65 9.13
N ASP N 340 -14.79 -43.91 8.08
CA ASP N 340 -14.90 -42.46 8.12
C ASP N 340 -16.28 -42.03 7.63
N ILE N 341 -16.54 -40.72 7.68
CA ILE N 341 -17.82 -40.17 7.26
C ILE N 341 -17.56 -38.89 6.49
N MET N 342 -18.26 -38.73 5.36
CA MET N 342 -18.23 -37.48 4.62
C MET N 342 -18.91 -36.38 5.40
N THR N 343 -18.35 -35.18 5.35
CA THR N 343 -18.90 -34.08 6.12
C THR N 343 -20.32 -33.75 5.64
N PRO N 344 -21.29 -33.60 6.54
CA PRO N 344 -22.63 -33.22 6.10
C PRO N 344 -22.69 -31.82 5.51
N LYS N 345 -23.65 -31.61 4.62
CA LYS N 345 -23.74 -30.38 3.84
C LYS N 345 -24.82 -29.43 4.35
N TYR N 346 -26.01 -29.94 4.64
CA TYR N 346 -27.16 -29.09 4.99
C TYR N 346 -27.09 -28.76 6.47
N HIS N 347 -26.49 -27.61 6.77
CA HIS N 347 -26.32 -27.12 8.13
C HIS N 347 -26.77 -25.66 8.23
N SER N 348 -27.94 -25.37 7.68
CA SER N 348 -28.47 -24.01 7.73
C SER N 348 -28.65 -23.58 9.18
N VAL N 349 -28.97 -22.29 9.37
CA VAL N 349 -29.01 -21.69 10.69
C VAL N 349 -30.46 -21.50 11.14
N GLU N 350 -31.21 -20.70 10.38
CA GLU N 350 -32.57 -20.34 10.82
C GLU N 350 -33.49 -21.55 10.81
N ASP N 351 -33.32 -22.45 9.84
CA ASP N 351 -34.26 -23.55 9.66
C ASP N 351 -34.05 -24.63 10.71
N ASN N 352 -32.86 -25.23 10.74
CA ASN N 352 -32.65 -26.41 11.57
C ASN N 352 -32.75 -26.05 13.05
N LEU N 353 -33.17 -27.04 13.84
CA LEU N 353 -33.39 -26.87 15.27
C LEU N 353 -32.26 -27.41 16.12
N LEU N 354 -31.51 -28.41 15.63
CA LEU N 354 -30.39 -28.93 16.41
C LEU N 354 -29.32 -27.87 16.60
N HIS N 355 -29.02 -27.12 15.54
CA HIS N 355 -28.00 -26.08 15.64
C HIS N 355 -28.38 -25.05 16.69
N GLN N 356 -29.64 -24.60 16.69
CA GLN N 356 -30.07 -23.62 17.66
C GLN N 356 -29.99 -24.17 19.09
N ILE N 357 -30.42 -25.41 19.27
CA ILE N 357 -30.39 -26.01 20.60
C ILE N 357 -28.96 -26.06 21.12
N THR N 358 -28.03 -26.57 20.29
CA THR N 358 -26.65 -26.68 20.74
C THR N 358 -26.02 -25.31 20.98
N PHE N 359 -26.28 -24.35 20.10
CA PHE N 359 -25.70 -23.02 20.28
C PHE N 359 -26.20 -22.37 21.56
N TRP N 360 -27.50 -22.48 21.84
CA TRP N 360 -28.02 -21.85 23.05
C TRP N 360 -27.59 -22.58 24.30
N LEU N 361 -27.40 -23.91 24.23
CA LEU N 361 -26.79 -24.61 25.35
C LEU N 361 -25.38 -24.08 25.60
N PHE N 362 -24.60 -23.86 24.55
CA PHE N 362 -23.25 -23.32 24.71
C PHE N 362 -23.28 -21.91 25.31
N LEU N 363 -24.18 -21.06 24.81
CA LEU N 363 -24.26 -19.69 25.31
C LEU N 363 -24.67 -19.66 26.78
N CYS N 364 -25.67 -20.48 27.15
CA CYS N 364 -26.09 -20.52 28.54
C CYS N 364 -25.02 -21.12 29.43
N SER N 365 -24.24 -22.09 28.92
CA SER N 365 -23.11 -22.60 29.70
C SER N 365 -22.08 -21.51 29.95
N ALA N 366 -21.80 -20.70 28.93
CA ALA N 366 -20.87 -19.58 29.11
C ALA N 366 -21.39 -18.60 30.17
N LEU N 367 -22.68 -18.27 30.08
CA LEU N 367 -23.26 -17.34 31.06
C LEU N 367 -23.18 -17.93 32.46
N TYR N 368 -23.49 -19.21 32.61
CA TYR N 368 -23.42 -19.84 33.93
C TYR N 368 -22.00 -19.85 34.45
N VAL N 369 -21.03 -20.08 33.57
CA VAL N 369 -19.63 -20.06 33.98
C VAL N 369 -19.25 -18.69 34.51
N THR N 370 -19.73 -17.63 33.85
CA THR N 370 -19.46 -16.28 34.34
C THR N 370 -20.42 -15.85 35.45
N SER N 371 -21.34 -16.71 35.86
CA SER N 371 -22.40 -16.29 36.78
C SER N 371 -21.89 -16.05 38.20
N TYR N 372 -20.85 -16.77 38.64
CA TYR N 372 -20.44 -16.66 40.04
C TYR N 372 -19.01 -17.17 40.20
N LEU N 373 -18.46 -16.95 41.41
CA LEU N 373 -17.14 -17.42 41.82
C LEU N 373 -17.26 -18.76 42.54
N PRO N 374 -16.52 -19.79 42.12
CA PRO N 374 -16.60 -21.08 42.81
C PRO N 374 -16.22 -21.04 44.27
N TYR N 375 -15.51 -20.00 44.73
CA TYR N 375 -15.18 -19.84 46.15
C TYR N 375 -14.37 -21.04 46.65
N GLY N 376 -13.15 -21.13 46.11
CA GLY N 376 -12.29 -22.28 46.33
C GLY N 376 -11.91 -22.61 47.76
N ARG N 377 -12.39 -21.85 48.74
CA ARG N 377 -12.04 -22.15 50.13
C ARG N 377 -12.45 -23.57 50.49
N PHE N 378 -13.65 -23.98 50.12
CA PHE N 378 -14.06 -25.37 50.28
C PHE N 378 -14.84 -25.87 49.07
N TYR N 379 -14.65 -25.27 47.89
CA TYR N 379 -15.38 -25.68 46.70
C TYR N 379 -15.12 -27.14 46.34
N ASN N 380 -13.99 -27.70 46.76
CA ASN N 380 -13.66 -29.09 46.49
C ASN N 380 -13.92 -30.00 47.69
N ARG N 381 -13.69 -29.51 48.91
CA ARG N 381 -14.09 -30.26 50.08
C ARG N 381 -15.59 -30.52 50.06
N ILE N 382 -16.36 -29.48 49.74
CA ILE N 382 -17.77 -29.64 49.39
C ILE N 382 -17.84 -30.00 47.91
N ASN N 383 -18.53 -31.09 47.60
CA ASN N 383 -18.68 -31.50 46.21
C ASN N 383 -19.12 -30.30 45.38
N GLY N 384 -18.28 -29.90 44.44
CA GLY N 384 -18.47 -28.63 43.76
C GLY N 384 -19.74 -28.61 42.94
N ASN N 385 -20.13 -27.39 42.56
CA ASN N 385 -21.30 -27.18 41.71
C ASN N 385 -21.16 -28.00 40.43
N TYR N 386 -22.05 -28.96 40.25
CA TYR N 386 -22.00 -29.79 39.04
C TYR N 386 -22.34 -28.98 37.80
N GLY N 387 -23.12 -27.92 37.95
CA GLY N 387 -23.45 -27.09 36.80
C GLY N 387 -22.22 -26.43 36.21
N THR N 388 -21.30 -25.97 37.05
CA THR N 388 -20.09 -25.34 36.55
C THR N 388 -19.26 -26.33 35.73
N LEU N 389 -19.09 -27.54 36.24
CA LEU N 389 -18.33 -28.55 35.51
C LEU N 389 -19.02 -28.91 34.20
N TRP N 390 -20.34 -29.07 34.23
CA TRP N 390 -21.07 -29.37 33.00
C TRP N 390 -20.91 -28.26 31.98
N SER N 391 -21.02 -27.01 32.41
CA SER N 391 -20.89 -25.90 31.48
C SER N 391 -19.49 -25.81 30.90
N PHE N 392 -18.45 -25.99 31.73
CA PHE N 392 -17.09 -25.95 31.22
C PHE N 392 -16.86 -27.06 30.21
N MET N 393 -17.31 -28.28 30.52
CA MET N 393 -17.07 -29.39 29.61
C MET N 393 -17.86 -29.21 28.32
N TYR N 394 -19.08 -28.66 28.40
CA TYR N 394 -19.83 -28.40 27.17
C TYR N 394 -19.18 -27.29 26.35
N ILE N 395 -18.58 -26.30 27.01
CA ILE N 395 -17.84 -25.28 26.27
C ILE N 395 -16.68 -25.91 25.52
N PHE N 396 -15.93 -26.79 26.20
CA PHE N 396 -14.81 -27.45 25.54
C PHE N 396 -15.28 -28.33 24.38
N PHE N 397 -16.37 -29.07 24.56
CA PHE N 397 -16.84 -29.96 23.51
C PHE N 397 -17.41 -29.17 22.33
N TYR N 398 -18.19 -28.14 22.59
CA TYR N 398 -18.82 -27.38 21.52
C TYR N 398 -17.77 -26.74 20.62
N LEU N 399 -16.72 -26.18 21.21
CA LEU N 399 -15.62 -25.57 20.46
C LEU N 399 -14.58 -26.65 20.22
N GLY N 400 -14.59 -27.25 19.03
CA GLY N 400 -13.60 -28.23 18.67
C GLY N 400 -14.16 -29.50 18.10
N ASN N 401 -15.29 -29.97 18.63
CA ASN N 401 -15.92 -31.19 18.17
C ASN N 401 -16.99 -30.87 17.13
N SER N 402 -16.95 -31.57 16.01
CA SER N 402 -17.83 -31.30 14.88
C SER N 402 -19.07 -32.18 14.88
N PHE N 403 -19.32 -32.94 15.94
CA PHE N 403 -20.58 -33.66 16.06
C PHE N 403 -21.67 -32.81 16.70
N LEU N 404 -21.29 -31.79 17.46
CA LEU N 404 -22.23 -30.78 17.95
C LEU N 404 -22.43 -29.65 16.96
N ARG N 405 -21.64 -29.59 15.90
CA ARG N 405 -21.75 -28.55 14.89
C ARG N 405 -21.56 -29.22 13.53
N ARG N 406 -22.50 -28.97 12.62
CA ARG N 406 -22.58 -29.72 11.37
C ARG N 406 -22.82 -31.20 11.68
N PRO N 407 -23.88 -31.53 12.41
CA PRO N 407 -24.12 -32.93 12.74
C PRO N 407 -24.52 -33.75 11.51
N LEU N 408 -24.22 -35.04 11.57
CA LEU N 408 -24.53 -35.95 10.48
C LEU N 408 -26.00 -36.36 10.45
N ILE N 409 -26.71 -36.26 11.58
CA ILE N 409 -28.07 -36.75 11.65
C ILE N 409 -28.97 -36.03 10.65
N THR N 410 -28.83 -34.71 10.55
CA THR N 410 -29.68 -33.96 9.64
C THR N 410 -29.48 -34.42 8.20
N GLU N 411 -28.23 -34.59 7.79
CA GLU N 411 -27.96 -34.99 6.41
C GLU N 411 -28.53 -36.38 6.12
N LEU N 412 -28.32 -37.33 7.04
CA LEU N 412 -28.83 -38.67 6.82
C LEU N 412 -30.35 -38.68 6.76
N TYR N 413 -31.00 -37.95 7.66
CA TYR N 413 -32.47 -37.92 7.64
C TYR N 413 -33.00 -37.30 6.37
N LEU N 414 -32.38 -36.19 5.93
CA LEU N 414 -32.83 -35.55 4.70
C LEU N 414 -32.63 -36.47 3.51
N PHE N 415 -31.51 -37.19 3.46
CA PHE N 415 -31.30 -38.13 2.36
C PHE N 415 -32.30 -39.27 2.41
N ASN N 416 -32.64 -39.74 3.61
CA ASN N 416 -33.65 -40.79 3.73
C ASN N 416 -34.98 -40.32 3.17
N ALA N 417 -35.39 -39.09 3.54
CA ALA N 417 -36.64 -38.54 3.02
C ALA N 417 -36.57 -38.38 1.50
N PHE N 418 -35.43 -37.91 0.99
CA PHE N 418 -35.26 -37.77 -0.45
C PHE N 418 -35.44 -39.11 -1.15
N VAL N 419 -34.79 -40.15 -0.63
CA VAL N 419 -34.86 -41.46 -1.25
C VAL N 419 -36.28 -41.98 -1.23
N LYS N 420 -36.97 -41.84 -0.10
CA LYS N 420 -38.34 -42.33 -0.01
C LYS N 420 -39.25 -41.61 -0.99
N SER N 421 -39.15 -40.28 -1.05
CA SER N 421 -40.00 -39.52 -1.95
C SER N 421 -39.71 -39.86 -3.41
N LYS N 422 -38.43 -39.96 -3.78
CA LYS N 422 -38.08 -40.28 -5.15
C LYS N 422 -38.57 -41.68 -5.53
N PHE N 423 -38.45 -42.64 -4.62
CA PHE N 423 -38.96 -43.98 -4.89
C PHE N 423 -40.47 -43.96 -5.09
N LEU N 424 -41.19 -43.23 -4.24
CA LEU N 424 -42.64 -43.19 -4.39
C LEU N 424 -43.04 -42.56 -5.71
N LYS N 425 -42.40 -41.44 -6.07
CA LYS N 425 -42.73 -40.75 -7.31
C LYS N 425 -41.85 -41.18 -8.48
N LYS N 426 -40.83 -41.99 -8.24
CA LYS N 426 -39.93 -42.43 -9.30
C LYS N 426 -39.24 -41.25 -9.99
N PHE O 25 37.18 32.12 16.16
CA PHE O 25 37.77 30.80 16.29
C PHE O 25 38.97 30.82 17.21
N ILE O 26 39.70 31.94 17.19
CA ILE O 26 40.84 32.15 18.07
C ILE O 26 40.36 32.93 19.30
N TYR O 27 40.69 32.43 20.48
CA TYR O 27 40.22 32.99 21.74
C TYR O 27 41.37 33.59 22.51
N ARG O 28 41.02 34.29 23.59
CA ARG O 28 41.97 35.08 24.38
C ARG O 28 42.01 34.56 25.80
N ASP O 29 43.22 34.46 26.36
CA ASP O 29 43.41 33.91 27.69
C ASP O 29 43.40 34.97 28.78
N ASP O 30 43.85 36.19 28.47
CA ASP O 30 43.87 37.25 29.46
C ASP O 30 42.48 37.68 29.91
N ILE O 31 41.44 37.27 29.19
CA ILE O 31 40.08 37.69 29.54
C ILE O 31 39.65 37.06 30.86
N GLY O 32 40.05 35.81 31.10
CA GLY O 32 39.60 35.07 32.25
C GLY O 32 38.60 33.97 31.95
N ALA O 33 38.34 33.69 30.67
CA ALA O 33 37.45 32.62 30.26
C ALA O 33 38.26 31.54 29.59
N PHE O 34 38.12 30.30 30.06
CA PHE O 34 38.89 29.19 29.53
C PHE O 34 38.31 28.77 28.18
N TRP O 35 39.14 28.86 27.14
CA TRP O 35 38.77 28.40 25.80
C TRP O 35 37.58 29.16 25.24
N GLY O 36 37.29 30.34 25.78
CA GLY O 36 36.16 31.12 25.31
C GLY O 36 34.85 30.85 26.01
N ILE O 37 34.88 30.25 27.20
CA ILE O 37 33.67 29.93 27.96
C ILE O 37 33.51 31.04 29.00
N LYS O 38 32.57 31.94 28.76
CA LYS O 38 32.36 33.09 29.63
C LYS O 38 31.51 32.70 30.84
N GLY O 39 31.44 33.61 31.80
CA GLY O 39 30.59 33.46 32.97
C GLY O 39 31.31 33.15 34.25
N TYR O 40 32.62 32.92 34.22
CA TYR O 40 33.40 32.56 35.40
C TYR O 40 34.59 33.49 35.55
N GLU O 41 34.36 34.79 35.40
CA GLU O 41 35.42 35.79 35.52
C GLU O 41 35.60 36.29 36.95
N GLU O 42 34.79 35.82 37.90
CA GLU O 42 34.87 36.28 39.28
C GLU O 42 35.49 35.23 40.21
N LEU O 43 36.23 34.27 39.66
CA LEU O 43 36.86 33.25 40.48
C LEU O 43 37.94 32.56 39.66
N VAL O 44 38.76 31.77 40.35
CA VAL O 44 39.86 31.05 39.72
C VAL O 44 39.35 29.70 39.22
N THR O 45 39.55 29.44 37.93
CA THR O 45 39.08 28.22 37.29
C THR O 45 40.18 27.38 36.67
N GLU O 46 41.34 27.96 36.37
CA GLU O 46 42.41 27.28 35.64
C GLU O 46 43.57 26.88 36.55
N VAL O 47 43.32 26.78 37.86
CA VAL O 47 44.42 26.63 38.81
C VAL O 47 45.14 25.31 38.60
N GLY O 48 44.40 24.21 38.51
CA GLY O 48 45.01 22.90 38.53
C GLY O 48 44.73 22.05 37.31
N THR O 49 44.05 22.63 36.30
CA THR O 49 43.67 21.90 35.11
C THR O 49 44.38 22.43 33.87
N HIS O 50 44.26 23.72 33.58
CA HIS O 50 44.83 24.30 32.37
C HIS O 50 46.20 24.89 32.62
N LYS O 51 46.31 25.81 33.58
CA LYS O 51 47.59 26.41 33.92
C LYS O 51 48.39 25.56 34.90
N GLY O 52 47.78 24.55 35.52
CA GLY O 52 48.50 23.63 36.37
C GLY O 52 48.03 22.20 36.12
N HIS O 53 48.86 21.25 36.54
CA HIS O 53 48.58 19.83 36.36
C HIS O 53 48.72 19.13 37.71
N ASN O 54 47.62 19.10 38.47
CA ASN O 54 47.58 18.33 39.71
C ASN O 54 47.30 16.89 39.36
N TYR O 55 48.19 15.99 39.77
CA TYR O 55 48.08 14.58 39.41
C TYR O 55 46.98 13.92 40.22
N TRP O 56 46.06 13.24 39.53
CA TRP O 56 45.02 12.45 40.16
C TRP O 56 45.12 11.05 39.58
N PRO O 57 45.24 10.01 40.41
CA PRO O 57 45.40 8.66 39.84
C PRO O 57 44.26 8.26 38.92
N GLN O 58 43.04 8.70 39.22
CA GLN O 58 41.88 8.23 38.46
C GLN O 58 41.95 8.66 37.01
N PHE O 59 42.35 9.90 36.75
CA PHE O 59 42.34 10.47 35.41
C PHE O 59 43.64 10.22 34.65
N SER O 60 44.62 9.58 35.28
CA SER O 60 45.84 9.22 34.56
C SER O 60 45.56 8.08 33.58
N PHE O 61 46.44 7.96 32.59
CA PHE O 61 46.27 6.90 31.59
C PHE O 61 46.37 5.54 32.27
N LEU O 62 45.38 4.68 32.00
CA LEU O 62 45.27 3.38 32.66
C LEU O 62 45.32 3.54 34.18
N GLY O 63 44.72 4.62 34.66
CA GLY O 63 44.68 4.89 36.09
C GLY O 63 43.46 4.32 36.76
N THR O 64 43.52 4.23 38.09
CA THR O 64 42.42 3.69 38.86
C THR O 64 42.40 4.36 40.23
N TYR O 65 41.23 4.35 40.86
CA TYR O 65 41.08 4.94 42.18
C TYR O 65 42.01 4.25 43.17
N ASP O 66 42.67 5.06 43.99
CA ASP O 66 43.46 4.54 45.09
C ASP O 66 42.52 4.20 46.24
N SER O 67 42.46 2.92 46.62
CA SER O 67 41.53 2.51 47.66
C SER O 67 41.81 3.21 48.97
N GLY O 68 43.09 3.37 49.32
CA GLY O 68 43.42 4.08 50.54
C GLY O 68 42.98 5.53 50.51
N SER O 69 43.12 6.18 49.36
CA SER O 69 42.71 7.58 49.24
C SER O 69 41.23 7.73 49.50
N VAL O 70 40.41 6.88 48.88
CA VAL O 70 38.96 6.98 49.06
C VAL O 70 38.58 6.60 50.49
N ARG O 71 39.26 5.61 51.07
CA ARG O 71 39.00 5.26 52.47
C ARG O 71 39.25 6.46 53.38
N ARG O 72 40.40 7.11 53.21
CA ARG O 72 40.72 8.28 54.03
C ARG O 72 39.75 9.42 53.76
N GLY O 73 39.32 9.58 52.50
CA GLY O 73 38.36 10.62 52.19
C GLY O 73 37.04 10.41 52.88
N PHE O 74 36.58 9.16 52.92
CA PHE O 74 35.34 8.87 53.66
C PHE O 74 35.53 9.09 55.15
N GLN O 75 36.70 8.71 55.68
CA GLN O 75 36.96 8.94 57.10
C GLN O 75 36.90 10.43 57.43
N VAL O 76 37.47 11.26 56.57
CA VAL O 76 37.45 12.71 56.81
C VAL O 76 36.03 13.24 56.67
N PHE O 77 35.32 12.82 55.60
CA PHE O 77 33.97 13.31 55.37
C PHE O 77 33.02 12.91 56.48
N ALA O 78 33.34 11.87 57.24
CA ALA O 78 32.48 11.39 58.32
C ALA O 78 32.84 11.97 59.68
N ARG O 79 33.82 12.86 59.74
CA ARG O 79 34.27 13.40 61.03
C ARG O 79 34.26 14.93 61.04
N ASN O 80 34.53 15.55 59.89
CA ASN O 80 34.47 16.99 59.76
C ASN O 80 33.35 17.42 58.80
N CYS O 81 33.37 16.94 57.56
CA CYS O 81 32.25 17.17 56.66
C CYS O 81 31.09 16.27 57.08
N GLY O 82 30.00 16.34 56.33
CA GLY O 82 28.84 15.55 56.67
C GLY O 82 28.03 16.17 57.79
N ASN O 83 28.72 16.67 58.81
CA ASN O 83 28.05 17.43 59.87
C ASN O 83 27.47 18.73 59.35
N CYS O 84 27.88 19.17 58.17
CA CYS O 84 27.30 20.31 57.49
C CYS O 84 26.80 19.97 56.10
N HIS O 85 27.50 19.11 55.37
CA HIS O 85 27.15 18.77 54.00
C HIS O 85 26.52 17.38 53.95
N GLY O 86 26.14 16.96 52.75
CA GLY O 86 25.58 15.65 52.55
C GLY O 86 25.36 15.40 51.08
N MET O 87 25.05 14.14 50.75
CA MET O 87 24.77 13.73 49.38
C MET O 87 23.40 13.05 49.39
N ILE O 88 22.35 13.80 49.07
CA ILE O 88 21.01 13.24 49.07
C ILE O 88 20.91 12.10 48.06
N TYR O 89 21.58 12.25 46.92
CA TYR O 89 21.47 11.27 45.86
C TYR O 89 22.25 9.99 46.18
N LYS O 90 23.36 10.11 46.89
CA LYS O 90 24.26 8.98 47.10
C LYS O 90 23.93 8.26 48.41
N LYS O 91 24.49 7.06 48.56
CA LYS O 91 24.38 6.30 49.79
C LYS O 91 25.71 5.61 50.06
N TYR O 92 25.88 5.17 51.32
CA TYR O 92 27.19 4.70 51.77
C TYR O 92 27.63 3.45 51.03
N ASP O 93 26.71 2.55 50.73
CA ASP O 93 27.07 1.24 50.18
C ASP O 93 27.73 1.37 48.81
N TYR O 94 27.90 2.59 48.30
CA TYR O 94 28.73 2.79 47.12
C TYR O 94 30.17 2.35 47.35
N LEU O 95 30.60 2.28 48.61
CA LEU O 95 32.00 2.02 48.95
C LEU O 95 32.27 0.56 49.26
N LEU O 96 31.42 -0.36 48.80
CA LEU O 96 31.52 -1.75 49.24
C LEU O 96 32.69 -2.49 48.60
N ASP O 97 32.94 -2.26 47.30
CA ASP O 97 33.92 -3.07 46.58
C ASP O 97 35.26 -2.39 46.39
N LYS O 98 35.39 -1.11 46.75
CA LYS O 98 36.63 -0.37 46.49
C LYS O 98 37.29 0.12 47.77
N ALA O 99 36.53 0.71 48.69
CA ALA O 99 37.08 1.35 49.88
C ALA O 99 36.81 0.57 51.16
N TYR O 100 35.55 0.21 51.42
CA TYR O 100 35.17 -0.47 52.65
C TYR O 100 34.44 -1.76 52.32
N ARG O 101 34.51 -2.71 53.25
CA ARG O 101 33.72 -3.93 53.14
C ARG O 101 32.39 -3.71 53.87
N GLN O 102 31.52 -4.72 53.81
CA GLN O 102 30.17 -4.55 54.32
C GLN O 102 30.16 -4.35 55.83
N LEU O 103 30.84 -5.24 56.57
CA LEU O 103 30.84 -5.14 58.03
C LEU O 103 31.56 -3.87 58.49
N GLU O 104 32.71 -3.56 57.88
CA GLU O 104 33.44 -2.36 58.27
C GLU O 104 32.60 -1.11 58.00
N LEU O 105 31.97 -1.04 56.84
CA LEU O 105 31.16 0.12 56.50
C LEU O 105 29.96 0.23 57.44
N ALA O 106 29.34 -0.89 57.79
CA ALA O 106 28.23 -0.87 58.72
C ALA O 106 28.68 -0.36 60.09
N GLN O 107 29.84 -0.83 60.56
CA GLN O 107 30.36 -0.35 61.84
C GLN O 107 30.62 1.15 61.79
N MET O 108 31.22 1.64 60.69
CA MET O 108 31.51 3.06 60.59
C MET O 108 30.22 3.89 60.56
N VAL O 109 29.22 3.44 59.79
CA VAL O 109 28.02 4.25 59.61
C VAL O 109 27.01 4.10 60.73
N SER O 110 27.19 3.11 61.62
CA SER O 110 26.28 2.97 62.75
C SER O 110 26.42 4.10 63.77
N ASP O 111 27.45 4.94 63.64
CA ASP O 111 27.64 6.05 64.58
C ASP O 111 26.75 7.25 64.28
N PHE O 112 26.07 7.26 63.14
CA PHE O 112 25.17 8.35 62.77
C PHE O 112 23.72 7.91 62.95
N THR O 113 22.83 8.90 62.99
CA THR O 113 21.41 8.66 63.18
C THR O 113 20.61 9.47 62.16
N ILE O 114 19.47 8.89 61.75
CA ILE O 114 18.55 9.55 60.83
C ILE O 114 17.15 9.55 61.45
N HIS O 115 16.55 10.71 61.53
CA HIS O 115 15.15 10.82 61.90
C HIS O 115 14.27 10.58 60.67
N PRO O 116 13.02 10.13 60.86
CA PRO O 116 12.14 9.96 59.70
C PRO O 116 11.91 11.24 58.92
N ALA O 117 12.17 12.41 59.51
CA ALA O 117 12.04 13.66 58.79
C ALA O 117 13.11 13.82 57.71
N HIS O 118 14.22 13.10 57.82
CA HIS O 118 15.28 13.21 56.81
C HIS O 118 14.80 12.73 55.44
N GLN O 119 14.04 11.64 55.41
CA GLN O 119 13.76 10.95 54.17
C GLN O 119 13.15 11.89 53.13
N HIS O 120 13.77 11.94 51.96
CA HIS O 120 13.19 12.68 50.84
C HIS O 120 11.86 12.08 50.43
N PHE O 121 11.78 10.75 50.39
CA PHE O 121 10.54 10.02 50.09
C PHE O 121 10.39 8.97 51.19
N LYS O 122 9.71 9.35 52.27
CA LYS O 122 9.59 8.45 53.41
C LYS O 122 8.89 7.16 53.01
N GLN O 123 7.82 7.25 52.21
CA GLN O 123 7.17 6.06 51.71
C GLN O 123 6.60 5.24 52.87
N TYR O 124 6.04 4.08 52.58
CA TYR O 124 5.61 3.17 53.64
C TYR O 124 6.74 2.29 54.15
N TYR O 125 7.88 2.25 53.46
CA TYR O 125 8.98 1.41 53.89
C TYR O 125 9.53 1.85 55.23
N TYR O 126 9.80 3.15 55.37
CA TYR O 126 10.39 3.69 56.59
C TYR O 126 9.30 3.86 57.62
N GLN O 127 9.20 2.92 58.56
CA GLN O 127 8.16 2.91 59.58
C GLN O 127 8.74 3.22 60.96
N GLU O 128 9.72 4.11 61.03
CA GLU O 128 10.29 4.55 62.29
C GLU O 128 9.61 5.83 62.73
N TRP O 129 9.47 6.00 64.05
CA TRP O 129 8.92 7.21 64.63
C TRP O 129 9.93 7.90 65.54
N ASP O 130 11.20 7.60 65.39
CA ASP O 130 12.25 8.18 66.24
C ASP O 130 13.59 7.96 65.55
N GLU O 131 14.65 8.46 66.18
CA GLU O 131 15.98 8.28 65.63
C GLU O 131 16.41 6.82 65.67
N ARG O 132 17.26 6.45 64.72
CA ARG O 132 17.84 5.11 64.69
C ARG O 132 19.20 5.18 64.02
N ASP O 133 20.04 4.19 64.30
CA ASP O 133 21.37 4.15 63.70
C ASP O 133 21.27 3.93 62.21
N ARG O 134 22.13 4.60 61.46
CA ARG O 134 22.10 4.50 60.01
C ARG O 134 22.60 3.14 59.55
N VAL O 135 22.21 2.77 58.34
CA VAL O 135 22.65 1.55 57.69
C VAL O 135 23.24 1.91 56.34
N ILE O 136 24.08 1.02 55.80
CA ILE O 136 24.77 1.33 54.56
C ILE O 136 23.79 1.61 53.43
N CYS O 137 22.55 1.15 53.54
CA CYS O 137 21.54 1.41 52.52
C CYS O 137 20.95 2.82 52.64
N ASP O 138 21.19 3.52 53.74
CA ASP O 138 20.64 4.85 53.91
C ASP O 138 21.36 5.85 53.02
N HIS O 139 20.59 6.80 52.46
CA HIS O 139 21.19 7.89 51.73
C HIS O 139 21.98 8.80 52.67
N ILE O 140 22.98 9.47 52.10
CA ILE O 140 23.87 10.33 52.88
C ILE O 140 23.12 11.64 53.14
N TYR O 141 22.50 11.75 54.33
CA TYR O 141 21.80 12.97 54.70
C TYR O 141 22.62 13.76 55.72
N PRO O 142 22.55 15.09 55.69
CA PRO O 142 23.20 15.89 56.73
C PRO O 142 22.42 15.78 58.03
N PRO O 143 23.01 16.24 59.14
CA PRO O 143 22.26 16.22 60.41
C PRO O 143 20.98 17.05 60.37
N TYR O 144 20.89 18.01 59.45
CA TYR O 144 19.71 18.86 59.36
C TYR O 144 18.61 18.16 58.55
N PHE O 145 17.36 18.49 58.88
CA PHE O 145 16.23 17.86 58.20
C PHE O 145 16.00 18.43 56.80
N SER O 146 16.36 19.68 56.55
CA SER O 146 16.09 20.31 55.26
C SER O 146 17.12 21.40 55.01
N GLN O 147 17.02 22.01 53.82
CA GLN O 147 17.92 23.11 53.48
C GLN O 147 17.75 24.29 54.42
N ASP O 148 16.51 24.62 54.77
CA ASP O 148 16.26 25.81 55.58
C ASP O 148 16.86 25.67 56.97
N GLN O 149 16.81 24.47 57.56
CA GLN O 149 17.44 24.26 58.85
C GLN O 149 18.96 24.47 58.76
N ALA O 150 19.57 23.97 57.69
CA ALA O 150 21.00 24.18 57.51
C ALA O 150 21.33 25.65 57.34
N LYS O 151 20.52 26.38 56.56
CA LYS O 151 20.74 27.82 56.42
C LYS O 151 20.62 28.51 57.76
N ASN O 152 19.62 28.15 58.55
CA ASN O 152 19.44 28.77 59.86
C ASN O 152 20.62 28.50 60.77
N ALA O 153 21.15 27.27 60.72
CA ALA O 153 22.27 26.90 61.57
C ALA O 153 23.61 27.36 61.02
N ASN O 154 23.69 27.80 59.78
CA ASN O 154 24.94 28.19 59.14
C ASN O 154 24.91 29.63 58.66
N GLY O 155 24.23 30.50 59.41
CA GLY O 155 24.26 31.91 59.10
C GLY O 155 23.49 32.32 57.86
N GLY O 156 22.50 31.53 57.46
CA GLY O 156 21.68 31.88 56.32
C GLY O 156 22.22 31.44 54.97
N VAL O 157 23.29 30.65 54.94
CA VAL O 157 23.86 30.14 53.70
C VAL O 157 23.91 28.62 53.79
N TRP O 158 23.45 27.96 52.73
CA TRP O 158 23.26 26.52 52.76
C TRP O 158 24.53 25.79 52.34
N PRO O 159 25.09 24.91 53.17
CA PRO O 159 26.20 24.07 52.71
C PRO O 159 25.80 23.24 51.51
N THR O 160 26.45 23.49 50.38
CA THR O 160 26.03 22.89 49.13
C THR O 160 26.10 21.37 49.20
N ASP O 161 25.17 20.72 48.51
CA ASP O 161 25.10 19.26 48.46
C ASP O 161 26.20 18.75 47.55
N PHE O 162 27.05 17.85 48.07
CA PHE O 162 28.19 17.38 47.30
C PHE O 162 27.80 16.44 46.17
N SER O 163 26.63 15.82 46.24
CA SER O 163 26.16 15.02 45.13
C SER O 163 26.04 15.90 43.89
N LYS O 164 26.61 15.44 42.78
CA LYS O 164 26.62 16.17 41.51
C LYS O 164 27.54 17.38 41.56
N ILE O 165 28.39 17.50 42.58
CA ILE O 165 29.30 18.64 42.69
C ILE O 165 30.39 18.61 41.63
N LYS O 166 30.47 17.53 40.83
CA LYS O 166 31.49 17.45 39.79
C LYS O 166 31.40 18.62 38.82
N LEU O 167 30.21 19.20 38.67
CA LEU O 167 30.00 20.25 37.68
C LEU O 167 30.42 21.62 38.19
N ARG O 168 31.65 21.72 38.65
CA ARG O 168 32.24 22.98 39.11
C ARG O 168 33.58 23.17 38.43
N PRO O 169 34.06 24.40 38.33
CA PRO O 169 35.31 24.64 37.59
C PRO O 169 36.46 23.83 38.16
N GLY O 170 37.23 23.24 37.25
CA GLY O 170 38.34 22.38 37.64
C GLY O 170 37.95 20.96 37.95
N GLY O 171 36.66 20.62 37.94
CA GLY O 171 36.24 19.27 38.25
C GLY O 171 36.66 18.87 39.64
N ILE O 172 37.32 17.71 39.74
CA ILE O 172 37.74 17.19 41.04
C ILE O 172 38.64 18.19 41.76
N ASN O 173 39.33 19.05 41.02
CA ASN O 173 40.22 20.02 41.64
C ASN O 173 39.45 21.01 42.51
N TYR O 174 38.20 21.30 42.15
CA TYR O 174 37.43 22.31 42.88
C TYR O 174 37.49 22.08 44.37
N ILE O 175 37.02 20.90 44.82
CA ILE O 175 36.99 20.62 46.25
C ILE O 175 38.37 20.81 46.86
N TYR O 176 39.41 20.39 46.14
CA TYR O 176 40.77 20.51 46.67
C TYR O 176 41.16 21.97 46.82
N ASN O 177 40.83 22.81 45.84
CA ASN O 177 41.28 24.19 45.88
C ASN O 177 40.61 24.96 47.01
N ILE O 178 39.28 24.90 47.09
CA ILE O 178 38.57 25.64 48.12
C ILE O 178 38.99 25.16 49.51
N SER O 179 39.14 23.85 49.67
CA SER O 179 39.59 23.33 50.96
C SER O 179 40.93 23.92 51.37
N THR O 180 41.76 24.29 50.40
CA THR O 180 43.13 24.73 50.66
C THR O 180 43.34 26.23 50.48
N GLY O 181 42.65 26.85 49.53
CA GLY O 181 42.92 28.24 49.20
C GLY O 181 42.26 29.24 50.13
N TYR O 182 42.78 29.36 51.35
CA TYR O 182 42.31 30.35 52.30
C TYR O 182 43.41 31.32 52.73
N HIS O 183 44.63 31.15 52.25
CA HIS O 183 45.76 31.92 52.75
C HIS O 183 45.79 33.33 52.17
N PHE O 184 45.23 33.55 50.99
CA PHE O 184 45.30 34.84 50.34
C PHE O 184 44.39 35.85 51.05
N THR O 185 44.74 37.14 50.90
CA THR O 185 43.99 38.23 51.50
C THR O 185 43.25 39.03 50.43
N PRO O 186 42.11 39.65 50.78
CA PRO O 186 41.33 40.35 49.77
C PRO O 186 42.06 41.59 49.29
N PRO O 187 41.80 42.05 48.07
CA PRO O 187 42.38 43.29 47.60
C PRO O 187 41.55 44.49 48.05
N PHE O 188 42.08 45.68 47.81
CA PHE O 188 41.34 46.89 48.12
C PHE O 188 40.09 46.98 47.26
N GLY O 189 39.02 47.50 47.86
CA GLY O 189 37.74 47.60 47.20
C GLY O 189 36.81 46.43 47.46
N MET O 190 37.33 45.32 47.97
CA MET O 190 36.53 44.17 48.35
C MET O 190 36.36 44.14 49.86
N ASP O 191 35.12 44.11 50.32
CA ASP O 191 34.79 44.06 51.74
C ASP O 191 34.24 42.68 52.08
N VAL O 192 34.80 42.06 53.11
CA VAL O 192 34.37 40.74 53.56
C VAL O 192 33.44 40.94 54.75
N PRO O 193 32.14 40.68 54.62
CA PRO O 193 31.23 40.87 55.76
C PRO O 193 31.55 39.92 56.90
N LYS O 194 31.16 40.33 58.10
CA LYS O 194 31.30 39.47 59.26
C LYS O 194 30.59 38.16 59.03
N GLY O 195 31.25 37.05 59.34
CA GLY O 195 30.74 35.73 59.03
C GLY O 195 31.09 35.22 57.66
N LYS O 196 31.78 36.02 56.85
CA LYS O 196 32.23 35.61 55.52
C LYS O 196 33.76 35.59 55.50
N TYR O 197 34.30 34.79 54.60
CA TYR O 197 35.74 34.62 54.47
C TYR O 197 36.15 34.74 53.01
N PHE O 198 37.40 35.11 52.79
CA PHE O 198 37.93 35.33 51.45
C PHE O 198 38.58 34.06 50.94
N ASN O 199 38.03 33.50 49.87
CA ASN O 199 38.57 32.31 49.22
C ASN O 199 38.55 32.54 47.70
N PRO O 200 39.70 32.72 47.05
CA PRO O 200 39.68 33.15 45.65
C PRO O 200 39.00 32.18 44.70
N TYR O 201 38.85 30.91 45.08
CA TYR O 201 38.27 29.92 44.17
C TYR O 201 36.75 29.92 44.16
N PHE O 202 36.11 30.59 45.11
CA PHE O 202 34.65 30.57 45.20
C PHE O 202 34.04 31.70 44.40
N ASP O 203 32.77 31.52 44.03
CA ASP O 203 32.05 32.54 43.28
C ASP O 203 32.14 33.87 43.99
N HIS O 204 32.73 34.85 43.30
CA HIS O 204 32.97 36.20 43.82
C HIS O 204 33.97 36.22 44.96
N MET O 205 34.63 35.10 45.23
CA MET O 205 35.75 35.02 46.18
C MET O 205 35.33 35.33 47.61
N ILE O 206 34.05 35.16 47.94
CA ILE O 206 33.57 35.33 49.31
C ILE O 206 32.75 34.09 49.65
N ILE O 207 33.17 33.36 50.68
CA ILE O 207 32.57 32.08 51.05
C ILE O 207 32.23 32.11 52.52
N GLY O 208 31.06 31.57 52.87
CA GLY O 208 30.61 31.50 54.25
C GLY O 208 31.15 30.35 55.04
N MET O 209 32.03 29.53 54.46
CA MET O 209 32.59 28.38 55.15
C MET O 209 33.89 28.79 55.83
N PRO O 210 33.99 28.74 57.16
CA PRO O 210 35.29 28.94 57.80
C PRO O 210 36.25 27.83 57.44
N ARG O 211 37.54 28.16 57.41
CA ARG O 211 38.55 27.15 57.09
C ARG O 211 38.40 25.96 58.02
N GLN O 212 38.09 24.80 57.44
CA GLN O 212 37.79 23.62 58.22
C GLN O 212 39.00 22.74 58.46
N LEU O 213 39.87 22.60 57.46
CA LEU O 213 41.00 21.67 57.56
C LEU O 213 42.14 22.32 58.33
N VAL O 214 42.52 21.71 59.46
CA VAL O 214 43.67 22.12 60.24
C VAL O 214 44.50 20.87 60.53
N ASP O 215 45.82 21.02 60.51
CA ASP O 215 46.70 19.88 60.67
C ASP O 215 46.39 19.14 61.97
N GLY O 216 46.29 17.82 61.88
CA GLY O 216 45.95 17.01 63.03
C GLY O 216 44.48 16.91 63.33
N LEU O 217 43.62 17.44 62.44
CA LEU O 217 42.19 17.43 62.71
C LEU O 217 41.66 16.00 62.77
N VAL O 218 42.09 15.14 61.86
CA VAL O 218 41.57 13.79 61.74
C VAL O 218 42.72 12.81 61.94
N ASP O 219 42.50 11.82 62.80
CA ASP O 219 43.46 10.74 63.03
C ASP O 219 43.05 9.55 62.16
N TYR O 220 43.83 9.29 61.12
CA TYR O 220 43.48 8.23 60.18
C TYR O 220 43.63 6.86 60.83
N ASP O 221 42.88 5.90 60.28
CA ASP O 221 42.97 4.51 60.75
C ASP O 221 44.24 3.83 60.27
N ASP O 222 44.78 4.26 59.13
CA ASP O 222 45.97 3.65 58.56
C ASP O 222 47.26 4.32 59.00
N GLY O 223 47.19 5.32 59.88
CA GLY O 223 48.38 5.98 60.37
C GLY O 223 48.95 7.03 59.45
N THR O 224 48.29 7.34 58.34
CA THR O 224 48.81 8.33 57.43
C THR O 224 48.91 9.69 58.14
N PRO O 225 49.97 10.46 57.89
CA PRO O 225 50.05 11.79 58.51
C PRO O 225 48.86 12.65 58.14
N ALA O 226 48.36 13.39 59.12
CA ALA O 226 47.15 14.19 58.97
C ALA O 226 47.56 15.66 58.82
N SER O 227 47.65 16.12 57.58
CA SER O 227 47.92 17.51 57.26
C SER O 227 46.84 18.02 56.31
N THR O 228 46.57 19.32 56.38
CA THR O 228 45.47 19.87 55.59
C THR O 228 45.58 19.53 54.11
N PRO O 229 46.76 19.52 53.47
CA PRO O 229 46.78 19.13 52.05
C PRO O 229 46.39 17.67 51.84
N GLN O 230 46.89 16.78 52.69
CA GLN O 230 46.54 15.37 52.57
C GLN O 230 45.05 15.15 52.82
N MET O 231 44.50 15.81 53.84
CA MET O 231 43.07 15.67 54.11
C MET O 231 42.25 16.20 52.94
N ALA O 232 42.65 17.35 52.37
CA ALA O 232 41.95 17.87 51.21
C ALA O 232 42.01 16.91 50.04
N TYR O 233 43.18 16.30 49.82
CA TYR O 233 43.34 15.35 48.73
C TYR O 233 42.45 14.14 48.91
N ASP O 234 42.43 13.57 50.13
CA ASP O 234 41.59 12.41 50.39
C ASP O 234 40.12 12.76 50.22
N VAL O 235 39.71 13.92 50.74
CA VAL O 235 38.30 14.32 50.63
C VAL O 235 37.92 14.52 49.18
N SER O 236 38.79 15.15 48.40
CA SER O 236 38.50 15.35 46.98
C SER O 236 38.36 14.01 46.27
N ASN O 237 39.24 13.07 46.56
CA ASN O 237 39.15 11.75 45.93
C ASN O 237 37.84 11.07 46.29
N PHE O 238 37.45 11.11 47.56
CA PHE O 238 36.20 10.48 47.96
C PHE O 238 35.00 11.16 47.30
N ILE O 239 34.98 12.49 47.28
CA ILE O 239 33.86 13.21 46.70
C ILE O 239 33.75 12.88 45.22
N ASN O 240 34.89 12.73 44.54
CA ASN O 240 34.84 12.37 43.12
C ASN O 240 34.42 10.93 42.92
N PHE O 241 34.72 10.05 43.89
CA PHE O 241 34.37 8.64 43.75
C PHE O 241 32.86 8.43 43.68
N MET O 242 32.06 9.36 44.19
CA MET O 242 30.62 9.19 44.28
C MET O 242 29.88 9.71 43.05
N GLN O 243 30.58 10.34 42.11
CA GLN O 243 29.92 10.88 40.92
C GLN O 243 29.58 9.75 39.95
N ARG O 244 28.71 10.06 38.98
CA ARG O 244 28.18 9.01 38.11
C ARG O 244 29.00 8.84 36.84
N ARG O 245 29.12 9.88 36.03
CA ARG O 245 29.91 9.77 34.79
C ARG O 245 31.39 9.72 35.12
N VAL O 246 31.85 10.61 35.98
CA VAL O 246 33.18 10.52 36.54
C VAL O 246 33.08 9.76 37.86
N GLY O 247 34.21 9.23 38.31
CA GLY O 247 34.23 8.53 39.58
C GLY O 247 34.44 7.04 39.46
N TYR O 248 33.70 6.26 40.26
CA TYR O 248 33.99 4.85 40.40
C TYR O 248 33.84 4.07 39.10
N LYS O 249 33.13 4.61 38.11
CA LYS O 249 32.91 3.91 36.86
C LYS O 249 33.72 4.45 35.69
N ARG O 250 34.34 5.62 35.83
CA ARG O 250 35.07 6.20 34.69
C ARG O 250 36.24 5.35 34.24
N PRO O 251 37.14 4.89 35.11
CA PRO O 251 38.34 4.17 34.60
C PRO O 251 38.01 2.95 33.77
N ASP O 252 37.02 2.16 34.18
CA ASP O 252 36.64 0.99 33.40
C ASP O 252 36.09 1.39 32.05
N LYS O 253 35.31 2.47 32.00
CA LYS O 253 34.79 2.95 30.72
C LYS O 253 35.92 3.46 29.83
N MET O 254 36.94 4.08 30.40
CA MET O 254 38.10 4.48 29.61
C MET O 254 38.81 3.28 29.02
N VAL O 255 39.00 2.24 29.82
CA VAL O 255 39.61 1.01 29.31
C VAL O 255 38.76 0.42 28.19
N ARG O 256 37.43 0.49 28.36
CA ARG O 256 36.52 -0.02 27.33
C ARG O 256 36.64 0.78 26.04
N TYR O 257 36.76 2.11 26.15
CA TYR O 257 36.95 2.93 24.96
C TYR O 257 38.25 2.56 24.26
N TYR O 258 39.32 2.33 25.02
CA TYR O 258 40.58 1.90 24.43
C TYR O 258 40.39 0.60 23.67
N MET O 259 39.69 -0.36 24.29
CA MET O 259 39.48 -1.66 23.65
C MET O 259 38.67 -1.53 22.36
N VAL O 260 37.62 -0.71 22.39
CA VAL O 260 36.78 -0.55 21.21
C VAL O 260 37.55 0.15 20.09
N PHE O 261 38.37 1.15 20.45
CA PHE O 261 39.19 1.82 19.45
C PHE O 261 40.19 0.85 18.82
N THR O 262 40.78 -0.02 19.64
CA THR O 262 41.67 -1.05 19.12
C THR O 262 40.92 -1.97 18.15
N GLY O 263 39.71 -2.36 18.53
CA GLY O 263 38.92 -3.22 17.65
C GLY O 263 38.63 -2.56 16.31
N GLY O 264 38.27 -1.27 16.34
CA GLY O 264 38.03 -0.56 15.09
C GLY O 264 39.27 -0.46 14.23
N LEU O 265 40.41 -0.13 14.84
CA LEU O 265 41.65 -0.08 14.08
C LEU O 265 41.95 -1.42 13.44
N LEU O 266 41.74 -2.51 14.18
CA LEU O 266 42.03 -3.84 13.65
C LEU O 266 41.02 -4.27 12.61
N ILE O 267 39.79 -3.74 12.64
CA ILE O 267 38.79 -4.11 11.64
C ILE O 267 38.91 -3.28 10.37
N LEU O 268 39.58 -2.12 10.42
CA LEU O 268 39.69 -1.29 9.22
C LEU O 268 40.24 -2.05 8.01
N PRO O 269 41.32 -2.83 8.11
CA PRO O 269 41.81 -3.53 6.90
C PRO O 269 40.79 -4.46 6.29
N PHE O 270 40.02 -5.17 7.12
CA PHE O 270 39.03 -6.09 6.58
C PHE O 270 37.88 -5.34 5.92
N LYS O 271 37.50 -4.18 6.47
CA LYS O 271 36.56 -3.31 5.79
C LYS O 271 37.11 -2.91 4.42
N TYR O 272 38.38 -2.53 4.37
CA TYR O 272 38.98 -2.15 3.09
C TYR O 272 38.87 -3.30 2.09
N PHE O 273 39.28 -4.50 2.50
CA PHE O 273 39.20 -5.65 1.61
C PHE O 273 37.77 -5.88 1.13
N LYS O 274 36.81 -5.81 2.06
CA LYS O 274 35.44 -6.17 1.73
C LYS O 274 34.72 -5.10 0.91
N THR O 275 35.18 -3.85 0.93
CA THR O 275 34.49 -2.78 0.24
C THR O 275 35.26 -2.22 -0.94
N LYS O 276 36.47 -1.68 -0.71
CA LYS O 276 37.09 -0.85 -1.74
C LYS O 276 37.84 -1.68 -2.76
N ALA O 277 38.66 -2.62 -2.30
CA ALA O 277 39.29 -3.56 -3.21
C ALA O 277 38.24 -4.37 -3.97
N TYR O 278 37.13 -4.70 -3.29
CA TYR O 278 36.07 -5.43 -3.95
C TYR O 278 35.42 -4.60 -5.06
N TYR O 279 35.14 -3.32 -4.80
CA TYR O 279 34.61 -2.46 -5.84
C TYR O 279 35.58 -2.35 -7.00
N ARG O 280 36.86 -2.19 -6.70
CA ARG O 280 37.86 -2.11 -7.77
C ARG O 280 37.88 -3.40 -8.60
N ASN O 281 37.69 -4.54 -7.94
CA ASN O 281 37.59 -5.81 -8.66
C ASN O 281 36.36 -5.83 -9.56
N LEU O 282 35.23 -5.35 -9.05
CA LEU O 282 33.99 -5.38 -9.85
C LEU O 282 34.06 -4.43 -11.04
N LEU O 283 34.87 -3.38 -10.95
CA LEU O 283 34.96 -2.39 -12.01
C LEU O 283 35.90 -2.81 -13.14
N SER O 284 36.58 -3.95 -13.00
CA SER O 284 37.49 -4.45 -14.03
C SER O 284 36.64 -5.04 -15.16
N LEU O 285 36.13 -4.16 -16.01
CA LEU O 285 35.24 -4.53 -17.10
C LEU O 285 35.90 -4.23 -18.43
N ARG O 286 35.49 -4.99 -19.45
CA ARG O 286 35.85 -4.73 -20.83
C ARG O 286 34.60 -4.33 -21.61
N TRP O 287 34.72 -3.30 -22.43
CA TRP O 287 33.62 -2.79 -23.22
C TRP O 287 34.00 -2.81 -24.69
N GLU O 288 32.99 -3.04 -25.54
CA GLU O 288 33.21 -3.15 -26.97
C GLU O 288 31.97 -2.62 -27.68
N MET O 289 32.14 -1.58 -28.49
CA MET O 289 31.05 -0.99 -29.26
C MET O 289 31.28 -1.29 -30.73
N TYR O 290 30.29 -1.90 -31.37
CA TYR O 290 30.38 -2.35 -32.76
C TYR O 290 29.44 -1.55 -33.64
N ALA O 291 29.62 -1.72 -34.94
CA ALA O 291 28.79 -1.06 -35.95
C ALA O 291 27.67 -2.01 -36.36
N VAL O 292 26.46 -1.75 -35.88
CA VAL O 292 25.29 -2.54 -36.23
C VAL O 292 24.52 -1.72 -37.27
N ARG O 293 24.63 -2.14 -38.53
CA ARG O 293 23.99 -1.43 -39.63
C ARG O 293 22.94 -2.31 -40.32
N ASP O 294 22.27 -3.17 -39.55
CA ASP O 294 21.13 -3.90 -40.06
C ASP O 294 19.94 -2.94 -40.24
N GLY O 295 18.99 -3.35 -41.07
CA GLY O 295 17.86 -2.50 -41.37
C GLY O 295 16.98 -2.17 -40.18
N VAL O 296 17.13 -2.89 -39.08
CA VAL O 296 16.26 -2.68 -37.93
C VAL O 296 16.40 -1.24 -37.43
N TYR O 297 15.25 -0.63 -37.13
CA TYR O 297 15.21 0.71 -36.59
C TYR O 297 15.21 0.66 -35.06
N TYR O 298 15.60 1.77 -34.44
CA TYR O 298 15.68 1.86 -32.98
C TYR O 298 14.35 2.36 -32.43
N ASN O 299 13.33 1.51 -32.58
CA ASN O 299 11.99 1.87 -32.12
C ASN O 299 11.93 1.96 -30.60
N HIS O 300 12.65 1.08 -29.89
CA HIS O 300 12.57 1.05 -28.44
C HIS O 300 13.06 2.37 -27.83
N PHE O 301 14.14 2.93 -28.37
CA PHE O 301 14.59 4.24 -27.90
C PHE O 301 13.54 5.30 -28.21
N LYS O 302 12.96 5.27 -29.40
CA LYS O 302 12.00 6.30 -29.79
C LYS O 302 10.68 6.13 -29.04
N TYR O 303 10.24 4.90 -28.86
CA TYR O 303 8.99 4.59 -28.16
C TYR O 303 9.32 3.62 -27.04
N GLY O 304 9.66 4.16 -25.87
CA GLY O 304 9.99 3.31 -24.75
C GLY O 304 10.34 4.13 -23.53
N GLY O 305 10.63 3.44 -22.45
CA GLY O 305 11.03 4.08 -21.21
C GLY O 305 9.86 4.30 -20.28
N TYR O 306 10.17 4.30 -18.98
CA TYR O 306 9.18 4.53 -17.94
C TYR O 306 9.78 5.39 -16.85
N ASN O 307 8.91 6.06 -16.10
CA ASN O 307 9.33 6.89 -14.98
C ASN O 307 8.44 6.59 -13.78
N SER O 308 9.06 6.36 -12.62
CA SER O 308 8.29 6.01 -11.43
C SER O 308 7.35 7.14 -11.03
N ARG O 309 7.83 8.38 -11.06
CA ARG O 309 7.07 9.54 -10.63
C ARG O 309 6.25 10.16 -11.75
N ALA O 310 5.90 9.39 -12.78
CA ALA O 310 5.11 9.94 -13.87
C ALA O 310 3.78 10.49 -13.38
N TYR O 311 3.21 9.90 -12.33
CA TYR O 311 1.95 10.41 -11.81
C TYR O 311 2.13 11.80 -11.21
N GLN O 312 3.33 12.13 -10.76
CA GLN O 312 3.61 13.48 -10.27
C GLN O 312 3.86 14.47 -11.37
N PHE O 313 4.12 14.01 -12.60
CA PHE O 313 4.34 14.89 -13.74
C PHE O 313 3.13 14.99 -14.65
N ARG O 314 2.30 13.95 -14.72
CA ARG O 314 1.16 13.95 -15.61
C ARG O 314 0.15 15.00 -15.18
N GLY O 315 -0.26 15.85 -16.11
CA GLY O 315 -1.23 16.88 -15.84
C GLY O 315 -0.69 18.10 -15.14
N TYR O 316 0.61 18.17 -14.89
CA TYR O 316 1.21 19.28 -14.16
C TYR O 316 2.33 19.98 -14.91
N PHE O 317 3.17 19.24 -15.62
CA PHE O 317 4.39 19.77 -16.20
C PHE O 317 4.39 19.65 -17.71
N TRP O 318 5.10 20.59 -18.36
CA TRP O 318 5.44 20.49 -19.78
C TRP O 318 4.19 20.28 -20.64
N ALA O 319 3.32 21.27 -20.59
CA ALA O 319 2.13 21.29 -21.43
C ALA O 319 1.49 22.67 -21.39
N GLY P 25 59.18 -12.33 -0.14
CA GLY P 25 58.87 -12.15 1.27
C GLY P 25 57.57 -11.40 1.48
N VAL P 26 57.24 -11.15 2.76
CA VAL P 26 56.02 -10.42 3.08
C VAL P 26 56.07 -9.02 2.48
N LEU P 27 57.20 -8.33 2.62
CA LEU P 27 57.37 -6.98 2.11
C LEU P 27 57.93 -6.95 0.69
N SER P 28 58.25 -8.11 0.11
CA SER P 28 58.81 -8.13 -1.24
C SER P 28 57.83 -7.62 -2.28
N GLU P 29 56.53 -7.68 -2.01
CA GLU P 29 55.55 -7.20 -2.99
C GLU P 29 55.75 -5.73 -3.28
N TYR P 30 55.91 -4.92 -2.23
CA TYR P 30 56.11 -3.48 -2.42
C TYR P 30 57.39 -3.20 -3.21
N ASN P 31 58.47 -3.89 -2.86
CA ASN P 31 59.75 -3.66 -3.56
C ASN P 31 59.64 -4.03 -5.03
N GLN P 32 59.03 -5.19 -5.33
CA GLN P 32 58.92 -5.62 -6.72
C GLN P 32 57.99 -4.71 -7.52
N ARG P 33 56.85 -4.32 -6.93
CA ARG P 33 55.89 -3.50 -7.64
C ARG P 33 56.41 -2.09 -7.90
N LEU P 34 57.40 -1.62 -7.15
CA LEU P 34 57.91 -0.27 -7.35
C LEU P 34 58.37 -0.06 -8.79
N SER P 35 58.86 -1.11 -9.44
CA SER P 35 59.29 -1.03 -10.83
C SER P 35 58.08 -1.29 -11.72
N LYS P 36 57.30 -0.24 -11.98
CA LYS P 36 56.11 -0.33 -12.80
C LYS P 36 56.00 0.89 -13.70
N LYS P 37 55.38 0.70 -14.87
CA LYS P 37 55.12 1.78 -15.81
C LYS P 37 53.65 2.15 -15.71
N LEU P 38 53.35 3.23 -14.99
CA LEU P 38 51.98 3.66 -14.75
C LEU P 38 51.91 5.17 -14.86
N HIS P 39 50.80 5.66 -15.40
CA HIS P 39 50.62 7.09 -15.65
C HIS P 39 50.09 7.75 -14.38
N LYS P 40 50.94 8.54 -13.73
CA LYS P 40 50.56 9.30 -12.54
C LYS P 40 49.91 8.39 -11.49
N GLY P 41 50.51 7.22 -11.29
CA GLY P 41 50.03 6.28 -10.31
C GLY P 41 48.88 5.40 -10.74
N HIS P 42 48.46 5.48 -12.00
CA HIS P 42 47.37 4.67 -12.53
C HIS P 42 47.90 3.79 -13.67
N LEU P 43 47.57 2.50 -13.61
CA LEU P 43 48.01 1.55 -14.62
C LEU P 43 47.07 1.63 -15.80
N VAL P 44 47.50 2.33 -16.85
CA VAL P 44 46.68 2.57 -18.03
C VAL P 44 47.47 2.20 -19.27
N GLU P 45 46.75 1.99 -20.37
CA GLU P 45 47.37 1.68 -21.64
C GLU P 45 48.11 2.92 -22.17
N ASP P 46 49.21 2.66 -22.88
CA ASP P 46 50.00 3.72 -23.47
C ASP P 46 49.51 4.14 -24.85
N LYS P 47 48.52 3.46 -25.40
CA LYS P 47 47.98 3.78 -26.71
C LYS P 47 46.57 3.23 -26.80
N PRO P 48 45.75 3.72 -27.73
CA PRO P 48 44.40 3.18 -27.87
C PRO P 48 44.43 1.69 -28.15
N THR P 49 43.50 0.96 -27.51
CA THR P 49 43.38 -0.47 -27.69
C THR P 49 41.92 -0.82 -27.96
N PHE P 50 41.71 -1.78 -28.86
CA PHE P 50 40.37 -2.22 -29.23
C PHE P 50 40.33 -3.73 -29.21
N PHE P 51 39.34 -4.29 -28.52
CA PHE P 51 39.15 -5.72 -28.42
C PHE P 51 37.82 -6.10 -29.06
N VAL P 52 37.84 -7.20 -29.80
CA VAL P 52 36.63 -7.71 -30.45
C VAL P 52 36.47 -9.19 -30.07
N THR P 53 35.23 -9.64 -30.08
CA THR P 53 34.90 -11.03 -29.76
C THR P 53 34.46 -11.72 -31.05
N SER P 54 35.18 -12.78 -31.41
CA SER P 54 34.86 -13.51 -32.64
C SER P 54 33.53 -14.24 -32.57
N SER P 55 32.95 -14.40 -31.38
CA SER P 55 31.67 -15.06 -31.20
C SER P 55 30.51 -14.08 -31.13
N ARG P 56 30.72 -12.84 -31.59
CA ARG P 56 29.67 -11.84 -31.56
C ARG P 56 28.58 -12.18 -32.58
N PRO P 57 27.38 -11.62 -32.41
CA PRO P 57 26.34 -11.81 -33.42
C PRO P 57 26.77 -11.31 -34.78
N GLY P 58 26.25 -11.97 -35.82
CA GLY P 58 26.61 -11.59 -37.18
C GLY P 58 26.24 -10.16 -37.51
N ASN P 59 25.11 -9.69 -36.97
CA ASN P 59 24.65 -8.33 -37.28
C ASN P 59 25.56 -7.26 -36.70
N PHE P 60 26.50 -7.62 -35.82
CA PHE P 60 27.51 -6.67 -35.37
C PHE P 60 28.56 -6.51 -36.46
N GLY P 61 29.02 -5.27 -36.63
CA GLY P 61 30.06 -4.95 -37.59
C GLY P 61 31.43 -4.86 -36.94
N ASP P 62 32.29 -4.05 -37.54
CA ASP P 62 33.62 -3.82 -36.98
C ASP P 62 33.52 -2.92 -35.74
N HIS P 63 34.59 -2.93 -34.95
CA HIS P 63 34.61 -2.13 -33.73
C HIS P 63 34.61 -0.64 -34.09
N ILE P 64 33.78 0.13 -33.38
CA ILE P 64 33.70 1.56 -33.62
C ILE P 64 34.99 2.22 -33.17
N ASP P 65 35.38 3.29 -33.87
CA ASP P 65 36.64 3.97 -33.57
C ASP P 65 36.66 4.54 -32.16
N PHE P 66 35.50 4.72 -31.54
CA PHE P 66 35.45 5.25 -30.19
C PHE P 66 36.26 4.38 -29.24
N LYS P 67 37.10 5.01 -28.42
CA LYS P 67 37.94 4.31 -27.45
C LYS P 67 37.12 4.13 -26.17
N VAL P 68 36.43 3.00 -26.09
CA VAL P 68 35.55 2.75 -24.94
C VAL P 68 36.39 2.54 -23.68
N ASN P 69 37.53 1.87 -23.80
CA ASN P 69 38.37 1.53 -22.66
C ASN P 69 39.61 2.41 -22.63
N ILE P 70 39.90 2.99 -21.46
CA ILE P 70 41.13 3.74 -21.25
C ILE P 70 42.12 2.84 -20.54
N ASP P 71 41.62 1.87 -19.77
CA ASP P 71 42.44 0.98 -18.99
C ASP P 71 42.13 -0.47 -19.33
N ASN P 72 43.15 -1.32 -19.23
CA ASN P 72 43.04 -2.74 -19.53
C ASN P 72 43.00 -3.58 -18.26
N TRP P 73 42.31 -3.09 -17.22
CA TRP P 73 42.27 -3.79 -15.94
C TRP P 73 41.68 -5.20 -16.06
N PHE P 74 40.92 -5.47 -17.12
CA PHE P 74 40.33 -6.80 -17.27
C PHE P 74 41.40 -7.87 -17.36
N ASP P 75 42.49 -7.60 -18.09
CA ASP P 75 43.62 -8.52 -18.15
C ASP P 75 44.63 -8.29 -17.03
N GLU P 76 44.91 -7.02 -16.71
CA GLU P 76 45.88 -6.73 -15.66
C GLU P 76 45.40 -7.25 -14.31
N ASN P 77 44.12 -7.05 -13.99
CA ASN P 77 43.57 -7.47 -12.70
C ASN P 77 43.28 -8.98 -12.76
N ARG P 78 44.36 -9.75 -12.72
CA ARG P 78 44.26 -11.20 -12.81
C ARG P 78 45.36 -11.85 -11.98
N VAL P 79 44.98 -12.83 -11.17
CA VAL P 79 45.92 -13.83 -10.65
C VAL P 79 45.63 -15.11 -11.41
N HIS P 80 46.61 -15.55 -12.20
CA HIS P 80 46.34 -16.60 -13.19
C HIS P 80 46.18 -17.95 -12.51
N ASN P 81 45.05 -18.13 -11.83
CA ASN P 81 44.74 -19.35 -11.09
C ASN P 81 43.38 -19.89 -11.52
N GLU P 82 43.16 -19.98 -12.83
CA GLU P 82 41.93 -20.59 -13.32
C GLU P 82 41.73 -21.96 -12.68
N HIS P 83 42.80 -22.76 -12.64
CA HIS P 83 42.85 -23.89 -11.73
C HIS P 83 42.97 -23.38 -10.30
N GLU P 84 42.34 -24.09 -9.37
CA GLU P 84 42.41 -23.74 -7.96
C GLU P 84 41.57 -22.50 -7.65
N THR P 85 40.51 -22.26 -8.42
CA THR P 85 39.66 -21.10 -8.18
C THR P 85 38.92 -21.22 -6.85
N ASP P 86 38.51 -22.44 -6.51
CA ASP P 86 37.74 -22.63 -5.28
C ASP P 86 38.53 -22.22 -4.05
N ILE P 87 39.86 -22.35 -4.09
CA ILE P 87 40.66 -21.91 -2.94
C ILE P 87 40.56 -20.41 -2.78
N ARG P 88 40.62 -19.66 -3.89
CA ARG P 88 40.47 -18.21 -3.80
C ARG P 88 39.06 -17.84 -3.33
N ARG P 89 38.06 -18.60 -3.77
CA ARG P 89 36.70 -18.35 -3.29
C ARG P 89 36.61 -18.56 -1.78
N THR P 90 37.24 -19.62 -1.28
CA THR P 90 37.27 -19.87 0.17
C THR P 90 38.00 -18.75 0.89
N GLN P 91 39.09 -18.25 0.31
CA GLN P 91 39.81 -17.13 0.92
C GLN P 91 38.92 -15.90 1.04
N ILE P 92 38.18 -15.59 -0.02
CA ILE P 92 37.28 -14.45 0.01
C ILE P 92 36.20 -14.65 1.07
N TYR P 93 35.64 -15.87 1.12
CA TYR P 93 34.64 -16.17 2.15
C TYR P 93 35.22 -15.99 3.54
N THR P 94 36.47 -16.40 3.74
CA THR P 94 37.09 -16.26 5.06
C THR P 94 37.27 -14.79 5.44
N LEU P 95 37.70 -13.97 4.50
CA LEU P 95 37.82 -12.53 4.79
C LEU P 95 36.47 -11.94 5.15
N ASN P 96 35.44 -12.28 4.38
CA ASN P 96 34.09 -11.82 4.71
C ASN P 96 33.68 -12.30 6.09
N ALA P 97 34.04 -13.54 6.43
CA ALA P 97 33.69 -14.09 7.73
C ALA P 97 34.36 -13.31 8.85
N ILE P 98 35.62 -12.92 8.67
CA ILE P 98 36.31 -12.14 9.69
C ILE P 98 35.62 -10.79 9.89
N TYR P 99 35.30 -10.11 8.78
CA TYR P 99 34.62 -8.82 8.90
C TYR P 99 33.28 -8.97 9.62
N TYR P 100 32.48 -9.94 9.18
CA TYR P 100 31.18 -10.17 9.81
C TYR P 100 31.32 -10.57 11.26
N GLY P 101 32.38 -11.31 11.61
CA GLY P 101 32.59 -11.69 12.99
C GLY P 101 32.88 -10.49 13.88
N GLY P 102 33.69 -9.55 13.39
CA GLY P 102 33.90 -8.33 14.15
C GLY P 102 32.61 -7.56 14.35
N LEU P 103 31.84 -7.38 13.27
CA LEU P 103 30.58 -6.66 13.40
C LEU P 103 29.63 -7.37 14.35
N LEU P 104 29.58 -8.69 14.29
CA LEU P 104 28.69 -9.45 15.17
C LEU P 104 29.16 -9.40 16.61
N SER P 105 30.47 -9.29 16.85
CA SER P 105 30.95 -9.09 18.21
C SER P 105 30.44 -7.77 18.77
N PHE P 106 30.50 -6.70 17.97
CA PHE P 106 29.95 -5.43 18.43
C PHE P 106 28.45 -5.55 18.67
N ALA P 107 27.73 -6.22 17.77
CA ALA P 107 26.30 -6.42 17.94
C ALA P 107 26.00 -7.20 19.21
N ARG P 108 26.83 -8.19 19.53
CA ARG P 108 26.64 -8.95 20.75
C ARG P 108 26.87 -8.08 21.98
N LEU P 109 27.83 -7.16 21.90
CA LEU P 109 27.98 -6.19 23.00
C LEU P 109 26.70 -5.41 23.20
N TYR P 110 26.13 -4.91 22.11
CA TYR P 110 24.89 -4.13 22.21
C TYR P 110 23.76 -4.97 22.80
N ALA P 111 23.63 -6.22 22.34
CA ALA P 111 22.57 -7.09 22.84
C ALA P 111 22.77 -7.43 24.31
N MET P 112 24.01 -7.68 24.72
CA MET P 112 24.30 -7.87 26.14
C MET P 112 23.84 -6.66 26.93
N GLY P 113 24.14 -5.46 26.44
CA GLY P 113 23.71 -4.27 27.15
C GLY P 113 22.21 -4.21 27.30
N VAL P 114 21.48 -4.46 26.21
CA VAL P 114 20.03 -4.37 26.25
C VAL P 114 19.46 -5.39 27.24
N ILE P 115 19.87 -6.64 27.13
CA ILE P 115 19.29 -7.69 27.96
C ILE P 115 19.66 -7.46 29.42
N GLY P 116 20.90 -7.08 29.70
CA GLY P 116 21.29 -6.79 31.07
C GLY P 116 20.51 -5.62 31.64
N ARG P 117 20.19 -4.62 30.83
CA ARG P 117 19.32 -3.55 31.29
C ARG P 117 17.93 -4.10 31.64
N LEU P 118 17.40 -4.99 30.81
CA LEU P 118 16.09 -5.56 31.10
C LEU P 118 16.12 -6.41 32.37
N ASN P 119 17.18 -7.19 32.56
CA ASN P 119 17.32 -8.03 33.75
C ASN P 119 18.14 -7.28 34.78
N GLY P 120 17.48 -6.82 35.85
CA GLY P 120 18.17 -6.08 36.90
C GLY P 120 19.40 -6.82 37.40
N TRP P 121 20.29 -6.10 38.07
CA TRP P 121 21.53 -6.65 38.58
C TRP P 121 21.59 -6.50 40.09
N LYS P 122 21.89 -7.61 40.78
CA LYS P 122 22.03 -7.63 42.23
C LYS P 122 23.51 -7.49 42.55
N ARG P 123 23.93 -6.27 42.88
CA ARG P 123 25.37 -5.99 43.00
C ARG P 123 25.95 -6.56 44.30
N TYR P 124 25.16 -6.70 45.35
CA TYR P 124 25.64 -7.35 46.56
C TYR P 124 24.46 -7.84 47.37
N GLU P 125 24.72 -8.77 48.28
CA GLU P 125 23.70 -9.39 49.09
C GLU P 125 23.62 -8.67 50.44
N ARG P 126 22.43 -8.15 50.76
CA ARG P 126 22.26 -7.43 52.01
C ARG P 126 22.40 -8.37 53.20
N ASP P 127 23.06 -7.89 54.23
CA ASP P 127 23.31 -8.71 55.42
C ASP P 127 21.99 -9.15 56.05
N THR P 128 21.94 -10.44 56.40
CA THR P 128 20.80 -10.99 57.13
C THR P 128 21.26 -11.89 58.28
N TYR P 129 22.55 -11.93 58.55
CA TYR P 129 23.08 -12.80 59.61
C TYR P 129 22.50 -12.41 60.95
N SER P 130 22.23 -13.41 61.78
CA SER P 130 21.68 -13.19 63.11
C SER P 130 22.14 -14.32 64.02
N GLU P 131 22.10 -14.04 65.33
CA GLU P 131 22.46 -15.02 66.34
C GLU P 131 21.41 -15.03 67.43
N VAL P 132 21.00 -16.22 67.86
CA VAL P 132 19.98 -16.40 68.87
C VAL P 132 20.54 -17.25 70.00
N ASP P 133 20.40 -16.78 71.23
CA ASP P 133 20.83 -17.53 72.40
C ASP P 133 19.74 -18.53 72.78
N ILE P 134 20.07 -19.82 72.74
CA ILE P 134 19.11 -20.89 73.00
C ILE P 134 19.63 -21.92 73.99
N GLY P 135 20.84 -21.75 74.52
CA GLY P 135 21.37 -22.73 75.46
C GLY P 135 20.49 -22.90 76.68
N ALA P 136 19.96 -21.80 77.21
CA ALA P 136 19.17 -21.84 78.44
C ALA P 136 17.75 -22.35 78.21
N LEU P 137 17.34 -22.57 76.97
CA LEU P 137 15.98 -23.05 76.72
C LEU P 137 15.77 -24.40 77.39
N PRO P 138 14.73 -24.56 78.21
CA PRO P 138 14.43 -25.88 78.77
C PRO P 138 14.11 -26.88 77.67
N PRO P 139 14.50 -28.14 77.82
CA PRO P 139 14.17 -29.13 76.79
C PRO P 139 12.66 -29.27 76.62
N GLY P 140 12.25 -29.62 75.40
CA GLY P 140 10.84 -29.77 75.09
C GLY P 140 10.07 -28.48 75.13
N GLU P 141 10.66 -27.38 74.65
CA GLU P 141 10.02 -26.09 74.61
C GLU P 141 10.21 -25.47 73.24
N VAL P 142 9.21 -24.71 72.80
CA VAL P 142 9.23 -24.01 71.52
C VAL P 142 9.30 -22.51 71.80
N MET P 143 10.29 -21.85 71.20
CA MET P 143 10.45 -20.41 71.33
C MET P 143 10.25 -19.76 69.96
N GLN P 144 9.51 -18.66 69.96
CA GLN P 144 9.20 -17.91 68.74
C GLN P 144 10.14 -16.72 68.64
N MET P 145 10.74 -16.54 67.46
CA MET P 145 11.65 -15.44 67.21
C MET P 145 11.29 -14.77 65.89
N VAL P 146 11.82 -13.56 65.70
CA VAL P 146 11.60 -12.79 64.48
C VAL P 146 12.93 -12.71 63.74
N TRP P 147 12.97 -13.29 62.55
CA TRP P 147 14.16 -13.26 61.71
C TRP P 147 13.75 -12.77 60.32
N ASN P 148 14.47 -11.77 59.82
CA ASN P 148 14.10 -11.11 58.56
C ASN P 148 12.66 -10.62 58.62
N GLY P 149 12.22 -10.20 59.80
CA GLY P 149 10.85 -9.78 59.99
C GLY P 149 9.83 -10.87 59.72
N THR P 150 10.16 -12.11 60.03
CA THR P 150 9.25 -13.23 59.85
C THR P 150 9.30 -14.13 61.07
N PRO P 151 8.20 -14.79 61.41
CA PRO P 151 8.22 -15.71 62.56
C PRO P 151 9.05 -16.94 62.28
N ILE P 152 9.68 -17.46 63.35
CA ILE P 152 10.43 -18.70 63.28
C ILE P 152 10.27 -19.42 64.62
N PHE P 153 10.19 -20.75 64.57
CA PHE P 153 10.06 -21.58 65.76
C PHE P 153 11.34 -22.37 65.97
N ILE P 154 11.88 -22.31 67.18
CA ILE P 154 13.07 -23.07 67.56
C ILE P 154 12.70 -23.97 68.72
N ARG P 155 13.01 -25.26 68.60
CA ARG P 155 12.63 -26.24 69.59
C ARG P 155 13.81 -27.15 69.92
N ARG P 156 13.81 -27.65 71.15
CA ARG P 156 14.79 -28.63 71.60
C ARG P 156 14.11 -29.99 71.75
N LEU P 157 14.69 -31.00 71.11
CA LEU P 157 14.14 -32.34 71.05
C LEU P 157 15.06 -33.30 71.79
N THR P 158 14.49 -34.09 72.69
CA THR P 158 15.25 -35.12 73.40
C THR P 158 15.18 -36.43 72.62
N SER P 159 15.93 -37.43 73.11
CA SER P 159 15.93 -38.73 72.46
C SER P 159 14.56 -39.37 72.49
N ASN P 160 13.83 -39.23 73.60
CA ASN P 160 12.53 -39.87 73.73
C ASN P 160 11.54 -39.35 72.70
N GLU P 161 11.54 -38.04 72.47
CA GLU P 161 10.58 -37.46 71.53
C GLU P 161 10.80 -37.94 70.11
N VAL P 162 12.05 -38.31 69.78
CA VAL P 162 12.34 -38.81 68.43
C VAL P 162 11.57 -40.09 68.16
N LYS P 163 11.48 -40.96 69.16
CA LYS P 163 10.74 -42.21 68.99
C LYS P 163 9.28 -41.93 68.66
N GLU P 164 8.66 -40.99 69.36
CA GLU P 164 7.27 -40.66 69.10
C GLU P 164 7.10 -40.05 67.72
N GLU P 165 7.95 -39.09 67.36
CA GLU P 165 7.73 -38.32 66.14
C GLU P 165 8.04 -39.14 64.90
N ASN P 166 9.18 -39.85 64.88
CA ASN P 166 9.64 -40.51 63.67
C ASN P 166 8.90 -41.82 63.41
N GLU P 167 8.20 -42.37 64.40
CA GLU P 167 7.52 -43.66 64.26
C GLU P 167 6.09 -43.40 63.80
N LEU P 168 5.94 -43.19 62.50
CA LEU P 168 4.64 -43.02 61.86
C LEU P 168 4.68 -43.73 60.51
N PRO P 169 3.51 -44.07 59.97
CA PRO P 169 3.49 -44.76 58.68
C PRO P 169 4.14 -43.92 57.58
N SER P 170 4.79 -44.61 56.64
CA SER P 170 5.45 -43.92 55.54
C SER P 170 4.45 -43.23 54.62
N ASN P 171 3.26 -43.82 54.44
CA ASN P 171 2.25 -43.20 53.59
C ASN P 171 1.85 -41.83 54.12
N THR P 172 1.73 -41.70 55.44
CA THR P 172 1.39 -40.41 56.04
C THR P 172 2.48 -39.36 55.83
N LEU P 173 3.67 -39.76 55.42
CA LEU P 173 4.78 -38.83 55.18
C LEU P 173 4.59 -38.19 53.80
N LEU P 174 3.58 -37.33 53.72
CA LEU P 174 3.33 -36.59 52.48
C LEU P 174 4.56 -35.75 52.13
N ASP P 175 4.88 -35.70 50.84
CA ASP P 175 6.11 -35.08 50.36
C ASP P 175 7.32 -35.77 50.97
N LYS P 176 7.39 -37.09 50.74
CA LYS P 176 8.52 -37.88 51.24
C LYS P 176 9.84 -37.41 50.65
N ASP P 177 9.82 -36.78 49.47
CA ASP P 177 11.06 -36.28 48.88
C ASP P 177 11.73 -35.22 49.74
N LYS P 178 10.99 -34.58 50.63
CA LYS P 178 11.55 -33.56 51.49
C LYS P 178 12.54 -34.17 52.48
N GLU P 179 13.46 -33.34 52.95
CA GLU P 179 14.47 -33.73 53.92
C GLU P 179 14.29 -32.95 55.22
N VAL P 180 14.59 -33.59 56.33
CA VAL P 180 14.49 -33.00 57.66
C VAL P 180 15.89 -32.92 58.25
N ILE P 181 16.28 -31.71 58.68
CA ILE P 181 17.61 -31.46 59.23
C ILE P 181 17.46 -31.22 60.72
N LEU P 182 18.15 -32.03 61.51
CA LEU P 182 18.22 -31.87 62.96
C LEU P 182 19.64 -31.47 63.34
N SER P 183 19.77 -30.37 64.08
CA SER P 183 21.08 -29.83 64.38
C SER P 183 21.92 -30.80 65.21
N ASP P 184 21.30 -31.46 66.18
CA ASP P 184 22.01 -32.38 67.07
C ASP P 184 23.20 -31.69 67.75
N ALA P 185 22.97 -30.45 68.19
CA ALA P 185 24.00 -29.66 68.87
C ALA P 185 23.74 -29.67 70.37
N GLY P 186 24.79 -29.93 71.14
CA GLY P 186 24.66 -30.04 72.57
C GLY P 186 24.11 -31.39 72.99
N ASN P 187 23.60 -31.44 74.22
CA ASN P 187 23.05 -32.69 74.75
C ASN P 187 21.85 -33.14 73.93
N THR P 188 20.96 -32.21 73.57
CA THR P 188 19.74 -32.51 72.86
C THR P 188 19.76 -31.88 71.48
N LYS P 189 18.88 -32.35 70.61
CA LYS P 189 18.80 -31.82 69.25
C LYS P 189 18.10 -30.47 69.24
N VAL P 190 18.45 -29.64 68.27
CA VAL P 190 17.86 -28.32 68.10
C VAL P 190 17.31 -28.23 66.67
N ILE P 191 16.05 -27.83 66.54
CA ILE P 191 15.40 -27.71 65.25
C ILE P 191 14.87 -26.29 65.10
N VAL P 192 15.21 -25.65 63.98
CA VAL P 192 14.76 -24.30 63.66
C VAL P 192 13.96 -24.39 62.37
N VAL P 193 12.71 -23.91 62.41
CA VAL P 193 11.81 -24.00 61.27
C VAL P 193 11.08 -22.68 61.10
N SER P 194 10.53 -22.48 59.91
CA SER P 194 9.76 -21.28 59.60
C SER P 194 8.31 -21.50 59.97
N ALA P 195 7.73 -20.54 60.70
CA ALA P 195 6.34 -20.64 61.16
C ALA P 195 5.45 -19.91 60.15
N VAL P 196 4.98 -20.65 59.15
CA VAL P 196 4.11 -20.08 58.13
C VAL P 196 3.39 -21.23 57.43
N CYS P 197 2.11 -21.01 57.13
CA CYS P 197 1.32 -21.97 56.36
C CYS P 197 1.61 -21.77 54.88
N THR P 198 2.29 -22.73 54.26
CA THR P 198 2.67 -22.59 52.86
C THR P 198 1.47 -22.57 51.93
N HIS P 199 0.29 -23.00 52.41
CA HIS P 199 -0.90 -22.93 51.57
C HIS P 199 -1.30 -21.48 51.31
N LEU P 200 -1.38 -20.66 52.37
CA LEU P 200 -1.79 -19.27 52.22
C LEU P 200 -0.94 -18.27 52.99
N GLY P 201 -0.10 -18.71 53.94
CA GLY P 201 0.81 -17.81 54.63
C GLY P 201 0.50 -17.55 56.09
N CYS P 202 -0.54 -18.17 56.65
CA CYS P 202 -0.88 -17.93 58.04
C CYS P 202 0.10 -18.66 58.96
N ILE P 203 0.14 -18.22 60.21
CA ILE P 203 1.06 -18.77 61.20
C ILE P 203 0.47 -20.07 61.77
N PRO P 204 1.17 -21.19 61.67
CA PRO P 204 0.64 -22.44 62.23
C PRO P 204 0.65 -22.42 63.75
N ILE P 205 -0.26 -23.20 64.34
CA ILE P 205 -0.39 -23.24 65.79
C ILE P 205 0.80 -23.98 66.39
N PRO P 206 1.44 -23.44 67.44
CA PRO P 206 2.62 -24.13 68.00
C PRO P 206 2.31 -25.52 68.54
N TYR P 207 1.13 -25.73 69.12
CA TYR P 207 0.81 -26.98 69.80
C TYR P 207 -0.57 -27.49 69.38
N LEU P 208 -0.72 -28.81 69.41
CA LEU P 208 -2.01 -29.45 69.22
C LEU P 208 -2.02 -30.74 70.02
N GLY P 209 -3.22 -31.18 70.42
CA GLY P 209 -3.33 -32.39 71.21
C GLY P 209 -2.94 -33.63 70.45
N ALA P 210 -3.37 -33.74 69.19
CA ALA P 210 -3.15 -34.97 68.42
C ALA P 210 -1.65 -35.23 68.23
N TYR P 211 -0.90 -34.19 67.87
CA TYR P 211 0.53 -34.30 67.63
C TYR P 211 1.25 -33.17 68.33
N LYS P 212 2.47 -33.46 68.79
CA LYS P 212 3.35 -32.44 69.36
C LYS P 212 4.09 -31.72 68.22
N GLY P 213 3.29 -31.17 67.31
CA GLY P 213 3.80 -30.49 66.12
C GLY P 213 3.09 -29.18 65.92
N TYR P 214 2.83 -28.86 64.65
CA TYR P 214 2.22 -27.59 64.26
C TYR P 214 1.07 -27.86 63.32
N VAL P 215 -0.08 -27.21 63.57
CA VAL P 215 -1.28 -27.39 62.78
C VAL P 215 -1.85 -26.02 62.43
N CYS P 216 -2.60 -25.97 61.33
CA CYS P 216 -3.18 -24.73 60.84
C CYS P 216 -4.70 -24.77 61.03
N ILE P 217 -5.25 -23.70 61.59
CA ILE P 217 -6.69 -23.60 61.77
C ILE P 217 -7.39 -23.49 60.42
N CYS P 218 -6.76 -22.82 59.45
CA CYS P 218 -7.43 -22.51 58.19
C CYS P 218 -7.98 -23.76 57.53
N HIS P 219 -7.13 -24.78 57.34
CA HIS P 219 -7.53 -25.98 56.61
C HIS P 219 -7.04 -27.26 57.28
N GLY P 220 -6.73 -27.21 58.57
CA GLY P 220 -6.27 -28.41 59.26
C GLY P 220 -4.98 -28.97 58.70
N SER P 221 -4.08 -28.11 58.24
CA SER P 221 -2.78 -28.55 57.75
C SER P 221 -1.91 -28.98 58.91
N VAL P 222 -1.94 -30.27 59.25
CA VAL P 222 -1.21 -30.77 60.41
C VAL P 222 0.25 -30.95 60.03
N TYR P 223 1.14 -30.48 60.90
CA TYR P 223 2.57 -30.70 60.75
C TYR P 223 3.11 -31.27 62.06
N ASP P 224 3.89 -32.34 61.96
CA ASP P 224 4.47 -32.96 63.14
C ASP P 224 5.65 -32.11 63.63
N LYS P 225 6.36 -32.62 64.63
CA LYS P 225 7.50 -31.87 65.17
C LYS P 225 8.61 -31.71 64.14
N PHE P 226 8.60 -32.49 63.07
CA PHE P 226 9.56 -32.36 61.98
C PHE P 226 9.02 -31.51 60.84
N ALA P 227 7.83 -30.93 60.99
CA ALA P 227 7.22 -30.04 60.01
C ALA P 227 6.77 -30.76 58.75
N ARG P 228 6.55 -32.07 58.83
CA ARG P 228 6.09 -32.83 57.67
C ARG P 228 4.63 -32.53 57.37
N VAL P 229 4.28 -32.58 56.08
CA VAL P 229 2.90 -32.36 55.68
C VAL P 229 2.04 -33.52 56.15
N ARG P 230 0.98 -33.21 56.89
CA ARG P 230 0.07 -34.21 57.42
C ARG P 230 -1.36 -33.72 57.23
N GLN P 231 -2.14 -34.43 56.42
CA GLN P 231 -3.57 -34.14 56.26
C GLN P 231 -3.80 -32.68 55.88
N GLY P 232 -2.93 -32.15 55.02
CA GLY P 232 -3.00 -30.76 54.63
C GLY P 232 -3.09 -30.56 53.13
N PRO P 233 -3.93 -29.61 52.68
CA PRO P 233 -3.92 -29.25 51.26
C PRO P 233 -2.64 -28.58 50.82
N ALA P 234 -1.72 -28.28 51.73
CA ALA P 234 -0.47 -27.65 51.36
C ALA P 234 0.34 -28.56 50.44
N LEU P 235 1.08 -27.94 49.52
CA LEU P 235 1.91 -28.67 48.57
C LEU P 235 3.36 -28.79 49.03
N LEU P 236 3.69 -28.34 50.24
CA LEU P 236 5.05 -28.40 50.74
C LEU P 236 5.03 -28.43 52.27
N ASN P 237 6.16 -28.84 52.84
CA ASN P 237 6.36 -28.75 54.28
C ASN P 237 6.63 -27.31 54.68
N LEU P 238 6.76 -27.08 55.98
CA LEU P 238 7.12 -25.75 56.45
C LEU P 238 8.49 -25.38 55.89
N PRO P 239 8.68 -24.17 55.35
CA PRO P 239 9.99 -23.83 54.78
C PRO P 239 11.10 -23.99 55.80
N ALA P 240 12.24 -24.49 55.33
CA ALA P 240 13.40 -24.71 56.19
C ALA P 240 14.32 -23.49 56.11
N ILE P 241 14.73 -23.00 57.27
CA ILE P 241 15.57 -21.80 57.36
C ILE P 241 17.01 -22.25 57.56
N ASN P 242 17.89 -21.77 56.68
CA ASN P 242 19.31 -22.11 56.79
C ASN P 242 19.86 -21.59 58.11
N ASN P 243 20.58 -22.45 58.82
CA ASN P 243 21.16 -22.09 60.11
C ASN P 243 22.24 -23.09 60.46
N SER P 244 22.92 -22.82 61.57
CA SER P 244 23.96 -23.72 62.07
C SER P 244 24.16 -23.45 63.54
N ILE P 245 24.84 -24.39 64.21
CA ILE P 245 25.17 -24.30 65.62
C ILE P 245 26.68 -24.42 65.76
N HIS P 246 27.30 -23.45 66.42
CA HIS P 246 28.74 -23.46 66.64
C HIS P 246 29.15 -23.26 68.09
N ASP P 247 28.23 -22.83 68.96
CA ASP P 247 28.53 -22.62 70.38
C ASP P 247 28.14 -23.82 71.22
N GLU P 248 28.20 -25.03 70.65
CA GLU P 248 27.85 -26.25 71.38
C GLU P 248 26.41 -26.21 71.86
N GLY P 249 25.52 -25.68 71.02
CA GLY P 249 24.11 -25.58 71.33
C GLY P 249 23.71 -24.31 72.04
N THR P 250 24.66 -23.57 72.60
CA THR P 250 24.32 -22.35 73.32
C THR P 250 23.73 -21.30 72.39
N LEU P 251 24.30 -21.14 71.19
CA LEU P 251 23.92 -20.09 70.27
C LEU P 251 23.72 -20.67 68.88
N VAL P 252 22.71 -20.16 68.18
CA VAL P 252 22.37 -20.60 66.83
C VAL P 252 22.59 -19.41 65.90
N CYS P 253 23.38 -19.63 64.85
CA CYS P 253 23.67 -18.60 63.86
C CYS P 253 22.86 -18.88 62.60
N MET P 254 22.08 -17.90 62.17
CA MET P 254 21.18 -18.04 61.05
C MET P 254 21.50 -17.01 59.97
N GLU P 255 21.41 -17.43 58.71
CA GLU P 255 21.64 -16.55 57.59
C GLU P 255 20.95 -17.14 56.37
N GLN P 256 20.35 -16.28 55.55
CA GLN P 256 19.64 -16.76 54.37
C GLN P 256 20.60 -17.42 53.40
N LEU P 257 20.13 -18.49 52.76
CA LEU P 257 20.96 -19.21 51.81
C LEU P 257 21.41 -18.28 50.69
N LYS P 258 22.70 -18.32 50.37
CA LYS P 258 23.29 -17.43 49.38
C LYS P 258 23.24 -18.11 48.01
N PHE P 259 22.47 -17.54 47.10
CA PHE P 259 22.41 -18.01 45.72
C PHE P 259 23.40 -17.23 44.87
N PRO P 260 23.87 -17.82 43.76
CA PRO P 260 24.85 -17.12 42.93
C PRO P 260 24.21 -15.99 42.15
N HIS P 261 24.86 -14.82 42.18
CA HIS P 261 24.47 -13.68 41.37
C HIS P 261 25.70 -13.21 40.60
N GLU P 262 25.57 -13.13 39.28
CA GLU P 262 26.69 -12.79 38.42
C GLU P 262 26.25 -11.71 37.43
N PRO P 263 27.18 -10.85 36.98
CA PRO P 263 28.60 -10.81 37.34
C PRO P 263 28.83 -10.24 38.74
N SER P 264 29.76 -10.81 39.49
CA SER P 264 30.02 -10.41 40.86
C SER P 264 31.21 -9.47 41.00
N GLN P 265 31.86 -9.09 39.90
CA GLN P 265 33.00 -8.20 39.92
C GLN P 265 32.53 -6.81 39.46
N ARG P 266 32.43 -5.88 40.41
CA ARG P 266 31.98 -4.54 40.08
C ARG P 266 33.09 -3.73 39.41
N PHE P 267 34.33 -3.92 39.84
CA PHE P 267 35.47 -3.16 39.32
C PHE P 267 36.49 -4.12 38.74
N TRP P 268 37.00 -3.81 37.55
CA TRP P 268 38.09 -4.57 36.98
C TRP P 268 39.34 -4.48 37.85
N ALA P 269 39.65 -3.27 38.33
CA ALA P 269 40.82 -3.07 39.18
C ALA P 269 40.57 -1.94 40.16
N SER Q 2 60.03 25.88 40.83
CA SER Q 2 60.76 26.65 41.82
C SER Q 2 62.02 25.91 42.26
N ASN Q 3 62.82 26.55 43.13
CA ASN Q 3 64.05 25.94 43.59
C ASN Q 3 63.80 24.66 44.36
N VAL Q 4 62.78 24.66 45.23
CA VAL Q 4 62.45 23.46 45.99
C VAL Q 4 61.77 22.45 45.07
N SER Q 5 62.26 21.21 45.09
CA SER Q 5 61.76 20.16 44.20
C SER Q 5 61.77 18.84 44.96
N ASP Q 6 60.63 18.47 45.52
CA ASP Q 6 60.41 17.22 46.23
C ASP Q 6 61.30 17.08 47.47
N ALA Q 7 62.02 18.13 47.85
CA ALA Q 7 62.87 18.14 49.04
C ALA Q 7 62.30 19.15 50.02
N GLN Q 8 62.03 18.70 51.23
CA GLN Q 8 61.39 19.44 52.31
C GLN Q 8 59.89 19.57 52.08
N ILE Q 9 59.37 19.16 50.92
CA ILE Q 9 57.93 19.18 50.66
C ILE Q 9 57.36 17.83 51.04
N GLN Q 10 57.84 16.78 50.39
CA GLN Q 10 57.43 15.43 50.77
C GLN Q 10 57.86 15.11 52.19
N GLU Q 11 58.95 15.72 52.66
CA GLU Q 11 59.37 15.53 54.05
C GLU Q 11 58.33 16.09 55.00
N TRP Q 12 57.81 17.29 54.72
CA TRP Q 12 56.76 17.86 55.55
C TRP Q 12 55.47 17.05 55.44
N ILE Q 13 55.13 16.61 54.22
CA ILE Q 13 53.92 15.82 54.04
C ILE Q 13 54.01 14.54 54.85
N LYS Q 14 55.18 13.92 54.90
CA LYS Q 14 55.39 12.78 55.79
C LYS Q 14 55.15 13.17 57.25
N ARG Q 15 55.29 14.45 57.58
CA ARG Q 15 54.87 14.99 58.85
C ARG Q 15 53.46 15.57 58.69
N GLY Q 16 52.93 16.13 59.78
CA GLY Q 16 51.62 16.73 59.75
C GLY Q 16 51.57 18.17 59.31
N GLU Q 17 52.70 18.75 58.93
CA GLU Q 17 52.78 20.18 58.64
C GLU Q 17 52.27 20.48 57.24
N ASP Q 18 51.79 21.71 57.07
CA ASP Q 18 51.27 22.17 55.78
C ASP Q 18 52.34 22.99 55.07
N PRO Q 19 52.77 22.60 53.87
CA PRO Q 19 53.81 23.36 53.17
C PRO Q 19 53.30 24.48 52.26
N LYS Q 20 52.02 24.86 52.35
CA LYS Q 20 51.50 25.84 51.39
C LYS Q 20 52.13 27.22 51.60
N GLU Q 21 52.37 27.61 52.85
CA GLU Q 21 52.95 28.94 53.09
C GLU Q 21 54.38 29.01 52.57
N PHE Q 22 55.19 28.00 52.88
CA PHE Q 22 56.57 27.99 52.40
C PHE Q 22 56.62 27.96 50.89
N LEU Q 23 55.79 27.14 50.26
CA LEU Q 23 55.79 27.05 48.81
C LEU Q 23 55.26 28.34 48.18
N LEU Q 24 54.32 29.01 48.82
CA LEU Q 24 53.88 30.32 48.35
C LEU Q 24 55.02 31.32 48.37
N LYS Q 25 55.78 31.34 49.48
CA LYS Q 25 56.93 32.23 49.56
C LYS Q 25 57.95 31.90 48.47
N GLU Q 26 58.18 30.61 48.23
CA GLU Q 26 59.14 30.20 47.22
C GLU Q 26 58.69 30.59 45.81
N CYS Q 27 57.39 30.46 45.52
CA CYS Q 27 56.87 30.69 44.18
C CYS Q 27 56.48 32.13 43.92
N ALA Q 28 56.46 32.99 44.94
CA ALA Q 28 56.12 34.39 44.73
C ALA Q 28 56.98 35.08 43.68
N PRO Q 29 58.31 34.88 43.62
CA PRO Q 29 59.12 35.71 42.71
C PRO Q 29 58.70 35.66 41.26
N GLN Q 30 58.24 34.52 40.76
CA GLN Q 30 57.94 34.37 39.35
C GLN Q 30 56.56 34.91 38.97
N CYS Q 31 55.90 35.65 39.86
CA CYS Q 31 54.63 36.29 39.56
C CYS Q 31 54.67 37.78 39.87
N THR Q 32 55.87 38.36 39.82
CA THR Q 32 56.04 39.76 40.16
C THR Q 32 55.32 40.67 39.20
N ALA Q 33 55.24 40.30 37.92
CA ALA Q 33 54.52 41.13 36.96
C ALA Q 33 53.06 41.29 37.35
N TRP Q 34 52.39 40.17 37.66
CA TRP Q 34 51.00 40.23 38.08
C TRP Q 34 50.85 40.93 39.42
N LYS Q 35 51.80 40.73 40.34
CA LYS Q 35 51.74 41.41 41.63
C LYS Q 35 51.80 42.92 41.44
N GLU Q 36 52.71 43.40 40.57
CA GLU Q 36 52.82 44.83 40.31
C GLU Q 36 51.58 45.36 39.60
N LYS Q 37 51.02 44.59 38.67
CA LYS Q 37 49.80 45.03 38.01
C LYS Q 37 48.66 45.17 39.02
N LEU Q 38 48.54 44.22 39.95
CA LEU Q 38 47.52 44.31 40.98
C LEU Q 38 47.74 45.53 41.87
N GLY Q 39 49.00 45.78 42.24
CA GLY Q 39 49.29 46.96 43.05
C GLY Q 39 48.91 48.25 42.34
N ARG Q 40 49.25 48.36 41.06
CA ARG Q 40 48.89 49.55 40.30
C ARG Q 40 47.39 49.69 40.17
N CYS Q 41 46.68 48.58 39.97
CA CYS Q 41 45.23 48.64 39.88
C CYS Q 41 44.63 49.13 41.19
N GLU Q 42 45.12 48.62 42.32
CA GLU Q 42 44.63 49.09 43.61
C GLU Q 42 44.93 50.57 43.82
N ALA Q 43 46.13 51.01 43.44
CA ALA Q 43 46.46 52.42 43.57
C ALA Q 43 45.49 53.28 42.77
N LYS Q 44 45.26 52.92 41.50
CA LYS Q 44 44.36 53.71 40.68
C LYS Q 44 42.95 53.71 41.25
N LEU Q 45 42.46 52.56 41.70
CA LEU Q 45 41.11 52.50 42.23
C LEU Q 45 40.99 53.36 43.49
N LYS Q 46 42.05 53.40 44.30
CA LYS Q 46 42.06 54.32 45.44
C LYS Q 46 42.01 55.78 44.97
N SER Q 47 42.75 56.10 43.91
CA SER Q 47 42.81 57.49 43.45
C SER Q 47 41.44 58.00 43.00
N LEU Q 48 40.69 57.15 42.29
CA LEU Q 48 39.40 57.57 41.75
C LEU Q 48 38.46 58.00 42.87
N VAL Q 49 37.69 59.06 42.60
CA VAL Q 49 36.69 59.55 43.54
C VAL Q 49 35.29 59.06 43.17
N ASN Q 50 34.94 59.10 41.88
CA ASN Q 50 33.66 58.57 41.40
C ASN Q 50 33.93 57.18 40.84
N ALA Q 51 33.99 56.20 41.74
CA ALA Q 51 34.31 54.83 41.36
C ALA Q 51 33.05 54.10 40.96
N ASP Q 52 33.00 53.64 39.71
CA ASP Q 52 31.86 52.86 39.25
C ASP Q 52 31.76 51.58 40.09
N PRO Q 53 30.56 51.14 40.44
CA PRO Q 53 30.45 49.91 41.23
C PRO Q 53 31.06 48.70 40.56
N GLU Q 54 31.08 48.65 39.22
CA GLU Q 54 31.69 47.53 38.54
C GLU Q 54 33.18 47.45 38.82
N MET Q 55 33.87 48.58 38.81
CA MET Q 55 35.32 48.58 38.96
C MET Q 55 35.72 47.89 40.25
N SER Q 56 36.71 47.00 40.15
CA SER Q 56 37.19 46.26 41.30
C SER Q 56 38.58 45.71 41.00
N CYS Q 57 39.44 45.70 42.01
CA CYS Q 57 40.77 45.12 41.88
C CYS Q 57 40.68 43.62 42.11
N MET Q 58 39.78 42.96 41.38
CA MET Q 58 39.48 41.55 41.57
C MET Q 58 40.06 40.69 40.46
N TYR Q 59 39.87 41.08 39.21
CA TYR Q 59 40.40 40.30 38.09
C TYR Q 59 41.92 40.26 38.10
N PRO Q 60 42.64 41.38 38.30
CA PRO Q 60 44.10 41.26 38.43
C PRO Q 60 44.53 40.35 39.58
N LEU Q 61 43.83 40.43 40.71
CA LEU Q 61 44.15 39.52 41.81
C LEU Q 61 43.83 38.08 41.42
N ARG Q 62 42.76 37.88 40.66
CA ARG Q 62 42.46 36.54 40.17
C ARG Q 62 43.59 36.00 39.32
N ASP Q 63 44.13 36.83 38.42
CA ASP Q 63 45.25 36.40 37.60
C ASP Q 63 46.48 36.10 38.44
N TRP Q 64 46.77 36.96 39.42
CA TRP Q 64 47.94 36.75 40.27
C TRP Q 64 47.83 35.44 41.05
N VAL Q 65 46.68 35.22 41.70
CA VAL Q 65 46.52 34.00 42.47
C VAL Q 65 46.52 32.78 41.56
N THR Q 66 45.95 32.90 40.36
CA THR Q 66 45.99 31.79 39.42
C THR Q 66 47.42 31.43 39.06
N CYS Q 67 48.24 32.44 38.76
CA CYS Q 67 49.62 32.18 38.39
C CYS Q 67 50.41 31.56 39.54
N ILE Q 68 50.20 32.06 40.75
CA ILE Q 68 50.93 31.52 41.91
C ILE Q 68 50.50 30.08 42.17
N GLU Q 69 49.18 29.84 42.19
CA GLU Q 69 48.69 28.52 42.54
C GLU Q 69 48.99 27.49 41.46
N ALA Q 70 49.04 27.90 40.19
CA ALA Q 70 49.37 26.96 39.13
C ALA Q 70 50.73 26.32 39.33
N CYS Q 71 51.60 26.96 40.11
CA CYS Q 71 52.88 26.37 40.47
C CYS Q 71 52.90 25.78 41.87
N VAL Q 72 52.16 26.36 42.81
CA VAL Q 72 52.15 25.85 44.18
C VAL Q 72 51.43 24.50 44.24
N GLN Q 73 50.22 24.43 43.69
CA GLN Q 73 49.38 23.25 43.90
C GLN Q 73 49.98 21.97 43.32
N PRO Q 74 50.42 21.92 42.07
CA PRO Q 74 50.88 20.63 41.52
C PRO Q 74 52.02 20.03 42.32
N ALA Q 75 52.96 20.84 42.80
CA ALA Q 75 54.08 20.32 43.57
C ALA Q 75 53.60 19.64 44.84
N ILE Q 76 52.67 20.27 45.55
CA ILE Q 76 52.16 19.66 46.77
C ILE Q 76 51.39 18.39 46.45
N THR Q 77 50.54 18.42 45.43
CA THR Q 77 49.71 17.26 45.13
C THR Q 77 50.56 16.06 44.72
N ARG Q 78 51.61 16.29 43.94
CA ARG Q 78 52.42 15.16 43.46
C ARG Q 78 53.12 14.42 44.58
N ASN Q 79 53.26 15.03 45.75
CA ASN Q 79 53.98 14.42 46.87
C ASN Q 79 53.06 13.90 47.96
N LEU Q 80 51.76 13.82 47.70
CA LEU Q 80 50.80 13.37 48.70
C LEU Q 80 50.61 11.86 48.64
N PHE Q 81 50.32 11.27 49.79
CA PHE Q 81 50.00 9.85 49.84
C PHE Q 81 48.81 9.55 48.93
N GLY Q 82 48.90 8.44 48.21
CA GLY Q 82 47.84 8.02 47.31
C GLY Q 82 48.07 8.39 45.86
N SER Q 83 49.13 9.15 45.56
CA SER Q 83 49.48 9.50 44.19
C SER Q 83 50.89 9.01 43.90
N LYS Q 84 51.12 8.58 42.66
CA LYS Q 84 52.44 8.11 42.27
C LYS Q 84 53.47 9.20 42.52
N TYR Q 85 54.44 8.91 43.37
CA TYR Q 85 55.44 9.91 43.74
C TYR Q 85 56.34 10.23 42.56
N MET Q 86 56.63 11.51 42.39
CA MET Q 86 57.45 11.97 41.28
C MET Q 86 58.87 11.41 41.39
N VAL R 2 13.88 -38.11 3.40
CA VAL R 2 13.13 -39.20 3.98
C VAL R 2 11.90 -39.48 3.15
N ARG R 3 11.56 -40.75 2.97
CA ARG R 3 10.36 -41.17 2.28
C ARG R 3 9.34 -41.67 3.28
N LEU R 4 8.10 -41.20 3.17
CA LEU R 4 7.07 -41.62 4.10
C LEU R 4 6.88 -43.13 4.04
N GLU R 5 6.78 -43.69 2.84
CA GLU R 5 6.81 -45.13 2.68
C GLU R 5 8.23 -45.62 2.87
N LYS R 6 8.37 -46.80 3.47
CA LYS R 6 9.63 -47.42 3.92
C LYS R 6 10.08 -46.81 5.24
N ILE R 7 9.29 -45.93 5.86
CA ILE R 7 9.63 -45.47 7.20
C ILE R 7 9.49 -46.63 8.18
N LEU R 8 10.19 -46.51 9.31
CA LEU R 8 10.25 -47.63 10.25
C LEU R 8 8.86 -48.11 10.65
N TRP R 9 7.94 -47.18 10.92
CA TRP R 9 6.58 -47.58 11.27
C TRP R 9 5.93 -48.36 10.13
N GLU R 10 6.08 -47.88 8.90
CA GLU R 10 5.50 -48.58 7.75
C GLU R 10 6.14 -49.95 7.59
N GLN R 11 7.46 -50.04 7.77
CA GLN R 11 8.14 -51.33 7.64
C GLN R 11 7.64 -52.33 8.68
N LEU R 12 7.45 -51.88 9.92
CA LEU R 12 7.05 -52.78 10.99
C LEU R 12 5.57 -53.15 10.91
N VAL R 13 4.72 -52.23 10.45
CA VAL R 13 3.27 -52.42 10.53
C VAL R 13 2.73 -52.87 9.17
N ASN R 14 3.00 -52.08 8.12
CA ASN R 14 2.46 -52.40 6.81
C ASN R 14 3.20 -53.58 6.20
N VAL R 15 2.93 -54.78 6.72
CA VAL R 15 3.58 -56.00 6.28
C VAL R 15 2.51 -57.04 5.97
N LYS R 16 2.89 -58.02 5.15
CA LYS R 16 1.94 -59.05 4.74
C LYS R 16 1.40 -59.83 5.94
N ALA R 17 2.17 -59.90 7.03
CA ALA R 17 1.73 -60.67 8.19
C ALA R 17 0.44 -60.11 8.76
N PHE R 18 0.33 -58.79 8.88
CA PHE R 18 -0.86 -58.14 9.39
C PHE R 18 -1.84 -57.75 8.28
N SER R 19 -1.55 -58.10 7.03
CA SER R 19 -2.37 -57.71 5.89
C SER R 19 -2.46 -56.21 5.73
N ARG R 20 -1.47 -55.48 6.25
CA ARG R 20 -1.42 -54.03 6.17
C ARG R 20 -0.50 -53.53 5.07
N GLN R 21 -0.03 -54.42 4.20
CA GLN R 21 0.87 -54.02 3.13
C GLN R 21 0.17 -53.10 2.13
N ARG R 22 0.93 -52.15 1.59
CA ARG R 22 0.42 -51.32 0.51
C ARG R 22 0.37 -52.11 -0.79
N VAL R 23 -0.75 -52.04 -1.49
CA VAL R 23 -0.97 -52.76 -2.73
C VAL R 23 -1.06 -51.75 -3.86
N ILE R 24 -0.27 -51.98 -4.91
CA ILE R 24 -0.19 -51.08 -6.05
C ILE R 24 -1.00 -51.66 -7.20
N GLY R 25 -1.92 -50.86 -7.73
CA GLY R 25 -2.74 -51.28 -8.85
C GLY R 25 -2.74 -50.27 -9.98
N ALA R 26 -3.76 -50.30 -10.82
CA ALA R 26 -3.84 -49.36 -11.93
C ALA R 26 -4.14 -47.97 -11.41
N PRO R 27 -3.64 -46.93 -12.09
CA PRO R 27 -3.89 -45.56 -11.62
C PRO R 27 -5.38 -45.22 -11.64
N SER R 28 -5.79 -44.42 -10.66
CA SER R 28 -7.18 -44.02 -10.55
C SER R 28 -7.24 -42.61 -9.98
N LYS R 29 -8.35 -41.91 -10.29
CA LYS R 29 -8.51 -40.53 -9.87
C LYS R 29 -8.68 -40.42 -8.36
N TRP R 30 -8.21 -39.31 -7.81
CA TRP R 30 -8.55 -38.95 -6.45
C TRP R 30 -10.03 -38.61 -6.38
N TYR R 31 -10.61 -38.80 -5.19
CA TYR R 31 -12.06 -38.66 -5.00
C TYR R 31 -12.80 -39.68 -5.87
N ASN R 32 -12.51 -40.96 -5.63
CA ASN R 32 -13.06 -42.02 -6.45
C ASN R 32 -14.51 -42.33 -6.14
N GLU R 33 -15.03 -41.87 -5.00
CA GLU R 33 -16.36 -42.24 -4.54
C GLU R 33 -17.29 -41.04 -4.59
N ASN R 34 -18.43 -41.20 -5.26
CA ASN R 34 -19.42 -40.13 -5.33
C ASN R 34 -20.04 -39.90 -3.95
N ARG R 35 -20.16 -38.64 -3.57
CA ARG R 35 -20.70 -38.33 -2.25
C ARG R 35 -22.18 -38.67 -2.15
N THR R 36 -22.93 -38.43 -3.22
CA THR R 36 -24.36 -38.73 -3.18
C THR R 36 -24.60 -40.22 -2.99
N GLU R 37 -23.88 -41.06 -3.73
CA GLU R 37 -24.03 -42.50 -3.57
C GLU R 37 -23.59 -42.94 -2.19
N TRP R 38 -22.49 -42.37 -1.70
CA TRP R 38 -22.02 -42.71 -0.36
C TRP R 38 -23.09 -42.41 0.67
N PHE R 39 -23.72 -41.23 0.57
CA PHE R 39 -24.73 -40.86 1.54
C PHE R 39 -25.98 -41.72 1.40
N LYS R 40 -26.35 -42.09 0.17
CA LYS R 40 -27.47 -42.99 -0.01
C LYS R 40 -27.22 -44.32 0.70
N VAL R 41 -26.06 -44.92 0.46
CA VAL R 41 -25.77 -46.22 1.08
C VAL R 41 -25.69 -46.08 2.60
N ALA R 42 -25.04 -45.02 3.09
CA ALA R 42 -24.92 -44.82 4.52
C ALA R 42 -26.28 -44.63 5.18
N GLN R 43 -27.16 -43.85 4.55
CA GLN R 43 -28.50 -43.65 5.07
C GLN R 43 -29.26 -44.96 5.12
N HIS R 44 -29.18 -45.75 4.06
CA HIS R 44 -29.88 -47.04 4.07
C HIS R 44 -29.37 -47.92 5.19
N ASN R 45 -28.04 -48.01 5.34
CA ASN R 45 -27.48 -48.86 6.39
C ASN R 45 -27.89 -48.38 7.77
N ALA R 46 -27.91 -47.06 7.99
CA ALA R 46 -28.20 -46.53 9.31
C ALA R 46 -29.67 -46.65 9.66
N PHE R 47 -30.56 -46.51 8.67
CA PHE R 47 -31.99 -46.46 8.98
C PHE R 47 -32.67 -47.82 8.87
N ASN R 48 -32.35 -48.62 7.85
CA ASN R 48 -33.11 -49.82 7.54
C ASN R 48 -32.38 -51.11 7.91
N THR R 49 -31.37 -51.03 8.77
CA THR R 49 -30.64 -52.21 9.17
C THR R 49 -30.07 -52.04 10.57
N GLY R 50 -30.15 -53.11 11.36
CA GLY R 50 -29.44 -53.19 12.62
C GLY R 50 -30.09 -52.41 13.76
N PHE R 51 -29.38 -52.41 14.89
CA PHE R 51 -29.86 -51.70 16.07
C PHE R 51 -30.00 -50.21 15.79
N SER R 52 -29.08 -49.64 15.03
CA SER R 52 -29.20 -48.24 14.64
C SER R 52 -30.48 -48.01 13.84
N GLY R 53 -30.77 -48.90 12.90
CA GLY R 53 -32.02 -48.78 12.16
C GLY R 53 -33.24 -48.85 13.06
N VAL R 54 -33.22 -49.79 14.01
CA VAL R 54 -34.36 -49.92 14.92
C VAL R 54 -34.54 -48.64 15.73
N ILE R 55 -33.44 -48.08 16.24
CA ILE R 55 -33.54 -46.86 17.04
C ILE R 55 -34.04 -45.70 16.19
N LEU R 56 -33.50 -45.54 14.98
CA LEU R 56 -33.88 -44.40 14.16
C LEU R 56 -35.31 -44.52 13.64
N ARG R 57 -35.80 -45.74 13.43
CA ARG R 57 -37.20 -45.90 13.05
C ARG R 57 -38.13 -45.40 14.14
N ALA R 58 -37.80 -45.68 15.40
CA ALA R 58 -38.62 -45.20 16.50
C ALA R 58 -38.63 -43.68 16.58
N LEU R 59 -37.57 -43.04 16.09
CA LEU R 59 -37.46 -41.58 16.15
C LEU R 59 -38.04 -40.89 14.92
N GLU R 60 -38.65 -41.64 14.01
CA GLU R 60 -39.26 -41.01 12.84
C GLU R 60 -40.23 -39.90 13.19
N PRO R 61 -41.11 -40.04 14.19
CA PRO R 61 -42.01 -38.93 14.50
C PRO R 61 -41.29 -37.65 14.89
N LEU R 62 -40.37 -37.74 15.85
CA LEU R 62 -39.67 -36.54 16.30
C LEU R 62 -38.84 -35.92 15.18
N LEU R 63 -38.13 -36.75 14.42
CA LEU R 63 -37.32 -36.22 13.33
C LEU R 63 -38.18 -35.55 12.29
N ALA R 64 -39.31 -36.16 11.92
CA ALA R 64 -40.19 -35.55 10.94
C ALA R 64 -40.76 -34.24 11.45
N LYS R 65 -41.06 -34.17 12.75
CA LYS R 65 -41.67 -32.95 13.28
C LYS R 65 -40.66 -31.82 13.37
N PHE R 66 -39.44 -32.11 13.84
CA PHE R 66 -38.48 -31.07 14.20
C PHE R 66 -37.40 -30.84 13.15
N ILE R 67 -37.35 -31.63 12.09
CA ILE R 67 -36.32 -31.47 11.06
C ILE R 67 -36.89 -31.32 9.67
N TYR R 68 -38.10 -31.78 9.38
CA TYR R 68 -38.70 -31.63 8.05
C TYR R 68 -39.84 -30.63 8.05
N ARG R 69 -40.85 -30.83 8.90
CA ARG R 69 -41.98 -29.91 8.94
C ARG R 69 -41.57 -28.55 9.47
N TRP R 70 -40.52 -28.48 10.29
CA TRP R 70 -40.02 -27.19 10.76
C TRP R 70 -39.45 -26.38 9.60
N ARG R 71 -38.54 -26.99 8.83
CA ARG R 71 -37.98 -26.31 7.67
C ARG R 71 -39.07 -25.96 6.66
N LEU R 72 -39.99 -26.88 6.42
CA LEU R 72 -41.06 -26.63 5.46
C LEU R 72 -41.93 -25.47 5.91
N ASP R 73 -42.27 -25.43 7.20
CA ASP R 73 -43.09 -24.34 7.70
C ASP R 73 -42.38 -23.00 7.55
N ILE R 74 -41.09 -22.96 7.88
CA ILE R 74 -40.34 -21.70 7.74
C ILE R 74 -40.29 -21.28 6.29
N ALA R 75 -39.99 -22.22 5.39
CA ALA R 75 -39.90 -21.89 3.97
C ALA R 75 -41.24 -21.38 3.45
N HIS R 76 -42.34 -22.03 3.82
CA HIS R 76 -43.65 -21.58 3.38
C HIS R 76 -43.96 -20.19 3.94
N GLN R 77 -43.60 -19.94 5.19
CA GLN R 77 -43.73 -18.59 5.73
C GLN R 77 -42.98 -17.59 4.87
N ARG R 78 -41.83 -17.98 4.34
CA ARG R 78 -41.04 -17.11 3.50
C ARG R 78 -41.40 -17.20 2.03
N GLY R 79 -42.44 -17.95 1.68
CA GLY R 79 -42.81 -18.11 0.28
C GLY R 79 -41.86 -18.98 -0.51
N LEU R 80 -41.12 -19.84 0.16
CA LEU R 80 -40.08 -20.67 -0.43
C LEU R 80 -40.42 -22.14 -0.21
N THR R 81 -39.57 -23.01 -0.74
CA THR R 81 -39.66 -24.45 -0.53
C THR R 81 -38.33 -24.94 0.04
N LEU R 82 -38.26 -26.26 0.27
CA LEU R 82 -37.01 -26.85 0.73
C LEU R 82 -35.92 -26.74 -0.34
N GLU R 83 -36.30 -26.80 -1.62
CA GLU R 83 -35.32 -26.64 -2.69
C GLU R 83 -34.51 -25.37 -2.50
N ASP R 84 -35.18 -24.25 -2.22
CA ASP R 84 -34.48 -22.98 -2.10
C ASP R 84 -33.40 -23.04 -1.03
N SER R 85 -33.54 -23.93 -0.05
CA SER R 85 -32.58 -24.06 1.03
C SER R 85 -31.69 -25.29 0.89
N LEU R 86 -31.97 -26.18 -0.04
CA LEU R 86 -31.25 -27.45 -0.15
C LEU R 86 -30.57 -27.65 -1.49
N LEU R 87 -31.21 -27.28 -2.60
CA LEU R 87 -30.57 -27.43 -3.90
C LEU R 87 -29.27 -26.63 -3.96
N PHE R 88 -29.34 -25.34 -3.64
CA PHE R 88 -28.17 -24.47 -3.55
C PHE R 88 -28.24 -23.77 -2.21
N MET R 89 -27.32 -24.11 -1.31
CA MET R 89 -27.33 -23.50 0.01
C MET R 89 -27.11 -22.00 -0.11
N ASP R 90 -27.73 -21.24 0.80
CA ASP R 90 -27.56 -19.80 0.81
C ASP R 90 -26.09 -19.43 0.88
N ARG R 91 -25.26 -20.25 1.53
CA ARG R 91 -23.83 -20.00 1.54
C ARG R 91 -23.27 -19.99 0.12
N GLU R 92 -23.60 -21.03 -0.67
CA GLU R 92 -23.13 -21.08 -2.05
C GLU R 92 -23.73 -19.95 -2.87
N LEU R 93 -25.02 -19.65 -2.66
CA LEU R 93 -25.69 -18.63 -3.44
C LEU R 93 -25.05 -17.25 -3.22
N ARG R 94 -24.66 -16.96 -1.99
CA ARG R 94 -24.14 -15.64 -1.67
C ARG R 94 -22.66 -15.51 -2.04
N ARG R 95 -21.81 -16.34 -1.45
CA ARG R 95 -20.35 -16.21 -1.60
C ARG R 95 -19.73 -17.59 -1.63
N CYS R 96 -19.41 -18.07 -2.83
CA CYS R 96 -18.67 -19.32 -3.00
C CYS R 96 -18.08 -19.32 -4.39
N TYR R 97 -16.74 -19.32 -4.49
CA TYR R 97 -16.12 -19.16 -5.80
C TYR R 97 -16.23 -20.44 -6.63
N PHE R 98 -16.15 -21.60 -5.98
CA PHE R 98 -16.32 -22.86 -6.71
C PHE R 98 -17.71 -22.94 -7.32
N PHE R 99 -18.74 -22.64 -6.53
CA PHE R 99 -20.09 -22.64 -7.05
C PHE R 99 -20.26 -21.60 -8.14
N GLU R 100 -19.68 -20.41 -7.94
CA GLU R 100 -19.81 -19.36 -8.93
C GLU R 100 -19.21 -19.79 -10.27
N THR R 101 -18.00 -20.37 -10.23
CA THR R 101 -17.35 -20.80 -11.46
C THR R 101 -18.13 -21.92 -12.13
N VAL R 102 -18.58 -22.92 -11.36
CA VAL R 102 -19.32 -24.02 -11.95
C VAL R 102 -20.61 -23.52 -12.58
N ALA R 103 -21.32 -22.63 -11.89
CA ALA R 103 -22.56 -22.09 -12.42
C ALA R 103 -22.31 -21.28 -13.68
N ARG R 104 -21.27 -20.46 -13.69
CA ARG R 104 -20.97 -19.68 -14.88
C ARG R 104 -20.63 -20.58 -16.06
N GLN R 105 -19.85 -21.63 -15.82
CA GLN R 105 -19.40 -22.49 -16.91
C GLN R 105 -20.45 -23.48 -17.37
N ASN R 106 -21.48 -23.75 -16.56
CA ASN R 106 -22.40 -24.84 -16.90
C ASN R 106 -23.87 -24.44 -16.85
N LEU R 107 -24.23 -23.50 -15.99
CA LEU R 107 -25.64 -23.24 -15.70
C LEU R 107 -26.17 -22.04 -16.48
N HIS R 108 -27.42 -22.15 -16.90
CA HIS R 108 -28.13 -21.02 -17.48
C HIS R 108 -28.43 -20.00 -16.40
N PRO R 109 -28.41 -18.70 -16.72
CA PRO R 109 -28.56 -17.69 -15.66
C PRO R 109 -29.82 -17.83 -14.83
N TYR R 110 -30.93 -18.23 -15.45
CA TYR R 110 -32.20 -18.29 -14.72
C TYR R 110 -32.15 -19.28 -13.56
N THR R 111 -31.40 -20.37 -13.70
CA THR R 111 -31.40 -21.40 -12.67
C THR R 111 -31.05 -20.83 -11.30
N VAL R 112 -30.22 -19.79 -11.26
CA VAL R 112 -29.90 -19.12 -10.00
C VAL R 112 -30.60 -17.77 -9.88
N LEU R 113 -30.95 -17.12 -11.00
CA LEU R 113 -31.66 -15.86 -10.92
C LEU R 113 -33.01 -16.02 -10.24
N PHE R 114 -33.74 -17.08 -10.58
CA PHE R 114 -35.03 -17.31 -9.93
C PHE R 114 -34.84 -17.59 -8.44
N MET R 115 -33.80 -18.35 -8.09
CA MET R 115 -33.51 -18.62 -6.69
C MET R 115 -33.27 -17.33 -5.93
N LYS R 116 -32.51 -16.41 -6.52
CA LYS R 116 -32.23 -15.14 -5.84
C LYS R 116 -33.48 -14.26 -5.77
N LYS R 117 -34.26 -14.20 -6.85
CA LYS R 117 -35.43 -13.33 -6.87
C LYS R 117 -36.52 -13.82 -5.92
N ARG R 118 -36.63 -15.13 -5.73
CA ARG R 118 -37.63 -15.63 -4.79
C ARG R 118 -37.34 -15.12 -3.38
N ARG R 119 -36.08 -15.11 -2.98
CA ARG R 119 -35.73 -14.56 -1.67
C ARG R 119 -35.81 -13.04 -1.67
N ALA R 120 -35.53 -12.39 -2.81
CA ALA R 120 -35.68 -10.94 -2.89
C ALA R 120 -37.11 -10.53 -2.63
N ARG R 121 -38.08 -11.31 -3.13
CA ARG R 121 -39.48 -11.01 -2.86
C ARG R 121 -39.73 -10.82 -1.38
N TYR R 122 -39.27 -11.78 -0.57
CA TYR R 122 -39.56 -11.75 0.85
C TYR R 122 -38.72 -10.70 1.57
N TYR R 123 -37.45 -10.58 1.22
CA TYR R 123 -36.56 -9.72 1.99
C TYR R 123 -36.62 -8.27 1.57
N LYS R 124 -37.34 -7.92 0.50
CA LYS R 124 -37.64 -6.52 0.26
C LYS R 124 -38.70 -6.00 1.22
N VAL R 125 -39.48 -6.89 1.81
CA VAL R 125 -40.51 -6.51 2.77
C VAL R 125 -40.06 -6.77 4.20
N GLU R 126 -39.40 -7.91 4.44
CA GLU R 126 -38.99 -8.25 5.80
C GLU R 126 -38.00 -7.23 6.35
N ARG R 127 -37.04 -6.79 5.53
CA ARG R 127 -36.09 -5.78 6.00
C ARG R 127 -36.77 -4.42 6.17
N GLY R 128 -37.68 -4.07 5.27
CA GLY R 128 -38.42 -2.83 5.44
C GLY R 128 -39.30 -2.85 6.67
N LEU R 129 -40.03 -3.95 6.87
CA LEU R 129 -40.87 -4.14 8.05
C LEU R 129 -40.78 -5.60 8.44
N ARG R 130 -40.39 -5.86 9.69
CA ARG R 130 -40.11 -7.21 10.12
C ARG R 130 -41.41 -7.96 10.45
N GLY R 131 -41.28 -9.28 10.57
CA GLY R 131 -42.41 -10.14 10.85
C GLY R 131 -43.26 -10.49 9.65
N PHE R 132 -42.72 -10.31 8.44
CA PHE R 132 -43.52 -10.50 7.24
C PHE R 132 -43.94 -11.95 7.10
N TYR R 133 -45.24 -12.16 6.92
CA TYR R 133 -45.81 -13.47 6.61
C TYR R 133 -46.28 -13.44 5.16
N VAL R 134 -45.77 -14.37 4.36
CA VAL R 134 -46.07 -14.33 2.92
C VAL R 134 -47.56 -14.57 2.71
N PRO R 135 -48.23 -13.78 1.87
CA PRO R 135 -49.68 -13.98 1.67
C PRO R 135 -49.97 -15.33 1.03
N ASP R 136 -51.27 -15.63 0.94
CA ASP R 136 -51.69 -16.97 0.52
C ASP R 136 -51.35 -17.25 -0.94
N TRP R 137 -51.45 -16.25 -1.80
CA TRP R 137 -51.24 -16.50 -3.23
C TRP R 137 -49.80 -16.93 -3.52
N VAL R 138 -48.82 -16.30 -2.87
CA VAL R 138 -47.44 -16.73 -3.05
C VAL R 138 -47.20 -18.08 -2.37
N ARG R 139 -47.79 -18.27 -1.19
CA ARG R 139 -47.65 -19.55 -0.50
C ARG R 139 -48.19 -20.70 -1.35
N LYS R 140 -49.20 -20.42 -2.16
CA LYS R 140 -49.78 -21.48 -3.00
C LYS R 140 -48.78 -21.96 -4.04
N GLU R 141 -48.17 -21.03 -4.78
CA GLU R 141 -47.15 -21.42 -5.75
C GLU R 141 -45.94 -22.04 -5.07
N ALA R 142 -45.62 -21.62 -3.85
CA ALA R 142 -44.57 -22.29 -3.10
C ALA R 142 -44.95 -23.74 -2.80
N GLU R 143 -46.20 -23.98 -2.41
CA GLU R 143 -46.66 -25.31 -2.04
C GLU R 143 -46.89 -26.21 -3.24
N GLU R 144 -47.04 -25.65 -4.44
CA GLU R 144 -47.37 -26.47 -5.60
C GLU R 144 -46.31 -27.54 -5.87
N ARG R 145 -45.04 -27.17 -5.79
CA ARG R 145 -43.97 -28.10 -6.10
C ARG R 145 -43.75 -29.07 -4.95
N GLN R 146 -43.72 -30.37 -5.27
CA GLN R 146 -43.49 -31.40 -4.28
C GLN R 146 -42.00 -31.65 -4.11
N LEU R 147 -41.65 -32.38 -3.04
CA LEU R 147 -40.27 -32.73 -2.79
C LEU R 147 -39.74 -33.73 -3.80
N SER R 148 -40.62 -34.46 -4.49
CA SER R 148 -40.20 -35.48 -5.43
C SER R 148 -39.43 -34.90 -6.61
N GLU R 149 -39.62 -33.63 -6.91
CA GLU R 149 -38.85 -32.96 -7.96
C GLU R 149 -37.62 -32.27 -7.42
N THR R 150 -37.71 -31.74 -6.19
CA THR R 150 -36.55 -31.14 -5.56
C THR R 150 -35.45 -32.19 -5.35
N VAL R 151 -35.83 -33.41 -4.99
CA VAL R 151 -34.82 -34.46 -4.83
C VAL R 151 -34.16 -34.77 -6.16
N ASP R 152 -34.95 -34.80 -7.23
CA ASP R 152 -34.38 -35.04 -8.55
C ASP R 152 -33.38 -33.95 -8.92
N ASN R 153 -33.74 -32.69 -8.66
CA ASN R 153 -32.81 -31.60 -8.95
C ASN R 153 -31.55 -31.70 -8.10
N ILE R 154 -31.71 -32.02 -6.82
CA ILE R 154 -30.55 -32.11 -5.93
C ILE R 154 -29.61 -33.21 -6.41
N PHE R 155 -30.15 -34.40 -6.70
CA PHE R 155 -29.30 -35.50 -7.15
C PHE R 155 -28.64 -35.17 -8.48
N ASN R 156 -29.38 -34.57 -9.41
CA ASN R 156 -28.80 -34.20 -10.69
C ASN R 156 -27.64 -33.25 -10.49
N TRP R 157 -27.82 -32.22 -9.66
CA TRP R 157 -26.77 -31.22 -9.47
C TRP R 157 -25.55 -31.85 -8.80
N GLU R 158 -25.76 -32.63 -7.74
CA GLU R 158 -24.62 -33.21 -7.04
C GLU R 158 -23.86 -34.19 -7.94
N ASN R 159 -24.59 -35.02 -8.69
CA ASN R 159 -23.92 -35.97 -9.58
C ASN R 159 -23.15 -35.24 -10.67
N PHE R 160 -23.73 -34.17 -11.23
CA PHE R 160 -23.00 -33.39 -12.24
C PHE R 160 -21.73 -32.79 -11.66
N VAL R 161 -21.84 -32.20 -10.46
CA VAL R 161 -20.68 -31.57 -9.85
C VAL R 161 -19.58 -32.59 -9.60
N TYR R 162 -19.96 -33.79 -9.15
CA TYR R 162 -18.96 -34.83 -8.92
C TYR R 162 -18.34 -35.29 -10.23
N ARG R 163 -19.17 -35.63 -11.22
CA ARG R 163 -18.67 -36.25 -12.44
C ARG R 163 -17.84 -35.29 -13.27
N GLU R 164 -18.08 -33.98 -13.15
CA GLU R 164 -17.42 -33.01 -14.01
C GLU R 164 -16.28 -32.27 -13.31
N TYR R 165 -16.44 -31.90 -12.05
CA TYR R 165 -15.45 -31.09 -11.36
C TYR R 165 -14.78 -31.83 -10.21
N MET R 166 -15.54 -32.38 -9.27
CA MET R 166 -14.91 -33.05 -8.13
C MET R 166 -14.15 -34.29 -8.55
N SER R 167 -14.44 -34.83 -9.73
CA SER R 167 -13.74 -35.99 -10.27
C SER R 167 -12.50 -35.60 -11.07
N ASP R 168 -12.21 -34.31 -11.17
CA ASP R 168 -11.06 -33.80 -11.91
C ASP R 168 -10.18 -32.92 -11.02
N MET R 169 -10.13 -33.22 -9.73
CA MET R 169 -9.37 -32.46 -8.75
C MET R 169 -8.35 -33.36 -8.07
N THR R 170 -7.15 -32.82 -7.86
CA THR R 170 -6.09 -33.52 -7.14
C THR R 170 -5.60 -32.62 -6.02
N PRO R 171 -6.03 -32.85 -4.78
CA PRO R 171 -5.53 -32.01 -3.68
C PRO R 171 -4.07 -32.27 -3.39
N ILE R 172 -3.41 -31.25 -2.83
CA ILE R 172 -1.98 -31.31 -2.55
C ILE R 172 -1.71 -30.76 -1.16
N GLY R 173 -0.54 -31.10 -0.63
CA GLY R 173 -0.08 -30.44 0.59
C GLY R 173 0.05 -28.95 0.37
N ARG R 174 -0.30 -28.18 1.39
CA ARG R 174 -0.50 -26.76 1.22
C ARG R 174 -0.16 -26.02 2.51
N TRP R 175 0.20 -24.75 2.37
CA TRP R 175 0.37 -23.85 3.49
C TRP R 175 -0.88 -22.98 3.63
N THR R 176 -0.83 -22.00 4.51
CA THR R 176 -1.97 -21.11 4.70
C THR R 176 -2.37 -20.47 3.38
N SER R 177 -3.65 -20.56 3.04
CA SER R 177 -4.15 -19.86 1.86
C SER R 177 -4.05 -18.36 2.03
N LEU R 178 -4.37 -17.86 3.22
CA LEU R 178 -4.32 -16.43 3.49
C LEU R 178 -2.87 -15.99 3.63
N SER R 179 -2.52 -14.89 2.95
CA SER R 179 -1.19 -14.31 3.06
C SER R 179 -1.15 -13.30 4.22
N LYS R 180 -1.53 -13.78 5.40
CA LYS R 180 -1.63 -12.96 6.59
C LYS R 180 -0.37 -13.06 7.42
N ILE R 181 0.10 -11.91 7.92
CA ILE R 181 1.32 -11.85 8.70
C ILE R 181 1.15 -12.44 10.11
N THR R 182 -0.08 -12.70 10.53
CA THR R 182 -0.30 -13.26 11.85
C THR R 182 0.42 -14.61 11.97
N PRO R 183 1.26 -14.81 12.99
CA PRO R 183 1.98 -16.09 13.08
C PRO R 183 1.07 -17.30 13.18
N LEU R 184 -0.09 -17.18 13.82
CA LEU R 184 -1.00 -18.31 13.94
C LEU R 184 -1.50 -18.78 12.58
N ASP R 185 -1.86 -17.83 11.71
CA ASP R 185 -2.21 -18.19 10.34
C ASP R 185 -0.98 -18.51 9.51
N MET R 186 0.18 -17.98 9.89
CA MET R 186 1.38 -18.11 9.07
C MET R 186 1.79 -19.57 8.93
N PHE R 187 1.75 -20.33 10.02
CA PHE R 187 2.28 -21.68 10.08
C PHE R 187 1.19 -22.75 10.12
N GLN R 188 0.09 -22.51 9.41
CA GLN R 188 -0.94 -23.54 9.27
C GLN R 188 -0.49 -24.56 8.23
N TYR R 189 -0.60 -25.84 8.58
CA TYR R 189 -0.10 -26.94 7.77
C TYR R 189 -1.28 -27.79 7.34
N TYR R 190 -1.53 -27.85 6.04
CA TYR R 190 -2.60 -28.66 5.46
C TYR R 190 -2.00 -29.86 4.76
N GLY R 191 -2.57 -31.03 5.02
CA GLY R 191 -2.09 -32.26 4.40
C GLY R 191 -1.90 -33.38 5.42
N LEU R 192 -1.45 -33.03 6.62
CA LEU R 192 -1.40 -33.98 7.72
C LEU R 192 -2.66 -33.86 8.57
N PHE R 193 -2.94 -34.93 9.32
CA PHE R 193 -4.18 -35.09 10.07
C PHE R 193 -5.38 -35.36 9.15
N ARG R 194 -5.14 -35.55 7.85
CA ARG R 194 -6.18 -35.94 6.91
C ARG R 194 -6.10 -37.44 6.69
N ASN R 195 -7.23 -38.12 6.84
CA ASN R 195 -7.26 -39.57 6.63
C ASN R 195 -6.85 -39.93 5.21
N GLU R 196 -7.35 -39.19 4.23
CA GLU R 196 -7.05 -39.48 2.84
C GLU R 196 -5.56 -39.32 2.54
N ALA R 197 -4.89 -38.39 3.21
CA ALA R 197 -3.48 -38.16 2.94
C ALA R 197 -2.64 -39.38 3.27
N TRP R 198 -2.94 -40.04 4.38
CA TRP R 198 -2.15 -41.17 4.85
C TRP R 198 -2.71 -42.52 4.43
N ASP R 199 -3.98 -42.58 4.01
CA ASP R 199 -4.54 -43.85 3.59
C ASP R 199 -3.85 -44.38 2.34
N ARG R 200 -3.54 -43.50 1.39
CA ARG R 200 -2.89 -43.89 0.15
C ARG R 200 -1.80 -42.87 -0.17
N PHE R 201 -0.55 -43.34 -0.27
CA PHE R 201 0.58 -42.48 -0.60
C PHE R 201 0.82 -42.37 -2.10
N PHE R 202 0.11 -43.14 -2.92
CA PHE R 202 0.31 -43.14 -4.36
C PHE R 202 -1.05 -43.10 -5.05
N TYR R 203 -1.03 -42.67 -6.31
CA TYR R 203 -2.23 -42.70 -7.15
C TYR R 203 -2.46 -44.07 -7.77
N ASN R 204 -1.51 -45.00 -7.63
CA ASN R 204 -1.69 -46.37 -8.10
C ASN R 204 -2.22 -47.30 -7.02
N GLU R 205 -2.18 -46.90 -5.76
CA GLU R 205 -2.60 -47.79 -4.69
C GLU R 205 -4.05 -48.22 -4.87
N ALA R 206 -4.32 -49.49 -4.57
CA ALA R 206 -5.69 -49.97 -4.52
C ALA R 206 -6.41 -49.39 -3.32
N PHE R 207 -7.73 -49.21 -3.45
CA PHE R 207 -8.52 -48.66 -2.37
C PHE R 207 -8.87 -49.75 -1.37
N TYR R 208 -8.65 -49.46 -0.09
CA TYR R 208 -8.77 -50.46 0.95
C TYR R 208 -10.10 -50.43 1.70
N GLU R 209 -10.85 -49.32 1.61
CA GLU R 209 -12.14 -49.18 2.26
C GLU R 209 -13.17 -48.73 1.24
N SER R 210 -14.27 -49.46 1.16
CA SER R 210 -15.33 -49.15 0.20
C SER R 210 -16.56 -49.96 0.58
N TYR R 211 -17.69 -49.62 -0.03
CA TYR R 211 -18.92 -50.37 0.14
C TYR R 211 -18.93 -51.60 -0.75
N SER R 212 -19.36 -52.72 -0.18
CA SER R 212 -19.47 -53.95 -0.96
C SER R 212 -20.63 -53.83 -1.95
N GLU R 213 -20.51 -54.56 -3.06
CA GLU R 213 -21.58 -54.54 -4.05
C GLU R 213 -22.91 -54.96 -3.47
N LYS R 214 -22.90 -55.89 -2.51
CA LYS R 214 -24.13 -56.32 -1.87
C LYS R 214 -24.85 -55.14 -1.21
N GLU R 215 -24.10 -54.32 -0.46
CA GLU R 215 -24.70 -53.17 0.18
C GLU R 215 -25.21 -52.16 -0.84
N LYS R 216 -24.45 -51.92 -1.91
CA LYS R 216 -24.89 -50.98 -2.93
C LYS R 216 -26.20 -51.44 -3.58
N GLN R 217 -26.30 -52.74 -3.89
CA GLN R 217 -27.53 -53.25 -4.48
C GLN R 217 -28.68 -53.21 -3.49
N GLU R 218 -28.41 -53.49 -2.21
CA GLU R 218 -29.46 -53.49 -1.21
C GLU R 218 -30.00 -52.08 -0.99
N ALA R 219 -29.13 -51.07 -1.06
CA ALA R 219 -29.56 -49.70 -0.84
C ALA R 219 -30.47 -49.18 -1.94
N ASN R 220 -30.58 -49.88 -3.07
CA ASN R 220 -31.44 -49.49 -4.17
C ASN R 220 -32.78 -50.22 -4.17
N GLY R 221 -33.10 -50.94 -3.10
CA GLY R 221 -34.34 -51.67 -3.03
C GLY R 221 -35.52 -50.80 -2.64
N ASN R 222 -36.38 -51.30 -1.76
CA ASN R 222 -37.53 -50.55 -1.30
C ASN R 222 -37.16 -49.78 -0.04
N PRO R 223 -37.16 -48.45 -0.06
CA PRO R 223 -36.75 -47.71 1.15
C PRO R 223 -37.61 -48.01 2.36
N PHE R 224 -38.91 -48.28 2.18
CA PHE R 224 -39.80 -48.44 3.32
C PHE R 224 -39.57 -49.77 4.03
N GLY R 225 -39.17 -50.80 3.30
CA GLY R 225 -38.90 -52.09 3.90
C GLY R 225 -38.97 -53.20 2.89
N LYS R 226 -38.56 -54.39 3.33
CA LYS R 226 -38.57 -55.58 2.48
C LYS R 226 -39.99 -56.12 2.42
N PHE R 227 -40.68 -55.83 1.33
CA PHE R 227 -42.04 -56.30 1.09
C PHE R 227 -42.09 -57.11 -0.19
N ASN R 228 -43.27 -57.64 -0.50
CA ASN R 228 -43.52 -58.40 -1.72
C ASN R 228 -44.80 -57.83 -2.33
N LEU R 229 -44.65 -56.89 -3.26
CA LEU R 229 -45.81 -56.23 -3.85
C LEU R 229 -46.67 -57.17 -4.66
N GLN R 230 -46.17 -58.37 -4.99
CA GLN R 230 -46.99 -59.34 -5.71
C GLN R 230 -48.06 -59.93 -4.81
N THR R 231 -47.70 -60.31 -3.59
CA THR R 231 -48.67 -60.86 -2.66
C THR R 231 -49.50 -59.76 -2.01
N ALA R 232 -50.75 -60.08 -1.69
CA ALA R 232 -51.64 -59.09 -1.10
C ALA R 232 -51.17 -58.67 0.30
N ASP R 233 -50.60 -59.62 1.06
CA ASP R 233 -50.13 -59.29 2.40
C ASP R 233 -49.03 -58.24 2.36
N GLY R 234 -48.10 -58.36 1.40
CA GLY R 234 -47.06 -57.36 1.27
C GLY R 234 -47.61 -56.00 0.86
N ARG R 235 -48.55 -55.99 -0.09
CA ARG R 235 -49.10 -54.73 -0.55
C ARG R 235 -49.82 -53.99 0.57
N ALA R 236 -50.52 -54.71 1.45
CA ALA R 236 -51.22 -54.06 2.55
C ALA R 236 -50.24 -53.34 3.47
N GLN R 237 -49.17 -54.02 3.87
CA GLN R 237 -48.18 -53.40 4.74
C GLN R 237 -47.50 -52.24 4.05
N PHE R 238 -47.16 -52.40 2.77
CA PHE R 238 -46.52 -51.32 2.03
C PHE R 238 -47.43 -50.09 1.97
N GLU R 239 -48.72 -50.30 1.69
CA GLU R 239 -49.65 -49.18 1.64
C GLU R 239 -49.79 -48.53 3.00
N LYS R 240 -49.83 -49.32 4.07
CA LYS R 240 -49.90 -48.74 5.41
C LYS R 240 -48.69 -47.85 5.69
N GLU R 241 -47.50 -48.36 5.38
CA GLU R 241 -46.28 -47.58 5.63
C GLU R 241 -46.25 -46.33 4.78
N VAL R 242 -46.67 -46.43 3.52
CA VAL R 242 -46.68 -45.25 2.65
C VAL R 242 -47.69 -44.23 3.14
N ASN R 243 -48.84 -44.69 3.65
CA ASN R 243 -49.84 -43.76 4.16
C ASN R 243 -49.32 -43.02 5.39
N THR R 244 -48.69 -43.74 6.33
CA THR R 244 -48.15 -43.06 7.50
C THR R 244 -47.03 -42.10 7.10
N PHE R 245 -46.21 -42.49 6.11
CA PHE R 245 -45.17 -41.59 5.62
C PHE R 245 -45.79 -40.32 5.03
N ILE R 246 -46.83 -40.46 4.22
CA ILE R 246 -47.49 -39.30 3.63
C ILE R 246 -48.06 -38.41 4.72
N GLU R 247 -48.59 -39.02 5.78
CA GLU R 247 -49.10 -38.24 6.91
C GLU R 247 -47.96 -37.46 7.58
N ARG R 248 -46.82 -38.10 7.79
CA ARG R 248 -45.71 -37.43 8.46
C ARG R 248 -45.15 -36.29 7.62
N TYR R 249 -45.04 -36.49 6.31
CA TYR R 249 -44.47 -35.49 5.41
C TYR R 249 -45.56 -34.95 4.51
N PRO R 250 -46.10 -33.76 4.78
CA PRO R 250 -47.27 -33.31 4.01
C PRO R 250 -47.00 -33.12 2.53
N PHE R 251 -45.99 -32.33 2.16
CA PHE R 251 -45.73 -31.98 0.77
C PHE R 251 -44.58 -32.79 0.18
N ALA R 252 -44.43 -34.05 0.58
CA ALA R 252 -43.34 -34.87 0.07
C ALA R 252 -43.71 -35.48 -1.29
N VAL R 253 -44.85 -36.16 -1.35
CA VAL R 253 -45.28 -36.81 -2.59
C VAL R 253 -46.67 -36.38 -3.04
N THR R 254 -47.51 -35.83 -2.17
CA THR R 254 -48.86 -35.43 -2.55
C THR R 254 -49.28 -34.24 -1.70
N LYS R 255 -50.32 -33.55 -2.15
CA LYS R 255 -50.86 -32.44 -1.39
C LYS R 255 -51.38 -32.96 -0.05
N PRO R 256 -51.35 -32.12 1.00
CA PRO R 256 -51.65 -32.62 2.35
C PRO R 256 -53.12 -32.99 2.58
N GLY R 257 -53.97 -32.92 1.56
CA GLY R 257 -55.37 -33.24 1.72
C GLY R 257 -55.84 -34.41 0.89
N GLN R 258 -54.99 -34.88 -0.03
CA GLN R 258 -55.34 -35.95 -0.96
C GLN R 258 -54.65 -37.25 -0.54
N LYS R 259 -54.84 -38.29 -1.34
CA LYS R 259 -54.31 -39.62 -1.07
C LYS R 259 -53.53 -40.13 -2.27
N PHE R 260 -52.51 -40.94 -1.98
CA PHE R 260 -51.61 -41.43 -3.01
C PHE R 260 -52.26 -42.53 -3.82
N ASP R 261 -52.02 -42.50 -5.14
CA ASP R 261 -52.61 -43.47 -6.06
C ASP R 261 -51.65 -44.65 -6.18
N PHE R 262 -51.96 -45.74 -5.47
CA PHE R 262 -51.06 -46.88 -5.44
C PHE R 262 -51.13 -47.72 -6.72
N THR R 263 -52.27 -47.73 -7.41
CA THR R 263 -52.38 -48.49 -8.64
C THR R 263 -51.41 -47.96 -9.69
N ARG R 264 -51.30 -46.63 -9.79
CA ARG R 264 -50.36 -46.05 -10.74
C ARG R 264 -48.92 -46.39 -10.37
N PHE R 265 -48.61 -46.39 -9.08
CA PHE R 265 -47.27 -46.78 -8.63
C PHE R 265 -46.96 -48.22 -9.00
N TYR R 266 -47.92 -49.12 -8.78
CA TYR R 266 -47.71 -50.51 -9.15
C TYR R 266 -47.55 -50.67 -10.65
N ALA R 267 -48.33 -49.94 -11.43
CA ALA R 267 -48.17 -49.98 -12.89
C ALA R 267 -46.77 -49.50 -13.29
N LEU R 268 -46.29 -48.43 -12.67
CA LEU R 268 -44.94 -47.96 -12.96
C LEU R 268 -43.90 -49.02 -12.61
N GLU R 269 -44.04 -49.65 -11.44
CA GLU R 269 -43.08 -50.69 -11.07
C GLU R 269 -43.10 -51.84 -12.06
N ASP R 270 -44.30 -52.27 -12.48
CA ASP R 270 -44.39 -53.38 -13.43
C ASP R 270 -43.77 -53.01 -14.76
N LEU R 271 -44.05 -51.81 -15.26
CA LEU R 271 -43.47 -51.39 -16.54
C LEU R 271 -41.96 -51.29 -16.45
N ALA R 272 -41.45 -50.75 -15.35
CA ALA R 272 -40.01 -50.56 -15.22
C ALA R 272 -39.27 -51.89 -15.20
N ASN R 273 -39.77 -52.86 -14.44
CA ASN R 273 -39.14 -54.16 -14.33
C ASN R 273 -39.68 -55.11 -15.39
N LYS R 274 -39.12 -56.32 -15.43
CA LYS R 274 -39.51 -57.29 -16.44
C LYS R 274 -40.92 -57.84 -16.19
N ARG R 275 -41.39 -57.81 -14.95
CA ARG R 275 -42.74 -58.28 -14.66
C ARG R 275 -43.75 -57.47 -15.45
N ASP R 276 -44.72 -58.15 -16.05
CA ASP R 276 -45.72 -57.48 -16.88
C ASP R 276 -47.01 -58.28 -16.84
N THR R 277 -48.11 -57.58 -17.14
CA THR R 277 -49.44 -58.19 -17.18
C THR R 277 -50.41 -57.12 -17.66
N SER R 278 -51.63 -57.56 -17.95
CA SER R 278 -52.70 -56.67 -18.41
C SER R 278 -53.74 -56.42 -17.33
N LYS R 279 -53.37 -56.56 -16.05
CA LYS R 279 -54.29 -56.31 -14.96
C LYS R 279 -54.68 -54.84 -14.85
N TYR R 280 -53.99 -53.95 -15.55
CA TYR R 280 -54.28 -52.53 -15.54
C TYR R 280 -54.97 -52.13 -16.84
N ASP R 281 -55.80 -51.10 -16.76
CA ASP R 281 -56.52 -50.63 -17.94
C ASP R 281 -55.52 -50.10 -18.97
N PRO R 282 -55.83 -50.26 -20.27
CA PRO R 282 -54.93 -49.67 -21.29
C PRO R 282 -54.77 -48.17 -21.12
N ALA R 283 -55.82 -47.47 -20.68
CA ALA R 283 -55.70 -46.04 -20.44
C ALA R 283 -54.67 -45.76 -19.34
N LEU R 284 -54.68 -46.56 -18.27
CA LEU R 284 -53.70 -46.37 -17.22
C LEU R 284 -52.29 -46.59 -17.74
N LEU R 285 -52.08 -47.63 -18.55
CA LEU R 285 -50.76 -47.89 -19.08
C LEU R 285 -50.29 -46.76 -19.98
N GLU R 286 -51.19 -46.26 -20.85
CA GLU R 286 -50.82 -45.15 -21.72
C GLU R 286 -50.47 -43.91 -20.91
N SER R 287 -51.27 -43.59 -19.90
CA SER R 287 -51.00 -42.41 -19.07
C SER R 287 -49.68 -42.56 -18.34
N VAL R 288 -49.40 -43.75 -17.81
CA VAL R 288 -48.16 -43.96 -17.08
C VAL R 288 -46.96 -43.83 -18.02
N LYS R 289 -47.05 -44.41 -19.22
CA LYS R 289 -45.95 -44.29 -20.17
C LYS R 289 -45.73 -42.84 -20.58
N ASN R 290 -46.81 -42.10 -20.83
CA ASN R 290 -46.67 -40.70 -21.20
C ASN R 290 -46.04 -39.90 -20.07
N GLU R 291 -46.48 -40.14 -18.84
CA GLU R 291 -45.91 -39.43 -17.71
C GLU R 291 -44.43 -39.75 -17.54
N LEU R 292 -44.06 -41.02 -17.72
CA LEU R 292 -42.65 -41.41 -17.60
C LEU R 292 -41.83 -40.73 -18.68
N LYS R 293 -42.32 -40.70 -19.91
CA LYS R 293 -41.60 -40.03 -20.99
C LYS R 293 -41.41 -38.56 -20.69
N GLN R 294 -42.48 -37.88 -20.24
CA GLN R 294 -42.39 -36.45 -19.98
C GLN R 294 -41.45 -36.15 -18.82
N SER R 295 -41.48 -36.98 -17.78
CA SER R 295 -40.66 -36.72 -16.61
C SER R 295 -39.17 -36.80 -16.93
N ALA R 296 -38.79 -37.63 -17.90
CA ALA R 296 -37.40 -37.80 -18.27
C ALA R 296 -37.01 -36.98 -19.49
N ALA R 297 -37.89 -36.09 -19.96
CA ALA R 297 -37.63 -35.29 -21.15
C ALA R 297 -37.02 -33.96 -20.74
N LEU R 298 -35.84 -33.67 -21.27
CA LEU R 298 -35.18 -32.39 -21.00
C LEU R 298 -35.82 -31.29 -21.85
N PRO R 299 -36.28 -30.19 -21.25
CA PRO R 299 -36.91 -29.14 -22.06
C PRO R 299 -35.95 -28.59 -23.10
N ALA R 300 -36.52 -28.21 -24.24
CA ALA R 300 -35.76 -27.64 -25.35
C ALA R 300 -36.43 -26.38 -25.84
N ASP R 301 -35.66 -25.54 -26.50
CA ASP R 301 -36.16 -24.25 -26.97
C ASP R 301 -36.86 -24.41 -28.32
N ASN R 302 -38.01 -23.75 -28.45
CA ASN R 302 -38.79 -23.81 -29.68
C ASN R 302 -38.26 -22.86 -30.76
N GLY R 303 -37.53 -21.82 -30.37
CA GLY R 303 -37.12 -20.80 -31.33
C GLY R 303 -38.29 -20.02 -31.88
N ALA R 304 -39.26 -19.69 -31.03
CA ALA R 304 -40.46 -18.96 -31.44
C ALA R 304 -40.74 -17.86 -30.44
N ASN R 305 -41.49 -16.85 -30.89
CA ASN R 305 -41.83 -15.69 -30.07
C ASN R 305 -40.55 -15.00 -29.60
N LYS R 306 -39.78 -14.51 -30.56
CA LYS R 306 -38.50 -13.87 -30.31
C LYS R 306 -38.64 -12.36 -30.37
N THR R 307 -37.94 -11.67 -29.47
CA THR R 307 -37.92 -10.23 -29.46
C THR R 307 -36.99 -9.71 -30.55
N LYS R 308 -36.98 -8.39 -30.74
CA LYS R 308 -36.20 -7.78 -31.80
C LYS R 308 -34.82 -7.39 -31.29
N LYS R 309 -33.80 -7.71 -32.08
CA LYS R 309 -32.43 -7.37 -31.73
C LYS R 309 -32.12 -5.94 -32.18
N SER R 310 -31.26 -5.28 -31.40
CA SER R 310 -30.93 -3.88 -31.62
C SER R 310 -29.74 -3.74 -32.55
N LYS R 311 -29.84 -2.79 -33.49
CA LYS R 311 -28.75 -2.43 -34.39
C LYS R 311 -28.57 -0.92 -34.31
N PRO R 312 -28.02 -0.42 -33.20
CA PRO R 312 -27.99 1.03 -32.98
C PRO R 312 -27.15 1.74 -34.02
N ILE R 313 -27.54 3.00 -34.28
CA ILE R 313 -26.86 3.86 -35.24
C ILE R 313 -26.60 5.20 -34.57
N LEU R 314 -25.63 5.94 -35.09
CA LEU R 314 -25.29 7.23 -34.53
C LEU R 314 -26.46 8.20 -34.70
N PRO R 315 -26.69 9.09 -33.73
CA PRO R 315 -27.77 10.08 -33.87
C PRO R 315 -27.54 10.99 -35.06
N ASP R 316 -28.52 11.84 -35.32
CA ASP R 316 -28.43 12.76 -36.45
C ASP R 316 -27.34 13.80 -36.24
N TRP R 317 -27.24 14.36 -35.03
CA TRP R 317 -26.26 15.41 -34.79
C TRP R 317 -24.82 14.91 -34.91
N LEU R 318 -24.61 13.60 -34.83
CA LEU R 318 -23.29 13.01 -35.03
C LEU R 318 -23.07 12.56 -36.47
N GLN R 319 -23.98 12.88 -37.37
CA GLN R 319 -23.90 12.51 -38.77
C GLN R 319 -23.88 13.75 -39.64
N PRO R 320 -23.35 13.66 -40.86
CA PRO R 320 -23.30 14.84 -41.73
C PRO R 320 -24.68 15.31 -42.14
N LYS R 321 -24.77 16.61 -42.45
CA LYS R 321 -26.04 17.20 -42.83
C LYS R 321 -26.57 16.57 -44.13
N PHE R 322 -27.80 16.92 -44.47
CA PHE R 322 -28.48 16.29 -45.59
C PHE R 322 -27.86 16.69 -46.92
N GLY R 323 -27.54 17.96 -47.09
CA GLY R 323 -27.14 18.45 -48.41
C GLY R 323 -25.86 17.79 -48.89
N LYS R 324 -25.77 17.61 -50.21
CA LYS R 324 -24.57 17.08 -50.83
C LYS R 324 -24.56 17.56 -52.28
N ALA R 325 -23.66 18.49 -52.59
CA ALA R 325 -23.58 19.09 -53.91
C ALA R 325 -22.38 18.54 -54.68
N PHE R 326 -22.33 18.85 -55.98
CA PHE R 326 -21.18 18.51 -56.78
C PHE R 326 -19.93 19.12 -56.15
N GLN R 327 -18.97 18.29 -55.80
CA GLN R 327 -17.83 18.77 -55.03
C GLN R 327 -17.09 19.88 -55.77
N ALA R 328 -16.78 19.66 -57.04
CA ALA R 328 -16.08 20.65 -57.85
C ALA R 328 -17.06 21.43 -58.71
N MET S 1 12.46 -17.95 -32.31
CA MET S 1 12.32 -16.92 -33.37
C MET S 1 12.32 -15.52 -32.78
N ASN S 2 12.39 -14.51 -33.66
CA ASN S 2 12.40 -13.11 -33.25
C ASN S 2 11.00 -12.58 -33.01
N VAL S 3 10.03 -13.45 -32.81
CA VAL S 3 8.64 -13.06 -32.60
C VAL S 3 8.41 -12.74 -31.14
N THR S 4 7.36 -11.98 -30.85
CA THR S 4 7.05 -11.60 -29.48
C THR S 4 6.80 -12.83 -28.61
N GLY S 5 6.04 -13.79 -29.11
CA GLY S 5 5.74 -15.02 -28.40
C GLY S 5 6.73 -16.13 -28.61
N ALA S 6 7.83 -15.88 -29.33
CA ALA S 6 8.86 -16.86 -29.68
C ALA S 6 8.43 -17.78 -30.81
N GLY S 7 7.27 -17.52 -31.42
CA GLY S 7 6.85 -18.28 -32.59
C GLY S 7 6.13 -19.58 -32.30
N LEU S 8 5.88 -19.91 -31.02
CA LEU S 8 5.17 -21.14 -30.71
C LEU S 8 4.12 -20.99 -29.61
N THR S 9 3.90 -19.80 -29.07
CA THR S 9 2.85 -19.57 -28.09
C THR S 9 2.37 -18.14 -28.19
N HIS S 10 1.16 -17.92 -27.69
CA HIS S 10 0.53 -16.60 -27.67
C HIS S 10 0.63 -16.01 -26.28
N VAL S 11 1.03 -14.75 -26.20
CA VAL S 11 1.24 -14.05 -24.93
C VAL S 11 0.20 -12.95 -24.82
N LYS S 12 -0.55 -12.95 -23.72
CA LYS S 12 -1.51 -11.89 -23.42
C LYS S 12 -0.73 -10.73 -22.80
N ASP S 13 -0.34 -9.79 -23.65
CA ASP S 13 0.57 -8.73 -23.29
C ASP S 13 -0.13 -7.38 -23.38
N PHE S 14 0.38 -6.41 -22.62
CA PHE S 14 -0.23 -5.08 -22.60
C PHE S 14 0.76 -4.10 -22.00
N HIS S 15 0.99 -2.99 -22.70
CA HIS S 15 1.88 -1.93 -22.23
C HIS S 15 1.04 -0.89 -21.50
N SER S 16 1.05 -0.97 -20.16
CA SER S 16 0.27 -0.03 -19.36
C SER S 16 0.78 1.40 -19.57
N ASP S 17 -0.15 2.34 -19.59
CA ASP S 17 0.21 3.75 -19.70
C ASP S 17 0.68 4.33 -18.36
N GLU S 18 0.60 3.57 -17.28
CA GLU S 18 1.19 4.01 -16.03
C GLU S 18 2.70 4.14 -16.19
N MET S 19 3.27 5.10 -15.48
CA MET S 19 4.69 5.44 -15.56
C MET S 19 5.05 6.13 -16.87
N ARG S 20 4.07 6.46 -17.71
CA ARG S 20 4.28 7.22 -18.92
C ARG S 20 3.45 8.49 -18.86
N VAL S 21 4.06 9.61 -19.24
CA VAL S 21 3.41 10.90 -19.10
C VAL S 21 2.71 11.32 -20.39
N PHE S 22 3.30 11.06 -21.54
CA PHE S 22 2.82 11.59 -22.82
C PHE S 22 2.31 10.46 -23.71
N ARG S 23 1.15 10.66 -24.33
CA ARG S 23 0.73 9.79 -25.43
C ARG S 23 1.70 9.90 -26.59
N GLY S 24 1.95 11.13 -27.02
CA GLY S 24 2.91 11.39 -28.08
C GLY S 24 3.16 12.87 -28.16
N GLY S 25 4.32 13.22 -28.70
CA GLY S 25 4.70 14.62 -28.76
C GLY S 25 4.81 15.23 -27.38
N LEU S 26 3.87 16.11 -27.02
CA LEU S 26 3.94 16.81 -25.74
C LEU S 26 2.57 16.93 -25.10
N ARG S 27 1.69 15.94 -25.30
CA ARG S 27 0.37 15.94 -24.68
C ARG S 27 0.26 14.81 -23.68
N HIS S 28 -0.30 15.10 -22.51
CA HIS S 28 -0.38 14.14 -21.44
C HIS S 28 -1.45 13.09 -21.72
N ILE S 29 -1.24 11.89 -21.19
CA ILE S 29 -2.26 10.86 -21.24
C ILE S 29 -3.44 11.28 -20.38
N ALA S 30 -4.62 10.75 -20.71
CA ALA S 30 -5.81 11.06 -19.93
C ALA S 30 -5.61 10.64 -18.48
N ASP S 31 -6.15 11.44 -17.56
CA ASP S 31 -5.92 11.20 -16.14
C ASP S 31 -6.42 9.82 -15.73
N LYS S 32 -7.60 9.43 -16.21
CA LYS S 32 -8.21 8.16 -15.84
C LYS S 32 -7.97 7.07 -16.88
N GLN S 33 -6.84 7.11 -17.57
CA GLN S 33 -6.49 6.04 -18.49
C GLN S 33 -6.27 4.73 -17.73
N GLY S 34 -5.63 4.79 -16.56
CA GLY S 34 -5.34 3.59 -15.81
C GLY S 34 -6.56 2.78 -15.44
N ASN S 35 -7.73 3.43 -15.36
CA ASN S 35 -8.95 2.71 -15.02
C ASN S 35 -9.35 1.70 -16.10
N LEU S 36 -8.80 1.83 -17.31
CA LEU S 36 -9.13 0.90 -18.39
C LEU S 36 -8.51 -0.47 -18.19
N ILE S 37 -7.87 -0.74 -17.07
CA ILE S 37 -7.35 -2.07 -16.75
C ILE S 37 -8.39 -2.73 -15.86
N TYR S 38 -9.31 -3.47 -16.48
CA TYR S 38 -10.42 -4.06 -15.75
C TYR S 38 -9.95 -5.15 -14.80
N GLY S 39 -10.70 -5.33 -13.72
CA GLY S 39 -10.47 -6.44 -12.83
C GLY S 39 -9.26 -6.33 -11.94
N SER S 40 -8.75 -5.12 -11.71
CA SER S 40 -7.61 -4.89 -10.85
C SER S 40 -8.02 -4.00 -9.69
N VAL S 41 -7.70 -4.42 -8.47
CA VAL S 41 -8.02 -3.62 -7.30
C VAL S 41 -7.27 -2.30 -7.34
N ASN S 42 -6.03 -2.32 -7.84
CA ASN S 42 -5.26 -1.09 -7.93
C ASN S 42 -5.95 -0.05 -8.80
N SER S 43 -6.72 -0.48 -9.80
CA SER S 43 -7.41 0.47 -10.65
C SER S 43 -8.43 1.28 -9.87
N SER S 44 -9.20 0.63 -9.00
CA SER S 44 -10.25 1.31 -8.25
C SER S 44 -10.60 0.51 -7.01
N VAL S 45 -11.06 1.23 -5.98
CA VAL S 45 -11.56 0.58 -4.76
C VAL S 45 -12.96 0.07 -4.91
N ARG S 46 -13.62 0.32 -6.05
CA ARG S 46 -14.96 -0.19 -6.27
C ARG S 46 -14.99 -1.68 -6.60
N TYR S 47 -13.83 -2.30 -6.84
CA TYR S 47 -13.78 -3.71 -7.18
C TYR S 47 -13.92 -4.62 -5.97
N TYR S 48 -13.88 -4.08 -4.75
CA TYR S 48 -14.12 -4.91 -3.58
C TYR S 48 -15.56 -5.38 -3.50
N HIS S 49 -16.49 -4.58 -4.03
CA HIS S 49 -17.91 -4.95 -4.09
C HIS S 49 -18.14 -5.68 -5.41
N ASP S 50 -17.84 -6.98 -5.40
CA ASP S 50 -17.78 -7.78 -6.62
C ASP S 50 -18.49 -9.11 -6.44
N LYS S 51 -19.69 -9.08 -5.85
CA LYS S 51 -20.49 -10.30 -5.76
C LYS S 51 -21.15 -10.60 -7.10
N MET S 52 -21.38 -11.89 -7.35
CA MET S 52 -21.97 -12.30 -8.62
C MET S 52 -23.36 -11.68 -8.78
N SER S 53 -23.58 -11.06 -9.94
CA SER S 53 -24.88 -10.46 -10.24
C SER S 53 -24.96 -10.28 -11.74
N TYR S 54 -25.89 -10.98 -12.39
CA TYR S 54 -26.11 -10.87 -13.82
C TYR S 54 -27.60 -10.79 -14.08
N GLU S 55 -27.99 -9.92 -15.01
CA GLU S 55 -29.40 -9.71 -15.29
C GLU S 55 -29.56 -9.17 -16.71
N ARG S 56 -30.64 -9.57 -17.37
CA ARG S 56 -31.06 -9.01 -18.63
C ARG S 56 -32.55 -8.75 -18.58
N GLY S 57 -33.00 -7.70 -19.25
CA GLY S 57 -34.41 -7.40 -19.26
C GLY S 57 -34.98 -7.12 -17.89
N PHE S 58 -34.20 -6.49 -17.02
CA PHE S 58 -34.63 -6.16 -15.67
C PHE S 58 -34.71 -4.66 -15.51
N ILE S 59 -35.85 -4.17 -15.02
CA ILE S 59 -36.07 -2.75 -14.79
C ILE S 59 -36.57 -2.58 -13.36
N GLN S 60 -35.99 -1.63 -12.63
CA GLN S 60 -36.46 -1.29 -11.30
C GLN S 60 -36.72 0.21 -11.23
N HIS S 61 -37.70 0.58 -10.41
CA HIS S 61 -38.10 1.97 -10.24
C HIS S 61 -37.95 2.37 -8.78
N SER S 62 -37.41 3.56 -8.56
CA SER S 62 -37.27 4.12 -7.22
C SER S 62 -37.76 5.56 -7.23
N ARG S 63 -38.31 5.98 -6.10
CA ARG S 63 -38.92 7.29 -5.97
C ARG S 63 -38.16 8.11 -4.95
N SER S 64 -38.14 9.42 -5.15
CA SER S 64 -37.47 10.32 -4.23
C SER S 64 -38.15 10.24 -2.86
N PRO S 65 -37.40 10.14 -1.76
CA PRO S 65 -38.04 10.12 -0.44
C PRO S 65 -38.85 11.37 -0.14
N SER S 66 -38.57 12.49 -0.80
CA SER S 66 -39.34 13.70 -0.58
C SER S 66 -40.81 13.50 -0.93
N ASN S 67 -41.10 12.56 -1.84
CA ASN S 67 -42.47 12.26 -2.24
C ASN S 67 -43.07 11.10 -1.48
N GLN S 68 -42.37 10.55 -0.50
CA GLN S 68 -42.82 9.39 0.25
C GLN S 68 -43.04 9.76 1.71
N PHE S 69 -43.77 8.91 2.42
CA PHE S 69 -44.06 9.13 3.82
C PHE S 69 -42.76 9.23 4.62
N ILE S 70 -42.72 10.15 5.58
CA ILE S 70 -41.57 10.23 6.47
C ILE S 70 -41.47 8.96 7.31
N ASN S 71 -42.60 8.47 7.82
CA ASN S 71 -42.68 7.22 8.58
C ASN S 71 -43.78 6.37 7.97
N PHE S 72 -43.43 5.58 6.96
CA PHE S 72 -44.41 4.79 6.24
C PHE S 72 -44.79 3.53 7.03
N HIS S 73 -46.05 3.13 6.89
CA HIS S 73 -46.54 1.88 7.46
C HIS S 73 -46.26 1.80 8.95
N PHE S 74 -46.50 2.91 9.66
CA PHE S 74 -46.34 2.95 11.11
C PHE S 74 -47.71 2.93 11.76
N MET S 75 -47.91 1.99 12.68
CA MET S 75 -49.16 1.83 13.41
C MET S 75 -50.34 1.56 12.50
N LEU S 76 -50.11 1.02 11.31
CA LEU S 76 -51.23 0.60 10.47
C LEU S 76 -52.04 -0.45 11.24
N GLY S 77 -53.36 -0.23 11.27
CA GLY S 77 -54.18 -0.93 12.24
C GLY S 77 -54.04 -0.28 13.60
N GLY S 78 -54.10 -1.10 14.65
CA GLY S 78 -53.97 -0.64 16.01
C GLY S 78 -52.66 -1.08 16.65
N PHE S 79 -52.58 -0.87 17.97
CA PHE S 79 -51.47 -1.41 18.72
C PHE S 79 -51.46 -2.94 18.67
N ARG S 80 -52.64 -3.55 18.73
CA ARG S 80 -52.71 -5.01 18.74
C ARG S 80 -52.08 -5.60 17.49
N THR S 81 -52.49 -5.13 16.31
CA THR S 81 -51.99 -5.71 15.07
C THR S 81 -50.56 -5.28 14.80
N TYR S 82 -50.23 -4.01 15.01
CA TYR S 82 -48.91 -3.51 14.66
C TYR S 82 -47.86 -3.92 15.69
N VAL S 83 -48.21 -3.97 16.97
CA VAL S 83 -47.26 -4.23 18.04
C VAL S 83 -47.47 -5.62 18.66
N LEU S 84 -48.65 -5.86 19.23
CA LEU S 84 -48.86 -7.13 19.93
C LEU S 84 -48.78 -8.32 18.99
N GLU S 85 -49.36 -8.21 17.81
CA GLU S 85 -49.41 -9.35 16.89
C GLU S 85 -48.20 -9.41 15.96
N ARG S 86 -47.66 -8.26 15.56
CA ARG S 86 -46.56 -8.24 14.59
C ARG S 86 -45.19 -8.21 15.27
N PHE S 87 -44.97 -7.22 16.13
CA PHE S 87 -43.65 -7.04 16.73
C PHE S 87 -43.35 -8.04 17.83
N PHE S 88 -44.36 -8.68 18.40
CA PHE S 88 -44.17 -9.61 19.52
C PHE S 88 -44.38 -11.06 19.12
N LYS S 89 -45.51 -11.38 18.49
CA LYS S 89 -45.76 -12.76 18.10
C LYS S 89 -44.97 -13.15 16.86
N GLN S 90 -44.80 -12.23 15.91
CA GLN S 90 -44.16 -12.55 14.63
C GLN S 90 -42.70 -12.13 14.55
N VAL S 91 -42.25 -11.22 15.42
CA VAL S 91 -40.88 -10.73 15.39
C VAL S 91 -40.08 -11.22 16.59
N TRP S 92 -40.67 -11.19 17.78
CA TRP S 92 -39.96 -11.65 18.98
C TRP S 92 -40.11 -13.15 19.22
N TYR S 93 -41.33 -13.68 19.10
CA TYR S 93 -41.53 -15.11 19.32
C TYR S 93 -41.20 -15.92 18.08
N ARG S 94 -41.86 -15.62 16.96
CA ARG S 94 -41.68 -16.42 15.75
C ARG S 94 -40.22 -16.50 15.35
N ARG S 95 -39.45 -15.44 15.60
CA ARG S 95 -38.07 -15.36 15.14
C ARG S 95 -37.05 -15.65 16.22
N ASN S 96 -37.27 -15.19 17.45
CA ASN S 96 -36.26 -15.30 18.50
C ASN S 96 -36.64 -16.28 19.60
N ILE S 97 -37.77 -16.08 20.27
CA ILE S 97 -38.07 -16.91 21.44
C ILE S 97 -38.41 -18.33 21.01
N ARG S 98 -39.10 -18.48 19.88
CA ARG S 98 -39.46 -19.82 19.42
C ARG S 98 -38.23 -20.67 19.16
N THR S 99 -37.06 -20.06 18.97
CA THR S 99 -35.83 -20.79 18.69
C THR S 99 -35.07 -21.18 19.95
N PHE S 100 -35.09 -20.35 20.99
CA PHE S 100 -34.25 -20.57 22.16
C PHE S 100 -35.01 -20.81 23.45
N TRP S 101 -36.34 -20.85 23.44
CA TRP S 101 -37.07 -20.99 24.70
C TRP S 101 -36.74 -22.31 25.38
N PHE S 102 -36.58 -23.38 24.62
CA PHE S 102 -36.37 -24.70 25.19
C PHE S 102 -34.96 -24.86 25.72
N PRO S 103 -33.92 -24.63 24.92
CA PRO S 103 -32.56 -24.76 25.46
C PRO S 103 -32.26 -23.79 26.58
N VAL S 104 -32.70 -22.55 26.45
CA VAL S 104 -32.46 -21.57 27.50
C VAL S 104 -33.19 -21.97 28.77
N LEU S 105 -34.43 -22.44 28.66
CA LEU S 105 -35.17 -22.86 29.83
C LEU S 105 -34.50 -24.05 30.51
N ILE S 106 -34.04 -25.03 29.73
CA ILE S 106 -33.38 -26.20 30.31
C ILE S 106 -32.11 -25.77 31.02
N SER S 107 -31.28 -24.94 30.38
CA SER S 107 -30.04 -24.51 30.99
C SER S 107 -30.30 -23.69 32.25
N TYR S 108 -31.28 -22.80 32.21
CA TYR S 108 -31.60 -21.96 33.35
C TYR S 108 -32.08 -22.79 34.53
N THR S 109 -32.99 -23.74 34.28
CA THR S 109 -33.48 -24.60 35.35
C THR S 109 -32.36 -25.46 35.93
N SER S 110 -31.52 -26.04 35.06
CA SER S 110 -30.44 -26.87 35.55
C SER S 110 -29.44 -26.07 36.37
N GLY S 111 -29.10 -24.87 35.92
CA GLY S 111 -28.20 -24.02 36.69
C GLY S 111 -28.79 -23.64 38.02
N CYS S 112 -30.08 -23.31 38.05
CA CYS S 112 -30.74 -23.00 39.31
C CYS S 112 -30.67 -24.18 40.27
N ILE S 113 -30.97 -25.39 39.78
CA ILE S 113 -30.96 -26.55 40.65
C ILE S 113 -29.57 -26.84 41.16
N THR S 114 -28.56 -26.79 40.28
CA THR S 114 -27.19 -27.08 40.71
C THR S 114 -26.70 -26.04 41.71
N MET S 115 -27.01 -24.76 41.48
CA MET S 115 -26.62 -23.73 42.44
C MET S 115 -27.32 -23.94 43.77
N ARG S 116 -28.59 -24.35 43.76
CA ARG S 116 -29.28 -24.63 45.02
C ARG S 116 -28.62 -25.79 45.77
N MET S 117 -28.24 -26.84 45.05
CA MET S 117 -27.56 -27.96 45.70
C MET S 117 -26.22 -27.51 46.28
N TYR S 118 -25.47 -26.70 45.53
CA TYR S 118 -24.21 -26.17 46.03
C TYR S 118 -24.41 -25.33 47.28
N ASP S 119 -25.43 -24.47 47.28
CA ASP S 119 -25.70 -23.64 48.45
C ASP S 119 -26.15 -24.48 49.64
N ASN S 120 -26.91 -25.55 49.39
CA ASN S 120 -27.33 -26.42 50.49
C ASN S 120 -26.12 -27.14 51.09
N ASN S 121 -25.18 -27.58 50.26
CA ASN S 121 -23.95 -28.16 50.79
C ASN S 121 -23.17 -27.13 51.59
N CYS S 122 -23.12 -25.89 51.11
CA CYS S 122 -22.45 -24.82 51.85
C CYS S 122 -23.13 -24.60 53.20
N TYR S 123 -24.46 -24.62 53.23
CA TYR S 123 -25.19 -24.48 54.49
C TYR S 123 -24.84 -25.61 55.45
N ASP S 124 -24.86 -26.84 54.95
CA ASP S 124 -24.50 -27.98 55.80
C ASP S 124 -23.10 -27.82 56.36
N TYR S 125 -22.18 -27.30 55.55
CA TYR S 125 -20.83 -27.04 56.04
C TYR S 125 -20.83 -26.00 57.16
N PHE S 126 -21.52 -24.88 56.93
CA PHE S 126 -21.48 -23.80 57.92
C PHE S 126 -22.33 -24.13 59.14
N TYR S 127 -23.51 -24.68 58.94
CA TYR S 127 -24.48 -24.88 60.01
C TYR S 127 -24.55 -26.36 60.39
N PHE S 128 -24.43 -26.63 61.68
CA PHE S 128 -24.72 -27.93 62.26
C PHE S 128 -25.97 -27.79 63.13
N SER S 129 -26.32 -28.87 63.81
CA SER S 129 -27.52 -28.86 64.66
C SER S 129 -28.77 -28.67 63.82
N VAL T 2 32.42 15.63 -28.42
CA VAL T 2 33.68 15.78 -29.12
C VAL T 2 33.60 15.20 -30.53
N TYR T 3 32.59 14.37 -30.77
CA TYR T 3 32.52 13.63 -32.03
C TYR T 3 32.14 14.55 -33.18
N GLY T 4 31.13 15.38 -33.00
CA GLY T 4 30.70 16.26 -34.08
C GLY T 4 29.29 16.78 -33.84
N LYS T 5 28.63 17.13 -34.93
CA LYS T 5 27.33 17.77 -34.88
C LYS T 5 26.27 16.82 -34.33
N LEU T 6 25.22 17.41 -33.75
CA LEU T 6 24.07 16.64 -33.32
C LEU T 6 23.40 15.98 -34.51
N ILE T 7 23.06 14.71 -34.36
CA ILE T 7 22.36 13.94 -35.39
C ILE T 7 21.02 13.50 -34.83
N PHE T 8 19.96 13.81 -35.56
CA PHE T 8 18.60 13.56 -35.10
C PHE T 8 18.13 12.19 -35.59
N ASN T 9 16.87 11.87 -35.29
CA ASN T 9 16.32 10.56 -35.61
C ASN T 9 16.05 10.36 -37.09
N ASN T 10 16.34 11.36 -37.94
CA ASN T 10 16.19 11.17 -39.37
C ASN T 10 17.15 10.13 -39.92
N ILE T 11 18.24 9.86 -39.19
CA ILE T 11 19.18 8.82 -39.59
C ILE T 11 18.61 7.48 -39.10
N LYS T 12 18.22 6.63 -40.04
CA LYS T 12 17.55 5.38 -39.67
C LYS T 12 18.53 4.38 -39.04
N GLU T 13 19.70 4.22 -39.63
CA GLU T 13 20.65 3.23 -39.15
C GLU T 13 21.14 3.59 -37.76
N TYR T 14 21.37 2.56 -36.94
CA TYR T 14 21.92 2.79 -35.60
C TYR T 14 23.34 3.33 -35.67
N THR T 15 24.13 2.86 -36.63
CA THR T 15 25.49 3.34 -36.82
C THR T 15 25.57 4.14 -38.11
N PRO T 16 25.66 5.47 -38.06
CA PRO T 16 25.74 6.25 -39.29
C PRO T 16 26.98 5.88 -40.10
N SER T 17 26.87 6.03 -41.42
CA SER T 17 27.97 5.62 -42.30
C SER T 17 29.22 6.45 -42.04
N TRP T 18 29.06 7.75 -41.75
CA TRP T 18 30.21 8.63 -41.64
C TRP T 18 31.11 8.33 -40.45
N ILE T 19 30.67 7.48 -39.52
CA ILE T 19 31.56 7.10 -38.42
C ILE T 19 32.67 6.21 -38.96
N LYS T 20 33.75 6.11 -38.18
CA LYS T 20 34.94 5.36 -38.58
C LYS T 20 34.97 4.03 -37.84
N THR T 21 35.24 2.96 -38.58
CA THR T 21 35.41 1.63 -38.02
C THR T 21 36.83 1.17 -38.26
N ILE T 22 37.51 0.75 -37.21
CA ILE T 22 38.91 0.38 -37.27
C ILE T 22 39.07 -0.92 -38.05
N PRO T 23 40.19 -1.15 -38.72
CA PRO T 23 40.41 -2.44 -39.39
C PRO T 23 40.80 -3.52 -38.40
N TYR T 24 40.85 -4.76 -38.91
CA TYR T 24 41.19 -5.89 -38.06
C TYR T 24 42.65 -5.90 -37.64
N SER T 25 43.51 -5.16 -38.34
CA SER T 25 44.93 -5.14 -37.96
C SER T 25 45.12 -4.46 -36.61
N GLN T 26 44.41 -3.35 -36.37
CA GLN T 26 44.65 -2.57 -35.16
C GLN T 26 44.19 -3.29 -33.90
N VAL T 27 43.06 -4.00 -33.97
CA VAL T 27 42.51 -4.63 -32.78
C VAL T 27 43.53 -5.61 -32.20
N THR T 28 43.76 -5.51 -30.90
CA THR T 28 44.74 -6.37 -30.24
C THR T 28 44.23 -7.81 -30.18
N LYS T 29 45.16 -8.76 -30.32
CA LYS T 29 44.80 -10.17 -30.29
C LYS T 29 44.97 -10.74 -28.89
N PRO T 30 44.17 -11.72 -28.51
CA PRO T 30 44.31 -12.32 -27.18
C PRO T 30 45.57 -13.19 -27.08
N ILE T 31 46.04 -13.34 -25.85
CA ILE T 31 47.18 -14.21 -25.55
C ILE T 31 46.58 -15.51 -25.04
N LEU T 32 46.35 -16.45 -25.95
CA LEU T 32 45.67 -17.71 -25.61
C LEU T 32 46.69 -18.73 -25.09
N ARG T 33 47.32 -18.36 -24.00
CA ARG T 33 48.26 -19.23 -23.29
C ARG T 33 48.07 -19.06 -21.80
N LYS T 34 48.30 -20.12 -21.05
CA LYS T 34 48.26 -20.03 -19.60
C LYS T 34 49.52 -19.31 -19.10
N GLN T 35 49.33 -18.44 -18.12
CA GLN T 35 50.40 -17.63 -17.56
C GLN T 35 50.71 -18.06 -16.14
N PRO T 36 51.92 -17.79 -15.65
CA PRO T 36 52.28 -18.23 -14.29
C PRO T 36 51.36 -17.62 -13.25
N GLN T 37 51.04 -18.42 -12.23
CA GLN T 37 50.16 -17.97 -11.18
C GLN T 37 50.87 -17.00 -10.25
N ILE T 38 50.18 -15.92 -9.89
CA ILE T 38 50.69 -14.93 -8.95
C ILE T 38 50.24 -15.37 -7.56
N VAL T 39 51.12 -16.07 -6.85
CA VAL T 39 50.80 -16.66 -5.55
C VAL T 39 51.96 -16.41 -4.60
N GLY T 40 51.65 -16.14 -3.34
CA GLY T 40 52.68 -15.90 -2.34
C GLY T 40 53.28 -17.18 -1.82
N LYS T 41 54.32 -17.00 -0.98
CA LYS T 41 55.02 -18.16 -0.43
C LYS T 41 54.11 -18.99 0.46
N ILE T 42 53.29 -18.32 1.28
CA ILE T 42 52.48 -19.03 2.27
C ILE T 42 51.47 -19.94 1.57
N ASN T 43 50.77 -19.41 0.57
CA ASN T 43 49.74 -20.19 -0.11
C ASN T 43 50.31 -21.19 -1.09
N ALA T 44 51.56 -21.01 -1.52
CA ALA T 44 52.18 -22.00 -2.40
C ALA T 44 52.54 -23.28 -1.67
N ASP T 45 52.51 -23.28 -0.34
CA ASP T 45 52.83 -24.47 0.42
C ASP T 45 51.74 -25.51 0.24
N PRO T 46 52.06 -26.74 -0.19
CA PRO T 46 51.00 -27.74 -0.39
C PRO T 46 50.18 -28.00 0.85
N LYS T 47 50.77 -27.92 2.04
CA LYS T 47 49.99 -28.11 3.26
C LYS T 47 48.91 -27.03 3.40
N VAL T 48 49.25 -25.79 3.07
CA VAL T 48 48.24 -24.73 3.12
C VAL T 48 47.14 -24.98 2.11
N LYS T 49 47.49 -25.49 0.93
CA LYS T 49 46.46 -25.82 -0.05
C LYS T 49 45.54 -26.92 0.46
N LYS T 50 46.11 -27.94 1.10
CA LYS T 50 45.29 -28.99 1.68
C LYS T 50 44.38 -28.43 2.77
N PHE T 51 44.90 -27.51 3.58
CA PHE T 51 44.07 -26.87 4.60
C PHE T 51 42.92 -26.10 3.97
N TRP T 52 43.19 -25.36 2.88
CA TRP T 52 42.13 -24.64 2.20
C TRP T 52 41.07 -25.61 1.67
N VAL T 53 41.50 -26.72 1.07
CA VAL T 53 40.54 -27.69 0.54
C VAL T 53 39.71 -28.28 1.66
N PHE T 54 40.36 -28.61 2.79
CA PHE T 54 39.63 -29.17 3.93
C PHE T 54 38.59 -28.19 4.44
N LEU T 55 38.97 -26.92 4.59
CA LEU T 55 38.01 -25.91 5.02
C LEU T 55 36.87 -25.78 4.03
N ARG T 56 37.18 -25.82 2.73
CA ARG T 56 36.15 -25.69 1.72
C ARG T 56 35.15 -26.84 1.81
N GLU T 57 35.63 -28.07 1.94
CA GLU T 57 34.79 -29.25 1.81
C GLU T 57 34.39 -29.86 3.14
N ASN T 58 34.60 -29.17 4.26
CA ASN T 58 34.13 -29.68 5.54
C ASN T 58 33.28 -28.67 6.30
N VAL T 59 33.59 -27.37 6.20
CA VAL T 59 32.88 -26.33 6.92
C VAL T 59 32.20 -25.34 5.97
N GLN T 60 32.89 -24.95 4.90
CA GLN T 60 32.30 -23.98 3.97
C GLN T 60 31.04 -24.53 3.33
N TYR T 61 31.06 -25.81 2.93
CA TYR T 61 29.91 -26.41 2.28
C TYR T 61 28.73 -26.65 3.22
N TYR T 62 28.93 -26.47 4.53
CA TYR T 62 27.86 -26.62 5.49
C TYR T 62 27.55 -25.26 6.12
N PRO T 63 26.51 -24.56 5.64
CA PRO T 63 26.34 -23.15 6.06
C PRO T 63 26.23 -22.95 7.57
N PHE T 64 25.60 -23.87 8.30
CA PHE T 64 25.51 -23.69 9.75
C PHE T 64 26.86 -23.87 10.41
N LEU T 65 27.69 -24.78 9.89
CA LEU T 65 29.07 -24.85 10.37
C LEU T 65 29.83 -23.58 10.03
N TRP T 66 29.54 -22.96 8.89
CA TRP T 66 30.18 -21.69 8.56
C TRP T 66 29.74 -20.60 9.52
N GLN T 67 28.48 -20.63 9.95
CA GLN T 67 28.03 -19.67 10.96
C GLN T 67 28.71 -19.93 12.29
N PHE T 68 28.95 -21.20 12.63
CA PHE T 68 29.75 -21.50 13.81
C PHE T 68 31.16 -20.93 13.68
N PHE T 69 31.74 -21.02 12.48
CA PHE T 69 33.05 -20.44 12.25
C PHE T 69 33.03 -18.93 12.42
N ILE T 70 31.97 -18.27 11.93
CA ILE T 70 31.85 -16.83 12.09
C ILE T 70 31.72 -16.47 13.57
N LEU T 71 30.96 -17.26 14.32
CA LEU T 71 30.88 -17.05 15.77
C LEU T 71 32.24 -17.20 16.41
N GLY T 72 33.03 -18.18 15.97
CA GLY T 72 34.38 -18.34 16.49
C GLY T 72 35.26 -17.14 16.18
N THR T 73 35.14 -16.59 14.97
CA THR T 73 35.92 -15.41 14.62
C THR T 73 35.52 -14.21 15.47
N SER T 74 34.22 -14.05 15.74
CA SER T 74 33.79 -12.96 16.60
C SER T 74 34.31 -13.15 18.03
N PHE T 75 34.31 -14.39 18.51
CA PHE T 75 34.89 -14.68 19.82
C PHE T 75 36.37 -14.34 19.86
N VAL T 76 37.09 -14.68 18.79
CA VAL T 76 38.51 -14.35 18.70
C VAL T 76 38.70 -12.85 18.71
N TRP T 77 37.89 -12.12 17.95
CA TRP T 77 37.95 -10.67 17.96
C TRP T 77 37.79 -10.14 19.38
N PHE T 78 36.74 -10.58 20.06
CA PHE T 78 36.46 -10.09 21.40
C PHE T 78 37.65 -10.33 22.32
N HIS T 79 38.17 -11.56 22.33
CA HIS T 79 39.23 -11.87 23.28
C HIS T 79 40.54 -11.17 22.91
N VAL T 80 40.85 -11.05 21.62
CA VAL T 80 42.06 -10.36 21.22
C VAL T 80 42.01 -8.90 21.65
N CYS T 81 40.86 -8.26 21.48
CA CYS T 81 40.73 -6.85 21.85
C CYS T 81 40.49 -6.64 23.35
N TYR T 82 40.16 -7.70 24.09
CA TYR T 82 39.81 -7.59 25.50
C TYR T 82 40.94 -7.98 26.44
N ASP T 83 41.52 -9.17 26.26
CA ASP T 83 42.47 -9.70 27.23
C ASP T 83 43.71 -8.82 27.40
N PRO T 84 44.37 -8.36 26.33
CA PRO T 84 45.60 -7.57 26.54
C PRO T 84 45.37 -6.29 27.33
N TRP T 85 44.35 -5.51 26.95
CA TRP T 85 44.08 -4.26 27.64
C TRP T 85 43.75 -4.50 29.10
N LEU T 86 42.87 -5.48 29.37
CA LEU T 86 42.53 -5.77 30.76
C LEU T 86 43.75 -6.20 31.56
N ALA T 87 44.58 -7.07 30.98
CA ALA T 87 45.76 -7.55 31.67
C ALA T 87 46.69 -6.39 32.04
N ILE T 88 47.01 -5.54 31.07
CA ILE T 88 47.93 -4.43 31.34
C ILE T 88 47.30 -3.47 32.34
N TYR T 89 46.01 -3.19 32.19
CA TYR T 89 45.35 -2.23 33.06
C TYR T 89 45.35 -2.70 34.51
N GLN T 90 45.03 -3.98 34.75
CA GLN T 90 44.99 -4.46 36.12
C GLN T 90 46.37 -4.81 36.66
N ALA T 91 47.37 -4.95 35.78
CA ALA T 91 48.74 -5.08 36.27
C ALA T 91 49.31 -3.75 36.71
N ASN T 92 48.99 -2.68 35.99
CA ASN T 92 49.51 -1.35 36.34
C ASN T 92 48.99 -0.90 37.69
N ASN T 93 47.71 -1.13 37.97
CA ASN T 93 47.05 -0.63 39.18
C ASN T 93 47.04 -1.66 40.30
N ALA T 94 48.02 -2.56 40.33
CA ALA T 94 48.05 -3.59 41.36
C ALA T 94 48.23 -2.98 42.75
N HIS T 95 49.07 -1.95 42.86
CA HIS T 95 49.39 -1.36 44.15
C HIS T 95 48.28 -0.50 44.71
N ARG T 96 47.24 -0.19 43.93
CA ARG T 96 46.11 0.59 44.40
C ARG T 96 44.96 -0.27 44.90
N SER T 97 45.13 -1.59 44.95
CA SER T 97 44.04 -2.48 45.35
C SER T 97 43.66 -2.22 46.80
N LEU T 98 42.41 -2.59 47.12
CA LEU T 98 41.94 -2.47 48.50
C LEU T 98 42.74 -3.35 49.44
N GLU T 99 43.32 -4.44 48.93
CA GLU T 99 44.10 -5.33 49.77
C GLU T 99 45.33 -4.63 50.33
N THR T 100 45.99 -3.79 49.52
CA THR T 100 47.15 -3.06 50.01
C THR T 100 46.78 -2.11 51.14
N ALA T 101 45.68 -1.37 50.98
CA ALA T 101 45.23 -0.47 52.03
C ALA T 101 44.86 -1.24 53.29
N LEU T 102 44.19 -2.38 53.13
CA LEU T 102 43.85 -3.20 54.29
C LEU T 102 45.11 -3.70 54.99
N THR T 103 46.13 -4.09 54.22
CA THR T 103 47.38 -4.53 54.83
C THR T 103 48.04 -3.41 55.61
N LYS T 104 48.07 -2.21 55.03
CA LYS T 104 48.65 -1.07 55.75
C LYS T 104 47.89 -0.79 57.04
N GLU T 105 46.55 -0.81 56.98
CA GLU T 105 45.76 -0.59 58.18
C GLU T 105 46.02 -1.67 59.22
N LYS T 106 46.12 -2.92 58.78
CA LYS T 106 46.37 -4.01 59.72
C LYS T 106 47.73 -3.85 60.40
N ALA T 107 48.75 -3.46 59.62
CA ALA T 107 50.06 -3.22 60.22
C ALA T 107 50.00 -2.08 61.23
N HIS T 108 49.31 -0.99 60.89
CA HIS T 108 49.21 0.12 61.82
C HIS T 108 48.46 -0.28 63.09
N LYS T 109 47.38 -1.05 62.95
CA LYS T 109 46.63 -1.49 64.11
C LYS T 109 47.47 -2.40 64.99
N LYS T 110 48.25 -3.29 64.38
CA LYS T 110 49.14 -4.16 65.16
C LYS T 110 50.17 -3.33 65.91
N LYS T 111 50.74 -2.32 65.25
CA LYS T 111 51.71 -1.45 65.92
C LYS T 111 51.07 -0.76 67.12
N LEU T 112 49.87 -0.22 66.93
CA LEU T 112 49.19 0.45 68.04
C LEU T 112 48.90 -0.53 69.17
N ALA T 113 48.43 -1.73 68.83
CA ALA T 113 48.08 -2.70 69.87
C ALA T 113 49.31 -3.11 70.67
N GLU T 114 50.43 -3.35 70.01
CA GLU T 114 51.64 -3.74 70.74
C GLU T 114 52.18 -2.57 71.54
N GLN T 115 52.09 -1.35 71.02
CA GLN T 115 52.65 -0.20 71.71
C GLN T 115 51.72 0.34 72.79
N GLU T 116 50.41 0.16 72.62
CA GLU T 116 49.45 0.70 73.60
C GLU T 116 49.73 0.12 74.98
N GLU T 117 49.70 1.00 75.98
CA GLU T 117 49.96 0.64 77.36
C GLU T 117 48.64 0.40 78.08
N SER T 118 48.72 0.22 79.40
CA SER T 118 47.53 -0.02 80.22
C SER T 118 46.55 1.15 80.11
N UNK U 1 12.94 4.84 43.45
CA UNK U 1 13.89 4.83 44.60
C UNK U 1 13.27 4.10 45.79
N UNK U 2 13.93 3.04 46.24
CA UNK U 2 13.48 2.20 47.35
C UNK U 2 12.20 1.45 47.02
N UNK U 3 11.74 1.50 45.76
CA UNK U 3 10.54 0.78 45.36
C UNK U 3 10.73 0.13 43.99
N UNK U 4 11.97 -0.09 43.56
CA UNK U 4 12.27 -0.72 42.29
C UNK U 4 12.56 -2.20 42.50
N UNK U 5 12.87 -2.90 41.41
CA UNK U 5 13.18 -4.32 41.50
C UNK U 5 14.31 -4.56 42.50
N UNK U 6 15.36 -3.74 42.42
CA UNK U 6 16.38 -3.75 43.45
C UNK U 6 15.84 -3.13 44.73
N UNK U 7 16.55 -3.36 45.84
CA UNK U 7 16.12 -2.86 47.13
C UNK U 7 14.74 -3.43 47.48
N UNK U 8 14.02 -2.78 48.40
CA UNK U 8 12.69 -3.22 48.90
C UNK U 8 11.58 -2.83 47.93
N UNK U 9 11.14 -3.73 47.05
CA UNK U 9 10.20 -3.39 45.97
C UNK U 9 8.81 -2.92 46.41
N UNK U 10 8.16 -3.57 47.37
CA UNK U 10 6.76 -3.24 47.76
C UNK U 10 6.69 -3.13 49.26
N UNK U 11 7.84 -3.23 49.92
CA UNK U 11 7.93 -2.95 51.35
C UNK U 11 7.24 -4.05 52.17
N UNK U 12 7.40 -5.31 51.74
CA UNK U 12 6.88 -6.41 52.53
C UNK U 12 7.52 -6.45 53.90
N UNK U 13 8.84 -6.24 53.96
CA UNK U 13 9.55 -6.02 55.21
C UNK U 13 9.89 -4.55 55.31
N UNK U 14 9.49 -3.93 56.42
CA UNK U 14 9.59 -2.49 56.60
C UNK U 14 10.61 -2.17 57.69
N UNK U 15 11.48 -1.20 57.41
CA UNK U 15 12.41 -0.72 58.42
C UNK U 15 11.63 -0.09 59.56
N UNK U 16 11.81 -0.54 60.80
CA UNK U 16 11.02 -0.02 61.94
C UNK U 16 11.75 -0.18 63.27
N UNK U 17 11.38 0.60 64.29
CA UNK U 17 11.95 0.52 65.65
C UNK U 17 11.10 -0.40 66.53
N UNK U 18 10.01 -0.96 66.00
CA UNK U 18 9.06 -1.82 66.77
C UNK U 18 9.74 -3.08 67.32
N UNK U 19 9.38 -3.54 68.53
CA UNK U 19 10.04 -4.66 69.18
C UNK U 19 9.68 -5.97 68.50
N UNK U 20 10.48 -7.00 68.79
CA UNK U 20 10.25 -8.31 68.20
C UNK U 20 8.91 -8.88 68.65
N UNK U 21 8.57 -8.71 69.93
CA UNK U 21 7.34 -9.25 70.50
C UNK U 21 7.32 -10.78 70.40
N UNK U 22 8.34 -11.39 71.00
CA UNK U 22 8.44 -12.84 70.99
C UNK U 22 7.33 -13.46 71.82
N UNK U 23 6.80 -14.59 71.34
CA UNK U 23 5.75 -15.32 72.02
C UNK U 23 6.25 -16.72 72.35
N UNK U 24 6.07 -17.13 73.60
CA UNK U 24 6.51 -18.44 74.07
C UNK U 24 5.32 -19.39 74.11
N UNK U 25 5.45 -20.52 73.43
CA UNK U 25 4.37 -21.52 73.37
C UNK U 25 4.49 -22.45 74.58
N UNK U 26 4.17 -21.90 75.74
CA UNK U 26 4.23 -22.63 76.99
C UNK U 26 2.88 -23.26 77.29
N UNK U 27 2.89 -24.56 77.57
CA UNK U 27 1.66 -25.29 77.88
C UNK U 27 1.99 -26.41 78.84
N UNK U 28 0.95 -26.92 79.51
CA UNK U 28 1.11 -28.00 80.48
C UNK U 28 1.11 -29.34 79.75
N UNK U 29 2.14 -30.14 80.01
CA UNK U 29 2.27 -31.46 79.41
C UNK U 29 2.66 -32.46 80.48
N UNK U 30 2.33 -33.73 80.23
CA UNK U 30 2.58 -34.77 81.22
C UNK U 30 4.06 -34.88 81.54
N UNK U 31 4.92 -34.85 80.51
CA UNK U 31 6.36 -34.96 80.67
C UNK U 31 7.08 -33.65 80.36
N UNK U 32 6.75 -33.02 79.25
CA UNK U 32 7.43 -31.78 78.86
C UNK U 32 7.08 -30.66 79.83
N UNK U 33 8.11 -29.96 80.30
CA UNK U 33 7.95 -28.79 81.16
C UNK U 33 7.50 -29.17 82.57
N UNK U 34 7.24 -30.45 82.81
CA UNK U 34 6.83 -30.92 84.12
C UNK U 34 7.99 -31.47 84.94
N UNK U 35 9.21 -31.47 84.39
CA UNK U 35 10.37 -31.97 85.13
C UNK U 35 10.84 -30.99 86.19
N UNK U 36 10.40 -29.73 86.13
CA UNK U 36 10.81 -28.71 87.09
C UNK U 36 10.04 -28.92 88.39
N UNK U 37 10.41 -29.98 89.09
CA UNK U 37 9.78 -30.35 90.36
C UNK U 37 10.73 -30.01 91.51
N UNK U 38 10.20 -29.32 92.52
CA UNK U 38 10.99 -28.89 93.66
C UNK U 38 10.02 -28.61 94.82
N UNK U 39 10.56 -28.01 95.88
CA UNK U 39 9.75 -27.66 97.04
C UNK U 39 9.01 -26.34 96.89
N UNK U 40 9.32 -25.55 95.86
CA UNK U 40 8.67 -24.26 95.63
C UNK U 40 7.35 -24.50 94.89
N UNK U 41 6.32 -24.82 95.66
CA UNK U 41 4.98 -25.06 95.13
C UNK U 41 3.98 -24.19 95.88
N UNK U 42 3.07 -23.58 95.12
CA UNK U 42 2.03 -22.73 95.70
C UNK U 42 0.87 -22.65 94.72
N UNK U 43 -0.35 -22.79 95.23
CA UNK U 43 -1.56 -22.70 94.42
C UNK U 43 -2.51 -21.70 95.04
N UNK U 44 -3.01 -20.77 94.23
CA UNK U 44 -3.93 -19.73 94.67
C UNK U 44 -5.28 -19.94 94.02
N UNK U 45 -6.34 -20.00 94.83
CA UNK U 45 -7.67 -20.20 94.30
C UNK U 45 -8.09 -19.04 93.40
N UNK U 46 -7.79 -17.81 93.83
CA UNK U 46 -8.13 -16.65 93.03
C UNK U 46 -7.21 -16.51 91.83
N UNK U 47 -7.62 -15.67 90.88
CA UNK U 47 -6.85 -15.45 89.65
C UNK U 47 -5.75 -14.42 89.92
N UNK U 48 -4.80 -14.82 90.74
CA UNK U 48 -3.67 -13.97 91.09
C UNK U 48 -2.39 -14.81 91.12
N UNK U 49 -1.27 -14.15 90.84
CA UNK U 49 0.03 -14.82 90.86
C UNK U 49 1.04 -13.91 91.55
N UNK U 50 2.01 -14.54 92.21
CA UNK U 50 3.05 -13.82 92.91
C UNK U 50 4.30 -13.61 92.06
N UNK U 51 4.32 -14.13 90.83
CA UNK U 51 5.46 -13.97 89.93
C UNK U 51 6.75 -14.43 90.60
N UNK U 52 6.67 -15.56 91.29
CA UNK U 52 7.84 -16.13 91.97
C UNK U 52 8.56 -17.15 91.08
N UNK U 53 7.85 -18.18 90.63
CA UNK U 53 8.46 -19.18 89.76
C UNK U 53 8.84 -18.62 88.40
N UNK U 54 8.23 -17.50 88.00
CA UNK U 54 8.52 -16.93 86.69
C UNK U 54 9.98 -16.50 86.60
N UNK U 55 10.51 -15.89 87.66
CA UNK U 55 11.90 -15.45 87.65
C UNK U 55 12.86 -16.63 87.46
N UNK U 56 12.59 -17.73 88.15
CA UNK U 56 13.47 -18.89 88.05
C UNK U 56 13.27 -19.60 86.71
N UNK U 57 14.38 -19.88 86.02
CA UNK U 57 14.38 -20.63 84.78
C UNK U 57 15.40 -21.74 84.87
N UNK U 58 14.98 -22.96 84.56
CA UNK U 58 15.84 -24.15 84.69
C UNK U 58 16.14 -24.71 83.32
N UNK U 59 17.43 -24.89 83.03
CA UNK U 59 17.90 -25.49 81.80
C UNK U 59 18.59 -26.81 82.14
N UNK U 60 18.15 -27.90 81.51
CA UNK U 60 18.66 -29.23 81.81
C UNK U 60 19.95 -29.48 81.02
N UNK U 61 20.98 -28.73 81.40
CA UNK U 61 22.29 -28.89 80.79
C UNK U 61 23.05 -30.09 81.34
N UNK U 62 22.61 -30.66 82.45
CA UNK U 62 23.28 -31.83 83.00
C UNK U 62 23.12 -33.03 82.06
N UNK U 63 24.17 -33.83 81.98
CA UNK U 63 24.15 -35.00 81.10
C UNK U 63 23.06 -35.98 81.54
N UNK U 64 22.29 -36.47 80.57
CA UNK U 64 21.22 -37.43 80.82
C UNK U 64 20.20 -36.87 81.82
N UNK U 65 19.91 -35.58 81.70
CA UNK U 65 18.94 -34.93 82.56
C UNK U 65 17.53 -35.11 81.99
N UNK U 66 16.60 -35.50 82.84
CA UNK U 66 15.21 -35.69 82.43
C UNK U 66 14.31 -35.87 83.64
N MET V 1 5.09 -47.95 -12.31
CA MET V 1 5.55 -46.53 -12.31
C MET V 1 5.35 -45.92 -10.93
N TYR V 2 6.15 -44.90 -10.64
CA TYR V 2 6.15 -44.24 -9.34
C TYR V 2 5.32 -42.96 -9.43
N LEU V 3 4.16 -42.96 -8.77
CA LEU V 3 3.23 -41.83 -8.81
C LEU V 3 2.91 -41.42 -7.38
N PRO V 4 3.88 -40.86 -6.67
CA PRO V 4 3.64 -40.47 -5.28
C PRO V 4 2.62 -39.34 -5.20
N THR V 5 1.84 -39.37 -4.12
CA THR V 5 0.84 -38.32 -3.90
C THR V 5 1.52 -37.01 -3.53
N PHE V 6 1.00 -35.91 -4.07
CA PHE V 6 1.61 -34.61 -3.80
C PHE V 6 1.57 -34.26 -2.33
N TYR V 7 0.61 -34.82 -1.59
CA TYR V 7 0.68 -34.75 -0.13
C TYR V 7 2.03 -35.24 0.37
N LYS V 8 2.44 -36.41 -0.11
CA LYS V 8 3.69 -37.00 0.35
C LYS V 8 4.88 -36.14 -0.07
N LEU V 9 4.87 -35.60 -1.29
CA LEU V 9 5.97 -34.76 -1.73
C LEU V 9 6.09 -33.52 -0.85
N PHE V 10 4.96 -32.87 -0.55
CA PHE V 10 5.00 -31.71 0.33
C PHE V 10 5.50 -32.08 1.71
N HIS V 11 5.03 -33.21 2.26
CA HIS V 11 5.48 -33.62 3.58
C HIS V 11 6.98 -33.87 3.60
N GLU V 12 7.51 -34.55 2.58
CA GLU V 12 8.93 -34.85 2.55
C GLU V 12 9.76 -33.59 2.39
N THR V 13 9.33 -32.68 1.51
CA THR V 13 10.07 -31.44 1.33
C THR V 13 10.09 -30.62 2.61
N ASN V 14 8.95 -30.53 3.30
CA ASN V 14 8.91 -29.80 4.56
C ASN V 14 9.74 -30.49 5.63
N ALA V 15 9.77 -31.83 5.64
CA ALA V 15 10.63 -32.52 6.58
C ALA V 15 12.10 -32.18 6.34
N PHE V 16 12.52 -32.17 5.07
CA PHE V 16 13.90 -31.80 4.77
C PHE V 16 14.18 -30.36 5.15
N ARG V 17 13.26 -29.44 4.89
CA ARG V 17 13.48 -28.04 5.25
C ARG V 17 13.56 -27.87 6.76
N LEU V 18 12.74 -28.61 7.50
CA LEU V 18 12.83 -28.58 8.96
C LEU V 18 14.17 -29.12 9.41
N LYS V 19 14.67 -30.18 8.77
CA LYS V 19 16.00 -30.69 9.07
C LYS V 19 17.05 -29.62 8.85
N ARG V 20 16.95 -28.90 7.73
CA ARG V 20 17.92 -27.84 7.43
C ARG V 20 17.86 -26.73 8.48
N TYR V 21 16.65 -26.33 8.88
CA TYR V 21 16.52 -25.21 9.81
C TYR V 21 16.90 -25.59 11.23
N VAL V 22 16.75 -26.87 11.60
CA VAL V 22 17.14 -27.30 12.93
C VAL V 22 18.64 -27.14 13.14
N GLY V 23 19.42 -27.16 12.07
CA GLY V 23 20.86 -27.00 12.21
C GLY V 23 21.24 -25.67 12.83
N TYR V 24 20.45 -24.63 12.59
CA TYR V 24 20.74 -23.30 13.14
C TYR V 24 20.22 -23.13 14.56
N GLY V 25 19.43 -24.07 15.07
CA GLY V 25 18.97 -24.00 16.44
C GLY V 25 20.13 -24.04 17.42
N PRO V 26 21.02 -25.01 17.25
CA PRO V 26 22.25 -25.01 18.06
C PRO V 26 23.08 -23.75 17.89
N LEU V 27 23.08 -23.16 16.70
CA LEU V 27 23.83 -21.92 16.49
C LEU V 27 23.29 -20.80 17.36
N LEU V 28 21.98 -20.57 17.31
CA LEU V 28 21.37 -19.53 18.13
C LEU V 28 21.50 -19.86 19.61
N LEU V 29 21.42 -21.14 19.96
CA LEU V 29 21.60 -21.53 21.35
C LEU V 29 23.01 -21.18 21.83
N THR V 30 24.02 -21.43 20.99
CA THR V 30 25.39 -21.08 21.35
C THR V 30 25.55 -19.56 21.46
N TRP V 31 24.94 -18.82 20.54
CA TRP V 31 25.01 -17.36 20.62
C TRP V 31 24.40 -16.86 21.92
N SER V 32 23.24 -17.39 22.31
CA SER V 32 22.58 -16.97 23.53
C SER V 32 23.24 -17.55 24.78
N ILE V 33 24.10 -18.55 24.64
CA ILE V 33 24.87 -19.05 25.78
C ILE V 33 26.10 -18.18 26.01
N TRP V 34 26.83 -17.86 24.93
CA TRP V 34 27.94 -16.92 25.05
C TRP V 34 27.45 -15.60 25.63
N THR V 35 26.38 -15.06 25.07
CA THR V 35 25.66 -13.97 25.71
C THR V 35 24.91 -14.50 26.93
N LEU V 36 24.69 -13.62 27.91
CA LEU V 36 23.91 -13.98 29.10
C LEU V 36 24.53 -15.15 29.85
N TYR V 37 25.84 -15.35 29.72
CA TYR V 37 26.49 -16.42 30.47
C TYR V 37 26.27 -16.28 31.97
N PRO V 38 26.33 -15.09 32.58
CA PRO V 38 26.00 -14.99 34.01
C PRO V 38 24.61 -15.52 34.33
N ALA V 39 23.63 -15.27 33.46
CA ALA V 39 22.29 -15.81 33.68
C ALA V 39 22.31 -17.33 33.66
N LEU V 40 23.05 -17.92 32.71
CA LEU V 40 23.14 -19.37 32.64
C LEU V 40 23.81 -19.91 33.91
N TYR V 41 24.85 -19.24 34.39
CA TYR V 41 25.50 -19.68 35.62
C TYR V 41 24.54 -19.63 36.79
N ASN V 42 23.78 -18.54 36.92
CA ASN V 42 22.81 -18.44 38.01
C ASN V 42 21.77 -19.54 37.91
N MET V 43 21.26 -19.81 36.71
CA MET V 43 20.28 -20.87 36.53
C MET V 43 20.86 -22.23 36.90
N ILE V 44 22.09 -22.50 36.47
CA ILE V 44 22.68 -23.81 36.69
C ILE V 44 23.03 -24.03 38.15
N TYR V 45 23.39 -22.97 38.87
CA TYR V 45 23.85 -23.09 40.25
C TYR V 45 22.86 -22.53 41.26
N SER V 46 21.62 -22.28 40.87
CA SER V 46 20.57 -21.88 41.78
C SER V 46 19.50 -22.97 41.95
N ASP V 47 18.93 -23.44 40.85
CA ASP V 47 17.98 -24.55 40.91
C ASP V 47 18.71 -25.89 40.85
N PHE V 48 19.45 -26.12 39.78
CA PHE V 48 20.33 -27.27 39.72
C PHE V 48 21.53 -27.05 40.63
N ILE V 49 22.02 -28.13 41.23
CA ILE V 49 23.17 -28.04 42.13
C ILE V 49 22.89 -26.98 43.18
N PRO V 50 21.89 -27.16 44.03
CA PRO V 50 21.54 -26.10 44.96
C PRO V 50 22.67 -25.87 45.95
N PRO V 51 22.81 -24.65 46.47
CA PRO V 51 23.85 -24.38 47.46
C PRO V 51 23.65 -25.21 48.72
N GLU V 52 24.76 -25.57 49.35
CA GLU V 52 24.71 -26.32 50.60
C GLU V 52 24.14 -25.46 51.72
N ARG V 53 23.49 -26.11 52.68
CA ARG V 53 22.89 -25.43 53.81
C ARG V 53 23.92 -25.36 54.94
N GLY V 54 24.54 -24.19 55.08
CA GLY V 54 25.49 -23.95 56.14
C GLY V 54 25.86 -22.48 56.23
N VAL V 55 26.18 -22.01 57.42
CA VAL V 55 26.53 -20.60 57.62
C VAL V 55 27.81 -20.50 58.45
N PRO V 56 28.63 -19.48 58.26
CA PRO V 56 29.88 -19.38 59.02
C PRO V 56 29.62 -19.10 60.49
N LYS V 57 30.59 -19.49 61.32
CA LYS V 57 30.47 -19.28 62.76
C LYS V 57 30.36 -17.80 63.09
N ARG V 58 31.13 -16.96 62.41
CA ARG V 58 31.10 -15.51 62.65
C ARG V 58 29.77 -14.93 62.18
N ALA W 2 -9.42 -43.59 9.10
CA ALA W 2 -8.94 -44.95 8.85
C ALA W 2 -7.55 -45.18 9.43
N PRO W 3 -6.64 -44.22 9.28
CA PRO W 3 -5.31 -44.38 9.88
C PRO W 3 -5.42 -44.58 11.39
N VAL W 4 -4.55 -45.45 11.92
CA VAL W 4 -4.63 -45.81 13.33
C VAL W 4 -4.38 -44.59 14.21
N PHE W 5 -3.38 -43.77 13.86
CA PHE W 5 -3.03 -42.65 14.72
C PHE W 5 -4.10 -41.56 14.70
N LEU W 6 -4.72 -41.32 13.54
CA LEU W 6 -5.81 -40.34 13.49
C LEU W 6 -7.00 -40.81 14.32
N LYS W 7 -7.33 -42.11 14.24
CA LYS W 7 -8.42 -42.63 15.06
C LYS W 7 -8.08 -42.52 16.54
N ALA W 8 -6.83 -42.79 16.91
CA ALA W 8 -6.42 -42.63 18.29
C ALA W 8 -6.52 -41.18 18.74
N LEU W 9 -6.15 -40.24 17.85
CA LEU W 9 -6.29 -38.83 18.17
C LEU W 9 -7.75 -38.45 18.39
N ARG W 10 -8.65 -38.97 17.56
CA ARG W 10 -10.07 -38.71 17.75
C ARG W 10 -10.55 -39.27 19.08
N TYR W 11 -10.12 -40.49 19.44
CA TYR W 11 -10.50 -41.07 20.72
C TYR W 11 -9.99 -40.21 21.86
N VAL W 12 -8.75 -39.74 21.78
CA VAL W 12 -8.19 -38.89 22.82
C VAL W 12 -8.98 -37.59 22.94
N ILE W 13 -9.32 -36.99 21.81
CA ILE W 13 -10.09 -35.75 21.84
C ILE W 13 -11.43 -35.97 22.54
N TYR W 14 -12.11 -37.07 22.22
CA TYR W 14 -13.39 -37.34 22.85
C TYR W 14 -13.24 -37.63 24.34
N SER W 15 -12.21 -38.39 24.73
CA SER W 15 -12.17 -38.95 26.06
C SER W 15 -11.39 -38.13 27.08
N TYR W 16 -10.55 -37.20 26.66
CA TYR W 16 -9.74 -36.46 27.62
C TYR W 16 -10.58 -35.63 28.59
N PRO W 17 -11.60 -34.90 28.16
CA PRO W 17 -12.43 -34.18 29.15
C PRO W 17 -13.04 -35.10 30.19
N LEU W 18 -13.43 -36.32 29.81
CA LEU W 18 -13.94 -37.26 30.79
C LEU W 18 -12.86 -37.64 31.80
N TYR W 19 -11.62 -37.81 31.33
CA TYR W 19 -10.51 -38.08 32.25
C TYR W 19 -10.30 -36.91 33.20
N VAL W 20 -10.41 -35.68 32.70
CA VAL W 20 -10.27 -34.51 33.57
C VAL W 20 -11.37 -34.50 34.61
N CYS W 21 -12.61 -34.83 34.21
CA CYS W 21 -13.70 -34.90 35.18
C CYS W 21 -13.44 -35.97 36.23
N TYR W 22 -12.92 -37.12 35.82
CA TYR W 22 -12.58 -38.17 36.77
C TYR W 22 -11.52 -37.69 37.75
N LEU W 23 -10.50 -36.99 37.25
CA LEU W 23 -9.46 -36.45 38.13
C LEU W 23 -10.05 -35.44 39.11
N ILE W 24 -10.96 -34.59 38.64
CA ILE W 24 -11.58 -33.60 39.51
C ILE W 24 -12.40 -34.30 40.60
N LYS W 25 -13.15 -35.33 40.23
CA LYS W 25 -13.93 -36.06 41.22
C LYS W 25 -13.03 -36.72 42.26
N GLN W 26 -11.92 -37.31 41.81
CA GLN W 26 -10.99 -37.91 42.76
C GLN W 26 -10.39 -36.85 43.67
N ALA W 27 -10.08 -35.67 43.12
CA ALA W 27 -9.56 -34.58 43.94
C ALA W 27 -10.57 -34.16 45.01
N GLN W 28 -11.85 -34.07 44.63
CA GLN W 28 -12.88 -33.73 45.60
C GLN W 28 -12.97 -34.78 46.70
N ILE W 29 -12.96 -36.06 46.31
CA ILE W 29 -13.04 -37.14 47.30
C ILE W 29 -11.85 -37.07 48.25
N ASN W 30 -10.67 -36.80 47.71
CA ASN W 30 -9.49 -36.64 48.57
C ASN W 30 -9.65 -35.45 49.50
N ALA W 31 -10.17 -34.33 48.99
CA ALA W 31 -10.35 -33.15 49.81
C ALA W 31 -11.32 -33.42 50.95
N GLN W 32 -12.29 -34.31 50.74
CA GLN W 32 -13.20 -34.66 51.83
C GLN W 32 -12.42 -35.23 53.02
N GLY W 33 -11.46 -36.11 52.75
CA GLY W 33 -10.55 -36.57 53.78
C GLY W 33 -11.09 -37.72 54.62
N ALA X 2 8.66 43.00 -12.91
CA ALA X 2 8.00 44.10 -13.59
C ALA X 2 6.71 44.51 -12.87
N PRO X 3 5.93 43.55 -12.38
CA PRO X 3 4.75 43.92 -11.58
C PRO X 3 5.18 44.72 -10.36
N VAL X 4 4.36 45.72 -10.01
CA VAL X 4 4.73 46.64 -8.94
C VAL X 4 4.96 45.89 -7.64
N PHE X 5 4.03 45.03 -7.26
CA PHE X 5 4.11 44.39 -5.95
C PHE X 5 5.20 43.34 -5.89
N LEU X 6 5.46 42.63 -7.00
CA LEU X 6 6.58 41.69 -7.02
C LEU X 6 7.91 42.41 -6.92
N LYS X 7 8.06 43.54 -7.63
CA LYS X 7 9.28 44.33 -7.50
C LYS X 7 9.45 44.83 -6.08
N ALA X 8 8.36 45.30 -5.45
CA ALA X 8 8.42 45.74 -4.06
C ALA X 8 8.78 44.59 -3.13
N LEU X 9 8.27 43.40 -3.40
CA LEU X 9 8.61 42.23 -2.60
C LEU X 9 10.10 41.93 -2.68
N ARG X 10 10.68 42.00 -3.88
CA ARG X 10 12.11 41.78 -4.01
C ARG X 10 12.91 42.84 -3.26
N TYR X 11 12.51 44.11 -3.36
CA TYR X 11 13.22 45.17 -2.67
C TYR X 11 13.19 44.98 -1.16
N VAL X 12 12.03 44.63 -0.60
CA VAL X 12 11.94 44.43 0.85
C VAL X 12 12.74 43.20 1.26
N ILE X 13 12.75 42.16 0.43
CA ILE X 13 13.56 40.99 0.75
C ILE X 13 15.02 41.37 0.87
N TYR X 14 15.52 42.19 -0.06
CA TYR X 14 16.92 42.61 0.01
C TYR X 14 17.15 43.53 1.20
N SER X 15 16.18 44.41 1.50
CA SER X 15 16.39 45.49 2.44
C SER X 15 16.15 45.09 3.89
N TYR X 16 15.19 44.20 4.13
CA TYR X 16 14.82 43.90 5.51
C TYR X 16 16.00 43.44 6.35
N PRO X 17 16.91 42.59 5.86
CA PRO X 17 18.10 42.25 6.66
C PRO X 17 18.90 43.46 7.09
N LEU X 18 19.06 44.45 6.19
CA LEU X 18 19.79 45.66 6.54
C LEU X 18 19.02 46.50 7.55
N TYR X 19 17.69 46.51 7.45
CA TYR X 19 16.88 47.21 8.43
C TYR X 19 17.05 46.59 9.82
N VAL X 20 17.11 45.26 9.89
CA VAL X 20 17.32 44.60 11.18
C VAL X 20 18.72 44.90 11.70
N CYS X 21 19.71 44.95 10.81
CA CYS X 21 21.05 45.35 11.23
C CYS X 21 21.05 46.78 11.78
N TYR X 22 20.32 47.68 11.13
CA TYR X 22 20.21 49.04 11.64
C TYR X 22 19.58 49.07 13.03
N LEU X 23 18.52 48.29 13.22
CA LEU X 23 17.89 48.23 14.55
C LEU X 23 18.84 47.68 15.60
N ILE X 24 19.61 46.64 15.25
CA ILE X 24 20.57 46.07 16.19
C ILE X 24 21.64 47.10 16.56
N LYS X 25 22.13 47.83 15.56
CA LYS X 25 23.14 48.86 15.85
C LYS X 25 22.58 49.94 16.77
N GLN X 26 21.34 50.38 16.52
CA GLN X 26 20.73 51.38 17.38
C GLN X 26 20.55 50.85 18.80
N ALA X 27 20.15 49.58 18.94
CA ALA X 27 20.01 49.00 20.27
C ALA X 27 21.36 48.97 20.99
N GLN X 28 22.42 48.64 20.26
CA GLN X 28 23.75 48.68 20.87
C GLN X 28 24.12 50.09 21.32
N ILE X 29 23.86 51.09 20.48
CA ILE X 29 24.18 52.47 20.85
C ILE X 29 23.41 52.87 22.11
N ASN X 30 22.13 52.54 22.17
CA ASN X 30 21.34 52.87 23.35
C ASN X 30 21.85 52.15 24.59
N ALA X 31 22.18 50.87 24.46
CA ALA X 31 22.68 50.13 25.60
C ALA X 31 24.02 50.67 26.09
N GLN X 32 24.81 51.27 25.19
CA GLN X 32 26.09 51.81 25.59
C GLN X 32 25.92 52.91 26.65
N GLY X 33 24.91 53.75 26.48
CA GLY X 33 24.64 54.80 27.45
C GLY X 33 25.32 56.11 27.13
O12 PC1 Y . -11.54 16.45 -0.59
P PC1 Y . -11.95 17.83 -0.27
O14 PC1 Y . -11.45 18.95 -1.10
O13 PC1 Y . -13.54 17.91 -0.26
C11 PC1 Y . -14.30 17.34 -1.35
C12 PC1 Y . -15.72 17.79 -1.10
N PC1 Y . -16.49 17.04 -0.04
C13 PC1 Y . -15.80 17.20 1.29
C14 PC1 Y . -17.87 17.59 0.06
C15 PC1 Y . -16.56 15.58 -0.38
O11 PC1 Y . -11.56 18.15 1.24
C1 PC1 Y . -11.90 19.43 1.83
C2 PC1 Y . -10.71 20.34 1.73
O21 PC1 Y . -9.52 19.53 1.92
C21 PC1 Y . -8.41 20.14 2.37
O22 PC1 Y . -7.86 21.04 1.79
C22 PC1 Y . -7.95 19.55 3.67
C23 PC1 Y . -6.93 20.41 4.39
C24 PC1 Y . -6.38 19.75 5.65
C25 PC1 Y . -5.27 20.54 6.31
C26 PC1 Y . -4.77 19.93 7.62
C27 PC1 Y . -3.63 20.70 8.27
C28 PC1 Y . -3.21 20.15 9.62
C29 PC1 Y . -1.94 20.78 10.17
C2A PC1 Y . -1.46 20.16 11.48
C2B PC1 Y . -0.10 20.64 11.95
C2C PC1 Y . 1.03 20.34 10.98
C2D PC1 Y . 2.42 20.44 11.60
C2E PC1 Y . 3.54 20.10 10.62
C2F PC1 Y . 4.89 19.89 11.28
C2G PC1 Y . 5.49 21.13 11.92
C2H PC1 Y . 6.87 20.90 12.51
C2I PC1 Y . 7.49 22.15 13.09
C3 PC1 Y . -10.73 21.40 2.79
O31 PC1 Y . -12.04 22.04 2.80
C31 PC1 Y . -12.15 23.14 3.53
O32 PC1 Y . -11.26 23.93 3.70
C32 PC1 Y . -13.52 23.28 4.13
C33 PC1 Y . -13.51 23.26 5.64
C34 PC1 Y . -14.87 23.55 6.26
C35 PC1 Y . -14.93 23.35 7.76
C36 PC1 Y . -14.77 21.90 8.19
C37 PC1 Y . -15.00 21.67 9.67
C38 PC1 Y . -14.99 20.20 10.06
C39 PC1 Y . -13.87 19.82 11.02
C3A PC1 Y . -12.47 20.06 10.49
C3B PC1 Y . -11.37 19.66 11.46
C3C PC1 Y . -11.23 18.16 11.66
C3D PC1 Y . -10.19 17.76 12.70
C3E PC1 Y . -8.84 17.40 12.12
C3F PC1 Y . -7.67 17.81 13.00
C3G PC1 Y . -6.31 17.58 12.37
C3H PC1 Y . -5.14 17.95 13.26
C3I PC1 Y . -3.80 17.82 12.59
H111 PC1 Y . -14.24 16.37 -1.36
H112 PC1 Y . -13.98 17.66 -2.21
H121 PC1 Y . -16.21 17.73 -1.93
H122 PC1 Y . -15.70 18.73 -0.86
H131 PC1 Y . -16.30 16.71 1.96
H132 PC1 Y . -15.77 18.14 1.52
H133 PC1 Y . -14.90 16.85 1.23
H141 PC1 Y . -18.36 17.11 0.75
H142 PC1 Y . -18.32 17.50 -0.79
H143 PC1 Y . -17.83 18.54 0.30
H151 PC1 Y . -17.06 15.12 0.31
H152 PC1 Y . -15.66 15.22 -0.43
H153 PC1 Y . -17.02 15.47 -1.23
H11 PC1 Y . -12.16 19.32 2.75
H12 PC1 Y . -12.66 19.81 1.35
H2 PC1 Y . -10.72 20.79 0.87
H221 PC1 Y . -7.57 18.68 3.50
H222 PC1 Y . -8.72 19.41 4.24
H231 PC1 Y . -7.35 21.26 4.64
H232 PC1 Y . -6.20 20.61 3.79
H241 PC1 Y . -6.05 18.87 5.42
H242 PC1 Y . -7.10 19.63 6.28
H251 PC1 Y . -5.59 21.44 6.50
H252 PC1 Y . -4.52 20.61 5.70
H261 PC1 Y . -4.48 19.02 7.45
H262 PC1 Y . -5.52 19.87 8.24
H271 PC1 Y . -3.91 21.63 8.38
H272 PC1 Y . -2.88 20.70 7.67
H281 PC1 Y . -3.07 19.20 9.53
H282 PC1 Y . -3.93 20.28 10.26
H291 PC1 Y . -2.09 21.73 10.30
H292 PC1 Y . -1.23 20.70 9.51
H2A1 PC1 Y . -1.43 19.19 11.37
H2A2 PC1 Y . -2.12 20.35 12.17
H2B1 PC1 Y . 0.09 20.23 12.80
H2B2 PC1 Y . -0.15 21.61 12.10
H2C1 PC1 Y . 0.97 20.96 10.23
H2C2 PC1 Y . 0.91 19.45 10.62
H2D1 PC1 Y . 2.46 19.85 12.36
H2D2 PC1 Y . 2.55 21.35 11.93
H2E1 PC1 Y . 3.61 20.82 9.98
H2E2 PC1 Y . 3.30 19.31 10.14
H2F1 PC1 Y . 5.51 19.55 10.62
H2F2 PC1 Y . 4.80 19.21 11.98
H2G1 PC1 Y . 4.90 21.45 12.62
H2G2 PC1 Y . 5.54 21.83 11.25
H2H1 PC1 Y . 7.45 20.55 11.81
H2H2 PC1 Y . 6.81 20.23 13.20
H2I1 PC1 Y . 8.36 21.94 13.45
H2I2 PC1 Y . 6.92 22.49 13.81
H2I3 PC1 Y . 7.57 22.81 12.40
H31 PC1 Y . -10.04 22.06 2.63
H32 PC1 Y . -10.55 21.01 3.67
H321 PC1 Y . -14.07 22.55 3.80
H322 PC1 Y . -13.92 24.11 3.81
H331 PC1 Y . -12.87 23.93 5.96
H332 PC1 Y . -13.19 22.41 5.95
H341 PC1 Y . -15.53 22.97 5.83
H342 PC1 Y . -15.11 24.46 6.05
H351 PC1 Y . -15.78 23.69 8.08
H352 PC1 Y . -14.23 23.88 8.18
H361 PC1 Y . -13.88 21.61 7.96
H362 PC1 Y . -15.39 21.36 7.69
H371 PC1 Y . -15.85 22.06 9.92
H372 PC1 Y . -14.31 22.14 10.17
H381 PC1 Y . -14.90 19.67 9.26
H382 PC1 Y . -15.84 19.98 10.46
H391 PC1 Y . -13.97 18.88 11.25
H392 PC1 Y . -13.99 20.32 11.84
H3A1 PC1 Y . -12.37 21.01 10.28
H3A2 PC1 Y . -12.35 19.57 9.67
H3B1 PC1 Y . -11.54 20.07 12.32
H3B2 PC1 Y . -10.52 20.01 11.15
H3C1 PC1 Y . -11.00 17.75 10.81
H3C2 PC1 Y . -12.09 17.79 11.91
H3D1 PC1 Y . -10.53 17.01 13.20
H3D2 PC1 Y . -10.09 18.50 13.32
H3E1 PC1 Y . -8.75 17.82 11.24
H3E2 PC1 Y . -8.80 16.44 11.98
H3F1 PC1 Y . -7.71 17.32 13.83
H3F2 PC1 Y . -7.76 18.75 13.21
H3G1 PC1 Y . -6.25 18.10 11.55
H3G2 PC1 Y . -6.23 16.65 12.11
H3H1 PC1 Y . -5.16 17.39 14.06
H3H2 PC1 Y . -5.26 18.88 13.57
H3I1 PC1 Y . -3.11 18.07 13.21
H3I2 PC1 Y . -3.77 18.40 11.81
H3I3 PC1 Y . -3.68 16.89 12.31
O12 PC1 Z . -21.54 27.79 0.33
P PC1 Z . -21.76 28.50 -0.94
O14 PC1 Z . -20.95 28.13 -2.12
O13 PC1 Z . -23.29 28.35 -1.37
C11 PC1 Z . -23.99 29.46 -1.96
C12 PC1 Z . -25.43 29.01 -1.97
N PC1 Z . -26.16 29.12 -3.29
C13 PC1 Z . -26.15 30.53 -3.77
C14 PC1 Z . -25.47 28.27 -4.31
C15 PC1 Z . -27.57 28.66 -3.14
O11 PC1 Z . -21.57 30.07 -0.71
C1 PC1 Z . -20.47 30.55 0.10
C2 PC1 Z . -20.77 31.95 0.55
O21 PC1 Z . -20.23 32.09 1.90
C21 PC1 Z . -19.71 33.28 2.26
O22 PC1 Z . -19.89 34.29 1.64
C22 PC1 Z . -18.89 33.17 3.50
C23 PC1 Z . -17.91 34.33 3.67
C24 PC1 Z . -18.56 35.58 4.22
C25 PC1 Z . -18.62 35.64 5.75
C26 PC1 Z . -17.25 35.59 6.42
C27 PC1 Z . -17.21 36.11 7.84
C28 PC1 Z . -15.87 35.90 8.53
C29 PC1 Z . -15.82 36.39 9.97
C2A PC1 Z . -14.77 35.67 10.81
C2B PC1 Z . -14.95 35.85 12.31
C2C PC1 Z . -14.54 37.22 12.83
C2D PC1 Z . -14.84 37.42 14.31
C2E PC1 Z . -14.25 38.68 14.91
C2F PC1 Z . -12.75 38.63 15.07
C2G PC1 Z . -12.17 39.82 15.82
C2H PC1 Z . -10.67 39.74 16.05
C2I PC1 Z . -10.13 40.93 16.81
C3 PC1 Z . -22.24 32.25 0.61
O31 PC1 Z . -22.47 33.19 1.68
C31 PC1 Z . -23.19 34.27 1.39
O32 PC1 Z . -23.89 34.38 0.42
C32 PC1 Z . -23.01 35.33 2.44
C33 PC1 Z . -24.19 35.44 3.39
C34 PC1 Z . -23.97 36.44 4.51
C35 PC1 Z . -25.15 36.58 5.45
C36 PC1 Z . -24.91 37.53 6.61
C37 PC1 Z . -26.11 37.70 7.53
C38 PC1 Z . -25.87 38.65 8.69
C39 PC1 Z . -24.87 38.15 9.72
C3A PC1 Z . -24.60 39.12 10.85
C3B PC1 Z . -23.61 38.60 11.88
C3C PC1 Z . -23.25 39.60 12.96
C3D PC1 Z . -22.28 39.05 14.00
C3E PC1 Z . -21.46 40.12 14.70
C3F PC1 Z . -20.57 39.58 15.80
C3G PC1 Z . -19.63 40.61 16.41
C3H PC1 Z . -18.97 40.17 17.70
C3I PC1 Z . -18.12 41.25 18.32
H111 PC1 Z . -23.67 29.64 -2.86
H112 PC1 Z . -23.88 30.28 -1.45
H121 PC1 Z . -25.91 29.53 -1.31
H122 PC1 Z . -25.46 28.09 -1.69
H131 PC1 Z . -26.62 30.59 -4.62
H132 PC1 Z . -25.23 30.84 -3.88
H133 PC1 Z . -26.59 31.10 -3.12
H141 PC1 Z . -25.94 28.34 -5.17
H142 PC1 Z . -25.48 27.34 -4.03
H143 PC1 Z . -24.55 28.56 -4.43
H151 PC1 Z . -28.02 28.73 -3.98
H152 PC1 Z . -28.01 29.22 -2.48
H153 PC1 Z . -27.57 27.74 -2.84
H11 PC1 Z . -19.65 30.52 -0.41
H12 PC1 Z . -20.36 29.96 0.87
H2 PC1 Z . -20.36 32.57 -0.08
H221 PC1 Z . -18.39 32.33 3.47
H222 PC1 Z . -19.47 33.13 4.27
H231 PC1 Z . -17.51 34.53 2.80
H232 PC1 Z . -17.19 34.05 4.26
H241 PC1 Z . -19.46 35.64 3.88
H242 PC1 Z . -18.07 36.36 3.91
H251 PC1 Z . -19.16 34.90 6.07
H252 PC1 Z . -19.06 36.46 6.02
H261 PC1 Z . -16.62 36.09 5.88
H262 PC1 Z . -16.93 34.67 6.41
H271 PC1 Z . -17.91 35.67 8.36
H272 PC1 Z . -17.42 37.06 7.83
H281 PC1 Z . -15.18 36.35 8.02
H282 PC1 Z . -15.66 34.95 8.51
H291 PC1 Z . -16.70 36.26 10.38
H292 PC1 Z . -15.64 37.34 9.97
H2A1 PC1 Z . -13.90 36.00 10.55
H2A2 PC1 Z . -14.80 34.73 10.61
H2B1 PC1 Z . -14.43 35.18 12.77
H2B2 PC1 Z . -15.88 35.70 12.53
H2C1 PC1 Z . -15.00 37.91 12.32
H2C2 PC1 Z . -13.59 37.34 12.69
H2D1 PC1 Z . -14.52 36.65 14.79
H2D2 PC1 Z . -15.81 37.44 14.43
H2E1 PC1 Z . -14.66 38.84 15.78
H2E2 PC1 Z . -14.48 39.44 14.34
H2F1 PC1 Z . -12.34 38.58 14.19
H2F2 PC1 Z . -12.50 37.82 15.55
H2G1 PC1 Z . -12.62 39.89 16.69
H2G2 PC1 Z . -12.37 40.63 15.34
H2H1 PC1 Z . -10.23 39.68 15.19
H2H2 PC1 Z . -10.46 38.93 16.54
H2I1 PC1 Z . -9.16 40.83 16.92
H2I2 PC1 Z . -10.55 40.98 17.68
H2I3 PC1 Z . -10.31 41.74 16.31
H31 PC1 Z . -22.74 31.43 0.77
H32 PC1 Z . -22.54 32.60 -0.24
H321 PC1 Z . -22.88 36.19 2.01
H322 PC1 Z . -22.21 35.14 2.95
H331 PC1 Z . -24.38 34.56 3.78
H332 PC1 Z . -24.98 35.69 2.89
H341 PC1 Z . -23.78 37.30 4.12
H342 PC1 Z . -23.19 36.17 5.02
H351 PC1 Z . -25.37 35.70 5.81
H352 PC1 Z . -25.92 36.88 4.95
H361 PC1 Z . -24.67 38.40 6.26
H362 PC1 Z . -24.15 37.22 7.13
H371 PC1 Z . -26.36 36.83 7.89
H372 PC1 Z . -26.87 38.01 7.01
H381 PC1 Z . -26.72 38.81 9.14
H382 PC1 Z . -25.57 39.50 8.35
H391 PC1 Z . -24.03 37.96 9.26
H392 PC1 Z . -25.18 37.31 10.09
H3A1 PC1 Z . -25.43 39.33 11.29
H3A2 PC1 Z . -24.26 39.95 10.49
H3B1 PC1 Z . -22.80 38.33 11.42
H3B2 PC1 Z . -23.98 37.80 12.30
H3C1 PC1 Z . -24.07 39.88 13.41
H3C2 PC1 Z . -22.87 40.38 12.56
H3D1 PC1 Z . -21.69 38.42 13.57
H3D2 PC1 Z . -22.78 38.55 14.67
H3E1 PC1 Z . -22.06 40.78 15.07
H3E2 PC1 Z . -20.90 40.57 14.04
H3F1 PC1 Z . -20.04 38.84 15.45
H3F2 PC1 Z . -21.13 39.21 16.51
H3G1 PC1 Z . -20.14 41.43 16.58
H3G2 PC1 Z . -18.95 40.84 15.76
H3H1 PC1 Z . -18.42 39.39 17.52
H3H2 PC1 Z . -19.65 39.89 18.33
H3I1 PC1 Z . -17.72 40.91 19.15
H3I2 PC1 Z . -18.67 42.02 18.53
H3I3 PC1 Z . -17.42 41.50 17.71
CHA HEM AA . 16.96 12.04 26.84
CHB HEM AA . 16.89 13.03 22.09
CHC HEM AA . 14.56 8.85 21.33
CHD HEM AA . 13.78 8.45 26.10
C1A HEM AA . 17.15 12.67 25.63
C2A HEM AA . 17.83 13.93 25.43
C3A HEM AA . 17.82 14.21 24.12
C4A HEM AA . 17.13 13.14 23.44
CMA HEM AA . 18.42 15.46 23.45
CAA HEM AA . 18.45 14.79 26.56
CBA HEM AA . 19.90 15.11 26.21
CGA HEM AA . 20.75 15.20 27.46
O1A HEM AA . 21.81 15.87 27.40
O2A HEM AA . 20.37 14.61 28.50
C1B HEM AA . 16.30 11.95 21.45
C2B HEM AA . 16.21 11.74 20.03
C3B HEM AA . 15.57 10.59 19.82
C4B HEM AA . 15.23 10.03 21.11
CMB HEM AA . 16.78 12.71 18.97
CAB HEM AA . 15.21 9.90 18.48
CBB HEM AA . 15.68 10.32 17.30
C1C HEM AA . 14.06 8.42 22.54
C2C HEM AA . 13.08 7.37 22.76
C3C HEM AA . 12.86 7.27 24.07
C4C HEM AA . 13.70 8.24 24.74
CMC HEM AA . 12.42 6.55 21.63
CAC HEM AA . 11.91 6.31 24.82
CBC HEM AA . 11.21 5.37 24.19
C1D HEM AA . 14.57 9.39 26.72
C2D HEM AA . 14.64 9.63 28.15
C3D HEM AA . 15.52 10.63 28.35
C4D HEM AA . 16.03 11.04 27.06
CMD HEM AA . 13.85 8.87 29.23
CAD HEM AA . 15.93 11.23 29.71
CBD HEM AA . 16.71 10.18 30.51
CGD HEM AA . 17.10 10.76 31.83
O1D HEM AA . 16.91 11.99 32.03
O2D HEM AA . 17.63 10.01 32.69
NA HEM AA . 16.74 12.21 24.40
NB HEM AA . 15.70 10.89 22.09
NC HEM AA . 14.42 8.92 23.78
ND HEM AA . 15.42 10.27 26.09
FE HEM AA . 15.59 10.56 24.09
HHB HEM AA . 17.16 13.74 21.56
HHC HEM AA . 14.43 8.28 20.61
HHD HEM AA . 13.25 7.91 26.65
HMA HEM AA . 18.39 16.21 24.06
HMAA HEM AA . 17.92 15.68 22.65
HMAB HEM AA . 19.34 15.28 23.20
HAA HEM AA . 18.41 14.31 27.40
HAAA HEM AA . 17.94 15.60 26.67
HBA HEM AA . 19.94 15.95 25.73
HBAA HEM AA . 20.26 14.44 25.62
HMB HEM AA . 16.76 13.62 19.32
HMBA HEM AA . 16.24 12.67 18.17
HMBB HEM AA . 17.70 12.47 18.76
HAB HEM AA . 14.61 9.13 18.49
HBB HEM AA . 15.44 9.86 16.49
HBBA HEM AA . 16.28 11.09 17.27
HMC HEM AA . 12.20 5.67 21.95
HMCA HEM AA . 13.03 6.48 20.88
HMCB HEM AA . 11.61 7.00 21.33
HAC HEM AA . 11.82 6.40 25.79
HBC HEM AA . 10.62 4.77 24.70
HBCA HEM AA . 11.28 5.26 23.23
HMD HEM AA . 13.00 8.59 28.86
HMDA HEM AA . 13.69 9.46 29.98
HMDB HEM AA . 14.36 8.10 29.52
HAD HEM AA . 15.15 11.51 30.20
HADA HEM AA . 16.48 12.01 29.57
HBD HEM AA . 17.50 9.90 30.01
HBDA HEM AA . 16.16 9.39 30.64
HHA HEM AA . 17.48 12.30 27.54
CHA HEM BA . 19.65 10.84 1.01
CHB HEM BA . 18.52 9.92 5.65
CHC HEM BA . 17.96 14.67 6.40
CHD HEM BA . 17.72 15.23 1.61
C1A HEM BA . 19.48 10.18 2.21
C2A HEM BA . 19.81 8.80 2.49
C3A HEM BA . 19.50 8.55 3.77
C4A HEM BA . 18.96 9.76 4.34
CMA HEM BA . 19.69 7.20 4.49
CAA HEM BA . 20.41 7.80 1.49
CBA HEM BA . 21.91 7.62 1.76
CGA HEM BA . 22.63 8.89 1.42
O1A HEM BA . 22.46 9.90 2.14
O2A HEM BA . 23.40 8.89 0.42
C1B HEM BA . 18.26 11.12 6.26
C2B HEM BA . 17.89 11.31 7.65
C3B HEM BA . 17.74 12.63 7.86
C4B HEM BA . 18.01 13.31 6.61
CMB HEM BA . 17.71 10.15 8.66
CAB HEM BA . 17.34 13.37 9.16
CBB HEM BA . 16.89 12.72 10.25
C1C HEM BA . 17.91 15.26 5.16
C2C HEM BA . 17.97 16.68 4.87
C3C HEM BA . 17.90 16.83 3.54
C4C HEM BA . 17.80 15.52 2.95
CMC HEM BA . 18.08 17.78 5.95
CAC HEM BA . 17.91 18.11 2.68
CBC HEM BA . 17.94 19.34 3.20
C1D HEM BA . 18.31 14.15 1.02
C2D HEM BA . 18.72 14.03 -0.36
C3D HEM BA . 19.26 12.81 -0.53
C4D HEM BA . 19.20 12.11 0.74
CMD HEM BA . 18.57 15.14 -1.43
CAD HEM BA . 19.85 12.25 -1.84
CBD HEM BA . 18.85 12.32 -2.99
CGD HEM BA . 19.55 12.77 -4.24
O1D HEM BA . 18.85 13.28 -5.17
O2D HEM BA . 20.80 12.63 -4.34
NA HEM BA . 18.96 10.73 3.36
NB HEM BA . 18.33 12.36 5.66
NC HEM BA . 17.82 14.58 3.97
ND HEM BA . 18.61 12.96 1.65
FE HEM BA . 18.37 12.65 3.66
HHB HEM BA . 18.38 9.14 6.14
HHC HEM BA . 17.96 15.22 7.15
HHD HEM BA . 17.22 15.81 1.07
HMA HEM BA . 19.85 7.36 5.43
HMAA HEM BA . 20.44 6.72 4.11
HMAB HEM BA . 18.88 6.67 4.39
HAA HEM BA . 20.27 8.09 0.59
HAAA HEM BA . 19.97 6.93 1.59
HBA HEM BA . 22.26 6.89 1.22
HBAA HEM BA . 22.06 7.38 2.68
HMB HEM BA . 17.93 10.47 9.55
HMBA HEM BA . 18.30 9.42 8.43
HMBB HEM BA . 16.79 9.85 8.65
HAB HEM BA . 17.42 14.33 9.19
HBB HEM BA . 16.65 13.23 11.05
HBBA HEM BA . 16.81 11.76 10.24
HMC HEM BA . 18.56 18.54 5.59
HMCA HEM BA . 18.57 17.43 6.71
HMCB HEM BA . 17.19 18.05 6.23
HAC HEM BA . 17.91 18.02 1.71
HBC HEM BA . 17.95 20.12 2.62
HBCA HEM BA . 17.95 19.45 4.17
HMD HEM BA . 19.28 15.07 -2.08
HMDA HEM BA . 18.61 16.01 -0.99
HMDB HEM BA . 17.72 15.04 -1.87
HAD HEM BA . 20.12 11.33 -1.70
HADA HEM BA . 20.65 12.74 -2.08
HBD HEM BA . 18.14 12.94 -2.76
HBDA HEM BA . 18.44 11.46 -3.13
HHA HEM BA . 20.09 10.38 0.33
C1 CDL CA . 21.01 39.45 -10.28
O1 CDL CA . 21.73 40.66 -10.51
CA2 CDL CA . 20.29 39.56 -8.96
OA2 CDL CA . 21.06 40.40 -8.08
PA1 CDL CA . 20.71 41.96 -7.98
OA3 CDL CA . 20.93 42.58 -9.30
OA4 CDL CA . 19.39 42.12 -7.32
OA5 CDL CA . 21.84 42.51 -7.00
CA3 CDL CA . 22.64 41.59 -6.23
CA4 CDL CA . 23.48 42.37 -5.26
OA6 CDL CA . 22.55 43.09 -4.39
CA5 CDL CA . 22.15 42.48 -3.26
OA7 CDL CA . 21.76 41.34 -3.23
C11 CDL CA . 22.23 43.40 -2.08
C12 CDL CA . 21.49 44.70 -2.29
C13 CDL CA . 20.96 45.30 -1.00
C14 CDL CA . 20.26 46.64 -1.18
C15 CDL CA . 20.05 47.39 0.12
C16 CDL CA . 19.19 48.63 0.00
C17 CDL CA . 18.45 48.98 1.28
C18 CDL CA . 17.65 50.27 1.21
C19 CDL CA . 16.71 50.47 2.38
C20 CDL CA . 17.38 50.48 3.75
C21 CDL CA . 16.42 50.55 4.91
C22 CDL CA . 17.08 50.50 6.28
C23 CDL CA . 17.96 51.69 6.60
C24 CDL CA . 17.21 53.01 6.69
C25 CDL CA . 18.10 54.19 7.06
C26 CDL CA . 17.35 55.51 7.15
C27 CDL CA . 18.27 56.67 7.47
CA6 CDL CA . 24.34 43.39 -5.95
OA8 CDL CA . 25.25 42.70 -6.83
CA7 CDL CA . 25.41 43.22 -8.05
OA9 CDL CA . 26.01 44.24 -8.27
C31 CDL CA . 24.76 42.38 -9.10
C32 CDL CA . 25.63 42.15 -10.34
C33 CDL CA . 26.89 41.34 -10.05
C34 CDL CA . 27.70 41.01 -11.29
C35 CDL CA . 28.85 41.96 -11.55
C36 CDL CA . 28.46 43.42 -11.66
C37 CDL CA . 29.61 44.34 -11.97
C38 CDL CA . 29.25 45.82 -12.02
C39 CDL CA . 28.65 46.33 -10.71
C40 CDL CA . 28.97 47.79 -10.43
C41 CDL CA . 28.25 48.34 -9.21
C42 CDL CA . 28.80 49.67 -8.72
C43 CDL CA . 30.20 49.58 -8.13
C44 CDL CA . 31.28 50.14 -9.03
C45 CDL CA . 32.69 49.92 -8.49
C46 CDL CA . 33.80 50.47 -9.37
C47 CDL CA . 33.78 51.97 -9.46
CB2 CDL CA . 21.99 38.29 -10.34
OB2 CDL CA . 23.17 38.63 -9.58
PB2 CDL CA . 24.59 38.09 -10.04
OB3 CDL CA . 25.13 39.05 -11.03
OB4 CDL CA . 24.46 36.67 -10.43
OB5 CDL CA . 25.48 38.21 -8.73
CB3 CDL CA . 26.77 37.56 -8.67
CB4 CDL CA . 27.31 37.63 -7.27
OB6 CDL CA . 27.91 38.95 -7.10
CB5 CDL CA . 27.93 39.47 -5.86
OB7 CDL CA . 27.54 38.89 -4.89
C51 CDL CA . 28.48 40.87 -5.87
C52 CDL CA . 29.66 41.03 -4.94
C53 CDL CA . 30.97 40.51 -5.52
C54 CDL CA . 32.02 40.16 -4.48
C55 CDL CA . 32.31 41.27 -3.49
C56 CDL CA . 32.99 42.49 -4.09
C57 CDL CA . 33.28 43.59 -3.08
C58 CDL CA . 32.06 44.39 -2.67
C59 CDL CA . 32.20 45.08 -1.32
C60 CDL CA . 33.43 45.96 -1.17
C61 CDL CA . 33.60 46.55 0.22
C62 CDL CA . 34.90 47.31 0.41
C63 CDL CA . 35.09 47.83 1.83
C64 CDL CA . 36.38 48.59 2.03
C65 CDL CA . 36.58 49.12 3.45
C66 CDL CA . 37.86 49.89 3.66
C67 CDL CA . 38.00 50.43 5.07
CB6 CDL CA . 28.36 36.58 -7.02
OB8 CDL CA . 29.21 37.00 -5.93
CB7 CDL CA . 29.11 36.34 -4.78
OB9 CDL CA . 28.09 35.81 -4.41
C71 CDL CA . 30.40 36.34 -4.03
C72 CDL CA . 30.23 36.51 -2.53
C73 CDL CA . 29.50 37.79 -2.15
C74 CDL CA . 29.46 38.07 -0.65
C75 CDL CA . 30.83 38.21 0.01
C76 CDL CA . 31.78 39.13 -0.75
C77 CDL CA . 33.05 39.48 0.02
C78 CDL CA . 32.83 40.38 1.22
C79 CDL CA . 32.10 41.66 0.91
C80 CDL CA . 32.12 42.70 2.03
C81 CDL CA . 31.65 42.19 3.37
C82 CDL CA . 32.75 41.68 4.29
C83 CDL CA . 33.75 42.75 4.71
C84 CDL CA . 35.12 42.60 4.08
C85 CDL CA . 36.09 43.70 4.44
C86 CDL CA . 37.46 43.58 3.80
C87 CDL CA . 38.39 44.70 4.18
H1 CDL CA . 20.34 39.29 -10.96
H1O1 CDL CA . 21.19 41.31 -10.50
HA22 CDL CA . 20.18 38.68 -8.57
HA21 CDL CA . 19.40 39.92 -9.09
HA32 CDL CA . 23.21 41.07 -6.82
HA31 CDL CA . 22.07 40.97 -5.76
HA4 CDL CA . 24.05 41.76 -4.78
H112 CDL CA . 23.16 43.58 -1.89
H111 CDL CA . 21.87 42.94 -1.31
H122 CDL CA . 20.75 44.56 -2.90
H121 CDL CA . 22.08 45.34 -2.72
H132 CDL CA . 21.70 45.41 -0.38
H131 CDL CA . 20.34 44.68 -0.59
H142 CDL CA . 19.40 46.49 -1.60
H141 CDL CA . 20.79 47.19 -1.79
H152 CDL CA . 20.92 47.65 0.47
H151 CDL CA . 19.65 46.79 0.77
H162 CDL CA . 18.54 48.49 -0.71
H161 CDL CA . 19.74 49.39 -0.27
H172 CDL CA . 19.10 49.05 2.00
H171 CDL CA . 17.85 48.25 1.50
H182 CDL CA . 17.15 50.29 0.39
H181 CDL CA . 18.27 51.02 1.18
H192 CDL CA . 16.04 49.76 2.38
H191 CDL CA . 16.23 51.31 2.27
H202 CDL CA . 17.99 51.24 3.79
H201 CDL CA . 17.93 49.68 3.84
H212 CDL CA . 15.78 49.82 4.84
H211 CDL CA . 15.90 51.37 4.85
H222 CDL CA . 17.61 49.69 6.34
H221 CDL CA . 16.39 50.43 6.95
H232 CDL CA . 18.65 51.76 5.91
H231 CDL CA . 18.42 51.53 7.43
H242 CDL CA . 16.52 52.92 7.36
H241 CDL CA . 16.78 53.19 5.84
H252 CDL CA . 18.80 54.27 6.40
H251 CDL CA . 18.53 54.01 7.91
H262 CDL CA . 16.67 55.44 7.83
H261 CDL CA . 16.90 55.67 6.30
H273 CDL CA . 17.74 57.49 7.52
H272 CDL CA . 18.94 56.76 6.77
H271 CDL CA . 18.70 56.52 8.32
HA62 CDL CA . 24.84 43.91 -5.30
HA61 CDL CA . 23.79 44.02 -6.45
H312 CDL CA . 23.93 42.79 -9.37
H311 CDL CA . 24.54 41.51 -8.72
H322 CDL CA . 25.88 43.02 -10.70
H321 CDL CA . 25.10 41.71 -11.02
H332 CDL CA . 26.62 40.52 -9.61
H331 CDL CA . 27.44 41.84 -9.43
H342 CDL CA . 27.10 41.01 -12.06
H341 CDL CA . 28.05 40.11 -11.19
H352 CDL CA . 29.30 41.69 -12.37
H351 CDL CA . 29.50 41.86 -10.84
H362 CDL CA . 28.06 43.70 -10.82
H361 CDL CA . 27.78 43.51 -12.34
H372 CDL CA . 29.99 44.09 -12.84
H371 CDL CA . 30.32 44.21 -11.32
H382 CDL CA . 28.62 45.97 -12.74
H381 CDL CA . 30.05 46.33 -12.21
H392 CDL CA . 28.97 45.79 -9.98
H391 CDL CA . 27.69 46.22 -10.76
H402 CDL CA . 28.72 48.32 -11.21
H401 CDL CA . 29.92 47.89 -10.32
H412 CDL CA . 28.32 47.69 -8.49
H411 CDL CA . 27.31 48.44 -9.42
H422 CDL CA . 28.19 50.03 -8.04
H421 CDL CA . 28.81 50.30 -9.45
H432 CDL CA . 30.39 48.66 -7.93
H431 CDL CA . 30.21 50.06 -7.28
H442 CDL CA . 31.15 51.09 -9.14
H441 CDL CA . 31.22 49.74 -9.90
H452 CDL CA . 32.83 48.96 -8.38
H451 CDL CA . 32.76 50.31 -7.61
H462 CDL CA . 33.71 50.11 -10.27
H461 CDL CA . 34.66 50.18 -9.02
H473 CDL CA . 34.51 52.28 -10.03
H472 CDL CA . 33.90 52.35 -8.56
H471 CDL CA . 32.94 52.28 -9.83
HB22 CDL CA . 22.22 38.11 -11.26
HB21 CDL CA . 21.58 37.49 -9.99
HB32 CDL CA . 27.39 37.99 -9.29
HB31 CDL CA . 26.69 36.63 -8.95
HB4 CDL CA . 26.58 37.48 -6.65
H512 CDL CA . 27.77 41.49 -5.62
H511 CDL CA . 28.74 41.11 -6.77
H522 CDL CA . 29.48 40.58 -4.10
H521 CDL CA . 29.76 41.98 -4.72
H532 CDL CA . 31.33 41.17 -6.13
H531 CDL CA . 30.77 39.72 -6.05
H542 CDL CA . 32.84 39.93 -4.94
H541 CDL CA . 31.73 39.38 -4.00
H552 CDL CA . 32.88 40.92 -2.78
H551 CDL CA . 31.48 41.55 -3.07
H562 CDL CA . 32.42 42.85 -4.79
H561 CDL CA . 33.82 42.22 -4.51
H572 CDL CA . 33.94 44.19 -3.45
H571 CDL CA . 33.67 43.19 -2.29
H582 CDL CA . 31.29 43.81 -2.64
H581 CDL CA . 31.89 45.07 -3.34
H592 CDL CA . 32.22 44.40 -0.62
H591 CDL CA . 31.41 45.62 -1.15
H602 CDL CA . 33.37 46.68 -1.82
H601 CDL CA . 34.21 45.44 -1.40
H612 CDL CA . 33.55 45.84 0.87
H611 CDL CA . 32.85 47.15 0.40
H622 CDL CA . 34.93 48.06 -0.20
H621 CDL CA . 35.64 46.72 0.19
H632 CDL CA . 35.05 47.09 2.45
H631 CDL CA . 34.35 48.42 2.05
H642 CDL CA . 36.42 49.33 1.42
H641 CDL CA . 37.13 48.01 1.81
H652 CDL CA . 36.55 48.37 4.07
H651 CDL CA . 35.83 49.69 3.67
H662 CDL CA . 37.89 50.63 3.02
H661 CDL CA . 38.61 49.32 3.46
H673 CDL CA . 38.84 50.91 5.14
H672 CDL CA . 38.00 49.69 5.69
H671 CDL CA . 37.27 51.03 5.26
HB62 CDL CA . 28.89 36.44 -7.83
HB61 CDL CA . 27.95 35.73 -6.81
H712 CDL CA . 30.97 37.05 -4.37
H711 CDL CA . 30.86 35.49 -4.20
H722 CDL CA . 31.10 36.50 -2.10
H721 CDL CA . 29.73 35.75 -2.17
H732 CDL CA . 28.60 37.75 -2.48
H731 CDL CA . 29.94 38.53 -2.60
H742 CDL CA . 28.98 37.35 -0.21
H741 CDL CA . 28.95 38.89 -0.51
H752 CDL CA . 31.23 37.34 0.08
H751 CDL CA . 30.71 38.55 0.90
H762 CDL CA . 31.31 39.95 -0.97
H761 CDL CA . 32.02 38.71 -1.58
H772 CDL CA . 33.67 39.91 -0.60
H771 CDL CA . 33.47 38.66 0.30
H782 CDL CA . 33.70 40.60 1.61
H781 CDL CA . 32.35 39.89 1.90
H792 CDL CA . 31.18 41.45 0.70
H791 CDL CA . 32.48 42.06 0.11
H802 CDL CA . 31.57 43.46 1.76
H801 CDL CA . 33.03 43.04 2.13
H812 CDL CA . 31.01 41.47 3.23
H811 CDL CA . 31.17 42.91 3.83
H822 CDL CA . 33.22 40.96 3.84
H821 CDL CA . 32.34 41.30 5.08
H832 CDL CA . 33.85 42.73 5.67
H831 CDL CA . 33.39 43.62 4.48
H842 CDL CA . 35.02 42.58 3.11
H841 CDL CA . 35.50 41.74 4.34
H852 CDL CA . 36.20 43.72 5.41
H851 CDL CA . 35.71 44.56 4.19
H862 CDL CA . 37.36 43.56 2.83
H861 CDL CA . 37.85 42.73 4.05
H873 CDL CA . 39.25 44.56 3.73
H872 CDL CA . 38.53 44.70 5.14
H871 CDL CA . 38.02 45.54 3.90
C1 CDL DA . -1.10 -6.31 6.93
O1 CDL DA . -2.30 -5.58 7.17
CA2 CDL DA . -1.34 -7.78 7.20
OA2 CDL DA . -2.30 -7.90 8.27
PA1 CDL DA . -2.43 -9.28 9.04
OA3 CDL DA . -3.78 -9.38 9.63
OA4 CDL DA . -1.96 -10.37 8.15
OA5 CDL DA . -1.40 -9.13 10.25
CA3 CDL DA . -1.88 -8.82 11.57
CA4 CDL DA . -0.72 -8.32 12.39
OA6 CDL DA . 0.26 -7.76 11.47
CA5 CDL DA . 0.82 -6.58 11.77
OA7 CDL DA . 0.33 -5.79 12.54
C11 CDL DA . 2.10 -6.39 11.04
C12 CDL DA . 2.42 -4.92 10.79
C13 CDL DA . 3.55 -4.40 11.65
C14 CDL DA . 3.46 -2.91 11.95
C15 CDL DA . 4.71 -2.35 12.60
C16 CDL DA . 5.84 -2.08 11.61
C17 CDL DA . 7.02 -1.35 12.23
C18 CDL DA . 7.90 -2.22 13.11
C19 CDL DA . 8.74 -3.23 12.33
C20 CDL DA . 10.02 -3.66 13.02
C21 CDL DA . 11.03 -2.53 13.25
C22 CDL DA . 11.37 -1.74 11.98
C23 CDL DA . 12.40 -0.64 12.20
C24 CDL DA . 12.72 0.14 10.93
C25 CDL DA . 13.60 1.36 11.16
C26 CDL DA . 14.94 1.09 11.83
C27 CDL DA . 14.88 1.25 13.34
CA6 CDL DA . -0.04 -9.44 13.14
OA8 CDL DA . 1.21 -8.95 13.68
CA7 CDL DA . 1.72 -9.61 14.72
OA9 CDL DA . 1.12 -10.44 15.35
C31 CDL DA . 3.14 -9.20 15.00
C32 CDL DA . 3.24 -8.19 16.14
C33 CDL DA . 3.34 -6.75 15.66
C34 CDL DA . 4.74 -6.34 15.22
C35 CDL DA . 5.78 -6.39 16.33
C36 CDL DA . 7.03 -5.58 16.05
C37 CDL DA . 7.99 -5.53 17.23
C38 CDL DA . 9.05 -4.44 17.12
C39 CDL DA . 9.87 -4.26 18.39
C40 CDL DA . 10.72 -3.00 18.40
C41 CDL DA . 11.41 -2.75 19.74
C42 CDL DA . 11.93 -1.34 19.94
C43 CDL DA . 13.12 -0.97 19.07
C44 CDL DA . 12.74 -0.37 17.72
C45 CDL DA . 13.94 0.01 16.85
C46 CDL DA . 14.45 -1.09 15.93
C47 CDL DA . 14.91 -2.32 16.65
CB2 CDL DA . 0.00 -5.74 7.80
OB2 CDL DA . 1.19 -5.55 6.98
PB2 CDL DA . 1.32 -4.29 6.02
OB3 CDL DA . -0.04 -3.85 5.67
OB4 CDL DA . 2.26 -4.64 4.92
OB5 CDL DA . 1.98 -3.16 6.92
CB3 CDL DA . 1.16 -2.35 7.79
CB4 CDL DA . 1.94 -1.17 8.27
OB6 CDL DA . 1.11 -0.46 9.25
CB5 CDL DA . 1.69 -0.03 10.38
OB7 CDL DA . 2.87 0.20 10.46
C51 CDL DA . 0.71 0.12 11.49
C52 CDL DA . 1.19 1.07 12.57
C53 CDL DA . 0.38 1.00 13.85
C54 CDL DA . 0.91 1.89 14.96
C55 CDL DA . 0.21 1.71 16.30
C56 CDL DA . 1.13 1.20 17.40
C57 CDL DA . 1.78 -0.14 17.08
C58 CDL DA . 3.31 -0.10 17.04
C59 CDL DA . 3.93 -1.33 16.43
C60 CDL DA . 3.56 -2.64 17.11
C61 CDL DA . 4.05 -2.76 18.55
C62 CDL DA . 3.59 -4.02 19.24
C63 CDL DA . 4.14 -4.19 20.64
C64 CDL DA . 5.63 -4.48 20.70
C65 CDL DA . 6.11 -4.90 22.09
C66 CDL DA . 7.55 -5.36 22.12
C67 CDL DA . 7.97 -5.86 23.48
CB6 CDL DA . 2.27 -0.22 7.16
OB8 CDL DA . 3.66 -0.41 6.78
CB7 CDL DA . 4.56 0.37 7.39
OB9 CDL DA . 4.33 1.48 7.78
C71 CDL DA . 5.89 -0.32 7.49
C72 CDL DA . 7.03 0.61 7.88
C73 CDL DA . 6.90 1.16 9.29
C74 CDL DA . 8.19 1.76 9.84
C75 CDL DA . 8.11 2.11 11.32
C76 CDL DA . 9.46 2.40 11.97
C77 CDL DA . 9.43 2.40 13.48
C78 CDL DA . 9.22 1.02 14.11
C79 CDL DA . 9.18 1.02 15.62
C80 CDL DA . 8.12 1.93 16.22
C81 CDL DA . 6.70 1.63 15.76
C82 CDL DA . 5.69 2.70 16.17
C83 CDL DA . 5.51 2.85 17.67
C84 CDL DA . 4.45 3.88 18.04
C85 CDL DA . 4.23 4.03 19.53
C86 CDL DA . 3.05 4.93 19.89
C87 CDL DA . 1.73 4.35 19.46
H1 CDL DA . -0.81 -6.23 6.02
H1O1 CDL DA . -2.78 -6.00 7.72
HA22 CDL DA . -0.51 -8.22 7.44
HA21 CDL DA . -1.68 -8.21 6.40
HA32 CDL DA . -2.26 -9.61 11.98
HA31 CDL DA . -2.57 -8.15 11.54
HA4 CDL DA . -1.05 -7.67 13.04
H112 CDL DA . 2.07 -6.85 10.19
H111 CDL DA . 2.83 -6.78 11.55
H122 CDL DA . 1.62 -4.39 10.95
H121 CDL DA . 2.65 -4.80 9.85
H132 CDL DA . 4.39 -4.58 11.21
H131 CDL DA . 3.56 -4.88 12.49
H142 CDL DA . 2.71 -2.75 12.53
H141 CDL DA . 3.29 -2.44 11.12
H152 CDL DA . 5.02 -2.97 13.27
H151 CDL DA . 4.48 -1.52 13.05
H162 CDL DA . 5.50 -1.55 10.87
H161 CDL DA . 6.14 -2.92 11.25
H172 CDL DA . 6.69 -0.61 12.76
H171 CDL DA . 7.56 -0.97 11.51
H182 CDL DA . 7.35 -2.69 13.75
H181 CDL DA . 8.50 -1.65 13.62
H192 CDL DA . 8.95 -2.85 11.46
H191 CDL DA . 8.19 -4.02 12.16
H202 CDL DA . 10.45 -4.35 12.49
H201 CDL DA . 9.80 -4.05 13.88
H212 CDL DA . 11.84 -2.90 13.61
H211 CDL DA . 10.67 -1.91 13.90
H222 CDL DA . 10.56 -1.36 11.62
H221 CDL DA . 11.71 -2.36 11.32
H232 CDL DA . 13.22 -1.04 12.55
H231 CDL DA . 12.06 -0.03 12.87
H242 CDL DA . 11.90 0.43 10.52
H241 CDL DA . 13.17 -0.45 10.31
H252 CDL DA . 13.11 2.00 11.69
H251 CDL DA . 13.77 1.78 10.30
H262 CDL DA . 15.61 1.69 11.47
H261 CDL DA . 15.22 0.19 11.62
H273 CDL DA . 15.76 1.06 13.71
H272 CDL DA . 14.23 0.63 13.71
H271 CDL DA . 14.63 2.16 13.55
HA62 CDL DA . 0.12 -10.19 12.56
HA61 CDL DA . -0.62 -9.77 13.85
H312 CDL DA . 3.51 -8.81 14.20
H311 CDL DA . 3.66 -9.99 15.21
H322 CDL DA . 4.02 -8.40 16.68
H321 CDL DA . 2.46 -8.28 16.72
H332 CDL DA . 3.06 -6.16 16.39
H331 CDL DA . 2.72 -6.62 14.92
H342 CDL DA . 4.70 -5.44 14.86
H341 CDL DA . 5.02 -6.91 14.49
H352 CDL DA . 6.04 -7.31 16.47
H351 CDL DA . 5.38 -6.08 17.15
H362 CDL DA . 6.78 -4.67 15.82
H361 CDL DA . 7.48 -5.95 15.29
H372 CDL DA . 8.44 -6.39 17.31
H371 CDL DA . 7.49 -5.40 18.04
H382 CDL DA . 8.62 -3.60 16.91
H381 CDL DA . 9.65 -4.64 16.39
H392 CDL DA . 10.45 -5.03 18.50
H391 CDL DA . 9.28 -4.24 19.15
H402 CDL DA . 10.16 -2.24 18.19
H401 CDL DA . 11.39 -3.07 17.71
H412 CDL DA . 12.16 -3.38 19.82
H411 CDL DA . 10.80 -2.96 20.46
H422 CDL DA . 12.18 -1.23 20.87
H421 CDL DA . 11.20 -0.72 19.76
H432 CDL DA . 13.66 -1.75 18.92
H431 CDL DA . 13.67 -0.33 19.55
H442 CDL DA . 12.20 0.42 17.86
H441 CDL DA . 12.20 -1.00 17.23
H452 CDL DA . 14.67 0.29 17.42
H451 CDL DA . 13.69 0.78 16.30
H462 CDL DA . 15.18 -0.74 15.40
H461 CDL DA . 13.74 -1.33 15.31
H473 CDL DA . 15.23 -2.98 16.00
H472 CDL DA . 14.18 -2.70 17.16
H471 CDL DA . 15.65 -2.10 17.25
HB22 CDL DA . 0.20 -6.33 8.54
HB21 CDL DA . -0.28 -4.88 8.18
HB32 CDL DA . 0.85 -2.89 8.54
HB31 CDL DA . 0.37 -2.06 7.31
HB4 CDL DA . 2.78 -1.48 8.67
H512 CDL DA . 0.54 -0.75 11.88
H511 CDL DA . -0.14 0.43 11.13
H522 CDL DA . 1.15 1.98 12.23
H521 CDL DA . 2.11 0.89 12.77
H532 CDL DA . 0.36 0.09 14.17
H531 CDL DA . -0.55 1.25 13.66
H542 CDL DA . 0.82 2.82 14.69
H541 CDL DA . 1.86 1.72 15.07
H552 CDL DA . -0.52 1.10 16.18
H551 CDL DA . -0.16 2.57 16.57
H562 CDL DA . 0.62 1.12 18.22
H561 CDL DA . 1.83 1.86 17.56
H572 CDL DA . 1.45 -0.45 16.23
H571 CDL DA . 1.51 -0.79 17.75
H582 CDL DA . 3.64 0.01 17.95
H581 CDL DA . 3.58 0.68 16.54
H592 CDL DA . 4.90 -1.23 16.45
H591 CDL DA . 3.68 -1.38 15.50
H602 CDL DA . 3.91 -3.37 16.60
H601 CDL DA . 2.59 -2.72 17.11
H612 CDL DA . 3.75 -1.99 19.05
H611 CDL DA . 5.02 -2.73 18.54
H622 CDL DA . 3.86 -4.79 18.71
H621 CDL DA . 2.62 -4.02 19.27
H632 CDL DA . 3.65 -4.92 21.09
H631 CDL DA . 3.96 -3.38 21.16
H642 CDL DA . 6.11 -3.69 20.43
H641 CDL DA . 5.83 -5.18 20.07
H652 CDL DA . 5.54 -5.62 22.41
H651 CDL DA . 6.00 -4.15 22.69
H662 CDL DA . 8.13 -4.61 21.87
H661 CDL DA . 7.68 -6.06 21.47
H673 CDL DA . 8.91 -6.14 23.45
H672 CDL DA . 7.42 -6.61 23.74
H671 CDL DA . 7.86 -5.15 24.14
HB62 CDL DA . 2.11 0.70 7.43
HB61 CDL DA . 1.70 -0.38 6.40
H712 CDL DA . 6.10 -0.74 6.65
H711 CDL DA . 5.83 -1.03 8.15
H722 CDL DA . 7.07 1.35 7.25
H721 CDL DA . 7.87 0.13 7.80
H732 CDL DA . 6.60 0.45 9.88
H731 CDL DA . 6.20 1.85 9.30
H742 CDL DA . 8.41 2.56 9.34
H741 CDL DA . 8.90 1.13 9.71
H752 CDL DA . 7.68 1.38 11.80
H751 CDL DA . 7.54 2.88 11.43
H762 CDL DA . 9.77 3.26 11.65
H761 CDL DA . 10.10 1.73 11.66
H772 CDL DA . 8.72 2.99 13.79
H771 CDL DA . 10.27 2.76 13.81
H782 CDL DA . 9.93 0.44 13.81
H781 CDL DA . 8.39 0.66 13.77
H792 CDL DA . 10.04 1.28 15.96
H791 CDL DA . 9.02 0.11 15.92
H802 CDL DA . 8.34 2.84 16.01
H801 CDL DA . 8.15 1.84 17.19
H812 CDL DA . 6.42 0.78 16.12
H811 CDL DA . 6.70 1.56 14.79
H822 CDL DA . 4.84 2.48 15.77
H821 CDL DA . 5.97 3.55 15.79
H832 CDL DA . 6.36 3.12 18.06
H831 CDL DA . 5.28 1.99 18.05
H842 CDL DA . 3.61 3.61 17.63
H841 CDL DA . 4.69 4.73 17.66
H852 CDL DA . 5.04 4.40 19.93
H851 CDL DA . 4.10 3.16 19.92
H862 CDL DA . 3.18 5.79 19.47
H861 CDL DA . 3.05 5.06 20.85
H873 CDL DA . 1.02 4.96 19.71
H872 CDL DA . 1.58 3.50 19.89
H871 CDL DA . 1.72 4.23 18.49
C1 CDL EA . 34.92 14.55 -3.03
O1 CDL EA . 36.21 14.26 -3.55
CA2 CDL EA . 34.56 13.51 -1.99
OA2 CDL EA . 35.49 13.62 -0.90
PA1 CDL EA . 36.34 12.35 -0.44
OA3 CDL EA . 35.40 11.23 -0.18
OA4 CDL EA . 37.45 12.13 -1.40
OA5 CDL EA . 36.94 12.80 0.96
CA3 CDL EA . 36.37 12.29 2.19
CA4 CDL EA . 36.69 13.26 3.28
OA6 CDL EA . 38.15 13.39 3.35
CA5 CDL EA . 38.72 14.46 2.77
OA7 CDL EA . 38.56 14.76 1.61
C11 CDL EA . 39.54 15.23 3.75
C12 CDL EA . 40.15 16.49 3.16
C13 CDL EA . 40.44 17.54 4.23
C14 CDL EA . 41.70 17.27 5.03
C15 CDL EA . 42.41 18.52 5.50
C16 CDL EA . 43.11 19.28 4.38
C17 CDL EA . 43.45 20.72 4.72
C18 CDL EA . 44.59 20.86 5.72
C19 CDL EA . 45.02 22.29 5.97
C20 CDL EA . 43.96 23.15 6.64
C21 CDL EA . 43.70 22.81 8.09
C22 CDL EA . 42.54 23.57 8.72
C23 CDL EA . 42.51 25.04 8.36
C24 CDL EA . 41.52 25.85 9.18
C25 CDL EA . 41.24 27.24 8.62
C26 CDL EA . 42.47 28.07 8.26
C27 CDL EA . 43.09 27.71 6.93
CA6 CDL EA . 36.22 12.78 4.62
OA8 CDL EA . 36.06 13.92 5.49
CA7 CDL EA . 34.92 14.00 6.18
OA9 CDL EA . 34.03 14.75 5.91
C31 CDL EA . 34.91 13.03 7.32
C32 CDL EA . 34.80 13.72 8.69
C33 CDL EA . 34.71 12.73 9.84
C34 CDL EA . 34.55 13.37 11.20
C35 CDL EA . 33.38 14.35 11.27
C36 CDL EA . 32.92 14.65 12.69
C37 CDL EA . 34.01 15.15 13.61
C38 CDL EA . 33.47 15.67 14.93
C39 CDL EA . 34.55 16.00 15.95
C40 CDL EA . 34.05 16.79 17.15
C41 CDL EA . 32.94 16.10 17.92
C42 CDL EA . 32.35 16.97 19.02
C43 CDL EA . 31.17 16.34 19.73
C44 CDL EA . 31.53 15.13 20.57
C45 CDL EA . 30.38 14.55 21.38
C46 CDL EA . 29.67 15.55 22.28
C47 CDL EA . 30.62 16.37 23.14
CB2 CDL EA . 33.93 14.60 -4.17
OB2 CDL EA . 34.09 15.85 -4.87
PB2 CDL EA . 33.15 17.09 -4.51
OB3 CDL EA . 31.77 16.59 -4.40
OB4 CDL EA . 33.45 18.21 -5.44
OB5 CDL EA . 33.64 17.49 -3.04
CB3 CDL EA . 33.97 18.85 -2.73
CB4 CDL EA . 33.52 19.15 -1.32
OB6 CDL EA . 33.95 18.04 -0.48
CB5 CDL EA . 35.16 18.14 0.10
OB7 CDL EA . 36.19 18.11 -0.51
C51 CDL EA . 35.03 18.28 1.58
C52 CDL EA . 35.54 17.07 2.35
C53 CDL EA . 35.04 17.02 3.78
C54 CDL EA . 35.48 18.20 4.64
C55 CDL EA . 36.97 18.26 4.89
C56 CDL EA . 37.36 19.13 6.09
C57 CDL EA . 37.12 20.61 5.89
C58 CDL EA . 37.16 21.40 7.19
C59 CDL EA . 37.08 22.90 7.02
C60 CDL EA . 36.61 23.63 8.28
C61 CDL EA . 36.79 25.14 8.24
C62 CDL EA . 35.93 25.88 9.25
C63 CDL EA . 36.32 27.32 9.49
C64 CDL EA . 37.63 27.50 10.25
C65 CDL EA . 37.69 26.74 11.56
C66 CDL EA . 38.79 27.18 12.50
C67 CDL EA . 38.88 26.36 13.76
CB6 CDL EA . 32.03 19.27 -1.23
OB8 CDL EA . 31.67 19.76 0.08
CB7 CDL EA . 31.18 18.89 0.96
OB9 CDL EA . 31.00 17.72 0.72
C71 CDL EA . 30.84 19.55 2.26
C72 CDL EA . 29.89 18.73 3.12
C73 CDL EA . 30.55 17.53 3.77
C74 CDL EA . 30.97 17.77 5.21
C75 CDL EA . 31.92 18.95 5.39
C76 CDL EA . 32.31 19.21 6.83
C77 CDL EA . 33.25 20.40 6.99
C78 CDL EA . 33.28 20.97 8.39
C79 CDL EA . 33.84 20.03 9.44
C80 CDL EA . 33.74 20.59 10.85
C81 CDL EA . 34.39 19.73 11.92
C82 CDL EA . 34.21 20.25 13.32
C83 CDL EA . 35.13 19.62 14.35
C84 CDL EA . 34.98 20.24 15.74
C85 CDL EA . 36.04 19.77 16.72
C86 CDL EA . 35.88 20.34 18.12
C87 CDL EA . 35.97 21.85 18.16
H1 CDL EA . 34.90 15.41 -2.59
H1O1 CDL EA . 36.37 14.76 -4.21
HA22 CDL EA . 34.60 12.63 -2.38
HA21 CDL EA . 33.66 13.65 -1.68
HA32 CDL EA . 36.72 11.43 2.39
HA31 CDL EA . 35.40 12.20 2.10
HA4 CDL EA . 36.26 14.12 3.10
H112 CDL EA . 40.27 14.65 4.06
H111 CDL EA . 39.00 15.45 4.52
H122 CDL EA . 39.54 16.86 2.50
H121 CDL EA . 40.97 16.27 2.69
H132 CDL EA . 39.69 17.60 4.83
H131 CDL EA . 40.53 18.41 3.80
H142 CDL EA . 42.31 16.74 4.49
H141 CDL EA . 41.47 16.73 5.80
H152 CDL EA . 43.06 18.29 6.18
H151 CDL EA . 41.77 19.12 5.92
H162 CDL EA . 42.54 19.27 3.59
H161 CDL EA . 43.92 18.81 4.15
H172 CDL EA . 42.66 21.16 5.08
H171 CDL EA . 43.70 21.18 3.91
H182 CDL EA . 45.35 20.35 5.41
H181 CDL EA . 44.31 20.46 6.56
H192 CDL EA . 45.27 22.70 5.13
H191 CDL EA . 45.82 22.29 6.52
H202 CDL EA . 43.14 23.07 6.15
H201 CDL EA . 44.23 24.09 6.58
H212 CDL EA . 44.50 22.99 8.61
H211 CDL EA . 43.54 21.86 8.17
H222 CDL EA . 42.59 23.48 9.69
H221 CDL EA . 41.71 23.15 8.44
H232 CDL EA . 42.27 25.12 7.42
H231 CDL EA . 43.39 25.41 8.46
H242 CDL EA . 41.87 25.95 10.08
H241 CDL EA . 40.69 25.37 9.25
H252 CDL EA . 40.71 27.73 9.26
H251 CDL EA . 40.70 27.14 7.82
H262 CDL EA . 43.14 27.96 8.96
H261 CDL EA . 42.21 29.01 8.25
H273 CDL EA . 43.86 28.28 6.76
H272 CDL EA . 42.43 27.85 6.22
H271 CDL EA . 43.37 26.79 6.94
HA62 CDL EA . 36.85 12.15 5.00
HA61 CDL EA . 35.38 12.31 4.53
H312 CDL EA . 35.72 12.50 7.30
H311 CDL EA . 34.17 12.42 7.22
H322 CDL EA . 34.00 14.29 8.69
H321 CDL EA . 35.56 14.30 8.81
H332 CDL EA . 35.52 12.20 9.83
H331 CDL EA . 33.97 12.12 9.67
H342 CDL EA . 35.36 13.84 11.43
H341 CDL EA . 34.41 12.68 11.86
H352 CDL EA . 32.64 13.98 10.77
H351 CDL EA . 33.64 15.18 10.84
H362 CDL EA . 32.52 13.85 13.06
H361 CDL EA . 32.22 15.32 12.63
H372 CDL EA . 34.50 15.86 13.16
H371 CDL EA . 34.63 14.43 13.78
H382 CDL EA . 32.88 15.01 15.31
H381 CDL EA . 32.95 16.47 14.76
H392 CDL EA . 35.26 16.51 15.50
H391 CDL EA . 34.96 15.18 16.26
H402 CDL EA . 33.73 17.65 16.84
H401 CDL EA . 34.79 16.96 17.74
H412 CDL EA . 33.29 15.29 18.32
H411 CDL EA . 32.23 15.84 17.31
H422 CDL EA . 32.07 17.81 18.63
H421 CDL EA . 33.04 17.17 19.67
H432 CDL EA . 30.50 16.08 19.08
H431 CDL EA . 30.75 17.01 20.31
H442 CDL EA . 32.25 15.37 21.17
H441 CDL EA . 31.88 14.44 19.98
H452 CDL EA . 30.71 13.83 21.93
H451 CDL EA . 29.73 14.17 20.77
H462 CDL EA . 29.06 15.07 22.86
H461 CDL EA . 29.15 16.16 21.73
H473 CDL EA . 30.10 16.98 23.69
H472 CDL EA . 31.22 16.87 22.57
H471 CDL EA . 31.12 15.78 23.71
HB22 CDL EA . 33.02 14.52 -3.83
HB21 CDL EA . 34.07 13.85 -4.77
HB32 CDL EA . 33.55 19.46 -3.35
HB31 CDL EA . 34.93 18.99 -2.81
HB4 CDL EA . 33.91 20.00 -1.04
H512 CDL EA . 34.10 18.44 1.81
H511 CDL EA . 35.53 19.07 1.87
H522 CDL EA . 36.51 17.08 2.34
H521 CDL EA . 35.26 16.26 1.90
H532 CDL EA . 35.35 16.21 4.19
H531 CDL EA . 34.07 16.99 3.78
H542 CDL EA . 35.02 18.16 5.49
H541 CDL EA . 35.20 19.03 4.20
H552 CDL EA . 37.41 18.61 4.10
H551 CDL EA . 37.31 17.37 5.03
H562 CDL EA . 38.29 18.97 6.29
H561 CDL EA . 36.85 18.83 6.86
H572 CDL EA . 36.27 20.75 5.46
H571 CDL EA . 37.80 20.97 5.30
H582 CDL EA . 37.98 21.18 7.67
H581 CDL EA . 36.42 21.11 7.75
H592 CDL EA . 36.46 23.11 6.29
H591 CDL EA . 37.95 23.24 6.77
H602 CDL EA . 37.10 23.28 9.03
H601 CDL EA . 35.68 23.42 8.42
H612 CDL EA . 36.58 25.46 7.34
H611 CDL EA . 37.72 25.35 8.40
H622 CDL EA . 35.96 25.39 10.09
H621 CDL EA . 35.00 25.85 8.95
H632 CDL EA . 35.61 27.76 9.98
H631 CDL EA . 36.39 27.77 8.63
H642 CDL EA . 37.76 28.44 10.43
H641 CDL EA . 38.36 27.21 9.69
H652 CDL EA . 37.80 25.79 11.38
H651 CDL EA . 36.83 26.83 12.02
H662 CDL EA . 38.65 28.11 12.74
H661 CDL EA . 39.64 27.13 12.03
H673 CDL EA . 39.60 26.69 14.32
H672 CDL EA . 39.05 25.43 13.54
H671 CDL EA . 38.04 26.43 14.25
HB62 CDL EA . 31.62 18.40 -1.38
HB61 CDL EA . 31.69 19.86 -1.91
H712 CDL EA . 30.44 20.42 2.08
H711 CDL EA . 31.66 19.71 2.76
H722 CDL EA . 29.15 18.43 2.57
H721 CDL EA . 29.51 19.30 3.81
H732 CDL EA . 31.32 17.27 3.26
H731 CDL EA . 29.93 16.78 3.76
H742 CDL EA . 31.40 16.96 5.55
H741 CDL EA . 30.18 17.92 5.76
H752 CDL EA . 31.51 19.74 5.03
H751 CDL EA . 32.72 18.77 4.87
H762 CDL EA . 32.73 18.42 7.20
H761 CDL EA . 31.51 19.36 7.35
H772 CDL EA . 32.98 21.10 6.37
H771 CDL EA . 34.14 20.13 6.74
H782 CDL EA . 32.38 21.22 8.65
H781 CDL EA . 33.80 21.79 8.39
H792 CDL EA . 34.78 19.86 9.24
H791 CDL EA . 33.38 19.19 9.40
H802 CDL EA . 32.80 20.69 11.07
H801 CDL EA . 34.13 21.47 10.88
H812 CDL EA . 35.34 19.64 11.73
H811 CDL EA . 34.02 18.83 11.87
H822 CDL EA . 33.29 20.11 13.59
H821 CDL EA . 34.35 21.22 13.31
H832 CDL EA . 36.04 19.72 14.06
H831 CDL EA . 34.93 18.68 14.41
H842 CDL EA . 34.11 20.02 16.10
H841 CDL EA . 35.03 21.21 15.66
H852 CDL EA . 36.92 20.02 16.38
H851 CDL EA . 36.03 18.80 16.78
H862 CDL EA . 36.56 19.96 18.70
H861 CDL EA . 35.02 20.06 18.47
H873 CDL EA . 35.85 22.15 19.08
H872 CDL EA . 35.27 22.22 17.61
H871 CDL EA . 36.83 22.13 17.83
C1 CDL FA . 9.02 32.03 -8.65
O1 CDL FA . 8.40 32.89 -9.60
CA2 CDL FA . 8.16 31.95 -7.41
OA2 CDL FA . 6.78 31.84 -7.80
PA1 CDL FA . 5.99 30.47 -7.56
OA3 CDL FA . 4.56 30.69 -7.81
OA4 CDL FA . 6.69 29.38 -8.30
OA5 CDL FA . 6.16 30.21 -6.00
CA3 CDL FA . 5.71 28.96 -5.42
CA4 CDL FA . 5.60 29.10 -3.94
OA6 CDL FA . 4.18 29.32 -3.63
CA5 CDL FA . 3.85 29.65 -2.37
OA7 CDL FA . 3.41 30.73 -2.07
C11 CDL FA . 4.10 28.51 -1.42
C12 CDL FA . 3.44 28.70 -0.07
C13 CDL FA . 4.11 27.91 1.03
C14 CDL FA . 3.30 27.85 2.32
C15 CDL FA . 2.09 26.94 2.25
C16 CDL FA . 1.37 26.75 3.57
C17 CDL FA . 2.01 25.74 4.50
C18 CDL FA . 1.18 25.37 5.71
C19 CDL FA . 0.76 26.55 6.56
C20 CDL FA . -0.65 27.06 6.27
C21 CDL FA . -1.05 28.28 7.07
C22 CDL FA . -2.50 28.68 6.90
C23 CDL FA . -2.92 29.90 7.70
C24 CDL FA . -2.19 31.19 7.32
C25 CDL FA . -1.02 31.53 8.23
C26 CDL FA . -1.41 31.99 9.63
C27 CDL FA . -2.28 33.22 9.63
CA6 CDL FA . 6.37 30.29 -3.42
OA8 CDL FA . 6.66 30.08 -2.02
CA7 CDL FA . 7.78 29.44 -1.71
OA9 CDL FA . 8.45 28.84 -2.51
C31 CDL FA . 8.10 29.55 -0.25
C32 CDL FA . 9.25 30.52 0.04
C33 CDL FA . 9.83 30.36 1.43
C34 CDL FA . 8.83 30.56 2.56
C35 CDL FA . 8.42 32.00 2.78
C36 CDL FA . 7.21 32.15 3.67
C37 CDL FA . 6.99 33.55 4.23
C38 CDL FA . 5.75 33.66 5.09
C39 CDL FA . 5.65 34.92 5.92
C40 CDL FA . 4.62 34.85 7.03
C41 CDL FA . 3.18 34.81 6.55
C42 CDL FA . 2.18 34.36 7.61
C43 CDL FA . 2.16 35.24 8.85
C44 CDL FA . 1.27 34.70 9.96
C45 CDL FA . 1.37 35.47 11.26
C46 CDL FA . 0.56 34.89 12.40
C47 CDL FA . 0.75 35.64 13.71
CB2 CDL FA . 10.41 32.52 -8.37
OB2 CDL FA . 10.41 33.96 -8.42
PB2 CDL FA . 11.47 34.78 -7.55
OB3 CDL FA . 11.09 36.21 -7.60
OB4 CDL FA . 12.84 34.39 -7.96
OB5 CDL FA . 11.21 34.28 -6.06
CB3 CDL FA . 10.30 34.99 -5.19
CB4 CDL FA . 10.39 34.41 -3.81
OB6 CDL FA . 9.24 34.90 -3.04
CB5 CDL FA . 8.08 34.24 -3.17
OB7 CDL FA . 7.82 33.53 -4.10
C51 CDL FA . 7.16 34.54 -2.02
C52 CDL FA . 7.02 33.33 -1.09
C53 CDL FA . 5.60 33.14 -0.59
C54 CDL FA . 5.12 34.21 0.37
C55 CDL FA . 3.66 34.09 0.75
C56 CDL FA . 3.21 35.07 1.83
C57 CDL FA . 1.71 35.05 2.09
C58 CDL FA . 1.29 35.86 3.30
C59 CDL FA . -0.20 35.89 3.54
C60 CDL FA . -0.61 36.49 4.87
C61 CDL FA . -0.20 37.94 5.04
C62 CDL FA . -0.67 38.57 6.35
C63 CDL FA . -0.31 40.03 6.51
C64 CDL FA . -0.84 40.67 7.77
C65 CDL FA . -0.53 42.15 7.89
C66 CDL FA . -1.09 42.80 9.14
C67 CDL FA . -2.61 42.75 9.22
CB6 CDL FA . 11.65 34.83 -3.10
OB8 CDL FA . 11.88 33.92 -2.01
CB7 CDL FA . 12.56 34.40 -0.96
OB9 CDL FA . 13.64 34.92 -1.06
C71 CDL FA . 11.81 34.21 0.32
C72 CDL FA . 10.96 35.42 0.69
C73 CDL FA . 10.19 35.21 1.98
C74 CDL FA . 9.23 36.35 2.33
C75 CDL FA . 8.12 36.57 1.32
C76 CDL FA . 7.05 37.53 1.77
C77 CDL FA . 6.14 36.99 2.87
C78 CDL FA . 4.97 37.90 3.21
C79 CDL FA . 5.38 39.20 3.90
C80 CDL FA . 5.92 39.03 5.31
C81 CDL FA . 4.88 38.59 6.33
C82 CDL FA . 5.44 38.42 7.74
C83 CDL FA . 4.35 38.33 8.81
C84 CDL FA . 4.89 38.22 10.23
C85 CDL FA . 5.60 36.91 10.52
C86 CDL FA . 5.98 36.73 11.98
C87 CDL FA . 6.53 35.36 12.29
H1 CDL FA . 9.09 31.13 -8.99
H1O1 CDL FA . 8.82 33.62 -9.65
HA22 CDL FA . 8.28 32.75 -6.87
HA21 CDL FA . 8.42 31.20 -6.86
HA32 CDL FA . 6.34 28.25 -5.65
HA31 CDL FA . 4.86 28.71 -5.81
HA4 CDL FA . 5.96 28.31 -3.51
H112 CDL FA . 5.06 28.42 -1.29
H111 CDL FA . 3.79 27.70 -1.83
H122 CDL FA . 2.50 28.43 -0.14
H121 CDL FA . 3.43 29.65 0.16
H132 CDL FA . 4.97 28.31 1.22
H131 CDL FA . 4.27 27.00 0.73
H142 CDL FA . 3.01 28.75 2.56
H141 CDL FA . 3.88 27.55 3.04
H152 CDL FA . 2.37 26.07 1.93
H151 CDL FA . 1.47 27.29 1.60
H162 CDL FA . 0.45 26.48 3.40
H161 CDL FA . 1.33 27.61 4.04
H172 CDL FA . 2.87 26.09 4.80
H171 CDL FA . 2.20 24.94 3.99
H182 CDL FA . 1.68 24.75 6.26
H181 CDL FA . 0.38 24.90 5.41
H192 CDL FA . 1.38 27.27 6.43
H191 CDL FA . 0.80 26.30 7.50
H202 CDL FA . -1.28 26.34 6.44
H201 CDL FA . -0.71 27.27 5.33
H212 CDL FA . -0.47 29.03 6.83
H211 CDL FA . -0.88 28.11 8.01
H222 CDL FA . -3.06 27.94 7.15
H221 CDL FA . -2.67 28.86 5.96
H232 CDL FA . -2.77 29.73 8.64
H231 CDL FA . -3.87 30.04 7.59
H242 CDL FA . -2.81 31.91 7.32
H241 CDL FA . -1.85 31.09 6.41
H252 CDL FA . -0.50 32.25 7.81
H251 CDL FA . -0.44 30.76 8.31
H262 CDL FA . -0.61 32.17 10.15
H261 CDL FA . -1.89 31.26 10.07
H273 CDL FA . -2.51 33.46 10.55
H272 CDL FA . -3.11 33.04 9.14
H271 CDL FA . -1.81 33.96 9.22
HA62 CDL FA . 5.86 31.10 -3.55
HA61 CDL FA . 7.20 30.40 -3.92
H312 CDL FA . 8.34 28.68 0.09
H311 CDL FA . 7.31 29.85 0.23
H322 CDL FA . 8.92 31.42 -0.07
H321 CDL FA . 9.95 30.39 -0.62
H332 CDL FA . 10.55 30.99 1.54
H331 CDL FA . 10.21 29.47 1.50
H342 CDL FA . 9.21 30.21 3.38
H341 CDL FA . 8.04 30.03 2.37
H352 CDL FA . 8.25 32.42 1.92
H351 CDL FA . 9.17 32.49 3.18
H362 CDL FA . 7.28 31.53 4.41
H361 CDL FA . 6.41 31.89 3.16
H372 CDL FA . 6.91 34.18 3.49
H371 CDL FA . 7.77 33.82 4.74
H382 CDL FA . 5.73 32.90 5.70
H381 CDL FA . 4.97 33.59 4.54
H392 CDL FA . 5.43 35.67 5.34
H391 CDL FA . 6.53 35.12 6.31
H402 CDL FA . 4.73 35.62 7.61
H401 CDL FA . 4.79 34.06 7.57
H412 CDL FA . 3.13 34.20 5.79
H411 CDL FA . 2.93 35.68 6.23
H422 CDL FA . 2.38 33.45 7.87
H421 CDL FA . 1.30 34.35 7.21
H432 CDL FA . 1.85 36.11 8.60
H431 CDL FA . 3.05 35.32 9.20
H442 CDL FA . 1.49 33.77 10.12
H441 CDL FA . 0.34 34.72 9.66
H452 CDL FA . 1.10 36.39 11.11
H451 CDL FA . 2.31 35.50 11.53
H462 CDL FA . 0.80 33.96 12.53
H461 CDL FA . -0.38 34.91 12.17
H473 CDL FA . 0.21 35.22 14.40
H472 CDL FA . 0.49 36.55 13.60
H471 CDL FA . 1.68 35.58 13.96
HB22 CDL FA . 11.02 32.17 -9.03
HB21 CDL FA . 10.72 32.22 -7.51
HB32 CDL FA . 9.39 34.93 -5.54
HB31 CDL FA . 10.53 35.94 -5.18
HB4 CDL FA . 10.39 33.44 -3.88
H512 CDL FA . 6.30 34.79 -2.36
H511 CDL FA . 7.51 35.29 -1.52
H522 CDL FA . 7.61 33.44 -0.33
H521 CDL FA . 7.29 32.52 -1.56
H532 CDL FA . 5.54 32.28 -0.15
H531 CDL FA . 4.99 33.11 -1.35
H542 CDL FA . 5.27 35.08 -0.04
H541 CDL FA . 5.66 34.17 1.17
H552 CDL FA . 3.48 33.18 1.05
H551 CDL FA . 3.12 34.22 -0.05
H562 CDL FA . 3.47 35.96 1.56
H561 CDL FA . 3.69 34.86 2.64
H572 CDL FA . 1.43 34.12 2.22
H571 CDL FA . 1.25 35.38 1.31
H582 CDL FA . 1.62 36.76 3.19
H581 CDL FA . 1.73 35.50 4.09
H592 CDL FA . -0.55 34.98 3.49
H591 CDL FA . -0.62 36.39 2.82
H602 CDL FA . -0.21 35.97 5.59
H601 CDL FA . -1.57 36.42 4.97
H612 CDL FA . -0.57 38.47 4.31
H611 CDL FA . 0.76 38.01 5.00
H622 CDL FA . -0.29 38.07 7.09
H621 CDL FA . -1.63 38.48 6.41
H632 CDL FA . -0.64 40.52 5.74
H631 CDL FA . 0.66 40.11 6.49
H642 CDL FA . -0.47 40.20 8.55
H641 CDL FA . -1.80 40.54 7.81
H652 CDL FA . -0.89 42.61 7.11
H651 CDL FA . 0.43 42.27 7.88
H662 CDL FA . -0.81 43.74 9.17
H661 CDL FA . -0.72 42.37 9.93
H673 CDL FA . -2.91 43.18 10.04
H672 CDL FA . -2.89 41.83 9.21
H671 CDL FA . -2.98 43.20 8.45
HB62 CDL FA . 11.56 35.74 -2.78
HB61 CDL FA . 12.39 34.81 -3.72
H712 CDL FA . 12.45 34.04 1.03
H711 CDL FA . 11.24 33.43 0.25
H722 CDL FA . 10.33 35.60 -0.03
H721 CDL FA . 11.53 36.20 0.77
H732 CDL FA . 10.82 35.10 2.71
H731 CDL FA . 9.68 34.40 1.92
H742 CDL FA . 9.75 37.16 2.42
H741 CDL FA . 8.84 36.17 3.21
H752 CDL FA . 7.71 35.71 1.13
H751 CDL FA . 8.51 36.88 0.49
H762 CDL FA . 6.51 37.78 1.01
H761 CDL FA . 7.47 38.35 2.09
H772 CDL FA . 6.67 36.84 3.66
H771 CDL FA . 5.79 36.14 2.59
H782 CDL FA . 4.37 37.42 3.80
H781 CDL FA . 4.49 38.11 2.41
H792 CDL FA . 4.61 39.79 3.94
H791 CDL FA . 6.05 39.64 3.36
H802 CDL FA . 6.32 39.87 5.60
H801 CDL FA . 6.64 38.37 5.29
H812 CDL FA . 4.50 37.76 6.05
H811 CDL FA . 4.17 39.25 6.35
H822 CDL FA . 6.03 39.16 7.94
H821 CDL FA . 5.97 37.61 7.77
H832 CDL FA . 3.79 37.57 8.62
H831 CDL FA . 3.80 39.12 8.75
H842 CDL FA . 4.15 38.31 10.85
H841 CDL FA . 5.50 38.95 10.39
H852 CDL FA . 6.41 36.86 9.99
H851 CDL FA . 5.04 36.17 10.24
H862 CDL FA . 5.18 36.88 12.53
H861 CDL FA . 6.63 37.40 12.23
H873 CDL FA . 6.75 35.30 13.24
H872 CDL FA . 7.34 35.22 11.77
H871 CDL FA . 5.87 34.69 12.07
O12 PC1 GA . 28.77 -14.75 4.51
P PC1 GA . 28.30 -15.05 3.15
O14 PC1 GA . 29.19 -14.77 2.00
O13 PC1 GA . 27.88 -16.60 3.05
C11 PC1 GA . 28.48 -17.57 3.94
C12 PC1 GA . 29.24 -18.50 3.02
N PC1 GA . 28.49 -19.73 2.57
C13 PC1 GA . 27.18 -19.35 1.95
C14 PC1 GA . 29.31 -20.48 1.57
C15 PC1 GA . 28.22 -20.64 3.73
O11 PC1 GA . 26.93 -14.28 2.87
C1 PC1 GA . 26.67 -13.01 3.49
C2 PC1 GA . 25.79 -13.21 4.70
O21 PC1 GA . 25.06 -11.97 4.96
C21 PC1 GA . 25.76 -10.86 5.25
O22 PC1 GA . 26.96 -10.82 5.32
C22 PC1 GA . 24.86 -9.68 5.46
C23 PC1 GA . 25.47 -8.59 6.32
C24 PC1 GA . 25.87 -9.08 7.70
C25 PC1 GA . 26.11 -7.97 8.71
C26 PC1 GA . 26.52 -8.46 10.09
C27 PC1 GA . 26.55 -7.38 11.15
C28 PC1 GA . 25.18 -6.90 11.58
C29 PC1 GA . 25.11 -5.40 11.85
C2A PC1 GA . 23.73 -4.91 12.27
C2B PC1 GA . 22.59 -5.35 11.36
C2C PC1 GA . 22.80 -5.04 9.89
C2D PC1 GA . 21.70 -5.56 8.98
C2E PC1 GA . 20.83 -4.47 8.37
C2F PC1 GA . 19.94 -4.94 7.25
C2G PC1 GA . 18.73 -5.74 7.71
C2H PC1 GA . 17.66 -4.90 8.39
C2I PC1 GA . 16.43 -5.71 8.76
C3 PC1 GA . 26.60 -13.57 5.92
O31 PC1 GA . 25.89 -13.10 7.10
C31 PC1 GA . 26.20 -13.69 8.25
O32 PC1 GA . 26.52 -14.83 8.34
C32 PC1 GA . 26.10 -12.72 9.40
C33 PC1 GA . 25.08 -13.16 10.44
C34 PC1 GA . 23.66 -12.75 10.10
C35 PC1 GA . 23.36 -11.27 10.32
C36 PC1 GA . 21.92 -10.88 10.09
C37 PC1 GA . 21.39 -11.22 8.71
C38 PC1 GA . 20.07 -10.56 8.37
C39 PC1 GA . 19.52 -10.96 7.01
C3A PC1 GA . 18.63 -9.91 6.36
C3B PC1 GA . 17.15 -10.09 6.63
C3C PC1 GA . 16.72 -9.74 8.05
C3D PC1 GA . 15.24 -9.95 8.31
C3E PC1 GA . 14.32 -9.03 7.52
C3F PC1 GA . 12.86 -9.21 7.82
C3G PC1 GA . 12.30 -8.21 8.81
C3H PC1 GA . 13.02 -8.15 10.14
C3I PC1 GA . 12.37 -7.23 11.13
H111 PC1 GA . 27.81 -18.04 4.45
H112 PC1 GA . 29.08 -17.15 4.57
H121 PC1 GA . 30.05 -18.78 3.47
H122 PC1 GA . 29.51 -18.01 2.23
H131 PC1 GA . 26.72 -20.15 1.65
H132 PC1 GA . 27.36 -18.79 1.18
H133 PC1 GA . 26.65 -18.87 2.58
H141 PC1 GA . 28.83 -21.27 1.29
H142 PC1 GA . 30.16 -20.74 1.97
H143 PC1 GA . 29.49 -19.91 0.81
H151 PC1 GA . 27.74 -21.43 3.43
H152 PC1 GA . 27.68 -20.17 4.39
H153 PC1 GA . 29.06 -20.90 4.15
H11 PC1 GA . 26.24 -12.40 2.86
H12 PC1 GA . 27.50 -12.58 3.76
H2 PC1 GA . 25.19 -13.95 4.51
H221 PC1 GA . 24.04 -9.99 5.87
H222 PC1 GA . 24.61 -9.31 4.60
H231 PC1 GA . 24.83 -7.86 6.41
H232 PC1 GA . 26.25 -8.23 5.88
H241 PC1 GA . 26.67 -9.61 7.62
H242 PC1 GA . 25.17 -9.66 8.04
H251 PC1 GA . 25.31 -7.43 8.78
H252 PC1 GA . 26.81 -7.39 8.37
H261 PC1 GA . 27.39 -8.88 10.03
H262 PC1 GA . 25.89 -9.15 10.36
H271 PC1 GA . 27.05 -6.62 10.81
H272 PC1 GA . 27.03 -7.71 11.92
H281 PC1 GA . 24.92 -7.38 12.39
H282 PC1 GA . 24.53 -7.12 10.90
H291 PC1 GA . 25.39 -4.93 11.06
H292 PC1 GA . 25.74 -5.18 12.56
H2A1 PC1 GA . 23.73 -3.94 12.29
H2A2 PC1 GA . 23.54 -5.21 13.17
H2B1 PC1 GA . 21.77 -4.94 11.65
H2B2 PC1 GA . 22.47 -6.32 11.46
H2C1 PC1 GA . 23.65 -5.43 9.61
H2C2 PC1 GA . 22.88 -4.08 9.78
H2D1 PC1 GA . 21.13 -6.17 9.48
H2D2 PC1 GA . 22.10 -6.08 8.26
H2E1 PC1 GA . 21.41 -3.76 8.03
H2E2 PC1 GA . 20.29 -4.07 9.07
H2F1 PC1 GA . 20.45 -5.49 6.64
H2F2 PC1 GA . 19.63 -4.17 6.75
H2G1 PC1 GA . 19.03 -6.44 8.32
H2G2 PC1 GA . 18.34 -6.19 6.95
H2H1 PC1 GA . 17.41 -4.18 7.80
H2H2 PC1 GA . 18.03 -4.51 9.19
H2I1 PC1 GA . 15.79 -5.12 9.19
H2I2 PC1 GA . 16.67 -6.42 9.36
H2I3 PC1 GA . 16.04 -6.08 7.95
H31 PC1 GA . 27.48 -13.16 5.88
H32 PC1 GA . 26.73 -14.53 5.97
H321 PC1 GA . 25.86 -11.85 9.07
H322 PC1 GA . 26.96 -12.64 9.82
H331 PC1 GA . 25.32 -12.78 11.30
H332 PC1 GA . 25.12 -14.12 10.54
H341 PC1 GA . 23.04 -13.28 10.64
H342 PC1 GA . 23.47 -12.97 9.17
H351 PC1 GA . 23.93 -10.76 9.73
H352 PC1 GA . 23.63 -11.04 11.22
H361 PC1 GA . 21.84 -9.92 10.23
H362 PC1 GA . 21.37 -11.31 10.75
H371 PC1 GA . 21.28 -12.19 8.65
H372 PC1 GA . 22.06 -10.97 8.05
H381 PC1 GA . 20.18 -9.60 8.40
H382 PC1 GA . 19.42 -10.79 9.05
H391 PC1 GA . 19.01 -11.78 7.11
H392 PC1 GA . 20.27 -11.15 6.42
H3A1 PC1 GA . 18.77 -9.94 5.40
H3A2 PC1 GA . 18.90 -9.03 6.67
H3B1 PC1 GA . 16.90 -11.01 6.45
H3B2 PC1 GA . 16.64 -9.53 6.01
H3C1 PC1 GA . 16.95 -8.82 8.23
H3C2 PC1 GA . 17.23 -10.29 8.67
H3D1 PC1 GA . 15.07 -9.81 9.26
H3D2 PC1 GA . 15.01 -10.87 8.12
H3E1 PC1 GA . 14.48 -9.18 6.57
H3E2 PC1 GA . 14.57 -8.10 7.70
H3F1 PC1 GA . 12.72 -10.10 8.17
H3F2 PC1 GA . 12.36 -9.16 6.99
H3G1 PC1 GA . 11.36 -8.41 8.97
H3G2 PC1 GA . 12.32 -7.32 8.41
H3H1 PC1 GA . 13.94 -7.87 9.99
H3H2 PC1 GA . 13.07 -9.05 10.52
H3I1 PC1 GA . 12.88 -7.24 11.96
H3I2 PC1 GA . 11.46 -7.53 11.31
H3I3 PC1 GA . 12.35 -6.33 10.78
O12 PC1 HA . 33.42 22.43 22.39
P PC1 HA . 32.10 22.77 21.83
O14 PC1 HA . 30.91 22.75 22.71
O13 PC1 HA . 32.16 24.19 21.12
C11 PC1 HA . 33.39 24.97 21.13
C12 PC1 HA . 33.58 25.35 22.58
N PC1 HA . 34.17 26.71 22.82
C13 PC1 HA . 33.17 27.78 22.51
C14 PC1 HA . 34.56 26.82 24.27
C15 PC1 HA . 35.39 26.92 21.98
O11 PC1 HA . 31.81 21.80 20.59
C1 PC1 HA . 32.63 21.88 19.42
C2 PC1 HA . 31.91 22.66 18.35
O21 PC1 HA . 31.89 21.85 17.15
C21 PC1 HA . 31.00 20.84 17.09
O22 PC1 HA . 30.99 19.92 17.86
C22 PC1 HA . 30.04 21.03 15.97
C23 PC1 HA . 30.19 19.97 14.88
C24 PC1 HA . 29.00 19.93 13.93
C25 PC1 HA . 28.60 21.29 13.38
C26 PC1 HA . 27.61 21.20 12.23
C27 PC1 HA . 27.18 22.55 11.69
C28 PC1 HA . 26.07 23.21 12.49
C29 PC1 HA . 25.63 24.55 11.92
C2A PC1 HA . 24.30 25.05 12.43
C2B PC1 HA . 23.90 26.38 11.83
C2C PC1 HA . 22.54 26.90 12.28
C2D PC1 HA . 22.10 28.14 11.53
C2E PC1 HA . 20.68 28.57 11.83
C2F PC1 HA . 20.52 29.38 13.10
C2G PC1 HA . 19.23 30.18 13.15
C2H PC1 HA . 19.33 31.61 12.61
C2I PC1 HA . 19.97 31.69 11.24
C3 PC1 HA . 32.62 23.95 18.00
O31 PC1 HA . 32.55 24.11 16.57
C31 PC1 HA . 33.27 25.10 16.05
O32 PC1 HA . 33.64 26.06 16.66
C32 PC1 HA . 33.57 24.85 14.59
C33 PC1 HA . 34.98 24.35 14.35
C34 PC1 HA . 35.29 24.09 12.89
C35 PC1 HA . 36.69 23.59 12.61
C36 PC1 HA . 36.97 22.17 13.09
C37 PC1 HA . 38.44 21.81 13.14
C38 PC1 HA . 38.81 20.60 12.30
C39 PC1 HA . 40.18 20.02 12.61
C3A PC1 HA . 41.33 20.99 12.39
C3B PC1 HA . 42.68 20.41 12.78
C3C PC1 HA . 43.84 21.36 12.61
C3D PC1 HA . 45.15 20.83 13.17
C3E PC1 HA . 46.40 21.50 12.59
C3F PC1 HA . 47.69 20.83 13.00
C3G PC1 HA . 48.91 21.30 12.23
C3H PC1 HA . 49.64 22.47 12.87
C3I PC1 HA . 50.88 22.89 12.10
H111 PC1 HA . 33.31 25.76 20.57
H112 PC1 HA . 34.13 24.46 20.80
H121 PC1 HA . 34.16 24.69 22.98
H122 PC1 HA . 32.73 25.29 23.02
H131 PC1 HA . 33.56 28.65 22.68
H132 PC1 HA . 32.38 27.66 23.08
H133 PC1 HA . 32.91 27.72 21.58
H141 PC1 HA . 34.94 27.70 24.43
H142 PC1 HA . 35.22 26.14 24.48
H143 PC1 HA . 33.78 26.70 24.83
H151 PC1 HA . 35.75 27.80 22.14
H152 PC1 HA . 35.13 26.85 21.04
H153 PC1 HA . 36.04 26.24 22.19
H11 PC1 HA . 32.84 20.99 19.10
H12 PC1 HA . 33.48 22.30 19.64
H2 PC1 HA . 31.03 22.88 18.69
H221 PC1 HA . 30.17 21.91 15.57
H222 PC1 HA . 29.13 21.00 16.31
H231 PC1 HA . 30.30 19.10 15.29
H232 PC1 HA . 31.00 20.15 14.37
H241 PC1 HA . 28.25 19.53 14.39
H242 PC1 HA . 29.21 19.34 13.19
H251 PC1 HA . 29.39 21.76 13.08
H252 PC1 HA . 28.21 21.81 14.09
H261 PC1 HA . 26.82 20.71 12.53
H262 PC1 HA . 28.01 20.69 11.50
H271 PC1 HA . 26.87 22.44 10.78
H272 PC1 HA . 27.94 23.14 11.67
H281 PC1 HA . 26.37 23.33 13.41
H282 PC1 HA . 25.30 22.62 12.52
H291 PC1 HA . 25.60 24.48 10.95
H292 PC1 HA . 26.32 25.21 12.12
H2A1 PC1 HA . 24.34 25.14 13.40
H2A2 PC1 HA . 23.62 24.40 12.23
H2B1 PC1 HA . 23.90 26.30 10.87
H2B2 PC1 HA . 24.57 27.05 12.05
H2C1 PC1 HA . 22.58 27.09 13.23
H2C2 PC1 HA . 21.88 26.20 12.16
H2D1 PC1 HA . 22.19 27.98 10.58
H2D2 PC1 HA . 22.70 28.86 11.76
H2E1 PC1 HA . 20.11 27.79 11.90
H2E2 PC1 HA . 20.34 29.09 11.08
H2F1 PC1 HA . 21.27 30.00 13.18
H2F2 PC1 HA . 20.55 28.79 13.87
H2G1 PC1 HA . 18.92 30.23 14.07
H2G2 PC1 HA . 18.55 29.72 12.64
H2H1 PC1 HA . 19.85 32.15 13.24
H2H2 PC1 HA . 18.44 31.99 12.56
H2I1 PC1 HA . 20.00 32.62 10.96
H2I2 PC1 HA . 19.44 31.18 10.60
H2I3 PC1 HA . 20.87 31.33 11.28
H31 PC1 HA . 33.54 23.92 18.30
H32 PC1 HA . 32.20 24.70 18.46
H321 PC1 HA . 33.43 25.67 14.09
H322 PC1 HA . 32.94 24.20 14.24
H331 PC1 HA . 35.12 23.52 14.85
H332 PC1 HA . 35.61 24.99 14.70
H341 PC1 HA . 35.14 24.92 12.39
H342 PC1 HA . 34.66 23.44 12.55
H351 PC1 HA . 37.33 24.19 13.05
H352 PC1 HA . 36.87 23.64 11.66
H361 PC1 HA . 36.51 21.55 12.50
H362 PC1 HA . 36.59 22.06 13.98
H371 PC1 HA . 38.69 21.64 14.06
H372 PC1 HA . 38.96 22.57 12.84
H381 PC1 HA . 38.77 20.85 11.37
H382 PC1 HA . 38.14 19.91 12.43
H391 PC1 HA . 40.31 19.24 12.04
H392 PC1 HA . 40.19 19.72 13.52
H3A1 PC1 HA . 41.17 21.79 12.91
H3A2 PC1 HA . 41.35 21.25 11.46
H3B1 PC1 HA . 42.85 19.61 12.24
H3B2 PC1 HA . 42.64 20.13 13.71
H3C1 PC1 HA . 43.63 22.20 13.05
H3C2 PC1 HA . 43.95 21.56 11.67
H3D1 PC1 HA . 45.21 19.88 12.98
H3D2 PC1 HA . 45.16 20.93 14.13
H3E1 PC1 HA . 46.41 22.42 12.88
H3E2 PC1 HA . 46.34 21.50 11.63
H3F1 PC1 HA . 47.60 19.87 12.89
H3F2 PC1 HA . 47.84 20.99 13.95
H3G1 PC1 HA . 48.63 21.56 11.33
H3G2 PC1 HA . 49.53 20.56 12.13
H3H1 PC1 HA . 49.90 22.23 13.77
H3H2 PC1 HA . 49.04 23.22 12.94
H3I1 PC1 HA . 51.30 23.62 12.54
H3I2 PC1 HA . 50.62 23.15 11.20
H3I3 PC1 HA . 51.49 22.14 12.05
O12 PC1 IA . 33.61 10.99 27.36
P PC1 IA . 32.47 11.66 26.67
O14 PC1 IA . 31.10 11.32 27.07
O13 PC1 IA . 32.63 13.24 26.84
C11 PC1 IA . 32.18 14.14 25.80
C12 PC1 IA . 32.56 15.51 26.31
N PC1 IA . 31.59 16.18 27.25
C13 PC1 IA . 32.27 17.27 27.99
C14 PC1 IA . 30.45 16.76 26.46
C15 PC1 IA . 31.04 15.18 28.23
O11 PC1 IA . 32.58 11.41 25.10
C1 PC1 IA . 33.88 11.39 24.46
C2 PC1 IA . 34.01 10.15 23.64
O21 PC1 IA . 35.43 9.81 23.59
C21 PC1 IA . 35.76 8.51 23.49
O22 PC1 IA . 35.04 7.68 23.01
C22 PC1 IA . 37.12 8.24 24.06
C23 PC1 IA . 38.12 7.76 23.01
C24 PC1 IA . 39.37 7.16 23.64
C25 PC1 IA . 40.42 6.70 22.64
C26 PC1 IA . 41.15 7.83 21.94
C27 PC1 IA . 42.44 7.41 21.27
C28 PC1 IA . 43.26 8.58 20.74
C29 PC1 IA . 44.75 8.26 20.58
C2A PC1 IA . 45.07 7.29 19.46
C2B PC1 IA . 45.38 7.95 18.12
C2C PC1 IA . 46.68 8.72 18.11
C2D PC1 IA . 47.15 9.15 16.73
C2E PC1 IA . 46.19 10.11 16.03
C2F PC1 IA . 46.71 10.65 14.70
C2G PC1 IA . 47.01 9.56 13.68
C2H PC1 IA . 47.39 10.09 12.30
C2I PC1 IA . 48.65 10.93 12.30
C3 PC1 IA . 33.54 10.34 22.23
O31 PC1 IA . 32.58 9.31 21.90
C31 PC1 IA . 31.85 9.50 20.79
O32 PC1 IA . 31.78 10.55 20.21
C32 PC1 IA . 31.14 8.24 20.39
C33 PC1 IA . 29.66 8.47 20.08
C34 PC1 IA . 28.91 7.22 19.67
C35 PC1 IA . 27.41 7.41 19.56
C36 PC1 IA . 26.65 6.13 19.25
C37 PC1 IA . 26.82 5.62 17.83
C38 PC1 IA . 26.18 4.26 17.59
C39 PC1 IA . 26.38 3.72 16.19
C3A PC1 IA . 26.01 2.26 16.02
C3B PC1 IA . 24.54 1.96 16.27
C3C PC1 IA . 24.19 0.49 16.11
C3D PC1 IA . 22.71 0.18 16.33
C3E PC1 IA . 22.44 -1.21 16.86
C3F PC1 IA . 20.97 -1.54 17.00
C3G PC1 IA . 20.68 -2.72 17.93
C3H PC1 IA . 21.43 -3.99 17.56
C3I PC1 IA . 21.07 -5.15 18.46
H111 PC1 IA . 31.22 14.07 25.66
H112 PC1 IA . 32.60 13.94 24.95
H121 PC1 IA . 32.70 16.09 25.54
H122 PC1 IA . 33.42 15.43 26.76
H131 PC1 IA . 31.64 17.70 28.60
H132 PC1 IA . 32.61 17.93 27.37
H133 PC1 IA . 33.01 16.90 28.51
H141 PC1 IA . 29.82 17.18 27.06
H142 PC1 IA . 30.00 16.05 25.97
H143 PC1 IA . 30.80 17.42 25.84
H151 PC1 IA . 30.41 15.63 28.82
H152 PC1 IA . 31.76 14.81 28.75
H153 PC1 IA . 30.58 14.48 27.76
H11 PC1 IA . 34.58 11.44 25.13
H12 PC1 IA . 33.99 12.18 23.90
H2 PC1 IA . 33.46 9.45 24.04
H221 PC1 IA . 37.05 7.58 24.75
H222 PC1 IA . 37.46 9.05 24.46
H231 PC1 IA . 38.38 8.50 22.44
H232 PC1 IA . 37.70 7.09 22.44
H241 PC1 IA . 39.11 6.40 24.20
H242 PC1 IA . 39.77 7.83 24.23
H251 PC1 IA . 40.00 6.14 21.98
H252 PC1 IA . 41.08 6.15 23.10
H261 PC1 IA . 41.34 8.53 22.58
H262 PC1 IA . 40.56 8.22 21.28
H271 PC1 IA . 42.23 6.82 20.53
H272 PC1 IA . 42.97 6.90 21.89
H281 PC1 IA . 43.17 9.33 21.34
H282 PC1 IA . 42.91 8.86 19.89
H291 PC1 IA . 45.08 7.90 21.41
H292 PC1 IA . 45.23 9.09 20.42
H2A1 PC1 IA . 44.31 6.70 19.34
H2A2 PC1 IA . 45.82 6.74 19.72
H2B1 PC1 IA . 44.65 8.55 17.89
H2B2 PC1 IA . 45.41 7.27 17.43
H2C1 PC1 IA . 47.38 8.18 18.52
H2C2 PC1 IA . 46.60 9.51 18.67
H2D1 PC1 IA . 47.26 8.37 16.17
H2D2 PC1 IA . 48.02 9.58 16.81
H2E1 PC1 IA . 46.01 10.86 16.62
H2E2 PC1 IA . 45.35 9.66 15.88
H2F1 PC1 IA . 47.52 11.15 14.87
H2F2 PC1 IA . 46.06 11.26 14.33
H2G1 PC1 IA . 46.24 8.98 13.59
H2G2 PC1 IA . 47.75 9.02 14.01
H2H1 PC1 IA . 46.66 10.62 11.95
H2H2 PC1 IA . 47.51 9.34 11.70
H2I1 PC1 IA . 48.84 11.24 11.41
H2I2 PC1 IA . 49.39 10.39 12.62
H2I3 PC1 IA . 48.53 11.69 12.89
H31 PC1 IA . 34.29 10.30 21.61
H32 PC1 IA . 33.13 11.22 22.12
H321 PC1 IA . 31.21 7.58 21.09
H322 PC1 IA . 31.56 7.87 19.60
H331 PC1 IA . 29.58 9.14 19.38
H332 PC1 IA . 29.23 8.85 20.87
H341 PC1 IA . 29.09 6.52 20.33
H342 PC1 IA . 29.27 6.91 18.82
H351 PC1 IA . 27.23 8.06 18.85
H352 PC1 IA . 27.07 7.78 20.38
H361 PC1 IA . 25.70 6.28 19.42
H362 PC1 IA . 26.93 5.43 19.87
H371 PC1 IA . 27.76 5.56 17.62
H372 PC1 IA . 26.43 6.25 17.21
H381 PC1 IA . 25.23 4.32 17.77
H382 PC1 IA . 26.55 3.62 18.23
H391 PC1 IA . 27.31 3.83 15.94
H392 PC1 IA . 25.85 4.25 15.57
H3A1 PC1 IA . 26.55 1.72 16.63
H3A2 PC1 IA . 26.24 1.98 15.13
H3B1 PC1 IA . 24.00 2.47 15.66
H3B2 PC1 IA . 24.31 2.24 17.17
H3C1 PC1 IA . 24.71 -0.04 16.75
H3C2 PC1 IA . 24.45 0.19 15.23
H3D1 PC1 IA . 22.25 0.28 15.48
H3D2 PC1 IA . 22.34 0.83 16.94
H3E1 PC1 IA . 22.87 -1.30 17.72
H3E2 PC1 IA . 22.86 -1.87 16.27
H3F1 PC1 IA . 20.60 -1.73 16.13
H3F2 PC1 IA . 20.51 -0.76 17.34
H3G1 PC1 IA . 19.73 -2.90 17.92
H3G2 PC1 IA . 20.91 -2.46 18.83
H3H1 PC1 IA . 22.38 -3.83 17.62
H3H2 PC1 IA . 21.23 -4.23 16.64
H3I1 PC1 IA . 21.57 -5.94 18.19
H3I2 PC1 IA . 20.12 -5.34 18.38
H3I3 PC1 IA . 21.29 -4.94 19.38
C45 UQ8 JA . 7.24 27.02 19.07
C44 UQ8 JA . 8.23 26.52 20.02
C46 UQ8 JA . 9.41 27.36 20.21
C43 UQ8 JA . 8.09 25.37 20.68
C42 UQ8 JA . 6.94 24.43 20.54
C41 UQ8 JA . 7.13 23.60 19.25
C39 UQ8 JA . 6.13 22.48 19.08
C40 UQ8 JA . 4.83 22.65 19.82
C38 UQ8 JA . 6.41 21.43 18.32
C37 UQ8 JA . 5.55 20.24 18.03
C36 UQ8 JA . 5.46 19.29 19.24
C34 UQ8 JA . 4.03 19.05 19.65
C35 UQ8 JA . 3.25 18.13 18.76
C33 UQ8 JA . 3.53 19.63 20.73
C32 UQ8 JA . 2.13 19.51 21.27
C31 UQ8 JA . 1.87 18.17 21.97
C29 UQ8 JA . 2.47 17.98 23.35
C30 UQ8 JA . 3.59 18.92 23.70
C28 UQ8 JA . 2.01 17.05 24.17
C27 UQ8 JA . 0.91 16.04 23.92
C26 UQ8 JA . 1.11 14.78 24.76
C24 UQ8 JA . 0.43 13.56 24.19
C25 UQ8 JA . -0.81 13.82 23.39
C23 UQ8 JA . 0.93 12.35 24.40
C22 UQ8 JA . 0.40 11.02 23.91
C21 UQ8 JA . 1.19 9.85 24.53
C19 UQ8 JA . 0.77 8.47 24.13
C20 UQ8 JA . -0.39 8.39 23.24
C18 UQ8 JA . 1.40 7.36 24.55
C17 UQ8 JA . 2.60 7.43 25.46
C16 UQ8 JA . 3.12 6.04 25.87
C14 UQ8 JA . 4.15 5.47 24.94
C15 UQ8 JA . 3.80 5.55 23.48
C13 UQ8 JA . 5.29 4.95 25.40
C12 UQ8 JA . 6.40 4.34 24.60
C11 UQ8 JA . 7.36 3.52 25.50
C9 UQ8 JA . 7.82 2.29 24.74
C10 UQ8 JA . 9.11 2.41 24.09
C8 UQ8 JA . 7.02 1.23 24.71
C7 UQ8 JA . 7.15 -0.09 24.01
C6 UQ8 JA . 7.84 -1.22 24.72
C1 UQ8 JA . 8.85 -1.96 24.16
C1M UQ8 JA . 9.37 -1.73 22.77
C2 UQ8 JA . 9.49 -3.05 24.92
O2 UQ8 JA . 10.37 -3.73 24.42
C3 UQ8 JA . 9.05 -3.31 26.31
O3 UQ8 JA . 9.72 -4.29 26.97
C3M UQ8 JA . 9.56 -5.65 26.50
C4 UQ8 JA . 8.05 -2.59 26.86
O4 UQ8 JA . 7.62 -2.78 28.13
C4M UQ8 JA . 7.27 -4.12 28.52
C5 UQ8 JA . 7.38 -1.54 26.09
O5 UQ8 JA . 6.44 -0.92 26.58
C45 UQ8 KA . 9.86 -21.97 21.91
C44 UQ8 KA . 10.50 -20.95 21.09
C46 UQ8 KA . 10.45 -19.58 21.61
C43 UQ8 KA . 11.12 -21.23 19.94
C42 UQ8 KA . 11.80 -20.24 19.06
C41 UQ8 KA . 13.28 -20.10 19.47
C39 UQ8 KA . 14.05 -19.21 18.52
C40 UQ8 KA . 14.60 -19.90 17.30
C38 UQ8 KA . 14.22 -17.92 18.76
C37 UQ8 KA . 14.96 -16.91 17.94
C36 UQ8 KA . 14.17 -16.52 16.68
C34 UQ8 KA . 14.66 -15.25 16.05
C35 UQ8 KA . 13.77 -14.05 16.24
C33 UQ8 KA . 15.81 -15.21 15.39
C32 UQ8 KA . 16.45 -14.03 14.71
C31 UQ8 KA . 17.34 -13.23 15.67
C29 UQ8 KA . 18.10 -12.12 14.98
C30 UQ8 KA . 19.41 -12.54 14.37
C28 UQ8 KA . 17.63 -10.89 14.92
C27 UQ8 KA . 16.35 -10.34 15.48
C26 UQ8 KA . 15.25 -10.24 14.41
C24 UQ8 KA . 14.52 -8.93 14.45
C25 UQ8 KA . 13.25 -8.94 15.27
C23 UQ8 KA . 14.97 -7.86 13.82
C22 UQ8 KA . 16.23 -7.73 13.01
C21 UQ8 KA . 16.54 -6.26 12.68
C19 UQ8 KA . 17.89 -6.01 12.05
C20 UQ8 KA . 18.59 -7.19 11.55
C18 UQ8 KA . 18.44 -4.80 11.93
C17 UQ8 KA . 17.78 -3.54 12.41
C16 UQ8 KA . 18.77 -2.36 12.50
C14 UQ8 KA . 19.39 -1.98 11.18
C15 UQ8 KA . 20.88 -2.01 11.14
C13 UQ8 KA . 18.63 -1.65 10.14
C12 UQ8 KA . 19.08 -1.27 8.75
C11 UQ8 KA . 17.95 -0.59 7.94
C9 UQ8 KA . 18.30 0.85 7.68
C10 UQ8 KA . 18.43 1.69 8.87
C8 UQ8 KA . 18.47 1.24 6.42
C7 UQ8 KA . 18.83 2.57 5.85
C6 UQ8 KA . 18.51 2.85 4.40
C1 UQ8 KA . 17.26 3.19 3.98
C1M UQ8 KA . 16.06 3.27 4.86
C2 UQ8 KA . 17.04 3.54 2.56
O2 UQ8 KA . 15.94 3.93 2.18
C3 UQ8 KA . 18.18 3.44 1.61
O3 UQ8 KA . 17.93 3.80 0.32
C3M UQ8 KA . 16.80 3.22 -0.37
C4 UQ8 KA . 19.39 3.04 2.04
O4 UQ8 KA . 20.47 2.92 1.20
C4M UQ8 KA . 21.43 4.00 1.22
C5 UQ8 KA . 19.63 2.71 3.44
O5 UQ8 KA . 20.73 2.32 3.81
C27 PEE LA . -6.98 27.75 15.34
C26 PEE LA . -6.15 28.83 14.67
C25 PEE LA . -5.76 29.95 15.63
C24 PEE LA . -4.97 31.06 14.96
C23 PEE LA . -4.65 32.24 15.88
C22 PEE LA . -3.95 33.38 15.17
C21 PEE LA . -3.75 34.62 16.03
C20 PEE LA . -3.25 35.82 15.24
C19 PEE LA . -3.18 37.11 16.05
C18 PEE LA . -3.00 38.35 15.20
C17 PEE LA . -1.66 38.45 14.49
C16 PEE LA . -1.63 39.47 13.36
C15 PEE LA . -0.26 39.67 12.74
C14 PEE LA . 0.66 40.54 13.59
C13 PEE LA . 2.08 40.65 13.05
C12 PEE LA . 2.90 41.72 13.74
C11 PEE LA . 4.38 41.68 13.35
C10 PEE LA . 5.15 42.86 13.87
O4 PEE LA . 4.71 43.97 14.02
O2 PEE LA . 6.41 42.52 14.15
C2 PEE LA . 7.47 43.48 13.80
C1 PEE LA . 7.80 44.30 15.02
O3P PEE LA . 8.51 43.48 15.98
P PEE LA . 9.15 44.10 17.30
O2P PEE LA . 9.49 42.93 18.22
O1P PEE LA . 8.27 45.13 17.88
O4P PEE LA . 10.56 44.74 16.80
C4 PEE LA . 11.00 46.02 17.29
C5 PEE LA . 10.32 47.14 16.55
N PEE LA . 10.85 48.46 16.97
C3 PEE LA . 8.65 42.69 13.31
O3 PEE LA . 8.17 41.36 12.99
C30 PEE LA . 8.51 40.85 11.81
O5 PEE LA . 9.37 40.02 11.66
C31 PEE LA . 7.70 41.44 10.69
C32 PEE LA . 8.35 41.25 9.33
C33 PEE LA . 7.54 41.86 8.19
C34 PEE LA . 8.29 41.90 6.87
C35 PEE LA . 9.02 40.61 6.53
C36 PEE LA . 9.75 40.65 5.20
C37 PEE LA . 10.70 39.49 5.00
C38 PEE LA . 11.69 39.68 3.86
C39 PEE LA . 12.77 38.62 3.80
C40 PEE LA . 13.79 38.70 4.92
C41 PEE LA . 14.73 37.51 4.97
C42 PEE LA . 15.68 37.50 6.15
C43 PEE LA . 15.01 37.55 7.50
C44 PEE LA . 15.92 37.14 8.65
C45 PEE LA . 15.28 37.26 10.02
C46 PEE LA . 15.20 38.68 10.54
C47 PEE LA . 16.55 39.22 10.92
H7 PEE LA . -6.59 27.48 16.31
H8 PEE LA . -7.02 26.84 14.75
H82 PEE LA . -8.01 28.07 15.49
H5 PEE LA . -5.25 28.39 14.25
H6 PEE LA . -6.69 29.23 13.82
H12 PEE LA . -6.65 30.37 16.08
H4 PEE LA . -5.20 29.55 16.46
H10 PEE LA . -4.04 30.66 14.56
H11 PEE LA . -5.50 31.42 14.08
H83 PEE LA . -5.57 32.60 16.33
H9 PEE LA . -4.05 31.90 16.71
H2 PEE LA . -2.99 33.05 14.79
H3 PEE LA . -4.51 33.65 14.27
H14 PEE LA . -3.07 34.40 16.84
H1 PEE LA . -4.70 34.87 16.53
H16 PEE LA . -3.88 35.98 14.37
H13 PEE LA . -2.28 35.59 14.84
H18 PEE LA . -4.08 37.21 16.66
H20 PEE LA . -3.81 38.41 14.46
H22 PEE LA . -1.39 37.46 14.09
H19 PEE LA . -0.88 38.67 15.20
H21 PEE LA . -2.34 39.18 12.58
H28 PEE LA . -2.02 40.41 13.72
H23 PEE LA . 0.22 38.71 12.57
H24 PEE LA . -0.35 40.11 11.75
H25 PEE LA . 0.23 41.53 13.68
H26 PEE LA . 0.69 40.16 14.61
H17 PEE LA . 2.58 39.69 13.14
H27 PEE LA . 2.05 40.84 11.98
H15 PEE LA . 2.50 42.71 13.51
H29 PEE LA . 2.81 41.63 14.82
H30 PEE LA . 4.83 40.75 13.71
H31 PEE LA . 4.48 41.65 12.27
H32 PEE LA . 7.11 44.13 12.99
H33 PEE LA . 6.91 44.69 15.51
H34 PEE LA . 8.42 45.15 14.79
H36 PEE LA . 12.09 46.06 17.21
H37 PEE LA . 10.76 46.09 18.36
H38 PEE LA . 10.47 47.02 15.48
H39 PEE LA . 9.24 47.08 16.71
H40 PEE LA . 11.83 48.54 16.73
H41 PEE LA . 10.35 49.22 16.50
H43 PEE LA . 9.44 42.67 14.03
H44 PEE LA . 9.07 43.12 12.39
H45 PEE LA . 7.53 42.50 10.89
H46 PEE LA . 6.70 40.98 10.71
H47 PEE LA . 8.49 40.18 9.15
H48 PEE LA . 9.35 41.65 9.34
H49 PEE LA . 7.20 42.85 8.47
H50 PEE LA . 6.61 41.31 8.07
H51 PEE LA . 8.99 42.72 6.88
H52 PEE LA . 7.60 42.17 6.06
H53 PEE LA . 8.34 39.76 6.54
H54 PEE LA . 9.74 40.38 7.31
H55 PEE LA . 10.30 41.59 5.12
H56 PEE LA . 9.04 40.69 4.38
H57 PEE LA . 10.13 38.57 4.84
H58 PEE LA . 11.24 39.31 5.94
H59 PEE LA . 12.15 40.67 3.94
H60 PEE LA . 13.28 38.68 2.84
H81 PEE LA . 14.37 39.61 4.83
H61 PEE LA . 13.28 38.80 5.88
H80 PEE LA . 14.14 36.59 4.98
H62 PEE LA . 15.29 37.45 4.03
H63 PEE LA . 16.38 38.33 6.06
H64 PEE LA . 16.32 36.62 6.09
H65 PEE LA . 14.12 36.92 7.49
H66 PEE LA . 14.63 38.55 7.68
H67 PEE LA . 16.83 37.73 8.62
H68 PEE LA . 16.25 36.11 8.50
H69 PEE LA . 15.81 36.64 10.73
H70 PEE LA . 14.27 36.83 9.99
H71 PEE LA . 14.54 38.71 11.41
H72 PEE LA . 14.72 39.32 9.81
H73 PEE LA . 17.36 38.54 10.66
H74 PEE LA . 16.64 39.41 11.98
H75 PEE LA . 16.76 40.15 10.41
H79 PEE LA . -3.14 39.24 15.81
H76 PEE LA . 10.75 48.59 17.97
H42 PEE LA . -2.37 37.04 16.77
H77 PEE LA . 11.14 39.71 2.92
H78 PEE LA . 12.31 37.63 3.79
FE HEC MA . -11.40 3.22 65.14
CHA HEC MA . -10.82 0.13 63.74
CHB HEC MA . -14.17 3.58 63.16
CHC HEC MA . -12.21 6.19 66.74
CHD HEC MA . -8.73 2.84 67.25
NA HEC MA . -12.33 2.05 63.74
C1A HEC MA . -11.89 0.84 63.26
C2A HEC MA . -12.75 0.45 62.17
C3A HEC MA . -13.67 1.41 62.01
C4A HEC MA . -13.43 2.43 63.00
CMA HEC MA . -14.81 1.42 60.97
CAA HEC MA . -12.61 -0.84 61.33
CBA HEC MA . -11.53 -0.65 60.28
CGA HEC MA . -11.49 -1.83 59.35
O1A HEC MA . -12.39 -2.70 59.45
O2A HEC MA . -10.56 -1.90 58.52
NB HEC MA . -12.89 4.65 64.96
C1B HEC MA . -13.97 4.54 64.11
C2B HEC MA . -14.87 5.63 64.41
C3B HEC MA . -14.35 6.37 65.39
C4B HEC MA . -13.08 5.76 65.76
CMB HEC MA . -16.21 5.89 63.69
CAB HEC MA . -15.01 7.62 66.00
CBB HEC MA . -15.33 8.63 64.88
NC HEC MA . -10.65 4.30 66.73
C1C HEC MA . -11.08 5.53 67.18
C2C HEC MA . -10.19 5.96 68.24
C3C HEC MA . -9.19 5.08 68.30
C4C HEC MA . -9.49 3.99 67.39
CMC HEC MA . -10.23 7.33 68.94
CAC HEC MA . -7.97 5.14 69.25
CBC HEC MA . -8.44 4.97 70.70
ND HEC MA . -10.00 1.73 65.45
C1D HEC MA . -8.98 1.81 66.38
C2D HEC MA . -8.19 0.60 66.32
C3D HEC MA . -8.84 -0.25 65.22
C4D HEC MA . -9.95 0.52 64.74
CMD HEC MA . -6.96 0.25 67.17
CAD HEC MA . -8.39 -1.64 64.73
CBD HEC MA . -9.35 -2.69 65.27
CGD HEC MA . -8.95 -4.04 64.76
O1D HEC MA . -8.23 -4.10 63.73
O2D HEC MA . -9.34 -5.07 65.38
HHA HEC MA . -10.64 -0.74 63.33
HHB HEC MA . -14.90 3.72 62.53
HHC HEC MA . -12.41 7.04 67.17
HHD HEC MA . -7.95 2.77 67.82
HMA1 HEC MA . -15.33 2.23 61.08
HMA2 HEC MA . -15.38 0.66 61.09
HMA3 HEC MA . -14.43 1.40 60.07
HAA1 HEC MA . -13.46 -1.06 60.91
HAA2 HEC MA . -12.39 -1.59 61.91
HBA1 HEC MA . -10.67 -0.53 60.71
HBA2 HEC MA . -11.71 0.16 59.77
HMB1 HEC MA . -16.64 6.68 64.06
HMB2 HEC MA . -16.80 5.12 63.80
HMB3 HEC MA . -16.05 6.03 62.74
HBB1 HEC MA . -15.75 9.42 65.26
HBB2 HEC MA . -15.94 8.23 64.24
HBB3 HEC MA . -14.51 8.89 64.43
HMC1 HEC MA . -9.53 7.37 69.62
HMC2 HEC MA . -11.09 7.47 69.35
HMC3 HEC MA . -10.07 8.03 68.28
HBC1 HEC MA . -7.68 5.01 71.30
HBC2 HEC MA . -8.89 4.11 70.80
HBC3 HEC MA . -9.07 5.68 70.93
HMD1 HEC MA . -6.62 -0.62 66.92
HMD2 HEC MA . -7.21 0.24 68.11
HMD3 HEC MA . -6.26 0.91 67.03
HAD1 HEC MA . -7.48 -1.83 65.02
HAD2 HEC MA . -8.39 -1.67 63.76
HBD1 HEC MA . -10.27 -2.48 65.00
HBD2 HEC MA . -9.34 -2.69 66.24
C1 CDL NA . -49.15 12.58 7.32
O1 CDL NA . -50.44 12.21 6.78
CA2 CDL NA . -48.66 13.81 6.59
OA2 CDL NA . -47.50 14.31 7.29
PA1 CDL NA . -47.19 15.88 7.30
OA3 CDL NA . -46.53 16.24 6.03
OA4 CDL NA . -48.42 16.60 7.69
OA5 CDL NA . -46.10 16.03 8.45
CA3 CDL NA . -44.74 16.39 8.13
CA4 CDL NA . -43.97 16.54 9.41
OA6 CDL NA . -44.64 17.57 10.21
CA5 CDL NA . -45.55 17.15 11.10
OA7 CDL NA . -46.08 16.07 11.07
C11 CDL NA . -45.82 18.22 12.13
C12 CDL NA . -46.08 17.64 13.52
C13 CDL NA . -45.24 18.32 14.59
C14 CDL NA . -45.80 19.65 15.06
C15 CDL NA . -44.76 20.57 15.69
C16 CDL NA . -44.13 20.02 16.96
C17 CDL NA . -42.84 19.24 16.72
C18 CDL NA . -42.11 18.84 17.99
C19 CDL NA . -42.95 18.05 18.97
C20 CDL NA . -42.14 17.31 20.02
C21 CDL NA . -41.59 18.21 21.12
C22 CDL NA . -42.58 18.49 22.24
C23 CDL NA . -41.97 19.26 23.41
C24 CDL NA . -42.84 19.26 24.66
C25 CDL NA . -44.18 19.93 24.49
C26 CDL NA . -45.03 19.97 25.75
C27 CDL NA . -45.36 18.59 26.29
CA6 CDL NA . -42.56 17.02 9.15
OA8 CDL NA . -42.24 18.02 10.14
CA7 CDL NA . -40.98 18.05 10.60
OA9 CDL NA . -40.13 17.28 10.26
C31 CDL NA . -40.79 19.15 11.60
C32 CDL NA . -40.27 18.66 12.94
C33 CDL NA . -40.08 19.77 13.96
C34 CDL NA . -39.56 19.29 15.30
C35 CDL NA . -39.36 20.41 16.31
C36 CDL NA . -38.72 19.95 17.61
C37 CDL NA . -38.75 20.99 18.72
C38 CDL NA . -38.21 20.50 20.04
C39 CDL NA . -38.25 21.52 21.16
C40 CDL NA . -39.66 22.02 21.48
C41 CDL NA . -39.75 22.87 22.74
C42 CDL NA . -39.44 22.13 24.02
C43 CDL NA . -39.88 22.85 25.27
C44 CDL NA . -39.69 22.06 26.55
C45 CDL NA . -40.25 22.73 27.80
C46 CDL NA . -41.76 22.90 27.79
C47 CDL NA . -42.28 23.51 29.07
CB2 CDL NA . -48.21 11.41 7.21
OB2 CDL NA . -47.04 11.68 8.00
PB2 CDL NA . -45.76 10.74 7.85
OB3 CDL NA . -44.87 11.38 6.85
OB4 CDL NA . -46.20 9.35 7.64
OB5 CDL NA . -45.01 10.83 9.27
CB3 CDL NA . -44.91 12.09 9.96
CB4 CDL NA . -44.66 11.83 11.43
OB6 CDL NA . -43.39 12.45 11.79
CB5 CDL NA . -43.44 13.66 12.38
OB7 CDL NA . -44.21 14.52 12.06
C51 CDL NA . -42.42 13.78 13.46
C52 CDL NA . -42.45 15.12 14.18
C53 CDL NA . -41.45 15.21 15.32
C54 CDL NA . -41.82 14.39 16.54
C55 CDL NA . -40.81 14.49 17.67
C56 CDL NA . -41.32 13.97 19.01
C57 CDL NA . -40.37 14.22 20.16
C58 CDL NA . -41.04 14.18 21.54
C59 CDL NA . -40.19 14.75 22.66
C60 CDL NA . -40.99 15.21 23.86
C61 CDL NA . -41.64 14.09 24.65
C62 CDL NA . -42.74 14.55 25.59
C63 CDL NA . -42.32 15.61 26.59
C64 CDL NA . -41.27 15.14 27.60
C65 CDL NA . -40.95 16.17 28.67
C66 CDL NA . -39.96 15.70 29.73
C67 CDL NA . -38.57 15.47 29.20
CB6 CDL NA . -44.55 10.36 11.73
OB8 CDL NA . -44.37 10.21 13.16
CB7 CDL NA . -44.86 9.11 13.73
OB9 CDL NA . -45.68 8.40 13.22
C71 CDL NA . -44.26 8.90 15.09
C72 CDL NA . -43.23 7.78 15.12
C73 CDL NA . -42.65 7.53 16.51
C74 CDL NA . -41.53 6.50 16.52
C75 CDL NA . -40.97 6.22 17.91
C76 CDL NA . -39.75 5.32 17.89
C77 CDL NA . -39.15 5.02 19.25
C78 CDL NA . -40.03 4.15 20.13
C79 CDL NA . -39.40 3.78 21.46
C80 CDL NA . -40.23 2.83 22.30
C81 CDL NA . -39.62 2.46 23.64
C82 CDL NA . -40.40 1.40 24.39
C83 CDL NA . -39.94 1.18 25.82
C84 CDL NA . -40.67 0.07 26.55
C85 CDL NA . -40.54 0.15 28.07
C86 CDL NA . -39.13 0.01 28.62
C87 CDL NA . -38.59 -1.39 28.54
H1 CDL NA . -49.23 12.82 8.26
H1O1 CDL NA . -50.71 11.52 7.19
HA22 CDL NA . -49.34 14.49 6.56
HA21 CDL NA . -48.43 13.59 5.68
HA32 CDL NA . -44.73 17.21 7.62
HA31 CDL NA . -44.34 15.71 7.57
HA4 CDL NA . -43.92 15.68 9.85
H112 CDL NA . -46.59 18.73 11.85
H111 CDL NA . -45.07 18.82 12.16
H122 CDL NA . -45.88 16.69 13.51
H121 CDL NA . -47.02 17.74 13.74
H132 CDL NA . -44.34 18.45 14.24
H131 CDL NA . -45.16 17.73 15.36
H142 CDL NA . -46.50 19.49 15.71
H141 CDL NA . -46.20 20.11 14.31
H152 CDL NA . -45.18 21.43 15.89
H151 CDL NA . -44.06 20.75 15.04
H162 CDL NA . -44.77 19.45 17.41
H161 CDL NA . -43.93 20.76 17.56
H172 CDL NA . -42.25 19.77 16.17
H171 CDL NA . -43.06 18.43 16.22
H182 CDL NA . -41.79 19.65 18.42
H181 CDL NA . -41.33 18.31 17.75
H192 CDL NA . -43.48 17.40 18.48
H191 CDL NA . -43.57 18.64 19.41
H202 CDL NA . -41.41 16.85 19.59
H201 CDL NA . -42.70 16.63 20.42
H212 CDL NA . -41.30 19.05 20.73
H211 CDL NA . -40.80 17.79 21.49
H222 CDL NA . -42.93 17.65 22.57
H221 CDL NA . -43.32 19.00 21.89
H232 CDL NA . -41.82 20.18 23.13
H231 CDL NA . -41.11 18.88 23.63
H242 CDL NA . -42.36 19.70 25.37
H241 CDL NA . -42.98 18.34 24.94
H252 CDL NA . -44.68 19.47 23.80
H251 CDL NA . -44.05 20.84 24.18
H262 CDL NA . -45.86 20.44 25.57
H261 CDL NA . -44.56 20.46 26.44
H273 CDL NA . -45.90 18.67 27.09
H272 CDL NA . -44.53 18.12 26.50
H271 CDL NA . -45.86 18.09 25.61
HA62 CDL NA . -42.49 17.38 8.25
HA61 CDL NA . -41.94 16.27 9.20
H312 CDL NA . -41.63 19.61 11.74
H311 CDL NA . -40.17 19.79 11.24
H322 CDL NA . -39.43 18.20 12.81
H321 CDL NA . -40.89 18.00 13.30
H332 CDL NA . -40.93 20.21 14.09
H331 CDL NA . -39.48 20.43 13.59
H342 CDL NA . -38.72 18.83 15.16
H341 CDL NA . -40.18 18.65 15.67
H352 CDL NA . -40.22 20.82 16.50
H351 CDL NA . -38.80 21.09 15.91
H362 CDL NA . -37.81 19.69 17.44
H361 CDL NA . -39.19 19.16 17.93
H372 CDL NA . -39.65 21.30 18.84
H371 CDL NA . -38.22 21.76 18.42
H382 CDL NA . -37.28 20.21 19.92
H381 CDL NA . -38.70 19.71 20.32
H392 CDL NA . -37.70 22.28 20.93
H391 CDL NA . -37.88 21.13 21.97
H402 CDL NA . -40.25 21.26 21.57
H401 CDL NA . -39.98 22.54 20.72
H412 CDL NA . -40.65 23.24 22.79
H411 CDL NA . -39.14 23.62 22.64
H422 CDL NA . -38.48 21.97 24.06
H421 CDL NA . -39.87 21.25 23.99
H432 CDL NA . -40.82 23.09 25.18
H431 CDL NA . -39.39 23.68 25.34
H442 CDL NA . -38.75 21.89 26.67
H441 CDL NA . -40.12 21.19 26.44
H452 CDL NA . -39.84 23.60 27.88
H451 CDL NA . -40.00 22.21 28.57
H462 CDL NA . -42.18 22.03 27.66
H461 CDL NA . -42.02 23.46 27.04
H473 CDL NA . -43.25 23.59 29.02
H472 CDL NA . -41.90 24.38 29.19
H471 CDL NA . -42.05 22.94 29.82
HB22 CDL NA . -47.97 11.26 6.28
HB21 CDL NA . -48.65 10.60 7.51
HB32 CDL NA . -45.71 12.61 9.85
HB31 CDL NA . -44.17 12.61 9.59
HB4 CDL NA . -45.41 12.18 11.92
H512 CDL NA . -41.53 13.65 13.08
H511 CDL NA . -42.55 13.07 14.10
H522 CDL NA . -43.34 15.27 14.53
H521 CDL NA . -42.27 15.83 13.55
H532 CDL NA . -41.36 16.14 15.59
H531 CDL NA . -40.58 14.93 14.99
H542 CDL NA . -41.89 13.45 16.28
H541 CDL NA . -42.69 14.67 16.86
H552 CDL NA . -40.55 15.42 17.77
H551 CDL NA . -40.01 14.01 17.43
H562 CDL NA . -41.49 13.02 18.94
H561 CDL NA . -42.17 14.39 19.20
H572 CDL NA . -39.94 15.08 20.06
H571 CDL NA . -39.67 13.55 20.14
H582 CDL NA . -41.27 13.27 21.75
H581 CDL NA . -41.87 14.68 21.49
H592 CDL NA . -39.68 15.50 22.31
H591 CDL NA . -39.55 14.07 22.93
H602 CDL NA . -41.68 15.83 23.57
H601 CDL NA . -40.40 15.70 24.46
H612 CDL NA . -40.96 13.62 25.17
H611 CDL NA . -42.01 13.44 24.02
H622 CDL NA . -43.09 13.78 26.07
H621 CDL NA . -43.48 14.91 25.06
H632 CDL NA . -43.10 15.92 27.07
H631 CDL NA . -41.96 16.37 26.11
H642 CDL NA . -40.46 14.90 27.12
H641 CDL NA . -41.60 14.32 28.02
H652 CDL NA . -41.78 16.43 29.11
H651 CDL NA . -40.59 16.96 28.24
H662 CDL NA . -40.30 14.88 30.13
H661 CDL NA . -39.93 16.36 30.43
H673 CDL NA . -37.99 15.17 29.91
H672 CDL NA . -38.23 16.29 28.82
H671 CDL NA . -38.59 14.79 28.51
HB62 CDL NA . -43.80 9.97 11.25
HB61 CDL NA . -45.34 9.89 11.44
H712 CDL NA . -44.97 8.68 15.72
H711 CDL NA . -43.85 9.72 15.40
H722 CDL NA . -42.51 7.99 14.52
H721 CDL NA . -43.64 6.96 14.80
H732 CDL NA . -43.36 7.23 17.10
H731 CDL NA . -42.32 8.36 16.86
H742 CDL NA . -40.81 6.82 15.95
H741 CDL NA . -41.86 5.67 16.15
H752 CDL NA . -41.65 5.81 18.45
H751 CDL NA . -40.73 7.05 18.32
H762 CDL NA . -39.06 5.72 17.33
H761 CDL NA . -39.99 4.47 17.46
H772 CDL NA . -38.99 5.86 19.71
H771 CDL NA . -38.29 4.59 19.13
H782 CDL NA . -40.24 3.33 19.65
H781 CDL NA . -40.86 4.61 20.29
H792 CDL NA . -39.24 4.59 21.98
H791 CDL NA . -38.53 3.38 21.30
H802 CDL NA . -40.38 2.02 21.79
H801 CDL NA . -41.11 3.22 22.45
H812 CDL NA . -39.55 3.25 24.19
H811 CDL NA . -38.71 2.14 23.49
H822 CDL NA . -40.34 0.56 23.91
H821 CDL NA . -41.34 1.64 24.41
H832 CDL NA . -40.04 2.01 26.31
H831 CDL NA . -38.99 0.99 25.81
H842 CDL NA . -40.33 -0.78 26.25
H841 CDL NA . -41.61 0.10 26.31
H852 CDL NA . -41.09 -0.56 28.45
H851 CDL NA . -40.92 0.98 28.36
H862 CDL NA . -39.12 0.32 29.53
H861 CDL NA . -38.55 0.60 28.11
H873 CDL NA . -37.69 -1.41 28.91
H872 CDL NA . -38.58 -1.69 27.62
H871 CDL NA . -39.16 -1.99 29.07
FE1 FES OA . 19.14 43.60 37.70
FE2 FES OA . 20.89 42.46 35.35
S1 FES OA . 20.11 41.62 37.28
S2 FES OA . 19.90 44.42 35.76
O12 PC1 PA . -23.17 22.87 34.33
P PC1 PA . -21.77 22.47 34.04
O14 PC1 PA . -20.96 23.32 33.14
O13 PC1 PA . -20.97 22.36 35.41
C11 PC1 PA . -19.86 21.43 35.54
C12 PC1 PA . -19.38 21.60 36.95
N PC1 PA . -20.04 20.71 37.98
C13 PC1 PA . -19.67 19.28 37.74
C14 PC1 PA . -19.60 21.10 39.35
C15 PC1 PA . -21.54 20.84 37.88
O11 PC1 PA . -21.77 20.99 33.44
C1 PC1 PA . -22.58 20.68 32.29
C2 PC1 PA . -22.90 19.21 32.31
O21 PC1 PA . -21.97 18.52 31.42
C21 PC1 PA . -20.70 18.40 31.83
O22 PC1 PA . -20.02 19.30 32.22
C22 PC1 PA . -20.25 16.96 31.74
C23 PC1 PA . -18.96 16.80 30.97
C24 PC1 PA . -18.44 15.37 30.96
C25 PC1 PA . -17.19 15.17 30.13
C26 PC1 PA . -16.63 13.75 30.14
C27 PC1 PA . -17.66 12.68 29.81
C28 PC1 PA . -18.27 12.01 31.03
C29 PC1 PA . -19.49 11.17 30.75
C2A PC1 PA . -20.74 11.99 30.50
C2B PC1 PA . -21.98 11.16 30.16
C2C PC1 PA . -22.41 10.19 31.25
C2D PC1 PA . -23.68 9.44 30.95
C2E PC1 PA . -23.49 8.09 30.27
C2F PC1 PA . -22.68 8.15 28.99
C2G PC1 PA . -22.62 6.83 28.24
C2H PC1 PA . -21.87 6.90 26.93
C2I PC1 PA . -20.42 7.31 27.07
C3 PC1 PA . -24.29 18.94 31.82
O31 PC1 PA . -24.31 17.64 31.18
C31 PC1 PA . -25.49 17.05 31.01
O32 PC1 PA . -25.92 16.20 31.74
C32 PC1 PA . -26.21 17.60 29.81
C33 PC1 PA . -26.66 16.50 28.85
C34 PC1 PA . -27.39 17.05 27.64
C35 PC1 PA . -27.54 16.07 26.50
C36 PC1 PA . -28.45 16.57 25.39
C37 PC1 PA . -28.30 15.83 24.07
C38 PC1 PA . -28.52 14.33 24.16
C39 PC1 PA . -28.61 13.66 22.79
C3A PC1 PA . -28.58 12.15 22.84
C3B PC1 PA . -27.27 11.58 23.35
C3C PC1 PA . -27.39 10.87 24.68
C3D PC1 PA . -28.07 9.52 24.62
C3E PC1 PA . -28.28 8.86 25.97
C3F PC1 PA . -27.23 7.80 26.32
C3G PC1 PA . -25.79 8.27 26.22
C3H PC1 PA . -25.13 8.20 24.85
C3I PC1 PA . -25.47 6.96 24.09
H111 PC1 PA . -19.16 21.65 34.90
H112 PC1 PA . -20.13 20.53 35.35
H121 PC1 PA . -19.51 22.52 37.22
H122 PC1 PA . -18.43 21.43 36.97
H131 PC1 PA . -20.11 18.71 38.40
H132 PC1 PA . -18.71 19.18 37.80
H133 PC1 PA . -19.96 19.01 36.86
H141 PC1 PA . -20.04 20.52 40.01
H142 PC1 PA . -19.86 22.02 39.52
H143 PC1 PA . -18.65 21.01 39.42
H151 PC1 PA . -21.95 20.27 38.54
H152 PC1 PA . -21.83 20.58 37.00
H153 PC1 PA . -21.78 21.76 38.06
H11 PC1 PA . -22.09 20.90 31.48
H12 PC1 PA . -23.39 21.20 32.29
H2 PC1 PA . -22.83 18.90 33.24
H221 PC1 PA . -20.94 16.44 31.31
H222 PC1 PA . -20.13 16.61 32.63
H231 PC1 PA . -18.28 17.37 31.36
H232 PC1 PA . -19.08 17.10 30.06
H241 PC1 PA . -19.14 14.78 30.62
H242 PC1 PA . -18.27 15.09 31.87
H251 PC1 PA . -16.50 15.77 30.45
H252 PC1 PA . -17.38 15.42 29.21
H261 PC1 PA . -16.26 13.57 31.02
H262 PC1 PA . -15.91 13.70 29.51
H271 PC1 PA . -17.24 12.00 29.26
H272 PC1 PA . -18.38 13.08 29.29
H281 PC1 PA . -18.50 12.70 31.68
H282 PC1 PA . -17.59 11.45 31.44
H291 PC1 PA . -19.65 10.57 31.49
H292 PC1 PA . -19.33 10.61 29.97
H2A1 PC1 PA . -20.59 12.62 29.78
H2A2 PC1 PA . -20.94 12.51 31.29
H2B1 PC1 PA . -21.80 10.66 29.35
H2B2 PC1 PA . -22.72 11.76 29.97
H2C1 PC1 PA . -22.51 10.68 32.08
H2C2 PC1 PA . -21.69 9.55 31.39
H2D1 PC1 PA . -24.24 10.00 30.39
H2D2 PC1 PA . -24.17 9.30 31.78
H2E1 PC1 PA . -24.37 7.72 30.07
H2E2 PC1 PA . -23.06 7.49 30.89
H2F1 PC1 PA . -21.77 8.44 29.21
H2F2 PC1 PA . -23.05 8.82 28.40
H2G1 PC1 PA . -23.52 6.52 28.08
H2G2 PC1 PA . -22.19 6.17 28.81
H2H1 PC1 PA . -22.31 7.53 26.34
H2H2 PC1 PA . -21.90 6.03 26.49
H2I1 PC1 PA . -19.99 7.33 26.20
H2I2 PC1 PA . -19.96 6.67 27.64
H2I3 PC1 PA . -20.37 8.19 27.48
H31 PC1 PA . -24.57 19.63 31.19
H32 PC1 PA . -24.92 18.96 32.56
H321 PC1 PA . -25.64 18.21 29.35
H322 PC1 PA . -26.99 18.09 30.11
H331 PC1 PA . -27.23 15.88 29.32
H332 PC1 PA . -25.88 16.00 28.56
H341 PC1 PA . -26.91 17.84 27.32
H342 PC1 PA . -28.27 17.35 27.92
H351 PC1 PA . -27.90 15.24 26.84
H352 PC1 PA . -26.67 15.88 26.13
H361 PC1 PA . -28.28 17.51 25.24
H362 PC1 PA . -29.37 16.50 25.69
H371 PC1 PA . -27.42 16.00 23.71
H372 PC1 PA . -28.94 16.20 23.43
H381 PC1 PA . -29.34 14.16 24.64
H382 PC1 PA . -27.80 13.94 24.66
H391 PC1 PA . -27.87 13.97 22.25
H392 PC1 PA . -29.42 13.95 22.36
H3A1 PC1 PA . -28.75 11.80 21.95
H3A2 PC1 PA . -29.30 11.83 23.41
H3B1 PC1 PA . -26.62 12.29 23.42
H3B2 PC1 PA . -26.93 10.94 22.70
H3C1 PC1 PA . -27.87 11.44 25.30
H3C2 PC1 PA . -26.50 10.75 25.06
H3D1 PC1 PA . -27.56 8.93 24.05
H3D2 PC1 PA . -28.95 9.63 24.20
H3E1 PC1 PA . -29.15 8.45 26.00
H3E2 PC1 PA . -28.27 9.55 26.66
H3F1 PC1 PA . -27.35 7.04 25.74
H3F2 PC1 PA . -27.40 7.49 27.22
H3G1 PC1 PA . -25.25 7.75 26.84
H3G2 PC1 PA . -25.74 9.19 26.53
H3H1 PC1 PA . -24.17 8.26 24.95
H3H2 PC1 PA . -25.41 8.98 24.33
H3I1 PC1 PA . -25.02 6.97 23.23
H3I2 PC1 PA . -26.43 6.90 23.96
H3I3 PC1 PA . -25.17 6.18 24.60
O12 PC1 QA . -9.33 28.39 31.50
P PC1 QA . -7.90 28.40 31.09
O14 PC1 QA . -7.13 29.65 31.19
O13 PC1 QA . -7.13 27.28 31.92
C11 PC1 QA . -5.70 27.39 32.14
C12 PC1 QA . -5.56 28.13 33.46
N PC1 QA . -6.14 27.45 34.68
C13 PC1 QA . -5.68 26.03 34.76
C14 PC1 QA . -5.67 28.18 35.91
C15 PC1 QA . -7.64 27.48 34.64
O11 PC1 QA . -7.81 27.90 29.58
C1 PC1 QA . -6.56 28.00 28.84
C2 PC1 QA . -6.90 28.27 27.40
O21 PC1 QA . -8.06 29.15 27.39
C21 PC1 QA . -8.01 30.25 26.63
O22 PC1 QA . -7.39 31.24 26.92
C22 PC1 QA . -8.80 30.07 25.37
C23 PC1 QA . -9.76 31.23 25.10
C24 PC1 QA . -10.37 31.15 23.70
C25 PC1 QA . -11.34 30.01 23.50
C26 PC1 QA . -11.50 29.57 22.05
C27 PC1 QA . -10.30 28.80 21.50
C28 PC1 QA . -10.42 28.44 20.04
C29 PC1 QA . -9.22 27.68 19.49
C2A PC1 QA . -9.02 26.30 20.09
C2B PC1 QA . -10.17 25.35 19.83
C2C PC1 QA . -9.89 23.89 20.17
C2D PC1 QA . -11.06 22.97 19.88
C2E PC1 QA . -10.75 21.49 20.05
C2F PC1 QA . -11.96 20.60 19.84
C2G PC1 QA . -11.66 19.11 19.84
C2H PC1 QA . -12.87 18.23 19.67
C2I PC1 QA . -12.55 16.76 19.85
C3 PC1 QA . -7.27 27.01 26.67
O31 PC1 QA . -7.25 27.27 25.25
C31 PC1 QA . -7.72 26.31 24.45
O32 PC1 QA . -8.89 26.12 24.26
C32 PC1 QA . -6.62 25.50 23.84
C33 PC1 QA . -5.60 26.36 23.11
C34 PC1 QA . -4.53 25.53 22.41
C35 PC1 QA . -5.00 24.88 21.12
C36 PC1 QA . -4.56 23.44 20.97
C37 PC1 QA . -5.26 22.49 21.93
C38 PC1 QA . -4.79 21.06 21.83
C39 PC1 QA . -5.27 20.18 22.97
C3A PC1 QA . -6.74 19.82 22.91
C3B PC1 QA . -7.08 18.81 21.85
C3C PC1 QA . -8.49 18.27 21.95
C3D PC1 QA . -8.81 17.18 20.94
C3E PC1 QA . -8.68 17.63 19.50
C3F PC1 QA . -7.34 17.30 18.86
C3G PC1 QA . -6.95 18.26 17.75
C3H PC1 QA . -5.79 17.77 16.88
C3I PC1 QA . -4.60 17.32 17.70
H111 PC1 QA . -5.27 27.88 31.42
H112 PC1 QA . -5.28 26.52 32.19
H121 PC1 QA . -5.98 29.00 33.36
H122 PC1 QA . -4.62 28.29 33.62
H131 PC1 QA . -6.06 25.61 35.54
H132 PC1 QA . -4.71 26.00 34.81
H133 PC1 QA . -5.97 25.55 33.97
H141 PC1 QA . -6.04 27.75 36.69
H142 PC1 QA . -5.97 29.10 35.87
H143 PC1 QA . -4.70 28.16 35.94
H151 PC1 QA . -7.99 27.04 35.44
H152 PC1 QA . -7.95 27.02 33.86
H153 PC1 QA . -7.94 28.40 34.62
H11 PC1 QA . -6.06 27.18 28.92
H12 PC1 QA . -6.03 28.72 29.20
H2 PC1 QA . -6.12 28.65 26.96
H221 PC1 QA . -9.32 29.24 25.44
H222 PC1 QA . -8.20 29.97 24.62
H231 PC1 QA . -9.28 32.07 25.19
H232 PC1 QA . -10.47 31.23 25.75
H241 PC1 QA . -9.66 31.08 23.05
H242 PC1 QA . -10.83 31.99 23.52
H251 PC1 QA . -12.21 30.26 23.84
H252 PC1 QA . -11.04 29.24 24.03
H261 PC1 QA . -11.63 30.37 21.50
H262 PC1 QA . -12.29 29.03 21.97
H271 PC1 QA . -10.21 27.98 22.02
H272 PC1 QA . -9.50 29.32 21.65
H281 PC1 QA . -10.53 29.25 19.52
H282 PC1 QA . -11.21 27.91 19.90
H291 PC1 QA . -8.42 28.20 19.65
H292 PC1 QA . -9.31 27.60 18.54
H2A1 PC1 QA . -8.89 26.38 21.04
H2A2 PC1 QA . -8.21 25.91 19.73
H2B1 PC1 QA . -10.42 25.40 18.89
H2B2 PC1 QA . -10.94 25.64 20.35
H2C1 PC1 QA . -9.66 23.83 21.12
H2C2 PC1 QA . -9.11 23.60 19.68
H2D1 PC1 QA . -11.35 23.12 18.97
H2D2 PC1 QA . -11.80 23.20 20.46
H2E1 PC1 QA . -10.40 21.34 20.95
H2E2 PC1 QA . -10.05 21.24 19.43
H2F1 PC1 QA . -12.38 20.84 18.99
H2F2 PC1 QA . -12.62 20.79 20.54
H2G1 PC1 QA . -11.21 18.89 20.67
H2G2 PC1 QA . -11.03 18.93 19.12
H2H1 PC1 QA . -13.25 18.36 18.79
H2H2 PC1 QA . -13.54 18.49 20.32
H2I1 PC1 QA . -13.36 16.23 19.73
H2I2 PC1 QA . -12.19 16.61 20.74
H2I3 PC1 QA . -11.89 16.48 19.19
H31 PC1 QA . -8.16 26.71 26.94
H32 PC1 QA . -6.65 26.30 26.89
H321 PC1 QA . -6.99 24.85 23.23
H322 PC1 QA . -6.17 24.99 24.55
H331 PC1 QA . -5.17 26.96 23.74
H332 PC1 QA . -6.06 26.90 22.45
H341 PC1 QA . -4.21 24.84 23.02
H342 PC1 QA . -3.76 26.11 22.22
H351 PC1 QA . -4.65 25.39 20.37
H352 PC1 QA . -5.96 24.93 21.09
H361 PC1 QA . -3.60 23.37 21.10
H362 PC1 QA . -4.74 23.15 20.06
H371 PC1 QA . -6.22 22.52 21.77
H372 PC1 QA . -5.12 22.81 22.84
H381 PC1 QA . -3.83 21.04 21.79
H382 PC1 QA . -5.12 20.68 20.98
H391 PC1 QA . -5.08 20.63 23.80
H392 PC1 QA . -4.75 19.36 22.97
H3A1 PC1 QA . -7.25 20.64 22.76
H3A2 PC1 QA . -7.01 19.49 23.78
H3B1 PC1 QA . -6.45 18.07 21.91
H3B2 PC1 QA . -6.96 19.20 20.97
H3C1 PC1 QA . -9.12 19.00 21.84
H3C2 PC1 QA . -8.64 17.92 22.84
H3D1 PC1 QA . -9.72 16.86 21.09
H3D2 PC1 QA . -8.22 16.43 21.09
H3E1 PC1 QA . -8.82 18.59 19.45
H3E2 PC1 QA . -9.39 17.21 18.98
H3F1 PC1 QA . -7.37 16.40 18.51
H3F2 PC1 QA . -6.65 17.32 19.54
H3G1 PC1 QA . -6.72 19.11 18.13
H3G2 PC1 QA . -7.72 18.40 17.17
H3H1 PC1 QA . -5.52 18.48 16.29
H3H2 PC1 QA . -6.10 17.03 16.33
H3I1 PC1 QA . -3.90 17.01 17.10
H3I2 PC1 QA . -4.86 16.59 18.28
H3I3 PC1 QA . -4.28 18.06 18.23
C1 CDL RA . -49.56 17.72 15.59
O1 CDL RA . -48.83 16.49 15.70
CA2 CDL RA . -50.23 18.03 16.91
OA2 CDL RA . -51.06 16.90 17.28
PA1 CDL RA . -52.16 17.07 18.42
OA3 CDL RA . -52.29 18.51 18.74
OA4 CDL RA . -53.37 16.32 18.01
OA5 CDL RA . -51.52 16.36 19.69
CA3 CDL RA . -52.35 16.04 20.82
CA4 CDL RA . -51.49 15.59 21.97
OA6 CDL RA . -52.30 15.67 23.19
CA5 CDL RA . -52.39 14.56 23.94
OA7 CDL RA . -51.74 14.38 24.95
C11 CDL RA . -53.39 13.60 23.39
C12 CDL RA . -52.75 12.38 22.74
C13 CDL RA . -53.57 11.12 22.91
C14 CDL RA . -53.49 10.50 24.29
C15 CDL RA . -52.41 9.44 24.43
C16 CDL RA . -52.06 9.11 25.87
C17 CDL RA . -50.70 8.46 26.04
C18 CDL RA . -50.57 7.10 25.38
C19 CDL RA . -49.15 6.56 25.35
C20 CDL RA . -49.03 5.15 24.81
C21 CDL RA . -47.61 4.68 24.61
C22 CDL RA . -47.47 3.20 24.32
C23 CDL RA . -46.05 2.76 24.00
C24 CDL RA . -45.84 1.26 24.03
C25 CDL RA . -46.73 0.48 23.06
C26 CDL RA . -46.52 -1.02 23.09
C27 CDL RA . -46.82 -1.65 24.43
CA6 CDL RA . -50.30 16.47 22.17
OA8 CDL RA . -50.75 17.78 22.60
CA7 CDL RA . -49.90 18.51 23.30
OA9 CDL RA . -48.89 18.99 22.84
C31 CDL RA . -50.34 18.68 24.72
C32 CDL RA . -49.54 17.83 25.70
C33 CDL RA . -49.83 18.17 27.16
C34 CDL RA . -49.09 17.28 28.14
C35 CDL RA . -49.23 17.72 29.59
C36 CDL RA . -48.58 16.76 30.57
C37 CDL RA . -48.61 17.23 32.02
C38 CDL RA . -47.83 18.51 32.27
C39 CDL RA . -48.69 19.76 32.40
C40 CDL RA . -49.50 19.82 33.68
C41 CDL RA . -50.09 21.18 33.97
C42 CDL RA . -51.26 21.57 33.07
C43 CDL RA . -52.55 20.84 33.41
C44 CDL RA . -53.77 21.39 32.68
C45 CDL RA . -55.08 20.76 33.12
C46 CDL RA . -56.31 21.38 32.48
C47 CDL RA . -57.61 20.81 32.99
CB2 CDL RA . -50.56 17.59 14.45
OB2 CDL RA . -49.90 17.01 13.31
PB2 CDL RA . -50.75 16.62 12.03
OB3 CDL RA . -50.23 17.42 10.90
OB4 CDL RA . -52.19 16.68 12.37
OB5 CDL RA . -50.35 15.09 11.75
CB3 CDL RA . -50.12 14.18 12.84
CB4 CDL RA . -48.81 13.48 12.62
OB6 CDL RA . -48.83 12.23 13.38
CB5 CDL RA . -49.25 11.12 12.73
OB7 CDL RA . -49.79 11.14 11.65
C51 CDL RA . -48.96 9.88 13.53
C52 CDL RA . -50.07 8.84 13.42
C53 CDL RA . -49.61 7.44 13.76
C54 CDL RA . -49.13 7.25 15.19
C55 CDL RA . -50.23 7.44 16.23
C56 CDL RA . -49.82 7.03 17.63
C57 CDL RA . -50.89 7.22 18.68
C58 CDL RA . -50.55 6.63 20.05
C59 CDL RA . -49.23 7.12 20.63
C60 CDL RA . -49.20 8.62 20.92
C61 CDL RA . -47.84 9.12 21.36
C62 CDL RA . -47.82 10.58 21.80
C63 CDL RA . -48.55 10.84 23.11
C64 CDL RA . -48.39 12.27 23.62
C65 CDL RA . -49.01 12.50 24.99
C66 CDL RA . -48.79 13.90 25.54
C67 CDL RA . -47.33 14.23 25.76
CB6 CDL RA . -47.66 14.31 13.12
OB8 CDL RA . -47.60 14.17 14.55
CB7 CDL RA . -46.67 13.35 15.05
OB9 CDL RA . -46.22 12.41 14.46
C71 CDL RA . -46.27 13.77 16.44
C72 CDL RA . -46.25 12.63 17.43
C73 CDL RA . -46.32 13.09 18.87
C74 CDL RA . -47.71 13.54 19.29
C75 CDL RA . -47.74 14.32 20.60
C76 CDL RA . -46.99 15.65 20.57
C77 CDL RA . -47.39 16.57 19.42
C78 CDL RA . -46.66 17.90 19.42
C79 CDL RA . -47.03 18.82 20.58
C80 CDL RA . -46.22 20.11 20.61
C81 CDL RA . -46.56 21.01 21.80
C82 CDL RA . -45.58 22.15 22.00
C83 CDL RA . -45.57 23.17 20.87
C84 CDL RA . -44.53 24.26 21.04
C85 CDL RA . -44.63 25.04 22.34
C86 CDL RA . -43.75 24.51 23.47
C87 CDL RA . -43.92 25.28 24.75
H1 CDL RA . -48.98 18.46 15.38
H1O1 CDL RA . -48.74 16.15 14.95
HA22 CDL RA . -50.76 18.83 16.84
HA21 CDL RA . -49.56 18.19 17.59
HA32 CDL RA . -52.98 15.34 20.58
HA31 CDL RA . -52.88 16.81 21.08
HA4 CDL RA . -51.18 14.69 21.79
H112 CDL RA . -53.93 14.05 22.72
H111 CDL RA . -53.99 13.31 24.09
H122 CDL RA . -51.87 12.24 23.13
H121 CDL RA . -52.61 12.55 21.80
H132 CDL RA . -53.28 10.46 22.26
H131 CDL RA . -54.49 11.32 22.71
H142 CDL RA . -54.35 10.10 24.51
H141 CDL RA . -53.33 11.20 24.94
H152 CDL RA . -51.61 9.75 23.98
H151 CDL RA . -52.70 8.64 23.98
H162 CDL RA . -52.74 8.50 26.22
H161 CDL RA . -52.10 9.91 26.41
H172 CDL RA . -50.51 8.37 26.98
H171 CDL RA . -50.02 9.05 25.66
H182 CDL RA . -50.91 7.15 24.48
H181 CDL RA . -51.14 6.46 25.86
H192 CDL RA . -48.78 6.59 26.24
H191 CDL RA . -48.60 7.15 24.80
H202 CDL RA . -49.51 5.08 23.98
H201 CDL RA . -49.47 4.54 25.43
H212 CDL RA . -47.10 4.89 25.40
H211 CDL RA . -47.22 5.18 23.88
H222 CDL RA . -48.05 2.97 23.57
H221 CDL RA . -47.78 2.70 25.09
H232 CDL RA . -45.44 3.18 24.62
H231 CDL RA . -45.81 3.09 23.11
H242 CDL RA . -46.01 0.94 24.93
H241 CDL RA . -44.91 1.07 23.82
H252 CDL RA . -46.57 0.80 22.17
H251 CDL RA . -47.66 0.67 23.27
H262 CDL RA . -45.61 -1.22 22.84
H261 CDL RA . -47.09 -1.43 22.41
H273 CDL RA . -46.67 -2.60 24.39
H272 CDL RA . -47.74 -1.47 24.67
H271 CDL RA . -46.23 -1.26 25.11
HA62 CDL RA . -49.80 16.55 21.34
HA61 CDL RA . -49.69 16.10 22.82
H312 CDL RA . -51.28 18.44 24.79
H311 CDL RA . -50.28 19.61 24.97
H322 CDL RA . -48.60 17.96 25.53
H321 CDL RA . -49.73 16.89 25.54
H332 CDL RA . -50.78 18.09 27.31
H331 CDL RA . -49.59 19.09 27.32
H342 CDL RA . -48.16 17.25 27.90
H341 CDL RA . -49.43 16.37 28.06
H352 CDL RA . -50.17 17.80 29.81
H351 CDL RA . -48.83 18.60 29.68
H362 CDL RA . -47.65 16.62 30.32
H361 CDL RA . -49.02 15.90 30.52
H372 CDL RA . -48.25 16.53 32.59
H371 CDL RA . -49.53 17.37 32.29
H382 CDL RA . -47.20 18.64 31.54
H381 CDL RA . -47.31 18.42 33.07
H392 CDL RA . -49.30 19.80 31.64
H391 CDL RA . -48.12 20.54 32.34
H402 CDL RA . -48.94 19.56 34.42
H401 CDL RA . -50.22 19.17 33.63
H412 CDL RA . -49.40 21.86 33.87
H411 CDL RA . -50.39 21.21 34.89
H422 CDL RA . -51.02 21.39 32.15
H421 CDL RA . -51.42 22.52 33.14
H432 CDL RA . -52.71 20.89 34.36
H431 CDL RA . -52.45 19.90 33.18
H442 CDL RA . -53.66 21.25 31.72
H441 CDL RA . -53.82 22.34 32.82
H452 CDL RA . -55.16 20.85 34.09
H451 CDL RA . -55.07 19.82 32.92
H462 CDL RA . -56.26 21.26 31.52
H461 CDL RA . -56.30 22.34 32.64
H473 CDL RA . -58.36 21.23 32.54
H472 CDL RA . -57.67 20.95 33.94
H471 CDL RA . -57.63 19.84 32.80
HB22 CDL RA . -50.92 18.47 14.23
HB21 CDL RA . -51.31 17.04 14.73
HB32 CDL RA . -50.85 13.54 12.90
HB31 CDL RA . -50.12 14.66 13.68
HB4 CDL RA . -48.70 13.32 11.67
H512 CDL RA . -48.83 10.13 14.46
H511 CDL RA . -48.13 9.49 13.22
H522 CDL RA . -50.43 8.86 12.52
H521 CDL RA . -50.79 9.10 14.02
H532 CDL RA . -48.88 7.19 13.16
H531 CDL RA . -50.34 6.82 13.59
H542 CDL RA . -48.43 7.89 15.37
H541 CDL RA . -48.76 6.37 15.29
H552 CDL RA . -51.01 6.91 15.97
H551 CDL RA . -50.49 8.37 16.24
H562 CDL RA . -49.02 7.53 17.89
H561 CDL RA . -49.54 6.09 17.62
H572 CDL RA . -51.71 6.83 18.36
H571 CDL RA . -51.06 8.17 18.79
H582 CDL RA . -50.51 5.67 19.97
H581 CDL RA . -51.26 6.85 20.66
H592 CDL RA . -48.52 6.92 20.00
H591 CDL RA . -49.05 6.64 21.45
H602 CDL RA . -49.85 8.81 21.61
H601 CDL RA . -49.48 9.10 20.13
H612 CDL RA . -47.21 9.01 20.64
H611 CDL RA . -47.53 8.58 22.10
H622 CDL RA . -48.24 11.12 21.11
H621 CDL RA . -46.90 10.88 21.89
H632 CDL RA . -48.21 10.23 23.79
H631 CDL RA . -49.49 10.65 23.00
H642 CDL RA . -48.80 12.87 22.98
H641 CDL RA . -47.45 12.49 23.65
H652 CDL RA . -48.63 11.85 25.61
H651 CDL RA . -49.96 12.33 24.93
H662 CDL RA . -49.26 13.98 26.38
H661 CDL RA . -49.17 14.54 24.93
H673 CDL RA . -47.25 15.13 26.11
H672 CDL RA . -46.85 14.17 24.92
H671 CDL RA . -46.94 13.60 26.39
HB62 CDL RA . -47.77 15.23 12.86
HB61 CDL RA . -46.84 14.00 12.72
H712 CDL RA . -46.89 14.45 16.75
H711 CDL RA . -45.40 14.19 16.41
H722 CDL RA . -45.44 12.10 17.30
H721 CDL RA . -46.99 12.03 17.25
H732 CDL RA . -45.69 13.82 19.00
H731 CDL RA . -46.04 12.37 19.45
H742 CDL RA . -48.28 12.77 19.38
H741 CDL RA . -48.08 14.10 18.60
H752 CDL RA . -47.37 13.76 21.30
H751 CDL RA . -48.66 14.50 20.83
H762 CDL RA . -46.04 15.46 20.51
H761 CDL RA . -47.13 16.11 21.41
H772 CDL RA . -48.35 16.73 19.48
H771 CDL RA . -47.22 16.12 18.59
H782 CDL RA . -46.85 18.36 18.59
H781 CDL RA . -45.71 17.74 19.45
H792 CDL RA . -46.89 18.34 21.42
H791 CDL RA . -47.97 19.04 20.52
H802 CDL RA . -46.38 20.60 19.80
H801 CDL RA . -45.28 19.90 20.65
H812 CDL RA . -46.59 20.47 22.61
H811 CDL RA . -47.45 21.37 21.67
H822 CDL RA . -44.69 21.79 22.11
H821 CDL RA . -45.81 22.61 22.83
H832 CDL RA . -46.45 23.58 20.81
H831 CDL RA . -45.41 22.71 20.03
H842 CDL RA . -44.61 24.89 20.29
H841 CDL RA . -43.64 23.86 20.98
H852 CDL RA . -45.55 25.03 22.64
H851 CDL RA . -44.40 25.97 22.16
H862 CDL RA . -42.82 24.57 23.19
H861 CDL RA . -43.95 23.58 23.61
H873 CDL RA . -43.34 24.90 25.44
H872 CDL RA . -44.85 25.20 25.05
H871 CDL RA . -43.70 26.21 24.62
C1 CDL SA . 40.56 5.75 0.74
O1 CDL SA . 40.00 6.62 -0.25
CA2 CDL SA . 40.22 6.26 2.12
OA2 CDL SA . 38.79 6.17 2.29
PA1 CDL SA . 37.92 7.49 2.56
OA3 CDL SA . 38.59 8.64 1.90
OA4 CDL SA . 36.51 7.20 2.23
OA5 CDL SA . 38.05 7.71 4.13
CA3 CDL SA . 39.29 8.20 4.69
CA4 CDL SA . 39.06 8.56 6.13
OA6 CDL SA . 38.57 7.38 6.83
CA5 CDL SA . 39.48 6.62 7.47
OA7 CDL SA . 40.19 5.82 6.91
C11 CDL SA . 39.50 6.90 8.94
C12 CDL SA . 40.42 5.98 9.71
C13 CDL SA . 40.79 6.53 11.08
C14 CDL SA . 41.89 7.57 11.05
C15 CDL SA . 42.23 8.13 12.42
C16 CDL SA . 43.48 9.01 12.44
C17 CDL SA . 43.23 10.46 12.06
C18 CDL SA . 42.43 11.25 13.08
C19 CDL SA . 42.28 12.73 12.75
C20 CDL SA . 43.59 13.51 12.83
C21 CDL SA . 43.45 14.98 12.44
C22 CDL SA . 44.78 15.69 12.28
C23 CDL SA . 44.67 17.01 11.54
C24 CDL SA . 46.00 17.52 11.01
C25 CDL SA . 45.86 18.65 10.00
C26 CDL SA . 47.17 19.08 9.38
C27 CDL SA . 47.02 20.10 8.29
CA6 CDL SA . 38.03 9.64 6.27
OA8 CDL SA . 38.69 10.92 6.18
CA7 CDL SA . 39.21 11.43 7.30
OA9 CDL SA . 38.86 11.12 8.40
C31 CDL SA . 40.29 12.43 7.00
C32 CDL SA . 39.74 13.84 6.83
C33 CDL SA . 39.13 14.41 8.10
C34 CDL SA . 40.12 14.62 9.23
C35 CDL SA . 41.27 15.56 8.89
C36 CDL SA . 42.57 14.85 8.55
C37 CDL SA . 43.70 15.79 8.15
C38 CDL SA . 45.08 15.26 8.50
C39 CDL SA . 45.49 14.02 7.72
C40 CDL SA . 46.70 13.30 8.30
C41 CDL SA . 48.04 13.79 7.77
C42 CDL SA . 48.32 15.26 8.01
C43 CDL SA . 49.77 15.67 7.81
C44 CDL SA . 50.72 15.18 8.90
C45 CDL SA . 52.17 15.56 8.68
C46 CDL SA . 52.44 17.05 8.63
C47 CDL SA . 52.02 17.76 9.90
CB2 CDL SA . 42.05 5.64 0.52
OB2 CDL SA . 42.30 5.05 -0.77
PB2 CDL SA . 43.62 4.19 -1.01
OB3 CDL SA . 44.09 4.46 -2.38
OB4 CDL SA . 43.37 2.79 -0.59
OB5 CDL SA . 44.68 4.84 0.00
CB3 CDL SA . 45.19 4.07 1.10
CB4 CDL SA . 45.94 4.98 2.03
OB6 CDL SA . 46.42 4.18 3.15
CB5 CDL SA . 47.52 3.42 2.96
OB7 CDL SA . 48.04 3.27 1.88
C51 CDL SA . 48.00 2.81 4.24
C52 CDL SA . 48.94 3.73 5.02
C53 CDL SA . 49.68 3.01 6.13
C54 CDL SA . 50.51 3.94 7.01
C55 CDL SA . 51.39 3.22 8.02
C56 CDL SA . 52.54 2.44 7.40
C57 CDL SA . 53.50 3.27 6.58
C58 CDL SA . 54.78 2.57 6.18
C59 CDL SA . 55.64 2.15 7.37
C60 CDL SA . 57.11 1.93 7.02
C61 CDL SA . 57.36 0.79 6.05
C62 CDL SA . 58.80 0.71 5.57
C63 CDL SA . 59.09 -0.45 4.62
C64 CDL SA . 60.48 -0.41 4.01
C65 CDL SA . 60.78 -1.55 3.07
C66 CDL SA . 60.88 -2.91 3.75
C67 CDL SA . 61.23 -4.03 2.78
CB6 CDL SA . 45.06 6.07 2.58
OB8 CDL SA . 45.89 7.20 2.95
CB7 CDL SA . 45.78 7.64 4.20
OB9 CDL SA . 45.25 8.68 4.48
C71 CDL SA . 46.40 6.70 5.18
C72 CDL SA . 47.31 7.38 6.19
C73 CDL SA . 48.53 8.01 5.55
C74 CDL SA . 49.39 8.81 6.52
C75 CDL SA . 50.05 7.99 7.61
C76 CDL SA . 50.88 8.81 8.58
C77 CDL SA . 51.57 8.00 9.67
C78 CDL SA . 52.58 6.99 9.15
C79 CDL SA . 53.74 7.59 8.37
C80 CDL SA . 54.61 8.53 9.19
C81 CDL SA . 55.84 9.05 8.46
C82 CDL SA . 55.53 9.89 7.22
C83 CDL SA . 55.52 9.12 5.92
C84 CDL SA . 55.05 9.93 4.72
C85 CDL SA . 55.90 11.16 4.42
C86 CDL SA . 57.35 10.86 4.08
C87 CDL SA . 58.13 12.10 3.72
H1 CDL SA . 40.20 4.86 0.65
H1O1 CDL SA . 40.48 6.61 -0.94
HA22 CDL SA . 40.51 7.17 2.22
HA21 CDL SA . 40.66 5.73 2.79
HA32 CDL SA . 39.60 8.96 4.19
HA31 CDL SA . 39.98 7.51 4.63
HA4 CDL SA . 39.90 8.89 6.50
H112 CDL SA . 38.60 6.82 9.29
H111 CDL SA . 39.77 7.82 9.08
H122 CDL SA . 41.24 5.84 9.20
H121 CDL SA . 40.00 5.12 9.82
H132 CDL SA . 41.08 5.79 11.65
H131 CDL SA . 40.00 6.91 11.49
H142 CDL SA . 41.62 8.30 10.47
H141 CDL SA . 42.70 7.18 10.66
H152 CDL SA . 42.36 7.39 13.03
H151 CDL SA . 41.48 8.65 12.74
H162 CDL SA . 44.13 8.63 11.83
H161 CDL SA . 43.87 8.98 13.33
H172 CDL SA . 42.76 10.48 11.20
H171 CDL SA . 44.09 10.90 11.92
H182 CDL SA . 42.86 11.16 13.95
H181 CDL SA . 41.56 10.86 13.16
H192 CDL SA . 41.64 13.13 13.36
H191 CDL SA . 41.92 12.81 11.85
H202 CDL SA . 44.24 13.10 12.26
H201 CDL SA . 43.93 13.46 13.74
H212 CDL SA . 42.92 15.43 13.11
H211 CDL SA . 42.95 15.03 11.61
H222 CDL SA . 45.39 15.11 11.80
H221 CDL SA . 45.16 15.85 13.16
H232 CDL SA . 44.30 17.68 12.14
H231 CDL SA . 44.05 16.92 10.81
H242 CDL SA . 46.47 16.79 10.59
H241 CDL SA . 46.54 17.83 11.75
H252 CDL SA . 45.45 19.42 10.43
H251 CDL SA . 45.26 18.37 9.29
H262 CDL SA . 47.63 18.29 9.02
H261 CDL SA . 47.75 19.44 10.07
H273 CDL SA . 47.90 20.34 7.92
H272 CDL SA . 46.60 20.90 8.64
H271 CDL SA . 46.47 19.74 7.57
HA62 CDL SA . 37.57 9.57 7.14
HA61 CDL SA . 37.35 9.56 5.59
H312 CDL SA . 40.75 12.17 6.19
H311 CDL SA . 40.94 12.41 7.71
H322 CDL SA . 39.08 13.85 6.13
H321 CDL SA . 40.47 14.42 6.55
H332 CDL SA . 38.45 13.80 8.41
H331 CDL SA . 38.70 15.25 7.89
H342 CDL SA . 40.49 13.77 9.50
H341 CDL SA . 39.65 14.98 10.00
H352 CDL SA . 41.42 16.16 9.63
H351 CDL SA . 41.00 16.11 8.13
H362 CDL SA . 42.41 14.23 7.82
H361 CDL SA . 42.85 14.32 9.31
H372 CDL SA . 43.57 16.65 8.59
H371 CDL SA . 43.65 15.95 7.20
H382 CDL SA . 45.12 15.07 9.44
H381 CDL SA . 45.73 15.97 8.32
H392 CDL SA . 45.67 14.26 6.81
H391 CDL SA . 44.74 13.40 7.71
H402 CDL SA . 46.62 12.35 8.10
H401 CDL SA . 46.69 13.38 9.26
H412 CDL SA . 48.08 13.62 6.82
H411 CDL SA . 48.75 13.27 8.18
H422 CDL SA . 48.05 15.49 8.92
H421 CDL SA . 47.76 15.78 7.42
H432 CDL SA . 49.82 16.64 7.78
H431 CDL SA . 50.07 15.34 6.95
H442 CDL SA . 50.65 14.21 8.95
H441 CDL SA . 50.43 15.52 9.75
H452 CDL SA . 52.48 15.17 7.84
H451 CDL SA . 52.71 15.17 9.39
H462 CDL SA . 51.96 17.44 7.88
H461 CDL SA . 53.38 17.21 8.48
H473 CDL SA . 52.21 18.71 9.82
H472 CDL SA . 52.51 17.40 10.66
H471 CDL SA . 51.06 17.64 10.04
HB22 CDL SA . 42.46 5.09 1.21
HB21 CDL SA . 42.47 6.51 0.58
HB32 CDL SA . 45.77 3.36 0.78
HB31 CDL SA . 44.45 3.64 1.58
HB4 CDL SA . 46.67 5.39 1.54
H512 CDL SA . 48.46 1.98 4.04
H511 CDL SA . 47.24 2.59 4.79
H522 CDL SA . 48.42 4.46 5.40
H521 CDL SA . 49.58 4.11 4.40
H532 CDL SA . 50.26 2.34 5.74
H531 CDL SA . 49.04 2.54 6.68
H542 CDL SA . 49.91 4.53 7.49
H541 CDL SA . 51.08 4.49 6.43
H552 CDL SA . 50.84 2.62 8.54
H551 CDL SA . 51.75 3.88 8.64
H562 CDL SA . 52.18 1.73 6.84
H561 CDL SA . 53.04 2.00 8.11
H572 CDL SA . 53.72 4.07 7.08
H571 CDL SA . 53.04 3.57 5.77
H582 CDL SA . 55.30 3.15 5.61
H581 CDL SA . 54.56 1.78 5.66
H592 CDL SA . 55.28 1.33 7.74
H591 CDL SA . 55.59 2.83 8.05
H602 CDL SA . 57.60 1.75 7.84
H601 CDL SA . 57.47 2.74 6.64
H612 CDL SA . 56.78 0.89 5.28
H611 CDL SA . 57.13 -0.04 6.47
H622 CDL SA . 59.39 0.63 6.34
H621 CDL SA . 59.03 1.54 5.12
H632 CDL SA . 58.42 -0.43 3.91
H631 CDL SA . 58.97 -1.28 5.10
H642 CDL SA . 61.14 -0.41 4.72
H641 CDL SA . 60.58 0.43 3.52
H652 CDL SA . 61.62 -1.38 2.61
H651 CDL SA . 60.09 -1.60 2.39
H662 CDL SA . 60.03 -3.12 4.17
H661 CDL SA . 61.55 -2.87 4.43
H673 CDL SA . 61.28 -4.87 3.27
H672 CDL SA . 62.08 -3.84 2.36
H671 CDL SA . 60.54 -4.09 2.10
HB62 CDL SA . 44.57 5.74 3.35
HB61 CDL SA . 44.41 6.34 1.92
H712 CDL SA . 46.92 6.03 4.69
H711 CDL SA . 45.70 6.22 5.65
H722 CDL SA . 47.59 6.74 6.86
H721 CDL SA . 46.80 8.07 6.65
H732 CDL SA . 48.26 8.58 4.83
H731 CDL SA . 49.08 7.30 5.16
H742 CDL SA . 48.84 9.50 6.93
H741 CDL SA . 50.08 9.27 6.02
H752 CDL SA . 50.62 7.32 7.20
H751 CDL SA . 49.36 7.52 8.10
H762 CDL SA . 50.31 9.48 9.00
H761 CDL SA . 51.55 9.29 8.08
H772 CDL SA . 50.89 7.52 10.18
H771 CDL SA . 52.02 8.60 10.28
H782 CDL SA . 52.12 6.35 8.57
H781 CDL SA . 52.95 6.49 9.89
H792 CDL SA . 53.38 8.08 7.60
H791 CDL SA . 54.29 6.89 8.01
H802 CDL SA . 54.90 8.07 9.99
H801 CDL SA . 54.07 9.29 9.46
H812 CDL SA . 56.39 8.29 8.18
H811 CDL SA . 56.37 9.58 9.06
H822 CDL SA . 56.18 10.61 7.16
H821 CDL SA . 54.67 10.31 7.35
H832 CDL SA . 54.95 8.34 6.02
H831 CDL SA . 56.42 8.79 5.74
H842 CDL SA . 54.14 10.21 4.88
H841 CDL SA . 55.05 9.35 3.94
H852 CDL SA . 55.87 11.75 5.18
H851 CDL SA . 55.49 11.64 3.68
H862 CDL SA . 57.38 10.23 3.34
H861 CDL SA . 57.77 10.42 4.84
H873 CDL SA . 59.05 11.85 3.50
H872 CDL SA . 58.12 12.72 4.46
H871 CDL SA . 57.72 12.52 2.94
C1 CDL TA . 49.13 -12.03 -4.23
O1 CDL TA . 50.18 -11.94 -5.20
CA2 CDL TA . 49.09 -13.44 -3.66
OA2 CDL TA . 47.96 -13.55 -2.79
PA1 CDL TA . 47.89 -14.71 -1.69
OA3 CDL TA . 46.55 -15.32 -1.73
OA4 CDL TA . 49.08 -15.59 -1.87
OA5 CDL TA . 48.03 -13.94 -0.30
CA3 CDL TA . 48.70 -14.57 0.80
CA4 CDL TA . 48.17 -14.00 2.09
OA6 CDL TA . 49.07 -14.47 3.16
CA5 CDL TA . 48.51 -14.92 4.30
OA7 CDL TA . 48.19 -16.07 4.47
C11 CDL TA . 48.36 -13.82 5.30
C12 CDL TA . 47.05 -13.89 6.08
C13 CDL TA . 47.16 -13.34 7.49
C14 CDL TA . 45.83 -13.25 8.21
C15 CDL TA . 45.94 -12.71 9.63
C16 CDL TA . 44.59 -12.42 10.27
C17 CDL TA . 44.59 -12.55 11.80
C18 CDL TA . 44.74 -13.97 12.30
C19 CDL TA . 44.53 -14.11 13.80
C20 CDL TA . 44.58 -15.54 14.29
C21 CDL TA . 44.15 -15.70 15.75
C22 CDL TA . 44.07 -17.13 16.22
C23 CDL TA . 43.39 -17.28 17.58
C24 CDL TA . 43.32 -18.72 18.08
C25 CDL TA . 42.45 -18.90 19.31
C26 CDL TA . 42.87 -18.05 20.51
C27 CDL TA . 42.00 -18.28 21.72
CA6 CDL TA . 46.77 -14.47 2.37
OA8 CDL TA . 45.95 -14.17 1.22
CA7 CDL TA . 44.78 -14.81 1.13
OA9 CDL TA . 44.52 -15.61 0.26
C31 CDL TA . 43.85 -14.40 2.22
C32 CDL TA . 43.77 -15.40 3.37
C33 CDL TA . 43.08 -14.83 4.59
C34 CDL TA . 43.21 -15.68 5.84
C35 CDL TA . 42.80 -14.95 7.11
C36 CDL TA . 42.97 -15.76 8.38
C37 CDL TA . 41.94 -16.86 8.56
C38 CDL TA . 41.83 -17.40 9.98
C39 CDL TA . 41.23 -16.41 10.97
C40 CDL TA . 41.13 -16.93 12.39
C41 CDL TA . 40.07 -17.99 12.60
C42 CDL TA . 39.98 -18.48 14.03
C43 CDL TA . 38.83 -19.45 14.29
C44 CDL TA . 38.77 -19.94 15.72
C45 CDL TA . 37.60 -20.86 16.02
C46 CDL TA . 37.53 -21.29 17.47
C47 CDL TA . 36.32 -22.15 17.76
CB2 CDL TA . 47.83 -11.62 -4.87
OB2 CDL TA . 47.54 -10.26 -4.48
PB2 CDL TA . 46.21 -9.92 -3.67
OB3 CDL TA . 45.97 -8.47 -3.83
OB4 CDL TA . 45.15 -10.88 -4.07
OB5 CDL TA . 46.57 -10.18 -2.15
CB3 CDL TA . 47.74 -9.53 -1.58
CB4 CDL TA . 47.37 -8.95 -0.24
OB6 CDL TA . 46.46 -9.88 0.42
CB5 CDL TA . 46.64 -10.11 1.73
OB7 CDL TA . 47.60 -9.73 2.35
C51 CDL TA . 45.50 -10.89 2.31
C52 CDL TA . 45.65 -11.13 3.80
C53 CDL TA . 45.61 -9.85 4.62
C54 CDL TA . 45.71 -10.07 6.12
C55 CDL TA . 45.71 -8.78 6.93
C56 CDL TA . 45.87 -8.98 8.42
C57 CDL TA . 45.91 -7.70 9.23
C58 CDL TA . 46.10 -7.92 10.72
C59 CDL TA . 46.02 -6.66 11.55
C60 CDL TA . 47.09 -5.61 11.23
C61 CDL TA . 48.52 -6.02 11.56
C62 CDL TA . 49.00 -5.58 12.94
C63 CDL TA . 48.18 -6.15 14.10
C64 CDL TA . 48.77 -5.84 15.46
C65 CDL TA . 47.97 -6.41 16.61
C66 CDL TA . 48.48 -6.03 17.99
C67 CDL TA . 47.60 -6.56 19.11
CB6 CDL TA . 46.65 -7.63 -0.38
OB8 CDL TA . 46.87 -6.87 0.83
CB7 CDL TA . 47.87 -5.99 0.82
OB9 CDL TA . 48.37 -5.55 -0.17
C71 CDL TA . 48.29 -5.65 2.23
C72 CDL TA . 49.69 -5.04 2.30
C73 CDL TA . 50.19 -4.90 3.72
C74 CDL TA . 51.58 -4.30 3.85
C75 CDL TA . 52.18 -4.44 5.24
C76 CDL TA . 53.56 -3.83 5.39
C77 CDL TA . 54.23 -4.20 6.71
C78 CDL TA . 55.56 -3.51 6.96
C79 CDL TA . 56.30 -4.04 8.17
C80 CDL TA . 57.57 -3.27 8.53
C81 CDL TA . 58.32 -3.84 9.70
C82 CDL TA . 59.50 -3.00 10.16
C83 CDL TA . 60.28 -3.62 11.32
C84 CDL TA . 61.43 -2.78 11.81
C85 CDL TA . 61.02 -1.48 12.50
C86 CDL TA . 62.18 -0.69 13.07
C87 CDL TA . 61.73 0.54 13.82
H1 CDL TA . 49.28 -11.44 -3.48
H1O1 CDL TA . 50.20 -11.16 -5.52
HA22 CDL TA . 49.91 -13.62 -3.17
HA21 CDL TA . 49.03 -14.08 -4.38
HA32 CDL TA . 49.66 -14.41 0.74
HA31 CDL TA . 48.56 -15.53 0.77
HA4 CDL TA . 48.14 -13.04 2.04
H112 CDL TA . 48.42 -12.96 4.85
H111 CDL TA . 49.10 -13.85 5.93
H122 CDL TA . 46.75 -14.81 6.11
H121 CDL TA . 46.37 -13.40 5.59
H132 CDL TA . 47.57 -12.47 7.45
H131 CDL TA . 47.76 -13.91 8.00
H142 CDL TA . 45.43 -14.13 8.24
H141 CDL TA . 45.23 -12.67 7.71
H152 CDL TA . 46.46 -11.89 9.62
H151 CDL TA . 46.42 -13.35 10.17
H162 CDL TA . 43.93 -13.03 9.91
H161 CDL TA . 44.31 -11.52 10.04
H172 CDL TA . 43.75 -12.18 12.13
H171 CDL TA . 45.31 -12.00 12.15
H182 CDL TA . 45.63 -14.30 12.08
H181 CDL TA . 44.10 -14.53 11.84
H192 CDL TA . 43.66 -13.73 14.02
H191 CDL TA . 45.19 -13.58 14.26
H202 CDL TA . 45.48 -15.87 14.19
H201 CDL TA . 44.01 -16.09 13.74
H212 CDL TA . 43.28 -15.27 15.86
H211 CDL TA . 44.77 -15.21 16.31
H222 CDL TA . 44.96 -17.50 16.27
H221 CDL TA . 43.58 -17.65 15.57
H232 CDL TA . 42.50 -16.92 17.53
H231 CDL TA . 43.88 -16.76 18.23
H242 CDL TA . 44.21 -19.03 18.27
H241 CDL TA . 42.97 -19.28 17.36
H252 CDL TA . 42.47 -19.83 19.57
H251 CDL TA . 41.54 -18.68 19.08
H262 CDL TA . 42.85 -17.12 20.26
H261 CDL TA . 43.80 -18.26 20.73
H273 CDL TA . 42.31 -17.71 22.45
H272 CDL TA . 42.04 -19.21 21.99
H271 CDL TA . 41.09 -18.05 21.51
HA62 CDL TA . 46.42 -14.04 3.16
HA61 CDL TA . 46.76 -15.42 2.55
H312 CDL TA . 42.96 -14.28 1.85
H311 CDL TA . 44.13 -13.54 2.58
H322 CDL TA . 44.67 -15.68 3.61
H321 CDL TA . 43.29 -16.19 3.08
H332 CDL TA . 42.14 -14.70 4.39
H331 CDL TA . 43.46 -13.94 4.77
H342 CDL TA . 44.13 -15.98 5.93
H341 CDL TA . 42.66 -16.47 5.74
H352 CDL TA . 41.87 -14.68 7.02
H351 CDL TA . 43.32 -14.14 7.18
H362 CDL TA . 42.92 -15.16 9.14
H361 CDL TA . 43.85 -16.15 8.39
H372 CDL TA . 42.16 -17.60 7.96
H371 CDL TA . 41.07 -16.53 8.28
H382 CDL TA . 42.71 -17.66 10.28
H381 CDL TA . 41.28 -18.21 9.97
H392 CDL TA . 40.35 -16.15 10.66
H391 CDL TA . 41.77 -15.60 10.97
H402 CDL TA . 40.95 -16.18 12.98
H401 CDL TA . 42.00 -17.29 12.65
H412 CDL TA . 40.25 -18.74 12.01
H411 CDL TA . 39.21 -17.63 12.34
H422 CDL TA . 39.89 -17.72 14.62
H421 CDL TA . 40.81 -18.92 14.27
H432 CDL TA . 38.93 -20.22 13.69
H431 CDL TA . 38.00 -19.02 14.07
H442 CDL TA . 38.73 -19.17 16.32
H441 CDL TA . 39.60 -20.40 15.94
H452 CDL TA . 37.67 -21.64 15.46
H451 CDL TA . 36.78 -20.40 15.78
H462 CDL TA . 37.50 -20.51 18.04
H461 CDL TA . 38.33 -21.79 17.70
H473 CDL TA . 36.31 -22.40 18.70
H472 CDL TA . 36.35 -22.96 17.21
H471 CDL TA . 35.51 -21.66 17.56
HB22 CDL TA . 47.11 -12.21 -4.59
HB21 CDL TA . 47.89 -11.69 -5.84
HB32 CDL TA . 48.06 -8.83 -2.17
HB31 CDL TA . 48.46 -10.17 -1.48
HB4 CDL TA . 48.18 -8.80 0.26
H512 CDL TA . 45.44 -11.74 1.85
H511 CDL TA . 44.67 -10.42 2.13
H522 CDL TA . 46.48 -11.59 3.98
H521 CDL TA . 44.93 -11.71 4.10
H532 CDL TA . 44.78 -9.38 4.43
H531 CDL TA . 46.33 -9.27 4.33
H542 CDL TA . 46.52 -10.56 6.31
H541 CDL TA . 44.97 -10.62 6.41
H552 CDL TA . 44.88 -8.30 6.75
H551 CDL TA . 46.43 -8.21 6.61
H562 CDL TA . 46.68 -9.49 8.58
H561 CDL TA . 45.13 -9.53 8.74
H572 CDL TA . 45.09 -7.20 9.08
H571 CDL TA . 46.64 -7.14 8.90
H582 CDL TA . 46.95 -8.36 10.87
H581 CDL TA . 45.41 -8.54 11.03
H592 CDL TA . 46.11 -6.90 12.49
H591 CDL TA . 45.15 -6.25 11.44
H602 CDL TA . 46.88 -4.79 11.71
H601 CDL TA . 47.04 -5.41 10.28
H612 CDL TA . 49.12 -5.66 10.90
H611 CDL TA . 48.59 -6.99 11.51
H622 CDL TA . 48.97 -4.62 12.98
H621 CDL TA . 49.92 -5.85 13.05
H632 CDL TA . 48.11 -7.11 13.99
H631 CDL TA . 47.29 -5.79 14.06
H642 CDL TA . 48.84 -4.89 15.57
H641 CDL TA . 49.68 -6.20 15.50
H652 CDL TA . 47.95 -7.38 16.55
H651 CDL TA . 47.04 -6.11 16.53
H662 CDL TA . 48.52 -5.06 18.06
H661 CDL TA . 49.38 -6.38 18.10
H673 CDL TA . 47.98 -6.29 19.97
H672 CDL TA . 47.57 -7.53 19.06
H671 CDL TA . 46.71 -6.20 19.02
HB62 CDL TA . 45.70 -7.78 -0.52
HB61 CDL TA . 46.98 -7.15 -1.16
H712 CDL TA . 48.27 -6.45 2.77
H711 CDL TA . 47.66 -5.03 2.61
H722 CDL TA . 49.69 -4.17 1.88
H721 CDL TA . 50.31 -5.60 1.80
H732 CDL TA . 50.19 -5.77 4.15
H731 CDL TA . 49.57 -4.34 4.22
H742 CDL TA . 51.55 -3.37 3.60
H741 CDL TA . 52.17 -4.74 3.20
H752 CDL TA . 52.23 -5.38 5.47
H751 CDL TA . 51.58 -4.02 5.87
H762 CDL TA . 53.49 -2.87 5.34
H761 CDL TA . 54.12 -4.12 4.66
H772 CDL TA . 54.38 -5.16 6.72
H771 CDL TA . 53.63 -4.00 7.43
H782 CDL TA . 55.40 -2.55 7.08
H781 CDL TA . 56.12 -3.60 6.17
H792 CDL TA . 56.54 -4.97 8.01
H791 CDL TA . 55.70 -4.03 8.93
H802 CDL TA . 57.32 -2.34 8.72
H801 CDL TA . 58.15 -3.24 7.75
H812 CDL TA . 58.64 -4.73 9.47
H811 CDL TA . 57.71 -3.96 10.45
H822 CDL TA . 59.18 -2.13 10.43
H821 CDL TA . 60.10 -2.87 9.41
H832 CDL TA . 60.61 -4.49 11.04
H831 CDL TA . 59.67 -3.77 12.06
H842 CDL TA . 62.01 -2.56 11.06
H841 CDL TA . 61.97 -3.30 12.43
H852 CDL TA . 60.40 -1.69 13.21
H851 CDL TA . 60.54 -0.93 11.87
H862 CDL TA . 62.78 -0.44 12.35
H861 CDL TA . 62.68 -1.25 13.67
H873 CDL TA . 62.52 1.01 14.16
H872 CDL TA . 61.16 0.29 14.55
H871 CDL TA . 61.25 1.13 13.21
O12 PC1 UA . -8.91 23.35 -3.93
P PC1 UA . -9.62 23.66 -2.67
O14 PC1 UA . -11.03 23.26 -2.52
O13 PC1 UA . -8.82 23.02 -1.45
C11 PC1 UA . -7.92 21.90 -1.67
C12 PC1 UA . -6.54 22.52 -1.59
N PC1 UA . -5.39 21.56 -1.76
C13 PC1 UA . -5.40 21.00 -3.15
C14 PC1 UA . -4.10 22.29 -1.53
C15 PC1 UA . -5.49 20.44 -0.78
O11 PC1 UA . -9.53 25.22 -2.37
C1 PC1 UA . -8.23 25.86 -2.28
C2 PC1 UA . -8.37 27.17 -1.55
O21 PC1 UA . -7.04 27.78 -1.50
C21 PC1 UA . -6.98 29.11 -1.39
O22 PC1 UA . -7.11 29.86 -2.32
C22 PC1 UA . -6.72 29.53 0.02
C23 PC1 UA . -5.47 28.88 0.60
C24 PC1 UA . -5.21 29.26 2.04
C25 PC1 UA . -3.91 28.71 2.59
C26 PC1 UA . -2.68 29.27 1.92
C27 PC1 UA . -1.37 28.87 2.57
C28 PC1 UA . -0.16 29.59 2.00
C29 PC1 UA . -0.23 31.10 2.10
C2A PC1 UA . -0.52 31.61 3.50
C2B PC1 UA . 0.49 31.17 4.53
C2C PC1 UA . 1.92 31.53 4.19
C2D PC1 UA . 2.91 31.30 5.32
C2E PC1 UA . 3.05 29.85 5.75
C2F PC1 UA . 4.09 29.63 6.84
C2G PC1 UA . 5.52 29.83 6.37
C2H PC1 UA . 6.49 30.21 7.48
C2I PC1 UA . 7.85 30.59 6.97
C3 PC1 UA . -8.85 26.96 -0.14
O31 PC1 UA . -7.75 26.48 0.68
C31 PC1 UA . -7.93 25.29 1.26
O32 PC1 UA . -7.96 24.26 0.64
C32 PC1 UA . -8.05 25.41 2.74
C33 PC1 UA . -7.30 26.60 3.32
C34 PC1 UA . -7.28 26.61 4.84
C35 PC1 UA . -6.44 27.74 5.43
C36 PC1 UA . -6.42 27.77 6.95
C37 PC1 UA . -5.82 26.53 7.60
C38 PC1 UA . -5.63 26.66 9.10
C39 PC1 UA . -5.25 25.36 9.79
C3A PC1 UA . -3.87 24.83 9.43
C3B PC1 UA . -2.72 25.65 9.98
C3C PC1 UA . -1.36 25.02 9.78
C3D PC1 UA . -0.21 25.77 10.43
C3E PC1 UA . 1.12 25.03 10.38
C3F PC1 UA . 2.17 25.58 11.33
C3G PC1 UA . 3.11 26.59 10.71
C3H PC1 UA . 2.46 27.93 10.42
C3I PC1 UA . 3.46 29.06 10.33
H111 PC1 UA . -8.08 21.48 -2.52
H112 PC1 UA . -8.03 21.22 -0.99
H121 PC1 UA . -6.45 22.96 -0.74
H122 PC1 UA . -6.48 23.20 -2.28
H131 PC1 UA . -4.65 20.38 -3.25
H132 PC1 UA . -5.31 21.72 -3.79
H133 PC1 UA . -6.22 20.52 -3.30
H141 PC1 UA . -3.36 21.68 -1.65
H142 PC1 UA . -4.09 22.66 -0.64
H143 PC1 UA . -4.02 23.01 -2.18
H151 PC1 UA . -4.74 19.84 -0.89
H152 PC1 UA . -6.32 19.96 -0.92
H153 PC1 UA . -5.48 20.80 0.13
H11 PC1 UA . -7.88 26.00 -3.17
H12 PC1 UA . -7.61 25.28 -1.82
H2 PC1 UA . -9.02 27.72 -2.02
H221 PC1 UA . -7.48 29.30 0.57
H222 PC1 UA . -6.62 30.49 0.06
H231 PC1 UA . -4.70 29.12 0.05
H232 PC1 UA . -5.56 27.91 0.53
H241 PC1 UA . -5.95 28.94 2.59
H242 PC1 UA . -5.20 30.23 2.11
H251 PC1 UA . -3.91 27.74 2.51
H252 PC1 UA . -3.86 28.90 3.54
H261 PC1 UA . -2.74 30.24 1.90
H262 PC1 UA . -2.67 28.97 0.98
H271 PC1 UA . -1.25 27.92 2.46
H272 PC1 UA . -1.43 29.05 3.52
H281 PC1 UA . -0.06 29.33 1.06
H282 PC1 UA . 0.63 29.28 2.47
H291 PC1 UA . -0.92 31.42 1.50
H292 PC1 UA . 0.61 31.48 1.79
H2A1 PC1 UA . -1.40 31.31 3.77
H2A2 PC1 UA . -0.54 32.58 3.48
H2B1 PC1 UA . 0.43 30.21 4.65
H2B2 PC1 UA . 0.27 31.57 5.39
H2C1 PC1 UA . 1.96 32.46 3.93
H2C2 PC1 UA . 2.20 31.01 3.42
H2D1 PC1 UA . 2.64 31.83 6.07
H2D2 PC1 UA . 3.78 31.63 5.03
H2E1 PC1 UA . 3.28 29.31 4.98
H2E2 PC1 UA . 2.19 29.53 6.07
H2F1 PC1 UA . 4.00 28.73 7.18
H2F2 PC1 UA . 3.91 30.23 7.57
H2G1 PC1 UA . 5.54 30.52 5.69
H2G2 PC1 UA . 5.84 29.02 5.95
H2H1 PC1 UA . 6.57 29.47 8.10
H2H2 PC1 UA . 6.11 30.95 7.98
H2I1 PC1 UA . 8.43 30.83 7.72
H2I2 PC1 UA . 7.78 31.36 6.38
H2I3 PC1 UA . 8.24 29.84 6.49
H31 PC1 UA . -9.58 26.33 -0.12
H32 PC1 UA . -9.19 27.80 0.22
H321 PC1 UA . -7.72 24.60 3.15
H322 PC1 UA . -8.99 25.48 2.97
H331 PC1 UA . -7.71 27.42 3.00
H332 PC1 UA . -6.39 26.58 2.99
H341 PC1 UA . -6.94 25.76 5.16
H342 PC1 UA . -8.19 26.69 5.17
H351 PC1 UA . -6.78 28.58 5.11
H352 PC1 UA . -5.53 27.64 5.10
H361 PC1 UA . -7.32 27.89 7.28
H362 PC1 UA . -5.91 28.55 7.23
H371 PC1 UA . -4.96 26.35 7.19
H372 PC1 UA . -6.39 25.77 7.41
H381 PC1 UA . -6.45 26.99 9.49
H382 PC1 UA . -4.94 27.32 9.27
H391 PC1 UA . -5.91 24.68 9.57
H392 PC1 UA . -5.30 25.49 10.75
H3A1 PC1 UA . -3.79 24.79 8.47
H3A2 PC1 UA . -3.78 23.92 9.76
H3B1 PC1 UA . -2.86 25.80 10.93
H3B2 PC1 UA . -2.73 26.54 9.55
H3C1 PC1 UA . -1.18 24.95 8.82
H3C2 PC1 UA . -1.38 24.11 10.13
H3D1 PC1 UA . -0.44 25.95 11.36
H3D2 PC1 UA . -0.11 26.63 10.00
H3E1 PC1 UA . 1.46 25.07 9.48
H3E2 PC1 UA . 0.96 24.09 10.59
H3F1 PC1 UA . 2.69 24.84 11.69
H3F2 PC1 UA . 1.73 25.98 12.10
H3G1 PC1 UA . 3.45 26.23 9.88
H3G2 PC1 UA . 3.85 26.73 11.30
H3H1 PC1 UA . 1.82 28.13 11.12
H3H2 PC1 UA . 1.97 27.88 9.58
H3I1 PC1 UA . 2.99 29.89 10.14
H3I2 PC1 UA . 4.09 28.87 9.62
H3I3 PC1 UA . 3.94 29.14 11.17
C1 CDL VA . 22.01 -14.21 5.10
O1 CDL VA . 21.03 -13.66 5.97
CA2 CDL VA . 21.38 -14.49 3.75
OA2 CDL VA . 20.38 -13.49 3.50
PA1 CDL VA . 19.94 -13.14 2.00
OA3 CDL VA . 21.00 -12.33 1.38
OA4 CDL VA . 19.50 -14.39 1.33
OA5 CDL VA . 18.68 -12.20 2.25
CA3 CDL VA . 18.47 -11.01 1.46
CA4 CDL VA . 17.59 -10.07 2.23
OA6 CDL VA . 16.20 -10.42 1.95
CA5 CDL VA . 15.71 -11.54 2.48
OA7 CDL VA . 16.11 -12.64 2.20
C11 CDL VA . 14.62 -11.24 3.46
C12 CDL VA . 13.88 -12.50 3.93
C13 CDL VA . 12.93 -12.24 5.08
C14 CDL VA . 11.62 -13.00 4.96
C15 CDL VA . 10.90 -13.19 6.29
C16 CDL VA . 10.18 -11.95 6.78
C17 CDL VA . 8.97 -12.26 7.64
C18 CDL VA . 8.38 -11.06 8.35
C19 CDL VA . 7.33 -11.41 9.38
C20 CDL VA . 6.77 -10.22 10.15
C21 CDL VA . 5.80 -10.60 11.26
C22 CDL VA . 6.47 -11.11 12.52
C23 CDL VA . 5.55 -11.89 13.43
C24 CDL VA . 5.87 -13.37 13.50
C25 CDL VA . 5.83 -14.10 12.17
C26 CDL VA . 7.19 -14.56 11.66
C27 CDL VA . 7.78 -15.69 12.48
CA6 CDL VA . 17.80 -8.64 1.82
OA8 CDL VA . 16.61 -7.89 2.14
CA7 CDL VA . 16.73 -6.95 3.08
OA9 CDL VA . 17.49 -6.04 3.01
C31 CDL VA . 15.77 -7.19 4.21
C32 CDL VA . 14.67 -6.13 4.31
C33 CDL VA . 15.19 -4.77 4.73
C34 CDL VA . 14.12 -3.68 4.72
C35 CDL VA . 14.62 -2.30 5.14
C36 CDL VA . 14.91 -2.17 6.62
C37 CDL VA . 13.67 -2.17 7.51
C38 CDL VA . 12.86 -0.89 7.45
C39 CDL VA . 11.47 -1.02 8.05
C40 CDL VA . 10.49 -1.72 7.13
C41 CDL VA . 9.43 -2.54 7.87
C42 CDL VA . 9.99 -3.78 8.53
C43 CDL VA . 8.93 -4.78 8.97
C44 CDL VA . 9.49 -6.09 9.48
C45 CDL VA . 8.45 -7.16 9.76
C46 CDL VA . 7.58 -6.89 10.97
C47 CDL VA . 8.32 -7.00 12.28
CB2 CDL VA . 22.60 -15.44 5.74
OB2 CDL VA . 23.05 -16.33 4.70
PB2 CDL VA . 23.95 -17.59 5.07
OB3 CDL VA . 25.01 -17.14 5.98
OB4 CDL VA . 24.33 -18.29 3.81
OB5 CDL VA . 22.97 -18.55 5.91
CB3 CDL VA . 22.84 -18.37 7.34
CB4 CDL VA . 21.40 -18.49 7.71
OB6 CDL VA . 20.61 -18.13 6.53
CB5 CDL VA . 19.28 -18.03 6.68
OB7 CDL VA . 18.57 -18.94 7.02
C51 CDL VA . 18.80 -16.64 6.39
C52 CDL VA . 17.40 -16.35 6.89
C53 CDL VA . 16.97 -14.92 6.63
C54 CDL VA . 15.52 -14.64 6.96
C55 CDL VA . 15.17 -14.78 8.43
C56 CDL VA . 13.74 -14.41 8.76
C57 CDL VA . 13.36 -14.57 10.22
C58 CDL VA . 11.89 -14.32 10.50
C59 CDL VA . 11.45 -12.87 10.36
C60 CDL VA . 11.82 -11.99 11.54
C61 CDL VA . 10.95 -12.24 12.78
C62 CDL VA . 11.29 -11.33 13.95
C63 CDL VA . 10.39 -11.51 15.17
C64 CDL VA . 8.94 -11.13 14.93
C65 CDL VA . 8.08 -11.16 16.17
C66 CDL VA . 7.91 -12.54 16.78
C67 CDL VA . 6.89 -12.56 17.90
CB6 CDL VA . 21.01 -17.56 8.83
OB8 CDL VA . 22.03 -17.62 9.86
CB7 CDL VA . 22.46 -16.46 10.35
OB9 CDL VA . 22.94 -15.59 9.66
C71 CDL VA . 22.26 -16.37 11.82
C72 CDL VA . 23.48 -15.84 12.57
C73 CDL VA . 23.25 -15.72 14.07
C74 CDL VA . 22.37 -14.54 14.48
C75 CDL VA . 23.14 -13.27 14.78
C76 CDL VA . 23.66 -13.19 16.20
C77 CDL VA . 24.31 -11.86 16.55
C78 CDL VA . 23.96 -11.35 17.95
C79 CDL VA . 22.69 -10.53 18.02
C80 CDL VA . 21.44 -11.25 17.54
C81 CDL VA . 20.15 -10.45 17.64
C82 CDL VA . 19.74 -10.11 19.06
C83 CDL VA . 18.30 -9.65 19.19
C84 CDL VA . 17.86 -9.29 20.59
C85 CDL VA . 18.51 -8.03 21.14
C86 CDL VA . 18.17 -6.76 20.39
C87 CDL VA . 18.77 -5.52 21.00
H1 CDL VA . 22.74 -13.60 4.95
H1O1 CDL VA . 20.35 -13.42 5.52
HA22 CDL VA . 20.98 -15.38 3.75
HA21 CDL VA . 22.05 -14.48 3.06
HA32 CDL VA . 18.05 -11.25 0.61
HA31 CDL VA . 19.31 -10.59 1.26
HA4 CDL VA . 17.80 -10.16 3.18
H112 CDL VA . 13.98 -10.64 3.05
H111 CDL VA . 14.99 -10.79 4.23
H122 CDL VA . 14.54 -13.16 4.19
H121 CDL VA . 13.39 -12.87 3.18
H132 CDL VA . 12.74 -11.28 5.13
H131 CDL VA . 13.37 -12.48 5.90
H142 CDL VA . 11.80 -13.87 4.57
H141 CDL VA . 11.04 -12.52 4.36
H152 CDL VA . 11.55 -13.46 6.96
H151 CDL VA . 10.26 -13.91 6.19
H162 CDL VA . 9.90 -11.41 6.02
H161 CDL VA . 10.80 -11.41 7.30
H172 CDL VA . 9.20 -12.92 8.31
H171 CDL VA . 8.28 -12.66 7.08
H182 CDL VA . 7.98 -10.46 7.70
H181 CDL VA . 9.10 -10.57 8.79
H192 CDL VA . 7.71 -12.04 10.02
H191 CDL VA . 6.60 -11.87 8.94
H202 CDL VA . 6.33 -9.63 9.53
H201 CDL VA . 7.51 -9.72 10.53
H212 CDL VA . 5.20 -11.29 10.92
H211 CDL VA . 5.26 -9.83 11.47
H222 CDL VA . 6.83 -10.35 13.01
H221 CDL VA . 7.23 -11.67 12.27
H232 CDL VA . 4.64 -11.79 13.12
H231 CDL VA . 5.59 -11.51 14.32
H242 CDL VA . 5.24 -13.80 14.11
H241 CDL VA . 6.75 -13.48 13.90
H252 CDL VA . 5.44 -13.50 11.51
H251 CDL VA . 5.25 -14.87 12.25
H262 CDL VA . 7.80 -13.81 11.67
H261 CDL VA . 7.10 -14.85 10.74
H273 CDL VA . 8.65 -15.94 12.11
H272 CDL VA . 7.18 -16.45 12.45
H271 CDL VA . 7.90 -15.40 13.40
HA62 CDL VA . 17.99 -8.60 0.87
HA61 CDL VA . 18.57 -8.27 2.28
H312 CDL VA . 16.27 -7.20 5.04
H311 CDL VA . 15.36 -8.06 4.11
H322 CDL VA . 14.01 -6.43 4.94
H321 CDL VA . 14.23 -6.06 3.45
H332 CDL VA . 15.91 -4.50 4.12
H331 CDL VA . 15.57 -4.82 5.61
H342 CDL VA . 13.41 -3.95 5.32
H341 CDL VA . 13.74 -3.62 3.83
H352 CDL VA . 13.96 -1.64 4.89
H351 CDL VA . 15.43 -2.11 4.65
H362 CDL VA . 15.40 -1.34 6.78
H361 CDL VA . 15.50 -2.90 6.91
H372 CDL VA . 13.94 -2.34 8.43
H371 CDL VA . 13.11 -2.92 7.25
H382 CDL VA . 12.78 -0.61 6.52
H381 CDL VA . 13.34 -0.19 7.92
H392 CDL VA . 11.13 -0.13 8.26
H391 CDL VA . 11.53 -1.50 8.89
H402 CDL VA . 10.98 -2.31 6.53
H401 CDL VA . 10.05 -1.06 6.58
H412 CDL VA . 8.74 -2.80 7.23
H411 CDL VA . 9.01 -1.98 8.54
H422 CDL VA . 10.51 -3.52 9.30
H421 CDL VA . 10.60 -4.23 7.91
H432 CDL VA . 8.33 -4.96 8.22
H431 CDL VA . 8.38 -4.37 9.66
H442 CDL VA . 9.99 -5.91 10.30
H441 CDL VA . 10.13 -6.43 8.83
H452 CDL VA . 8.91 -8.00 9.89
H451 CDL VA . 7.89 -7.24 8.98
H462 CDL VA . 6.84 -7.51 10.98
H461 CDL VA . 7.20 -6.00 10.90
H473 CDL VA . 7.72 -6.82 13.02
H472 CDL VA . 9.06 -6.36 12.30
H471 CDL VA . 8.69 -7.90 12.36
HB22 CDL VA . 21.94 -15.88 6.30
HB21 CDL VA . 23.33 -15.20 6.32
HB32 CDL VA . 23.19 -17.51 7.61
HB31 CDL VA . 23.37 -19.03 7.81
HB4 CDL VA . 21.23 -19.41 8.01
H512 CDL VA . 18.83 -16.49 5.42
H511 CDL VA . 19.42 -16.00 6.78
H522 CDL VA . 17.36 -16.54 7.84
H521 CDL VA . 16.77 -16.96 6.46
H532 CDL VA . 17.12 -14.71 5.69
H531 CDL VA . 17.53 -14.33 7.15
H542 CDL VA . 14.96 -15.23 6.45
H541 CDL VA . 15.31 -13.73 6.69
H552 CDL VA . 15.77 -14.23 8.96
H551 CDL VA . 15.32 -15.71 8.71
H562 CDL VA . 13.14 -14.95 8.21
H561 CDL VA . 13.59 -13.48 8.50
H572 CDL VA . 13.89 -13.95 10.75
H571 CDL VA . 13.59 -15.46 10.51
H582 CDL VA . 11.68 -14.63 11.40
H581 CDL VA . 11.35 -14.87 9.89
H592 CDL VA . 10.49 -12.85 10.24
H591 CDL VA . 11.84 -12.50 9.56
H602 CDL VA . 11.74 -11.07 11.29
H601 CDL VA . 12.74 -12.15 11.78
H612 CDL VA . 11.05 -13.15 13.06
H611 CDL VA . 10.02 -12.10 12.54
H622 CDL VA . 11.25 -10.41 13.66
H621 CDL VA . 12.22 -11.49 14.21
H632 CDL VA . 10.75 -10.97 15.90
H631 CDL VA . 10.44 -12.44 15.45
H642 CDL VA . 8.57 -11.73 14.26
H641 CDL VA . 8.92 -10.24 14.55
H652 CDL VA . 7.20 -10.81 15.95
H651 CDL VA . 8.46 -10.57 16.84
H662 CDL VA . 8.76 -12.84 17.12
H661 CDL VA . 7.64 -13.17 16.09
H673 CDL VA . 6.81 -13.47 18.26
H672 CDL VA . 6.03 -12.29 17.55
H671 CDL VA . 7.16 -11.96 18.60
HB62 CDL VA . 20.16 -17.81 9.20
HB61 CDL VA . 20.93 -16.66 8.49
H712 CDL VA . 22.05 -17.25 12.17
H711 CDL VA . 21.50 -15.81 12.01
H722 CDL VA . 23.71 -14.96 12.22
H721 CDL VA . 24.23 -16.43 12.42
H732 CDL VA . 24.11 -15.64 14.52
H731 CDL VA . 22.84 -16.53 14.40
H742 CDL VA . 21.85 -14.79 15.26
H741 CDL VA . 21.74 -14.37 13.75
H752 CDL VA . 22.57 -12.50 14.62
H751 CDL VA . 23.89 -13.19 14.16
H762 CDL VA . 24.31 -13.90 16.33
H761 CDL VA . 22.94 -13.37 16.81
H772 CDL VA . 24.03 -11.20 15.91
H771 CDL VA . 25.27 -11.95 16.48
H782 CDL VA . 24.71 -10.81 18.28
H781 CDL VA . 23.88 -12.11 18.55
H792 CDL VA . 22.80 -9.72 17.49
H791 CDL VA . 22.55 -10.25 18.94
H802 CDL VA . 21.34 -12.07 18.05
H801 CDL VA . 21.57 -11.51 16.61
H812 CDL VA . 19.44 -10.95 17.22
H811 CDL VA . 20.27 -9.62 17.14
H822 CDL VA . 20.32 -9.41 19.41
H821 CDL VA . 19.88 -10.89 19.63
H832 CDL VA . 17.72 -10.36 18.85
H831 CDL VA . 18.16 -8.88 18.60
H842 CDL VA . 18.07 -10.04 21.18
H841 CDL VA . 16.90 -9.17 20.60
H852 CDL VA . 19.47 -8.15 21.13
H851 CDL VA . 18.25 -7.92 22.07
H862 CDL VA . 17.20 -6.66 20.35
H861 CDL VA . 18.48 -6.85 19.46
H873 CDL VA . 18.52 -4.74 20.48
H872 CDL VA . 19.74 -5.60 21.01
H871 CDL VA . 18.44 -5.42 21.91
CHA HEM WA . -6.51 1.08 33.23
CHB HEM WA . -8.04 -1.62 29.51
CHC HEM WA . -6.46 1.80 26.48
CHD HEM WA . -4.14 3.96 30.14
C1A HEM WA . -7.11 0.09 32.50
C2A HEM WA . -7.88 -1.03 33.04
C3A HEM WA . -8.29 -1.77 32.01
C4A HEM WA . -7.81 -1.16 30.78
CMA HEM WA . -9.14 -3.06 32.12
CAA HEM WA . -8.15 -1.29 34.52
CBA HEM WA . -9.56 -0.82 34.85
CGA HEM WA . -9.97 -1.33 36.20
O1A HEM WA . -9.20 -2.13 36.81
O2A HEM WA . -11.07 -0.96 36.68
C1B HEM WA . -7.82 -0.90 28.36
C2B HEM WA . -8.31 -1.21 27.03
C3B HEM WA . -7.87 -0.26 26.19
C4B HEM WA . -7.09 0.68 26.97
CMB HEM WA . -9.19 -2.44 26.70
CAB HEM WA . -8.11 -0.11 24.67
CBB HEM WA . -8.97 -0.89 24.00
C1C HEM WA . -5.62 2.63 27.18
C2C HEM WA . -4.74 3.63 26.62
C3C HEM WA . -4.09 4.23 27.63
C4C HEM WA . -4.55 3.62 28.86
CMC HEM WA . -4.60 3.91 25.11
CAC HEM WA . -3.04 5.36 27.56
CBC HEM WA . -2.76 5.99 26.41
C1D HEM WA . -4.61 3.41 31.30
C2D HEM WA . -4.32 3.85 32.65
C3D HEM WA . -4.97 3.06 33.50
C4D HEM WA . -5.71 2.07 32.72
CMD HEM WA . -3.41 5.03 33.01
CAD HEM WA . -4.97 3.14 35.03
CBD HEM WA . -5.68 4.42 35.49
CGD HEM WA . -5.72 4.45 36.99
O1D HEM WA . -5.34 3.45 37.63
O2D HEM WA . -6.15 5.50 37.55
NA HEM WA . -7.10 -0.04 31.12
NB HEM WA . -7.07 0.26 28.28
NC HEM WA . -5.48 2.65 28.56
ND HEM WA . -5.46 2.32 31.39
FE HEM WA . -6.19 1.24 29.83
HHB HEM WA . -8.36 -2.49 29.41
HHC HEM WA . -6.61 2.02 25.59
HHD HEM WA . -3.47 4.61 30.21
HMA HEM WA . -9.70 -3.15 31.33
HMAA HEM WA . -9.70 -3.00 32.91
HMAB HEM WA . -8.55 -3.82 32.19
HAA HEM WA . -7.51 -0.83 35.07
HAAA HEM WA . -8.06 -2.24 34.71
HBA HEM WA . -10.18 -1.15 34.18
HBAA HEM WA . -9.61 0.14 34.83
HMB HEM WA . -8.98 -3.16 27.31
HMBA HEM WA . -9.02 -2.72 25.80
HMBB HEM WA . -10.13 -2.20 26.80
HAB HEM WA . -7.62 0.57 24.19
HBB HEM WA . -9.10 -0.75 23.05
HBBA HEM WA . -9.48 -1.57 24.47
HMC HEM WA . -4.77 3.10 24.61
HMCA HEM WA . -3.70 4.22 24.92
HMCB HEM WA . -5.24 4.59 24.85
HAC HEM WA . -2.58 5.63 28.37
HBC HEM WA . -2.10 6.70 26.40
HBCA HEM WA . -3.21 5.74 25.59
HMD HEM WA . -2.72 5.14 32.34
HMDA HEM WA . -2.99 4.87 33.88
HMDB HEM WA . -3.93 5.85 33.06
HAD HEM WA . -4.06 3.13 35.37
HADA HEM WA . -5.42 2.37 35.42
HBD HEM WA . -6.56 4.45 35.12
HBDA HEM WA . -5.20 5.19 35.15
HHA HEM WA . -6.66 1.08 34.16
CHA HEM XA . -17.56 -8.25 11.64
CHB HEM XA . -15.02 -5.38 14.61
CHC HEM XA . -14.01 -9.28 17.29
CHD HEM XA . -15.32 -12.07 13.57
C1A HEM XA . -17.10 -7.12 12.29
C2A HEM XA . -17.54 -5.76 12.08
C3A HEM XA . -16.83 -4.96 12.89
C4A HEM XA . -15.91 -5.80 13.65
CMA HEM XA . -16.97 -3.44 13.01
CAA HEM XA . -18.62 -5.27 11.09
CBA HEM XA . -19.94 -5.08 11.83
CGA HEM XA . -20.53 -6.44 12.17
O1A HEM XA . -21.25 -6.53 13.19
O2A HEM XA . -20.28 -7.41 11.41
C1B HEM XA . -14.52 -6.18 15.62
C2B HEM XA . -13.72 -5.76 16.76
C3B HEM XA . -13.44 -6.85 17.50
C4B HEM XA . -14.06 -7.99 16.85
CMB HEM XA . -13.28 -4.30 17.01
CAB HEM XA . -12.64 -6.97 18.81
CBB HEM XA . -12.26 -5.92 19.55
C1C HEM XA . -14.33 -10.39 16.54
C2C HEM XA . -14.32 -11.77 16.98
C3C HEM XA . -14.70 -12.53 15.96
C4C HEM XA . -14.93 -11.68 14.83
CMC HEM XA . -13.96 -12.21 18.42
CAC HEM XA . -14.84 -14.06 15.89
CBC HEM XA . -14.37 -14.87 16.84
C1D HEM XA . -16.05 -11.29 12.70
C2D HEM XA . -16.66 -11.71 11.45
C3D HEM XA . -17.27 -10.64 10.92
C4D HEM XA . -17.08 -9.52 11.82
CMD HEM XA . -16.59 -13.12 10.83
CAD HEM XA . -18.04 -10.60 9.59
CBD HEM XA . -19.45 -11.13 9.83
CGD HEM XA . -20.10 -11.45 8.52
O1D HEM XA . -19.38 -11.64 7.51
O2D HEM XA . -21.36 -11.52 8.48
NA HEM XA . -16.11 -7.11 13.25
NB HEM XA . -14.70 -7.54 15.71
NC HEM XA . -14.70 -10.37 15.22
ND HEM XA . -16.34 -9.96 12.89
FE HEM XA . -15.41 -8.75 14.23
HHB HEM XA . -14.71 -4.51 14.56
HHC HEM XA . -13.75 -9.43 18.17
HHD HEM XA . -15.09 -12.93 13.28
HMA HEM XA . -16.75 -3.16 13.91
HMAA HEM XA . -17.88 -3.19 12.79
HMAB HEM XA . -16.36 -3.01 12.38
HAA HEM XA . -18.72 -5.91 10.37
HAAA HEM XA . -18.35 -4.43 10.69
HBA HEM XA . -20.56 -4.59 11.28
HBAA HEM XA . -19.80 -4.58 12.65
HMB HEM XA . -13.18 -3.84 16.17
HMBA HEM XA . -12.44 -4.31 17.48
HMBB HEM XA . -13.95 -3.86 17.55
HAB HEM XA . -12.41 -7.86 19.12
HBB HEM XA . -11.75 -6.05 20.36
HBBA HEM XA . -12.48 -5.02 19.25
HMC HEM XA . -14.44 -13.03 18.64
HMCA HEM XA . -14.20 -11.51 19.05
HMCB HEM XA . -13.00 -12.38 18.48
HAC HEM XA . -15.29 -14.46 15.13
HBC HEM XA . -14.48 -15.83 16.76
HBCA HEM XA . -13.91 -14.49 17.61
HMD HEM XA . -17.39 -13.28 10.31
HMDA HEM XA . -16.53 -13.78 11.54
HMDB HEM XA . -15.81 -13.19 10.26
HAD HEM XA . -17.59 -11.15 8.92
HADA HEM XA . -18.08 -9.70 9.25
HBD HEM XA . -19.97 -10.48 10.31
HBDA HEM XA . -19.41 -11.93 10.38
HHA HEM XA . -18.27 -8.13 11.03
C1 CDL YA . -20.44 16.62 5.55
O1 CDL YA . -19.29 16.56 6.41
CA2 CDL YA . -20.00 16.61 4.12
OA2 CDL YA . -19.35 15.35 3.84
PA1 CDL YA . -19.87 14.43 2.64
OA3 CDL YA . -21.08 13.72 3.10
OA4 CDL YA . -19.93 15.25 1.40
OA5 CDL YA . -18.72 13.34 2.49
CA3 CDL YA . -17.82 13.10 3.59
CA4 CDL YA . -16.83 12.04 3.17
OA6 CDL YA . -16.27 12.44 1.88
CA5 CDL YA . -15.24 13.29 1.91
OA7 CDL YA . -15.36 14.47 2.15
C11 CDL YA . -13.94 12.60 1.63
C12 CDL YA . -12.77 13.23 2.37
C13 CDL YA . -12.97 13.30 3.87
C14 CDL YA . -11.90 14.11 4.60
C15 CDL YA . -10.50 13.55 4.45
C16 CDL YA . -9.68 14.16 3.32
C17 CDL YA . -9.49 15.66 3.42
C18 CDL YA . -8.96 16.13 4.76
C19 CDL YA . -7.65 15.48 5.17
C20 CDL YA . -6.57 15.55 4.11
C21 CDL YA . -5.19 15.13 4.59
C22 CDL YA . -5.11 13.70 5.11
C23 CDL YA . -5.37 13.54 6.61
C24 CDL YA . -4.14 13.73 7.48
C25 CDL YA . -3.50 15.11 7.40
C26 CDL YA . -2.41 15.36 8.42
C27 CDL YA . -1.79 16.73 8.27
CA6 CDL YA . -17.49 10.69 2.98
OA8 CDL YA . -17.35 9.95 4.20
CA7 CDL YA . -16.16 9.40 4.45
OA9 CDL YA . -15.56 8.71 3.67
C31 CDL YA . -15.67 9.78 5.81
C32 CDL YA . -14.18 9.49 6.03
C33 CDL YA . -13.86 8.01 6.01
C34 CDL YA . -12.48 7.66 6.56
C35 CDL YA . -12.21 8.13 7.99
C36 CDL YA . -13.15 7.54 9.03
C37 CDL YA . -13.31 8.41 10.28
C38 CDL YA . -14.11 9.69 10.05
C39 CDL YA . -13.27 10.96 10.04
C40 CDL YA . -12.78 11.39 11.42
C41 CDL YA . -13.86 12.05 12.28
C42 CDL YA . -13.43 12.30 13.72
C43 CDL YA . -12.20 13.17 13.86
C44 CDL YA . -11.74 13.34 15.30
C45 CDL YA . -10.49 14.19 15.45
C46 CDL YA . -9.94 14.25 16.85
C47 CDL YA . -10.92 14.75 17.87
CB2 CDL YA . -21.26 17.84 5.92
OB2 CDL YA . -21.45 18.63 4.73
PB2 CDL YA . -22.26 20.01 4.81
OB3 CDL YA . -23.30 19.84 5.85
OB4 CDL YA . -22.67 20.41 3.45
OB5 CDL YA . -21.19 21.05 5.39
CB3 CDL YA . -19.95 21.26 4.69
CB4 CDL YA . -18.84 20.59 5.45
OB6 CDL YA . -18.56 21.38 6.64
CB5 CDL YA . -19.20 21.05 7.78
OB7 CDL YA . -20.29 20.54 7.81
C51 CDL YA . -18.38 21.38 8.99
C52 CDL YA . -19.18 21.33 10.28
C53 CDL YA . -18.36 21.75 11.49
C54 CDL YA . -19.20 22.05 12.73
C55 CDL YA . -19.78 20.81 13.40
C56 CDL YA . -18.80 20.02 14.24
C57 CDL YA . -18.12 20.83 15.34
C58 CDL YA . -17.50 19.99 16.44
C59 CDL YA . -18.41 19.74 17.62
C60 CDL YA . -17.72 19.14 18.84
C61 CDL YA . -17.13 20.15 19.83
C62 CDL YA . -15.98 20.99 19.28
C63 CDL YA . -16.42 22.28 18.61
C64 CDL YA . -15.39 22.88 17.66
C65 CDL YA . -14.22 23.53 18.36
C66 CDL YA . -13.30 24.28 17.40
C67 CDL YA . -12.65 23.39 16.37
CB6 CDL YA . -17.57 20.51 4.64
OB8 CDL YA . -16.54 19.93 5.47
CB7 CDL YA . -15.89 18.86 5.01
OB9 CDL YA . -15.75 18.63 3.84
C71 CDL YA . -15.36 18.02 6.12
C72 CDL YA . -13.96 18.41 6.57
C73 CDL YA . -12.89 18.11 5.53
C74 CDL YA . -11.64 18.96 5.68
C75 CDL YA . -10.85 18.72 6.95
C76 CDL YA . -10.01 19.90 7.37
C77 CDL YA . -9.16 19.65 8.60
C78 CDL YA . -8.64 20.93 9.25
C79 CDL YA . -7.72 20.71 10.44
C80 CDL YA . -7.37 21.97 11.19
C81 CDL YA . -6.23 21.82 12.18
C82 CDL YA . -6.02 23.06 13.05
C83 CDL YA . -4.72 23.03 13.85
C84 CDL YA . -3.48 23.31 13.01
C85 CDL YA . -2.18 23.29 13.80
C86 CDL YA . -2.08 24.35 14.90
C87 CDL YA . -0.75 24.34 15.60
H1 CDL YA . -21.01 15.84 5.68
H1O1 CDL YA . -18.68 16.15 6.01
HA22 CDL YA . -19.39 17.35 3.94
HA21 CDL YA . -20.76 16.72 3.53
HA32 CDL YA . -18.31 12.81 4.36
HA31 CDL YA . -17.35 13.91 3.82
HA4 CDL YA . -16.16 11.95 3.86
H112 CDL YA . -13.77 12.61 0.68
H111 CDL YA . -14.02 11.67 1.90
H122 CDL YA . -12.63 14.13 2.02
H121 CDL YA . -11.97 12.72 2.18
H132 CDL YA . -12.98 12.40 4.23
H131 CDL YA . -13.84 13.69 4.06
H142 CDL YA . -12.13 14.13 5.54
H141 CDL YA . -11.92 15.01 4.27
H152 CDL YA . -10.56 12.59 4.30
H151 CDL YA . -10.02 13.68 5.28
H162 CDL YA . -10.12 13.96 2.48
H161 CDL YA . -8.82 13.74 3.29
H172 CDL YA . -10.34 16.10 3.26
H171 CDL YA . -8.89 15.95 2.72
H182 CDL YA . -9.63 15.95 5.45
H181 CDL YA . -8.84 17.10 4.73
H192 CDL YA . -7.82 14.55 5.39
H191 CDL YA . -7.32 15.91 5.98
H202 CDL YA . -6.52 16.45 3.77
H201 CDL YA . -6.82 14.97 3.36
H212 CDL YA . -4.92 15.74 5.29
H211 CDL YA . -4.56 15.22 3.86
H222 CDL YA . -4.23 13.34 4.91
H221 CDL YA . -5.75 13.16 4.63
H232 CDL YA . -5.75 12.66 6.77
H231 CDL YA . -6.05 14.19 6.88
H242 CDL YA . -3.48 13.06 7.25
H241 CDL YA . -4.38 13.56 8.41
H252 CDL YA . -4.19 15.78 7.52
H251 CDL YA . -3.14 15.22 6.51
H262 CDL YA . -1.71 14.68 8.31
H261 CDL YA . -2.77 15.26 9.31
H273 CDL YA . -1.09 16.85 8.95
H272 CDL YA . -2.48 17.41 8.40
H271 CDL YA . -1.40 16.83 7.39
HA62 CDL YA . -17.08 10.22 2.24
HA61 CDL YA . -18.43 10.81 2.76
H312 CDL YA . -16.18 9.29 6.48
H311 CDL YA . -15.83 10.72 5.96
H322 CDL YA . -13.91 9.87 6.88
H321 CDL YA . -13.67 9.94 5.33
H332 CDL YA . -13.92 7.68 5.10
H331 CDL YA . -14.52 7.53 6.53
H342 CDL YA . -11.80 8.04 5.98
H341 CDL YA . -12.37 6.70 6.53
H352 CDL YA . -12.29 9.10 8.01
H351 CDL YA . -11.31 7.91 8.23
H362 CDL YA . -12.83 6.67 9.30
H361 CDL YA . -14.03 7.41 8.63
H372 CDL YA . -12.44 8.65 10.61
H371 CDL YA . -13.75 7.88 10.97
H382 CDL YA . -14.79 9.77 10.74
H381 CDL YA . -14.58 9.62 9.21
H392 CDL YA . -13.79 11.68 9.66
H391 CDL YA . -12.51 10.82 9.47
H402 CDL YA . -12.05 12.01 11.31
H401 CDL YA . -12.44 10.61 11.89
H412 CDL YA . -14.65 11.47 12.28
H411 CDL YA . -14.11 12.89 11.87
H422 CDL YA . -13.28 11.44 14.14
H421 CDL YA . -14.17 12.71 14.19
H432 CDL YA . -12.37 14.03 13.48
H431 CDL YA . -11.47 12.76 13.35
H442 CDL YA . -11.57 12.46 15.68
H441 CDL YA . -12.46 13.74 15.81
H452 CDL YA . -10.70 15.10 15.16
H451 CDL YA . -9.81 13.85 14.85
H462 CDL YA . -9.15 14.83 16.86
H461 CDL YA . -9.63 13.37 17.12
H473 CDL YA . -10.51 14.77 18.75
H472 CDL YA . -11.70 14.16 17.89
H471 CDL YA . -11.21 15.65 17.63
HB22 CDL YA . -20.80 18.36 6.60
HB21 CDL YA . -22.12 17.57 6.29
HB32 CDL YA . -19.77 22.22 4.61
HB31 CDL YA . -19.99 20.92 3.79
HB4 CDL YA . -19.12 19.69 5.67
H512 CDL YA . -18.00 22.27 8.88
H511 CDL YA . -17.63 20.76 9.05
H522 CDL YA . -19.52 20.43 10.42
H521 CDL YA . -19.95 21.92 10.20
H532 CDL YA . -17.84 22.54 11.27
H531 CDL YA . -17.73 21.04 11.70
H542 CDL YA . -19.91 22.64 12.49
H541 CDL YA . -18.64 22.52 13.37
H552 CDL YA . -20.15 20.24 12.72
H551 CDL YA . -20.52 21.09 13.96
H562 CDL YA . -18.11 19.65 13.66
H561 CDL YA . -19.26 19.27 14.64
H572 CDL YA . -18.77 21.42 15.73
H571 CDL YA . -17.43 21.38 14.94
H582 CDL YA . -16.69 20.43 16.75
H581 CDL YA . -17.22 19.13 16.06
H592 CDL YA . -19.13 19.14 17.35
H591 CDL YA . -18.83 20.58 17.88
H602 CDL YA . -17.01 18.56 18.54
H601 CDL YA . -18.35 18.58 19.32
H612 CDL YA . -16.83 19.68 20.61
H611 CDL YA . -17.84 20.75 20.11
H622 CDL YA . -15.48 20.46 18.64
H621 CDL YA . -15.38 21.20 20.01
H632 CDL YA . -16.63 22.93 19.29
H631 CDL YA . -17.23 22.11 18.11
H642 CDL YA . -15.83 23.54 17.09
H641 CDL YA . -15.06 22.17 17.08
H652 CDL YA . -13.70 22.85 18.82
H651 CDL YA . -14.54 24.15 19.03
H662 CDL YA . -12.61 24.73 17.92
H661 CDL YA . -13.81 24.97 16.95
H673 CDL YA . -12.08 23.91 15.80
H672 CDL YA . -13.33 22.95 15.85
H671 CDL YA . -12.12 22.71 16.82
HB62 CDL YA . -17.31 21.40 4.34
HB61 CDL YA . -17.71 19.97 3.85
H712 CDL YA . -15.36 17.09 5.85
H711 CDL YA . -15.96 18.08 6.88
H722 CDL YA . -13.75 17.96 7.39
H721 CDL YA . -13.95 19.37 6.76
H732 CDL YA . -13.27 18.25 4.64
H731 CDL YA . -12.66 17.17 5.59
H742 CDL YA . -11.89 19.89 5.63
H741 CDL YA . -11.06 18.79 4.91
H752 CDL YA . -10.27 17.95 6.82
H751 CDL YA . -11.47 18.49 7.65
H762 CDL YA . -10.61 20.65 7.56
H761 CDL YA . -9.44 20.17 6.64
H772 CDL YA . -8.40 19.10 8.35
H771 CDL YA . -9.67 19.15 9.25
H782 CDL YA . -9.40 21.46 9.54
H781 CDL YA . -8.16 21.45 8.58
H792 CDL YA . -6.90 20.28 10.13
H791 CDL YA . -8.14 20.08 11.05
H802 CDL YA . -8.16 22.28 11.66
H801 CDL YA . -7.13 22.66 10.54
H812 CDL YA . -5.41 21.64 11.69
H811 CDL YA . -6.40 21.06 12.75
H822 CDL YA . -6.76 23.13 13.67
H821 CDL YA . -6.03 23.84 12.49
H832 CDL YA . -4.62 22.17 14.28
H831 CDL YA . -4.78 23.69 14.55
H842 CDL YA . -3.57 24.17 12.59
H841 CDL YA . -3.42 22.65 12.31
H852 CDL YA . -1.45 23.41 13.19
H851 CDL YA . -2.07 22.42 14.20
H862 CDL YA . -2.79 24.20 15.54
H861 CDL YA . -2.24 25.22 14.51
H873 CDL YA . -0.73 25.03 16.29
H872 CDL YA . -0.05 24.51 14.96
H871 CDL YA . -0.60 23.47 16.01
O12 PC1 ZA . -27.84 16.05 6.23
P PC1 ZA . -27.08 16.95 5.34
O14 PC1 ZA . -27.01 16.63 3.90
O13 PC1 ZA . -27.66 18.42 5.47
C11 PC1 ZA . -26.87 19.57 5.10
C12 PC1 ZA . -27.14 19.74 3.62
N PC1 ZA . -27.74 21.06 3.19
C13 PC1 ZA . -27.91 21.08 1.71
C14 PC1 ZA . -29.08 21.25 3.83
C15 PC1 ZA . -26.86 22.20 3.60
O11 PC1 ZA . -25.57 17.03 5.87
C1 PC1 ZA . -25.29 17.50 7.21
C2 PC1 ZA . -24.49 16.45 7.93
O21 PC1 ZA . -23.35 17.12 8.59
C21 PC1 ZA . -23.61 17.77 9.73
O22 PC1 ZA . -24.66 18.29 10.00
C22 PC1 ZA . -22.41 17.78 10.64
C23 PC1 ZA . -21.19 17.09 10.03
C24 PC1 ZA . -19.97 17.15 10.92
C25 PC1 ZA . -18.76 16.43 10.36
C26 PC1 ZA . -18.87 14.91 10.42
C27 PC1 ZA . -17.94 14.26 11.42
C28 PC1 ZA . -18.09 14.76 12.84
C29 PC1 ZA . -17.27 13.99 13.86
C2A PC1 ZA . -17.33 14.54 15.27
C2B PC1 ZA . -16.17 15.44 15.64
C2C PC1 ZA . -16.03 16.68 14.77
C2D PC1 ZA . -14.95 17.64 15.23
C2E PC1 ZA . -14.87 18.91 14.41
C2F PC1 ZA . -13.91 19.95 14.95
C2G PC1 ZA . -12.46 19.54 14.94
C2H PC1 ZA . -11.94 18.92 16.23
C2I PC1 ZA . -10.51 18.45 16.11
C3 PC1 ZA . -23.94 15.40 7.01
O31 PC1 ZA . -22.87 14.71 7.69
C31 PC1 ZA . -23.13 13.48 8.12
O32 PC1 ZA . -23.14 12.51 7.42
C32 PC1 ZA . -23.41 13.48 9.60
C33 PC1 ZA . -23.14 12.13 10.25
C34 PC1 ZA . -23.39 12.14 11.75
C35 PC1 ZA . -22.34 12.88 12.55
C36 PC1 ZA . -22.85 13.42 13.87
C37 PC1 ZA . -21.78 14.12 14.70
C38 PC1 ZA . -20.82 13.17 15.39
C39 PC1 ZA . -21.42 12.46 16.59
C3A PC1 ZA . -20.48 11.51 17.30
C3B PC1 ZA . -21.00 11.04 18.64
C3C PC1 ZA . -22.46 10.61 18.62
C3D PC1 ZA . -22.96 10.06 19.95
C3E PC1 ZA . -22.46 8.66 20.25
C3F PC1 ZA . -23.56 7.71 20.70
C3G PC1 ZA . -23.06 6.32 21.08
C3H PC1 ZA . -21.87 6.30 22.02
C3I PC1 ZA . -22.08 7.13 23.28
H111 PC1 ZA . -25.92 19.42 5.27
H112 PC1 ZA . -27.12 20.36 5.59
H121 PC1 ZA . -27.73 19.03 3.33
H122 PC1 ZA . -26.30 19.62 3.14
H131 PC1 ZA . -28.29 21.92 1.44
H132 PC1 ZA . -28.49 20.35 1.44
H133 PC1 ZA . -27.03 20.97 1.29
H141 PC1 ZA . -29.47 22.09 3.55
H142 PC1 ZA . -28.99 21.23 4.79
H143 PC1 ZA . -29.68 20.53 3.56
H151 PC1 ZA . -27.26 23.03 3.32
H152 PC1 ZA . -25.99 22.09 3.17
H153 PC1 ZA . -26.75 22.19 4.56
H11 PC1 ZA . -26.12 17.67 7.69
H12 PC1 ZA . -24.80 18.33 7.17
H2 PC1 ZA . -25.08 16.02 8.58
H221 PC1 ZA . -22.63 17.35 11.47
H222 PC1 ZA . -22.17 18.70 10.84
H231 PC1 ZA . -20.99 17.50 9.17
H232 PC1 ZA . -21.41 16.16 9.86
H241 PC1 ZA . -20.19 16.78 11.79
H242 PC1 ZA . -19.74 18.08 11.07
H251 PC1 ZA . -17.98 16.70 10.86
H252 PC1 ZA . -18.63 16.71 9.44
H261 PC1 ZA . -18.69 14.56 9.53
H262 PC1 ZA . -19.79 14.68 10.64
H271 PC1 ZA . -17.02 14.40 11.13
H272 PC1 ZA . -18.09 13.30 11.41
H281 PC1 ZA . -19.03 14.71 13.10
H282 PC1 ZA . -17.84 15.69 12.88
H291 PC1 ZA . -16.34 13.98 13.56
H292 PC1 ZA . -17.55 13.06 13.87
H2A1 PC1 ZA . -17.36 13.81 15.90
H2A2 PC1 ZA . -18.15 15.04 15.37
H2B1 PC1 ZA . -15.34 14.94 15.58
H2B2 PC1 ZA . -16.26 15.71 16.56
H2C1 PC1 ZA . -16.88 17.15 14.76
H2C2 PC1 ZA . -15.84 16.41 13.86
H2D1 PC1 ZA . -14.09 17.19 15.20
H2D2 PC1 ZA . -15.12 17.88 16.16
H2E1 PC1 ZA . -15.75 19.30 14.34
H2E2 PC1 ZA . -14.60 18.68 13.50
H2F1 PC1 ZA . -14.16 20.17 15.86
H2F2 PC1 ZA . -14.01 20.77 14.43
H2G1 PC1 ZA . -11.90 20.31 14.73
H2G2 PC1 ZA . -12.32 18.90 14.22
H2H1 PC1 ZA . -12.51 18.17 16.46
H2H2 PC1 ZA . -12.01 19.57 16.94
H2I1 PC1 ZA . -10.23 18.06 16.96
H2I2 PC1 ZA . -9.94 19.20 15.90
H2I3 PC1 ZA . -10.45 17.78 15.41
H31 PC1 ZA . -23.62 15.81 6.19
H32 PC1 ZA . -24.63 14.78 6.75
H321 PC1 ZA . -24.34 13.73 9.74
H322 PC1 ZA . -22.86 14.15 10.03
H331 PC1 ZA . -22.22 11.87 10.08
H332 PC1 ZA . -23.71 11.46 9.83
H341 PC1 ZA . -23.44 11.22 12.06
H342 PC1 ZA . -24.25 12.54 11.92
H351 PC1 ZA . -21.99 13.61 12.02
H352 PC1 ZA . -21.59 12.28 12.72
H361 PC1 ZA . -23.22 12.69 14.38
H362 PC1 ZA . -23.57 14.05 13.69
H371 PC1 ZA . -22.22 14.67 15.37
H372 PC1 ZA . -21.27 14.71 14.12
H381 PC1 ZA . -20.04 13.67 15.68
H382 PC1 ZA . -20.51 12.51 14.76
H391 PC1 ZA . -22.20 11.96 16.29
H392 PC1 ZA . -21.74 13.12 17.22
H3A1 PC1 ZA . -19.64 11.95 17.43
H3A2 PC1 ZA . -20.33 10.74 16.74
H3B1 PC1 ZA . -20.90 11.74 19.30
H3B2 PC1 ZA . -20.46 10.29 18.94
H3C1 PC1 ZA . -22.58 9.93 17.94
H3C2 PC1 ZA . -23.01 11.37 18.37
H3D1 PC1 ZA . -23.94 10.05 19.94
H3D2 PC1 ZA . -22.69 10.65 20.66
H3E1 PC1 ZA . -21.79 8.71 20.94
H3E2 PC1 ZA . -22.03 8.30 19.46
H3F1 PC1 ZA . -24.22 7.63 19.99
H3F2 PC1 ZA . -24.01 8.10 21.46
H3G1 PC1 ZA . -22.81 5.85 20.26
H3G2 PC1 ZA . -23.79 5.83 21.48
H3H1 PC1 ZA . -21.09 6.63 21.56
H3H2 PC1 ZA . -21.69 5.39 22.28
H3I1 PC1 ZA . -21.29 7.08 23.84
H3I2 PC1 ZA . -22.85 6.80 23.77
H3I3 PC1 ZA . -22.24 8.06 23.03
O12 PC1 AB . -22.92 2.77 38.97
P PC1 AB . -21.98 2.42 37.87
O14 PC1 AB . -20.62 2.98 37.88
O13 PC1 AB . -21.86 0.83 37.79
C11 PC1 AB . -21.84 0.06 39.01
C12 PC1 AB . -20.55 -0.72 38.95
N PC1 AB . -20.62 -2.09 38.30
C13 PC1 AB . -19.24 -2.57 38.02
C14 PC1 AB . -21.31 -3.04 39.22
C15 PC1 AB . -21.39 -2.00 37.02
O11 PC1 AB . -22.65 2.83 36.48
C1 PC1 AB . -24.06 2.67 36.27
C2 PC1 AB . -24.58 3.85 35.51
O21 PC1 AB . -26.02 3.67 35.30
C21 PC1 AB . -26.84 4.62 35.78
O22 PC1 AB . -27.07 4.78 36.94
C22 PC1 AB . -27.42 5.43 34.66
C23 PC1 AB . -28.95 5.52 34.70
C24 PC1 AB . -29.47 6.42 35.81
C25 PC1 AB . -30.98 6.42 35.95
C26 PC1 AB . -31.73 6.84 34.71
C27 PC1 AB . -32.55 5.73 34.08
C28 PC1 AB . -33.81 5.36 34.83
C29 PC1 AB . -34.62 4.27 34.15
C2A PC1 AB . -35.94 3.96 34.82
C2B PC1 AB . -36.96 5.09 34.77
C2C PC1 AB . -38.38 4.62 35.00
C2D PC1 AB . -39.37 5.74 35.25
C2E PC1 AB . -40.82 5.28 35.30
C2F PC1 AB . -41.76 6.20 36.08
C2G PC1 AB . -41.80 7.62 35.55
C2H PC1 AB . -42.76 8.52 36.32
C2I PC1 AB . -42.75 9.95 35.84
C3 PC1 AB . -23.93 3.98 34.16
O31 PC1 AB . -23.93 2.68 33.52
C31 PC1 AB . -23.13 2.52 32.46
O32 PC1 AB . -22.07 1.96 32.50
C32 PC1 AB . -23.73 3.16 31.24
C33 PC1 AB . -22.95 2.87 29.96
C34 PC1 AB . -21.54 3.43 29.94
C35 PC1 AB . -20.87 3.35 28.58
C36 PC1 AB . -19.38 3.65 28.60
C37 PC1 AB . -18.70 3.37 27.26
C38 PC1 AB . -19.05 4.34 26.16
C39 PC1 AB . -18.86 3.80 24.76
C3A PC1 AB . -19.19 4.80 23.66
C3B PC1 AB . -18.07 5.78 23.37
C3C PC1 AB . -18.44 6.88 22.39
C3D PC1 AB . -17.32 7.87 22.11
C3E PC1 AB . -17.80 9.19 21.54
C3F PC1 AB . -16.68 10.15 21.17
C3G PC1 AB . -17.15 11.53 20.77
C3H PC1 AB . -16.10 12.39 20.08
C3I PC1 AB . -15.04 12.90 21.02
H111 PC1 AB . -22.61 -0.54 39.06
H112 PC1 AB . -21.87 0.62 39.80
H121 PC1 AB . -20.22 -0.83 39.85
H122 PC1 AB . -19.90 -0.18 38.48
H131 PC1 AB . -19.29 -3.45 37.60
H132 PC1 AB . -18.74 -2.65 38.85
H133 PC1 AB . -18.79 -1.96 37.42
H141 PC1 AB . -21.35 -3.91 38.79
H142 PC1 AB . -22.21 -2.73 39.40
H143 PC1 AB . -20.82 -3.11 40.05
H151 PC1 AB . -21.43 -2.88 36.60
H152 PC1 AB . -20.94 -1.38 36.40
H153 PC1 AB . -22.29 -1.69 37.19
H11 PC1 AB . -24.52 2.58 37.11
H12 PC1 AB . -24.24 1.85 35.77
H2 PC1 AB . -24.39 4.65 36.02
H221 PC1 AB . -27.15 5.05 33.81
H222 PC1 AB . -27.05 6.33 34.71
H231 PC1 AB . -29.31 4.64 34.81
H232 PC1 AB . -29.26 5.85 33.84
H241 PC1 AB . -29.17 7.34 35.64
H242 PC1 AB . -29.08 6.16 36.65
H251 PC1 AB . -31.23 7.00 36.68
H252 PC1 AB . -31.26 5.53 36.20
H261 PC1 AB . -31.10 7.18 34.05
H262 PC1 AB . -32.33 7.58 34.93
H271 PC1 AB . -31.98 4.94 34.00
H272 PC1 AB . -32.77 5.99 33.17
H281 PC1 AB . -34.36 6.16 34.91
H282 PC1 AB . -33.57 5.08 35.72
H291 PC1 AB . -34.08 3.46 34.13
H292 PC1 AB . -34.78 4.53 33.23
H2A1 PC1 AB . -35.78 3.72 35.75
H2A2 PC1 AB . -36.33 3.18 34.40
H2B1 PC1 AB . -36.91 5.52 33.90
H2B2 PC1 AB . -36.73 5.75 35.43
H2C1 PC1 AB . -38.40 4.02 35.77
H2C2 PC1 AB . -38.69 4.11 34.23
H2D1 PC1 AB . -39.28 6.42 34.57
H2D2 PC1 AB . -39.16 6.17 36.10
H2E1 PC1 AB . -40.86 4.39 35.70
H2E2 PC1 AB . -41.15 5.19 34.39
H2F1 PC1 AB . -41.48 6.21 37.00
H2F2 PC1 AB . -42.65 5.83 36.05
H2G1 PC1 AB . -42.06 7.61 34.61
H2G2 PC1 AB . -40.90 8.01 35.60
H2H1 PC1 AB . -42.52 8.49 37.27
H2H2 PC1 AB . -43.66 8.16 36.25
H2I1 PC1 AB . -43.38 10.47 36.37
H2I2 PC1 AB . -43.01 9.98 34.92
H2I3 PC1 AB . -41.86 10.32 35.95
H31 PC1 AB . -23.01 4.31 34.26
H32 PC1 AB . -24.40 4.62 33.61
H321 PC1 AB . -23.77 4.12 31.37
H322 PC1 AB . -24.63 2.84 31.13
H331 PC1 AB . -23.44 3.24 29.20
H332 PC1 AB . -22.91 1.91 29.83
H341 PC1 AB . -21.00 2.96 30.60
H342 PC1 AB . -21.56 4.36 30.23
H351 PC1 AB . -21.31 3.97 27.98
H352 PC1 AB . -21.02 2.46 28.22
H361 PC1 AB . -18.96 3.12 29.28
H362 PC1 AB . -19.25 4.58 28.83
H371 PC1 AB . -18.92 2.47 26.98
H372 PC1 AB . -17.73 3.38 27.40
H381 PC1 AB . -18.50 5.15 26.26
H382 PC1 AB . -19.97 4.62 26.27
H391 PC1 AB . -19.42 3.02 24.65
H392 PC1 AB . -17.94 3.51 24.66
H3A1 PC1 AB . -19.98 5.29 23.91
H3A2 PC1 AB . -19.40 4.31 22.84
H3B1 PC1 AB . -17.31 5.29 23.02
H3B2 PC1 AB . -17.78 6.18 24.20
H3C1 PC1 AB . -19.21 7.37 22.75
H3C2 PC1 AB . -18.72 6.48 21.56
H3D1 PC1 AB . -16.68 7.47 21.51
H3D2 PC1 AB . -16.84 8.05 22.95
H3E1 PC1 AB . -18.38 9.62 22.18
H3E2 PC1 AB . -18.33 9.01 20.74
H3F1 PC1 AB . -16.17 9.77 20.43
H3F2 PC1 AB . -16.07 10.23 21.92
H3G1 PC1 AB . -17.46 12.00 21.56
H3G2 PC1 AB . -17.92 11.44 20.18
H3H1 PC1 AB . -16.53 13.13 19.64
H3H2 PC1 AB . -15.67 11.85 19.39
H3I1 PC1 AB . -14.41 13.44 20.53
H3I2 PC1 AB . -14.59 12.16 21.45
H3I3 PC1 AB . -15.46 13.46 21.70
O12 PC1 BB . 20.19 -12.88 35.65
P PC1 BB . 19.00 -13.56 36.20
O14 PC1 BB . 19.16 -14.49 37.32
O13 PC1 BB . 17.92 -12.46 36.63
C11 PC1 BB . 18.33 -11.30 37.40
C12 PC1 BB . 17.92 -11.65 38.80
N PC1 BB . 18.49 -10.79 39.91
C13 PC1 BB . 18.08 -9.36 39.71
C14 PC1 BB . 18.00 -11.27 41.23
C15 PC1 BB . 19.99 -10.87 39.89
O11 PC1 BB . 18.26 -14.33 35.01
C1 PC1 BB . 18.17 -13.72 33.72
C2 PC1 BB . 17.14 -14.44 32.89
O21 PC1 BB . 17.81 -15.56 32.23
C21 PC1 BB . 17.90 -16.71 32.91
O22 PC1 BB . 17.94 -16.79 34.10
C22 PC1 BB . 17.94 -17.88 31.97
C23 PC1 BB . 19.26 -18.02 31.25
C24 PC1 BB . 19.16 -18.78 29.94
C25 PC1 BB . 20.50 -19.01 29.26
C26 PC1 BB . 20.40 -19.71 27.91
C27 PC1 BB . 19.73 -18.87 26.83
C28 PC1 BB . 18.27 -19.21 26.58
C29 PC1 BB . 17.66 -18.45 25.42
C2A PC1 BB . 17.64 -16.94 25.60
C2B PC1 BB . 17.00 -16.19 24.44
C2C PC1 BB . 17.00 -14.68 24.61
C2D PC1 BB . 16.40 -13.94 23.43
C2E PC1 BB . 16.40 -12.43 23.60
C2F PC1 BB . 15.91 -11.67 22.37
C2G PC1 BB . 14.49 -11.98 21.96
C2H PC1 BB . 14.00 -11.16 20.78
C2I PC1 BB . 12.57 -11.49 20.40
C3 PC1 BB . 16.59 -13.54 31.82
O31 PC1 BB . 16.20 -14.35 30.68
C31 PC1 BB . 16.14 -13.75 29.49
O32 PC1 BB . 16.60 -14.20 28.48
C32 PC1 BB . 15.42 -12.43 29.58
C33 PC1 BB . 15.02 -11.85 28.23
C34 PC1 BB . 13.93 -12.62 27.52
C35 PC1 BB . 13.25 -11.83 26.41
C36 PC1 BB . 12.16 -12.60 25.70
C37 PC1 BB . 11.32 -11.73 24.78
C38 PC1 BB . 10.19 -12.47 24.08
C39 PC1 BB . 9.19 -11.55 23.39
C3A PC1 BB . 8.07 -12.28 22.66
C3B PC1 BB . 6.95 -11.38 22.18
C3C PC1 BB . 6.14 -10.74 23.30
C3D PC1 BB . 4.95 -9.93 22.82
C3E PC1 BB . 4.11 -9.35 23.93
C3F PC1 BB . 2.63 -9.22 23.61
C3G PC1 BB . 1.88 -10.55 23.52
C3H PC1 BB . 1.84 -11.33 24.82
C3I PC1 BB . 0.94 -12.55 24.75
H111 PC1 BB . 17.90 -10.49 37.08
H112 PC1 BB . 19.29 -11.15 37.34
H121 PC1 BB . 18.16 -12.57 38.98
H122 PC1 BB . 16.94 -11.59 38.86
H131 PC1 BB . 18.46 -8.82 40.42
H132 PC1 BB . 17.11 -9.30 39.74
H133 PC1 BB . 18.40 -9.04 38.85
H141 PC1 BB . 18.37 -10.72 41.93
H142 PC1 BB . 18.27 -12.19 41.37
H143 PC1 BB . 17.03 -11.21 41.25
H151 PC1 BB . 20.35 -10.32 40.60
H152 PC1 BB . 20.33 -10.56 39.03
H153 PC1 BB . 20.26 -11.79 40.02
H11 PC1 BB . 19.03 -13.74 33.27
H12 PC1 BB . 17.93 -12.79 33.81
H2 PC1 BB . 16.42 -14.73 33.47
H221 PC1 BB . 17.23 -17.78 31.30
H222 PC1 BB . 17.75 -18.70 32.46
H231 PC1 BB . 19.90 -18.47 31.84
H232 PC1 BB . 19.63 -17.14 31.07
H241 PC1 BB . 18.58 -18.29 29.34
H242 PC1 BB . 18.74 -19.64 30.13
H251 PC1 BB . 21.06 -19.55 29.84
H252 PC1 BB . 20.94 -18.16 29.14
H261 PC1 BB . 19.90 -20.53 28.02
H262 PC1 BB . 21.29 -19.95 27.62
H271 PC1 BB . 20.23 -18.99 26.00
H272 PC1 BB . 19.81 -17.93 27.08
H281 PC1 BB . 17.77 -19.02 27.39
H282 PC1 BB . 18.19 -20.16 26.42
H291 PC1 BB . 16.75 -18.76 25.29
H292 PC1 BB . 18.14 -18.66 24.61
H2A1 PC1 BB . 18.55 -16.63 25.71
H2A2 PC1 BB . 17.16 -16.73 26.42
H2B1 PC1 BB . 16.08 -16.49 24.35
H2B2 PC1 BB . 17.46 -16.42 23.62
H2C1 PC1 BB . 17.92 -14.39 24.74
H2C2 PC1 BB . 16.51 -14.44 25.42
H2D1 PC1 BB . 15.50 -14.24 23.30
H2D2 PC1 BB . 16.90 -14.16 22.63
H2E1 PC1 BB . 17.30 -12.13 23.82
H2E2 PC1 BB . 15.83 -12.20 24.35
H2F1 PC1 BB . 16.50 -11.87 21.63
H2F2 PC1 BB . 16.00 -10.71 22.54
H2G1 PC1 BB . 13.90 -11.81 22.73
H2G2 PC1 BB . 14.42 -12.92 21.75
H2H1 PC1 BB . 14.58 -11.33 20.02
H2H2 PC1 BB . 14.07 -10.22 20.99
H2I1 PC1 BB . 12.31 -10.95 19.64
H2I2 PC1 BB . 11.98 -11.30 21.15
H2I3 PC1 BB . 12.50 -12.43 20.16
H31 PC1 BB . 17.25 -12.89 31.55
H32 PC1 BB . 15.82 -13.06 32.15
H321 PC1 BB . 15.98 -11.79 30.05
H322 PC1 BB . 14.62 -12.55 30.12
H331 PC1 BB . 15.81 -11.80 27.67
H332 PC1 BB . 14.72 -10.93 28.36
H341 PC1 BB . 13.27 -12.90 28.17
H342 PC1 BB . 14.32 -13.43 27.15
H351 PC1 BB . 13.93 -11.57 25.76
H352 PC1 BB . 12.88 -11.03 26.79
H361 PC1 BB . 11.58 -13.02 26.35
H362 PC1 BB . 12.56 -13.31 25.18
H371 PC1 BB . 11.89 -11.32 24.11
H372 PC1 BB . 10.93 -11.00 25.30
H381 PC1 BB . 9.72 -13.02 24.72
H382 PC1 BB . 10.57 -13.07 23.42
H391 PC1 BB . 9.67 -11.00 22.75
H392 PC1 BB . 8.81 -10.95 24.04
H3A1 PC1 BB . 7.69 -12.95 23.28
H3A2 PC1 BB . 8.45 -12.76 21.92
H3B1 PC1 BB . 6.36 -11.89 21.61
H3B2 PC1 BB . 7.33 -10.67 21.64
H3C1 PC1 BB . 6.72 -10.17 23.82
H3C2 PC1 BB . 5.82 -11.44 23.89
H3D1 PC1 BB . 4.39 -10.49 22.25
H3D2 PC1 BB . 5.27 -9.21 22.25
H3E1 PC1 BB . 4.45 -8.47 24.17
H3E2 PC1 BB . 4.20 -9.91 24.72
H3F1 PC1 BB . 2.53 -8.76 22.76
H3F2 PC1 BB . 2.20 -8.67 24.28
H3G1 PC1 BB . 2.31 -11.10 22.84
H3G2 PC1 BB . 0.98 -10.38 23.23
H3H1 PC1 BB . 1.53 -10.75 25.54
H3H2 PC1 BB . 2.73 -11.62 25.06
H3I1 PC1 BB . 0.94 -13.01 25.60
H3I2 PC1 BB . 1.26 -13.14 24.06
H3I3 PC1 BB . 0.03 -12.27 24.53
C1 CDL CB . 2.42 9.55 3.35
O1 CDL CB . 2.92 9.27 4.66
CA2 CDL CB . 1.33 8.55 3.02
OA2 CDL CB . 1.14 7.66 4.13
PA1 CDL CB . 0.35 6.29 3.92
OA3 CDL CB . -0.87 6.57 3.14
OA4 CDL CB . 1.30 5.26 3.43
OA5 CDL CB . -0.11 5.90 5.40
CA3 CDL CB . 0.87 5.42 6.35
CA4 CDL CB . 0.14 4.77 7.49
OA6 CDL CB . 1.07 4.58 8.61
CA5 CDL CB . 2.10 3.73 8.47
OA7 CDL CB . 2.45 3.29 7.40
C11 CDL CB . 2.74 3.42 9.78
C12 CDL CB . 3.02 4.66 10.62
C13 CDL CB . 4.24 4.51 11.51
C14 CDL CB . 3.94 3.93 12.89
C15 CDL CB . 4.23 4.89 14.04
C16 CDL CB . 3.50 6.21 13.94
C17 CDL CB . 3.51 7.01 15.24
C18 CDL CB . 2.94 8.41 15.08
C19 CDL CB . 3.10 9.28 16.30
C20 CDL CB . 3.13 10.78 15.99
C21 CDL CB . 1.89 11.30 15.28
C22 CDL CB . 2.12 12.60 14.52
C23 CDL CB . 2.45 13.78 15.41
C24 CDL CB . 2.91 15.01 14.64
C25 CDL CB . 3.16 16.22 15.52
C26 CDL CB . 3.70 17.44 14.78
C27 CDL CB . 5.08 17.21 14.21
CA6 CDL CB . -0.45 3.44 7.10
OA8 CDL CB . -1.85 3.44 7.47
CA7 CDL CB . -2.34 2.30 7.95
OA9 CDL CB . -1.99 1.21 7.57
C31 CDL CB . -3.38 2.54 9.00
C32 CDL CB . -3.75 4.00 9.17
C33 CDL CB . -4.97 4.21 10.06
C34 CDL CB . -4.73 3.89 11.53
C35 CDL CB . -6.02 3.72 12.32
C36 CDL CB . -5.79 3.58 13.82
C37 CDL CB . -5.59 4.90 14.54
C38 CDL CB . -4.78 4.81 15.83
C39 CDL CB . -3.33 4.39 15.64
C40 CDL CB . -2.51 5.33 14.78
C41 CDL CB . -1.14 4.80 14.43
C42 CDL CB . -0.44 5.57 13.31
C43 CDL CB . -0.14 7.02 13.62
C44 CDL CB . -1.23 7.99 13.21
C45 CDL CB . -0.84 9.46 13.35
C46 CDL CB . -1.21 10.13 14.66
C47 CDL CB . -0.84 9.34 15.90
CB2 CDL CB . 3.54 9.51 2.35
OB2 CDL CB . 4.65 10.27 2.88
PB2 CDL CB . 4.46 11.81 3.24
OB3 CDL CB . 3.35 12.33 2.41
OB4 CDL CB . 5.78 12.49 3.19
OB5 CDL CB . 3.95 11.75 4.75
CB3 CDL CB . 3.90 12.97 5.54
CB4 CDL CB . 3.85 12.58 6.99
OB6 CDL CB . 2.64 11.81 7.22
CB5 CDL CB . 2.75 10.67 7.92
OB7 CDL CB . 3.78 10.28 8.41
C51 CDL CB . 1.43 9.97 8.04
C52 CDL CB . 1.41 8.94 9.17
C53 CDL CB . 0.18 8.06 9.16
C54 CDL CB . -1.12 8.80 9.47
C55 CDL CB . -2.35 7.91 9.42
C56 CDL CB . -3.67 8.68 9.41
C57 CDL CB . -3.79 9.75 10.48
C58 CDL CB . -5.14 10.47 10.46
C59 CDL CB . -5.19 11.68 11.37
C60 CDL CB . -6.57 12.32 11.44
C61 CDL CB . -6.65 13.52 12.37
C62 CDL CB . -6.42 13.20 13.83
C63 CDL CB . -6.65 14.37 14.77
C64 CDL CB . -6.47 14.04 16.24
C65 CDL CB . -5.04 13.69 16.63
C66 CDL CB . -4.85 13.40 18.11
C67 CDL CB . -3.42 13.13 18.47
CB6 CDL CB . 3.79 13.80 7.88
OB8 CDL CB . 2.41 14.07 8.18
CB7 CDL CB . 2.15 15.21 8.83
OB9 CDL CB . 2.04 16.27 8.28
C71 CDL CB . 2.00 14.99 10.30
C72 CDL CB . 1.83 13.53 10.70
C73 CDL CB . 0.53 12.91 10.20
C74 CDL CB . -0.72 13.55 10.74
C75 CDL CB . -0.82 13.52 12.26
C76 CDL CB . -2.16 14.00 12.81
C77 CDL CB . -2.22 14.07 14.32
C78 CDL CB . -1.98 15.45 14.90
C79 CDL CB . -0.64 16.06 14.53
C80 CDL CB . -0.41 17.46 15.09
C81 CDL CB . -0.38 17.52 16.61
C82 CDL CB . 0.12 18.84 17.16
C83 CDL CB . -0.73 20.05 16.80
C84 CDL CB . -2.13 20.02 17.40
C85 CDL CB . -2.96 21.25 17.08
C86 CDL CB . -4.32 21.25 17.75
C87 CDL CB . -5.17 22.45 17.39
H1 CDL CB . 2.01 10.43 3.31
H1O1 CDL CB . 3.32 9.95 4.95
HA22 CDL CB . 1.57 8.04 2.23
HA21 CDL CB . 0.50 9.00 2.82
HA32 CDL CB . 1.42 6.15 6.67
HA31 CDL CB . 1.46 4.79 5.93
HA4 CDL CB . -0.60 5.34 7.75
H112 CDL CB . 3.57 2.94 9.63
H111 CDL CB . 2.16 2.83 10.28
H122 CDL CB . 2.25 4.86 11.17
H121 CDL CB . 3.15 5.41 10.03
H132 CDL CB . 4.66 5.38 11.62
H131 CDL CB . 4.89 3.93 11.07
H142 CDL CB . 4.46 3.12 13.01
H141 CDL CB . 3.01 3.69 12.92
H152 CDL CB . 5.19 5.05 14.06
H151 CDL CB . 4.00 4.44 14.87
H162 CDL CB . 2.58 6.04 13.69
H161 CDL CB . 3.90 6.74 13.24
H172 CDL CB . 4.42 7.08 15.57
H171 CDL CB . 2.99 6.53 15.91
H182 CDL CB . 2.00 8.34 14.87
H181 CDL CB . 3.37 8.84 14.32
H192 CDL CB . 3.93 9.05 16.75
H191 CDL CB . 2.38 9.11 16.92
H202 CDL CB . 3.91 10.97 15.44
H201 CDL CB . 3.24 11.27 16.82
H212 CDL CB . 1.19 11.43 15.93
H211 CDL CB . 1.58 10.62 14.66
H222 CDL CB . 1.31 12.80 14.01
H221 CDL CB . 2.84 12.47 13.89
H232 CDL CB . 3.14 13.52 16.03
H231 CDL CB . 1.67 14.01 15.93
H242 CDL CB . 2.24 15.23 13.98
H241 CDL CB . 3.73 14.79 14.16
H252 CDL CB . 3.78 15.98 16.22
H251 CDL CB . 2.33 16.47 15.96
H262 CDL CB . 3.72 18.19 15.38
H261 CDL CB . 3.10 17.66 14.06
H273 CDL CB . 5.37 18.01 13.76
H272 CDL CB . 5.06 16.47 13.59
H271 CDL CB . 5.70 17.01 14.93
HA62 CDL CB . 0.02 2.71 7.54
HA61 CDL CB . -0.35 3.30 6.14
H312 CDL CB . -3.05 2.20 9.85
H311 CDL CB . -4.17 2.04 8.78
H322 CDL CB . -3.93 4.39 8.29
H321 CDL CB . -3.00 4.49 9.54
H332 CDL CB . -5.69 3.66 9.73
H331 CDL CB . -5.26 5.13 9.98
H342 CDL CB . -4.21 4.60 11.93
H341 CDL CB . -4.21 3.08 11.59
H352 CDL CB . -6.48 2.93 12.00
H351 CDL CB . -6.60 4.48 12.17
H362 CDL CB . -5.02 3.02 13.97
H361 CDL CB . -6.55 3.13 14.21
H372 CDL CB . -6.46 5.29 14.73
H371 CDL CB . -5.14 5.52 13.93
H382 CDL CB . -5.22 4.18 16.43
H381 CDL CB . -4.80 5.68 16.27
H392 CDL CB . -3.32 3.51 15.25
H391 CDL CB . -2.91 4.32 16.51
H402 CDL CB . -2.42 6.18 15.23
H401 CDL CB . -3.00 5.50 13.95
H412 CDL CB . -1.22 3.87 14.17
H411 CDL CB . -0.57 4.84 15.22
H422 CDL CB . -1.00 5.53 12.51
H421 CDL CB . 0.40 5.11 13.09
H432 CDL CB . 0.69 7.27 13.17
H431 CDL CB . 0.02 7.10 14.58
H442 CDL CB . -2.02 7.83 13.76
H441 CDL CB . -1.49 7.81 12.30
H452 CDL CB . -1.24 9.95 12.62
H451 CDL CB . 0.12 9.52 13.23
H462 CDL CB . -2.17 10.28 14.67
H461 CDL CB . -0.78 11.00 14.69
H473 CDL CB . -1.11 9.84 16.68
H472 CDL CB . 0.13 9.21 15.91
H471 CDL CB . -1.28 8.49 15.89
HB22 CDL CB . 3.25 9.88 1.50
HB21 CDL CB . 3.82 8.60 2.18
HB32 CDL CB . 3.11 13.49 5.31
HB31 CDL CB . 4.67 13.51 5.36
HB4 CDL CB . 4.66 12.10 7.21
H512 CDL CB . 1.23 9.53 7.20
H511 CDL CB . 0.73 10.63 8.20
H522 CDL CB . 1.47 9.41 10.01
H521 CDL CB . 2.20 8.38 9.09
H532 CDL CB . 0.29 7.35 9.81
H531 CDL CB . 0.09 7.63 8.29
H542 CDL CB . -1.23 9.52 8.83
H541 CDL CB . -1.05 9.21 10.35
H552 CDL CB . -2.34 7.32 10.20
H551 CDL CB . -2.31 7.34 8.64
H562 CDL CB . -4.40 8.04 9.51
H561 CDL CB . -3.77 9.09 8.53
H572 CDL CB . -3.09 10.40 10.36
H571 CDL CB . -3.65 9.34 11.34
H582 CDL CB . -5.82 9.84 10.72
H581 CDL CB . -5.33 10.74 9.55
H592 CDL CB . -4.56 12.34 11.06
H591 CDL CB . -4.92 11.42 12.26
H602 CDL CB . -7.21 11.66 11.74
H601 CDL CB . -6.83 12.59 10.55
H612 CDL CB . -7.52 13.93 12.28
H611 CDL CB . -5.99 14.18 12.09
H622 CDL CB . -5.51 12.87 13.94
H621 CDL CB . -7.01 12.47 14.09
H632 CDL CB . -7.55 14.71 14.64
H631 CDL CB . -6.03 15.08 14.54
H642 CDL CB . -7.04 13.29 16.46
H641 CDL CB . -6.77 14.79 16.77
H652 CDL CB . -4.46 14.43 16.39
H651 CDL CB . -4.75 12.92 16.12
H662 CDL CB . -5.38 12.62 18.34
H661 CDL CB . -5.19 14.14 18.63
H673 CDL CB . -3.34 12.94 19.42
H672 CDL CB . -2.88 13.91 18.25
H671 CDL CB . -3.08 12.38 17.96
HB62 CDL CB . 4.20 14.56 7.43
HB61 CDL CB . 4.29 13.65 8.69
H712 CDL CB . 1.23 15.50 10.62
H711 CDL CB . 2.78 15.35 10.75
H722 CDL CB . 1.87 13.45 11.66
H721 CDL CB . 2.58 13.02 10.34
H732 CDL CB . 0.53 11.97 10.42
H731 CDL CB . 0.52 12.96 9.22
H742 CDL CB . -1.50 13.10 10.38
H741 CDL CB . -0.76 14.47 10.45
H752 CDL CB . -0.11 14.07 12.63
H751 CDL CB . -0.66 12.61 12.57
H762 CDL CB . -2.86 13.41 12.48
H761 CDL CB . -2.34 14.88 12.44
H772 CDL CB . -1.57 13.46 14.69
H771 CDL CB . -3.09 13.76 14.61
H782 CDL CB . -2.05 15.40 15.87
H781 CDL CB . -2.69 16.05 14.59
H792 CDL CB . -0.58 16.11 13.56
H791 CDL CB . 0.07 15.48 14.84
H802 CDL CB . -1.10 18.05 14.77
H801 CDL CB . 0.44 17.79 14.75
H812 CDL CB . 0.18 16.80 16.94
H811 CDL CB . -1.27 17.36 16.95
H822 CDL CB . 1.03 19.00 16.84
H821 CDL CB . 0.17 18.78 18.13
H832 CDL CB . -0.81 20.09 15.83
H831 CDL CB . -0.28 20.85 17.09
H842 CDL CB . -2.05 19.94 18.36
H841 CDL CB . -2.59 19.24 17.08
H852 CDL CB . -3.09 21.31 16.12
H851 CDL CB . -2.48 22.04 17.36
H862 CDL CB . -4.20 21.22 18.71
H861 CDL CB . -4.80 20.44 17.51
H873 CDL CB . -6.02 22.39 17.84
H872 CDL CB . -5.32 22.46 16.43
H871 CDL CB . -4.72 23.25 17.66
C45 UQ8 DB . -4.04 15.31 23.74
C44 UQ8 DB . -4.76 15.44 22.48
C46 UQ8 DB . -4.19 16.36 21.50
C43 UQ8 DB . -5.88 14.75 22.22
C42 UQ8 DB . -6.49 13.76 23.16
C41 UQ8 DB . -7.70 13.03 22.54
C39 UQ8 DB . -7.49 12.57 21.12
C40 UQ8 DB . -8.22 13.37 20.08
C38 UQ8 DB . -6.74 11.51 20.85
C37 UQ8 DB . -6.01 10.63 21.81
C36 UQ8 DB . -5.25 9.51 21.07
C34 UQ8 DB . -4.00 9.99 20.39
C35 UQ8 DB . -2.96 10.59 21.29
C33 UQ8 DB . -3.85 9.88 19.07
C32 UQ8 DB . -4.80 9.30 18.08
C31 UQ8 DB . -4.13 9.06 16.70
C29 UQ8 DB . -5.15 8.89 15.60
C30 UQ8 DB . -4.77 9.54 14.30
C28 UQ8 DB . -6.27 8.21 15.78
C27 UQ8 DB . -7.37 7.97 14.80
C26 UQ8 DB . -8.17 9.26 14.54
C24 UQ8 DB . -9.55 8.95 13.99
C25 UQ8 DB . -9.63 8.80 12.51
C23 UQ8 DB . -10.59 8.83 14.81
C22 UQ8 DB . -12.02 8.52 14.44
C21 UQ8 DB . -12.87 8.21 15.68
C19 UQ8 DB . -14.06 7.38 15.37
C20 UQ8 DB . -15.33 8.10 15.29
C18 UQ8 DB . -13.94 6.07 15.11
C17 UQ8 DB . -15.08 5.23 14.68
C16 UQ8 DB . -15.26 5.35 13.16
C14 UQ8 DB . -16.57 4.79 12.68
C15 UQ8 DB . -17.71 5.76 12.65
C13 UQ8 DB . -16.68 3.52 12.31
C12 UQ8 DB . -15.61 2.46 12.30
C11 UQ8 DB . -15.04 2.25 10.89
C9 UQ8 DB . -14.55 0.84 10.76
C10 UQ8 DB . -13.10 0.68 10.71
C8 UQ8 DB . -15.45 -0.14 10.69
C7 UQ8 DB . -16.96 -0.11 10.72
C6 UQ8 DB . -17.72 -0.76 9.60
C1 UQ8 DB . -19.00 -1.21 9.76
C1M UQ8 DB . -19.79 -1.06 11.02
C2 UQ8 DB . -19.66 -1.94 8.64
O2 UQ8 DB . -20.82 -2.31 8.75
C3 UQ8 DB . -18.90 -2.21 7.42
O3 UQ8 DB . -19.54 -2.93 6.46
C3M UQ8 DB . -20.07 -4.23 6.79
C4 UQ8 DB . -17.65 -1.73 7.27
O4 UQ8 DB . -16.88 -2.01 6.17
C4M UQ8 DB . -15.46 -2.23 6.33
C5 UQ8 DB . -17.05 -0.86 8.30
O5 UQ8 DB . -16.04 -0.21 8.06
C1 CDL EB . -32.85 -11.37 13.78
O1 CDL EB . -32.32 -10.25 13.06
CA2 CDL EB . -33.16 -10.94 15.19
OA2 CDL EB . -32.71 -9.58 15.37
PA1 CDL EB . -33.53 -8.56 16.29
OA3 CDL EB . -32.88 -7.24 16.22
OA4 CDL EB . -34.97 -8.66 15.97
OA5 CDL EB . -33.29 -9.12 17.76
CA3 CDL EB . -32.93 -8.20 18.81
CA4 CDL EB . -33.37 -8.78 20.13
OA6 CDL EB . -34.80 -9.07 20.01
CA5 CDL EB . -35.48 -9.35 21.14
OA7 CDL EB . -35.95 -8.51 21.85
C11 CDL EB . -35.56 -10.82 21.38
C12 CDL EB . -36.64 -11.21 22.39
C13 CDL EB . -36.32 -10.76 23.80
C14 CDL EB . -37.22 -11.38 24.86
C15 CDL EB . -36.65 -12.64 25.49
C16 CDL EB . -36.00 -12.41 26.84
C17 CDL EB . -36.99 -12.29 27.99
C18 CDL EB . -36.37 -11.89 29.31
C19 CDL EB . -37.37 -11.74 30.44
C20 CDL EB . -37.91 -13.07 30.96
C21 CDL EB . -39.17 -12.92 31.80
C22 CDL EB . -39.04 -11.98 32.99
C23 CDL EB . -40.30 -11.86 33.83
C24 CDL EB . -41.51 -11.37 33.07
C25 CDL EB . -41.34 -9.99 32.45
C26 CDL EB . -41.13 -8.88 33.45
C27 CDL EB . -41.07 -7.50 32.82
CA6 CDL EB . -33.17 -7.80 21.26
OA8 CDL EB . -31.82 -7.29 21.15
CA7 CDL EB . -31.25 -6.90 22.29
OA9 CDL EB . -31.72 -6.08 23.02
C31 CDL EB . -29.95 -7.61 22.52
C32 CDL EB . -28.85 -6.69 23.03
C33 CDL EB . -29.01 -6.29 24.48
C34 CDL EB . -28.10 -5.16 24.92
C35 CDL EB . -28.22 -4.77 26.38
C36 CDL EB . -27.63 -5.80 27.33
C37 CDL EB . -27.54 -5.32 28.77
C38 CDL EB . -26.78 -6.26 29.69
C39 CDL EB . -26.56 -5.69 31.08
C40 CDL EB . -25.82 -6.63 32.01
C41 CDL EB . -25.65 -6.10 33.42
C42 CDL EB . -24.66 -4.95 33.55
C43 CDL EB . -23.22 -5.35 33.30
C44 CDL EB . -22.21 -4.25 33.60
C45 CDL EB . -22.27 -3.06 32.66
C46 CDL EB . -21.29 -1.96 32.98
C47 CDL EB . -21.28 -0.86 31.95
CB2 CDL EB . -31.87 -12.51 13.69
OB2 CDL EB . -32.56 -13.74 14.00
PB2 CDL EB . -31.90 -15.13 13.59
OB3 CDL EB . -32.99 -16.13 13.56
OB4 CDL EB . -31.06 -14.95 12.39
OB5 CDL EB . -30.96 -15.47 14.84
CB3 CDL EB . -31.51 -15.58 16.16
CB4 CDL EB . -31.13 -14.35 16.93
OB6 CDL EB . -29.67 -14.28 16.98
CB5 CDL EB . -29.03 -14.93 17.97
OB7 CDL EB . -29.31 -16.05 18.32
C51 CDL EB . -27.93 -14.10 18.54
C52 CDL EB . -27.30 -14.71 19.79
C53 CDL EB . -26.13 -13.90 20.33
C54 CDL EB . -26.48 -12.46 20.70
C55 CDL EB . -27.42 -12.32 21.88
C56 CDL EB . -26.76 -12.52 23.23
C57 CDL EB . -27.71 -12.53 24.41
C58 CDL EB . -27.03 -12.35 25.74
C59 CDL EB . -27.95 -12.53 26.94
C60 CDL EB . -27.34 -12.05 28.25
C61 CDL EB . -28.06 -12.53 29.49
C62 CDL EB . -27.54 -11.92 30.78
C63 CDL EB . -27.88 -12.73 32.02
C64 CDL EB . -29.37 -12.99 32.23
C65 CDL EB . -30.18 -11.74 32.52
C66 CDL EB . -31.63 -12.01 32.85
C67 CDL EB . -32.40 -10.77 33.23
CB6 CDL EB . -31.68 -14.37 18.33
OB8 CDL EB . -31.00 -13.35 19.11
CB7 CDL EB . -31.75 -12.64 19.95
OB9 CDL EB . -32.72 -12.03 19.62
C71 CDL EB . -31.20 -12.72 21.34
C72 CDL EB . -32.21 -12.29 22.40
C73 CDL EB . -31.72 -12.52 23.81
C74 CDL EB . -32.69 -12.05 24.89
C75 CDL EB . -32.19 -12.26 26.31
C76 CDL EB . -32.19 -13.71 26.76
C77 CDL EB . -31.64 -13.91 28.16
C78 CDL EB . -31.82 -15.32 28.71
C79 CDL EB . -31.18 -15.51 30.07
C80 CDL EB . -31.50 -16.84 30.74
C81 CDL EB . -32.96 -17.01 31.12
C82 CDL EB . -33.55 -15.84 31.88
C83 CDL EB . -34.78 -16.19 32.71
C84 CDL EB . -35.91 -16.82 31.93
C85 CDL EB . -37.11 -17.21 32.78
C86 CDL EB . -38.23 -17.88 32.04
C87 CDL EB . -38.87 -17.00 30.99
H1 CDL EB . -33.67 -11.68 13.39
H1O1 CDL EB . -32.42 -9.55 13.52
HA22 CDL EB . -32.71 -11.52 15.83
HA21 CDL EB . -34.11 -11.01 15.36
HA32 CDL EB . -33.35 -7.33 18.67
HA31 CDL EB . -31.98 -8.05 18.82
HA4 CDL EB . -32.85 -9.58 20.33
H112 CDL EB . -34.70 -11.13 21.71
H111 CDL EB . -35.73 -11.27 20.55
H122 CDL EB . -36.75 -12.17 22.38
H121 CDL EB . -37.48 -10.82 22.12
H132 CDL EB . -36.41 -9.80 23.86
H131 CDL EB . -35.40 -10.98 24.01
H142 CDL EB . -38.07 -11.60 24.45
H141 CDL EB . -37.39 -10.73 25.56
H152 CDL EB . -35.99 -13.02 24.89
H151 CDL EB . -37.36 -13.30 25.59
H162 CDL EB . -35.47 -11.59 26.81
H161 CDL EB . -35.38 -13.13 27.03
H172 CDL EB . -37.44 -13.15 28.10
H171 CDL EB . -37.68 -11.64 27.74
H182 CDL EB . -35.90 -11.05 29.19
H181 CDL EB . -35.71 -12.55 29.56
H192 CDL EB . -38.11 -11.20 30.14
H191 CDL EB . -36.95 -11.26 31.17
H202 CDL EB . -37.23 -13.49 31.50
H201 CDL EB . -38.10 -13.65 30.21
H212 CDL EB . -39.44 -13.80 32.11
H211 CDL EB . -39.89 -12.59 31.23
H222 CDL EB . -38.79 -11.11 32.66
H221 CDL EB . -38.31 -12.30 33.55
H232 CDL EB . -40.12 -11.26 34.57
H231 CDL EB . -40.49 -12.74 34.22
H242 CDL EB . -42.27 -11.35 33.67
H241 CDL EB . -41.72 -12.01 32.37
H252 CDL EB . -42.14 -9.79 31.92
H251 CDL EB . -40.59 -10.01 31.84
H262 CDL EB . -40.31 -9.04 33.94
H261 CDL EB . -41.86 -8.89 34.11
H273 CDL EB . -40.94 -6.83 33.50
H272 CDL EB . -41.90 -7.33 32.35
H271 CDL EB . -40.33 -7.48 32.19
HA62 CDL EB . -33.31 -8.24 22.11
HA61 CDL EB . -33.81 -7.08 21.20
H312 CDL EB . -29.65 -8.03 21.69
H311 CDL EB . -30.08 -8.32 23.17
H322 CDL EB . -28.82 -5.89 22.49
H321 CDL EB . -27.98 -7.14 22.92
H332 CDL EB . -28.83 -7.07 25.05
H331 CDL EB . -29.94 -6.04 24.64
H342 CDL EB . -28.30 -4.37 24.37
H341 CDL EB . -27.18 -5.40 24.72
H352 CDL EB . -29.16 -4.64 26.60
H351 CDL EB . -27.78 -3.92 26.52
H362 CDL EB . -26.75 -6.05 27.02
H361 CDL EB . -28.17 -6.60 27.30
H372 CDL EB . -28.44 -5.19 29.12
H371 CDL EB . -27.11 -4.45 28.78
H382 CDL EB . -25.93 -6.47 29.30
H381 CDL EB . -27.28 -7.08 29.77
H392 CDL EB . -27.41 -5.46 31.47
H391 CDL EB . -26.05 -4.87 31.00
H402 CDL EB . -24.95 -6.82 31.64
H401 CDL EB . -26.30 -7.47 32.05
H412 CDL EB . -25.36 -6.82 34.00
H411 CDL EB . -26.50 -5.80 33.76
H422 CDL EB . -24.74 -4.56 34.43
H421 CDL EB . -24.91 -4.26 32.91
H432 CDL EB . -23.11 -5.62 32.37
H431 CDL EB . -23.01 -6.12 33.85
H442 CDL EB . -21.32 -4.63 33.58
H441 CDL EB . -22.36 -3.94 34.51
H452 CDL EB . -23.18 -2.69 32.67
H451 CDL EB . -22.12 -3.38 31.76
H462 CDL EB . -20.39 -2.34 33.05
H461 CDL EB . -21.50 -1.59 33.84
H473 CDL EB . -20.63 -0.19 32.21
H472 CDL EB . -22.16 -0.46 31.89
H471 CDL EB . -21.04 -1.24 31.08
HB22 CDL EB . -31.14 -12.37 14.32
HB21 CDL EB . -31.47 -12.55 12.81
HB32 CDL EB . -31.17 -16.38 16.61
HB31 CDL EB . -32.47 -15.67 16.12
HB4 CDL EB . -31.51 -13.57 16.49
H512 CDL EB . -28.28 -13.22 18.76
H511 CDL EB . -27.25 -13.97 17.87
H522 CDL EB . -26.99 -15.61 19.58
H521 CDL EB . -27.97 -14.80 20.48
H532 CDL EB . -25.43 -13.89 19.66
H531 CDL EB . -25.78 -14.34 21.11
H542 CDL EB . -26.88 -12.03 19.92
H541 CDL EB . -25.66 -11.98 20.89
H552 CDL EB . -28.14 -12.97 21.79
H551 CDL EB . -27.84 -11.44 21.86
H562 CDL EB . -26.10 -11.81 23.36
H561 CDL EB . -26.27 -13.36 23.22
H572 CDL EB . -28.20 -13.37 24.40
H571 CDL EB . -28.37 -11.83 24.28
H582 CDL EB . -26.63 -11.48 25.78
H581 CDL EB . -26.30 -13.00 25.81
H592 CDL EB . -28.18 -13.47 27.03
H591 CDL EB . -28.77 -12.06 26.78
H602 CDL EB . -27.34 -11.08 28.24
H601 CDL EB . -26.41 -12.33 28.29
H612 CDL EB . -27.98 -13.50 29.54
H611 CDL EB . -29.01 -12.34 29.40
H622 CDL EB . -27.91 -11.04 30.87
H621 CDL EB . -26.58 -11.83 30.72
H632 CDL EB . -27.53 -12.27 32.80
H631 CDL EB . -27.42 -13.59 31.98
H642 CDL EB . -29.48 -13.62 32.96
H641 CDL EB . -29.73 -13.41 31.43
H652 CDL EB . -30.13 -11.14 31.77
H651 CDL EB . -29.76 -11.27 33.28
H662 CDL EB . -31.67 -12.65 33.59
H661 CDL EB . -32.05 -12.43 32.09
H673 CDL EB . -33.32 -11.00 33.42
H672 CDL EB . -32.38 -10.14 32.49
H671 CDL EB . -32.00 -10.36 34.01
HB62 CDL EB . -31.54 -15.24 18.74
HB61 CDL EB . -32.64 -14.21 18.32
H712 CDL EB . -30.41 -12.16 21.41
H711 CDL EB . -30.92 -13.63 21.53
H722 CDL EB . -33.04 -12.78 22.27
H721 CDL EB . -32.41 -11.35 22.28
H732 CDL EB . -30.87 -12.07 23.93
H731 CDL EB . -31.55 -13.48 23.94
H742 CDL EB . -33.53 -12.51 24.77
H741 CDL EB . -32.86 -11.11 24.76
H752 CDL EB . -32.75 -11.75 26.91
H751 CDL EB . -31.29 -11.91 26.38
H762 CDL EB . -31.67 -14.23 26.13
H761 CDL EB . -33.09 -14.06 26.72
H772 CDL EB . -32.06 -13.28 28.75
H771 CDL EB . -30.69 -13.70 28.15
H782 CDL EB . -31.45 -15.95 28.09
H781 CDL EB . -32.78 -15.50 28.77
H792 CDL EB . -31.47 -14.78 30.66
H791 CDL EB . -30.22 -15.43 29.97
H802 CDL EB . -30.96 -16.92 31.54
H801 CDL EB . -31.24 -17.55 30.15
H812 CDL EB . -33.06 -17.81 31.65
H811 CDL EB . -33.49 -17.15 30.30
H822 CDL EB . -33.79 -15.14 31.26
H821 CDL EB . -32.87 -15.47 32.47
H832 CDL EB . -35.10 -15.38 33.14
H831 CDL EB . -34.51 -16.79 33.43
H842 CDL EB . -35.58 -17.62 31.49
H841 CDL EB . -36.20 -16.21 31.24
H852 CDL EB . -37.45 -16.40 33.22
H851 CDL EB . -36.80 -17.79 33.50
H862 CDL EB . -38.91 -18.16 32.67
H861 CDL EB . -37.90 -18.69 31.61
H873 CDL EB . -39.58 -17.49 30.55
H872 CDL EB . -38.20 -16.73 30.34
H871 CDL EB . -39.24 -16.21 31.41
O12 PC1 FB . -21.80 -7.29 37.61
P PC1 FB . -21.87 -8.71 37.97
O14 PC1 FB . -20.75 -9.33 38.71
O13 PC1 FB . -23.19 -8.97 38.84
C11 PC1 FB . -23.66 -10.31 39.06
C12 PC1 FB . -23.35 -10.58 40.50
N PC1 FB . -23.32 -12.03 40.92
C13 PC1 FB . -22.15 -12.72 40.30
C14 PC1 FB . -23.20 -12.13 42.41
C15 PC1 FB . -24.58 -12.71 40.49
O11 PC1 FB . -22.11 -9.58 36.65
C1 PC1 FB . -22.96 -9.06 35.61
C2 PC1 FB . -23.05 -10.06 34.50
O21 PC1 FB . -22.76 -11.39 35.08
C21 PC1 FB . -23.81 -12.13 35.46
O22 PC1 FB . -24.14 -12.27 36.61
C22 PC1 FB . -24.49 -12.78 34.28
C23 PC1 FB . -25.34 -13.98 34.65
C24 PC1 FB . -26.52 -13.63 35.57
C25 PC1 FB . -27.67 -14.61 35.47
C26 PC1 FB . -28.84 -14.32 36.40
C27 PC1 FB . -30.19 -14.73 35.83
C28 PC1 FB . -31.32 -14.80 36.85
C29 PC1 FB . -31.28 -16.03 37.74
C2A PC1 FB . -32.55 -16.25 38.56
C2B PC1 FB . -32.51 -17.51 39.43
C2C PC1 FB . -33.87 -18.14 39.71
C2D PC1 FB . -34.83 -17.24 40.48
C2E PC1 FB . -36.27 -17.74 40.44
C2F PC1 FB . -36.45 -19.19 40.86
C2G PC1 FB . -37.89 -19.68 40.83
C2H PC1 FB . -38.55 -19.67 39.45
C2I PC1 FB . -37.86 -20.59 38.46
C3 PC1 FB . -22.02 -9.81 33.43
O31 PC1 FB . -22.55 -8.82 32.51
C31 PC1 FB . -23.38 -9.27 31.56
O32 PC1 FB . -24.57 -9.27 31.66
C32 PC1 FB . -22.62 -9.76 30.36
C33 PC1 FB . -23.32 -10.91 29.65
C34 PC1 FB . -22.47 -11.57 28.58
C35 PC1 FB . -21.20 -12.20 29.12
C36 PC1 FB . -20.58 -13.22 28.20
C37 PC1 FB . -19.33 -13.85 28.77
C38 PC1 FB . -18.83 -15.07 28.01
C39 PC1 FB . -17.58 -15.68 28.59
C3A PC1 FB . -17.17 -16.99 27.94
C3B PC1 FB . -16.19 -17.79 28.77
C3C PC1 FB . -16.05 -19.22 28.32
C3D PC1 FB . -15.24 -20.09 29.27
C3E PC1 FB . -13.74 -19.93 29.12
C3F PC1 FB . -13.01 -19.95 30.45
C3G PC1 FB . -11.69 -20.71 30.39
C3H PC1 FB . -11.86 -22.22 30.40
C3I PC1 FB . -10.59 -22.95 30.04
H111 PC1 FB . -23.22 -10.95 38.48
H112 PC1 FB . -24.62 -10.39 38.88
H121 PC1 FB . -24.00 -10.11 41.05
H122 PC1 FB . -22.49 -10.19 40.71
H131 PC1 FB . -22.14 -13.65 40.57
H132 PC1 FB . -21.33 -12.28 40.59
H133 PC1 FB . -22.23 -12.66 39.33
H141 PC1 FB . -23.18 -13.06 42.67
H142 PC1 FB . -23.96 -11.69 42.83
H143 PC1 FB . -22.38 -11.70 42.70
H151 PC1 FB . -24.56 -13.64 40.76
H152 PC1 FB . -24.66 -12.66 39.52
H153 PC1 FB . -25.35 -12.28 40.90
H11 PC1 FB . -22.59 -8.22 35.28
H12 PC1 FB . -23.84 -8.86 35.96
H2 PC1 FB . -23.93 -10.02 34.12
H221 PC1 FB . -23.81 -13.05 33.65
H222 PC1 FB . -25.04 -12.11 33.84
H231 PC1 FB . -24.79 -14.64 35.08
H232 PC1 FB . -25.68 -14.38 33.84
H241 PC1 FB . -26.82 -12.74 35.35
H242 PC1 FB . -26.19 -13.61 36.49
H251 PC1 FB . -27.34 -15.50 35.65
H252 PC1 FB . -28.00 -14.61 34.55
H261 PC1 FB . -28.85 -13.38 36.61
H262 PC1 FB . -28.69 -14.78 37.24
H271 PC1 FB . -30.10 -15.60 35.41
H272 PC1 FB . -30.43 -14.10 35.13
H281 PC1 FB . -32.17 -14.77 36.39
H282 PC1 FB . -31.29 -14.00 37.42
H291 PC1 FB . -30.53 -15.96 38.35
H292 PC1 FB . -31.13 -16.81 37.18
H2A1 PC1 FB . -33.30 -16.32 37.96
H2A2 PC1 FB . -32.70 -15.49 39.13
H2B1 PC1 FB . -32.09 -17.30 40.27
H2B2 PC1 FB . -31.95 -18.18 39.00
H2C1 PC1 FB . -33.74 -18.96 40.22
H2C2 PC1 FB . -34.28 -18.38 38.86
H2D1 PC1 FB . -34.80 -16.35 40.11
H2D2 PC1 FB . -34.54 -17.18 41.40
H2E1 PC1 FB . -36.62 -17.62 39.55
H2E2 PC1 FB . -36.80 -17.18 41.03
H2F1 PC1 FB . -36.10 -19.30 41.76
H2F2 PC1 FB . -35.92 -19.75 40.27
H2G1 PC1 FB . -38.41 -19.12 41.42
H2G2 PC1 FB . -37.92 -20.57 41.18
H2H1 PC1 FB . -38.54 -18.77 39.10
H2H2 PC1 FB . -39.48 -19.94 39.54
H2I1 PC1 FB . -38.33 -20.54 37.60
H2I2 PC1 FB . -37.89 -21.50 38.78
H2I3 PC1 FB . -36.94 -20.30 38.34
H31 PC1 FB . -21.81 -10.63 32.96
H32 PC1 FB . -21.20 -9.48 33.83
H321 PC1 FB . -21.73 -10.05 30.64
H322 PC1 FB . -22.49 -9.03 29.74
H331 PC1 FB . -24.14 -10.58 29.24
H332 PC1 FB . -23.58 -11.58 30.30
H341 PC1 FB . -22.23 -10.91 27.91
H342 PC1 FB . -23.00 -12.24 28.13
H351 PC1 FB . -21.40 -12.62 29.97
H352 PC1 FB . -20.56 -11.50 29.30
H361 PC1 FB . -20.37 -12.80 27.35
H362 PC1 FB . -21.22 -13.93 28.01
H371 PC1 FB . -19.48 -14.11 29.69
H372 PC1 FB . -18.62 -13.19 28.78
H381 PC1 FB . -18.67 -14.82 27.08
H382 PC1 FB . -19.54 -15.74 27.99
H391 PC1 FB . -17.72 -15.84 29.53
H392 PC1 FB . -16.86 -15.05 28.50
H3A1 PC1 FB . -16.78 -16.80 27.07
H3A2 PC1 FB . -17.97 -17.52 27.78
H3B1 PC1 FB . -16.48 -17.78 29.70
H3B2 PC1 FB . -15.32 -17.36 28.73
H3C1 PC1 FB . -15.62 -19.25 27.44
H3C2 PC1 FB . -16.93 -19.62 28.20
H3D1 PC1 FB . -15.48 -21.03 29.12
H3D2 PC1 FB . -15.51 -19.87 30.18
H3E1 PC1 FB . -13.57 -19.09 28.67
H3E2 PC1 FB . -13.41 -20.65 28.56
H3F1 PC1 FB . -13.57 -20.36 31.13
H3F2 PC1 FB . -12.82 -19.04 30.73
H3G1 PC1 FB . -11.14 -20.45 31.15
H3G2 PC1 FB . -11.21 -20.46 29.59
H3H1 PC1 FB . -12.55 -22.47 29.78
H3H2 PC1 FB . -12.15 -22.50 31.29
H3I1 PC1 FB . -10.74 -23.91 30.07
H3I2 PC1 FB . -9.89 -22.71 30.68
H3I3 PC1 FB . -10.30 -22.68 29.16
O12 PC1 GB . 34.31 -8.48 31.68
P PC1 GB . 32.88 -8.12 31.70
O14 PC1 GB . 31.87 -9.17 31.42
O13 PC1 GB . 32.51 -7.50 33.14
C11 PC1 GB . 33.06 -6.21 33.52
C12 PC1 GB . 31.85 -5.37 33.84
N PC1 GB . 32.12 -3.89 34.07
C13 PC1 GB . 32.56 -3.25 32.80
C14 PC1 GB . 30.87 -3.22 34.55
C15 PC1 GB . 33.19 -3.73 35.10
O11 PC1 GB . 32.63 -6.93 30.68
C1 PC1 GB . 31.40 -6.88 29.92
C2 PC1 GB . 31.52 -5.80 28.88
O21 PC1 GB . 30.19 -5.55 28.32
C21 PC1 GB . 29.84 -4.28 28.10
O22 PC1 GB . 30.26 -3.35 28.72
C22 PC1 GB . 28.86 -4.18 26.96
C23 PC1 GB . 28.67 -2.75 26.47
C24 PC1 GB . 27.90 -1.87 27.45
C25 PC1 GB . 26.39 -2.01 27.36
C26 PC1 GB . 25.77 -1.48 26.07
C27 PC1 GB . 26.10 -0.04 25.78
C28 PC1 GB . 27.29 0.16 24.86
C29 PC1 GB . 27.72 1.62 24.73
C2A PC1 GB . 28.95 1.82 23.86
C2B PC1 GB . 30.23 1.29 24.47
C2C PC1 GB . 31.44 1.42 23.56
C2D PC1 GB . 31.90 2.85 23.32
C2E PC1 GB . 32.59 3.09 21.99
C2F PC1 GB . 31.72 2.80 20.77
C2G PC1 GB . 30.43 3.59 20.71
C2H PC1 GB . 29.47 3.15 19.61
C2I PC1 GB . 30.06 3.28 18.23
C3 PC1 GB . 32.41 -6.24 27.74
O31 PC1 GB . 33.41 -5.21 27.55
C31 PC1 GB . 34.22 -5.35 26.50
O32 PC1 GB . 34.80 -6.38 26.24
C32 PC1 GB . 34.32 -4.08 25.71
C33 PC1 GB . 34.14 -4.29 24.22
C34 PC1 GB . 35.36 -4.91 23.55
C35 PC1 GB . 35.10 -5.35 22.12
C36 PC1 GB . 36.31 -5.95 21.44
C37 PC1 GB . 36.03 -6.61 20.11
C38 PC1 GB . 35.75 -5.62 18.99
C39 PC1 GB . 35.59 -6.31 17.64
C3A PC1 GB . 35.52 -5.36 16.46
C3B PC1 GB . 34.37 -4.38 16.52
C3C PC1 GB . 34.10 -3.67 15.21
C3D PC1 GB . 33.12 -2.51 15.33
C3E PC1 GB . 33.77 -1.23 15.79
C3F PC1 GB . 32.79 -0.20 16.31
C3G PC1 GB . 33.39 1.19 16.48
C3H PC1 GB . 34.86 1.18 16.84
C3I PC1 GB . 35.35 2.51 17.35
H111 PC1 GB . 33.57 -5.82 32.80
H112 PC1 GB . 33.64 -6.29 34.29
H121 PC1 GB . 31.42 -5.73 34.64
H122 PC1 GB . 31.21 -5.45 33.11
H131 PC1 GB . 32.73 -2.30 32.96
H132 PC1 GB . 31.86 -3.34 32.12
H133 PC1 GB . 33.37 -3.67 32.48
H141 PC1 GB . 31.04 -2.28 34.69
H142 PC1 GB . 30.58 -3.63 35.38
H143 PC1 GB . 30.17 -3.32 33.89
H151 PC1 GB . 33.35 -2.78 35.25
H152 PC1 GB . 34.00 -4.15 34.80
H153 PC1 GB . 32.90 -4.13 35.93
H11 PC1 GB . 30.65 -6.69 30.51
H12 PC1 GB . 31.22 -7.73 29.51
H2 PC1 GB . 31.90 -5.01 29.29
H221 PC1 GB . 28.01 -4.53 27.25
H222 PC1 GB . 29.16 -4.73 26.23
H231 PC1 GB . 28.21 -2.77 25.62
H232 PC1 GB . 29.54 -2.36 26.30
H241 PC1 GB . 28.14 -0.95 27.29
H242 PC1 GB . 28.18 -2.09 28.35
H251 PC1 GB . 25.99 -1.55 28.11
H252 PC1 GB . 26.16 -2.95 27.45
H261 PC1 GB . 24.81 -1.59 26.12
H262 PC1 GB . 26.09 -2.03 25.33
H271 PC1 GB . 26.27 0.43 26.61
H272 PC1 GB . 25.32 0.38 25.38
H281 PC1 GB . 27.07 -0.18 23.98
H282 PC1 GB . 28.04 -0.35 25.20
H291 PC1 GB . 27.90 1.97 25.61
H292 PC1 GB . 26.98 2.13 24.36
H2A1 PC1 GB . 29.05 2.77 23.69
H2A2 PC1 GB . 28.81 1.39 23.01
H2B1 PC1 GB . 30.12 0.36 24.70
H2B2 PC1 GB . 30.42 1.77 25.30
H2C1 PC1 GB . 31.23 1.01 22.71
H2C2 PC1 GB . 32.18 0.91 23.94
H2D1 PC1 GB . 32.51 3.10 24.04
H2D2 PC1 GB . 31.13 3.44 23.39
H2E1 PC1 GB . 33.38 2.54 21.95
H2E2 PC1 GB . 32.88 4.01 21.95
H2F1 PC1 GB . 31.52 1.85 20.75
H2F2 PC1 GB . 32.24 2.99 19.97
H2G1 PC1 GB . 30.63 4.53 20.59
H2G2 PC1 GB . 29.98 3.51 21.57
H2H1 PC1 GB . 28.67 3.68 19.66
H2H2 PC1 GB . 29.22 2.23 19.77
H2I1 PC1 GB . 29.41 2.98 17.57
H2I2 PC1 GB . 30.86 2.72 18.17
H2I3 PC1 GB . 30.30 4.20 18.07
H31 PC1 GB . 31.89 -6.37 26.94
H32 PC1 GB . 32.84 -7.09 27.95
H321 PC1 GB . 35.18 -3.66 25.88
H322 PC1 GB . 33.64 -3.46 26.03
H331 PC1 GB . 33.94 -3.45 23.80
H332 PC1 GB . 33.37 -4.87 24.07
H341 PC1 GB . 35.65 -5.67 24.07
H342 PC1 GB . 36.08 -4.26 23.56
H351 PC1 GB . 34.80 -4.59 21.60
H352 PC1 GB . 34.38 -6.01 22.11
H361 PC1 GB . 36.71 -6.61 22.04
H362 PC1 GB . 36.98 -5.25 21.32
H371 PC1 GB . 35.27 -7.19 20.21
H372 PC1 GB . 36.79 -7.15 19.87
H381 PC1 GB . 36.46 -4.98 18.94
H382 PC1 GB . 34.93 -5.14 19.19
H391 PC1 GB . 34.79 -6.86 17.65
H392 PC1 GB . 36.35 -6.91 17.51
H3A1 PC1 GB . 35.44 -5.88 15.65
H3A2 PC1 GB . 36.35 -4.87 16.40
H3B1 PC1 GB . 34.56 -3.71 17.21
H3B2 PC1 GB . 33.57 -4.85 16.80
H3C1 PC1 GB . 33.76 -4.31 14.58
H3C2 PC1 GB . 34.94 -3.33 14.86
H3D1 PC1 GB . 32.41 -2.76 15.94
H3D2 PC1 GB . 32.71 -2.36 14.46
H3E1 PC1 GB . 34.27 -0.84 15.05
H3E2 PC1 GB . 34.41 -1.44 16.49
H3F1 PC1 GB . 32.44 -0.49 17.16
H3F2 PC1 GB . 32.04 -0.14 15.69
H3G1 PC1 GB . 32.90 1.67 17.16
H3G2 PC1 GB . 33.28 1.68 15.65
H3H1 PC1 GB . 35.38 0.93 16.06
H3H2 PC1 GB . 35.02 0.51 17.52
H3I1 PC1 GB . 36.29 2.44 17.57
H3I2 PC1 GB . 34.85 2.75 18.14
H3I3 PC1 GB . 35.22 3.18 16.67
FE HEC HB . 31.66 23.26 53.52
CHA HEC HB . 30.42 25.43 51.16
CHB HEC HB . 33.69 21.85 51.11
CHC HEC HB . 33.02 21.14 55.86
CHD HEC HB . 29.75 24.72 55.97
NA HEC HB . 31.99 23.57 51.52
C1A HEC HB . 31.37 24.53 50.73
C2A HEC HB . 31.91 24.42 49.39
C3A HEC HB . 32.81 23.44 49.39
C4A HEC HB . 32.87 22.89 50.72
CMA HEC HB . 33.64 22.94 48.18
CAA HEC HB . 31.50 25.30 48.19
CBA HEC HB . 30.03 25.03 47.87
CGA HEC HB . 29.70 25.56 46.50
O1A HEC HB . 28.51 25.45 46.09
O2A HEC HB . 30.61 26.09 45.82
NB HEC HB . 33.09 21.78 53.49
C1B HEC HB . 33.80 21.36 52.39
C2B HEC HB . 34.69 20.30 52.81
C3B HEC HB . 34.51 20.09 54.12
C4B HEC HB . 33.49 21.03 54.57
CMB HEC HB . 35.67 19.53 51.90
CAB HEC HB . 35.23 19.06 55.00
CBB HEC HB . 36.75 19.38 55.01
NC HEC HB . 31.45 22.99 55.53
C1C HEC HB . 32.08 22.04 56.30
C2C HEC HB . 31.65 22.22 57.67
C3C HEC HB . 30.69 23.14 57.69
C4C HEC HB . 30.58 23.68 56.35
CMC HEC HB . 32.02 21.28 58.85
CAC HEC HB . 29.89 23.61 58.92
CBC HEC HB . 30.85 24.28 59.92
ND HEC HB . 30.30 24.82 53.56
C1D HEC HB . 29.63 25.25 54.70
C2D HEC HB . 28.76 26.35 54.34
C3D HEC HB . 28.97 26.57 52.85
C4D HEC HB . 29.94 25.58 52.44
CMD HEC HB . 27.82 27.13 55.28
CAD HEC HB . 28.28 27.62 51.94
CBD HEC HB . 29.21 28.80 51.72
CGD HEC HB . 28.57 29.76 50.75
O1D HEC HB . 27.59 29.36 50.08
O2D HEC HB . 29.05 30.92 50.64
HHA HEC HB . 30.05 26.03 50.49
HHB HEC HB . 34.24 21.43 50.43
HHC HEC HB . 33.39 20.53 56.52
HHD HEC HB . 29.20 25.12 56.66
HMA1 HEC HB . 34.21 22.21 48.47
HMA2 HEC HB . 34.19 23.67 47.85
HMA3 HEC HB . 33.05 22.63 47.48
HAA1 HEC HB . 32.05 25.09 47.42
HAA2 HEC HB . 31.63 26.24 48.39
HBA1 HEC HB . 29.47 25.45 48.54
HBA2 HEC HB . 29.85 24.08 47.90
HMB1 HEC HB . 36.14 18.87 52.42
HMB2 HEC HB . 36.30 20.15 51.51
HMB3 HEC HB . 35.18 19.09 51.20
HBB1 HEC HB . 37.21 18.73 55.55
HBB2 HEC HB . 36.89 20.27 55.37
HBB3 HEC HB . 37.10 19.34 54.10
HMC1 HEC HB . 31.62 21.61 59.66
HMC2 HEC HB . 32.99 21.26 58.95
HMC3 HEC HB . 31.70 20.39 58.66
HBC1 HEC HB . 30.36 24.58 60.70
HBC2 HEC HB . 31.27 25.05 59.49
HBC3 HEC HB . 31.54 23.65 60.20
HMD1 HEC HB . 27.35 27.81 54.78
HMD2 HEC HB . 28.34 27.55 55.99
HMD3 HEC HB . 27.17 26.52 55.69
HAD1 HEC HB . 27.46 27.92 52.36
HAD2 HEC HB . 28.04 27.22 51.10
HBD1 HEC HB . 30.07 28.49 51.39
HBD2 HEC HB . 29.39 29.25 52.57
FE1 FES IB . -3.10 -21.89 56.68
FE2 FES IB . -4.96 -22.66 54.27
S1 FES IB . -3.66 -23.80 55.68
S2 FES IB . -4.38 -20.75 55.25
C1 CDL JB . -8.84 -32.65 9.18
O1 CDL JB . -9.29 -33.08 7.88
CA2 CDL JB . -7.41 -32.18 9.09
OA2 CDL JB . -7.41 -30.88 8.46
PA1 CDL JB . -6.03 -30.25 7.94
OA3 CDL JB . -5.17 -31.34 7.43
OA4 CDL JB . -6.36 -29.11 7.04
OA5 CDL JB . -5.33 -29.67 9.25
CA3 CDL JB . -5.12 -28.25 9.39
CA4 CDL JB . -4.52 -27.94 10.72
OA6 CDL JB . -3.13 -28.40 10.71
CA5 CDL JB . -2.27 -27.81 11.56
OA7 CDL JB . -2.18 -26.62 11.69
C11 CDL JB . -1.45 -28.82 12.29
C12 CDL JB . -0.02 -28.36 12.57
C13 CDL JB . 0.62 -29.08 13.74
C14 CDL JB . 2.04 -29.56 13.48
C15 CDL JB . 2.71 -30.21 14.69
C16 CDL JB . 2.21 -31.61 14.98
C17 CDL JB . 2.57 -32.13 16.37
C18 CDL JB . 4.06 -32.38 16.58
C19 CDL JB . 4.39 -32.91 17.97
C20 CDL JB . 5.83 -33.37 18.14
C21 CDL JB . 6.87 -32.27 18.03
C22 CDL JB . 8.26 -32.71 18.46
C23 CDL JB . 9.31 -31.61 18.41
C24 CDL JB . 9.75 -31.24 17.01
C25 CDL JB . 10.87 -30.21 16.98
C26 CDL JB . 11.38 -29.86 15.59
C27 CDL JB . 12.03 -31.04 14.90
CA6 CDL JB . -5.23 -28.66 11.85
OA8 CDL JB . -6.36 -27.87 12.28
CA7 CDL JB . -6.11 -26.88 13.12
OA9 CDL JB . -6.09 -25.72 12.81
C31 CDL JB . -5.86 -27.39 14.52
C32 CDL JB . -6.26 -26.39 15.60
C33 CDL JB . -5.91 -26.88 17.00
C34 CDL JB . -6.21 -25.87 18.10
C35 CDL JB . -5.90 -26.37 19.50
C36 CDL JB . -4.43 -26.72 19.73
C37 CDL JB . -4.14 -27.34 21.08
C38 CDL JB . -2.82 -28.11 21.10
C39 CDL JB . -2.56 -28.86 22.39
C40 CDL JB . -1.57 -30.01 22.22
C41 CDL JB . -1.17 -30.66 23.53
C42 CDL JB . -0.11 -29.90 24.30
C43 CDL JB . 0.33 -30.58 25.58
C44 CDL JB . 1.58 -29.98 26.21
C45 CDL JB . 2.06 -30.73 27.44
C46 CDL JB . 3.34 -30.18 28.05
C47 CDL JB . 4.53 -30.25 27.12
CB2 CDL JB . -9.05 -33.77 10.17
OB2 CDL JB . -10.38 -33.67 10.72
PB2 CDL JB . -10.84 -34.69 11.85
OB3 CDL JB . -10.26 -36.01 11.53
OB4 CDL JB . -12.31 -34.58 12.04
OB5 CDL JB . -10.11 -34.16 13.17
CB3 CDL JB . -10.40 -32.85 13.68
CB4 CDL JB . -9.49 -32.54 14.83
OB6 CDL JB . -9.66 -31.13 15.18
CB5 CDL JB . -10.11 -30.86 16.42
OB7 CDL JB . -11.22 -31.11 16.80
C51 CDL JB . -9.04 -30.19 17.24
C52 CDL JB . -8.41 -31.15 18.24
C53 CDL JB . -7.38 -30.50 19.14
C54 CDL JB . -6.79 -31.47 20.14
C55 CDL JB . -5.84 -30.85 21.16
C56 CDL JB . -5.21 -31.86 22.11
C57 CDL JB . -6.22 -32.64 22.94
C58 CDL JB . -5.58 -33.70 23.84
C59 CDL JB . -4.75 -33.13 24.97
C60 CDL JB . -4.20 -34.19 25.90
C61 CDL JB . -3.50 -33.64 27.14
C62 CDL JB . -2.22 -32.89 26.84
C63 CDL JB . -1.42 -32.53 28.09
C64 CDL JB . -2.11 -31.54 29.01
C65 CDL JB . -1.31 -31.18 30.25
C66 CDL JB . -1.01 -32.36 31.17
C67 CDL JB . -0.30 -31.95 32.44
CB6 CDL JB . -8.05 -32.74 14.46
OB8 CDL JB . -7.36 -31.47 14.63
CB7 CDL JB . -6.06 -31.45 14.36
OB9 CDL JB . -5.61 -31.26 13.28
C71 CDL JB . -5.24 -31.70 15.60
C72 CDL JB . -4.24 -30.60 15.88
C73 CDL JB . -3.30 -30.93 17.02
C74 CDL JB . -2.27 -29.87 17.32
C75 CDL JB . -1.30 -30.27 18.41
C76 CDL JB . -0.32 -29.18 18.82
C77 CDL JB . 0.65 -28.76 17.72
C78 CDL JB . 1.91 -28.10 18.25
C79 CDL JB . 1.67 -26.76 18.92
C80 CDL JB . 2.86 -26.22 19.70
C81 CDL JB . 3.16 -26.98 20.98
C82 CDL JB . 4.29 -28.00 20.87
C83 CDL JB . 4.35 -28.98 22.01
C84 CDL JB . 5.36 -30.11 21.83
C85 CDL JB . 5.30 -31.18 22.90
C86 CDL JB . 6.23 -32.34 22.66
C87 CDL JB . 6.11 -33.43 23.71
H1 CDL JB . -9.37 -31.90 9.50
H1O1 CDL JB . -10.08 -33.34 7.93
HA22 CDL JB . -6.88 -32.80 8.58
HA21 CDL JB . -7.02 -32.13 9.98
HA32 CDL JB . -5.96 -27.79 9.28
HA31 CDL JB . -4.54 -27.94 8.68
HA4 CDL JB . -4.60 -26.99 10.89
H112 CDL JB . -1.42 -29.64 11.78
H111 CDL JB . -1.89 -29.03 13.14
H122 CDL JB . -0.03 -27.40 12.75
H121 CDL JB . 0.52 -28.50 11.77
H132 CDL JB . 0.06 -29.85 13.98
H131 CDL JB . 0.62 -28.50 14.52
H142 CDL JB . 2.57 -28.80 13.20
H141 CDL JB . 2.02 -30.19 12.75
H152 CDL JB . 2.56 -29.65 15.46
H151 CDL JB . 3.67 -30.24 14.54
H162 CDL JB . 2.57 -32.23 14.32
H161 CDL JB . 1.24 -31.64 14.89
H172 CDL JB . 2.09 -32.95 16.53
H171 CDL JB . 2.27 -31.49 17.02
H182 CDL JB . 4.55 -31.56 16.43
H181 CDL JB . 4.37 -33.02 15.91
H192 CDL JB . 3.80 -33.65 18.17
H191 CDL JB . 4.21 -32.21 18.61
H202 CDL JB . 6.03 -34.05 17.46
H201 CDL JB . 5.91 -33.80 19.00
H212 CDL JB . 6.60 -31.52 18.58
H211 CDL JB . 6.91 -31.95 17.12
H222 CDL JB . 8.55 -33.44 17.89
H221 CDL JB . 8.21 -33.05 19.36
H232 CDL JB . 10.09 -31.89 18.92
H231 CDL JB . 8.96 -30.82 18.85
H242 CDL JB . 8.98 -30.88 16.52
H241 CDL JB . 10.04 -32.02 16.54
H252 CDL JB . 11.61 -30.53 17.51
H251 CDL JB . 10.55 -29.39 17.40
H262 CDL JB . 12.02 -29.14 15.65
H261 CDL JB . 10.64 -29.55 15.04
H273 CDL JB . 12.34 -30.76 14.01
H272 CDL JB . 11.38 -31.76 14.80
H271 CDL JB . 12.78 -31.35 15.42
HA62 CDL JB . -4.61 -28.82 12.59
HA61 CDL JB . -5.52 -29.55 11.54
H312 CDL JB . -4.92 -27.60 14.61
H311 CDL JB . -6.35 -28.21 14.64
H322 CDL JB . -7.21 -26.22 15.54
H321 CDL JB . -5.81 -25.55 15.44
H332 CDL JB . -4.98 -27.12 17.03
H331 CDL JB . -6.42 -27.70 17.17
H342 CDL JB . -7.14 -25.62 18.05
H341 CDL JB . -5.69 -25.07 17.93
H352 CDL JB . -6.44 -27.15 19.68
H351 CDL JB . -6.16 -25.70 20.14
H362 CDL JB . -3.91 -25.91 19.62
H361 CDL JB . -4.16 -27.34 19.03
H372 CDL JB . -4.86 -27.94 21.33
H371 CDL JB . -4.10 -26.63 21.75
H382 CDL JB . -2.10 -27.48 20.94
H381 CDL JB . -2.83 -28.74 20.37
H392 CDL JB . -3.40 -29.20 22.74
H391 CDL JB . -2.21 -28.23 23.04
H402 CDL JB . -0.78 -29.68 21.78
H401 CDL JB . -1.97 -30.68 21.66
H412 CDL JB . -0.83 -31.55 23.35
H411 CDL JB . -1.95 -30.76 24.09
H422 CDL JB . -0.45 -29.02 24.51
H421 CDL JB . 0.67 -29.78 23.73
H432 CDL JB . 0.51 -31.52 25.39
H431 CDL JB . -0.39 -30.55 26.22
H442 CDL JB . 1.40 -29.06 26.45
H441 CDL JB . 2.29 -29.96 25.55
H452 CDL JB . 2.21 -31.66 27.21
H451 CDL JB . 1.37 -30.71 28.11
H462 CDL JB . 3.54 -30.66 28.86
H461 CDL JB . 3.19 -29.25 28.30
H473 CDL JB . 5.31 -29.88 27.57
H472 CDL JB . 4.35 -29.74 26.32
H471 CDL JB . 4.70 -31.17 26.88
HB22 CDL JB . -8.38 -33.71 10.88
HB21 CDL JB . -8.93 -34.63 9.74
HB32 CDL JB . -11.33 -32.79 13.96
HB31 CDL JB . -10.29 -32.19 12.97
HB4 CDL JB . -9.71 -33.14 15.56
H512 CDL JB . -9.43 -29.43 17.71
H511 CDL JB . -8.36 -29.84 16.66
H522 CDL JB . -8.00 -31.88 17.76
H521 CDL JB . -9.12 -31.53 18.78
H532 CDL JB . -7.78 -29.75 19.61
H531 CDL JB . -6.66 -30.14 18.59
H542 CDL JB . -6.31 -32.17 19.67
H541 CDL JB . -7.52 -31.90 20.63
H552 CDL JB . -6.34 -30.19 21.68
H551 CDL JB . -5.14 -30.38 20.69
H562 CDL JB . -4.60 -31.38 22.71
H561 CDL JB . -4.68 -32.47 21.60
H572 CDL JB . -6.84 -33.07 22.35
H571 CDL JB . -6.71 -32.02 23.49
H582 CDL JB . -5.04 -34.28 23.29
H581 CDL JB . -6.28 -34.24 24.22
H592 CDL JB . -5.28 -32.50 25.48
H591 CDL JB . -4.00 -32.64 24.59
H602 CDL JB . -3.57 -34.75 25.42
H601 CDL JB . -4.93 -34.76 26.19
H612 CDL JB . -3.30 -34.37 27.74
H611 CDL JB . -4.11 -33.05 27.60
H622 CDL JB . -2.44 -32.07 26.37
H621 CDL JB . -1.67 -33.42 26.25
H632 CDL JB . -0.57 -32.17 27.82
H631 CDL JB . -1.24 -33.34 28.59
H642 CDL JB . -2.97 -31.91 29.29
H641 CDL JB . -2.30 -30.73 28.51
H652 CDL JB . -1.79 -30.50 30.76
H651 CDL JB . -0.47 -30.78 29.97
H662 CDL JB . -0.48 -33.00 30.70
H661 CDL JB . -1.85 -32.79 31.41
H673 CDL JB . -0.14 -32.73 32.98
H672 CDL JB . -0.84 -31.31 32.93
H671 CDL JB . 0.55 -31.53 32.21
HB62 CDL JB . -7.97 -33.05 13.54
HB61 CDL JB . -7.64 -33.42 15.03
H712 CDL JB . -4.78 -32.55 15.51
H711 CDL JB . -5.84 -31.79 16.36
H722 CDL JB . -4.71 -29.77 16.08
H721 CDL JB . -3.71 -30.43 15.07
H732 CDL JB . -2.85 -31.77 16.82
H731 CDL JB . -3.84 -31.08 17.82
H742 CDL JB . -2.72 -29.05 17.57
H741 CDL JB . -1.77 -29.68 16.50
H752 CDL JB . -0.80 -31.04 18.12
H751 CDL JB . -1.80 -30.53 19.20
H762 CDL JB . 0.18 -29.48 19.58
H761 CDL JB . -0.83 -28.39 19.09
H772 CDL JB . 0.20 -28.15 17.11
H771 CDL JB . 0.89 -29.55 17.21
H782 CDL JB . 2.53 -27.98 17.52
H781 CDL JB . 2.33 -28.70 18.89
H792 CDL JB . 0.91 -26.84 19.52
H791 CDL JB . 1.42 -26.11 18.24
H802 CDL JB . 2.70 -25.29 19.92
H801 CDL JB . 3.64 -26.25 19.12
H812 CDL JB . 2.36 -27.45 21.26
H811 CDL JB . 3.39 -26.35 21.68
H822 CDL JB . 5.14 -27.53 20.81
H821 CDL JB . 4.20 -28.49 20.03
H832 CDL JB . 3.47 -29.38 22.14
H831 CDL JB . 4.56 -28.51 22.83
H842 CDL JB . 6.25 -29.72 21.80
H841 CDL JB . 5.21 -30.52 20.96
H852 CDL JB . 4.39 -31.51 22.96
H851 CDL JB . 5.51 -30.77 23.75
H862 CDL JB . 7.14 -32.03 22.64
H861 CDL JB . 6.05 -32.73 21.79
H873 CDL JB . 6.72 -34.15 23.51
H872 CDL JB . 5.20 -33.77 23.71
H871 CDL JB . 6.32 -33.06 24.58
O12 PC1 KB . -2.86 -46.70 9.56
P PC1 KB . -1.58 -46.38 8.86
O14 PC1 KB . -0.48 -47.36 8.91
O13 PC1 KB . -1.89 -46.09 7.33
C11 PC1 KB . -1.79 -47.14 6.34
C12 PC1 KB . -3.13 -47.82 6.32
N PC1 KB . -3.36 -48.83 5.23
C13 PC1 KB . -2.21 -49.80 5.18
C14 PC1 KB . -4.62 -49.60 5.49
C15 PC1 KB . -3.47 -48.15 3.91
O11 PC1 KB . -1.02 -45.00 9.42
C1 PC1 KB . -0.05 -44.25 8.64
C2 PC1 KB . 0.54 -43.16 9.50
O21 PC1 KB . 1.60 -43.76 10.31
C21 PC1 KB . 2.78 -43.10 10.38
O22 PC1 KB . 3.66 -43.24 9.57
C22 PC1 KB . 2.84 -42.22 11.58
C23 PC1 KB . 3.61 -42.85 12.74
C24 PC1 KB . 3.47 -42.06 14.04
C25 PC1 KB . 4.19 -40.73 14.05
C26 PC1 KB . 3.95 -39.90 15.31
C27 PC1 KB . 4.74 -38.61 15.37
C28 PC1 KB . 4.19 -37.59 16.36
C29 PC1 KB . 4.09 -38.10 17.79
C2A PC1 KB . 5.43 -38.35 18.47
C2B PC1 KB . 6.26 -37.09 18.68
C2C PC1 KB . 7.52 -37.29 19.50
C2D PC1 KB . 7.27 -37.66 20.95
C2E PC1 KB . 8.55 -37.77 21.78
C2F PC1 KB . 8.29 -38.15 23.23
C2G PC1 KB . 9.56 -38.29 24.06
C2H PC1 KB . 9.32 -38.73 25.49
C2I PC1 KB . 10.60 -38.85 26.29
C3 PC1 KB . -0.48 -42.56 10.43
O31 PC1 KB . -0.14 -41.17 10.63
C31 PC1 KB . -1.10 -40.38 11.12
O32 PC1 KB . -2.17 -40.80 11.49
C32 PC1 KB . -0.68 -38.94 11.14
C33 PC1 KB . 0.55 -38.67 12.01
C34 PC1 KB . 0.34 -38.94 13.48
C35 PC1 KB . -0.60 -37.95 14.18
C36 PC1 KB . -0.90 -38.29 15.63
C37 PC1 KB . 0.30 -38.14 16.57
C38 PC1 KB . 0.22 -39.00 17.82
C39 PC1 KB . -0.90 -38.61 18.77
C3A PC1 KB . -1.09 -39.59 19.92
C3B PC1 KB . 0.18 -39.89 20.71
C3C PC1 KB . 0.83 -38.67 21.33
C3D PC1 KB . 2.08 -38.98 22.13
C3E PC1 KB . 2.60 -37.82 22.95
C3F PC1 KB . 3.72 -38.19 23.92
C3G PC1 KB . 4.24 -37.02 24.74
C3H PC1 KB . 5.26 -37.42 25.80
C3I PC1 KB . 5.82 -36.24 26.55
H111 PC1 KB . -1.08 -47.77 6.57
H112 PC1 KB . -1.57 -46.79 5.46
H121 PC1 KB . -3.82 -47.13 6.25
H122 PC1 KB . -3.27 -48.25 7.18
H131 PC1 KB . -2.36 -50.44 4.48
H132 PC1 KB . -2.14 -50.25 6.04
H133 PC1 KB . -1.39 -49.32 5.01
H141 PC1 KB . -4.76 -50.25 4.79
H142 PC1 KB . -5.37 -48.98 5.52
H143 PC1 KB . -4.55 -50.05 6.35
H151 PC1 KB . -3.61 -48.81 3.21
H152 PC1 KB . -2.65 -47.66 3.73
H153 PC1 KB . -4.22 -47.53 3.93
H11 PC1 KB . -0.47 -43.87 7.86
H12 PC1 KB . 0.65 -44.85 8.33
H2 PC1 KB . 0.87 -42.46 8.92
H221 PC1 KB . 1.94 -42.02 11.88
H222 PC1 KB . 3.25 -41.38 11.34
H231 PC1 KB . 4.55 -42.91 12.51
H232 PC1 KB . 3.29 -43.75 12.89
H241 PC1 KB . 3.82 -42.60 14.77
H242 PC1 KB . 2.53 -41.91 14.22
H251 PC1 KB . 3.90 -40.21 13.28
H252 PC1 KB . 5.14 -40.88 13.96
H261 PC1 KB . 4.17 -40.44 16.08
H262 PC1 KB . 3.00 -39.70 15.37
H271 PC1 KB . 4.76 -38.21 14.49
H272 PC1 KB . 5.66 -38.82 15.61
H281 PC1 KB . 3.30 -37.31 16.06
H282 PC1 KB . 4.76 -36.80 16.34
H291 PC1 KB . 3.58 -38.92 17.80
H292 PC1 KB . 3.59 -37.45 18.31
H2A1 PC1 KB . 5.95 -38.97 17.94
H2A2 PC1 KB . 5.27 -38.77 19.33
H2B1 PC1 KB . 5.71 -36.42 19.12
H2B2 PC1 KB . 6.50 -36.71 17.82
H2C1 PC1 KB . 8.06 -36.49 19.46
H2C2 PC1 KB . 8.05 -38.00 19.08
H2D1 PC1 KB . 6.81 -38.51 20.99
H2D2 PC1 KB . 6.70 -37.00 21.35
H2E1 PC1 KB . 9.01 -36.91 21.76
H2E2 PC1 KB . 9.13 -38.42 21.38
H2F1 PC1 KB . 7.82 -39.00 23.26
H2F2 PC1 KB . 7.72 -37.49 23.64
H2G1 PC1 KB . 10.02 -37.43 24.06
H2G2 PC1 KB . 10.15 -38.92 23.63
H2H1 PC1 KB . 8.86 -39.58 25.49
H2H2 PC1 KB . 8.73 -38.09 25.93
H2I1 PC1 KB . 10.39 -39.13 27.19
H2I2 PC1 KB . 11.04 -37.99 26.32
H2I3 PC1 KB . 11.18 -39.50 25.87
H31 PC1 KB . -0.48 -43.03 11.28
H32 PC1 KB . -1.36 -42.65 10.06
H321 PC1 KB . -1.41 -38.41 11.47
H322 PC1 KB . -0.51 -38.65 10.24
H331 PC1 KB . 0.82 -37.74 11.88
H332 PC1 KB . 1.28 -39.22 11.69
H341 PC1 KB . 1.19 -38.92 13.93
H342 PC1 KB . -0.02 -39.84 13.59
H351 PC1 KB . -1.44 -37.92 13.69
H352 PC1 KB . -0.21 -37.07 14.13
H361 PC1 KB . -1.21 -39.20 15.68
H362 PC1 KB . -1.61 -37.72 15.95
H371 PC1 KB . 0.38 -37.21 16.83
H372 PC1 KB . 1.11 -38.36 16.07
H381 PC1 KB . 1.07 -38.93 18.29
H382 PC1 KB . 0.11 -39.92 17.56
H391 PC1 KB . -1.73 -38.55 18.27
H392 PC1 KB . -0.72 -37.73 19.13
H3A1 PC1 KB . -1.45 -40.42 19.56
H3A2 PC1 KB . -1.76 -39.23 20.53
H3B1 PC1 KB . 0.82 -40.32 20.12
H3B2 PC1 KB . -0.04 -40.52 21.41
H3C1 PC1 KB . 0.19 -38.23 21.91
H3C2 PC1 KB . 1.06 -38.04 20.63
H3D1 PC1 KB . 2.78 -39.27 21.53
H3D2 PC1 KB . 1.89 -39.73 22.73
H3E1 PC1 KB . 1.87 -37.43 23.45
H3E2 PC1 KB . 2.93 -37.13 22.35
H3F1 PC1 KB . 4.45 -38.57 23.41
H3F2 PC1 KB . 3.40 -38.88 24.52
H3G1 PC1 KB . 3.49 -36.59 25.18
H3G2 PC1 KB . 4.63 -36.37 24.15
H3H1 PC1 KB . 6.00 -37.89 25.36
H3H2 PC1 KB . 4.85 -38.04 26.42
H3I1 PC1 KB . 6.46 -36.55 27.20
H3I2 PC1 KB . 5.10 -35.78 27.01
H3I3 PC1 KB . 6.25 -35.63 25.93
C1 CDL LB . -37.46 -1.90 16.62
O1 CDL LB . -37.50 -3.23 16.10
CA2 CDL LB . -36.80 -1.93 17.97
OA2 CDL LB . -35.77 -2.94 17.96
PA1 CDL LB . -34.24 -2.55 18.22
OA3 CDL LB . -33.41 -3.69 17.77
OA4 CDL LB . -33.98 -1.20 17.67
OA5 CDL LB . -34.11 -2.50 19.81
CA3 CDL LB . -34.95 -1.61 20.58
CA4 CDL LB . -34.38 -1.46 21.96
OA6 CDL LB . -35.02 -2.44 22.82
CA5 CDL LB . -34.57 -3.70 22.77
OA7 CDL LB . -34.44 -4.33 21.75
C11 CDL LB . -34.24 -4.22 24.14
C12 CDL LB . -35.12 -5.39 24.57
C13 CDL LB . -34.42 -6.30 25.59
C14 CDL LB . -35.37 -7.23 26.33
C15 CDL LB . -36.21 -6.53 27.40
C16 CDL LB . -36.98 -7.48 28.30
C17 CDL LB . -38.48 -7.23 28.32
C18 CDL LB . -39.24 -8.11 29.31
C19 CDL LB . -40.74 -7.89 29.31
C20 CDL LB . -41.45 -8.41 28.07
C21 CDL LB . -42.95 -8.18 28.05
C22 CDL LB . -43.66 -8.96 26.95
C23 CDL LB . -45.13 -8.62 26.79
C24 CDL LB . -45.38 -7.25 26.17
C25 CDL LB . -46.79 -7.06 25.61
C26 CDL LB . -47.89 -7.03 26.65
C27 CDL LB . -47.86 -5.77 27.50
CA6 CDL LB . -34.68 -0.08 22.51
OA8 CDL LB . -34.71 -0.16 23.96
CA7 CDL LB . -34.77 1.00 24.62
OA9 CDL LB . -34.27 2.02 24.24
C31 CDL LB . -35.56 0.86 25.89
C32 CDL LB . -35.10 1.80 27.00
C33 CDL LB . -35.63 3.21 26.86
C34 CDL LB . -37.10 3.37 27.25
C35 CDL LB . -37.39 3.14 28.73
C36 CDL LB . -38.85 3.30 29.11
C37 CDL LB . -39.35 4.74 29.15
C38 CDL LB . -38.76 5.57 30.27
C39 CDL LB . -39.29 6.99 30.34
C40 CDL LB . -40.75 7.09 30.77
C41 CDL LB . -41.19 8.52 31.04
C42 CDL LB . -42.63 8.63 31.53
C43 CDL LB . -43.01 10.05 31.94
C44 CDL LB . -44.43 10.19 32.44
C45 CDL LB . -44.78 11.57 32.97
C46 CDL LB . -46.19 11.73 33.47
C47 CDL LB . -47.23 11.65 32.38
CB2 CDL LB . -38.87 -1.35 16.65
OB2 CDL LB . -39.54 -1.74 15.44
PB2 CDL LB . -40.99 -1.16 15.09
OB3 CDL LB . -41.67 -2.18 14.27
OB4 CDL LB . -40.85 0.21 14.54
OB5 CDL LB . -41.77 -1.08 16.47
CB3 CDL LB . -41.64 0.07 17.33
CB4 CDL LB . -43.01 0.55 17.76
OB6 CDL LB . -42.81 1.43 18.91
CB5 CDL LB . -43.87 2.05 19.42
OB7 CDL LB . -44.98 1.99 18.95
C51 CDL LB . -43.52 2.82 20.66
C52 CDL LB . -44.22 4.16 20.76
C53 CDL LB . -43.81 4.95 21.99
C54 CDL LB . -44.61 6.21 22.23
C55 CDL LB . -44.44 7.27 21.16
C56 CDL LB . -43.02 7.78 21.01
C57 CDL LB . -42.88 9.03 20.16
C58 CDL LB . -43.55 10.27 20.75
C59 CDL LB . -43.06 10.66 22.15
C60 CDL LB . -43.91 10.11 23.28
C61 CDL LB . -43.38 10.45 24.67
C62 CDL LB . -44.23 9.92 25.81
C63 CDL LB . -43.66 10.22 27.18
C64 CDL LB . -44.50 9.68 28.34
C65 CDL LB . -45.90 10.25 28.42
C66 CDL LB . -45.96 11.76 28.62
C67 CDL LB . -47.37 12.30 28.72
CB6 CDL LB . -43.90 -0.58 18.19
OB8 CDL LB . -43.73 -0.78 19.62
CB7 CDL LB . -42.60 -1.38 20.01
OB9 CDL LB . -42.01 -2.17 19.35
C71 CDL LB . -42.19 -0.91 21.38
C72 CDL LB . -41.32 -1.91 22.14
C73 CDL LB . -39.94 -2.08 21.54
C74 CDL LB . -39.02 -2.98 22.34
C75 CDL LB . -38.57 -2.37 23.66
C76 CDL LB . -38.68 -3.32 24.85
C77 CDL LB . -40.12 -3.72 25.19
C78 CDL LB . -40.25 -4.32 26.57
C79 CDL LB . -41.57 -5.05 26.80
C80 CDL LB . -42.82 -4.20 26.60
C81 CDL LB . -42.97 -3.08 27.62
C82 CDL LB . -44.41 -2.63 27.81
C83 CDL LB . -44.58 -1.49 28.78
C84 CDL LB . -44.23 -0.13 28.22
C85 CDL LB . -44.35 1.02 29.21
C86 CDL LB . -43.97 2.38 28.65
C87 CDL LB . -44.88 2.82 27.52
H1 CDL LB . -36.94 -1.31 16.05
H1O1 CDL LB . -37.00 -3.73 16.55
HA22 CDL LB . -37.45 -2.12 18.67
HA21 CDL LB . -36.41 -1.06 18.18
HA32 CDL LB . -35.86 -1.97 20.63
HA31 CDL LB . -35.02 -0.75 20.14
HA4 CDL LB . -33.43 -1.57 21.92
H112 CDL LB . -34.34 -3.50 24.79
H111 CDL LB . -33.31 -4.49 24.16
H122 CDL LB . -35.36 -5.92 23.80
H121 CDL LB . -35.94 -5.05 24.96
H132 CDL LB . -33.96 -5.74 26.24
H131 CDL LB . -33.76 -6.82 25.13
H142 CDL LB . -34.85 -7.93 26.76
H141 CDL LB . -35.96 -7.65 25.70
H152 CDL LB . -36.84 -5.94 26.96
H151 CDL LB . -35.64 -5.98 27.95
H162 CDL LB . -36.63 -7.41 29.20
H161 CDL LB . -36.82 -8.39 28.01
H172 CDL LB . -38.83 -7.39 27.43
H171 CDL LB . -38.64 -6.31 28.54
H182 CDL LB . -38.90 -7.94 30.21
H181 CDL LB . -39.05 -9.04 29.11
H192 CDL LB . -40.92 -6.94 29.40
H191 CDL LB . -41.12 -8.33 30.09
H202 CDL LB . -41.27 -9.36 27.99
H201 CDL LB . -41.05 -7.98 27.29
H212 CDL LB . -43.12 -7.24 27.93
H211 CDL LB . -43.32 -8.43 28.91
H222 CDL LB . -43.59 -9.91 27.14
H221 CDL LB . -43.21 -8.79 26.11
H232 CDL LB . -45.57 -8.65 27.65
H231 CDL LB . -45.56 -9.29 26.23
H242 CDL LB . -44.74 -7.11 25.46
H241 CDL LB . -45.22 -6.57 26.84
H252 CDL LB . -46.97 -7.79 24.99
H251 CDL LB . -46.81 -6.25 25.10
H262 CDL LB . -47.82 -7.80 27.22
H261 CDL LB . -48.76 -7.08 26.20
H273 CDL LB . -48.59 -5.80 28.14
H272 CDL LB . -47.96 -5.00 26.94
H271 CDL LB . -47.02 -5.73 27.98
HA62 CDL LB . -35.53 0.24 22.17
HA61 CDL LB . -34.00 0.55 22.22
H312 CDL LB . -35.49 -0.06 26.20
H311 CDL LB . -36.49 1.02 25.71
H322 CDL LB . -34.13 1.83 27.00
H321 CDL LB . -35.37 1.43 27.86
H332 CDL LB . -35.53 3.50 25.94
H331 CDL LB . -35.11 3.81 27.41
H342 CDL LB . -37.64 2.75 26.72
H341 CDL LB . -37.40 4.26 27.00
H352 CDL LB . -36.86 3.76 29.25
H351 CDL LB . -37.10 2.25 28.97
H362 CDL LB . -38.99 2.91 29.98
H361 CDL LB . -39.39 2.80 28.48
H372 CDL LB . -40.31 4.74 29.23
H371 CDL LB . -39.14 5.16 28.29
H382 CDL LB . -37.79 5.60 30.17
H381 CDL LB . -38.93 5.13 31.12
H392 CDL LB . -39.19 7.41 29.47
H391 CDL LB . -38.74 7.49 30.97
H402 CDL LB . -40.88 6.56 31.56
H401 CDL LB . -41.30 6.71 30.07
H412 CDL LB . -41.10 9.04 30.22
H411 CDL LB . -40.60 8.91 31.70
H422 CDL LB . -42.75 8.05 32.29
H421 CDL LB . -43.23 8.33 30.84
H432 CDL LB . -42.89 10.64 31.19
H431 CDL LB . -42.41 10.35 32.64
H442 CDL LB . -44.59 9.53 33.13
H441 CDL LB . -45.04 9.98 31.71
H452 CDL LB . -44.62 12.22 32.26
H451 CDL LB . -44.16 11.78 33.69
H462 CDL LB . -46.28 12.58 33.93
H461 CDL LB . -46.37 11.04 34.14
H473 CDL LB . -48.12 11.76 32.76
H472 CDL LB . -47.18 10.79 31.94
H471 CDL LB . -47.07 12.35 31.74
HB22 CDL LB . -38.85 -0.38 16.73
HB21 CDL LB . -39.35 -1.69 17.43
HB32 CDL LB . -41.18 0.78 16.87
HB31 CDL LB . -41.10 -0.15 18.11
HB4 CDL LB . -43.43 0.99 17.00
H512 CDL LB . -42.56 2.96 20.67
H511 CDL LB . -43.74 2.28 21.44
H522 CDL LB . -45.18 4.02 20.78
H521 CDL LB . -44.03 4.69 19.97
H532 CDL LB . -42.87 5.19 21.92
H531 CDL LB . -43.88 4.37 22.77
H542 CDL LB . -44.36 6.59 23.08
H541 CDL LB . -45.55 5.97 22.29
H552 CDL LB . -45.02 8.03 21.37
H551 CDL LB . -44.74 6.92 20.31
H562 CDL LB . -42.48 7.08 20.62
H561 CDL LB . -42.66 7.96 21.90
H572 CDL LB . -43.27 8.86 19.30
H571 CDL LB . -41.94 9.22 20.04
H582 CDL LB . -44.51 10.12 20.79
H581 CDL LB . -43.41 11.02 20.16
H592 CDL LB . -43.03 11.61 22.21
H591 CDL LB . -42.15 10.33 22.25
H602 CDL LB . -43.97 9.14 23.20
H601 CDL LB . -44.81 10.46 23.20
H612 CDL LB . -43.29 11.41 24.75
H611 CDL LB . -42.48 10.08 24.75
H622 CDL LB . -44.34 8.97 25.71
H621 CDL LB . -45.12 10.32 25.74
H632 CDL LB . -43.56 11.18 27.29
H631 CDL LB . -42.76 9.84 27.24
H642 CDL LB . -44.04 9.86 29.17
H641 CDL LB . -44.56 8.72 28.25
H652 CDL LB . -46.38 9.83 29.14
H651 CDL LB . -46.38 10.04 27.60
H662 CDL LB . -45.50 12.20 27.89
H661 CDL LB . -45.47 11.99 29.44
H673 CDL LB . -47.34 13.26 28.85
H672 CDL LB . -47.82 11.88 29.47
H671 CDL LB . -47.84 12.09 27.91
HB62 CDL LB . -43.68 -1.39 17.72
HB61 CDL LB . -44.83 -0.37 18.00
H712 CDL LB . -42.99 -0.72 21.90
H711 CDL LB . -41.70 -0.08 21.30
H722 CDL LB . -41.77 -2.78 22.15
H721 CDL LB . -41.23 -1.63 23.05
H732 CDL LB . -39.52 -1.21 21.44
H731 CDL LB . -40.02 -2.44 20.63
H742 CDL LB . -38.23 -3.19 21.81
H741 CDL LB . -39.47 -3.82 22.52
H752 CDL LB . -39.11 -1.58 23.84
H751 CDL LB . -37.65 -2.08 23.58
H762 CDL LB . -38.28 -2.89 25.62
H761 CDL LB . -38.17 -4.12 24.66
H772 CDL LB . -40.42 -4.36 24.54
H771 CDL LB . -40.68 -2.94 25.12
H782 CDL LB . -40.19 -3.61 27.23
H781 CDL LB . -39.52 -4.94 26.73
H792 CDL LB . -41.58 -5.42 27.69
H791 CDL LB . -41.61 -5.81 26.19
H802 CDL LB . -43.60 -4.78 26.64
H801 CDL LB . -42.80 -3.82 25.71
H812 CDL LB . -42.44 -2.33 27.34
H811 CDL LB . -42.62 -3.38 28.48
H822 CDL LB . -44.94 -3.39 28.11
H821 CDL LB . -44.78 -2.37 26.94
H832 CDL LB . -44.04 -1.66 29.57
H831 CDL LB . -45.50 -1.47 29.08
H842 CDL LB . -44.81 0.06 27.46
H841 CDL LB . -43.32 -0.16 27.88
H852 CDL LB . -43.77 0.82 29.97
H851 CDL LB . -45.26 1.05 29.55
H862 CDL LB . -43.06 2.34 28.33
H861 CDL LB . -44.01 3.04 29.36
H873 CDL LB . -44.60 3.69 27.21
H872 CDL LB . -45.80 2.87 27.85
H871 CDL LB . -44.84 2.18 26.79
C1 CDL MB . -48.26 -22.57 18.17
O1 CDL MB . -48.86 -23.77 18.68
CA2 CDL MB . -46.83 -22.50 18.64
OA2 CDL MB . -46.18 -23.75 18.33
PA1 CDL MB . -44.64 -23.76 17.90
OA3 CDL MB . -44.56 -24.07 16.46
OA4 CDL MB . -44.00 -22.52 18.40
OA5 CDL MB . -44.03 -25.01 18.69
CA3 CDL MB . -43.43 -24.80 19.99
CA4 CDL MB . -42.77 -26.07 20.44
OA6 CDL MB . -41.56 -26.25 19.63
CA5 CDL MB . -40.39 -26.29 20.27
OA7 CDL MB . -40.05 -25.48 21.09
C11 CDL MB . -39.56 -27.46 19.83
C12 CDL MB . -38.65 -28.01 20.91
C13 CDL MB . -38.56 -29.53 20.89
C14 CDL MB . -37.45 -30.10 21.76
C15 CDL MB . -37.36 -31.61 21.74
C16 CDL MB . -36.29 -32.18 22.65
C17 CDL MB . -36.83 -32.91 23.87
C18 CDL MB . -35.76 -33.34 24.87
C19 CDL MB . -36.30 -34.05 26.10
C20 CDL MB . -35.26 -34.31 27.17
C21 CDL MB . -34.77 -33.06 27.88
C22 CDL MB . -33.79 -33.34 29.01
C23 CDL MB . -33.29 -32.07 29.71
C24 CDL MB . -32.22 -32.32 30.74
C25 CDL MB . -32.66 -33.14 31.95
C26 CDL MB . -31.59 -33.31 33.00
C27 CDL MB . -32.04 -34.15 34.17
CA6 CDL MB . -43.66 -27.27 20.25
OA8 CDL MB . -43.78 -27.96 21.51
CA7 CDL MB . -42.80 -28.80 21.83
OA9 CDL MB . -41.86 -29.03 21.13
C31 CDL MB . -43.03 -29.42 23.19
C32 CDL MB . -41.77 -29.41 24.05
C33 CDL MB . -41.93 -30.19 25.34
C34 CDL MB . -40.70 -30.18 26.23
C35 CDL MB . -40.81 -31.08 27.44
C36 CDL MB . -39.58 -31.02 28.35
C37 CDL MB . -39.63 -31.99 29.52
C38 CDL MB . -38.40 -31.92 30.41
C39 CDL MB . -38.39 -32.95 31.54
C40 CDL MB . -37.18 -32.86 32.44
C41 CDL MB . -37.12 -33.92 33.52
C42 CDL MB . -35.92 -33.79 34.43
C43 CDL MB . -35.87 -34.83 35.56
C44 CDL MB . -35.66 -36.25 35.08
C45 CDL MB . -35.53 -37.26 36.20
C46 CDL MB . -35.29 -38.69 35.73
C47 CDL MB . -35.17 -39.67 36.87
CB2 CDL MB . -49.09 -21.39 18.61
OB2 CDL MB . -48.45 -20.17 18.15
PB2 CDL MB . -48.95 -18.76 18.68
OB3 CDL MB . -50.09 -19.01 19.60
OB4 CDL MB . -49.16 -17.86 17.51
OB5 CDL MB . -47.73 -18.21 19.55
CB3 CDL MB . -47.55 -18.64 20.91
CB4 CDL MB . -46.68 -17.62 21.61
OB6 CDL MB . -46.28 -18.12 22.93
CB5 CDL MB . -46.94 -19.18 23.43
OB7 CDL MB . -46.61 -20.32 23.24
C51 CDL MB . -48.10 -18.75 24.28
C52 CDL MB . -47.81 -18.75 25.77
C53 CDL MB . -47.44 -20.13 26.31
C54 CDL MB . -47.34 -20.18 27.83
C55 CDL MB . -47.01 -21.56 28.38
C56 CDL MB . -47.14 -21.65 29.90
C57 CDL MB . -46.84 -23.02 30.47
C58 CDL MB . -47.30 -23.20 31.91
C59 CDL MB . -46.98 -24.56 32.50
C60 CDL MB . -45.53 -24.73 32.93
C61 CDL MB . -45.21 -26.10 33.50
C62 CDL MB . -43.83 -26.21 34.11
C63 CDL MB . -43.47 -27.59 34.62
C64 CDL MB . -43.28 -28.62 33.52
C65 CDL MB . -42.75 -29.95 34.01
C66 CDL MB . -42.48 -30.96 32.90
C67 CDL MB . -41.91 -32.26 33.40
CB6 CDL MB . -47.40 -16.32 21.81
OB8 CDL MB . -46.78 -15.62 22.91
CB7 CDL MB . -46.12 -14.50 22.62
OB9 CDL MB . -46.61 -13.56 22.06
C71 CDL MB . -44.70 -14.57 23.09
C72 CDL MB . -43.88 -13.35 22.67
C73 CDL MB . -44.25 -12.08 23.41
C74 CDL MB . -43.35 -11.77 24.60
C75 CDL MB . -43.48 -12.74 25.77
C76 CDL MB . -44.88 -12.81 26.37
C77 CDL MB . -44.94 -13.55 27.70
C78 CDL MB . -44.50 -15.01 27.61
C79 CDL MB . -44.54 -15.73 28.95
C80 CDL MB . -43.99 -17.15 28.90
C81 CDL MB . -43.87 -17.80 30.26
C82 CDL MB . -43.23 -19.18 30.24
C83 CDL MB . -43.01 -19.77 31.61
C84 CDL MB . -42.37 -21.15 31.59
C85 CDL MB . -42.11 -21.73 32.98
C86 CDL MB . -41.49 -23.11 32.97
C87 CDL MB . -41.22 -23.64 34.35
H1 CDL MB . -48.26 -22.58 17.20
H1O1 CDL MB . -48.27 -24.34 18.83
HA22 CDL MB . -46.79 -22.31 19.58
HA21 CDL MB . -46.38 -21.76 18.18
HA32 CDL MB . -44.11 -24.53 20.63
HA31 CDL MB . -42.78 -24.08 19.95
HA4 CDL MB . -42.57 -26.00 21.38
H112 CDL MB . -39.01 -27.19 19.07
H111 CDL MB . -40.14 -28.16 19.52
H122 CDL MB . -38.98 -27.72 21.78
H121 CDL MB . -37.76 -27.64 20.81
H132 CDL MB . -38.42 -29.82 19.97
H131 CDL MB . -39.41 -29.90 21.19
H142 CDL MB . -37.57 -29.79 22.67
H141 CDL MB . -36.60 -29.73 21.46
H152 CDL MB . -37.19 -31.91 20.84
H151 CDL MB . -38.22 -31.97 22.01
H162 CDL MB . -35.72 -31.46 22.95
H161 CDL MB . -35.73 -32.78 22.14
H172 CDL MB . -37.31 -33.70 23.57
H171 CDL MB . -37.48 -32.34 24.32
H182 CDL MB . -35.26 -32.55 25.15
H181 CDL MB . -35.13 -33.93 24.41
H192 CDL MB . -36.70 -34.89 25.83
H191 CDL MB . -37.02 -33.50 26.47
H202 CDL MB . -34.51 -34.76 26.77
H201 CDL MB . -35.64 -34.91 27.83
H212 CDL MB . -35.54 -32.58 28.24
H211 CDL MB . -34.35 -32.47 27.23
H222 CDL MB . -33.03 -33.81 28.66
H221 CDL MB . -34.22 -33.91 29.67
H232 CDL MB . -34.05 -31.65 30.14
H231 CDL MB . -32.97 -31.46 29.04
H242 CDL MB . -31.88 -31.46 31.05
H241 CDL MB . -31.47 -32.78 30.31
H252 CDL MB . -32.95 -34.01 31.64
H251 CDL MB . -33.44 -32.72 32.34
H262 CDL MB . -31.32 -32.44 33.33
H261 CDL MB . -30.81 -33.71 32.59
H273 CDL MB . -31.32 -34.23 34.81
H272 CDL MB . -32.28 -35.04 33.85
H271 CDL MB . -32.81 -33.74 34.60
HA62 CDL MB . -43.28 -27.86 19.57
HA61 CDL MB . -44.53 -26.99 19.92
H312 CDL MB . -43.34 -30.33 23.08
H311 CDL MB . -43.73 -28.93 23.65
H322 CDL MB . -41.54 -28.49 24.26
H321 CDL MB . -41.03 -29.77 23.54
H332 CDL MB . -42.16 -31.12 25.12
H331 CDL MB . -42.68 -29.84 25.84
H342 CDL MB . -40.54 -29.27 26.51
H341 CDL MB . -39.93 -30.45 25.69
H352 CDL MB . -40.94 -31.99 27.16
H351 CDL MB . -41.59 -30.82 27.96
H362 CDL MB . -39.49 -30.12 28.70
H361 CDL MB . -38.78 -31.19 27.82
H372 CDL MB . -39.71 -32.89 29.16
H371 CDL MB . -40.41 -31.81 30.05
H382 CDL MB . -38.34 -31.03 30.80
H381 CDL MB . -37.60 -32.03 29.87
H392 CDL MB . -38.43 -33.83 31.14
H391 CDL MB . -39.19 -32.84 32.07
H402 CDL MB . -37.16 -31.98 32.85
H401 CDL MB . -36.37 -32.93 31.89
H412 CDL MB . -37.11 -34.80 33.10
H411 CDL MB . -37.93 -33.87 34.04
H422 CDL MB . -35.92 -32.91 34.84
H421 CDL MB . -35.11 -33.86 33.91
H432 CDL MB . -36.70 -34.78 36.05
H431 CDL MB . -35.16 -34.60 36.17
H442 CDL MB . -34.87 -36.28 34.51
H441 CDL MB . -36.41 -36.51 34.51
H452 CDL MB . -36.34 -37.25 36.73
H451 CDL MB . -34.80 -36.99 36.77
H462 CDL MB . -34.48 -38.71 35.20
H461 CDL MB . -36.02 -38.95 35.15
H473 CDL MB . -35.02 -40.56 36.52
H472 CDL MB . -35.99 -39.67 37.40
H471 CDL MB . -34.43 -39.41 37.44
HB22 CDL MB . -49.18 -21.37 19.57
HB21 CDL MB . -49.99 -21.45 18.25
HB32 CDL MB . -47.13 -19.52 20.94
HB31 CDL MB . -48.40 -18.72 21.36
HB4 CDL MB . -45.91 -17.47 21.05
H512 CDL MB . -48.85 -19.34 24.10
H511 CDL MB . -48.37 -17.85 24.01
H522 CDL MB . -48.58 -18.41 26.25
H521 CDL MB . -47.08 -18.14 25.95
H532 CDL MB . -46.60 -20.41 25.92
H531 CDL MB . -48.11 -20.77 26.02
H542 CDL MB . -48.18 -19.88 28.21
H541 CDL MB . -46.66 -19.54 28.11
H552 CDL MB . -46.10 -21.79 28.13
H551 CDL MB . -47.59 -22.21 27.97
H562 CDL MB . -48.05 -21.40 30.15
H561 CDL MB . -46.55 -21.00 30.30
H572 CDL MB . -45.88 -23.19 30.42
H571 CDL MB . -47.27 -23.69 29.92
H582 CDL MB . -48.26 -23.05 31.95
H581 CDL MB . -46.89 -22.51 32.46
H592 CDL MB . -47.20 -25.25 31.86
H591 CDL MB . -47.55 -24.71 33.28
H602 CDL MB . -45.33 -24.06 33.60
H601 CDL MB . -44.96 -24.57 32.17
H612 CDL MB . -45.30 -26.76 32.79
H611 CDL MB . -45.87 -26.33 34.17
H622 CDL MB . -43.77 -25.58 34.85
H621 CDL MB . -43.17 -25.93 33.46
H632 CDL MB . -44.16 -27.90 35.22
H631 CDL MB . -42.65 -27.53 35.15
H642 CDL MB . -42.67 -28.27 32.85
H641 CDL MB . -44.13 -28.77 33.08
H652 CDL MB . -43.38 -30.34 34.64
H651 CDL MB . -41.92 -29.81 34.50
H662 CDL MB . -41.86 -30.57 32.26
H661 CDL MB . -43.31 -31.13 32.43
H673 CDL MB . -41.76 -32.86 32.65
H672 CDL MB . -42.54 -32.67 34.03
H671 CDL MB . -41.08 -32.10 33.85
HB62 CDL MB . -48.35 -16.48 22.00
HB61 CDL MB . -47.36 -15.78 21.00
H712 CDL MB . -44.29 -15.37 22.72
H711 CDL MB . -44.67 -14.65 24.04
H722 CDL MB . -44.00 -13.20 21.71
H721 CDL MB . -42.94 -13.54 22.81
H732 CDL MB . -45.17 -12.16 23.72
H731 CDL MB . -44.22 -11.34 22.80
H742 CDL MB . -43.56 -10.88 24.92
H741 CDL MB . -42.44 -11.76 24.30
H752 CDL MB . -42.85 -12.49 26.45
H751 CDL MB . -43.23 -13.63 25.46
H762 CDL MB . -45.48 -13.24 25.74
H761 CDL MB . -45.21 -11.91 26.50
H772 CDL MB . -45.85 -13.53 28.02
H771 CDL MB . -44.40 -13.10 28.34
H782 CDL MB . -43.60 -15.05 27.26
H781 CDL MB . -45.07 -15.47 26.98
H792 CDL MB . -45.46 -15.76 29.26
H791 CDL MB . -44.03 -15.22 29.60
H802 CDL MB . -43.12 -17.13 28.48
H801 CDL MB . -44.57 -17.68 28.34
H812 CDL MB . -44.76 -17.88 30.66
H811 CDL MB . -43.36 -17.22 30.84
H822 CDL MB . -42.37 -19.11 29.79
H821 CDL MB . -43.78 -19.78 29.72
H832 CDL MB . -43.87 -19.84 32.07
H831 CDL MB . -42.46 -19.17 32.14
H842 CDL MB . -41.52 -21.10 31.12
H841 CDL MB . -42.93 -21.76 31.09
H852 CDL MB . -42.96 -21.76 33.46
H851 CDL MB . -41.54 -21.12 33.47
H862 CDL MB . -40.66 -23.07 32.46
H861 CDL MB . -42.08 -23.73 32.50
H873 CDL MB . -40.81 -24.52 34.29
H872 CDL MB . -42.04 -23.70 34.85
H871 CDL MB . -40.59 -23.04 34.81
O12 PC1 NB . 22.36 -26.31 4.39
P PC1 NB . 21.94 -27.74 4.17
O14 PC1 NB . 20.92 -28.06 3.11
O13 PC1 NB . 23.25 -28.57 3.78
C11 PC1 NB . 23.58 -28.65 2.37
C12 PC1 NB . 25.08 -28.62 2.20
N PC1 NB . 25.62 -29.51 1.10
C13 PC1 NB . 24.94 -29.22 -0.17
C14 PC1 NB . 27.06 -29.26 0.95
C15 PC1 NB . 25.42 -30.94 1.46
O11 PC1 NB . 21.47 -28.33 5.58
C1 PC1 NB . 21.43 -29.76 5.81
C2 PC1 NB . 21.91 -29.99 7.22
O21 PC1 NB . 23.35 -29.83 7.20
C21 PC1 NB . 24.11 -30.92 7.07
O22 PC1 NB . 24.11 -31.61 6.08
C22 PC1 NB . 24.98 -31.17 8.25
C23 PC1 NB . 25.27 -32.60 8.50
C24 PC1 NB . 25.97 -32.79 9.81
C25 PC1 NB . 25.12 -33.40 10.86
C26 PC1 NB . 25.37 -32.86 12.24
C27 PC1 NB . 24.69 -33.63 13.33
C28 PC1 NB . 25.10 -33.22 14.72
C29 PC1 NB . 24.52 -34.07 15.81
C2A PC1 NB . 23.40 -33.41 16.56
C2B PC1 NB . 23.00 -34.13 17.83
C2C PC1 NB . 23.24 -35.60 17.83
C2D PC1 NB . 22.58 -36.33 18.96
C2E PC1 NB . 23.30 -36.21 20.27
C2F PC1 NB . 22.83 -35.08 21.13
C2G PC1 NB . 23.15 -35.24 22.59
C2H PC1 NB . 21.94 -35.43 23.45
C2I PC1 NB . 22.19 -36.30 24.65
C3 PC1 NB . 21.48 -31.31 7.79
O31 PC1 NB . 22.14 -31.51 9.06
C31 PC1 NB . 21.65 -30.87 10.11
O32 PC1 NB . 20.79 -30.03 10.03
C32 PC1 NB . 22.32 -31.30 11.37
C33 PC1 NB . 21.67 -30.78 12.60
C34 PC1 NB . 22.40 -31.23 13.85
C35 PC1 NB . 22.12 -30.38 15.06
C36 PC1 NB . 20.69 -29.94 15.17
C37 PC1 NB . 20.21 -29.76 16.58
C38 PC1 NB . 19.37 -30.89 17.09
C39 PC1 NB . 20.17 -31.91 17.85
C3A PC1 NB . 20.43 -31.52 19.28
C3B PC1 NB . 21.09 -32.59 20.09
C3C PC1 NB . 20.82 -32.49 21.56
C3D PC1 NB . 19.70 -33.35 22.04
C3E PC1 NB . 19.58 -33.42 23.53
C3F PC1 NB . 18.22 -33.81 24.02
C3G PC1 NB . 17.34 -32.65 24.38
C3H PC1 NB . 17.49 -32.22 25.81
C3I PC1 NB . 16.80 -30.92 26.11
H111 PC1 NB . 23.19 -27.91 1.89
H112 PC1 NB . 23.22 -29.46 1.99
H121 PC1 NB . 25.49 -28.89 3.05
H122 PC1 NB . 25.35 -27.72 2.02
H131 PC1 NB . 25.30 -29.79 -0.87
H132 PC1 NB . 25.09 -28.29 -0.40
H133 PC1 NB . 23.98 -29.37 -0.07
H141 PC1 NB . 27.42 -29.84 0.24
H142 PC1 NB . 27.52 -29.47 1.78
H143 PC1 NB . 27.21 -28.33 0.71
H151 PC1 NB . 25.77 -31.50 0.75
H152 PC1 NB . 24.47 -31.11 1.56
H153 PC1 NB . 25.88 -31.14 2.29
H11 PC1 NB . 22.01 -30.22 5.18
H12 PC1 NB . 20.53 -30.11 5.69
H2 PC1 NB . 21.50 -29.33 7.81
H221 PC1 NB . 24.56 -30.79 9.04
H222 PC1 NB . 25.81 -30.69 8.14
H231 PC1 NB . 25.82 -32.94 7.78
H232 PC1 NB . 24.45 -33.10 8.49
H241 PC1 NB . 26.30 -31.94 10.13
H242 PC1 NB . 26.75 -33.36 9.67
H251 PC1 NB . 25.24 -34.36 10.87
H252 PC1 NB . 24.18 -33.24 10.63
H261 PC1 NB . 25.07 -31.94 12.28
H262 PC1 NB . 26.32 -32.86 12.41
H271 PC1 NB . 24.88 -34.57 13.22
H272 PC1 NB . 23.73 -33.52 13.25
H281 PC1 NB . 24.84 -32.30 14.87
H282 PC1 NB . 26.07 -33.24 14.78
H291 PC1 NB . 25.23 -34.31 16.43
H292 PC1 NB . 24.20 -34.89 15.42
H2A1 PC1 NB . 22.63 -33.35 15.98
H2A2 PC1 NB . 23.66 -32.51 16.79
H2B1 PC1 NB . 22.05 -33.97 17.99
H2B2 PC1 NB . 23.47 -33.73 18.58
H2C1 PC1 NB . 24.20 -35.77 17.87
H2C2 PC1 NB . 22.93 -35.98 16.99
H2D1 PC1 NB . 22.50 -37.27 18.73
H2D2 PC1 NB . 21.68 -35.99 19.07
H2E1 PC1 NB . 24.25 -36.10 20.10
H2E2 PC1 NB . 23.20 -37.04 20.76
H2F1 PC1 NB . 21.87 -34.98 21.02
H2F2 PC1 NB . 23.23 -34.25 20.81
H2G1 PC1 NB . 23.63 -34.45 22.89
H2G2 PC1 NB . 23.74 -36.00 22.71
H2H1 PC1 NB . 21.22 -35.82 22.91
H2H2 PC1 NB . 21.61 -34.56 23.75
H2I1 PC1 NB . 21.38 -36.40 25.17
H2I2 PC1 NB . 22.89 -35.91 25.20
H2I3 PC1 NB . 22.49 -37.18 24.35
H31 PC1 NB . 21.70 -32.03 7.18
H32 PC1 NB . 20.51 -31.33 7.91
H321 PC1 NB . 23.25 -31.01 11.35
H322 PC1 NB . 22.34 -32.27 11.40
H331 PC1 NB . 20.75 -31.10 12.63
H332 PC1 NB . 21.63 -29.82 12.57
H341 PC1 NB . 23.36 -31.22 13.67
H342 PC1 NB . 22.15 -32.14 14.05
H351 PC1 NB . 22.69 -29.60 15.03
H352 PC1 NB . 22.35 -30.88 15.85
H361 PC1 NB . 20.12 -30.59 14.72
H362 PC1 NB . 20.58 -29.10 14.69
H371 PC1 NB . 19.69 -28.94 16.62
H372 PC1 NB . 20.97 -29.64 17.16
H381 PC1 NB . 18.94 -31.33 16.33
H382 PC1 NB . 18.67 -30.54 17.66
H391 PC1 NB . 21.01 -32.05 17.40
H392 PC1 NB . 19.69 -32.75 17.84
H3A1 PC1 NB . 19.60 -31.28 19.70
H3A2 PC1 NB . 20.99 -30.73 19.28
H3B1 PC1 NB . 22.05 -32.55 19.94
H3B2 PC1 NB . 20.79 -33.46 19.77
H3C1 PC1 NB . 20.64 -31.57 21.78
H3C2 PC1 NB . 21.63 -32.74 22.04
H3D1 PC1 NB . 19.81 -34.25 21.69
H3D2 PC1 NB . 18.86 -33.01 21.68
H3E1 PC1 NB . 19.81 -32.55 23.91
H3E2 PC1 NB . 20.24 -34.05 23.87
H3F1 PC1 NB . 18.32 -34.40 24.80
H3F2 PC1 NB . 17.78 -34.34 23.33
H3G1 PC1 NB . 16.42 -32.89 24.22
H3G2 PC1 NB . 17.55 -31.90 23.81
H3H1 PC1 NB . 18.44 -32.14 26.02
H3H2 PC1 NB . 17.13 -32.91 26.39
H3I1 PC1 NB . 16.93 -30.69 27.04
H3I2 PC1 NB . 15.85 -31.00 25.92
H3I3 PC1 NB . 17.18 -30.22 25.55
C27 PEE OB . -6.05 31.52 5.91
C26 PEE OB . -6.70 32.53 4.99
C25 PEE OB . -5.70 33.39 4.24
C24 PEE OB . -6.34 34.40 3.31
C23 PEE OB . -5.34 35.30 2.59
C22 PEE OB . -4.40 34.56 1.65
C21 PEE OB . -3.38 35.46 0.96
C20 PEE OB . -2.33 34.69 0.18
C19 PEE OB . -1.20 35.55 -0.33
C18 PEE OB . -1.55 36.43 -1.52
C17 PEE OB . -0.38 37.23 -2.05
C16 PEE OB . -0.63 37.90 -3.39
C15 PEE OB . 0.62 38.57 -3.95
C14 PEE OB . 0.44 39.20 -5.32
C13 PEE OB . 1.70 39.86 -5.84
C12 PEE OB . 1.57 40.48 -7.22
C11 PEE OB . 0.47 41.52 -7.29
C10 PEE OB . 0.56 42.38 -8.52
O4 PEE OB . 1.55 42.94 -8.90
O2 PEE OB . -0.63 42.45 -9.14
C2 PEE OB . -0.86 43.58 -10.04
C1 PEE OB . -0.10 43.34 -11.31
O3P PEE OB . -0.28 44.46 -12.20
P PEE OB . 0.95 45.18 -12.92
O2P PEE OB . 1.88 44.07 -13.38
O1P PEE OB . 1.58 46.18 -12.04
O4P PEE OB . 0.34 45.85 -14.26
C4 PEE OB . 0.96 45.63 -15.55
C5 PEE OB . 0.50 46.67 -16.54
N PEE OB . 1.16 46.49 -17.85
C3 PEE OB . -2.34 43.66 -10.27
O3 PEE OB . -2.98 44.19 -9.08
C30 PEE OB . -3.15 43.35 -8.05
O5 PEE OB . -3.84 42.37 -8.10
C31 PEE OB . -2.37 43.81 -6.86
C32 PEE OB . -2.71 43.04 -5.58
C33 PEE OB . -1.76 43.38 -4.45
C34 PEE OB . -2.15 42.82 -3.10
C35 PEE OB . -1.12 43.09 -2.00
C36 PEE OB . -1.70 43.07 -0.59
C37 PEE OB . -2.19 41.71 -0.14
C38 PEE OB . -2.87 41.76 1.22
C39 PEE OB . -3.27 40.40 1.77
C40 PEE OB . -4.02 40.49 3.10
C41 PEE OB . -4.30 39.13 3.74
C42 PEE OB . -5.06 39.25 5.06
C43 PEE OB . -5.26 37.93 5.78
C44 PEE OB . -5.99 38.06 7.10
C45 PEE OB . -6.09 36.78 7.90
C46 PEE OB . -6.89 35.67 7.22
C47 PEE OB . -7.03 34.44 8.08
H7 PEE OB . -5.22 31.00 5.42
H8 PEE OB . -6.74 30.75 6.23
H82 PEE OB . -5.64 31.98 6.80
H5 PEE OB . -7.35 32.01 4.29
H6 PEE OB . -7.37 33.16 5.57
H12 PEE OB . -5.04 33.90 4.94
H4 PEE OB . -5.03 32.73 3.68
H10 PEE OB . -6.94 33.88 2.57
H11 PEE OB . -7.04 35.01 3.86
H83 PEE OB . -5.87 36.06 2.03
H9 PEE OB . -4.76 35.86 3.32
H2 PEE OB . -3.87 33.78 2.20
H3 PEE OB . -4.98 34.03 0.90
H14 PEE OB . -2.91 36.10 1.70
H1 PEE OB . -3.91 36.15 0.30
H16 PEE OB . -2.80 34.17 -0.64
H13 PEE OB . -1.93 33.89 0.81
H18 PEE OB . -0.82 36.17 0.48
H20 PEE OB . -1.98 35.82 -2.31
H22 PEE OB . 0.49 36.58 -2.11
H19 PEE OB . -0.09 37.99 -1.32
H21 PEE OB . -1.00 37.16 -4.10
H28 PEE OB . -1.43 38.62 -3.30
H23 PEE OB . 0.97 39.32 -3.25
H24 PEE OB . 1.43 37.84 -3.99
H25 PEE OB . 0.10 38.44 -6.03
H26 PEE OB . -0.38 39.92 -5.28
H17 PEE OB . 2.02 40.62 -5.14
H27 PEE OB . 2.51 39.13 -5.83
H15 PEE OB . 2.51 40.93 -7.52
H29 PEE OB . 1.38 39.70 -7.96
H30 PEE OB . -0.50 41.04 -7.25
H31 PEE OB . 0.50 42.17 -6.41
H32 PEE OB . -0.53 44.50 -9.56
H33 PEE OB . -0.42 42.43 -11.83
H34 PEE OB . 0.97 43.24 -11.16
H36 PEE OB . 0.73 44.61 -15.87
H37 PEE OB . 2.04 45.69 -15.43
H38 PEE OB . -0.58 46.62 -16.68
H39 PEE OB . 0.71 47.67 -16.15
H40 PEE OB . 0.90 45.59 -18.26
H41 PEE OB . 0.90 47.21 -18.52
H43 PEE OB . -2.74 42.68 -10.53
H44 PEE OB . -2.58 44.32 -11.11
H45 PEE OB . -2.54 44.88 -6.71
H46 PEE OB . -1.31 43.71 -7.08
H47 PEE OB . -2.67 41.97 -5.77
H48 PEE OB . -3.73 43.23 -5.29
H49 PEE OB . -1.62 44.47 -4.39
H50 PEE OB . -0.75 43.03 -4.69
H51 PEE OB . -2.30 41.74 -3.19
H52 PEE OB . -3.13 43.19 -2.81
H53 PEE OB . -0.64 44.05 -2.19
H54 PEE OB . -0.31 42.37 -2.08
H55 PEE OB . -2.51 43.79 -0.52
H56 PEE OB . -0.95 43.45 0.10
H57 PEE OB . -1.37 41.01 -0.11
H58 PEE OB . -2.89 41.30 -0.88
H59 PEE OB . -3.76 42.39 1.16
H60 PEE OB . -2.39 39.77 1.89
H81 PEE OB . -3.45 41.10 3.79
H61 PEE OB . -4.95 41.03 2.96
H80 PEE OB . -4.86 38.51 3.05
H62 PEE OB . -3.36 38.60 3.90
H63 PEE OB . -6.03 39.72 4.89
H64 PEE OB . -4.54 39.94 5.71
H65 PEE OB . -4.29 37.45 5.95
H66 PEE OB . -5.78 37.23 5.13
H67 PEE OB . -6.99 38.46 6.92
H68 PEE OB . -5.52 38.83 7.71
H69 PEE OB . -5.09 36.41 8.12
H70 PEE OB . -6.53 36.98 8.87
H71 PEE OB . -6.42 35.40 6.28
H72 PEE OB . -7.87 36.04 6.94
H73 PEE OB . -7.27 34.69 9.12
H74 PEE OB . -6.13 33.84 8.10
H75 PEE OB . -7.84 33.80 7.74
H79 PEE OB . -2.37 37.11 -1.24
H76 PEE OB . 2.17 46.49 -17.76
H42 PEE OB . -0.35 34.92 -0.60
H77 PEE OB . -2.23 42.26 1.94
H78 PEE OB . -3.89 39.87 1.04
#